data_7O7P
#
_entry.id   7O7P
#
_cell.length_a   1.00
_cell.length_b   1.00
_cell.length_c   1.00
_cell.angle_alpha   90.00
_cell.angle_beta   90.00
_cell.angle_gamma   90.00
#
_symmetry.space_group_name_H-M   'P 1'
#
loop_
_entity.id
_entity.type
_entity.pdbx_description
1 polymer Alpha-2-macroglobulin
2 branched 2-acetamido-2-deoxy-beta-D-glucopyranose-(1-4)-2-acetamido-2-deoxy-beta-D-glucopyranose
3 non-polymer 2-acetamido-2-deoxy-beta-D-glucopyranose
#
_entity_poly.entity_id   1
_entity_poly.type   'polypeptide(L)'
_entity_poly.pdbx_seq_one_letter_code
;MGKNKLLHPSLVLLLLVLLPTDASVSGKPQYMVLVPSLLHTETTEKGCVLLSYLNETVTVSASLESVRGNRSLFTDLEAE
NDVLHCVAFAVPKSSSNEEVMFLTVQVKGPTQEFKKRTTVMVKNEDSLVFVQTDKSIYKPGQTVKFRVVSMDENFHPLNE
LIPLVYIQDPKGNRIAQWQSFQLEGGLKQFSFPLSSEPFQGSYKVVVQKKSGGRTEHPFTVEEFVLPKFEVQVTVPKIIT
ILEEEMNVSVCGLYTYGKPVPGHVTVSICRKYSDASDCHGEDSQAFCEKFSGQLNSHGCFYQQVKTKVFQLKRKEYEMKL
HTEAQIQEEGTVVELTGRQSSEITRTITKLSFVKVDSHFRQGIPFFGQVRLVDGKGVPIPNKVIFIRGNEANYYSNATTD
EHGLVQFSINTTNVMGTSLTVRVNYKDRSPCYGYQWVSEEHEEAHHTAYLVFSPSKSFVHLEPMSHELPCGHTQTVQAHY
ILNGGTLLGLKKLSFYYLIMAKGGIVRTGTHGLLVKQEDMKGHFSISIPVKSDIAPVARLLIYAVLPTGDVIGDSAKYDV
ENCLANKVDLSFSPSQSLPASHAHLRVTAAPQSVCALRAVDQSVLLMKPDAELSASSVYNLLPEKDLTGFPGPLNDQDNE
DCINRHNVYINGITYTPVSSTNEKDMYSFLEDMGLKAFTNSKIRKPKMCPQLQQYEMHGPEGLRVGFYESDVMGRGHARL
VHVEEPHTETVRKYFPETWIWDLVVVNSAGVAEVGVTVPDTITEWKAGAFCLSEDAGLGISSTASLRAFQPFFVELTMPY
SVIRGEAFTLKATVLNYLPKCIRVSVQLEASPAFLAVPVEKEQAPHCICANGRQTVSWAVTPKSLGNVNFTVSAEALESQ
ELCGTEVPSVPEHGRKDTVIKPLLVEPEGLEKETTFNSLLCPSGGEVSEELSLKLPPNVVEESARASVSVLGDILGSAMQ
NTQNLLQMPYGCGEQNMVLFAPNIYVLDYLNETQQLTPEIKSKAIGYLNTGYQRQLNYKHYDGSYSTFGERYGRNQGNTW
LTAFVLKTFAQARAYIFIDEAHITQALIWLSQRQKDNGCFRSSGSLLNNAIKGGVEDEVTLSAYITIALLEIPLTVTHPV
VRNALFCLESAWKTAQEGDHGSHVYTKALLAYAFALAGNQDKRKEVLKSLNEEAVKKDNSVHWERPQKPKAPVGHFYEPQ
APSAEVEMTSYVLLAYLTAQPAPTSEDLTSATNIVKWITKQQNAQGGFSSTQDTVVALHALSKYGAATFTRTGKAAQVTI
QSSGTFSSKFQVDNNNRLLLQQVSLPELPGEYSMKVTGEGCVYLQTSLKYNILPEKEEFPFALGVQTLPQTCDEPKAHTS
FQISLSVSYTGSRSASNMAIVDVKMVSGFIPLKPTVKMLERSNHVSRTEVSSNHVLIYLDKVSNQTLSLFFTVLQDVPVR
DLKPAIVKVYDYYETDEFAIAEYNAPCSKDLGNA
;
_entity_poly.pdbx_strand_id   A,B,C,D
#
loop_
_chem_comp.id
_chem_comp.type
_chem_comp.name
_chem_comp.formula
NAG D-saccharide, beta linking 2-acetamido-2-deoxy-beta-D-glucopyranose 'C8 H15 N O6'
#
# COMPACT_ATOMS: atom_id res chain seq x y z
N LYS A 28 45.14 -39.32 14.10
CA LYS A 28 44.68 -38.54 15.22
C LYS A 28 44.01 -39.43 16.27
N PRO A 29 44.00 -39.00 17.54
CA PRO A 29 43.40 -39.84 18.58
C PRO A 29 41.89 -39.70 18.54
N GLN A 30 41.19 -40.81 18.84
CA GLN A 30 39.76 -40.83 18.57
C GLN A 30 38.94 -41.43 19.68
N TYR A 31 37.78 -40.81 19.87
CA TYR A 31 36.76 -41.16 20.85
C TYR A 31 35.42 -40.90 20.20
N MET A 32 34.37 -41.47 20.77
CA MET A 32 33.04 -41.18 20.27
C MET A 32 32.02 -41.74 21.24
N VAL A 33 31.09 -40.90 21.69
CA VAL A 33 30.11 -41.31 22.69
C VAL A 33 28.72 -41.08 22.11
N LEU A 34 27.82 -42.03 22.33
CA LEU A 34 26.46 -41.99 21.83
C LEU A 34 25.50 -42.19 22.99
N VAL A 35 24.34 -41.56 22.89
CA VAL A 35 23.32 -41.69 23.93
C VAL A 35 21.99 -41.22 23.39
N PRO A 36 20.87 -41.86 23.70
CA PRO A 36 19.57 -41.30 23.36
C PRO A 36 19.37 -39.94 24.03
N SER A 37 18.70 -39.06 23.31
CA SER A 37 18.43 -37.71 23.78
C SER A 37 17.39 -37.67 24.88
N LEU A 38 16.33 -38.48 24.76
CA LEU A 38 15.27 -38.55 25.75
C LEU A 38 15.70 -39.56 26.79
N LEU A 39 15.65 -39.17 28.05
CA LEU A 39 16.00 -40.04 29.15
C LEU A 39 14.78 -40.33 30.00
N HIS A 40 14.62 -41.61 30.30
CA HIS A 40 13.63 -42.07 31.27
C HIS A 40 14.31 -42.24 32.62
N THR A 41 13.52 -42.06 33.67
CA THR A 41 14.03 -41.96 35.03
C THR A 41 13.65 -43.19 35.82
N GLU A 42 14.19 -43.26 37.04
CA GLU A 42 13.86 -44.32 37.97
C GLU A 42 14.25 -45.69 37.43
N THR A 43 15.18 -45.73 36.49
CA THR A 43 15.41 -46.94 35.72
C THR A 43 16.75 -46.82 35.02
N THR A 44 17.16 -47.92 34.39
CA THR A 44 18.41 -48.00 33.66
C THR A 44 18.21 -47.58 32.22
N GLU A 45 19.24 -46.95 31.67
CA GLU A 45 19.29 -46.55 30.28
C GLU A 45 20.72 -46.71 29.81
N LYS A 46 20.89 -47.20 28.58
CA LYS A 46 22.20 -47.52 28.02
C LYS A 46 22.71 -46.42 27.11
N GLY A 47 24.01 -46.15 27.24
CA GLY A 47 24.72 -45.29 26.32
C GLY A 47 26.06 -45.91 25.99
N CYS A 48 26.57 -45.65 24.80
CA CYS A 48 27.70 -46.38 24.25
C CYS A 48 28.86 -45.44 23.97
N VAL A 49 30.03 -46.04 23.78
CA VAL A 49 31.24 -45.26 23.58
C VAL A 49 32.30 -46.10 22.89
N LEU A 50 33.07 -45.44 22.05
CA LEU A 50 34.05 -46.02 21.17
C LEU A 50 35.36 -45.29 21.43
N LEU A 51 36.48 -46.03 21.50
CA LEU A 51 37.78 -45.39 21.69
C LEU A 51 38.87 -46.07 20.90
N SER A 52 39.89 -45.27 20.53
CA SER A 52 41.03 -45.76 19.78
C SER A 52 42.13 -44.71 19.65
N TYR A 53 43.29 -45.16 19.18
CA TYR A 53 44.32 -44.35 18.45
C TYR A 53 45.36 -43.74 19.40
N LEU A 54 46.23 -44.56 20.01
CA LEU A 54 47.37 -44.07 20.86
C LEU A 54 46.91 -43.55 22.22
N ASN A 55 47.85 -43.44 23.18
CA ASN A 55 47.58 -42.87 24.50
C ASN A 55 46.20 -43.33 24.93
N GLU A 56 45.96 -44.63 24.78
CA GLU A 56 44.67 -45.26 25.03
C GLU A 56 44.38 -45.48 26.51
N THR A 57 45.18 -44.93 27.41
CA THR A 57 44.91 -45.03 28.86
C THR A 57 43.90 -43.95 29.22
N VAL A 58 42.66 -44.15 28.76
CA VAL A 58 41.67 -43.08 28.82
C VAL A 58 40.67 -43.37 29.91
N THR A 59 40.08 -42.30 30.41
CA THR A 59 38.98 -42.37 31.36
C THR A 59 37.94 -41.36 30.95
N VAL A 60 36.73 -41.83 30.85
CA VAL A 60 35.59 -41.04 30.40
C VAL A 60 34.67 -40.86 31.58
N SER A 61 33.93 -39.76 31.58
CA SER A 61 32.99 -39.51 32.64
C SER A 61 31.80 -38.72 32.14
N ALA A 62 30.62 -39.29 32.31
CA ALA A 62 29.35 -38.62 32.08
C ALA A 62 28.92 -37.90 33.35
N SER A 63 28.36 -36.72 33.19
CA SER A 63 27.87 -35.92 34.30
C SER A 63 26.55 -35.32 33.88
N LEU A 64 25.46 -35.91 34.33
CA LEU A 64 24.13 -35.42 34.05
C LEU A 64 23.69 -34.57 35.23
N GLU A 65 23.60 -33.26 35.03
CA GLU A 65 23.45 -32.32 36.12
C GLU A 65 22.21 -31.46 35.92
N SER A 66 21.43 -31.36 36.99
CA SER A 66 20.33 -30.39 37.04
C SER A 66 20.95 -29.04 37.28
N VAL A 67 21.02 -28.27 36.20
CA VAL A 67 21.49 -26.90 36.13
C VAL A 67 20.92 -26.06 37.27
N ARG A 68 19.61 -25.93 37.33
CA ARG A 68 19.02 -24.94 38.23
C ARG A 68 19.07 -25.49 39.64
N GLY A 69 19.49 -24.66 40.56
CA GLY A 69 19.85 -25.13 41.88
C GLY A 69 21.08 -26.00 41.77
N ASN A 70 20.93 -27.29 42.05
CA ASN A 70 22.02 -28.23 41.84
C ASN A 70 21.46 -29.64 41.94
N ARG A 71 21.71 -30.45 40.92
CA ARG A 71 21.81 -31.89 41.14
C ARG A 71 22.89 -32.42 40.21
N SER A 72 23.44 -33.59 40.56
CA SER A 72 24.50 -34.18 39.76
C SER A 72 24.43 -35.69 39.88
N LEU A 73 24.38 -36.37 38.74
CA LEU A 73 24.55 -37.82 38.66
C LEU A 73 25.81 -38.06 37.84
N PHE A 74 26.79 -38.68 38.47
CA PHE A 74 28.10 -38.91 37.88
C PHE A 74 28.24 -40.37 37.47
N THR A 75 28.95 -40.59 36.37
CA THR A 75 29.26 -41.92 35.89
C THR A 75 30.64 -41.84 35.26
N ASP A 76 31.43 -42.91 35.40
CA ASP A 76 32.77 -42.97 34.84
C ASP A 76 33.01 -44.32 34.20
N LEU A 77 34.10 -44.40 33.45
CA LEU A 77 34.48 -45.65 32.82
C LEU A 77 35.91 -45.53 32.32
N GLU A 78 36.66 -46.62 32.42
CA GLU A 78 37.95 -46.71 31.78
C GLU A 78 37.76 -47.11 30.32
N ALA A 79 38.65 -46.61 29.47
CA ALA A 79 38.53 -46.81 28.04
C ALA A 79 39.90 -47.02 27.41
N GLU A 80 39.92 -47.91 26.41
CA GLU A 80 41.10 -48.48 25.77
C GLU A 80 40.99 -48.27 24.26
N ASN A 81 41.88 -48.93 23.53
CA ASN A 81 41.86 -48.84 22.08
C ASN A 81 40.65 -49.55 21.49
N ASP A 82 40.17 -48.99 20.38
CA ASP A 82 39.29 -49.59 19.39
C ASP A 82 38.21 -50.46 19.99
N VAL A 83 37.67 -50.07 21.15
CA VAL A 83 36.63 -50.83 21.81
C VAL A 83 35.37 -49.99 21.80
N LEU A 84 34.26 -50.64 21.44
CA LEU A 84 32.91 -50.13 21.54
C LEU A 84 32.30 -50.84 22.73
N HIS A 85 32.24 -50.15 23.87
CA HIS A 85 31.56 -50.67 25.05
C HIS A 85 30.36 -49.81 25.36
N CYS A 86 29.29 -50.47 25.85
CA CYS A 86 28.06 -49.81 26.23
C CYS A 86 27.83 -50.01 27.71
N VAL A 87 27.58 -48.92 28.41
CA VAL A 87 27.33 -48.93 29.84
C VAL A 87 25.90 -48.44 30.07
N ALA A 88 25.25 -49.03 31.07
CA ALA A 88 23.88 -48.72 31.42
C ALA A 88 23.87 -48.01 32.76
N PHE A 89 23.68 -46.69 32.71
CA PHE A 89 23.53 -45.90 33.93
C PHE A 89 22.04 -45.77 34.22
N ALA A 90 21.71 -45.62 35.49
CA ALA A 90 20.32 -45.49 35.90
C ALA A 90 20.08 -44.13 36.52
N VAL A 91 18.81 -43.73 36.49
CA VAL A 91 18.38 -42.40 36.91
C VAL A 91 17.29 -42.58 37.96
N PRO A 92 17.27 -41.78 39.04
CA PRO A 92 16.14 -41.83 39.97
C PRO A 92 15.06 -40.84 39.60
N LYS A 93 13.97 -40.86 40.37
CA LYS A 93 12.95 -39.84 40.22
C LYS A 93 13.52 -38.46 40.47
N SER A 94 12.75 -37.45 40.08
CA SER A 94 13.13 -36.06 40.21
C SER A 94 12.09 -35.29 41.00
N SER A 95 12.38 -34.01 41.19
CA SER A 95 11.40 -33.10 41.75
C SER A 95 10.23 -32.92 40.78
N SER A 96 10.50 -32.39 39.60
CA SER A 96 9.47 -32.14 38.62
C SER A 96 9.21 -33.41 37.82
N ASN A 97 8.26 -33.32 36.89
CA ASN A 97 7.97 -34.44 36.00
C ASN A 97 8.95 -34.48 34.84
N GLU A 98 8.94 -33.45 34.02
CA GLU A 98 9.73 -33.38 32.81
C GLU A 98 10.70 -32.21 32.94
N GLU A 99 11.96 -32.46 32.60
CA GLU A 99 13.01 -31.48 32.84
C GLU A 99 14.09 -31.62 31.78
N VAL A 100 14.89 -30.56 31.68
CA VAL A 100 16.10 -30.57 30.89
C VAL A 100 17.26 -30.70 31.85
N MET A 101 18.39 -31.16 31.35
CA MET A 101 19.58 -31.34 32.17
C MET A 101 20.80 -31.13 31.32
N PHE A 102 21.84 -30.57 31.93
CA PHE A 102 23.12 -30.42 31.26
C PHE A 102 23.89 -31.73 31.43
N LEU A 103 24.01 -32.48 30.35
CA LEU A 103 24.89 -33.64 30.33
C LEU A 103 26.21 -33.19 29.76
N THR A 104 27.29 -33.44 30.48
CA THR A 104 28.63 -33.12 30.03
C THR A 104 29.49 -34.37 30.12
N VAL A 105 30.22 -34.64 29.05
CA VAL A 105 31.16 -35.73 28.97
C VAL A 105 32.55 -35.14 29.09
N GLN A 106 33.39 -35.78 29.90
CA GLN A 106 34.78 -35.39 30.07
C GLN A 106 35.67 -36.59 29.81
N VAL A 107 36.53 -36.47 28.81
CA VAL A 107 37.45 -37.51 28.39
C VAL A 107 38.83 -37.08 28.80
N LYS A 108 39.58 -38.03 29.36
CA LYS A 108 40.93 -37.77 29.84
C LYS A 108 41.84 -38.91 29.48
N GLY A 109 42.73 -38.67 28.54
CA GLY A 109 43.83 -39.55 28.28
C GLY A 109 45.08 -38.93 28.85
N PRO A 110 46.14 -39.73 28.95
CA PRO A 110 47.30 -39.36 29.76
C PRO A 110 47.98 -38.09 29.32
N THR A 111 47.85 -37.72 28.04
CA THR A 111 48.40 -36.48 27.52
C THR A 111 47.35 -35.63 26.83
N GLN A 112 46.08 -36.01 26.91
CA GLN A 112 45.05 -35.38 26.10
C GLN A 112 43.77 -35.25 26.91
N GLU A 113 42.96 -34.27 26.53
CA GLU A 113 41.72 -33.99 27.23
C GLU A 113 40.66 -33.61 26.20
N PHE A 114 39.41 -33.76 26.61
CA PHE A 114 38.31 -33.25 25.81
C PHE A 114 37.10 -33.15 26.72
N LYS A 115 36.20 -32.23 26.39
CA LYS A 115 34.99 -32.04 27.18
C LYS A 115 33.90 -31.46 26.30
N LYS A 116 32.71 -32.04 26.38
CA LYS A 116 31.61 -31.63 25.51
C LYS A 116 30.29 -31.94 26.19
N ARG A 117 29.37 -30.99 26.10
CA ARG A 117 28.09 -31.10 26.79
C ARG A 117 26.95 -30.83 25.83
N THR A 118 25.74 -31.03 26.34
CA THR A 118 24.51 -30.78 25.60
C THR A 118 23.37 -30.84 26.61
N THR A 119 22.15 -30.73 26.10
CA THR A 119 20.93 -30.67 26.90
C THR A 119 20.18 -31.97 26.71
N VAL A 120 20.12 -32.76 27.76
CA VAL A 120 19.44 -34.04 27.77
C VAL A 120 18.07 -33.87 28.37
N MET A 121 17.07 -34.44 27.72
CA MET A 121 15.71 -34.37 28.17
C MET A 121 15.46 -35.55 29.08
N VAL A 122 15.00 -35.26 30.27
CA VAL A 122 14.65 -36.26 31.26
C VAL A 122 13.16 -36.13 31.55
N LYS A 123 12.48 -37.27 31.71
CA LYS A 123 11.04 -37.28 31.88
C LYS A 123 10.70 -38.32 32.92
N ASN A 124 10.01 -37.89 33.98
CA ASN A 124 9.53 -38.83 35.00
C ASN A 124 8.37 -39.59 34.38
N GLU A 125 8.73 -40.63 33.63
CA GLU A 125 7.75 -41.38 32.88
C GLU A 125 6.81 -42.11 33.81
N ASP A 126 5.60 -42.32 33.33
CA ASP A 126 4.63 -43.17 33.99
C ASP A 126 4.78 -44.58 33.47
N SER A 127 4.54 -45.54 34.36
CA SER A 127 4.40 -46.91 33.94
C SER A 127 3.28 -47.02 32.92
N LEU A 128 3.40 -48.01 32.02
CA LEU A 128 2.37 -48.27 31.02
C LEU A 128 1.48 -49.34 31.62
N VAL A 129 0.21 -48.97 31.81
CA VAL A 129 -0.70 -49.71 32.67
C VAL A 129 -2.02 -49.86 31.94
N PHE A 130 -2.85 -50.79 32.41
CA PHE A 130 -4.09 -51.04 31.72
C PHE A 130 -4.99 -51.95 32.55
N VAL A 131 -6.10 -52.33 31.93
CA VAL A 131 -7.19 -53.06 32.53
C VAL A 131 -7.55 -54.24 31.65
N GLN A 132 -8.28 -55.17 32.23
CA GLN A 132 -9.00 -56.16 31.47
C GLN A 132 -10.19 -56.60 32.29
N THR A 133 -11.34 -56.69 31.63
CA THR A 133 -12.58 -57.06 32.30
C THR A 133 -12.83 -58.55 32.13
N ASP A 134 -13.68 -59.06 33.00
CA ASP A 134 -14.32 -60.33 32.74
C ASP A 134 -15.06 -60.32 31.42
N LYS A 135 -15.84 -59.28 31.16
CA LYS A 135 -16.79 -59.26 30.08
C LYS A 135 -16.85 -57.85 29.53
N SER A 136 -17.46 -57.71 28.36
CA SER A 136 -17.58 -56.42 27.69
C SER A 136 -18.86 -55.67 28.04
N ILE A 137 -19.91 -56.39 28.44
CA ILE A 137 -21.23 -55.83 28.74
C ILE A 137 -21.77 -56.57 29.95
N TYR A 138 -22.65 -55.91 30.71
CA TYR A 138 -23.19 -56.49 31.92
C TYR A 138 -24.68 -56.26 32.03
N LYS A 139 -25.36 -57.21 32.64
CA LYS A 139 -26.77 -57.13 32.93
C LYS A 139 -26.99 -56.94 34.41
N PRO A 140 -28.19 -56.52 34.82
CA PRO A 140 -28.42 -56.25 36.25
C PRO A 140 -28.17 -57.47 37.14
N GLY A 141 -27.79 -57.19 38.39
CA GLY A 141 -27.63 -58.21 39.39
C GLY A 141 -26.29 -58.92 39.40
N GLN A 142 -25.51 -58.80 38.35
CA GLN A 142 -24.24 -59.50 38.25
C GLN A 142 -23.16 -58.73 39.00
N THR A 143 -21.93 -59.24 38.88
CA THR A 143 -20.75 -58.63 39.50
C THR A 143 -19.66 -58.42 38.45
N VAL A 144 -19.20 -57.18 38.34
CA VAL A 144 -18.16 -56.85 37.37
C VAL A 144 -16.82 -57.19 37.98
N LYS A 145 -16.04 -58.01 37.27
CA LYS A 145 -14.71 -58.43 37.69
C LYS A 145 -13.71 -58.00 36.64
N PHE A 146 -12.63 -57.38 37.09
CA PHE A 146 -11.59 -56.94 36.19
C PHE A 146 -10.25 -57.10 36.88
N ARG A 147 -9.22 -56.73 36.15
CA ARG A 147 -7.85 -56.79 36.63
C ARG A 147 -7.10 -55.60 36.07
N VAL A 148 -6.12 -55.16 36.84
CA VAL A 148 -5.23 -54.07 36.45
C VAL A 148 -3.83 -54.61 36.30
N VAL A 149 -3.07 -53.97 35.43
CA VAL A 149 -1.69 -54.33 35.10
C VAL A 149 -0.89 -53.04 34.99
N SER A 150 0.40 -53.15 35.26
CA SER A 150 1.34 -52.06 35.04
C SER A 150 2.71 -52.63 34.73
N MET A 151 3.47 -51.89 33.91
CA MET A 151 4.79 -52.33 33.47
C MET A 151 5.67 -51.11 33.24
N ASP A 152 6.95 -51.38 33.00
CA ASP A 152 7.96 -50.36 32.66
C ASP A 152 8.31 -50.49 31.18
N GLU A 153 9.34 -49.74 30.76
CA GLU A 153 9.74 -49.73 29.35
C GLU A 153 10.05 -51.13 28.88
N ASN A 154 11.07 -51.73 29.46
CA ASN A 154 11.18 -53.17 29.40
C ASN A 154 9.94 -53.77 30.02
N PHE A 155 9.51 -54.89 29.49
CA PHE A 155 8.27 -55.49 29.92
C PHE A 155 8.49 -56.49 31.02
N HIS A 156 9.48 -56.27 31.87
CA HIS A 156 9.56 -57.04 33.10
C HIS A 156 8.48 -56.52 34.05
N PRO A 157 7.68 -57.39 34.69
CA PRO A 157 6.64 -56.88 35.59
C PRO A 157 7.22 -56.06 36.73
N LEU A 158 6.51 -54.99 37.09
CA LEU A 158 6.97 -54.00 38.05
C LEU A 158 5.97 -53.90 39.21
N ASN A 159 6.48 -53.90 40.44
CA ASN A 159 5.66 -53.82 41.64
C ASN A 159 5.60 -52.39 42.16
N GLU A 160 4.39 -51.91 42.44
CA GLU A 160 4.24 -50.50 42.74
C GLU A 160 2.92 -50.25 43.47
N LEU A 161 2.95 -49.29 44.38
CA LEU A 161 1.75 -48.78 45.02
C LEU A 161 0.98 -47.95 44.02
N ILE A 162 -0.30 -48.25 43.87
CA ILE A 162 -1.21 -47.47 43.04
C ILE A 162 -1.99 -46.54 43.96
N PRO A 163 -2.04 -45.24 43.67
CA PRO A 163 -2.94 -44.39 44.45
C PRO A 163 -4.41 -44.72 44.27
N LEU A 164 -4.95 -44.75 43.05
CA LEU A 164 -6.41 -44.84 42.93
C LEU A 164 -6.84 -45.74 41.79
N VAL A 165 -7.92 -46.48 42.05
CA VAL A 165 -8.73 -47.10 41.00
C VAL A 165 -10.18 -47.07 41.45
N TYR A 166 -11.10 -46.87 40.50
CA TYR A 166 -12.50 -46.80 40.87
C TYR A 166 -13.38 -47.06 39.67
N ILE A 167 -14.63 -47.40 39.95
CA ILE A 167 -15.66 -47.60 38.94
C ILE A 167 -16.63 -46.44 39.05
N GLN A 168 -17.00 -45.91 37.88
CA GLN A 168 -17.73 -44.66 37.77
C GLN A 168 -18.97 -44.85 36.92
N ASP A 169 -20.07 -44.29 37.40
CA ASP A 169 -21.32 -44.28 36.66
C ASP A 169 -21.28 -43.18 35.60
N PRO A 170 -22.20 -43.20 34.63
CA PRO A 170 -22.16 -42.19 33.57
C PRO A 170 -22.40 -40.77 34.07
N LYS A 171 -22.95 -40.61 35.26
CA LYS A 171 -23.40 -39.32 35.75
C LYS A 171 -22.33 -38.58 36.54
N GLY A 172 -21.08 -39.05 36.52
CA GLY A 172 -20.12 -38.64 37.50
C GLY A 172 -20.43 -39.15 38.90
N ASN A 173 -21.36 -40.09 39.04
CA ASN A 173 -21.82 -40.61 40.32
C ASN A 173 -21.10 -41.90 40.67
N ARG A 174 -19.85 -41.80 41.14
CA ARG A 174 -18.96 -42.93 41.37
C ARG A 174 -19.59 -44.10 42.12
N ILE A 175 -19.62 -45.27 41.48
CA ILE A 175 -20.27 -46.43 42.07
C ILE A 175 -19.38 -47.19 43.03
N ALA A 176 -18.06 -47.18 42.82
CA ALA A 176 -17.21 -47.96 43.72
C ALA A 176 -15.80 -47.43 43.63
N GLN A 177 -14.99 -47.67 44.67
CA GLN A 177 -13.68 -47.04 44.74
C GLN A 177 -12.74 -47.81 45.65
N TRP A 178 -11.46 -47.84 45.25
CA TRP A 178 -10.38 -48.48 45.98
C TRP A 178 -9.16 -47.59 45.85
N GLN A 179 -8.41 -47.47 46.93
CA GLN A 179 -7.28 -46.55 47.00
C GLN A 179 -6.08 -47.21 47.65
N SER A 180 -4.90 -46.80 47.18
CA SER A 180 -3.64 -47.08 47.86
C SER A 180 -3.38 -48.57 48.02
N PHE A 181 -3.21 -49.25 46.89
CA PHE A 181 -2.99 -50.70 46.88
C PHE A 181 -1.82 -51.04 45.97
N GLN A 182 -1.02 -52.00 46.38
CA GLN A 182 0.25 -52.28 45.74
C GLN A 182 0.17 -53.52 44.86
N LEU A 183 0.60 -53.37 43.61
CA LEU A 183 0.84 -54.52 42.76
C LEU A 183 2.14 -55.20 43.16
N GLU A 184 2.04 -56.51 43.36
CA GLU A 184 3.15 -57.36 43.76
C GLU A 184 3.41 -58.36 42.65
N GLY A 185 2.34 -58.95 42.13
CA GLY A 185 2.44 -59.90 41.06
C GLY A 185 2.44 -59.22 39.71
N GLY A 186 2.66 -57.91 39.67
CA GLY A 186 2.52 -57.13 38.46
C GLY A 186 1.09 -56.86 38.06
N LEU A 187 0.11 -57.43 38.76
CA LEU A 187 -1.28 -57.22 38.46
C LEU A 187 -2.07 -57.38 39.73
N LYS A 188 -3.36 -57.05 39.60
CA LYS A 188 -4.29 -57.35 40.66
C LYS A 188 -5.66 -57.54 40.02
N GLN A 189 -6.56 -58.12 40.77
CA GLN A 189 -7.93 -58.37 40.36
C GLN A 189 -8.87 -57.73 41.37
N PHE A 190 -10.02 -57.29 40.88
CA PHE A 190 -11.07 -56.76 41.72
C PHE A 190 -12.41 -57.26 41.21
N SER A 191 -13.35 -57.33 42.15
CA SER A 191 -14.75 -57.63 41.85
C SER A 191 -15.60 -56.57 42.53
N PHE A 192 -16.74 -56.32 41.95
CA PHE A 192 -17.70 -55.41 42.55
C PHE A 192 -19.10 -55.82 42.14
N PRO A 193 -20.01 -56.08 43.08
CA PRO A 193 -21.36 -56.49 42.69
C PRO A 193 -22.24 -55.31 42.35
N LEU A 194 -23.17 -55.51 41.42
CA LEU A 194 -24.06 -54.45 40.99
C LEU A 194 -25.47 -54.68 41.50
N SER A 195 -26.21 -53.60 41.66
CA SER A 195 -27.55 -53.66 42.23
C SER A 195 -28.49 -54.41 41.29
N SER A 196 -29.72 -54.62 41.77
CA SER A 196 -30.75 -55.19 40.92
C SER A 196 -31.42 -54.13 40.06
N GLU A 197 -31.32 -52.86 40.45
CA GLU A 197 -31.86 -51.74 39.68
C GLU A 197 -30.86 -50.60 39.65
N PRO A 198 -29.71 -50.81 39.02
CA PRO A 198 -28.73 -49.74 38.89
C PRO A 198 -29.05 -48.87 37.68
N PHE A 199 -28.10 -47.99 37.38
CA PHE A 199 -28.23 -47.14 36.21
C PHE A 199 -27.79 -47.91 34.96
N GLN A 200 -28.42 -47.60 33.83
CA GLN A 200 -28.10 -48.23 32.57
C GLN A 200 -27.25 -47.29 31.72
N GLY A 201 -26.42 -47.91 30.86
CA GLY A 201 -25.60 -47.20 29.92
C GLY A 201 -24.16 -47.64 30.01
N SER A 202 -23.27 -46.77 29.56
CA SER A 202 -21.86 -47.08 29.47
C SER A 202 -21.15 -46.70 30.75
N TYR A 203 -20.92 -47.68 31.62
CA TYR A 203 -20.16 -47.47 32.84
C TYR A 203 -18.69 -47.40 32.50
N LYS A 204 -17.88 -46.93 33.45
CA LYS A 204 -16.45 -46.82 33.21
C LYS A 204 -15.71 -47.35 34.43
N VAL A 205 -14.46 -47.71 34.21
CA VAL A 205 -13.50 -47.88 35.27
C VAL A 205 -12.36 -46.92 34.98
N VAL A 206 -11.71 -46.44 36.03
CA VAL A 206 -10.67 -45.45 35.90
C VAL A 206 -9.59 -45.79 36.92
N VAL A 207 -8.36 -45.46 36.59
CA VAL A 207 -7.22 -45.61 37.48
C VAL A 207 -6.43 -44.32 37.39
N GLN A 208 -5.77 -43.98 38.48
CA GLN A 208 -4.97 -42.78 38.53
C GLN A 208 -3.72 -43.02 39.36
N LYS A 209 -2.61 -42.46 38.87
CA LYS A 209 -1.27 -42.76 39.30
C LYS A 209 -0.69 -41.60 40.09
N LYS A 210 0.42 -41.89 40.78
CA LYS A 210 1.02 -40.89 41.66
C LYS A 210 1.51 -39.69 40.88
N SER A 211 1.78 -39.86 39.60
CA SER A 211 2.14 -38.75 38.74
C SER A 211 0.96 -37.81 38.54
N GLY A 212 -0.26 -38.34 38.71
CA GLY A 212 -1.45 -37.69 38.24
C GLY A 212 -1.95 -38.20 36.91
N GLY A 213 -1.26 -39.18 36.32
CA GLY A 213 -1.73 -39.77 35.09
C GLY A 213 -2.95 -40.63 35.34
N ARG A 214 -3.85 -40.62 34.37
CA ARG A 214 -5.14 -41.28 34.47
C ARG A 214 -5.35 -42.16 33.25
N THR A 215 -5.97 -43.30 33.47
CA THR A 215 -6.33 -44.21 32.39
C THR A 215 -7.74 -44.69 32.62
N GLU A 216 -8.46 -44.91 31.53
CA GLU A 216 -9.85 -45.27 31.53
C GLU A 216 -10.03 -46.60 30.84
N HIS A 217 -11.06 -47.32 31.25
CA HIS A 217 -11.47 -48.55 30.57
C HIS A 217 -12.99 -48.61 30.64
N PRO A 218 -13.71 -48.37 29.55
CA PRO A 218 -15.16 -48.42 29.61
C PRO A 218 -15.65 -49.86 29.68
N PHE A 219 -16.93 -49.98 30.05
CA PHE A 219 -17.63 -51.24 30.00
C PHE A 219 -19.11 -50.92 30.11
N THR A 220 -19.91 -51.64 29.35
CA THR A 220 -21.29 -51.29 29.17
C THR A 220 -22.16 -52.12 30.09
N VAL A 221 -23.34 -51.58 30.38
CA VAL A 221 -24.28 -52.21 31.29
C VAL A 221 -25.68 -51.92 30.80
N GLU A 222 -26.46 -52.97 30.58
CA GLU A 222 -27.84 -52.85 30.13
C GLU A 222 -28.43 -54.25 30.11
N GLU A 223 -29.68 -54.33 29.68
CA GLU A 223 -30.33 -55.61 29.45
C GLU A 223 -30.07 -56.07 28.03
N PHE A 224 -30.11 -57.38 27.85
CA PHE A 224 -29.79 -58.01 26.56
C PHE A 224 -30.08 -59.48 26.65
N VAL A 225 -30.22 -60.10 25.49
CA VAL A 225 -30.43 -61.54 25.35
C VAL A 225 -29.13 -62.15 24.88
N LEU A 226 -28.98 -63.43 25.11
CA LEU A 226 -27.83 -64.16 24.62
C LEU A 226 -28.06 -64.55 23.16
N PRO A 227 -27.35 -63.97 22.19
CA PRO A 227 -27.51 -64.43 20.81
C PRO A 227 -26.79 -65.74 20.59
N LYS A 228 -27.52 -66.71 20.04
CA LYS A 228 -27.00 -68.03 19.78
C LYS A 228 -26.57 -68.22 18.33
N PHE A 229 -26.26 -67.13 17.63
CA PHE A 229 -25.85 -67.16 16.24
C PHE A 229 -25.33 -65.79 15.90
N GLU A 230 -24.60 -65.73 14.79
CA GLU A 230 -24.15 -64.47 14.23
C GLU A 230 -24.28 -64.53 12.73
N VAL A 231 -24.59 -63.39 12.15
CA VAL A 231 -24.60 -63.30 10.70
C VAL A 231 -23.19 -62.98 10.27
N GLN A 232 -22.79 -63.51 9.12
CA GLN A 232 -21.48 -63.17 8.61
C GLN A 232 -21.56 -63.17 7.10
N VAL A 233 -21.14 -62.06 6.53
CA VAL A 233 -21.41 -61.73 5.15
C VAL A 233 -20.09 -61.44 4.45
N THR A 234 -20.20 -61.31 3.15
CA THR A 234 -19.02 -61.19 2.31
C THR A 234 -19.39 -60.33 1.11
N VAL A 235 -18.78 -59.16 1.05
CA VAL A 235 -18.87 -58.27 -0.10
C VAL A 235 -17.44 -57.75 -0.22
N PRO A 236 -17.00 -57.27 -1.39
CA PRO A 236 -15.69 -56.62 -1.45
C PRO A 236 -15.51 -55.60 -0.34
N LYS A 237 -14.44 -55.81 0.43
CA LYS A 237 -14.01 -54.82 1.39
C LYS A 237 -13.98 -53.44 0.80
N ILE A 238 -13.59 -53.34 -0.47
CA ILE A 238 -13.45 -52.09 -1.17
C ILE A 238 -14.04 -52.27 -2.56
N ILE A 239 -14.81 -51.29 -3.00
CA ILE A 239 -15.37 -51.22 -4.34
C ILE A 239 -14.93 -49.90 -4.94
N THR A 240 -14.54 -49.93 -6.21
CA THR A 240 -14.00 -48.77 -6.89
C THR A 240 -14.92 -48.31 -8.00
N ILE A 241 -14.43 -47.37 -8.79
CA ILE A 241 -15.22 -46.72 -9.83
C ILE A 241 -15.60 -47.73 -10.89
N LEU A 242 -14.61 -48.44 -11.42
CA LEU A 242 -14.80 -49.29 -12.59
C LEU A 242 -15.39 -50.61 -12.13
N GLU A 243 -16.63 -50.53 -11.67
CA GLU A 243 -17.32 -51.69 -11.13
C GLU A 243 -18.75 -51.67 -11.62
N GLU A 244 -19.05 -52.59 -12.53
CA GLU A 244 -20.39 -52.76 -13.05
C GLU A 244 -21.27 -53.60 -12.14
N GLU A 245 -20.68 -54.31 -11.18
CA GLU A 245 -21.42 -55.22 -10.33
C GLU A 245 -20.62 -55.48 -9.07
N MET A 246 -21.08 -56.46 -8.31
CA MET A 246 -20.54 -56.72 -6.99
C MET A 246 -21.01 -58.09 -6.52
N ASN A 247 -20.10 -58.84 -5.93
CA ASN A 247 -20.44 -60.12 -5.32
C ASN A 247 -20.90 -59.87 -3.90
N VAL A 248 -21.81 -60.72 -3.43
CA VAL A 248 -22.41 -60.58 -2.12
C VAL A 248 -22.70 -61.97 -1.57
N SER A 249 -22.66 -62.10 -0.26
CA SER A 249 -23.01 -63.37 0.34
C SER A 249 -23.24 -63.20 1.82
N VAL A 250 -23.85 -64.24 2.39
CA VAL A 250 -24.24 -64.26 3.77
C VAL A 250 -24.30 -65.70 4.24
N CYS A 251 -23.96 -65.90 5.50
CA CYS A 251 -24.01 -67.20 6.13
C CYS A 251 -24.06 -66.98 7.63
N GLY A 252 -24.98 -67.68 8.29
CA GLY A 252 -25.18 -67.52 9.71
C GLY A 252 -24.50 -68.60 10.52
N LEU A 253 -23.42 -68.23 11.19
CA LEU A 253 -22.80 -69.14 12.13
C LEU A 253 -23.71 -69.31 13.34
N TYR A 254 -23.59 -70.46 13.99
CA TYR A 254 -24.53 -70.86 15.02
C TYR A 254 -23.73 -71.48 16.16
N THR A 255 -24.45 -72.11 17.08
CA THR A 255 -23.86 -72.94 18.11
C THR A 255 -22.97 -73.98 17.46
N TYR A 256 -21.71 -74.01 17.91
CA TYR A 256 -20.70 -74.87 17.27
C TYR A 256 -20.52 -74.50 15.81
N GLY A 257 -20.88 -73.27 15.45
CA GLY A 257 -20.78 -72.83 14.08
C GLY A 257 -21.62 -73.63 13.10
N LYS A 258 -22.59 -74.39 13.59
CA LYS A 258 -23.40 -75.20 12.69
C LYS A 258 -24.23 -74.30 11.81
N PRO A 259 -24.79 -74.83 10.72
CA PRO A 259 -25.67 -73.99 9.90
C PRO A 259 -27.04 -73.88 10.52
N VAL A 260 -27.67 -72.74 10.27
CA VAL A 260 -29.00 -72.44 10.81
C VAL A 260 -29.95 -72.19 9.64
N PRO A 261 -31.09 -72.87 9.54
CA PRO A 261 -32.05 -72.50 8.51
C PRO A 261 -32.80 -71.25 8.91
N GLY A 262 -33.22 -70.50 7.89
CA GLY A 262 -34.03 -69.34 8.23
C GLY A 262 -34.21 -68.41 7.05
N HIS A 263 -34.43 -67.14 7.36
CA HIS A 263 -34.61 -66.09 6.39
C HIS A 263 -33.55 -65.03 6.62
N VAL A 264 -33.35 -64.22 5.59
CA VAL A 264 -32.44 -63.09 5.67
C VAL A 264 -32.99 -61.97 4.81
N THR A 265 -32.66 -60.75 5.16
CA THR A 265 -32.83 -59.62 4.28
C THR A 265 -31.58 -58.77 4.40
N VAL A 266 -30.84 -58.68 3.32
CA VAL A 266 -29.73 -57.77 3.21
C VAL A 266 -30.29 -56.44 2.77
N SER A 267 -29.64 -55.36 3.18
CA SER A 267 -29.94 -54.02 2.71
C SER A 267 -28.59 -53.40 2.36
N ILE A 268 -28.17 -53.62 1.14
CA ILE A 268 -27.00 -52.93 0.62
C ILE A 268 -27.42 -51.51 0.31
N CYS A 269 -26.55 -50.53 0.51
CA CYS A 269 -26.99 -49.15 0.49
C CYS A 269 -25.84 -48.21 0.18
N ARG A 270 -26.10 -47.28 -0.73
CA ARG A 270 -25.34 -46.05 -0.81
C ARG A 270 -25.86 -45.15 0.30
N LYS A 271 -25.17 -44.03 0.54
CA LYS A 271 -25.54 -43.11 1.59
C LYS A 271 -25.49 -41.67 1.08
N TYR A 272 -26.22 -40.79 1.78
CA TYR A 272 -26.07 -39.36 1.61
C TYR A 272 -26.45 -38.92 0.20
N SER A 273 -27.72 -39.08 -0.15
CA SER A 273 -28.26 -38.65 -1.43
C SER A 273 -28.33 -37.13 -1.52
N ASP A 274 -28.87 -36.64 -2.65
CA ASP A 274 -29.07 -35.20 -2.88
C ASP A 274 -29.94 -34.53 -1.81
N ALA A 275 -30.63 -35.30 -0.98
CA ALA A 275 -31.47 -34.74 0.06
C ALA A 275 -30.66 -33.85 0.99
N SER A 276 -31.35 -32.88 1.60
CA SER A 276 -30.69 -31.94 2.50
C SER A 276 -30.40 -32.58 3.87
N ASP A 277 -30.91 -33.79 4.11
CA ASP A 277 -30.69 -34.58 5.33
C ASP A 277 -31.05 -33.82 6.60
N CYS A 278 -31.93 -32.83 6.52
CA CYS A 278 -32.17 -31.93 7.63
C CYS A 278 -33.66 -31.66 7.78
N HIS A 279 -34.30 -32.37 8.71
CA HIS A 279 -35.59 -32.02 9.28
C HIS A 279 -36.79 -32.31 8.38
N GLY A 280 -36.56 -32.67 7.13
CA GLY A 280 -37.61 -33.25 6.31
C GLY A 280 -37.08 -34.26 5.33
N GLU A 281 -35.79 -34.61 5.47
CA GLU A 281 -35.03 -35.25 4.43
C GLU A 281 -34.23 -36.40 5.02
N ASP A 282 -34.39 -37.58 4.44
CA ASP A 282 -33.59 -38.72 4.85
C ASP A 282 -32.24 -38.67 4.16
N SER A 283 -31.18 -38.76 4.94
CA SER A 283 -29.85 -38.93 4.36
C SER A 283 -29.72 -40.27 3.68
N GLN A 284 -30.62 -41.22 3.98
CA GLN A 284 -30.60 -42.51 3.34
C GLN A 284 -30.68 -42.39 1.83
N ALA A 285 -29.60 -42.78 1.19
CA ALA A 285 -29.50 -42.83 -0.25
C ALA A 285 -29.94 -44.21 -0.73
N PHE A 286 -29.57 -44.56 -1.95
CA PHE A 286 -30.15 -45.69 -2.66
C PHE A 286 -29.82 -46.99 -1.95
N CYS A 287 -30.88 -47.71 -1.59
CA CYS A 287 -30.79 -48.98 -0.89
C CYS A 287 -31.44 -50.05 -1.74
N GLU A 288 -30.75 -51.18 -1.85
CA GLU A 288 -31.28 -52.37 -2.50
C GLU A 288 -31.39 -53.45 -1.45
N LYS A 289 -32.55 -54.10 -1.43
CA LYS A 289 -32.90 -55.03 -0.38
C LYS A 289 -33.05 -56.40 -1.00
N PHE A 290 -32.28 -57.35 -0.50
CA PHE A 290 -32.26 -58.70 -1.04
C PHE A 290 -32.69 -59.68 0.04
N SER A 291 -33.84 -60.28 -0.15
CA SER A 291 -34.37 -61.28 0.74
C SER A 291 -33.83 -62.64 0.31
N GLY A 292 -33.53 -63.48 1.28
CA GLY A 292 -33.05 -64.82 1.01
C GLY A 292 -33.66 -65.79 1.98
N GLN A 293 -33.77 -67.03 1.53
CA GLN A 293 -34.16 -68.14 2.37
C GLN A 293 -32.88 -68.93 2.61
N LEU A 294 -32.27 -68.69 3.76
CA LEU A 294 -31.01 -69.33 4.08
C LEU A 294 -31.26 -70.81 4.31
N ASN A 295 -30.68 -71.61 3.42
CA ASN A 295 -30.90 -73.04 3.33
C ASN A 295 -30.49 -73.75 4.62
N SER A 296 -30.87 -75.03 4.69
CA SER A 296 -30.48 -75.88 5.81
C SER A 296 -28.97 -76.09 5.81
N HIS A 297 -28.43 -76.71 4.76
CA HIS A 297 -27.00 -76.90 4.59
C HIS A 297 -26.49 -75.87 3.60
N GLY A 298 -25.37 -75.25 3.93
CA GLY A 298 -24.88 -74.16 3.14
C GLY A 298 -25.55 -72.87 3.54
N CYS A 299 -25.33 -71.86 2.73
CA CYS A 299 -25.75 -70.50 3.04
C CYS A 299 -25.97 -69.75 1.73
N PHE A 300 -26.28 -68.47 1.83
CA PHE A 300 -26.87 -67.74 0.72
C PHE A 300 -25.85 -66.83 0.06
N TYR A 301 -25.99 -66.67 -1.25
CA TYR A 301 -25.14 -65.82 -2.07
C TYR A 301 -26.01 -64.90 -2.91
N GLN A 302 -25.38 -63.88 -3.49
CA GLN A 302 -26.08 -62.99 -4.38
C GLN A 302 -25.13 -62.15 -5.20
N GLN A 303 -25.38 -62.05 -6.50
CA GLN A 303 -24.65 -61.12 -7.35
C GLN A 303 -25.54 -59.91 -7.58
N VAL A 304 -24.98 -58.73 -7.34
CA VAL A 304 -25.72 -57.49 -7.39
C VAL A 304 -25.06 -56.58 -8.41
N LYS A 305 -25.85 -55.70 -9.02
CA LYS A 305 -25.37 -54.75 -10.02
C LYS A 305 -25.38 -53.37 -9.41
N THR A 306 -24.21 -52.73 -9.40
CA THR A 306 -24.06 -51.43 -8.78
C THR A 306 -24.35 -50.27 -9.74
N LYS A 307 -25.02 -50.55 -10.86
CA LYS A 307 -25.44 -49.48 -11.76
C LYS A 307 -26.31 -48.47 -11.03
N VAL A 308 -27.24 -48.97 -10.23
CA VAL A 308 -28.21 -48.12 -9.57
C VAL A 308 -27.58 -47.29 -8.47
N PHE A 309 -26.35 -47.62 -8.07
CA PHE A 309 -25.70 -46.80 -7.07
C PHE A 309 -25.10 -45.55 -7.65
N GLN A 310 -24.85 -45.53 -8.96
CA GLN A 310 -24.29 -44.37 -9.62
C GLN A 310 -22.94 -44.04 -9.01
N LEU A 311 -22.09 -45.05 -9.03
CA LEU A 311 -20.85 -44.98 -8.27
C LEU A 311 -19.91 -43.95 -8.88
N LYS A 312 -20.30 -42.69 -8.73
CA LYS A 312 -19.76 -41.60 -9.53
C LYS A 312 -19.64 -40.38 -8.63
N ARG A 313 -19.40 -39.23 -9.26
CA ARG A 313 -18.90 -38.02 -8.64
C ARG A 313 -19.50 -37.70 -7.30
N LYS A 314 -20.80 -37.45 -7.28
CA LYS A 314 -21.45 -36.95 -6.09
C LYS A 314 -22.49 -37.97 -5.63
N GLU A 315 -22.01 -38.96 -4.90
CA GLU A 315 -22.75 -40.00 -4.21
C GLU A 315 -21.74 -40.68 -3.31
N TYR A 316 -22.15 -40.99 -2.07
CA TYR A 316 -21.20 -41.19 -0.99
C TYR A 316 -21.01 -42.68 -0.68
N GLU A 317 -20.25 -43.00 0.37
CA GLU A 317 -19.76 -44.36 0.60
C GLU A 317 -20.90 -45.35 0.83
N MET A 318 -20.53 -46.62 0.99
CA MET A 318 -21.46 -47.75 0.88
C MET A 318 -21.57 -48.46 2.21
N LYS A 319 -22.80 -48.57 2.72
CA LYS A 319 -23.10 -49.28 3.96
C LYS A 319 -23.99 -50.45 3.63
N LEU A 320 -23.73 -51.60 4.25
CA LEU A 320 -24.45 -52.82 3.93
C LEU A 320 -24.95 -53.39 5.24
N HIS A 321 -26.23 -53.22 5.49
CA HIS A 321 -26.83 -53.60 6.76
C HIS A 321 -27.63 -54.87 6.50
N THR A 322 -27.13 -55.97 7.03
CA THR A 322 -27.67 -57.29 6.74
C THR A 322 -28.39 -57.79 7.96
N GLU A 323 -29.60 -58.32 7.77
CA GLU A 323 -30.53 -58.58 8.85
C GLU A 323 -31.02 -60.01 8.70
N ALA A 324 -30.45 -60.90 9.49
CA ALA A 324 -30.74 -62.31 9.40
C ALA A 324 -31.81 -62.64 10.40
N GLN A 325 -32.94 -63.12 9.90
CA GLN A 325 -34.05 -63.58 10.72
C GLN A 325 -33.92 -65.08 10.87
N ILE A 326 -33.78 -65.52 12.11
CA ILE A 326 -33.81 -66.95 12.40
C ILE A 326 -35.26 -67.37 12.63
N GLN A 327 -35.64 -68.45 11.94
CA GLN A 327 -36.89 -69.15 12.15
C GLN A 327 -36.94 -69.74 13.55
N GLU A 328 -38.13 -70.19 13.94
CA GLU A 328 -38.49 -70.74 15.26
C GLU A 328 -38.17 -69.80 16.41
N GLU A 329 -37.77 -68.55 16.15
CA GLU A 329 -37.75 -67.45 17.10
C GLU A 329 -38.26 -66.16 16.49
N GLY A 330 -38.46 -66.10 15.17
CA GLY A 330 -38.75 -64.85 14.50
C GLY A 330 -37.70 -63.81 14.73
N THR A 331 -36.49 -64.20 15.10
CA THR A 331 -35.56 -63.26 15.72
C THR A 331 -34.58 -62.75 14.69
N VAL A 332 -34.53 -61.44 14.51
CA VAL A 332 -33.64 -60.84 13.54
C VAL A 332 -32.44 -60.26 14.27
N VAL A 333 -31.30 -60.27 13.60
CA VAL A 333 -30.10 -59.62 14.10
C VAL A 333 -29.39 -58.99 12.93
N GLU A 334 -28.78 -57.83 13.16
CA GLU A 334 -28.17 -57.04 12.12
C GLU A 334 -26.66 -56.99 12.27
N LEU A 335 -25.99 -56.85 11.12
CA LEU A 335 -24.56 -56.54 11.07
C LEU A 335 -24.34 -55.44 10.05
N THR A 336 -23.48 -54.51 10.40
CA THR A 336 -23.12 -53.36 9.57
C THR A 336 -21.79 -53.68 8.91
N GLY A 337 -21.86 -54.09 7.64
CA GLY A 337 -20.68 -54.51 6.91
C GLY A 337 -20.26 -53.56 5.81
N ARG A 338 -18.95 -53.60 5.55
CA ARG A 338 -18.24 -52.88 4.49
C ARG A 338 -18.74 -51.45 4.34
N GLN A 339 -18.92 -50.78 5.49
CA GLN A 339 -19.38 -49.39 5.48
C GLN A 339 -18.43 -48.48 4.70
N SER A 340 -17.14 -48.85 4.62
CA SER A 340 -16.13 -48.03 3.98
C SER A 340 -15.55 -48.68 2.73
N SER A 341 -16.36 -49.33 1.90
CA SER A 341 -15.83 -49.80 0.64
C SER A 341 -15.49 -48.61 -0.22
N GLU A 342 -14.19 -48.31 -0.30
CA GLU A 342 -13.69 -47.02 -0.75
C GLU A 342 -13.81 -46.94 -2.26
N ILE A 343 -14.71 -46.09 -2.72
CA ILE A 343 -14.87 -45.83 -4.14
C ILE A 343 -13.93 -44.67 -4.45
N THR A 344 -12.75 -45.03 -4.92
CA THR A 344 -11.65 -44.08 -5.04
C THR A 344 -11.54 -43.62 -6.47
N ARG A 345 -11.46 -42.31 -6.65
CA ARG A 345 -11.12 -41.76 -7.96
C ARG A 345 -9.79 -42.30 -8.46
N THR A 346 -8.86 -42.57 -7.55
CA THR A 346 -7.52 -42.99 -7.90
C THR A 346 -7.51 -44.48 -8.17
N ILE A 347 -7.11 -44.85 -9.38
CA ILE A 347 -7.14 -46.23 -9.84
C ILE A 347 -5.82 -46.52 -10.52
N THR A 348 -5.50 -47.81 -10.63
CA THR A 348 -4.20 -48.25 -11.09
C THR A 348 -3.13 -47.77 -10.13
N LYS A 349 -3.47 -47.71 -8.85
CA LYS A 349 -2.56 -47.12 -7.88
C LYS A 349 -1.36 -48.04 -7.72
N LEU A 350 -0.29 -47.67 -8.39
CA LEU A 350 0.94 -48.43 -8.27
C LEU A 350 1.61 -48.07 -6.97
N SER A 351 2.82 -48.60 -6.77
CA SER A 351 3.41 -48.58 -5.44
C SER A 351 4.90 -48.30 -5.42
N PHE A 352 5.40 -48.05 -4.21
CA PHE A 352 6.79 -48.19 -3.85
C PHE A 352 6.89 -49.32 -2.86
N VAL A 353 8.03 -49.99 -2.83
CA VAL A 353 8.31 -50.94 -1.76
C VAL A 353 9.66 -50.64 -1.13
N LYS A 354 10.74 -50.82 -1.89
CA LYS A 354 12.08 -50.60 -1.40
C LYS A 354 12.57 -49.25 -1.91
N VAL A 355 11.77 -48.22 -1.63
CA VAL A 355 12.08 -46.89 -2.11
C VAL A 355 13.02 -46.25 -1.10
N ASP A 356 14.29 -46.18 -1.48
CA ASP A 356 15.28 -45.55 -0.64
C ASP A 356 14.98 -44.08 -0.48
N SER A 357 15.67 -43.47 0.48
CA SER A 357 15.59 -42.05 0.75
C SER A 357 16.71 -41.27 0.12
N HIS A 358 17.86 -41.90 -0.14
CA HIS A 358 19.08 -41.19 -0.48
C HIS A 358 19.83 -41.91 -1.59
N PHE A 359 20.96 -41.32 -1.95
CA PHE A 359 21.81 -41.77 -3.04
C PHE A 359 23.14 -41.05 -2.87
N ARG A 360 24.10 -41.34 -3.74
CA ARG A 360 25.37 -40.62 -3.69
C ARG A 360 25.85 -40.33 -5.10
N GLN A 361 26.83 -39.41 -5.18
CA GLN A 361 27.41 -39.03 -6.46
C GLN A 361 28.41 -40.03 -6.97
N GLY A 362 28.59 -41.15 -6.29
CA GLY A 362 29.56 -42.14 -6.70
C GLY A 362 28.97 -43.53 -6.68
N ILE A 363 27.70 -43.71 -7.03
CA ILE A 363 27.09 -45.01 -6.77
C ILE A 363 25.97 -45.37 -7.73
N PRO A 364 25.83 -46.64 -8.12
CA PRO A 364 24.51 -47.09 -8.62
C PRO A 364 23.55 -47.39 -7.48
N PHE A 365 22.52 -46.57 -7.32
CA PHE A 365 21.46 -46.89 -6.37
C PHE A 365 20.28 -47.46 -7.14
N PHE A 366 19.61 -48.42 -6.52
CA PHE A 366 18.48 -49.09 -7.14
C PHE A 366 17.28 -49.03 -6.20
N GLY A 367 16.11 -48.78 -6.78
CA GLY A 367 14.86 -48.87 -6.08
C GLY A 367 14.05 -50.03 -6.64
N GLN A 368 13.45 -50.79 -5.74
CA GLN A 368 12.44 -51.76 -6.11
C GLN A 368 11.08 -51.13 -5.93
N VAL A 369 10.23 -51.32 -6.91
CA VAL A 369 9.01 -50.56 -7.08
C VAL A 369 7.91 -51.53 -7.44
N ARG A 370 6.80 -51.43 -6.74
CA ARG A 370 5.69 -52.33 -6.92
C ARG A 370 4.55 -51.60 -7.64
N LEU A 371 3.70 -52.38 -8.30
CA LEU A 371 2.50 -51.86 -8.91
C LEU A 371 1.35 -52.76 -8.55
N VAL A 372 0.25 -52.14 -8.15
CA VAL A 372 -0.98 -52.81 -7.79
C VAL A 372 -2.10 -51.91 -8.31
N ASP A 373 -3.32 -52.43 -8.31
CA ASP A 373 -4.49 -51.63 -8.60
C ASP A 373 -5.56 -51.90 -7.56
N GLY A 374 -6.03 -50.82 -6.93
CA GLY A 374 -7.24 -50.90 -6.16
C GLY A 374 -7.23 -51.86 -5.00
N LYS A 375 -7.88 -53.02 -5.21
CA LYS A 375 -8.13 -53.99 -4.15
C LYS A 375 -6.86 -54.37 -3.40
N GLY A 376 -5.73 -54.38 -4.09
CA GLY A 376 -4.50 -54.87 -3.52
C GLY A 376 -3.97 -56.05 -4.30
N VAL A 377 -4.30 -56.10 -5.58
CA VAL A 377 -3.99 -57.22 -6.45
C VAL A 377 -2.98 -56.77 -7.48
N PRO A 378 -1.78 -57.38 -7.53
CA PRO A 378 -0.79 -56.90 -8.50
C PRO A 378 -1.23 -57.16 -9.92
N ILE A 379 -0.56 -56.50 -10.86
CA ILE A 379 -0.84 -56.61 -12.28
C ILE A 379 0.36 -57.26 -12.96
N PRO A 380 0.18 -58.26 -13.83
CA PRO A 380 1.32 -58.81 -14.55
C PRO A 380 1.50 -58.18 -15.92
N ASN A 381 2.76 -57.96 -16.29
CA ASN A 381 3.13 -57.63 -17.67
C ASN A 381 2.41 -56.37 -18.14
N LYS A 382 2.71 -55.26 -17.46
CA LYS A 382 2.13 -53.98 -17.87
C LYS A 382 3.20 -52.94 -18.02
N VAL A 383 3.36 -52.39 -19.21
CA VAL A 383 4.43 -51.44 -19.44
C VAL A 383 4.19 -50.21 -18.59
N ILE A 384 5.30 -49.59 -18.17
CA ILE A 384 5.30 -48.44 -17.31
C ILE A 384 6.45 -47.53 -17.70
N PHE A 385 6.46 -46.34 -17.13
CA PHE A 385 7.43 -45.31 -17.48
C PHE A 385 8.00 -44.70 -16.23
N ILE A 386 9.31 -44.85 -16.08
CA ILE A 386 10.07 -44.32 -14.97
C ILE A 386 10.78 -43.07 -15.46
N ARG A 387 10.73 -42.02 -14.66
CA ARG A 387 11.36 -40.75 -14.98
C ARG A 387 12.18 -40.29 -13.79
N GLY A 388 13.49 -40.12 -14.01
CA GLY A 388 14.39 -39.62 -13.01
C GLY A 388 14.99 -38.31 -13.44
N ASN A 389 14.59 -37.22 -12.79
CA ASN A 389 14.98 -35.90 -13.19
C ASN A 389 16.11 -35.37 -12.31
N GLU A 390 17.03 -34.67 -12.99
CA GLU A 390 18.34 -34.20 -12.59
C GLU A 390 19.38 -35.31 -12.69
N ALA A 391 18.98 -36.50 -13.13
CA ALA A 391 19.89 -37.46 -13.75
C ALA A 391 19.47 -37.78 -15.17
N ASN A 392 18.28 -37.38 -15.59
CA ASN A 392 17.84 -37.51 -16.96
C ASN A 392 17.76 -38.98 -17.35
N TYR A 393 17.06 -39.72 -16.52
CA TYR A 393 16.90 -41.16 -16.65
C TYR A 393 15.44 -41.39 -17.00
N TYR A 394 15.13 -41.28 -18.28
CA TYR A 394 13.82 -41.61 -18.81
C TYR A 394 13.89 -43.02 -19.34
N SER A 395 13.19 -43.95 -18.68
CA SER A 395 13.28 -45.34 -19.06
C SER A 395 11.89 -45.98 -19.00
N ASN A 396 11.74 -47.05 -19.76
CA ASN A 396 10.56 -47.87 -19.77
C ASN A 396 10.81 -49.07 -18.87
N ALA A 397 9.73 -49.63 -18.35
CA ALA A 397 9.79 -50.89 -17.63
C ALA A 397 8.44 -51.57 -17.76
N THR A 398 8.24 -52.62 -16.99
CA THR A 398 6.95 -53.28 -17.01
C THR A 398 6.70 -54.03 -15.71
N THR A 399 5.42 -54.18 -15.41
CA THR A 399 4.94 -54.94 -14.28
C THR A 399 5.12 -56.41 -14.57
N ASP A 400 5.80 -57.11 -13.66
CA ASP A 400 5.97 -58.55 -13.71
C ASP A 400 4.84 -59.21 -12.93
N GLU A 401 4.97 -60.53 -12.70
CA GLU A 401 3.96 -61.30 -11.99
C GLU A 401 3.62 -60.69 -10.63
N HIS A 402 4.62 -60.12 -9.97
CA HIS A 402 4.43 -59.46 -8.68
C HIS A 402 4.32 -57.95 -8.82
N GLY A 403 4.36 -57.42 -10.04
CA GLY A 403 4.29 -55.99 -10.24
C GLY A 403 5.55 -55.28 -9.79
N LEU A 404 6.63 -56.02 -9.63
CA LEU A 404 7.85 -55.51 -9.04
C LEU A 404 8.88 -55.25 -10.12
N VAL A 405 9.61 -54.16 -9.94
CA VAL A 405 10.63 -53.74 -10.88
C VAL A 405 11.76 -53.10 -10.09
N GLN A 406 12.96 -53.58 -10.30
CA GLN A 406 14.13 -53.11 -9.58
C GLN A 406 14.91 -52.25 -10.56
N PHE A 407 14.53 -50.99 -10.63
CA PHE A 407 15.25 -50.04 -11.48
C PHE A 407 16.51 -49.64 -10.75
N SER A 408 17.51 -49.23 -11.51
CA SER A 408 18.77 -48.78 -10.96
C SER A 408 19.31 -47.62 -11.78
N ILE A 409 19.95 -46.69 -11.08
CA ILE A 409 20.45 -45.46 -11.66
C ILE A 409 21.87 -45.26 -11.18
N ASN A 410 22.79 -45.14 -12.12
CA ASN A 410 24.12 -44.62 -11.82
C ASN A 410 24.00 -43.16 -11.46
N THR A 411 24.53 -42.79 -10.30
CA THR A 411 24.43 -41.45 -9.78
C THR A 411 25.83 -40.89 -9.67
N THR A 412 26.12 -39.93 -10.58
CA THR A 412 27.22 -38.98 -10.64
C THR A 412 26.61 -37.69 -11.18
N ASN A 413 26.09 -36.86 -10.29
CA ASN A 413 25.16 -35.82 -10.70
C ASN A 413 25.12 -34.74 -9.63
N VAL A 414 24.15 -33.84 -9.75
CA VAL A 414 23.91 -32.73 -8.83
C VAL A 414 23.10 -33.15 -7.60
N MET A 415 23.01 -32.23 -6.62
CA MET A 415 22.55 -32.47 -5.25
C MET A 415 21.30 -33.35 -5.07
N GLY A 416 20.16 -32.91 -5.57
CA GLY A 416 18.87 -33.51 -5.23
C GLY A 416 18.21 -34.11 -6.46
N THR A 417 17.64 -35.30 -6.29
CA THR A 417 17.08 -36.06 -7.39
C THR A 417 15.60 -36.29 -7.16
N SER A 418 14.84 -36.27 -8.25
CA SER A 418 13.39 -36.45 -8.17
C SER A 418 12.97 -37.59 -9.07
N LEU A 419 12.33 -38.60 -8.48
CA LEU A 419 12.03 -39.83 -9.16
C LEU A 419 10.53 -40.09 -9.14
N THR A 420 9.97 -40.33 -10.31
CA THR A 420 8.57 -40.64 -10.44
C THR A 420 8.40 -41.82 -11.37
N VAL A 421 7.27 -42.50 -11.23
CA VAL A 421 6.89 -43.54 -12.17
C VAL A 421 5.39 -43.50 -12.38
N ARG A 422 4.98 -43.84 -13.60
CA ARG A 422 3.58 -43.86 -13.97
C ARG A 422 3.29 -45.04 -14.88
N VAL A 423 2.00 -45.32 -15.00
CA VAL A 423 1.47 -46.13 -16.09
C VAL A 423 0.57 -45.32 -17.01
N ASN A 424 0.16 -44.12 -16.59
CA ASN A 424 -0.50 -43.14 -17.43
C ASN A 424 0.39 -41.90 -17.49
N TYR A 425 -0.12 -40.78 -17.99
CA TYR A 425 0.69 -39.58 -18.21
C TYR A 425 0.26 -38.48 -17.25
N LYS A 426 0.86 -37.29 -17.44
CA LYS A 426 0.76 -36.19 -16.49
C LYS A 426 -0.58 -35.47 -16.59
N ASP A 427 -1.68 -36.22 -16.46
CA ASP A 427 -3.03 -35.67 -16.43
C ASP A 427 -4.01 -36.81 -16.20
N ARG A 428 -5.21 -36.49 -15.74
CA ARG A 428 -6.27 -37.48 -15.57
C ARG A 428 -6.94 -37.68 -16.92
N SER A 429 -6.71 -38.83 -17.52
CA SER A 429 -7.09 -39.07 -18.93
C SER A 429 -8.56 -38.83 -19.21
N PRO A 430 -9.52 -39.40 -18.48
CA PRO A 430 -10.93 -39.06 -18.72
C PRO A 430 -11.39 -37.84 -17.92
N CYS A 431 -11.70 -36.76 -18.64
CA CYS A 431 -12.45 -35.60 -18.11
C CYS A 431 -11.90 -35.08 -16.79
N TYR A 432 -10.66 -34.59 -16.83
CA TYR A 432 -9.98 -34.12 -15.63
C TYR A 432 -10.69 -32.92 -14.99
N GLY A 433 -10.68 -31.77 -15.67
CA GLY A 433 -11.10 -30.53 -15.06
C GLY A 433 -12.54 -30.14 -15.32
N TYR A 434 -13.46 -31.10 -15.27
CA TYR A 434 -14.87 -30.85 -15.54
C TYR A 434 -15.64 -30.35 -14.33
N GLN A 435 -15.06 -30.38 -13.12
CA GLN A 435 -15.72 -30.03 -11.86
C GLN A 435 -16.75 -31.06 -11.42
N TRP A 436 -16.98 -32.11 -12.21
CA TRP A 436 -18.05 -33.06 -11.99
C TRP A 436 -17.59 -34.47 -12.30
N VAL A 437 -16.37 -34.81 -11.89
CA VAL A 437 -15.75 -36.08 -12.25
C VAL A 437 -14.94 -36.58 -11.07
N SER A 438 -14.93 -37.90 -10.91
CA SER A 438 -14.33 -38.58 -9.76
C SER A 438 -13.47 -39.73 -10.23
N GLU A 439 -12.58 -39.45 -11.17
CA GLU A 439 -11.66 -40.45 -11.71
C GLU A 439 -10.24 -39.90 -11.64
N GLU A 440 -9.28 -40.80 -11.37
CA GLU A 440 -7.90 -40.39 -11.14
C GLU A 440 -7.01 -41.63 -11.20
N HIS A 441 -5.70 -41.39 -11.26
CA HIS A 441 -4.69 -42.43 -11.10
C HIS A 441 -3.66 -41.90 -10.12
N GLU A 442 -3.14 -42.78 -9.27
CA GLU A 442 -2.00 -42.41 -8.43
C GLU A 442 -0.73 -42.38 -9.26
N GLU A 443 0.20 -41.54 -8.83
CA GLU A 443 1.50 -41.37 -9.45
C GLU A 443 2.58 -41.65 -8.42
N ALA A 444 3.53 -42.52 -8.76
CA ALA A 444 4.67 -42.71 -7.88
C ALA A 444 5.47 -41.43 -7.85
N HIS A 445 5.56 -40.83 -6.67
CA HIS A 445 6.34 -39.63 -6.41
C HIS A 445 7.36 -39.95 -5.33
N HIS A 446 8.58 -39.50 -5.52
CA HIS A 446 9.57 -39.65 -4.46
C HIS A 446 10.71 -38.67 -4.72
N THR A 447 11.28 -38.19 -3.62
CA THR A 447 12.42 -37.30 -3.65
C THR A 447 13.54 -37.92 -2.85
N ALA A 448 14.78 -37.69 -3.30
CA ALA A 448 15.92 -38.21 -2.56
C ALA A 448 17.07 -37.22 -2.57
N TYR A 449 17.84 -37.30 -1.49
CA TYR A 449 18.90 -36.36 -1.16
C TYR A 449 20.18 -37.15 -0.90
N LEU A 450 21.29 -36.62 -1.38
CA LEU A 450 22.56 -37.29 -1.21
C LEU A 450 23.15 -36.95 0.13
N VAL A 451 24.29 -37.57 0.42
CA VAL A 451 24.99 -37.34 1.68
C VAL A 451 26.23 -36.49 1.44
N PHE A 452 26.58 -35.72 2.45
CA PHE A 452 27.85 -35.02 2.49
C PHE A 452 28.94 -36.04 2.82
N SER A 453 30.09 -35.89 2.17
CA SER A 453 31.24 -36.75 2.45
C SER A 453 32.51 -36.05 1.98
N PRO A 454 33.13 -35.22 2.81
CA PRO A 454 34.32 -34.49 2.33
C PRO A 454 35.49 -35.42 2.08
N SER A 455 35.47 -36.59 2.68
CA SER A 455 36.40 -37.66 2.30
C SER A 455 36.09 -38.23 0.94
N LYS A 456 34.89 -37.97 0.41
CA LYS A 456 34.35 -38.56 -0.81
C LYS A 456 34.00 -40.03 -0.63
N SER A 457 34.31 -40.61 0.53
CA SER A 457 34.01 -41.99 0.84
C SER A 457 32.72 -42.00 1.64
N PHE A 458 32.02 -43.11 1.60
CA PHE A 458 30.72 -43.18 2.26
C PHE A 458 30.27 -44.63 2.29
N VAL A 459 29.22 -44.87 3.07
CA VAL A 459 28.56 -46.16 3.14
C VAL A 459 27.12 -45.96 2.73
N HIS A 460 26.57 -46.99 2.14
CA HIS A 460 25.13 -47.08 2.02
C HIS A 460 24.76 -48.54 2.15
N LEU A 461 23.67 -48.81 2.83
CA LEU A 461 23.22 -50.17 3.05
C LEU A 461 22.03 -50.51 2.18
N GLU A 462 22.09 -51.68 1.58
CA GLU A 462 20.90 -52.31 1.05
C GLU A 462 20.28 -53.10 2.19
N PRO A 463 19.13 -52.68 2.72
CA PRO A 463 18.42 -53.47 3.72
C PRO A 463 17.48 -54.47 3.08
N MET A 464 16.87 -55.26 3.95
CA MET A 464 15.65 -55.98 3.63
C MET A 464 14.46 -55.18 4.10
N SER A 465 14.31 -54.01 3.48
CA SER A 465 13.30 -53.07 3.95
C SER A 465 11.92 -53.63 3.64
N HIS A 466 11.38 -54.36 4.60
CA HIS A 466 10.11 -55.03 4.46
C HIS A 466 9.64 -55.42 5.86
N GLU A 467 8.56 -56.21 5.95
CA GLU A 467 8.04 -56.67 7.23
C GLU A 467 9.06 -57.63 7.84
N LEU A 468 9.76 -57.13 8.84
CA LEU A 468 10.80 -57.91 9.47
C LEU A 468 10.17 -58.97 10.39
N PRO A 469 10.47 -60.26 10.21
CA PRO A 469 9.98 -61.27 11.16
C PRO A 469 10.75 -61.16 12.47
N CYS A 470 10.44 -62.07 13.40
CA CYS A 470 11.06 -62.07 14.71
C CYS A 470 11.28 -63.49 15.18
N GLY A 471 12.06 -63.60 16.26
CA GLY A 471 12.57 -64.89 16.66
C GLY A 471 13.43 -65.52 15.59
N HIS A 472 14.14 -64.70 14.82
CA HIS A 472 14.82 -65.22 13.64
C HIS A 472 16.01 -64.35 13.33
N THR A 473 16.97 -64.92 12.60
CA THR A 473 18.12 -64.14 12.23
C THR A 473 17.82 -63.35 10.96
N GLN A 474 18.78 -62.51 10.57
CA GLN A 474 18.65 -61.75 9.35
C GLN A 474 20.04 -61.26 8.97
N THR A 475 20.21 -60.89 7.71
CA THR A 475 21.43 -60.29 7.23
C THR A 475 21.10 -59.04 6.43
N VAL A 476 22.06 -58.14 6.38
CA VAL A 476 21.88 -56.84 5.75
C VAL A 476 23.17 -56.50 5.02
N GLN A 477 23.06 -56.05 3.78
CA GLN A 477 24.25 -55.92 2.94
C GLN A 477 24.66 -54.46 2.86
N ALA A 478 25.96 -54.23 2.79
CA ALA A 478 26.51 -52.88 2.89
C ALA A 478 27.55 -52.67 1.80
N HIS A 479 27.53 -51.46 1.25
CA HIS A 479 28.44 -51.04 0.20
C HIS A 479 29.21 -49.85 0.72
N TYR A 480 30.52 -50.00 0.85
CA TYR A 480 31.41 -48.98 1.40
C TYR A 480 32.33 -48.52 0.29
N ILE A 481 32.03 -47.36 -0.26
CA ILE A 481 32.79 -46.78 -1.36
C ILE A 481 33.85 -45.90 -0.72
N LEU A 482 35.10 -46.33 -0.79
CA LEU A 482 36.19 -45.70 -0.04
C LEU A 482 37.12 -44.98 -1.00
N ASN A 483 36.93 -43.66 -1.10
CA ASN A 483 37.81 -42.85 -1.92
C ASN A 483 39.17 -42.70 -1.26
N GLY A 484 40.10 -43.56 -1.64
CA GLY A 484 41.34 -43.67 -0.94
C GLY A 484 41.28 -44.52 0.30
N GLY A 485 40.10 -44.64 0.91
CA GLY A 485 40.00 -45.30 2.20
C GLY A 485 40.98 -44.68 3.18
N THR A 486 41.98 -45.47 3.58
CA THR A 486 43.06 -44.95 4.39
C THR A 486 44.04 -44.17 3.51
N LEU A 487 44.27 -42.91 3.85
CA LEU A 487 45.31 -42.15 3.19
C LEU A 487 46.68 -42.61 3.68
N LEU A 488 46.92 -42.55 4.99
CA LEU A 488 47.97 -43.33 5.63
C LEU A 488 47.39 -44.35 6.59
N GLY A 489 46.63 -43.90 7.61
CA GLY A 489 45.91 -44.73 8.56
C GLY A 489 46.58 -46.03 8.94
N LEU A 490 45.82 -47.11 8.93
CA LEU A 490 46.35 -48.45 9.13
C LEU A 490 45.68 -49.42 8.18
N LYS A 491 46.22 -50.62 8.07
CA LYS A 491 45.66 -51.65 7.21
C LYS A 491 44.29 -52.08 7.68
N LYS A 492 44.08 -52.10 8.99
CA LYS A 492 42.81 -52.54 9.55
C LYS A 492 41.91 -51.32 9.71
N LEU A 493 40.67 -51.47 9.26
CA LEU A 493 39.65 -50.46 9.47
C LEU A 493 38.46 -51.10 10.15
N SER A 494 37.62 -50.27 10.76
CA SER A 494 36.53 -50.79 11.57
C SER A 494 35.23 -50.07 11.29
N PHE A 495 34.18 -50.90 11.35
CA PHE A 495 32.78 -50.55 11.24
C PHE A 495 32.15 -50.84 12.60
N TYR A 496 31.13 -50.06 12.96
CA TYR A 496 30.46 -50.23 14.24
C TYR A 496 28.97 -49.98 14.06
N TYR A 497 28.16 -50.94 14.49
CA TYR A 497 26.73 -50.91 14.23
C TYR A 497 25.96 -51.03 15.53
N LEU A 498 24.75 -50.48 15.50
CA LEU A 498 23.87 -50.43 16.66
C LEU A 498 22.44 -50.65 16.20
N ILE A 499 21.75 -51.56 16.86
CA ILE A 499 20.33 -51.75 16.67
C ILE A 499 19.67 -51.23 17.93
N MET A 500 18.83 -50.21 17.79
CA MET A 500 18.14 -49.60 18.92
C MET A 500 16.64 -49.67 18.73
N ALA A 501 15.96 -49.59 19.88
CA ALA A 501 14.54 -49.81 20.00
C ALA A 501 14.00 -48.96 21.12
N LYS A 502 12.70 -48.72 21.07
CA LYS A 502 11.97 -48.18 22.20
C LYS A 502 12.48 -46.79 22.55
N GLY A 503 12.93 -46.07 21.53
CA GLY A 503 13.60 -44.81 21.75
C GLY A 503 14.84 -44.90 22.61
N GLY A 504 15.45 -46.08 22.69
CA GLY A 504 16.61 -46.29 23.54
C GLY A 504 17.74 -47.04 22.86
N ILE A 505 18.18 -48.14 23.46
CA ILE A 505 19.21 -49.00 22.89
C ILE A 505 18.87 -50.43 23.29
N VAL A 506 19.10 -51.38 22.39
CA VAL A 506 18.87 -52.79 22.69
C VAL A 506 20.12 -53.60 22.39
N ARG A 507 20.66 -53.49 21.17
CA ARG A 507 21.77 -54.32 20.72
C ARG A 507 22.84 -53.50 20.05
N THR A 508 24.04 -54.06 20.03
CA THR A 508 25.24 -53.35 19.61
C THR A 508 26.22 -54.33 19.01
N GLY A 509 27.22 -53.79 18.32
CA GLY A 509 28.36 -54.61 17.94
C GLY A 509 29.27 -53.85 17.01
N THR A 510 30.28 -54.58 16.53
CA THR A 510 31.29 -54.03 15.64
C THR A 510 31.60 -55.00 14.52
N HIS A 511 32.60 -54.62 13.74
CA HIS A 511 33.15 -55.41 12.66
C HIS A 511 34.38 -54.64 12.19
N GLY A 512 35.24 -55.26 11.42
CA GLY A 512 36.30 -54.54 10.77
C GLY A 512 36.93 -55.44 9.73
N LEU A 513 37.73 -54.83 8.87
CA LEU A 513 38.23 -55.50 7.69
C LEU A 513 39.63 -55.02 7.38
N LEU A 514 40.44 -55.93 6.85
CA LEU A 514 41.73 -55.58 6.26
C LEU A 514 41.43 -54.81 4.99
N VAL A 515 41.91 -53.59 4.91
CA VAL A 515 41.61 -52.77 3.76
C VAL A 515 42.46 -53.19 2.58
N LYS A 516 41.85 -53.23 1.39
CA LYS A 516 42.67 -53.14 0.20
C LYS A 516 43.45 -51.83 0.27
N GLN A 517 44.58 -51.80 -0.44
CA GLN A 517 45.52 -50.71 -0.27
C GLN A 517 44.88 -49.37 -0.59
N GLU A 518 44.50 -49.14 -1.84
CA GLU A 518 44.01 -47.83 -2.29
C GLU A 518 42.89 -47.95 -3.31
N ASP A 519 41.87 -48.79 -3.07
CA ASP A 519 40.61 -48.72 -3.81
C ASP A 519 39.44 -48.85 -2.85
N MET A 520 38.27 -49.10 -3.42
CA MET A 520 36.98 -48.80 -2.81
C MET A 520 36.09 -50.03 -2.65
N LYS A 521 36.63 -51.13 -2.12
CA LYS A 521 35.93 -52.41 -1.98
C LYS A 521 34.49 -52.26 -1.52
N GLY A 522 33.55 -52.76 -2.30
CA GLY A 522 32.16 -52.44 -2.04
C GLY A 522 31.46 -53.38 -1.09
N HIS A 523 31.37 -54.65 -1.43
CA HIS A 523 30.42 -55.51 -0.78
C HIS A 523 30.97 -56.06 0.52
N PHE A 524 30.15 -55.99 1.56
CA PHE A 524 30.31 -56.92 2.67
C PHE A 524 29.01 -56.94 3.46
N SER A 525 28.77 -58.05 4.15
CA SER A 525 27.48 -58.29 4.78
C SER A 525 27.57 -58.16 6.29
N ILE A 526 26.39 -58.12 6.90
CA ILE A 526 26.25 -58.21 8.34
C ILE A 526 25.14 -59.21 8.60
N SER A 527 25.13 -59.74 9.81
CA SER A 527 24.08 -60.63 10.27
C SER A 527 23.73 -60.25 11.69
N ILE A 528 22.48 -60.47 12.06
CA ILE A 528 21.95 -60.03 13.34
C ILE A 528 20.80 -60.93 13.77
N PRO A 529 20.57 -61.10 15.06
CA PRO A 529 19.40 -61.86 15.51
C PRO A 529 18.22 -60.97 15.83
N VAL A 530 17.04 -61.56 15.70
CA VAL A 530 15.76 -60.92 15.93
C VAL A 530 15.00 -61.77 16.94
N LYS A 531 15.68 -62.14 18.01
CA LYS A 531 15.01 -62.81 19.11
C LYS A 531 13.85 -61.96 19.63
N SER A 532 14.18 -60.85 20.30
CA SER A 532 13.21 -60.00 20.96
C SER A 532 13.87 -58.73 21.46
N ASP A 533 13.19 -58.04 22.38
CA ASP A 533 13.77 -56.92 23.11
C ASP A 533 13.80 -55.65 22.26
N ILE A 534 13.05 -55.67 21.18
CA ILE A 534 13.21 -54.73 20.10
C ILE A 534 11.83 -54.36 19.60
N ALA A 535 11.61 -53.07 19.42
CA ALA A 535 10.31 -52.51 19.12
C ALA A 535 9.84 -53.00 17.77
N PRO A 536 8.59 -52.74 17.39
CA PRO A 536 8.20 -52.91 15.98
C PRO A 536 9.14 -52.19 15.05
N VAL A 537 9.55 -51.01 15.42
CA VAL A 537 10.68 -50.38 14.77
C VAL A 537 11.94 -51.09 15.20
N ALA A 538 12.88 -51.21 14.27
CA ALA A 538 14.22 -51.66 14.58
C ALA A 538 15.17 -50.69 13.91
N ARG A 539 15.49 -49.59 14.61
CA ARG A 539 16.33 -48.57 14.03
C ARG A 539 17.76 -49.06 14.10
N LEU A 540 18.28 -49.46 12.96
CA LEU A 540 19.67 -49.84 12.84
C LEU A 540 20.46 -48.63 12.38
N LEU A 541 21.72 -48.58 12.74
CA LEU A 541 22.67 -47.72 12.06
C LEU A 541 24.03 -48.39 12.09
N ILE A 542 24.91 -47.87 11.26
CA ILE A 542 26.27 -48.38 11.21
C ILE A 542 27.16 -47.31 10.65
N TYR A 543 28.31 -47.13 11.29
CA TYR A 543 29.28 -46.11 10.91
C TYR A 543 30.67 -46.70 10.97
N ALA A 544 31.47 -46.39 9.95
CA ALA A 544 32.84 -46.83 9.86
C ALA A 544 33.73 -45.63 10.04
N VAL A 545 34.79 -45.82 10.79
CA VAL A 545 35.61 -44.71 11.28
C VAL A 545 36.95 -44.73 10.58
N LEU A 546 37.54 -43.54 10.44
CA LEU A 546 38.78 -43.34 9.72
C LEU A 546 39.81 -42.69 10.64
N PRO A 547 41.01 -43.32 10.87
CA PRO A 547 41.98 -42.77 11.83
C PRO A 547 42.45 -41.36 11.57
N THR A 548 42.20 -40.85 10.37
CA THR A 548 42.50 -39.46 10.04
C THR A 548 41.73 -38.48 10.89
N GLY A 549 40.67 -38.96 11.54
CA GLY A 549 39.75 -38.08 12.24
C GLY A 549 38.46 -37.93 11.50
N ASP A 550 37.97 -39.02 10.89
CA ASP A 550 36.76 -38.94 10.08
C ASP A 550 35.89 -40.15 10.34
N VAL A 551 34.69 -40.12 9.79
CA VAL A 551 33.73 -41.20 9.97
C VAL A 551 32.64 -41.05 8.91
N ILE A 552 32.04 -42.17 8.57
CA ILE A 552 30.92 -42.24 7.63
C ILE A 552 29.93 -43.19 8.27
N GLY A 553 28.72 -43.21 7.74
CA GLY A 553 27.72 -44.13 8.25
C GLY A 553 26.40 -43.93 7.56
N ASP A 554 25.50 -44.87 7.83
CA ASP A 554 24.15 -44.78 7.30
C ASP A 554 23.22 -45.58 8.20
N SER A 555 21.94 -45.25 8.11
CA SER A 555 20.89 -45.72 9.01
C SER A 555 20.04 -46.79 8.34
N ALA A 556 19.04 -47.24 9.09
CA ALA A 556 18.05 -48.18 8.60
C ALA A 556 16.98 -48.36 9.66
N LYS A 557 15.92 -49.02 9.24
CA LYS A 557 14.68 -49.14 10.01
C LYS A 557 14.01 -50.40 9.52
N TYR A 558 13.52 -51.21 10.45
CA TYR A 558 12.90 -52.48 10.11
C TYR A 558 11.62 -52.67 10.91
N ASP A 559 10.52 -52.81 10.19
CA ASP A 559 9.20 -52.96 10.80
C ASP A 559 9.15 -54.36 11.38
N VAL A 560 9.69 -54.47 12.59
CA VAL A 560 9.66 -55.72 13.32
C VAL A 560 8.21 -56.14 13.56
N GLU A 561 7.92 -57.41 13.28
CA GLU A 561 6.60 -57.94 13.58
C GLU A 561 6.31 -57.83 15.06
N ASN A 562 5.05 -57.58 15.39
CA ASN A 562 4.68 -57.33 16.77
C ASN A 562 4.64 -58.64 17.54
N CYS A 563 5.76 -58.99 18.15
CA CYS A 563 5.88 -60.20 18.93
C CYS A 563 6.77 -59.94 20.12
N LEU A 564 6.65 -60.81 21.11
CA LEU A 564 7.13 -60.54 22.45
C LEU A 564 8.31 -61.44 22.78
N ALA A 565 8.95 -61.11 23.90
CA ALA A 565 10.08 -61.90 24.38
C ALA A 565 9.60 -63.25 24.89
N ASN A 566 8.81 -63.26 25.96
CA ASN A 566 8.38 -64.52 26.54
C ASN A 566 7.41 -65.17 25.59
N LYS A 567 7.85 -66.24 24.95
CA LYS A 567 6.90 -67.09 24.26
C LYS A 567 5.90 -67.63 25.25
N VAL A 568 4.67 -67.82 24.76
CA VAL A 568 3.60 -68.37 25.58
C VAL A 568 2.61 -69.03 24.65
N ASP A 569 1.91 -70.04 25.16
CA ASP A 569 0.88 -70.68 24.36
C ASP A 569 -0.10 -71.36 25.29
N LEU A 570 -1.27 -71.65 24.73
CA LEU A 570 -2.35 -72.31 25.44
C LEU A 570 -2.78 -73.55 24.69
N SER A 571 -3.44 -74.44 25.42
CA SER A 571 -4.00 -75.66 24.88
C SER A 571 -5.00 -76.18 25.89
N PHE A 572 -5.48 -77.40 25.69
CA PHE A 572 -6.54 -77.91 26.53
C PHE A 572 -6.82 -79.35 26.16
N SER A 573 -7.54 -80.04 27.03
CA SER A 573 -8.11 -81.31 26.68
C SER A 573 -9.33 -81.06 25.81
N PRO A 574 -9.49 -81.78 24.68
CA PRO A 574 -10.35 -81.28 23.59
C PRO A 574 -11.78 -80.94 23.98
N SER A 575 -12.39 -80.05 23.19
CA SER A 575 -13.79 -79.70 23.41
C SER A 575 -14.66 -80.95 23.33
N GLN A 576 -15.67 -81.01 24.20
CA GLN A 576 -16.59 -82.14 24.22
C GLN A 576 -17.96 -81.66 24.63
N SER A 577 -18.97 -82.28 24.05
CA SER A 577 -20.37 -82.05 24.39
C SER A 577 -20.63 -82.67 25.76
N LEU A 578 -21.87 -82.71 26.19
CA LEU A 578 -22.24 -83.55 27.32
C LEU A 578 -21.48 -83.13 28.59
N PRO A 579 -22.04 -82.23 29.39
CA PRO A 579 -21.25 -81.31 30.24
C PRO A 579 -20.31 -81.93 31.28
N ALA A 580 -19.89 -83.19 31.14
CA ALA A 580 -18.90 -83.80 32.01
C ALA A 580 -17.77 -82.84 32.34
N SER A 581 -17.68 -82.49 33.62
CA SER A 581 -16.83 -81.42 34.10
C SER A 581 -15.38 -81.63 33.70
N HIS A 582 -14.96 -82.87 33.67
CA HIS A 582 -13.55 -83.16 33.60
C HIS A 582 -13.00 -82.66 32.28
N ALA A 583 -12.45 -81.46 32.29
CA ALA A 583 -11.82 -80.90 31.11
C ALA A 583 -10.56 -80.23 31.59
N HIS A 584 -9.65 -79.96 30.68
CA HIS A 584 -8.37 -79.37 31.04
C HIS A 584 -8.10 -78.14 30.21
N LEU A 585 -7.15 -77.39 30.71
CA LEU A 585 -6.50 -76.34 29.97
C LEU A 585 -5.04 -76.46 30.33
N ARG A 586 -4.19 -76.18 29.38
CA ARG A 586 -2.76 -76.18 29.58
C ARG A 586 -2.20 -74.89 29.04
N VAL A 587 -1.07 -74.47 29.61
CA VAL A 587 -0.37 -73.31 29.12
C VAL A 587 1.13 -73.55 29.29
N THR A 588 1.89 -73.06 28.33
CA THR A 588 3.34 -73.06 28.38
C THR A 588 3.82 -71.63 28.40
N ALA A 589 4.72 -71.33 29.33
CA ALA A 589 5.38 -70.03 29.41
C ALA A 589 6.64 -70.24 30.26
N ALA A 590 7.19 -69.14 30.80
CA ALA A 590 8.45 -69.20 31.52
C ALA A 590 8.38 -70.20 32.68
N PRO A 591 9.52 -70.70 33.14
CA PRO A 591 9.49 -71.81 34.11
C PRO A 591 9.06 -71.39 35.50
N GLN A 592 8.95 -70.11 35.77
CA GLN A 592 8.60 -69.65 37.11
C GLN A 592 7.81 -68.35 36.92
N SER A 593 6.48 -68.46 36.92
CA SER A 593 5.71 -67.31 36.48
C SER A 593 4.27 -67.42 36.97
N VAL A 594 3.41 -66.58 36.39
CA VAL A 594 2.00 -66.56 36.72
C VAL A 594 1.24 -66.19 35.45
N CYS A 595 -0.05 -66.51 35.43
CA CYS A 595 -0.87 -66.23 34.26
C CYS A 595 -2.30 -65.92 34.65
N ALA A 596 -2.84 -64.91 33.99
CA ALA A 596 -4.23 -64.48 34.10
C ALA A 596 -5.02 -65.18 33.01
N LEU A 597 -6.02 -65.94 33.42
CA LEU A 597 -6.74 -66.83 32.54
C LEU A 597 -8.21 -66.44 32.56
N ARG A 598 -8.72 -66.07 31.38
CA ARG A 598 -10.08 -65.59 31.20
C ARG A 598 -10.74 -66.50 30.16
N ALA A 599 -11.48 -67.48 30.64
CA ALA A 599 -12.34 -68.30 29.81
C ALA A 599 -13.71 -67.66 29.79
N VAL A 600 -13.99 -66.89 28.74
CA VAL A 600 -15.26 -66.20 28.61
C VAL A 600 -16.18 -67.05 27.74
N ASP A 601 -17.39 -67.28 28.24
CA ASP A 601 -18.44 -67.87 27.43
C ASP A 601 -18.84 -66.84 26.39
N GLN A 602 -18.41 -67.08 25.17
CA GLN A 602 -18.61 -66.18 24.04
C GLN A 602 -20.02 -66.34 23.49
N SER A 603 -20.93 -65.65 24.17
CA SER A 603 -22.26 -65.29 23.70
C SER A 603 -22.52 -63.79 23.82
N VAL A 604 -22.18 -63.19 24.95
CA VAL A 604 -22.16 -61.74 25.05
C VAL A 604 -21.01 -61.20 24.24
N LEU A 605 -19.91 -61.95 24.21
CA LEU A 605 -18.79 -61.52 23.42
C LEU A 605 -19.05 -61.82 21.97
N LEU A 606 -19.86 -62.83 21.69
CA LEU A 606 -20.52 -62.91 20.40
C LEU A 606 -21.32 -61.65 20.12
N MET A 607 -22.07 -61.18 21.12
CA MET A 607 -22.96 -60.04 20.92
C MET A 607 -22.14 -58.79 20.67
N LYS A 608 -21.11 -58.58 21.47
CA LYS A 608 -20.26 -57.41 21.32
C LYS A 608 -18.81 -57.81 21.55
N PRO A 609 -17.87 -57.29 20.75
CA PRO A 609 -16.49 -57.72 20.87
C PRO A 609 -15.84 -57.39 22.21
N ASP A 610 -14.60 -57.81 22.31
CA ASP A 610 -13.69 -57.40 23.37
C ASP A 610 -13.21 -56.00 23.07
N ALA A 611 -12.18 -55.56 23.77
CA ALA A 611 -11.58 -54.23 23.58
C ALA A 611 -10.09 -54.43 23.39
N GLU A 612 -9.67 -54.43 22.12
CA GLU A 612 -8.30 -54.25 21.68
C GLU A 612 -7.30 -55.00 22.53
N LEU A 613 -7.59 -56.26 22.79
CA LEU A 613 -6.75 -57.09 23.63
C LEU A 613 -5.83 -57.89 22.73
N SER A 614 -4.57 -57.48 22.66
CA SER A 614 -3.57 -58.20 21.90
C SER A 614 -2.21 -57.64 22.24
N ALA A 615 -1.21 -58.11 21.50
CA ALA A 615 0.14 -57.60 21.66
C ALA A 615 0.27 -56.21 21.05
N SER A 616 -0.36 -55.99 19.90
CA SER A 616 -0.32 -54.69 19.25
C SER A 616 -0.87 -53.61 20.16
N SER A 617 -1.86 -53.96 20.98
CA SER A 617 -2.32 -53.05 22.02
C SER A 617 -1.16 -52.65 22.90
N VAL A 618 -0.55 -53.64 23.56
CA VAL A 618 0.56 -53.43 24.48
C VAL A 618 1.61 -52.54 23.86
N TYR A 619 1.91 -52.81 22.60
CA TYR A 619 2.95 -52.08 21.92
C TYR A 619 2.53 -50.63 21.68
N ASN A 620 1.28 -50.42 21.30
CA ASN A 620 0.85 -49.05 21.06
C ASN A 620 0.45 -48.37 22.35
N LEU A 621 0.16 -49.16 23.39
CA LEU A 621 0.03 -48.57 24.71
C LEU A 621 1.31 -47.95 25.18
N LEU A 622 2.43 -48.43 24.66
CA LEU A 622 3.71 -47.86 24.98
C LEU A 622 3.73 -46.37 24.67
N PRO A 623 4.52 -45.59 25.41
CA PRO A 623 4.74 -44.21 24.99
C PRO A 623 5.87 -44.16 23.98
N GLU A 624 5.75 -43.26 23.02
CA GLU A 624 6.79 -42.96 22.03
C GLU A 624 7.40 -44.25 21.44
N LYS A 625 6.53 -44.96 20.72
CA LYS A 625 6.89 -46.16 19.96
C LYS A 625 8.27 -46.06 19.34
N ASP A 626 8.48 -44.97 18.62
CA ASP A 626 9.73 -44.72 17.93
C ASP A 626 10.10 -43.27 18.17
N LEU A 627 11.25 -43.06 18.79
CA LEU A 627 11.82 -41.74 18.90
C LEU A 627 12.49 -41.40 17.59
N THR A 628 12.23 -40.20 17.11
CA THR A 628 12.90 -39.69 15.93
C THR A 628 12.99 -38.19 16.07
N GLY A 629 14.18 -37.65 15.86
CA GLY A 629 14.35 -36.22 16.02
C GLY A 629 14.34 -35.83 17.48
N PHE A 630 15.07 -34.77 17.82
CA PHE A 630 15.08 -34.34 19.20
C PHE A 630 13.71 -33.78 19.58
N PRO A 631 13.36 -33.83 20.86
CA PRO A 631 12.12 -33.19 21.30
C PRO A 631 12.09 -31.69 21.01
N GLY A 632 10.96 -31.11 21.37
CA GLY A 632 10.71 -29.71 21.17
C GLY A 632 11.60 -28.76 21.97
N PRO A 633 11.58 -28.89 23.32
CA PRO A 633 12.20 -27.87 24.18
C PRO A 633 13.65 -27.58 23.85
N LEU A 634 14.48 -28.61 23.88
CA LEU A 634 15.82 -28.50 23.32
C LEU A 634 15.71 -28.21 21.84
N ASN A 635 16.61 -27.37 21.33
CA ASN A 635 16.54 -26.93 19.95
C ASN A 635 17.61 -27.59 19.09
N ASP A 636 18.87 -27.47 19.48
CA ASP A 636 19.99 -27.97 18.68
C ASP A 636 21.26 -27.86 19.51
N GLN A 637 22.38 -28.14 18.86
CA GLN A 637 23.71 -27.85 19.38
C GLN A 637 24.45 -27.09 18.29
N ASP A 638 24.28 -25.78 18.27
CA ASP A 638 24.92 -24.96 17.27
C ASP A 638 26.44 -24.99 17.43
N ASN A 639 27.14 -24.61 16.35
CA ASN A 639 28.59 -24.55 16.29
C ASN A 639 29.01 -23.15 15.86
N GLU A 640 30.30 -22.97 15.57
CA GLU A 640 30.87 -21.66 15.24
C GLU A 640 31.68 -21.64 13.95
N ASP A 641 31.83 -22.76 13.24
CA ASP A 641 32.69 -22.78 12.07
C ASP A 641 32.03 -22.06 10.91
N CYS A 642 32.11 -20.72 10.91
CA CYS A 642 31.58 -19.90 9.84
C CYS A 642 32.63 -19.79 8.75
N ILE A 643 32.25 -20.17 7.53
CA ILE A 643 33.18 -20.25 6.42
C ILE A 643 33.00 -19.10 5.44
N ASN A 644 32.43 -17.98 5.90
CA ASN A 644 32.09 -16.90 5.00
C ASN A 644 33.34 -16.19 4.48
N ARG A 645 33.63 -16.37 3.20
CA ARG A 645 34.59 -15.54 2.52
C ARG A 645 34.03 -14.14 2.38
N HIS A 646 34.87 -13.19 1.97
CA HIS A 646 34.31 -11.92 1.53
C HIS A 646 33.34 -12.16 0.39
N ASN A 647 33.75 -12.96 -0.59
CA ASN A 647 32.86 -13.43 -1.63
C ASN A 647 33.31 -14.83 -2.00
N VAL A 648 32.41 -15.58 -2.62
CA VAL A 648 32.50 -17.03 -2.65
C VAL A 648 33.62 -17.53 -3.57
N TYR A 649 34.37 -16.61 -4.18
CA TYR A 649 35.69 -16.90 -4.72
C TYR A 649 35.63 -17.95 -5.83
N ILE A 650 35.01 -17.54 -6.94
CA ILE A 650 35.05 -18.33 -8.17
C ILE A 650 35.95 -17.63 -9.16
N ASN A 651 36.83 -18.40 -9.77
CA ASN A 651 37.63 -17.97 -10.90
C ASN A 651 37.17 -18.75 -12.11
N GLY A 652 36.63 -18.06 -13.09
CA GLY A 652 36.11 -18.71 -14.25
C GLY A 652 35.17 -17.80 -15.00
N ILE A 653 33.99 -18.32 -15.31
CA ILE A 653 33.03 -17.58 -16.12
C ILE A 653 32.64 -16.27 -15.44
N THR A 654 32.33 -16.31 -14.14
CA THR A 654 32.05 -15.13 -13.34
C THR A 654 32.33 -15.51 -11.90
N TYR A 655 32.04 -14.60 -10.98
CA TYR A 655 31.97 -14.93 -9.57
C TYR A 655 30.58 -15.41 -9.21
N THR A 656 30.48 -16.09 -8.08
CA THR A 656 29.24 -16.68 -7.59
C THR A 656 28.87 -16.08 -6.23
N PRO A 657 27.57 -16.04 -5.88
CA PRO A 657 27.21 -15.62 -4.50
C PRO A 657 27.22 -16.76 -3.49
N VAL A 658 26.80 -16.46 -2.27
CA VAL A 658 26.67 -17.44 -1.19
C VAL A 658 25.29 -18.07 -1.24
N SER A 659 25.18 -19.25 -0.64
CA SER A 659 23.90 -19.84 -0.29
C SER A 659 24.14 -21.03 0.62
N SER A 660 23.13 -21.37 1.41
CA SER A 660 23.18 -22.60 2.17
C SER A 660 22.82 -23.78 1.28
N THR A 661 23.11 -24.96 1.78
CA THR A 661 22.88 -26.20 1.06
C THR A 661 21.62 -26.90 1.55
N ASN A 662 21.42 -28.10 1.02
CA ASN A 662 20.35 -28.97 1.48
C ASN A 662 20.72 -30.38 1.04
N GLU A 663 21.21 -31.17 1.99
CA GLU A 663 21.55 -32.56 1.75
C GLU A 663 21.58 -33.28 3.10
N LYS A 664 21.57 -34.59 3.03
CA LYS A 664 21.49 -35.39 4.26
C LYS A 664 22.87 -35.46 4.93
N ASP A 665 22.86 -35.74 6.23
CA ASP A 665 24.06 -35.60 7.07
C ASP A 665 24.12 -36.75 8.07
N MET A 666 25.35 -37.02 8.51
CA MET A 666 25.59 -37.97 9.59
C MET A 666 25.02 -37.47 10.89
N TYR A 667 25.31 -36.22 11.22
CA TYR A 667 24.62 -35.57 12.33
C TYR A 667 23.12 -35.70 12.15
N SER A 668 22.65 -35.52 10.92
CA SER A 668 21.23 -35.68 10.66
C SER A 668 20.81 -37.14 10.74
N PHE A 669 21.70 -38.05 10.35
CA PHE A 669 21.40 -39.46 10.52
C PHE A 669 21.14 -39.78 11.99
N LEU A 670 21.96 -39.22 12.86
CA LEU A 670 21.86 -39.53 14.28
C LEU A 670 20.77 -38.73 14.96
N GLU A 671 20.36 -37.63 14.35
CA GLU A 671 19.23 -36.89 14.85
C GLU A 671 17.93 -37.60 14.52
N ASP A 672 17.78 -38.03 13.25
CA ASP A 672 16.63 -38.85 12.88
C ASP A 672 16.65 -40.16 13.65
N MET A 673 17.84 -40.65 13.99
CA MET A 673 17.96 -41.78 14.89
C MET A 673 17.26 -41.49 16.20
N GLY A 674 17.31 -40.25 16.63
CA GLY A 674 16.67 -39.80 17.85
C GLY A 674 17.64 -39.55 18.97
N LEU A 675 18.94 -39.81 18.76
CA LEU A 675 19.93 -39.74 19.81
C LEU A 675 20.87 -38.56 19.59
N LYS A 676 21.88 -38.46 20.44
CA LYS A 676 22.92 -37.45 20.34
C LYS A 676 24.25 -38.10 20.71
N ALA A 677 25.31 -37.32 20.61
CA ALA A 677 26.65 -37.88 20.72
C ALA A 677 27.65 -36.75 20.94
N PHE A 678 28.90 -37.15 21.22
CA PHE A 678 30.02 -36.23 21.28
C PHE A 678 31.27 -36.91 20.71
N THR A 679 32.00 -36.15 19.90
CA THR A 679 33.16 -36.64 19.16
C THR A 679 34.10 -35.45 18.95
N ASN A 680 35.00 -35.57 17.99
CA ASN A 680 35.78 -34.46 17.44
C ASN A 680 35.66 -34.32 15.94
N SER A 681 35.37 -35.41 15.22
CA SER A 681 35.45 -35.35 13.76
C SER A 681 34.33 -34.51 13.19
N LYS A 682 34.46 -34.25 11.90
CA LYS A 682 33.53 -33.42 11.17
C LYS A 682 32.30 -34.26 10.86
N ILE A 683 31.23 -34.05 11.63
CA ILE A 683 29.96 -34.74 11.45
C ILE A 683 28.93 -33.81 10.84
N ARG A 684 28.85 -32.60 11.35
CA ARG A 684 27.90 -31.63 10.86
C ARG A 684 28.51 -30.89 9.68
N LYS A 685 27.68 -30.65 8.66
CA LYS A 685 28.21 -30.03 7.45
C LYS A 685 28.74 -28.63 7.77
N PRO A 686 29.80 -28.17 7.11
CA PRO A 686 30.45 -26.94 7.54
C PRO A 686 29.59 -25.71 7.30
N LYS A 687 28.49 -25.63 8.03
CA LYS A 687 27.55 -24.55 7.80
C LYS A 687 28.19 -23.24 8.20
N MET A 688 27.79 -22.20 7.48
CA MET A 688 28.32 -20.86 7.67
C MET A 688 27.38 -20.04 8.53
N CYS A 689 27.94 -19.05 9.20
CA CYS A 689 27.13 -18.10 9.91
C CYS A 689 26.47 -17.15 8.93
N PRO A 690 25.23 -16.71 9.21
CA PRO A 690 24.50 -15.90 8.24
C PRO A 690 25.18 -14.56 7.99
N GLN A 691 24.56 -13.77 7.12
CA GLN A 691 25.14 -12.49 6.74
C GLN A 691 25.03 -11.53 7.92
N LEU A 692 26.18 -11.12 8.44
CA LEU A 692 26.20 -10.20 9.57
C LEU A 692 25.64 -8.83 9.19
N GLN A 693 25.89 -8.40 7.97
CA GLN A 693 25.49 -7.06 7.55
C GLN A 693 23.98 -6.98 7.46
N GLN A 694 23.42 -5.92 8.06
CA GLN A 694 21.97 -5.73 8.06
C GLN A 694 21.67 -4.24 8.07
N TYR A 695 20.40 -3.93 7.83
CA TYR A 695 19.93 -2.55 7.86
C TYR A 695 19.70 -2.11 9.29
N THR A 730 -30.97 -84.03 33.61
CA THR A 730 -29.60 -84.44 33.81
C THR A 730 -28.61 -83.27 33.84
N VAL A 731 -29.13 -82.03 33.85
CA VAL A 731 -28.31 -80.85 33.73
C VAL A 731 -28.82 -79.76 34.67
N ARG A 732 -27.90 -78.92 35.12
CA ARG A 732 -28.18 -77.83 36.04
C ARG A 732 -27.31 -76.65 35.63
N LYS A 733 -27.96 -75.64 35.04
CA LYS A 733 -27.26 -74.47 34.54
C LYS A 733 -26.42 -73.80 35.63
N TYR A 734 -25.17 -73.51 35.29
CA TYR A 734 -24.26 -72.73 36.10
C TYR A 734 -24.30 -71.31 35.55
N PHE A 735 -23.52 -70.39 36.12
CA PHE A 735 -23.63 -69.02 35.64
C PHE A 735 -23.03 -68.95 34.24
N PRO A 736 -23.71 -68.36 33.26
CA PRO A 736 -23.10 -68.16 31.97
C PRO A 736 -22.36 -66.83 31.90
N GLU A 737 -21.89 -66.50 30.70
CA GLU A 737 -21.26 -65.21 30.39
C GLU A 737 -19.87 -65.10 31.00
N THR A 738 -19.37 -66.18 31.59
CA THR A 738 -17.99 -66.29 32.02
C THR A 738 -17.82 -67.74 32.47
N TRP A 739 -16.65 -68.30 32.22
CA TRP A 739 -16.36 -69.66 32.64
C TRP A 739 -15.27 -69.63 33.69
N ILE A 740 -14.16 -69.02 33.36
CA ILE A 740 -12.98 -69.05 34.21
C ILE A 740 -12.40 -67.65 34.25
N TRP A 741 -11.90 -67.29 35.42
CA TRP A 741 -11.34 -65.96 35.60
C TRP A 741 -10.43 -66.08 36.83
N ASP A 742 -9.15 -66.26 36.60
CA ASP A 742 -8.30 -66.63 37.72
C ASP A 742 -6.83 -66.35 37.41
N LEU A 743 -6.03 -66.40 38.46
CA LEU A 743 -4.57 -66.44 38.36
C LEU A 743 -4.12 -67.87 38.57
N VAL A 744 -2.99 -68.21 37.95
CA VAL A 744 -2.46 -69.57 38.04
C VAL A 744 -0.95 -69.48 37.92
N VAL A 745 -0.27 -70.34 38.63
CA VAL A 745 1.18 -70.29 38.69
C VAL A 745 1.76 -71.20 37.61
N VAL A 746 2.92 -70.81 37.11
CA VAL A 746 3.68 -71.58 36.13
C VAL A 746 4.89 -72.13 36.83
N ASN A 747 4.87 -73.44 37.07
CA ASN A 747 6.02 -74.20 37.49
C ASN A 747 6.98 -74.32 36.33
N SER A 748 8.06 -75.07 36.52
CA SER A 748 9.11 -75.17 35.53
C SER A 748 8.82 -76.21 34.46
N ALA A 749 7.55 -76.56 34.23
CA ALA A 749 7.19 -77.47 33.15
C ALA A 749 5.89 -77.07 32.44
N GLY A 750 5.47 -75.81 32.56
CA GLY A 750 4.19 -75.43 32.01
C GLY A 750 3.06 -75.97 32.88
N VAL A 751 1.97 -75.25 32.91
CA VAL A 751 0.87 -75.54 33.82
C VAL A 751 -0.21 -76.30 33.08
N ALA A 752 -1.00 -77.05 33.84
CA ALA A 752 -2.18 -77.71 33.31
C ALA A 752 -3.22 -77.73 34.43
N GLU A 753 -4.27 -76.95 34.23
CA GLU A 753 -5.41 -76.92 35.13
C GLU A 753 -6.50 -77.81 34.58
N VAL A 754 -7.41 -78.20 35.46
CA VAL A 754 -8.56 -79.01 35.11
C VAL A 754 -9.79 -78.14 35.32
N GLY A 755 -10.31 -77.61 34.23
CA GLY A 755 -11.54 -76.87 34.27
C GLY A 755 -12.75 -77.76 34.16
N VAL A 756 -13.89 -77.08 34.20
CA VAL A 756 -15.17 -77.71 34.47
C VAL A 756 -16.11 -77.39 33.32
N THR A 757 -16.43 -78.40 32.52
CA THR A 757 -17.45 -78.26 31.51
C THR A 757 -18.76 -77.79 32.14
N VAL A 758 -19.51 -77.00 31.39
CA VAL A 758 -20.66 -76.25 31.90
C VAL A 758 -21.91 -76.57 31.07
N PRO A 759 -23.12 -76.69 31.68
CA PRO A 759 -24.26 -77.24 30.94
C PRO A 759 -25.16 -76.24 30.25
N ASP A 760 -25.74 -76.64 29.12
CA ASP A 760 -26.74 -75.86 28.41
C ASP A 760 -26.18 -74.52 27.97
N THR A 761 -24.91 -74.52 27.57
CA THR A 761 -24.16 -73.34 27.18
C THR A 761 -23.34 -73.74 25.97
N ILE A 762 -23.90 -73.44 24.81
CA ILE A 762 -23.39 -73.91 23.54
C ILE A 762 -23.12 -72.69 22.68
N THR A 763 -21.94 -72.15 22.82
CA THR A 763 -21.50 -70.94 22.13
C THR A 763 -19.98 -71.03 22.08
N GLU A 764 -19.32 -69.93 21.70
CA GLU A 764 -17.87 -70.04 21.62
C GLU A 764 -17.30 -69.88 23.02
N TRP A 765 -16.02 -70.22 23.19
CA TRP A 765 -15.39 -70.21 24.51
C TRP A 765 -14.01 -69.59 24.42
N LYS A 766 -13.93 -68.28 24.47
CA LYS A 766 -12.66 -67.65 24.16
C LYS A 766 -11.79 -67.68 25.42
N ALA A 767 -10.64 -68.34 25.32
CA ALA A 767 -9.78 -68.60 26.47
C ALA A 767 -8.54 -67.74 26.35
N GLY A 768 -8.64 -66.49 26.81
CA GLY A 768 -7.53 -65.56 26.76
C GLY A 768 -6.55 -65.86 27.87
N ALA A 769 -5.26 -65.83 27.52
CA ALA A 769 -4.19 -66.13 28.46
C ALA A 769 -3.21 -64.98 28.45
N PHE A 770 -2.95 -64.43 29.64
CA PHE A 770 -2.07 -63.28 29.82
C PHE A 770 -1.07 -63.58 30.92
N CYS A 771 0.16 -63.87 30.56
CA CYS A 771 1.14 -64.33 31.51
C CYS A 771 2.15 -63.25 31.85
N LEU A 772 2.82 -63.46 32.99
CA LEU A 772 3.83 -62.54 33.47
C LEU A 772 4.88 -63.28 34.28
N SER A 773 6.14 -62.88 34.08
CA SER A 773 7.27 -63.43 34.80
C SER A 773 8.33 -62.35 34.89
N GLU A 774 8.98 -62.26 36.06
CA GLU A 774 10.01 -61.25 36.23
C GLU A 774 11.18 -61.45 35.27
N ASP A 775 11.39 -62.67 34.80
CA ASP A 775 12.55 -62.97 33.96
C ASP A 775 12.31 -62.76 32.48
N ALA A 776 11.16 -63.22 31.96
CA ALA A 776 10.89 -63.20 30.53
C ALA A 776 9.91 -62.10 30.11
N GLY A 777 9.24 -61.47 31.07
CA GLY A 777 8.29 -60.40 30.76
C GLY A 777 6.86 -60.87 30.68
N LEU A 778 6.05 -60.26 29.83
CA LEU A 778 4.65 -60.66 29.69
C LEU A 778 4.47 -61.63 28.54
N GLY A 779 3.22 -62.04 28.36
CA GLY A 779 2.85 -62.92 27.27
C GLY A 779 1.36 -62.91 27.02
N ILE A 780 0.97 -63.13 25.75
CA ILE A 780 -0.41 -63.05 25.31
C ILE A 780 -0.62 -64.23 24.38
N SER A 781 -1.45 -65.19 24.81
CA SER A 781 -1.75 -66.35 23.99
C SER A 781 -3.25 -66.55 23.86
N SER A 782 -3.58 -67.22 22.75
CA SER A 782 -4.84 -67.09 22.03
C SER A 782 -6.02 -67.76 22.70
N THR A 783 -7.15 -67.76 21.99
CA THR A 783 -8.46 -68.07 22.53
C THR A 783 -8.90 -69.48 22.17
N ALA A 784 -8.62 -70.41 23.06
CA ALA A 784 -9.07 -71.78 22.87
C ALA A 784 -10.59 -71.91 22.96
N SER A 785 -11.25 -72.01 21.83
CA SER A 785 -12.71 -72.17 21.78
C SER A 785 -13.12 -73.62 22.00
N LEU A 786 -13.33 -73.97 23.26
CA LEU A 786 -13.74 -75.31 23.61
C LEU A 786 -15.23 -75.44 23.42
N ARG A 787 -15.63 -75.45 22.16
CA ARG A 787 -17.04 -75.35 21.82
C ARG A 787 -17.75 -76.66 22.14
N ALA A 788 -18.75 -76.56 23.00
CA ALA A 788 -19.54 -77.71 23.39
C ALA A 788 -20.56 -78.01 22.30
N PHE A 789 -21.45 -78.96 22.58
CA PHE A 789 -22.45 -79.42 21.64
C PHE A 789 -23.38 -80.34 22.43
N GLN A 790 -24.41 -80.83 21.77
CA GLN A 790 -25.20 -81.97 22.22
C GLN A 790 -25.80 -82.59 20.97
N PRO A 791 -25.84 -83.92 20.84
CA PRO A 791 -26.44 -84.49 19.62
C PRO A 791 -27.90 -84.19 19.51
N PHE A 792 -28.59 -84.11 20.64
CA PHE A 792 -30.01 -83.81 20.69
C PHE A 792 -30.24 -82.95 21.92
N PHE A 793 -30.70 -81.72 21.72
CA PHE A 793 -30.90 -80.80 22.83
C PHE A 793 -32.14 -79.96 22.59
N VAL A 794 -32.39 -79.09 23.55
CA VAL A 794 -33.54 -78.22 23.57
C VAL A 794 -33.07 -76.85 24.04
N GLU A 795 -33.44 -75.82 23.29
CA GLU A 795 -33.14 -74.44 23.63
C GLU A 795 -34.42 -73.62 23.56
N LEU A 796 -34.52 -72.62 24.41
CA LEU A 796 -35.70 -71.79 24.50
C LEU A 796 -35.42 -70.40 23.96
N THR A 797 -36.48 -69.59 24.00
CA THR A 797 -36.39 -68.19 23.63
C THR A 797 -37.48 -67.44 24.37
N MET A 798 -37.08 -66.31 24.95
CA MET A 798 -37.93 -65.44 25.74
C MET A 798 -37.12 -64.19 26.08
N PRO A 799 -37.75 -63.07 26.41
CA PRO A 799 -36.97 -61.87 26.71
C PRO A 799 -36.33 -61.92 28.08
N TYR A 800 -35.48 -60.94 28.36
CA TYR A 800 -34.80 -60.88 29.65
C TYR A 800 -35.80 -60.67 30.78
N SER A 801 -36.74 -59.75 30.58
CA SER A 801 -37.67 -59.33 31.62
C SER A 801 -39.05 -59.16 31.02
N VAL A 802 -40.04 -59.31 31.87
CA VAL A 802 -41.44 -59.24 31.49
C VAL A 802 -42.18 -58.51 32.61
N ILE A 803 -43.51 -58.45 32.48
CA ILE A 803 -44.37 -57.77 33.44
C ILE A 803 -45.33 -58.77 34.04
N ARG A 804 -45.53 -58.64 35.36
CA ARG A 804 -46.33 -59.60 36.11
C ARG A 804 -47.76 -59.67 35.59
N GLY A 805 -48.31 -58.55 35.12
CA GLY A 805 -49.70 -58.51 34.74
C GLY A 805 -49.97 -59.15 33.41
N GLU A 806 -49.48 -58.53 32.34
CA GLU A 806 -49.71 -59.06 31.02
C GLU A 806 -48.93 -60.35 30.82
N ALA A 807 -49.36 -61.12 29.83
CA ALA A 807 -48.77 -62.39 29.50
C ALA A 807 -47.79 -62.26 28.34
N PHE A 808 -47.33 -63.41 27.87
CA PHE A 808 -46.42 -63.48 26.74
C PHE A 808 -46.22 -64.95 26.42
N THR A 809 -45.67 -65.22 25.25
CA THR A 809 -45.38 -66.57 24.83
C THR A 809 -43.92 -66.90 25.09
N LEU A 810 -43.67 -68.19 25.28
CA LEU A 810 -42.35 -68.73 25.54
C LEU A 810 -42.09 -69.78 24.48
N LYS A 811 -41.06 -69.58 23.65
CA LYS A 811 -40.88 -70.37 22.45
C LYS A 811 -39.73 -71.36 22.64
N ALA A 812 -40.06 -72.65 22.74
CA ALA A 812 -39.10 -73.70 23.06
C ALA A 812 -38.87 -74.56 21.84
N THR A 813 -37.66 -74.49 21.28
CA THR A 813 -37.25 -75.30 20.15
C THR A 813 -36.39 -76.47 20.61
N VAL A 814 -36.46 -77.55 19.84
CA VAL A 814 -35.69 -78.76 20.05
C VAL A 814 -34.94 -79.03 18.77
N LEU A 815 -33.72 -79.54 18.88
CA LEU A 815 -32.82 -79.72 17.74
C LEU A 815 -32.15 -81.09 17.80
N ASN A 816 -32.08 -81.73 16.63
CA ASN A 816 -31.53 -83.07 16.45
C ASN A 816 -30.46 -83.06 15.36
N TYR A 817 -29.29 -83.60 15.70
CA TYR A 817 -28.16 -83.70 14.79
C TYR A 817 -27.70 -85.12 14.52
N LEU A 818 -28.25 -86.10 15.23
CA LEU A 818 -27.92 -87.48 14.95
C LEU A 818 -28.65 -87.96 13.69
N PRO A 819 -28.05 -88.86 12.89
CA PRO A 819 -28.71 -89.26 11.64
C PRO A 819 -30.09 -89.89 11.85
N LYS A 820 -30.24 -90.70 12.90
CA LYS A 820 -31.53 -91.28 13.20
C LYS A 820 -32.55 -90.19 13.51
N CYS A 821 -33.78 -90.45 13.12
CA CYS A 821 -34.86 -89.47 13.11
C CYS A 821 -35.93 -89.98 14.06
N ILE A 822 -36.18 -89.22 15.12
CA ILE A 822 -36.91 -89.72 16.28
C ILE A 822 -37.97 -88.71 16.70
N ARG A 823 -39.11 -89.24 17.12
CA ARG A 823 -40.13 -88.43 17.77
C ARG A 823 -39.66 -88.03 19.16
N VAL A 824 -39.98 -86.79 19.54
CA VAL A 824 -39.56 -86.21 20.80
C VAL A 824 -40.78 -86.02 21.69
N SER A 825 -40.57 -86.23 22.98
CA SER A 825 -41.52 -85.85 24.02
C SER A 825 -40.92 -84.65 24.72
N VAL A 826 -41.48 -83.47 24.43
CA VAL A 826 -41.02 -82.20 24.97
C VAL A 826 -42.13 -81.63 25.84
N GLN A 827 -41.73 -81.01 26.94
CA GLN A 827 -42.66 -80.31 27.81
C GLN A 827 -41.82 -79.51 28.79
N LEU A 828 -42.51 -78.93 29.77
CA LEU A 828 -41.83 -78.16 30.79
C LEU A 828 -42.58 -78.26 32.09
N GLU A 829 -41.82 -78.42 33.17
CA GLU A 829 -42.34 -78.33 34.52
C GLU A 829 -42.33 -76.87 34.96
N ALA A 830 -43.42 -76.50 35.60
CA ALA A 830 -43.82 -75.15 35.96
C ALA A 830 -44.02 -75.06 37.47
N SER A 831 -43.95 -73.85 37.98
CA SER A 831 -44.10 -73.56 39.39
C SER A 831 -45.48 -72.98 39.66
N PRO A 832 -45.85 -72.85 40.94
CA PRO A 832 -47.03 -72.05 41.26
C PRO A 832 -46.87 -70.56 41.03
N ALA A 833 -45.66 -70.07 40.76
CA ALA A 833 -45.42 -68.64 40.68
C ALA A 833 -45.78 -68.04 39.34
N PHE A 834 -46.54 -68.73 38.51
CA PHE A 834 -47.06 -68.16 37.27
C PHE A 834 -48.18 -69.06 36.77
N LEU A 835 -48.58 -68.85 35.52
CA LEU A 835 -49.59 -69.70 34.89
C LEU A 835 -49.30 -69.78 33.40
N ALA A 836 -48.95 -70.96 32.93
CA ALA A 836 -48.71 -71.22 31.52
C ALA A 836 -49.73 -72.21 30.96
N VAL A 837 -49.96 -72.13 29.66
CA VAL A 837 -50.88 -73.00 28.94
C VAL A 837 -50.30 -73.27 27.56
N PRO A 838 -50.40 -74.50 27.02
CA PRO A 838 -49.91 -74.72 25.65
C PRO A 838 -50.86 -74.23 24.56
N VAL A 839 -50.39 -74.31 23.33
CA VAL A 839 -51.15 -73.96 22.14
C VAL A 839 -51.33 -75.19 21.26
N GLU A 840 -50.36 -76.12 21.31
CA GLU A 840 -50.26 -77.21 20.36
C GLU A 840 -49.89 -78.50 21.08
N LYS A 841 -50.49 -78.72 22.25
CA LYS A 841 -50.14 -79.84 23.11
C LYS A 841 -50.87 -81.12 22.70
N GLU A 842 -52.09 -81.00 22.17
CA GLU A 842 -52.91 -82.18 21.93
C GLU A 842 -52.28 -83.10 20.89
N GLN A 843 -51.60 -82.52 19.90
CA GLN A 843 -51.04 -83.30 18.81
C GLN A 843 -49.66 -83.80 19.21
N ALA A 844 -49.39 -85.03 18.89
CA ALA A 844 -48.08 -85.58 19.12
C ALA A 844 -47.12 -85.11 18.01
N PRO A 845 -45.88 -84.74 18.33
CA PRO A 845 -44.90 -84.50 17.26
C PRO A 845 -44.65 -85.78 16.48
N HIS A 846 -44.07 -85.63 15.29
CA HIS A 846 -43.89 -86.76 14.38
C HIS A 846 -42.47 -87.31 14.42
N CYS A 847 -41.47 -86.48 14.12
CA CYS A 847 -40.05 -86.84 14.22
C CYS A 847 -39.23 -85.63 13.83
N ILE A 848 -37.94 -85.66 14.17
CA ILE A 848 -36.97 -84.70 13.66
C ILE A 848 -35.67 -85.43 13.45
N CYS A 849 -35.03 -85.18 12.31
CA CYS A 849 -33.86 -85.92 11.88
C CYS A 849 -32.60 -85.11 12.17
N ALA A 850 -31.45 -85.58 11.65
CA ALA A 850 -30.21 -84.81 11.75
C ALA A 850 -30.39 -83.43 11.15
N ASN A 851 -30.01 -82.41 11.91
CA ASN A 851 -30.28 -81.02 11.56
C ASN A 851 -31.77 -80.75 11.52
N GLY A 852 -32.56 -81.59 12.20
CA GLY A 852 -34.00 -81.48 12.23
C GLY A 852 -34.40 -80.87 13.56
N ARG A 853 -35.07 -79.72 13.49
CA ARG A 853 -35.49 -79.02 14.68
C ARG A 853 -36.99 -78.75 14.66
N GLN A 854 -37.64 -79.14 15.75
CA GLN A 854 -39.05 -78.86 15.98
C GLN A 854 -39.14 -77.72 16.97
N THR A 855 -40.34 -77.19 17.15
CA THR A 855 -40.53 -76.10 18.09
C THR A 855 -41.96 -76.10 18.57
N VAL A 856 -42.13 -75.65 19.81
CA VAL A 856 -43.42 -75.51 20.46
C VAL A 856 -43.40 -74.18 21.21
N SER A 857 -44.57 -73.81 21.76
CA SER A 857 -44.68 -72.57 22.51
C SER A 857 -45.58 -72.76 23.71
N TRP A 858 -45.58 -71.76 24.58
CA TRP A 858 -46.40 -71.78 25.77
C TRP A 858 -46.79 -70.36 26.13
N ALA A 859 -48.09 -70.08 26.12
CA ALA A 859 -48.58 -68.77 26.49
C ALA A 859 -48.70 -68.72 28.01
N VAL A 860 -47.97 -67.80 28.62
CA VAL A 860 -47.76 -67.80 30.06
C VAL A 860 -47.85 -66.38 30.58
N THR A 861 -48.39 -66.26 31.79
CA THR A 861 -48.45 -65.01 32.51
C THR A 861 -47.70 -65.20 33.83
N PRO A 862 -46.84 -64.26 34.23
CA PRO A 862 -46.18 -64.42 35.51
C PRO A 862 -47.06 -64.00 36.66
N LYS A 863 -46.77 -64.56 37.83
CA LYS A 863 -47.39 -64.14 39.07
C LYS A 863 -46.40 -63.51 40.03
N SER A 864 -45.35 -64.23 40.40
CA SER A 864 -44.41 -63.70 41.38
C SER A 864 -43.61 -62.56 40.76
N LEU A 865 -42.71 -62.00 41.55
CA LEU A 865 -41.90 -60.87 41.16
C LEU A 865 -40.42 -61.23 41.20
N GLY A 866 -39.64 -60.63 40.30
CA GLY A 866 -38.18 -60.87 40.32
C GLY A 866 -37.72 -61.93 39.34
N ASN A 867 -36.94 -62.92 39.82
CA ASN A 867 -36.36 -63.95 38.92
C ASN A 867 -37.14 -65.25 39.05
N VAL A 868 -37.53 -65.83 37.92
CA VAL A 868 -38.23 -67.14 37.97
C VAL A 868 -37.47 -68.17 37.12
N ASN A 869 -37.12 -69.31 37.72
CA ASN A 869 -36.51 -70.40 36.92
C ASN A 869 -37.58 -71.04 36.05
N PHE A 870 -37.28 -71.32 34.78
CA PHE A 870 -38.24 -72.04 33.91
C PHE A 870 -37.60 -73.37 33.54
N THR A 871 -38.32 -74.47 33.72
CA THR A 871 -37.69 -75.80 33.50
C THR A 871 -38.28 -76.46 32.25
N VAL A 872 -37.42 -76.99 31.38
CA VAL A 872 -37.88 -77.67 30.14
C VAL A 872 -37.24 -79.06 30.02
N SER A 873 -38.06 -80.10 29.91
CA SER A 873 -37.60 -81.48 29.77
C SER A 873 -37.95 -81.99 28.38
N ALA A 874 -36.96 -82.57 27.70
CA ALA A 874 -37.15 -83.17 26.39
C ALA A 874 -36.43 -84.50 26.33
N GLU A 875 -37.10 -85.51 25.78
CA GLU A 875 -36.47 -86.82 25.65
C GLU A 875 -36.99 -87.54 24.42
N ALA A 876 -36.39 -88.69 24.16
CA ALA A 876 -36.66 -89.48 22.97
C ALA A 876 -37.55 -90.67 23.29
N LEU A 877 -38.02 -91.32 22.24
CA LEU A 877 -39.00 -92.39 22.35
C LEU A 877 -38.69 -93.48 21.34
N GLU A 878 -38.87 -94.73 21.78
CA GLU A 878 -38.60 -95.91 20.99
C GLU A 878 -39.93 -96.56 20.61
N SER A 879 -39.91 -97.34 19.53
CA SER A 879 -41.05 -98.16 19.12
C SER A 879 -42.20 -97.29 18.61
N GLN A 880 -41.83 -96.27 17.84
CA GLN A 880 -42.79 -95.35 17.24
C GLN A 880 -42.41 -95.12 15.77
N GLU A 881 -42.19 -96.22 15.05
CA GLU A 881 -41.80 -96.16 13.65
C GLU A 881 -42.99 -95.82 12.77
N LEU A 882 -43.52 -94.60 12.91
CA LEU A 882 -44.62 -94.09 12.10
C LEU A 882 -44.22 -92.88 11.28
N CYS A 883 -43.24 -92.10 11.72
CA CYS A 883 -42.74 -90.96 10.97
C CYS A 883 -41.74 -91.38 9.91
N GLY A 884 -40.74 -92.17 10.29
CA GLY A 884 -39.68 -92.59 9.40
C GLY A 884 -39.54 -94.09 9.32
N THR A 885 -38.32 -94.55 8.98
CA THR A 885 -38.07 -95.98 8.85
C THR A 885 -37.87 -96.64 10.21
N GLU A 886 -36.98 -96.09 11.03
CA GLU A 886 -36.61 -96.65 12.32
C GLU A 886 -36.63 -95.55 13.38
N VAL A 887 -36.44 -95.95 14.64
CA VAL A 887 -36.39 -95.01 15.75
C VAL A 887 -35.69 -95.70 16.93
N PRO A 888 -34.37 -95.78 16.94
CA PRO A 888 -33.69 -96.47 18.06
C PRO A 888 -33.95 -95.85 19.41
N SER A 889 -33.65 -94.56 19.57
CA SER A 889 -33.97 -93.80 20.78
C SER A 889 -33.31 -94.44 22.01
N VAL A 890 -31.98 -94.45 21.98
CA VAL A 890 -31.18 -94.98 23.09
C VAL A 890 -30.03 -94.02 23.35
N PRO A 891 -30.26 -92.89 24.03
CA PRO A 891 -29.15 -91.98 24.34
C PRO A 891 -28.49 -92.29 25.67
N GLU A 892 -27.54 -91.43 26.04
CA GLU A 892 -26.74 -91.58 27.25
C GLU A 892 -27.61 -91.53 28.51
N HIS A 893 -26.97 -91.69 29.67
CA HIS A 893 -27.69 -91.72 30.94
C HIS A 893 -28.48 -90.44 31.16
N GLY A 894 -27.96 -89.30 30.70
CA GLY A 894 -28.71 -88.08 30.65
C GLY A 894 -29.45 -87.93 29.34
N ARG A 895 -30.13 -88.99 28.91
CA ARG A 895 -30.83 -89.00 27.63
C ARG A 895 -31.90 -87.93 27.53
N LYS A 896 -32.37 -87.38 28.64
CA LYS A 896 -33.35 -86.31 28.66
C LYS A 896 -32.66 -85.00 28.98
N ASP A 897 -32.78 -84.03 28.07
CA ASP A 897 -32.25 -82.69 28.30
C ASP A 897 -33.20 -81.99 29.26
N THR A 898 -32.71 -81.70 30.47
CA THR A 898 -33.50 -81.15 31.56
C THR A 898 -32.93 -79.79 31.93
N VAL A 899 -33.26 -78.79 31.15
CA VAL A 899 -32.63 -77.49 31.28
C VAL A 899 -33.46 -76.60 32.19
N ILE A 900 -32.78 -75.82 33.01
CA ILE A 900 -33.40 -74.95 34.00
C ILE A 900 -32.93 -73.54 33.71
N LYS A 901 -33.84 -72.69 33.25
CA LYS A 901 -33.50 -71.34 32.84
C LYS A 901 -34.29 -70.31 33.62
N PRO A 902 -33.66 -69.24 34.12
CA PRO A 902 -34.44 -68.21 34.79
C PRO A 902 -34.93 -67.15 33.84
N LEU A 903 -35.75 -66.26 34.36
CA LEU A 903 -36.04 -65.01 33.69
C LEU A 903 -36.43 -63.99 34.75
N LEU A 904 -36.57 -62.77 34.28
CA LEU A 904 -36.92 -61.64 35.13
C LEU A 904 -38.36 -61.23 34.89
N VAL A 905 -38.97 -60.64 35.91
CA VAL A 905 -40.28 -59.99 35.78
C VAL A 905 -40.30 -58.78 36.72
N GLU A 906 -40.73 -57.64 36.17
CA GLU A 906 -40.93 -56.39 36.87
C GLU A 906 -42.35 -56.31 37.40
N PRO A 907 -42.62 -55.45 38.38
CA PRO A 907 -43.97 -55.39 38.91
C PRO A 907 -44.88 -54.63 37.97
N GLU A 908 -46.08 -55.16 37.79
CA GLU A 908 -47.07 -54.60 36.90
C GLU A 908 -47.43 -53.17 37.31
N GLY A 909 -48.11 -52.49 36.40
CA GLY A 909 -48.52 -51.12 36.60
C GLY A 909 -47.48 -50.12 36.11
N LEU A 910 -47.97 -48.91 35.83
CA LEU A 910 -47.09 -47.88 35.31
C LEU A 910 -46.11 -47.46 36.39
N GLU A 911 -44.87 -47.89 36.21
CA GLU A 911 -43.80 -47.54 37.14
C GLU A 911 -43.58 -46.05 37.13
N LYS A 912 -43.53 -45.46 38.32
CA LYS A 912 -43.20 -44.05 38.44
C LYS A 912 -42.51 -43.82 39.78
N GLU A 913 -41.96 -42.63 39.91
CA GLU A 913 -40.91 -42.34 40.88
C GLU A 913 -41.30 -41.21 41.80
N THR A 914 -40.41 -40.92 42.75
CA THR A 914 -40.47 -39.69 43.50
C THR A 914 -39.08 -39.35 44.00
N THR A 915 -38.74 -38.07 43.96
CA THR A 915 -37.42 -37.56 44.27
C THR A 915 -37.45 -36.71 45.53
N PHE A 916 -36.38 -36.80 46.31
CA PHE A 916 -36.18 -35.92 47.44
C PHE A 916 -34.70 -35.61 47.56
N ASN A 917 -34.41 -34.44 48.11
CA ASN A 917 -33.04 -33.99 48.28
C ASN A 917 -32.92 -33.30 49.62
N SER A 918 -31.67 -33.11 50.05
CA SER A 918 -31.41 -32.50 51.34
C SER A 918 -29.94 -32.15 51.42
N LEU A 919 -29.66 -30.95 51.92
CA LEU A 919 -28.30 -30.48 52.18
C LEU A 919 -28.17 -30.25 53.68
N LEU A 920 -27.41 -31.12 54.32
CA LEU A 920 -27.13 -31.03 55.75
C LEU A 920 -25.67 -30.68 55.93
N CYS A 921 -25.38 -29.74 56.83
CA CYS A 921 -24.02 -29.29 57.10
C CYS A 921 -23.87 -28.94 58.58
N PRO A 922 -23.48 -29.90 59.42
CA PRO A 922 -23.13 -29.57 60.81
C PRO A 922 -21.78 -28.86 60.85
N SER A 923 -21.83 -27.55 61.08
CA SER A 923 -20.61 -26.73 61.09
C SER A 923 -19.93 -26.82 62.45
N GLY A 924 -19.22 -27.94 62.64
CA GLY A 924 -18.63 -28.22 63.91
C GLY A 924 -19.66 -28.62 64.94
N GLY A 925 -20.67 -29.39 64.55
CA GLY A 925 -21.78 -29.66 65.45
C GLY A 925 -22.69 -30.78 65.00
N GLU A 926 -23.99 -30.58 65.17
CA GLU A 926 -24.99 -31.58 64.81
C GLU A 926 -26.15 -30.91 64.10
N VAL A 927 -26.73 -31.65 63.16
CA VAL A 927 -27.96 -31.25 62.47
C VAL A 927 -28.78 -32.53 62.32
N SER A 928 -30.08 -32.35 62.08
CA SER A 928 -30.94 -33.48 61.85
C SER A 928 -32.05 -33.07 60.89
N GLU A 929 -32.75 -34.07 60.40
CA GLU A 929 -33.90 -33.89 59.52
C GLU A 929 -34.78 -35.12 59.68
N GLU A 930 -35.94 -35.06 59.07
CA GLU A 930 -36.84 -36.19 58.99
C GLU A 930 -37.55 -36.11 57.65
N LEU A 931 -37.71 -37.25 57.01
CA LEU A 931 -38.33 -37.33 55.70
C LEU A 931 -39.38 -38.43 55.74
N SER A 932 -40.61 -38.06 55.46
CA SER A 932 -41.74 -38.97 55.49
C SER A 932 -42.07 -39.36 54.07
N LEU A 933 -42.11 -40.66 53.82
CA LEU A 933 -42.33 -41.23 52.50
C LEU A 933 -43.65 -41.99 52.52
N LYS A 934 -44.64 -41.43 51.86
CA LYS A 934 -45.97 -42.01 51.90
C LYS A 934 -46.72 -41.54 50.66
N LEU A 935 -46.80 -42.42 49.66
CA LEU A 935 -47.72 -42.23 48.54
C LEU A 935 -48.27 -43.59 48.14
N PRO A 936 -49.12 -44.18 48.97
CA PRO A 936 -49.83 -45.41 48.57
C PRO A 936 -51.28 -45.17 48.16
N PRO A 937 -51.59 -44.25 47.19
CA PRO A 937 -52.95 -44.28 46.61
C PRO A 937 -53.06 -45.21 45.42
N ASN A 938 -53.90 -46.23 45.53
CA ASN A 938 -54.22 -47.11 44.40
C ASN A 938 -52.95 -47.79 43.89
N VAL A 939 -52.15 -48.28 44.83
CA VAL A 939 -50.85 -48.85 44.53
C VAL A 939 -50.94 -50.35 44.74
N VAL A 940 -49.86 -51.05 44.42
CA VAL A 940 -49.74 -52.48 44.64
C VAL A 940 -48.56 -52.72 45.57
N GLU A 941 -48.71 -53.71 46.44
CA GLU A 941 -47.70 -54.03 47.44
C GLU A 941 -46.35 -54.31 46.78
N GLU A 942 -45.29 -53.87 47.46
CA GLU A 942 -43.92 -54.29 47.20
C GLU A 942 -43.30 -53.69 45.93
N SER A 943 -44.10 -53.02 45.10
CA SER A 943 -43.51 -52.15 44.08
C SER A 943 -42.83 -50.95 44.71
N ALA A 944 -43.25 -50.58 45.91
CA ALA A 944 -42.65 -49.48 46.63
C ALA A 944 -41.21 -49.84 46.99
N ARG A 945 -40.30 -49.01 46.55
CA ARG A 945 -38.88 -49.10 46.88
C ARG A 945 -38.40 -47.69 47.10
N ALA A 946 -37.32 -47.52 47.83
CA ALA A 946 -36.64 -46.23 47.80
C ALA A 946 -35.18 -46.47 48.11
N SER A 947 -34.43 -45.37 48.13
CA SER A 947 -32.99 -45.44 48.34
C SER A 947 -32.49 -44.05 48.60
N VAL A 948 -31.37 -43.97 49.29
CA VAL A 948 -30.73 -42.70 49.60
C VAL A 948 -29.26 -42.79 49.26
N SER A 949 -28.70 -41.61 48.99
CA SER A 949 -27.36 -41.48 48.46
C SER A 949 -26.72 -40.28 49.11
N VAL A 950 -25.54 -40.48 49.70
CA VAL A 950 -24.80 -39.43 50.37
C VAL A 950 -23.53 -39.14 49.61
N LEU A 951 -23.21 -37.85 49.47
CA LEU A 951 -22.08 -37.42 48.65
C LEU A 951 -21.76 -35.95 48.88
N GLY A 952 -20.86 -35.42 48.05
CA GLY A 952 -20.75 -34.00 47.80
C GLY A 952 -20.29 -33.83 46.38
N ASP A 953 -21.03 -33.07 45.58
CA ASP A 953 -20.99 -33.23 44.14
C ASP A 953 -20.34 -32.06 43.42
N ILE A 954 -19.41 -31.36 44.05
CA ILE A 954 -18.68 -30.29 43.38
C ILE A 954 -17.62 -30.87 42.46
N LEU A 955 -17.12 -32.07 42.77
CA LEU A 955 -15.98 -32.64 42.09
C LEU A 955 -16.35 -33.50 40.89
N GLY A 956 -17.64 -33.67 40.60
CA GLY A 956 -18.02 -34.52 39.48
C GLY A 956 -17.53 -34.01 38.14
N SER A 957 -17.52 -32.69 37.98
CA SER A 957 -17.04 -32.04 36.76
C SER A 957 -15.89 -31.08 37.03
N ALA A 958 -15.31 -31.11 38.22
CA ALA A 958 -14.23 -30.19 38.55
C ALA A 958 -12.92 -30.62 37.92
N MET A 959 -12.87 -31.79 37.28
CA MET A 959 -11.64 -32.23 36.64
C MET A 959 -11.50 -31.64 35.25
N GLN A 960 -12.43 -32.00 34.37
CA GLN A 960 -12.27 -31.77 32.95
C GLN A 960 -12.27 -30.29 32.63
N ASN A 961 -13.36 -29.60 32.97
CA ASN A 961 -13.50 -28.19 32.66
C ASN A 961 -12.37 -27.37 33.27
N THR A 962 -11.95 -27.73 34.49
CA THR A 962 -10.93 -26.97 35.18
C THR A 962 -9.59 -27.07 34.46
N GLN A 963 -9.17 -28.29 34.13
CA GLN A 963 -7.92 -28.42 33.41
C GLN A 963 -8.07 -27.95 31.96
N ASN A 964 -9.30 -27.73 31.49
CA ASN A 964 -9.50 -27.45 30.08
C ASN A 964 -9.05 -26.04 29.72
N LEU A 965 -9.70 -25.05 30.31
CA LEU A 965 -9.65 -23.73 29.72
C LEU A 965 -8.62 -22.86 30.42
N LEU A 966 -7.42 -22.89 29.85
CA LEU A 966 -6.33 -22.03 30.28
C LEU A 966 -5.51 -21.71 29.05
N GLN A 967 -5.70 -20.53 28.47
CA GLN A 967 -5.34 -20.30 27.08
C GLN A 967 -4.54 -19.02 26.94
N MET A 968 -3.99 -18.83 25.74
CA MET A 968 -3.12 -17.72 25.41
C MET A 968 -3.96 -16.50 25.00
N PRO A 969 -3.75 -15.33 25.60
CA PRO A 969 -4.51 -14.16 25.16
C PRO A 969 -4.05 -13.61 23.82
N TYR A 970 -5.03 -13.23 23.02
CA TYR A 970 -4.81 -12.55 21.74
C TYR A 970 -6.15 -11.99 21.27
N GLY A 971 -6.11 -11.27 20.15
CA GLY A 971 -7.32 -10.75 19.56
C GLY A 971 -7.72 -9.39 20.07
N CYS A 972 -8.89 -8.95 19.60
CA CYS A 972 -9.42 -7.64 19.97
C CYS A 972 -9.73 -7.59 21.45
N GLY A 973 -10.05 -6.39 21.93
CA GLY A 973 -10.41 -6.23 23.32
C GLY A 973 -11.56 -7.13 23.73
N GLU A 974 -12.53 -7.30 22.86
CA GLU A 974 -13.63 -8.20 23.13
C GLU A 974 -13.11 -9.63 23.27
N GLN A 975 -12.47 -10.14 22.21
CA GLN A 975 -11.87 -11.47 22.27
C GLN A 975 -10.83 -11.56 23.36
N ASN A 976 -10.14 -10.45 23.63
CA ASN A 976 -9.13 -10.47 24.67
C ASN A 976 -9.76 -10.76 26.02
N MET A 977 -10.88 -10.11 26.30
CA MET A 977 -11.61 -10.43 27.51
C MET A 977 -12.13 -11.85 27.48
N VAL A 978 -12.62 -12.27 26.32
CA VAL A 978 -13.21 -13.60 26.18
C VAL A 978 -12.22 -14.65 26.61
N LEU A 979 -10.98 -14.50 26.19
CA LEU A 979 -9.93 -15.44 26.55
C LEU A 979 -9.34 -15.15 27.93
N PHE A 980 -9.50 -13.94 28.44
CA PHE A 980 -8.79 -13.50 29.64
C PHE A 980 -9.59 -13.74 30.90
N ALA A 981 -10.77 -13.14 30.96
CA ALA A 981 -11.70 -13.26 32.07
C ALA A 981 -11.91 -14.68 32.58
N PRO A 982 -12.13 -15.70 31.74
CA PRO A 982 -12.51 -17.01 32.28
C PRO A 982 -11.47 -17.61 33.19
N ASN A 983 -10.22 -17.23 33.01
CA ASN A 983 -9.12 -17.93 33.65
C ASN A 983 -9.07 -17.61 35.14
N ILE A 984 -9.57 -16.44 35.50
CA ILE A 984 -9.60 -16.05 36.89
C ILE A 984 -10.54 -16.94 37.66
N TYR A 985 -11.73 -17.14 37.11
CA TYR A 985 -12.70 -17.98 37.78
C TYR A 985 -12.32 -19.44 37.62
N VAL A 986 -11.49 -19.77 36.62
CA VAL A 986 -10.91 -21.10 36.56
C VAL A 986 -10.01 -21.31 37.77
N LEU A 987 -9.19 -20.31 38.08
CA LEU A 987 -8.34 -20.39 39.26
C LEU A 987 -9.17 -20.52 40.50
N ASP A 988 -10.27 -19.76 40.54
CA ASP A 988 -11.20 -19.82 41.70
C ASP A 988 -11.67 -21.26 41.86
N TYR A 989 -12.23 -21.85 40.80
CA TYR A 989 -12.78 -23.20 40.89
C TYR A 989 -11.71 -24.17 41.34
N LEU A 990 -10.52 -24.02 40.78
CA LEU A 990 -9.42 -24.92 41.10
C LEU A 990 -9.02 -24.77 42.56
N ASN A 991 -8.89 -23.52 43.03
CA ASN A 991 -8.36 -23.26 44.40
C ASN A 991 -9.40 -23.52 45.49
N GLU A 992 -10.69 -23.58 45.11
CA GLU A 992 -11.76 -23.86 46.11
C GLU A 992 -11.93 -25.38 46.15
N THR A 993 -12.03 -26.02 44.99
CA THR A 993 -12.04 -27.47 44.97
C THR A 993 -10.70 -28.07 45.35
N GLN A 994 -9.66 -27.26 45.49
CA GLN A 994 -8.39 -27.66 46.07
C GLN A 994 -7.58 -28.59 45.17
N GLN A 995 -8.01 -28.80 43.92
CA GLN A 995 -7.27 -29.62 42.97
C GLN A 995 -6.41 -28.69 42.12
N LEU A 996 -5.33 -28.24 42.75
CA LEU A 996 -4.47 -27.27 42.04
C LEU A 996 -3.00 -27.59 42.23
N THR A 997 -2.15 -26.89 41.48
CA THR A 997 -0.71 -27.04 41.53
C THR A 997 -0.04 -25.72 41.17
N PRO A 998 1.20 -25.50 41.60
CA PRO A 998 1.85 -24.22 41.27
C PRO A 998 2.24 -24.08 39.80
N GLU A 999 2.29 -25.17 39.04
CA GLU A 999 2.69 -25.07 37.64
C GLU A 999 1.58 -24.44 36.80
N ILE A 1000 0.41 -25.08 36.79
CA ILE A 1000 -0.77 -24.51 36.14
C ILE A 1000 -1.07 -23.15 36.72
N LYS A 1001 -0.76 -22.96 38.01
CA LYS A 1001 -0.98 -21.65 38.67
C LYS A 1001 -0.11 -20.58 38.00
N SER A 1002 1.19 -20.83 37.88
CA SER A 1002 2.10 -19.85 37.30
C SER A 1002 1.77 -19.61 35.84
N LYS A 1003 1.47 -20.67 35.10
CA LYS A 1003 1.11 -20.54 33.70
C LYS A 1003 -0.12 -19.65 33.54
N ALA A 1004 -1.11 -19.86 34.41
CA ALA A 1004 -2.32 -19.06 34.35
C ALA A 1004 -2.02 -17.62 34.72
N ILE A 1005 -1.14 -17.42 35.69
CA ILE A 1005 -0.78 -16.06 36.11
C ILE A 1005 -0.11 -15.34 34.95
N GLY A 1006 0.70 -16.07 34.20
CA GLY A 1006 1.30 -15.49 33.02
C GLY A 1006 0.26 -15.06 32.02
N TYR A 1007 -0.68 -15.96 31.71
CA TYR A 1007 -1.81 -15.60 30.87
C TYR A 1007 -2.53 -14.39 31.42
N LEU A 1008 -2.63 -14.29 32.74
CA LEU A 1008 -3.44 -13.24 33.36
C LEU A 1008 -2.81 -11.89 33.10
N ASN A 1009 -1.55 -11.75 33.45
CA ASN A 1009 -0.90 -10.47 33.24
C ASN A 1009 -0.81 -10.15 31.76
N THR A 1010 -0.65 -11.18 30.93
CA THR A 1010 -0.58 -10.96 29.48
C THR A 1010 -1.87 -10.37 28.96
N GLY A 1011 -2.99 -11.07 29.17
CA GLY A 1011 -4.26 -10.57 28.67
C GLY A 1011 -4.69 -9.30 29.37
N TYR A 1012 -4.28 -9.14 30.63
CA TYR A 1012 -4.52 -7.91 31.36
C TYR A 1012 -3.93 -6.73 30.61
N GLN A 1013 -2.66 -6.84 30.26
CA GLN A 1013 -2.00 -5.75 29.56
C GLN A 1013 -2.53 -5.59 28.13
N ARG A 1014 -2.84 -6.71 27.47
CA ARG A 1014 -3.41 -6.62 26.13
C ARG A 1014 -4.75 -5.89 26.18
N GLN A 1015 -5.48 -6.04 27.28
CA GLN A 1015 -6.73 -5.32 27.44
C GLN A 1015 -6.47 -3.86 27.74
N LEU A 1016 -5.42 -3.58 28.52
CA LEU A 1016 -5.00 -2.20 28.71
C LEU A 1016 -4.66 -1.55 27.38
N ASN A 1017 -4.28 -2.35 26.39
CA ASN A 1017 -4.04 -1.83 25.04
C ASN A 1017 -5.30 -1.39 24.31
N TYR A 1018 -6.50 -1.50 24.92
CA TYR A 1018 -7.76 -1.11 24.27
C TYR A 1018 -8.56 -0.05 25.01
N LYS A 1019 -8.07 0.47 26.13
CA LYS A 1019 -8.91 1.32 26.97
C LYS A 1019 -9.11 2.69 26.34
N HIS A 1020 -9.72 3.59 27.12
CA HIS A 1020 -9.84 5.00 26.80
C HIS A 1020 -9.06 5.84 27.79
N TYR A 1021 -8.58 6.98 27.30
CA TYR A 1021 -7.76 7.87 28.11
C TYR A 1021 -8.46 8.30 29.38
N ASP A 1022 -9.77 8.47 29.34
CA ASP A 1022 -10.51 8.76 30.56
C ASP A 1022 -10.45 7.62 31.54
N GLY A 1023 -10.30 6.39 31.05
CA GLY A 1023 -10.45 5.19 31.84
C GLY A 1023 -11.35 4.16 31.22
N SER A 1024 -12.22 4.56 30.31
CA SER A 1024 -13.23 3.65 29.78
C SER A 1024 -12.58 2.65 28.83
N TYR A 1025 -13.41 1.86 28.15
CA TYR A 1025 -12.91 0.78 27.31
C TYR A 1025 -13.74 0.70 26.03
N SER A 1026 -13.13 0.14 25.00
CA SER A 1026 -13.79 -0.06 23.72
C SER A 1026 -13.18 -1.29 23.05
N THR A 1027 -13.67 -1.60 21.85
CA THR A 1027 -13.11 -2.71 21.09
C THR A 1027 -11.67 -2.42 20.70
N PHE A 1028 -11.42 -1.25 20.10
CA PHE A 1028 -10.08 -0.86 19.66
C PHE A 1028 -9.50 0.24 20.52
N GLY A 1029 -10.18 1.38 20.61
CA GLY A 1029 -9.70 2.46 21.43
C GLY A 1029 -8.37 3.05 20.96
N GLU A 1030 -7.31 2.68 21.68
CA GLU A 1030 -5.98 3.26 21.56
C GLU A 1030 -5.48 3.30 20.12
N ARG A 1031 -4.55 4.22 19.85
CA ARG A 1031 -3.94 4.54 18.56
C ARG A 1031 -4.83 5.48 17.77
N TYR A 1032 -5.97 5.91 18.30
CA TYR A 1032 -6.76 6.98 17.73
C TYR A 1032 -7.88 7.32 18.70
N GLY A 1033 -8.38 8.55 18.60
CA GLY A 1033 -9.40 9.05 19.49
C GLY A 1033 -10.71 9.35 18.80
N ARG A 1034 -10.95 8.74 17.64
CA ARG A 1034 -12.18 8.94 16.89
C ARG A 1034 -13.29 8.00 17.32
N ASN A 1035 -13.47 7.79 18.62
CA ASN A 1035 -14.45 6.84 19.12
C ASN A 1035 -14.86 7.27 20.52
N GLN A 1036 -15.77 6.51 21.11
CA GLN A 1036 -16.11 6.60 22.52
C GLN A 1036 -16.27 5.19 23.06
N GLY A 1037 -16.19 5.07 24.38
CA GLY A 1037 -16.15 3.77 25.00
C GLY A 1037 -17.52 3.20 25.29
N ASN A 1038 -17.52 1.91 25.60
CA ASN A 1038 -18.72 1.15 25.95
C ASN A 1038 -18.82 0.99 27.46
N THR A 1039 -20.06 0.78 27.91
CA THR A 1039 -20.36 0.69 29.33
C THR A 1039 -20.31 -0.75 29.83
N TRP A 1040 -21.02 -1.66 29.15
CA TRP A 1040 -21.02 -3.06 29.59
C TRP A 1040 -19.63 -3.63 29.56
N LEU A 1041 -18.85 -3.24 28.56
CA LEU A 1041 -17.47 -3.69 28.48
C LEU A 1041 -16.68 -3.21 29.67
N THR A 1042 -16.82 -1.93 30.01
CA THR A 1042 -16.11 -1.37 31.15
C THR A 1042 -16.49 -2.09 32.43
N ALA A 1043 -17.74 -2.53 32.52
CA ALA A 1043 -18.22 -3.16 33.74
C ALA A 1043 -17.70 -4.57 33.87
N PHE A 1044 -17.79 -5.34 32.79
CA PHE A 1044 -17.14 -6.62 32.72
C PHE A 1044 -15.67 -6.50 33.10
N VAL A 1045 -15.00 -5.48 32.57
CA VAL A 1045 -13.61 -5.21 32.89
C VAL A 1045 -13.45 -4.99 34.37
N LEU A 1046 -14.40 -4.28 34.97
CA LEU A 1046 -14.26 -3.92 36.37
C LEU A 1046 -14.38 -5.14 37.26
N LYS A 1047 -15.37 -5.98 36.99
CA LYS A 1047 -15.52 -7.22 37.73
C LYS A 1047 -14.27 -8.07 37.64
N THR A 1048 -13.80 -8.24 36.40
CA THR A 1048 -12.63 -9.07 36.17
C THR A 1048 -11.42 -8.48 36.88
N PHE A 1049 -11.29 -7.15 36.88
CA PHE A 1049 -10.16 -6.53 37.54
C PHE A 1049 -10.26 -6.68 39.04
N ALA A 1050 -11.48 -6.69 39.57
CA ALA A 1050 -11.69 -6.91 40.98
C ALA A 1050 -11.16 -8.27 41.40
N GLN A 1051 -11.62 -9.31 40.73
CA GLN A 1051 -11.19 -10.65 41.11
C GLN A 1051 -9.70 -10.86 40.83
N ALA A 1052 -9.21 -10.27 39.73
CA ALA A 1052 -7.79 -10.38 39.42
C ALA A 1052 -6.93 -9.75 40.50
N ARG A 1053 -7.35 -8.59 41.01
CA ARG A 1053 -6.74 -8.04 42.21
C ARG A 1053 -6.79 -9.03 43.35
N ALA A 1054 -7.92 -9.72 43.52
CA ALA A 1054 -8.05 -10.69 44.63
C ALA A 1054 -6.86 -11.66 44.59
N TYR A 1055 -6.60 -12.28 43.43
CA TYR A 1055 -5.44 -13.21 43.27
C TYR A 1055 -4.14 -12.45 43.05
N ILE A 1056 -3.93 -11.89 41.85
CA ILE A 1056 -2.69 -11.22 41.50
C ILE A 1056 -2.88 -9.73 41.80
N PHE A 1057 -1.81 -8.97 41.68
CA PHE A 1057 -1.89 -7.55 41.94
C PHE A 1057 -2.40 -6.81 40.71
N ILE A 1058 -2.99 -5.65 40.95
CA ILE A 1058 -3.47 -4.79 39.88
C ILE A 1058 -3.47 -3.34 40.38
N ASP A 1059 -3.67 -2.42 39.45
CA ASP A 1059 -3.77 -1.00 39.76
C ASP A 1059 -5.19 -0.65 40.19
N GLU A 1060 -5.29 0.21 41.21
CA GLU A 1060 -6.58 0.70 41.66
C GLU A 1060 -7.07 1.89 40.85
N ALA A 1061 -6.15 2.64 40.25
CA ALA A 1061 -6.54 3.81 39.48
C ALA A 1061 -7.42 3.42 38.30
N HIS A 1062 -7.18 2.25 37.71
CA HIS A 1062 -7.96 1.84 36.55
C HIS A 1062 -9.41 1.59 36.94
N ILE A 1063 -9.64 0.85 38.02
CA ILE A 1063 -11.01 0.60 38.46
C ILE A 1063 -11.65 1.89 38.95
N THR A 1064 -10.85 2.78 39.54
CA THR A 1064 -11.35 4.07 39.98
C THR A 1064 -11.87 4.87 38.80
N GLN A 1065 -11.08 4.96 37.74
CA GLN A 1065 -11.45 5.74 36.58
C GLN A 1065 -12.66 5.13 35.88
N ALA A 1066 -12.70 3.80 35.77
CA ALA A 1066 -13.86 3.16 35.15
C ALA A 1066 -15.11 3.36 35.99
N LEU A 1067 -14.96 3.35 37.30
CA LEU A 1067 -16.06 3.56 38.22
C LEU A 1067 -16.68 4.93 38.02
N ILE A 1068 -15.84 5.96 38.09
CA ILE A 1068 -16.33 7.32 37.92
C ILE A 1068 -16.90 7.51 36.51
N TRP A 1069 -16.35 6.79 35.53
CA TRP A 1069 -16.92 6.86 34.18
C TRP A 1069 -18.32 6.28 34.16
N LEU A 1070 -18.55 5.21 34.93
CA LEU A 1070 -19.90 4.67 35.05
C LEU A 1070 -20.82 5.70 35.67
N SER A 1071 -20.36 6.31 36.75
CA SER A 1071 -21.17 7.31 37.44
C SER A 1071 -21.53 8.45 36.50
N GLN A 1072 -20.59 8.86 35.65
CA GLN A 1072 -20.85 9.95 34.73
C GLN A 1072 -21.97 9.64 33.76
N ARG A 1073 -22.02 8.40 33.28
CA ARG A 1073 -23.01 7.99 32.28
C ARG A 1073 -24.31 7.55 32.92
N GLN A 1074 -24.50 7.84 34.21
CA GLN A 1074 -25.70 7.49 34.94
C GLN A 1074 -26.62 8.72 35.04
N LYS A 1075 -27.91 8.45 35.22
CA LYS A 1075 -28.93 9.49 35.24
C LYS A 1075 -29.61 9.57 36.60
N ASP A 1076 -30.14 10.76 36.88
CA ASP A 1076 -30.65 11.07 38.22
C ASP A 1076 -31.76 10.11 38.63
N ASN A 1077 -32.76 9.93 37.78
CA ASN A 1077 -33.87 9.00 37.99
C ASN A 1077 -33.77 7.81 37.07
N GLY A 1078 -33.51 8.05 35.80
CA GLY A 1078 -33.18 7.00 34.88
C GLY A 1078 -31.89 6.33 35.29
N CYS A 1079 -31.55 5.29 34.57
CA CYS A 1079 -30.36 4.51 34.83
C CYS A 1079 -29.28 4.90 33.83
N PHE A 1080 -28.21 4.11 33.79
CA PHE A 1080 -27.15 4.31 32.81
C PHE A 1080 -27.71 4.22 31.39
N ARG A 1081 -26.93 4.73 30.44
CA ARG A 1081 -27.24 4.61 29.02
C ARG A 1081 -26.31 3.59 28.35
N SER A 1082 -26.85 2.92 27.35
CA SER A 1082 -26.05 2.00 26.53
C SER A 1082 -25.34 2.82 25.47
N SER A 1083 -24.07 3.14 25.73
CA SER A 1083 -23.21 3.75 24.73
C SER A 1083 -22.65 2.64 23.85
N GLY A 1084 -23.55 2.02 23.09
CA GLY A 1084 -23.22 0.87 22.26
C GLY A 1084 -22.15 1.15 21.23
N SER A 1085 -20.98 0.53 21.45
CA SER A 1085 -19.84 0.64 20.55
C SER A 1085 -19.15 -0.72 20.42
N LEU A 1086 -19.92 -1.80 20.55
CA LEU A 1086 -19.39 -3.15 20.53
C LEU A 1086 -19.21 -3.64 19.10
N LEU A 1087 -18.74 -4.89 18.98
CA LEU A 1087 -18.63 -5.58 17.70
C LEU A 1087 -19.60 -6.73 17.57
N ASN A 1088 -19.71 -7.57 18.60
CA ASN A 1088 -20.66 -8.67 18.60
C ASN A 1088 -21.39 -8.69 19.93
N ASN A 1089 -22.61 -9.23 19.91
CA ASN A 1089 -23.44 -9.37 21.09
C ASN A 1089 -23.37 -10.77 21.69
N ALA A 1090 -22.68 -11.70 21.04
CA ALA A 1090 -22.52 -13.04 21.62
C ALA A 1090 -21.76 -12.97 22.94
N ILE A 1091 -20.72 -12.14 22.96
CA ILE A 1091 -19.92 -11.91 24.16
C ILE A 1091 -20.79 -11.56 25.35
N LYS A 1092 -21.82 -10.76 25.14
CA LYS A 1092 -22.72 -10.34 26.21
C LYS A 1092 -23.90 -11.31 26.27
N GLY A 1093 -24.24 -11.74 27.49
CA GLY A 1093 -25.29 -12.70 27.68
C GLY A 1093 -26.60 -12.09 28.13
N GLY A 1094 -26.92 -10.91 27.58
CA GLY A 1094 -28.12 -10.20 27.95
C GLY A 1094 -28.82 -9.62 26.74
N VAL A 1095 -29.93 -8.93 27.03
CA VAL A 1095 -30.85 -8.46 26.00
C VAL A 1095 -30.69 -6.96 25.72
N GLU A 1096 -29.67 -6.33 26.30
CA GLU A 1096 -29.32 -4.93 26.05
C GLU A 1096 -30.38 -3.96 26.56
N ASP A 1097 -31.33 -4.43 27.38
CA ASP A 1097 -32.24 -3.51 28.04
C ASP A 1097 -31.47 -2.62 29.00
N GLU A 1098 -31.83 -1.33 29.03
CA GLU A 1098 -31.16 -0.41 29.96
C GLU A 1098 -31.33 -0.88 31.39
N VAL A 1099 -32.47 -1.51 31.67
CA VAL A 1099 -32.70 -2.07 32.98
C VAL A 1099 -31.66 -3.13 33.30
N THR A 1100 -31.55 -4.14 32.43
CA THR A 1100 -30.59 -5.20 32.65
C THR A 1100 -29.17 -4.66 32.62
N LEU A 1101 -28.91 -3.66 31.78
CA LEU A 1101 -27.56 -3.11 31.69
C LEU A 1101 -27.20 -2.41 32.99
N SER A 1102 -28.09 -1.57 33.49
CA SER A 1102 -27.90 -0.93 34.78
C SER A 1102 -27.78 -1.96 35.89
N ALA A 1103 -28.52 -3.05 35.77
CA ALA A 1103 -28.51 -4.08 36.78
C ALA A 1103 -27.19 -4.80 36.82
N TYR A 1104 -26.69 -5.20 35.66
CA TYR A 1104 -25.38 -5.82 35.56
C TYR A 1104 -24.31 -4.86 36.03
N ILE A 1105 -24.51 -3.57 35.78
CA ILE A 1105 -23.55 -2.58 36.25
C ILE A 1105 -23.50 -2.59 37.77
N THR A 1106 -24.63 -2.30 38.38
CA THR A 1106 -24.67 -2.14 39.83
C THR A 1106 -24.28 -3.41 40.55
N ILE A 1107 -24.58 -4.57 39.99
CA ILE A 1107 -24.13 -5.78 40.63
C ILE A 1107 -22.62 -5.90 40.53
N ALA A 1108 -22.05 -5.54 39.37
CA ALA A 1108 -20.60 -5.54 39.27
C ALA A 1108 -19.99 -4.56 40.26
N LEU A 1109 -20.73 -3.50 40.57
CA LEU A 1109 -20.27 -2.58 41.60
C LEU A 1109 -20.33 -3.24 42.96
N LEU A 1110 -21.44 -3.90 43.24
CA LEU A 1110 -21.66 -4.41 44.58
C LEU A 1110 -20.74 -5.57 44.91
N GLU A 1111 -20.30 -6.30 43.90
CA GLU A 1111 -19.29 -7.31 44.16
C GLU A 1111 -18.01 -6.67 44.69
N ILE A 1112 -17.72 -5.44 44.31
CA ILE A 1112 -16.67 -4.68 44.98
C ILE A 1112 -17.25 -4.42 46.36
N PRO A 1113 -16.46 -4.44 47.41
CA PRO A 1113 -17.02 -4.10 48.71
C PRO A 1113 -17.36 -2.63 48.73
N LEU A 1114 -18.63 -2.33 48.54
CA LEU A 1114 -19.09 -0.97 48.35
C LEU A 1114 -20.35 -0.74 49.18
N THR A 1115 -20.39 0.40 49.86
CA THR A 1115 -21.48 0.67 50.78
C THR A 1115 -22.77 0.95 50.03
N VAL A 1116 -23.85 0.34 50.49
CA VAL A 1116 -25.16 0.52 49.87
C VAL A 1116 -25.64 1.96 49.99
N THR A 1117 -25.12 2.70 50.97
CA THR A 1117 -25.42 4.12 51.08
C THR A 1117 -24.69 4.97 50.07
N HIS A 1118 -23.84 4.38 49.23
CA HIS A 1118 -23.08 5.18 48.29
C HIS A 1118 -24.03 5.86 47.31
N PRO A 1119 -23.68 7.05 46.79
CA PRO A 1119 -24.63 7.72 45.89
C PRO A 1119 -25.01 6.92 44.67
N VAL A 1120 -24.00 6.46 43.92
CA VAL A 1120 -24.25 5.78 42.66
C VAL A 1120 -25.11 4.55 42.89
N VAL A 1121 -24.78 3.79 43.92
CA VAL A 1121 -25.54 2.57 44.18
C VAL A 1121 -26.92 2.94 44.68
N ARG A 1122 -27.05 4.06 45.37
CA ARG A 1122 -28.35 4.51 45.81
C ARG A 1122 -29.25 4.78 44.61
N ASN A 1123 -28.73 5.50 43.63
CA ASN A 1123 -29.48 5.77 42.42
C ASN A 1123 -29.79 4.47 41.69
N ALA A 1124 -28.82 3.55 41.68
CA ALA A 1124 -29.00 2.29 41.00
C ALA A 1124 -30.11 1.50 41.66
N LEU A 1125 -30.14 1.51 42.98
CA LEU A 1125 -31.15 0.81 43.73
C LEU A 1125 -32.51 1.40 43.48
N PHE A 1126 -32.57 2.71 43.32
CA PHE A 1126 -33.83 3.32 42.92
C PHE A 1126 -34.30 2.75 41.60
N CYS A 1127 -33.40 2.72 40.61
CA CYS A 1127 -33.72 2.08 39.33
C CYS A 1127 -34.16 0.64 39.51
N LEU A 1128 -33.50 -0.09 40.40
CA LEU A 1128 -33.78 -1.51 40.54
C LEU A 1128 -35.16 -1.73 41.12
N GLU A 1129 -35.43 -1.03 42.21
CA GLU A 1129 -36.74 -1.04 42.83
C GLU A 1129 -37.82 -0.72 41.80
N SER A 1130 -37.63 0.35 41.05
CA SER A 1130 -38.67 0.82 40.14
C SER A 1130 -38.88 -0.17 39.00
N ALA A 1131 -37.77 -0.62 38.42
CA ALA A 1131 -37.84 -1.54 37.31
C ALA A 1131 -38.47 -2.84 37.75
N TRP A 1132 -38.09 -3.31 38.94
CA TRP A 1132 -38.66 -4.52 39.49
C TRP A 1132 -40.14 -4.35 39.69
N LYS A 1133 -40.55 -3.19 40.17
CA LYS A 1133 -41.96 -2.96 40.44
C LYS A 1133 -42.77 -3.00 39.16
N THR A 1134 -42.32 -2.27 38.14
CA THR A 1134 -43.09 -2.21 36.90
C THR A 1134 -43.11 -3.57 36.21
N ALA A 1135 -42.05 -4.37 36.40
CA ALA A 1135 -42.04 -5.69 35.81
C ALA A 1135 -42.87 -6.68 36.61
N GLN A 1136 -42.93 -6.49 37.91
CA GLN A 1136 -43.68 -7.37 38.79
C GLN A 1136 -45.17 -7.16 38.61
N GLU A 1137 -45.59 -5.89 38.63
CA GLU A 1137 -46.97 -5.56 38.31
C GLU A 1137 -47.33 -6.06 36.93
N GLY A 1138 -46.40 -5.98 35.98
CA GLY A 1138 -46.67 -6.44 34.64
C GLY A 1138 -46.66 -7.95 34.52
N ASP A 1139 -47.56 -8.46 33.68
CA ASP A 1139 -47.57 -9.88 33.40
C ASP A 1139 -46.27 -10.35 32.76
N HIS A 1140 -45.63 -9.49 31.97
CA HIS A 1140 -44.37 -9.82 31.32
C HIS A 1140 -43.38 -8.68 31.55
N GLY A 1141 -42.19 -9.04 31.99
CA GLY A 1141 -41.07 -8.12 32.06
C GLY A 1141 -39.83 -8.82 31.57
N SER A 1142 -40.02 -9.72 30.61
CA SER A 1142 -39.14 -10.78 30.16
C SER A 1142 -39.16 -11.97 31.12
N HIS A 1143 -39.81 -11.87 32.28
CA HIS A 1143 -40.24 -12.98 33.13
C HIS A 1143 -39.11 -13.71 33.86
N VAL A 1144 -37.84 -13.50 33.49
CA VAL A 1144 -36.76 -14.28 34.09
C VAL A 1144 -35.49 -13.45 34.32
N TYR A 1145 -34.95 -12.91 33.24
CA TYR A 1145 -33.56 -12.49 33.23
C TYR A 1145 -33.37 -11.21 34.01
N THR A 1146 -34.14 -10.20 33.63
CA THR A 1146 -34.31 -9.00 34.44
C THR A 1146 -34.58 -9.39 35.89
N LYS A 1147 -35.51 -10.30 36.09
CA LYS A 1147 -35.95 -10.64 37.44
C LYS A 1147 -34.81 -11.24 38.23
N ALA A 1148 -34.06 -12.13 37.59
CA ALA A 1148 -33.00 -12.81 38.30
C ALA A 1148 -31.86 -11.87 38.64
N LEU A 1149 -31.49 -11.00 37.69
CA LEU A 1149 -30.43 -10.04 37.96
C LEU A 1149 -30.85 -9.10 39.07
N LEU A 1150 -32.13 -8.73 39.08
CA LEU A 1150 -32.67 -7.89 40.13
C LEU A 1150 -32.59 -8.60 41.47
N ALA A 1151 -32.88 -9.89 41.46
CA ALA A 1151 -32.83 -10.69 42.67
C ALA A 1151 -31.43 -10.70 43.26
N TYR A 1152 -30.44 -10.96 42.41
CA TYR A 1152 -29.07 -11.03 42.89
C TYR A 1152 -28.61 -9.68 43.42
N ALA A 1153 -29.01 -8.61 42.73
CA ALA A 1153 -28.61 -7.28 43.17
C ALA A 1153 -29.22 -6.96 44.52
N PHE A 1154 -30.51 -7.25 44.69
CA PHE A 1154 -31.16 -6.96 45.96
C PHE A 1154 -30.58 -7.83 47.06
N ALA A 1155 -30.04 -8.99 46.70
CA ALA A 1155 -29.32 -9.79 47.67
C ALA A 1155 -28.05 -9.07 48.11
N LEU A 1156 -27.31 -8.49 47.17
CA LEU A 1156 -26.12 -7.74 47.55
C LEU A 1156 -26.48 -6.57 48.45
N ALA A 1157 -27.66 -5.99 48.24
CA ALA A 1157 -28.03 -4.79 49.00
C ALA A 1157 -28.15 -5.10 50.49
N GLY A 1158 -29.04 -6.04 50.82
CA GLY A 1158 -29.47 -6.24 52.19
C GLY A 1158 -30.97 -6.21 52.31
N ASN A 1159 -31.68 -5.94 51.21
CA ASN A 1159 -33.13 -5.96 51.20
C ASN A 1159 -33.57 -7.42 51.16
N GLN A 1160 -33.51 -8.05 52.34
CA GLN A 1160 -33.84 -9.46 52.47
C GLN A 1160 -35.26 -9.74 51.99
N ASP A 1161 -36.19 -8.87 52.36
CA ASP A 1161 -37.57 -9.05 51.97
C ASP A 1161 -37.74 -8.98 50.46
N LYS A 1162 -37.14 -7.97 49.84
CA LYS A 1162 -37.21 -7.83 48.39
C LYS A 1162 -36.57 -9.02 47.71
N ARG A 1163 -35.44 -9.46 48.26
CA ARG A 1163 -34.75 -10.63 47.74
C ARG A 1163 -35.66 -11.84 47.72
N LYS A 1164 -36.30 -12.13 48.86
CA LYS A 1164 -37.18 -13.29 48.93
C LYS A 1164 -38.40 -13.12 48.06
N GLU A 1165 -38.86 -11.88 47.89
CA GLU A 1165 -40.02 -11.64 47.06
C GLU A 1165 -39.75 -12.01 45.62
N VAL A 1166 -38.72 -11.40 45.02
CA VAL A 1166 -38.40 -11.73 43.63
C VAL A 1166 -37.91 -13.17 43.53
N LEU A 1167 -37.35 -13.71 44.61
CA LEU A 1167 -36.95 -15.11 44.61
C LEU A 1167 -38.15 -16.00 44.44
N LYS A 1168 -39.14 -15.80 45.29
CA LYS A 1168 -40.41 -16.51 45.18
C LYS A 1168 -41.01 -16.32 43.79
N SER A 1169 -40.92 -15.11 43.25
CA SER A 1169 -41.54 -14.83 41.95
C SER A 1169 -40.87 -15.66 40.86
N LEU A 1170 -39.55 -15.65 40.81
CA LEU A 1170 -38.85 -16.47 39.83
C LEU A 1170 -39.06 -17.95 40.13
N ASN A 1171 -39.26 -18.29 41.40
CA ASN A 1171 -39.54 -19.67 41.78
C ASN A 1171 -40.87 -20.14 41.23
N GLU A 1172 -41.82 -19.21 41.07
CA GLU A 1172 -43.11 -19.57 40.52
C GLU A 1172 -42.97 -20.17 39.13
N GLU A 1173 -42.28 -19.46 38.24
CA GLU A 1173 -42.17 -19.88 36.85
C GLU A 1173 -40.95 -20.79 36.70
N ALA A 1174 -41.01 -21.91 37.41
CA ALA A 1174 -39.88 -22.82 37.53
C ALA A 1174 -39.79 -23.77 36.34
N VAL A 1175 -38.56 -24.20 36.05
CA VAL A 1175 -38.27 -25.22 35.05
C VAL A 1175 -37.61 -26.37 35.78
N LYS A 1176 -38.25 -26.78 36.87
CA LYS A 1176 -37.83 -27.95 37.61
C LYS A 1176 -37.95 -29.24 36.80
N LYS A 1177 -37.06 -30.18 37.08
CA LYS A 1177 -36.89 -31.44 36.38
C LYS A 1177 -36.55 -32.53 37.39
N ASP A 1178 -36.57 -33.79 36.91
CA ASP A 1178 -36.56 -35.02 37.70
C ASP A 1178 -35.73 -34.98 38.98
N ASN A 1179 -34.53 -34.40 38.91
CA ASN A 1179 -33.66 -34.35 40.08
C ASN A 1179 -32.93 -33.01 40.20
N SER A 1180 -33.41 -31.97 39.53
CA SER A 1180 -32.78 -30.66 39.61
C SER A 1180 -33.77 -29.62 39.12
N VAL A 1181 -33.33 -28.38 38.94
CA VAL A 1181 -34.19 -27.33 38.39
C VAL A 1181 -33.37 -26.36 37.57
N HIS A 1182 -34.07 -25.48 36.85
CA HIS A 1182 -33.42 -24.39 36.15
C HIS A 1182 -34.49 -23.41 35.66
N TRP A 1183 -34.07 -22.47 34.82
CA TRP A 1183 -34.94 -21.52 34.15
C TRP A 1183 -34.39 -21.24 32.75
N GLU A 1184 -35.29 -20.86 31.84
CA GLU A 1184 -34.99 -20.56 30.46
C GLU A 1184 -35.45 -19.14 30.12
N ARG A 1185 -35.30 -18.77 28.85
CA ARG A 1185 -36.03 -17.67 28.25
C ARG A 1185 -37.48 -18.16 28.15
N PRO A 1186 -38.47 -17.34 27.73
CA PRO A 1186 -39.87 -17.68 28.09
C PRO A 1186 -40.44 -18.88 27.33
N GLN A 1187 -39.76 -20.02 27.40
CA GLN A 1187 -40.17 -21.32 26.87
C GLN A 1187 -40.13 -21.42 25.35
N LYS A 1188 -40.07 -20.28 24.66
CA LYS A 1188 -39.69 -20.10 23.27
C LYS A 1188 -39.77 -18.58 23.11
N PRO A 1189 -38.94 -17.94 22.28
CA PRO A 1189 -39.12 -16.48 22.09
C PRO A 1189 -40.34 -16.21 21.22
N LYS A 1190 -41.24 -15.39 21.74
CA LYS A 1190 -42.58 -15.22 21.16
C LYS A 1190 -42.59 -14.77 19.69
N ALA A 1191 -41.88 -13.69 19.36
CA ALA A 1191 -41.91 -13.16 17.99
C ALA A 1191 -41.27 -14.15 17.01
N PRO A 1192 -41.41 -13.94 15.70
CA PRO A 1192 -40.66 -14.79 14.74
C PRO A 1192 -39.16 -14.70 15.00
N VAL A 1193 -38.53 -15.87 15.12
CA VAL A 1193 -37.24 -16.00 15.78
C VAL A 1193 -36.54 -17.26 15.29
N GLY A 1194 -35.21 -17.26 15.41
CA GLY A 1194 -34.45 -18.49 15.51
C GLY A 1194 -33.60 -18.75 14.28
N HIS A 1195 -34.09 -19.61 13.38
CA HIS A 1195 -33.34 -20.03 12.17
C HIS A 1195 -31.91 -20.46 12.53
N PHE A 1196 -31.67 -20.80 13.80
CA PHE A 1196 -30.34 -21.33 14.25
C PHE A 1196 -29.33 -20.22 14.57
N TYR A 1197 -28.27 -20.64 15.29
CA TYR A 1197 -27.06 -19.90 15.63
C TYR A 1197 -27.26 -18.87 16.75
N GLU A 1198 -28.45 -18.83 17.37
CA GLU A 1198 -28.73 -17.89 18.45
C GLU A 1198 -28.50 -16.46 17.97
N PRO A 1199 -29.22 -16.02 16.95
CA PRO A 1199 -28.92 -14.71 16.34
C PRO A 1199 -29.49 -13.58 17.19
N GLN A 1200 -28.61 -12.71 17.68
CA GLN A 1200 -28.98 -11.60 18.58
C GLN A 1200 -29.67 -12.11 19.84
N ALA A 1201 -29.40 -13.35 20.24
CA ALA A 1201 -30.07 -13.94 21.40
C ALA A 1201 -29.30 -15.16 21.91
N PRO A 1202 -28.20 -14.97 22.68
CA PRO A 1202 -27.30 -16.09 22.98
C PRO A 1202 -27.87 -17.19 23.88
N SER A 1203 -29.15 -17.10 24.25
CA SER A 1203 -29.92 -18.09 24.99
C SER A 1203 -29.61 -18.13 26.48
N ALA A 1204 -28.53 -17.46 26.92
CA ALA A 1204 -28.36 -16.86 28.23
C ALA A 1204 -29.03 -17.59 29.40
N GLU A 1205 -28.99 -18.92 29.39
CA GLU A 1205 -29.72 -19.72 30.38
C GLU A 1205 -28.80 -20.19 31.50
N VAL A 1206 -27.60 -20.60 31.14
CA VAL A 1206 -26.65 -21.02 32.14
C VAL A 1206 -26.23 -19.81 32.97
N GLU A 1207 -26.00 -18.68 32.32
CA GLU A 1207 -25.57 -17.48 33.02
C GLU A 1207 -26.63 -17.02 34.00
N MET A 1208 -27.90 -17.10 33.60
CA MET A 1208 -28.94 -16.56 34.47
C MET A 1208 -29.25 -17.52 35.59
N THR A 1209 -29.25 -18.83 35.29
CA THR A 1209 -29.37 -19.81 36.36
C THR A 1209 -28.25 -19.65 37.38
N SER A 1210 -27.05 -19.30 36.89
CA SER A 1210 -25.94 -19.12 37.82
C SER A 1210 -26.09 -17.83 38.60
N TYR A 1211 -26.65 -16.81 37.98
CA TYR A 1211 -26.91 -15.58 38.73
C TYR A 1211 -27.96 -15.84 39.80
N VAL A 1212 -28.94 -16.68 39.48
CA VAL A 1212 -29.93 -17.12 40.47
C VAL A 1212 -29.23 -17.79 41.61
N LEU A 1213 -28.33 -18.71 41.29
CA LEU A 1213 -27.56 -19.40 42.30
C LEU A 1213 -26.84 -18.41 43.21
N LEU A 1214 -26.07 -17.51 42.61
CA LEU A 1214 -25.28 -16.57 43.37
C LEU A 1214 -26.15 -15.71 44.26
N ALA A 1215 -27.36 -15.42 43.79
CA ALA A 1215 -28.33 -14.77 44.65
C ALA A 1215 -28.69 -15.67 45.81
N TYR A 1216 -29.01 -16.93 45.51
CA TYR A 1216 -29.41 -17.88 46.53
C TYR A 1216 -28.34 -18.06 47.59
N LEU A 1217 -27.09 -17.91 47.19
CA LEU A 1217 -25.97 -18.17 48.08
C LEU A 1217 -25.63 -16.99 48.96
N THR A 1218 -26.26 -15.86 48.75
CA THR A 1218 -25.83 -14.62 49.37
C THR A 1218 -26.58 -14.40 50.67
N ALA A 1219 -25.85 -14.03 51.71
CA ALA A 1219 -26.45 -13.73 53.00
C ALA A 1219 -25.42 -13.00 53.85
N GLN A 1220 -25.91 -12.02 54.60
CA GLN A 1220 -25.03 -11.28 55.51
C GLN A 1220 -24.49 -12.22 56.58
N PRO A 1221 -25.33 -12.78 57.47
CA PRO A 1221 -24.77 -13.56 58.56
C PRO A 1221 -24.16 -14.87 58.07
N ALA A 1222 -25.00 -15.67 57.43
CA ALA A 1222 -24.65 -16.87 56.71
C ALA A 1222 -25.93 -17.29 56.03
N PRO A 1223 -25.89 -17.91 54.85
CA PRO A 1223 -27.13 -18.37 54.24
C PRO A 1223 -27.82 -19.44 55.07
N THR A 1224 -29.05 -19.70 54.68
CA THR A 1224 -29.94 -20.60 55.37
C THR A 1224 -29.66 -22.02 54.89
N SER A 1225 -30.61 -22.93 55.09
CA SER A 1225 -30.53 -24.29 54.60
C SER A 1225 -31.23 -24.47 53.25
N GLU A 1226 -32.41 -23.89 53.12
CA GLU A 1226 -33.27 -24.20 51.98
C GLU A 1226 -32.70 -23.66 50.68
N ASP A 1227 -32.19 -22.42 50.73
CA ASP A 1227 -31.49 -21.85 49.59
C ASP A 1227 -30.36 -22.76 49.14
N LEU A 1228 -29.76 -23.49 50.07
CA LEU A 1228 -28.68 -24.40 49.72
C LEU A 1228 -29.19 -25.60 48.92
N THR A 1229 -30.38 -26.09 49.25
CA THR A 1229 -30.92 -27.21 48.52
C THR A 1229 -31.33 -26.80 47.11
N SER A 1230 -32.00 -25.65 47.01
CA SER A 1230 -32.30 -25.12 45.68
C SER A 1230 -31.02 -24.89 44.89
N ALA A 1231 -30.00 -24.35 45.55
CA ALA A 1231 -28.71 -24.11 44.93
C ALA A 1231 -28.10 -25.41 44.46
N THR A 1232 -28.22 -26.46 45.26
CA THR A 1232 -27.69 -27.76 44.88
C THR A 1232 -28.36 -28.26 43.62
N ASN A 1233 -29.69 -28.15 43.57
CA ASN A 1233 -30.43 -28.60 42.38
C ASN A 1233 -29.93 -27.90 41.13
N ILE A 1234 -29.87 -26.57 41.17
CA ILE A 1234 -29.45 -25.85 39.98
C ILE A 1234 -27.98 -26.10 39.69
N VAL A 1235 -27.17 -26.36 40.71
CA VAL A 1235 -25.77 -26.67 40.49
C VAL A 1235 -25.64 -28.00 39.75
N LYS A 1236 -26.47 -28.96 40.13
CA LYS A 1236 -26.48 -30.24 39.44
C LYS A 1236 -26.84 -30.05 37.98
N TRP A 1237 -27.84 -29.20 37.72
CA TRP A 1237 -28.14 -28.83 36.33
C TRP A 1237 -26.92 -28.25 35.65
N ILE A 1238 -26.23 -27.35 36.34
CA ILE A 1238 -25.14 -26.58 35.75
C ILE A 1238 -24.02 -27.52 35.34
N THR A 1239 -23.56 -28.34 36.28
CA THR A 1239 -22.50 -29.28 35.98
C THR A 1239 -22.93 -30.27 34.90
N LYS A 1240 -24.22 -30.61 34.85
CA LYS A 1240 -24.68 -31.41 33.73
C LYS A 1240 -24.55 -30.66 32.41
N GLN A 1241 -24.65 -29.34 32.44
CA GLN A 1241 -24.65 -28.54 31.22
C GLN A 1241 -23.24 -28.14 30.77
N GLN A 1242 -22.20 -28.70 31.37
CA GLN A 1242 -20.85 -28.35 30.99
C GLN A 1242 -20.44 -29.06 29.70
N ASN A 1243 -19.61 -28.37 28.91
CA ASN A 1243 -19.20 -28.84 27.59
C ASN A 1243 -17.92 -29.67 27.66
N ALA A 1244 -17.86 -30.71 26.85
CA ALA A 1244 -16.70 -31.58 26.82
C ALA A 1244 -15.49 -30.85 26.27
N GLN A 1245 -15.71 -29.93 25.32
CA GLN A 1245 -14.62 -29.11 24.82
C GLN A 1245 -14.00 -28.30 25.94
N GLY A 1246 -14.80 -27.93 26.94
CA GLY A 1246 -14.35 -27.10 28.03
C GLY A 1246 -15.19 -25.86 28.16
N GLY A 1247 -15.56 -25.57 29.40
CA GLY A 1247 -16.37 -24.41 29.67
C GLY A 1247 -17.82 -24.65 29.31
N PHE A 1248 -18.50 -23.57 28.95
CA PHE A 1248 -19.91 -23.60 28.61
C PHE A 1248 -20.06 -22.85 27.28
N SER A 1249 -21.32 -22.62 26.89
CA SER A 1249 -21.60 -22.25 25.50
C SER A 1249 -20.98 -20.93 25.08
N SER A 1250 -20.56 -20.11 26.04
CA SER A 1250 -19.91 -18.85 25.73
C SER A 1250 -18.92 -18.53 26.83
N THR A 1251 -18.51 -17.27 26.91
CA THR A 1251 -17.60 -16.80 27.93
C THR A 1251 -18.35 -16.21 29.14
N GLN A 1252 -19.42 -15.46 28.88
CA GLN A 1252 -20.17 -14.84 29.97
C GLN A 1252 -20.74 -15.91 30.89
N ASP A 1253 -21.42 -16.89 30.30
CA ASP A 1253 -22.05 -17.93 31.08
C ASP A 1253 -21.04 -18.74 31.85
N THR A 1254 -19.96 -19.15 31.18
CA THR A 1254 -18.93 -19.91 31.86
C THR A 1254 -18.35 -19.12 33.02
N VAL A 1255 -18.17 -17.82 32.81
CA VAL A 1255 -17.59 -16.95 33.83
C VAL A 1255 -18.47 -16.94 35.06
N VAL A 1256 -19.72 -16.50 34.89
CA VAL A 1256 -20.56 -16.29 36.05
C VAL A 1256 -20.91 -17.64 36.68
N ALA A 1257 -20.95 -18.70 35.86
CA ALA A 1257 -21.18 -20.03 36.37
C ALA A 1257 -20.08 -20.45 37.32
N LEU A 1258 -18.85 -20.32 36.87
CA LEU A 1258 -17.75 -20.75 37.70
C LEU A 1258 -17.61 -19.86 38.92
N HIS A 1259 -17.98 -18.59 38.80
CA HIS A 1259 -18.03 -17.73 39.97
C HIS A 1259 -19.02 -18.29 40.98
N ALA A 1260 -20.17 -18.72 40.48
CA ALA A 1260 -21.21 -19.22 41.38
C ALA A 1260 -20.77 -20.50 42.05
N LEU A 1261 -20.18 -21.40 41.27
CA LEU A 1261 -19.73 -22.67 41.79
C LEU A 1261 -18.63 -22.45 42.81
N SER A 1262 -17.78 -21.46 42.55
CA SER A 1262 -16.70 -21.16 43.46
C SER A 1262 -17.25 -20.70 44.80
N LYS A 1263 -18.25 -19.84 44.77
CA LYS A 1263 -18.79 -19.35 46.03
C LYS A 1263 -19.60 -20.44 46.72
N TYR A 1264 -20.22 -21.33 45.95
CA TYR A 1264 -20.89 -22.48 46.54
C TYR A 1264 -19.92 -23.30 47.35
N GLY A 1265 -18.77 -23.61 46.75
CA GLY A 1265 -17.77 -24.36 47.49
C GLY A 1265 -17.19 -23.55 48.63
N ALA A 1266 -17.13 -22.23 48.46
CA ALA A 1266 -16.69 -21.37 49.56
C ALA A 1266 -17.62 -21.52 50.75
N ALA A 1267 -18.89 -21.78 50.47
CA ALA A 1267 -19.87 -22.06 51.51
C ALA A 1267 -19.83 -23.52 51.94
N THR A 1268 -20.11 -24.40 51.00
CA THR A 1268 -20.40 -25.78 51.33
C THR A 1268 -19.12 -26.56 51.58
N PHE A 1269 -18.28 -26.64 50.55
CA PHE A 1269 -17.05 -27.38 50.64
C PHE A 1269 -16.15 -26.74 51.70
N THR A 1270 -15.49 -27.59 52.47
CA THR A 1270 -14.58 -27.13 53.52
C THR A 1270 -13.41 -28.10 53.59
N ARG A 1271 -12.21 -27.61 53.28
CA ARG A 1271 -11.00 -28.48 53.25
C ARG A 1271 -10.67 -29.00 54.65
N THR A 1272 -11.12 -28.30 55.70
CA THR A 1272 -10.83 -28.71 57.06
C THR A 1272 -11.87 -29.68 57.59
N GLY A 1273 -13.15 -29.37 57.35
CA GLY A 1273 -14.22 -30.22 57.85
C GLY A 1273 -14.21 -31.56 57.15
N LYS A 1274 -13.81 -32.60 57.89
CA LYS A 1274 -13.45 -33.88 57.29
C LYS A 1274 -13.87 -35.06 58.16
N ALA A 1275 -14.81 -34.86 59.07
CA ALA A 1275 -15.18 -35.87 60.06
C ALA A 1275 -16.69 -36.00 60.14
N ALA A 1276 -17.32 -36.11 58.98
CA ALA A 1276 -18.78 -36.15 58.94
C ALA A 1276 -19.27 -37.55 59.28
N GLN A 1277 -20.29 -37.63 60.12
CA GLN A 1277 -20.85 -38.89 60.59
C GLN A 1277 -22.36 -38.85 60.42
N VAL A 1278 -22.87 -39.77 59.61
CA VAL A 1278 -24.26 -39.78 59.21
C VAL A 1278 -24.93 -41.00 59.82
N THR A 1279 -26.18 -40.80 60.24
CA THR A 1279 -26.98 -41.91 60.72
C THR A 1279 -28.42 -41.71 60.31
N ILE A 1280 -29.06 -42.82 59.96
CA ILE A 1280 -30.45 -42.88 59.55
C ILE A 1280 -31.13 -43.81 60.52
N GLN A 1281 -32.22 -43.35 61.12
CA GLN A 1281 -33.02 -44.13 62.04
C GLN A 1281 -34.46 -44.10 61.58
N SER A 1282 -35.03 -45.28 61.36
CA SER A 1282 -36.41 -45.41 60.90
C SER A 1282 -37.14 -46.35 61.84
N SER A 1283 -38.38 -45.96 62.18
CA SER A 1283 -39.15 -46.51 63.29
C SER A 1283 -39.21 -48.03 63.29
N GLY A 1284 -39.21 -48.65 62.12
CA GLY A 1284 -39.23 -50.09 62.02
C GLY A 1284 -37.87 -50.74 62.25
N THR A 1285 -37.21 -50.36 63.35
CA THR A 1285 -35.86 -50.78 63.72
C THR A 1285 -34.90 -50.85 62.54
N PHE A 1286 -35.01 -49.92 61.58
CA PHE A 1286 -34.17 -49.92 60.39
C PHE A 1286 -33.16 -48.79 60.57
N SER A 1287 -31.93 -49.16 60.91
CA SER A 1287 -30.85 -48.23 61.15
C SER A 1287 -29.81 -48.34 60.04
N SER A 1288 -29.08 -47.25 59.88
CA SER A 1288 -27.97 -47.24 58.94
C SER A 1288 -27.00 -46.16 59.36
N LYS A 1289 -25.71 -46.42 59.11
CA LYS A 1289 -24.66 -45.48 59.47
C LYS A 1289 -23.70 -45.32 58.31
N PHE A 1290 -23.12 -44.13 58.22
CA PHE A 1290 -22.15 -43.82 57.20
C PHE A 1290 -21.18 -42.82 57.78
N GLN A 1291 -20.01 -42.76 57.17
CA GLN A 1291 -19.01 -41.76 57.50
C GLN A 1291 -18.51 -41.13 56.21
N VAL A 1292 -18.17 -39.85 56.29
CA VAL A 1292 -17.70 -39.09 55.16
C VAL A 1292 -16.44 -38.35 55.58
N ASP A 1293 -15.37 -38.55 54.81
CA ASP A 1293 -14.06 -38.01 55.09
C ASP A 1293 -13.49 -37.52 53.76
N ASN A 1294 -12.46 -36.66 53.85
CA ASN A 1294 -11.81 -36.15 52.66
C ASN A 1294 -11.31 -37.28 51.77
N ASN A 1295 -10.92 -38.41 52.37
CA ASN A 1295 -10.42 -39.52 51.58
C ASN A 1295 -11.52 -40.10 50.70
N ASN A 1296 -12.74 -40.17 51.24
CA ASN A 1296 -13.92 -40.55 50.49
C ASN A 1296 -14.80 -39.34 50.22
N ARG A 1297 -14.15 -38.20 49.96
CA ARG A 1297 -14.83 -36.94 49.69
C ARG A 1297 -15.87 -37.10 48.59
N LEU A 1298 -15.40 -37.41 47.38
CA LEU A 1298 -16.29 -37.54 46.23
C LEU A 1298 -17.09 -38.83 46.26
N LEU A 1299 -16.93 -39.65 47.29
CA LEU A 1299 -17.58 -40.95 47.29
C LEU A 1299 -19.08 -40.80 47.47
N LEU A 1300 -19.82 -41.51 46.63
CA LEU A 1300 -21.24 -41.73 46.79
C LEU A 1300 -21.41 -42.98 47.64
N GLN A 1301 -22.30 -42.91 48.62
CA GLN A 1301 -22.67 -44.06 49.45
C GLN A 1301 -24.17 -44.27 49.30
N GLN A 1302 -24.54 -45.43 48.77
CA GLN A 1302 -25.90 -45.78 48.38
C GLN A 1302 -26.46 -46.84 49.32
N VAL A 1303 -27.71 -46.66 49.74
CA VAL A 1303 -28.36 -47.69 50.56
C VAL A 1303 -29.87 -47.66 50.31
N SER A 1304 -30.47 -48.84 50.40
CA SER A 1304 -31.85 -49.06 50.03
C SER A 1304 -32.79 -48.80 51.21
N LEU A 1305 -34.02 -48.48 50.85
CA LEU A 1305 -35.10 -48.21 51.79
C LEU A 1305 -36.25 -49.16 51.47
N PRO A 1306 -36.48 -50.21 52.27
CA PRO A 1306 -37.50 -51.20 51.91
C PRO A 1306 -38.92 -50.93 52.37
N GLU A 1307 -39.11 -50.28 53.52
CA GLU A 1307 -40.42 -50.19 54.16
C GLU A 1307 -41.33 -49.26 53.37
N LEU A 1308 -42.59 -49.65 53.23
CA LEU A 1308 -43.58 -48.78 52.59
C LEU A 1308 -43.76 -47.48 53.36
N PRO A 1309 -44.18 -47.48 54.61
CA PRO A 1309 -44.30 -46.22 55.34
C PRO A 1309 -42.91 -45.74 55.74
N GLY A 1310 -42.52 -44.59 55.21
CA GLY A 1310 -41.20 -44.06 55.46
C GLY A 1310 -41.24 -42.94 56.46
N GLU A 1311 -40.37 -43.03 57.46
CA GLU A 1311 -40.35 -42.13 58.60
C GLU A 1311 -38.90 -41.86 58.95
N TYR A 1312 -38.10 -41.59 57.94
CA TYR A 1312 -36.67 -41.74 58.07
C TYR A 1312 -36.06 -40.49 58.67
N SER A 1313 -35.44 -40.65 59.83
CA SER A 1313 -34.84 -39.57 60.57
C SER A 1313 -33.35 -39.56 60.30
N MET A 1314 -32.88 -38.44 59.77
CA MET A 1314 -31.48 -38.25 59.47
C MET A 1314 -30.85 -37.47 60.60
N LYS A 1315 -29.64 -37.87 60.99
CA LYS A 1315 -28.88 -37.17 62.02
C LYS A 1315 -27.42 -37.15 61.58
N VAL A 1316 -26.86 -35.95 61.48
CA VAL A 1316 -25.51 -35.73 60.96
C VAL A 1316 -24.71 -35.01 62.03
N THR A 1317 -23.46 -35.42 62.21
CA THR A 1317 -22.59 -34.88 63.23
C THR A 1317 -21.20 -34.64 62.67
N GLY A 1318 -20.47 -33.75 63.33
CA GLY A 1318 -19.09 -33.50 62.99
C GLY A 1318 -18.93 -32.24 62.14
N GLU A 1319 -18.17 -32.36 61.05
CA GLU A 1319 -17.86 -31.26 60.15
C GLU A 1319 -18.10 -31.69 58.70
N GLY A 1320 -18.33 -30.69 57.84
CA GLY A 1320 -18.44 -30.93 56.41
C GLY A 1320 -19.87 -31.08 55.93
N CYS A 1321 -20.21 -30.33 54.89
CA CYS A 1321 -21.55 -30.37 54.33
C CYS A 1321 -21.76 -31.64 53.53
N VAL A 1322 -22.97 -32.19 53.60
CA VAL A 1322 -23.33 -33.43 52.93
C VAL A 1322 -24.59 -33.23 52.12
N TYR A 1323 -24.60 -33.76 50.91
CA TYR A 1323 -25.75 -33.76 50.03
C TYR A 1323 -26.39 -35.13 50.12
N LEU A 1324 -27.71 -35.16 50.29
CA LEU A 1324 -28.44 -36.41 50.48
C LEU A 1324 -29.60 -36.45 49.51
N GLN A 1325 -29.47 -37.30 48.51
CA GLN A 1325 -30.49 -37.47 47.48
C GLN A 1325 -31.23 -38.77 47.77
N THR A 1326 -32.52 -38.65 47.98
CA THR A 1326 -33.38 -39.80 48.23
C THR A 1326 -34.38 -39.93 47.10
N SER A 1327 -34.60 -41.16 46.68
CA SER A 1327 -35.49 -41.49 45.56
C SER A 1327 -36.43 -42.57 46.00
N LEU A 1328 -37.57 -42.64 45.33
CA LEU A 1328 -38.62 -43.59 45.63
C LEU A 1328 -39.33 -43.96 44.35
N LYS A 1329 -39.72 -45.23 44.24
CA LYS A 1329 -40.32 -45.72 43.02
C LYS A 1329 -41.38 -46.78 43.31
N TYR A 1330 -42.28 -46.94 42.36
CA TYR A 1330 -43.51 -47.71 42.57
C TYR A 1330 -44.29 -47.72 41.25
N ASN A 1331 -45.35 -48.53 41.21
CA ASN A 1331 -46.19 -48.69 40.04
C ASN A 1331 -47.63 -48.35 40.37
N ILE A 1332 -48.36 -47.86 39.37
CA ILE A 1332 -49.72 -47.36 39.53
C ILE A 1332 -50.60 -47.84 38.39
N LEU A 1333 -51.81 -47.26 38.29
CA LEU A 1333 -52.87 -47.59 37.33
C LEU A 1333 -53.48 -48.96 37.55
N PRO A 1334 -54.15 -49.19 38.68
CA PRO A 1334 -55.20 -50.22 38.75
C PRO A 1334 -56.62 -49.70 38.54
N GLU A 1335 -56.76 -48.42 38.15
CA GLU A 1335 -58.10 -47.83 37.89
C GLU A 1335 -58.07 -47.09 36.55
N LYS A 1336 -58.57 -45.85 36.51
CA LYS A 1336 -58.52 -45.04 35.27
C LYS A 1336 -59.16 -45.81 34.10
N GLU A 1337 -60.29 -46.46 34.34
CA GLU A 1337 -60.97 -47.27 33.29
C GLU A 1337 -62.35 -46.67 33.02
N GLU A 1338 -62.66 -46.39 31.75
CA GLU A 1338 -63.99 -45.83 31.39
C GLU A 1338 -64.56 -46.61 30.19
N GLY B 27 -51.37 36.43 -13.60
CA GLY B 27 -50.36 35.41 -13.58
C GLY B 27 -49.48 35.51 -14.80
N LYS B 28 -48.47 34.68 -14.84
CA LYS B 28 -47.50 34.78 -15.90
C LYS B 28 -48.02 34.13 -17.19
N PRO B 29 -47.51 34.55 -18.35
CA PRO B 29 -47.91 33.90 -19.59
C PRO B 29 -47.09 32.64 -19.80
N GLN B 30 -47.75 31.60 -20.29
CA GLN B 30 -47.19 30.27 -20.23
C GLN B 30 -47.36 29.52 -21.53
N TYR B 31 -46.37 28.69 -21.81
CA TYR B 31 -46.30 27.87 -22.99
C TYR B 31 -45.77 26.51 -22.58
N MET B 32 -45.88 25.54 -23.48
CA MET B 32 -45.20 24.27 -23.26
C MET B 32 -45.24 23.48 -24.55
N VAL B 33 -44.07 23.06 -25.04
CA VAL B 33 -43.97 22.41 -26.34
C VAL B 33 -43.27 21.08 -26.14
N LEU B 34 -43.82 20.05 -26.76
CA LEU B 34 -43.48 18.67 -26.44
C LEU B 34 -43.32 17.88 -27.72
N VAL B 35 -42.42 16.90 -27.68
CA VAL B 35 -42.05 16.16 -28.88
C VAL B 35 -41.23 14.94 -28.49
N PRO B 36 -41.45 13.78 -29.10
CA PRO B 36 -40.57 12.63 -28.82
C PRO B 36 -39.13 12.93 -29.17
N SER B 37 -38.22 12.48 -28.29
CA SER B 37 -36.80 12.74 -28.47
C SER B 37 -36.26 12.10 -29.74
N LEU B 38 -36.88 11.03 -30.22
CA LEU B 38 -36.52 10.38 -31.47
C LEU B 38 -37.29 10.99 -32.62
N LEU B 39 -36.75 10.84 -33.82
CA LEU B 39 -37.44 11.26 -35.03
C LEU B 39 -37.25 10.21 -36.10
N HIS B 40 -38.34 9.49 -36.40
CA HIS B 40 -38.37 8.65 -37.58
C HIS B 40 -38.48 9.54 -38.80
N THR B 41 -37.51 9.43 -39.71
CA THR B 41 -37.40 10.32 -40.84
C THR B 41 -38.29 9.86 -41.99
N GLU B 42 -38.18 10.57 -43.12
CA GLU B 42 -38.86 10.23 -44.38
C GLU B 42 -40.35 10.07 -44.20
N THR B 43 -40.92 10.81 -43.25
CA THR B 43 -42.32 10.64 -42.90
C THR B 43 -42.72 11.75 -41.93
N THR B 44 -43.94 11.66 -41.43
CA THR B 44 -44.50 12.65 -40.54
C THR B 44 -44.35 12.21 -39.09
N GLU B 45 -44.19 13.19 -38.21
CA GLU B 45 -44.11 12.97 -36.78
C GLU B 45 -44.78 14.13 -36.09
N LYS B 46 -45.52 13.82 -35.03
CA LYS B 46 -46.35 14.79 -34.32
C LYS B 46 -45.63 15.37 -33.10
N GLY B 47 -45.93 16.64 -32.84
CA GLY B 47 -45.48 17.31 -31.63
C GLY B 47 -46.49 18.36 -31.23
N CYS B 48 -46.59 18.61 -29.93
CA CYS B 48 -47.70 19.37 -29.38
C CYS B 48 -47.22 20.65 -28.71
N VAL B 49 -48.15 21.57 -28.53
CA VAL B 49 -47.89 22.83 -27.86
C VAL B 49 -49.11 23.25 -27.06
N LEU B 50 -48.86 23.85 -25.92
CA LEU B 50 -49.85 24.43 -25.02
C LEU B 50 -49.53 25.90 -24.89
N LEU B 51 -50.59 26.72 -24.81
CA LEU B 51 -50.39 28.15 -24.60
C LEU B 51 -51.50 28.76 -23.77
N SER B 52 -51.14 29.76 -22.95
CA SER B 52 -52.14 30.39 -22.11
C SER B 52 -51.68 31.64 -21.39
N TYR B 53 -52.71 32.38 -20.94
CA TYR B 53 -52.77 33.41 -19.91
C TYR B 53 -52.51 34.86 -20.27
N LEU B 54 -52.04 35.20 -21.48
CA LEU B 54 -52.07 36.57 -21.98
C LEU B 54 -51.46 36.62 -23.37
N ASN B 55 -51.59 37.80 -24.01
CA ASN B 55 -50.84 38.22 -25.20
C ASN B 55 -50.92 37.14 -26.27
N GLU B 56 -52.13 36.61 -26.43
CA GLU B 56 -52.50 35.45 -27.23
C GLU B 56 -51.82 35.40 -28.59
N THR B 57 -51.65 36.54 -29.26
CA THR B 57 -51.26 36.53 -30.67
C THR B 57 -49.81 36.09 -30.82
N VAL B 58 -49.55 34.80 -30.64
CA VAL B 58 -48.17 34.32 -30.52
C VAL B 58 -47.87 33.44 -31.72
N THR B 59 -46.59 33.35 -32.04
CA THR B 59 -46.11 32.53 -33.13
C THR B 59 -44.96 31.67 -32.64
N VAL B 60 -45.12 30.38 -32.77
CA VAL B 60 -44.10 29.41 -32.45
C VAL B 60 -43.43 28.98 -33.74
N SER B 61 -42.18 28.55 -33.63
CA SER B 61 -41.46 28.05 -34.80
C SER B 61 -40.41 27.06 -34.35
N ALA B 62 -40.49 25.85 -34.89
CA ALA B 62 -39.50 24.81 -34.67
C ALA B 62 -38.56 24.74 -35.86
N SER B 63 -37.26 24.75 -35.56
CA SER B 63 -36.21 24.67 -36.57
C SER B 63 -35.35 23.47 -36.23
N LEU B 64 -35.44 22.44 -37.06
CA LEU B 64 -34.62 21.25 -36.90
C LEU B 64 -33.50 21.36 -37.92
N GLU B 65 -32.26 21.50 -37.42
CA GLU B 65 -31.13 21.89 -38.25
C GLU B 65 -29.99 20.91 -38.11
N SER B 66 -29.42 20.54 -39.25
CA SER B 66 -28.21 19.74 -39.29
C SER B 66 -27.04 20.67 -39.09
N VAL B 67 -26.49 20.61 -37.89
CA VAL B 67 -25.33 21.33 -37.42
C VAL B 67 -24.18 21.27 -38.42
N ARG B 68 -23.67 20.08 -38.71
CA ARG B 68 -22.47 19.99 -39.54
C ARG B 68 -22.84 20.16 -40.99
N GLY B 69 -21.94 20.79 -41.72
CA GLY B 69 -22.35 21.33 -43.01
C GLY B 69 -23.47 22.30 -42.74
N ASN B 70 -24.65 21.99 -43.28
CA ASN B 70 -25.85 22.73 -42.94
C ASN B 70 -27.08 22.05 -43.51
N ARG B 71 -28.09 21.86 -42.68
CA ARG B 71 -29.45 21.72 -43.21
C ARG B 71 -30.39 22.44 -42.26
N SER B 72 -31.56 22.80 -42.79
CA SER B 72 -32.56 23.48 -41.99
C SER B 72 -33.93 23.09 -42.50
N LEU B 73 -34.74 22.49 -41.64
CA LEU B 73 -36.16 22.27 -41.88
C LEU B 73 -36.91 23.15 -40.90
N PHE B 74 -37.72 24.04 -41.44
CA PHE B 74 -38.42 25.07 -40.69
C PHE B 74 -39.91 24.76 -40.64
N THR B 75 -40.50 24.94 -39.47
CA THR B 75 -41.93 24.76 -39.26
C THR B 75 -42.39 25.87 -38.34
N ASP B 76 -43.63 26.33 -38.54
CA ASP B 76 -44.17 27.45 -37.79
C ASP B 76 -45.63 27.20 -37.47
N LEU B 77 -46.13 27.97 -36.52
CA LEU B 77 -47.54 27.98 -36.22
C LEU B 77 -47.84 29.26 -35.48
N GLU B 78 -49.06 29.75 -35.63
CA GLU B 78 -49.58 30.87 -34.85
C GLU B 78 -50.66 30.33 -33.95
N ALA B 79 -50.69 30.81 -32.72
CA ALA B 79 -51.51 30.24 -31.69
C ALA B 79 -51.95 31.35 -30.73
N GLU B 80 -52.76 30.93 -29.77
CA GLU B 80 -53.50 31.75 -28.82
C GLU B 80 -53.33 31.17 -27.41
N ASN B 81 -54.03 31.77 -26.46
CA ASN B 81 -54.03 31.27 -25.09
C ASN B 81 -54.95 30.06 -24.97
N ASP B 82 -54.83 29.39 -23.82
CA ASP B 82 -55.67 28.32 -23.32
C ASP B 82 -55.99 27.29 -24.39
N VAL B 83 -55.01 26.94 -25.21
CA VAL B 83 -55.22 25.94 -26.25
C VAL B 83 -54.02 25.01 -26.32
N LEU B 84 -54.33 23.73 -26.48
CA LEU B 84 -53.39 22.70 -26.88
C LEU B 84 -53.65 22.43 -28.35
N HIS B 85 -52.58 22.25 -29.11
CA HIS B 85 -52.71 21.79 -30.49
C HIS B 85 -51.41 21.11 -30.91
N CYS B 86 -51.54 20.11 -31.79
CA CYS B 86 -50.43 19.28 -32.22
C CYS B 86 -50.29 19.34 -33.73
N VAL B 87 -49.07 19.58 -34.20
CA VAL B 87 -48.74 19.63 -35.62
C VAL B 87 -47.89 18.42 -35.97
N ALA B 88 -48.12 17.88 -37.16
CA ALA B 88 -47.41 16.71 -37.66
C ALA B 88 -46.47 17.17 -38.77
N PHE B 89 -45.24 17.47 -38.39
CA PHE B 89 -44.25 17.93 -39.36
C PHE B 89 -43.56 16.72 -39.97
N ALA B 90 -43.15 16.86 -41.21
CA ALA B 90 -42.50 15.77 -41.94
C ALA B 90 -41.01 16.02 -42.07
N VAL B 91 -40.30 14.92 -42.28
CA VAL B 91 -38.84 14.92 -42.34
C VAL B 91 -38.43 14.09 -43.55
N PRO B 92 -37.46 14.55 -44.36
CA PRO B 92 -36.98 13.73 -45.48
C PRO B 92 -35.81 12.85 -45.05
N LYS B 93 -35.25 12.13 -46.01
CA LYS B 93 -34.06 11.35 -45.75
C LYS B 93 -32.85 12.26 -45.56
N SER B 94 -31.72 11.64 -45.24
CA SER B 94 -30.48 12.34 -44.95
C SER B 94 -29.33 11.63 -45.63
N SER B 95 -28.13 12.06 -45.29
CA SER B 95 -26.93 11.37 -45.72
C SER B 95 -26.64 10.18 -44.80
N SER B 96 -26.37 10.46 -43.54
CA SER B 96 -26.03 9.43 -42.59
C SER B 96 -27.27 8.65 -42.17
N ASN B 97 -27.05 7.44 -41.69
CA ASN B 97 -28.16 6.60 -41.23
C ASN B 97 -28.82 7.21 -40.00
N GLU B 98 -28.01 7.57 -39.01
CA GLU B 98 -28.48 8.06 -37.73
C GLU B 98 -27.64 9.26 -37.34
N GLU B 99 -28.30 10.32 -36.91
CA GLU B 99 -27.63 11.58 -36.67
C GLU B 99 -28.30 12.30 -35.52
N VAL B 100 -27.59 13.29 -35.04
CA VAL B 100 -28.13 14.27 -34.12
C VAL B 100 -28.43 15.54 -34.90
N MET B 101 -29.39 16.30 -34.40
CA MET B 101 -29.75 17.56 -35.01
C MET B 101 -30.10 18.55 -33.91
N PHE B 102 -29.75 19.81 -34.12
CA PHE B 102 -30.11 20.87 -33.19
C PHE B 102 -31.56 21.24 -33.50
N LEU B 103 -32.46 20.95 -32.58
CA LEU B 103 -33.82 21.46 -32.66
C LEU B 103 -33.91 22.69 -31.78
N THR B 104 -34.23 23.82 -32.39
CA THR B 104 -34.45 25.06 -31.67
C THR B 104 -35.92 25.42 -31.84
N VAL B 105 -36.46 26.15 -30.90
CA VAL B 105 -37.83 26.62 -30.96
C VAL B 105 -37.85 28.07 -30.50
N GLN B 106 -38.62 28.87 -31.23
CA GLN B 106 -38.75 30.30 -31.00
C GLN B 106 -40.22 30.61 -30.79
N VAL B 107 -40.52 31.25 -29.68
CA VAL B 107 -41.85 31.71 -29.34
C VAL B 107 -41.83 33.22 -29.39
N LYS B 108 -42.73 33.80 -30.16
CA LYS B 108 -42.75 35.23 -30.39
C LYS B 108 -44.18 35.72 -30.21
N GLY B 109 -44.46 36.22 -29.02
CA GLY B 109 -45.69 36.91 -28.76
C GLY B 109 -45.46 38.39 -28.95
N PRO B 110 -46.56 39.13 -29.09
CA PRO B 110 -46.46 40.54 -29.51
C PRO B 110 -45.65 41.40 -28.56
N THR B 111 -45.49 40.95 -27.32
CA THR B 111 -44.73 41.67 -26.30
C THR B 111 -43.76 40.73 -25.59
N GLN B 112 -43.48 39.57 -26.17
CA GLN B 112 -42.67 38.57 -25.47
C GLN B 112 -41.92 37.74 -26.49
N GLU B 113 -40.79 37.21 -26.05
CA GLU B 113 -39.96 36.35 -26.86
C GLU B 113 -39.36 35.29 -25.96
N PHE B 114 -39.19 34.10 -26.51
CA PHE B 114 -38.54 33.02 -25.81
C PHE B 114 -37.89 32.11 -26.83
N LYS B 115 -36.75 31.53 -26.46
CA LYS B 115 -36.01 30.64 -27.35
C LYS B 115 -35.42 29.51 -26.54
N LYS B 116 -35.46 28.31 -27.10
CA LYS B 116 -34.93 27.16 -26.40
C LYS B 116 -34.59 26.09 -27.41
N ARG B 117 -33.46 25.42 -27.19
CA ARG B 117 -33.00 24.41 -28.12
C ARG B 117 -32.53 23.18 -27.36
N THR B 118 -32.29 22.13 -28.13
CA THR B 118 -31.77 20.88 -27.62
C THR B 118 -31.33 20.05 -28.81
N THR B 119 -30.98 18.80 -28.51
CA THR B 119 -30.52 17.84 -29.49
C THR B 119 -31.62 16.82 -29.71
N VAL B 120 -31.81 16.46 -30.97
CA VAL B 120 -32.82 15.51 -31.38
C VAL B 120 -32.15 14.39 -32.15
N MET B 121 -32.58 13.18 -31.88
CA MET B 121 -32.06 12.02 -32.58
C MET B 121 -32.90 11.82 -33.82
N VAL B 122 -32.27 11.92 -34.94
CA VAL B 122 -32.85 11.64 -36.24
C VAL B 122 -32.28 10.33 -36.74
N LYS B 123 -33.09 9.55 -37.44
CA LYS B 123 -32.66 8.23 -37.88
C LYS B 123 -33.33 7.88 -39.18
N ASN B 124 -32.52 7.51 -40.17
CA ASN B 124 -33.03 6.98 -41.42
C ASN B 124 -33.59 5.60 -41.10
N GLU B 125 -34.85 5.60 -40.67
CA GLU B 125 -35.50 4.38 -40.24
C GLU B 125 -35.55 3.35 -41.37
N ASP B 126 -35.35 2.11 -40.99
CA ASP B 126 -35.55 0.98 -41.88
C ASP B 126 -36.99 0.51 -41.78
N SER B 127 -37.65 0.43 -42.93
CA SER B 127 -39.02 -0.05 -42.96
C SER B 127 -39.08 -1.46 -42.40
N LEU B 128 -40.13 -1.76 -41.65
CA LEU B 128 -40.22 -3.08 -41.01
C LEU B 128 -40.89 -4.01 -42.00
N VAL B 129 -40.19 -5.08 -42.34
CA VAL B 129 -40.51 -5.93 -43.47
C VAL B 129 -40.40 -7.37 -43.03
N PHE B 130 -40.85 -8.27 -43.89
CA PHE B 130 -40.82 -9.68 -43.54
C PHE B 130 -41.23 -10.54 -44.72
N VAL B 131 -41.32 -11.83 -44.44
CA VAL B 131 -41.55 -12.88 -45.40
C VAL B 131 -42.68 -13.75 -44.90
N GLN B 132 -43.18 -14.58 -45.81
CA GLN B 132 -44.03 -15.67 -45.43
C GLN B 132 -43.99 -16.72 -46.51
N THR B 133 -43.79 -17.96 -46.10
CA THR B 133 -43.66 -19.06 -47.03
C THR B 133 -44.98 -19.77 -47.22
N ASP B 134 -44.99 -20.61 -48.24
CA ASP B 134 -46.01 -21.62 -48.38
C ASP B 134 -45.89 -22.66 -47.30
N LYS B 135 -44.68 -23.08 -47.00
CA LYS B 135 -44.45 -24.22 -46.14
C LYS B 135 -43.18 -23.96 -45.35
N SER B 136 -42.95 -24.78 -44.33
CA SER B 136 -41.75 -24.71 -43.51
C SER B 136 -40.63 -25.58 -44.04
N ILE B 137 -40.92 -26.85 -44.33
CA ILE B 137 -39.95 -27.80 -44.87
C ILE B 137 -40.30 -28.03 -46.31
N TYR B 138 -39.38 -28.64 -47.05
CA TYR B 138 -39.60 -28.96 -48.44
C TYR B 138 -38.91 -30.26 -48.79
N LYS B 139 -39.44 -30.94 -49.79
CA LYS B 139 -38.88 -32.17 -50.33
C LYS B 139 -38.45 -31.95 -51.78
N PRO B 140 -37.64 -32.84 -52.34
CA PRO B 140 -37.16 -32.63 -53.71
C PRO B 140 -38.29 -32.56 -54.73
N GLY B 141 -37.97 -31.94 -55.87
CA GLY B 141 -38.87 -31.86 -56.99
C GLY B 141 -39.93 -30.79 -56.89
N GLN B 142 -40.09 -30.18 -55.73
CA GLN B 142 -41.13 -29.19 -55.51
C GLN B 142 -40.61 -27.79 -55.80
N THR B 143 -41.50 -26.82 -55.64
CA THR B 143 -41.17 -25.41 -55.81
C THR B 143 -41.55 -24.67 -54.54
N VAL B 144 -40.60 -23.92 -54.00
CA VAL B 144 -40.89 -23.05 -52.88
C VAL B 144 -41.61 -21.83 -53.41
N LYS B 145 -42.51 -21.29 -52.59
CA LYS B 145 -43.25 -20.10 -52.91
C LYS B 145 -43.42 -19.29 -51.65
N PHE B 146 -43.02 -18.04 -51.71
CA PHE B 146 -43.07 -17.16 -50.57
C PHE B 146 -43.49 -15.79 -51.02
N ARG B 147 -43.67 -14.93 -50.06
CA ARG B 147 -44.04 -13.55 -50.31
C ARG B 147 -43.29 -12.68 -49.34
N VAL B 148 -43.13 -11.43 -49.72
CA VAL B 148 -42.43 -10.44 -48.93
C VAL B 148 -43.36 -9.26 -48.73
N VAL B 149 -43.17 -8.56 -47.63
CA VAL B 149 -44.02 -7.48 -47.19
C VAL B 149 -43.15 -6.42 -46.55
N SER B 150 -43.61 -5.17 -46.60
CA SER B 150 -42.94 -4.06 -45.94
C SER B 150 -43.97 -3.05 -45.47
N MET B 151 -43.58 -2.30 -44.44
CA MET B 151 -44.46 -1.33 -43.81
C MET B 151 -43.60 -0.27 -43.15
N ASP B 152 -44.27 0.80 -42.71
CA ASP B 152 -43.67 1.92 -41.99
C ASP B 152 -44.10 1.85 -40.52
N GLU B 153 -43.77 2.93 -39.78
CA GLU B 153 -44.10 3.00 -38.36
C GLU B 153 -45.58 2.76 -38.13
N ASN B 154 -46.42 3.62 -38.68
CA ASN B 154 -47.78 3.23 -38.95
C ASN B 154 -47.77 1.97 -39.78
N PHE B 155 -48.65 1.04 -39.45
CA PHE B 155 -48.66 -0.20 -40.22
C PHE B 155 -49.50 -0.06 -41.48
N HIS B 156 -49.71 1.15 -41.95
CA HIS B 156 -50.22 1.34 -43.28
C HIS B 156 -49.24 0.75 -44.29
N PRO B 157 -49.71 0.11 -45.36
CA PRO B 157 -48.78 -0.49 -46.33
C PRO B 157 -47.93 0.58 -47.01
N LEU B 158 -46.78 0.14 -47.52
CA LEU B 158 -45.80 1.03 -48.15
C LEU B 158 -45.29 0.40 -49.42
N ASN B 159 -45.42 1.13 -50.53
CA ASN B 159 -44.85 0.73 -51.81
C ASN B 159 -43.43 1.26 -51.92
N GLU B 160 -42.53 0.41 -52.42
CA GLU B 160 -41.12 0.77 -52.35
C GLU B 160 -40.29 -0.20 -53.17
N LEU B 161 -39.22 0.32 -53.73
CA LEU B 161 -38.22 -0.47 -54.44
C LEU B 161 -37.34 -1.18 -53.42
N ILE B 162 -37.18 -2.49 -53.60
CA ILE B 162 -36.29 -3.31 -52.80
C ILE B 162 -35.02 -3.56 -53.59
N PRO B 163 -33.83 -3.39 -53.00
CA PRO B 163 -32.63 -3.78 -53.73
C PRO B 163 -32.51 -5.28 -53.95
N LEU B 164 -32.62 -6.11 -52.90
CA LEU B 164 -32.28 -7.51 -53.11
C LEU B 164 -33.08 -8.44 -52.23
N VAL B 165 -33.40 -9.60 -52.78
CA VAL B 165 -33.82 -10.77 -52.03
C VAL B 165 -33.22 -11.99 -52.70
N TYR B 166 -32.91 -13.01 -51.91
CA TYR B 166 -32.31 -14.20 -52.50
C TYR B 166 -32.49 -15.40 -51.59
N ILE B 167 -32.30 -16.57 -52.18
CA ILE B 167 -32.38 -17.84 -51.50
C ILE B 167 -30.98 -18.43 -51.46
N GLN B 168 -30.60 -18.91 -50.29
CA GLN B 168 -29.24 -19.34 -49.99
C GLN B 168 -29.25 -20.80 -49.58
N ASP B 169 -28.32 -21.54 -50.14
CA ASP B 169 -28.07 -22.96 -49.99
C ASP B 169 -27.14 -23.19 -48.80
N PRO B 170 -27.29 -24.31 -48.05
CA PRO B 170 -26.64 -24.41 -46.73
C PRO B 170 -25.11 -24.26 -46.69
N LYS B 171 -24.42 -24.37 -47.83
CA LYS B 171 -22.95 -24.36 -47.80
C LYS B 171 -22.36 -22.96 -47.84
N GLY B 172 -23.08 -21.94 -47.41
CA GLY B 172 -22.69 -20.58 -47.67
C GLY B 172 -22.83 -20.16 -49.12
N ASN B 173 -23.41 -21.03 -49.95
CA ASN B 173 -23.57 -20.79 -51.38
C ASN B 173 -25.02 -20.39 -51.65
N ARG B 174 -25.29 -19.90 -52.85
CA ARG B 174 -26.59 -19.35 -53.19
C ARG B 174 -27.28 -20.29 -54.16
N ILE B 175 -28.62 -20.24 -54.20
CA ILE B 175 -29.41 -21.08 -55.09
C ILE B 175 -30.28 -20.21 -55.98
N ALA B 176 -30.65 -19.02 -55.51
CA ALA B 176 -31.51 -18.19 -56.36
C ALA B 176 -31.44 -16.76 -55.88
N GLN B 177 -31.87 -15.83 -56.75
CA GLN B 177 -31.71 -14.41 -56.45
C GLN B 177 -32.64 -13.58 -57.31
N TRP B 178 -33.14 -12.49 -56.73
CA TRP B 178 -33.95 -11.50 -57.43
C TRP B 178 -33.57 -10.14 -56.88
N GLN B 179 -33.54 -9.15 -57.76
CA GLN B 179 -32.97 -7.86 -57.45
C GLN B 179 -33.81 -6.73 -58.01
N SER B 180 -33.81 -5.61 -57.28
CA SER B 180 -34.29 -4.34 -57.79
C SER B 180 -35.74 -4.41 -58.23
N PHE B 181 -36.64 -4.64 -57.28
CA PHE B 181 -38.04 -4.90 -57.58
C PHE B 181 -38.93 -4.12 -56.62
N GLN B 182 -40.04 -3.62 -57.14
CA GLN B 182 -40.83 -2.64 -56.43
C GLN B 182 -42.15 -3.23 -55.96
N LEU B 183 -42.42 -3.08 -54.67
CA LEU B 183 -43.73 -3.40 -54.11
C LEU B 183 -44.71 -2.28 -54.41
N GLU B 184 -45.88 -2.68 -54.87
CA GLU B 184 -46.99 -1.85 -55.30
C GLU B 184 -48.21 -2.06 -54.44
N GLY B 185 -48.42 -3.28 -53.97
CA GLY B 185 -49.47 -3.57 -53.04
C GLY B 185 -48.87 -3.70 -51.65
N GLY B 186 -47.67 -3.14 -51.47
CA GLY B 186 -46.93 -3.35 -50.25
C GLY B 186 -46.42 -4.76 -50.05
N LEU B 187 -46.62 -5.66 -51.02
CA LEU B 187 -46.08 -6.99 -50.95
C LEU B 187 -45.74 -7.45 -52.35
N LYS B 188 -45.15 -8.64 -52.39
CA LYS B 188 -44.99 -9.34 -53.65
C LYS B 188 -44.80 -10.81 -53.35
N GLN B 189 -44.95 -11.62 -54.37
CA GLN B 189 -44.82 -13.07 -54.32
C GLN B 189 -43.71 -13.51 -55.24
N PHE B 190 -43.03 -14.59 -54.84
CA PHE B 190 -42.02 -15.22 -55.66
C PHE B 190 -42.11 -16.71 -55.49
N SER B 191 -41.53 -17.41 -56.46
CA SER B 191 -41.39 -18.85 -56.39
C SER B 191 -40.02 -19.22 -56.92
N PHE B 192 -39.65 -20.45 -56.67
CA PHE B 192 -38.41 -20.97 -57.21
C PHE B 192 -38.47 -22.49 -57.19
N PRO B 193 -38.13 -23.17 -58.29
CA PRO B 193 -38.17 -24.63 -58.27
C PRO B 193 -36.86 -25.24 -57.83
N LEU B 194 -36.96 -26.33 -57.08
CA LEU B 194 -35.78 -27.05 -56.63
C LEU B 194 -35.48 -28.23 -57.55
N SER B 195 -34.22 -28.64 -57.54
CA SER B 195 -33.77 -29.72 -58.41
C SER B 195 -34.30 -31.06 -57.91
N SER B 196 -33.85 -32.12 -58.57
CA SER B 196 -34.18 -33.47 -58.15
C SER B 196 -33.18 -34.00 -57.13
N GLU B 197 -31.94 -33.51 -57.15
CA GLU B 197 -30.91 -33.91 -56.21
C GLU B 197 -30.09 -32.70 -55.77
N PRO B 198 -30.71 -31.74 -55.09
CA PRO B 198 -29.95 -30.64 -54.53
C PRO B 198 -29.36 -31.03 -53.18
N PHE B 199 -28.81 -30.04 -52.50
CA PHE B 199 -28.34 -30.26 -51.15
C PHE B 199 -29.52 -30.26 -50.19
N GLN B 200 -29.37 -30.97 -49.08
CA GLN B 200 -30.37 -31.05 -48.03
C GLN B 200 -29.94 -30.22 -46.85
N GLY B 201 -30.93 -29.82 -46.03
CA GLY B 201 -30.68 -29.13 -44.78
C GLY B 201 -31.48 -27.85 -44.69
N SER B 202 -30.97 -26.94 -43.88
CA SER B 202 -31.67 -25.71 -43.57
C SER B 202 -31.33 -24.65 -44.62
N TYR B 203 -32.19 -24.54 -45.64
CA TYR B 203 -32.04 -23.49 -46.61
C TYR B 203 -32.57 -22.18 -46.02
N LYS B 204 -32.23 -21.06 -46.63
CA LYS B 204 -32.62 -19.77 -46.09
C LYS B 204 -33.09 -18.89 -47.22
N VAL B 205 -33.87 -17.87 -46.87
CA VAL B 205 -34.12 -16.75 -47.74
C VAL B 205 -33.80 -15.48 -46.98
N VAL B 206 -33.33 -14.48 -47.70
CA VAL B 206 -32.73 -13.30 -47.11
C VAL B 206 -33.13 -12.12 -47.96
N VAL B 207 -33.32 -10.99 -47.31
CA VAL B 207 -33.59 -9.73 -47.98
C VAL B 207 -32.56 -8.72 -47.53
N GLN B 208 -32.20 -7.83 -48.44
CA GLN B 208 -31.28 -6.75 -48.17
C GLN B 208 -31.90 -5.48 -48.71
N LYS B 209 -31.93 -4.47 -47.85
CA LYS B 209 -32.55 -3.19 -48.09
C LYS B 209 -31.49 -2.16 -48.44
N LYS B 210 -31.97 -1.01 -48.90
CA LYS B 210 -31.06 0.04 -49.34
C LYS B 210 -30.22 0.58 -48.20
N SER B 211 -30.67 0.38 -46.96
CA SER B 211 -29.95 0.89 -45.80
C SER B 211 -28.72 0.06 -45.49
N GLY B 212 -28.63 -1.14 -46.06
CA GLY B 212 -27.72 -2.14 -45.58
C GLY B 212 -28.30 -3.04 -44.52
N GLY B 213 -29.55 -2.80 -44.13
CA GLY B 213 -30.22 -3.72 -43.25
C GLY B 213 -30.63 -4.98 -43.98
N ARG B 214 -30.48 -6.10 -43.27
CA ARG B 214 -30.74 -7.42 -43.81
C ARG B 214 -31.73 -8.12 -42.91
N THR B 215 -32.55 -8.98 -43.53
CA THR B 215 -33.51 -9.79 -42.79
C THR B 215 -33.51 -11.18 -43.37
N GLU B 216 -34.01 -12.12 -42.60
CA GLU B 216 -33.91 -13.52 -42.91
C GLU B 216 -35.20 -14.24 -42.59
N HIS B 217 -35.43 -15.32 -43.32
CA HIS B 217 -36.51 -16.24 -43.03
C HIS B 217 -36.04 -17.62 -43.47
N PRO B 218 -35.79 -18.53 -42.55
CA PRO B 218 -35.30 -19.84 -42.96
C PRO B 218 -36.41 -20.75 -43.43
N PHE B 219 -35.99 -21.93 -43.87
CA PHE B 219 -36.90 -23.00 -44.22
C PHE B 219 -36.06 -24.23 -44.50
N THR B 220 -36.56 -25.38 -44.10
CA THR B 220 -35.79 -26.61 -44.23
C THR B 220 -36.15 -27.25 -45.55
N VAL B 221 -35.27 -28.12 -46.01
CA VAL B 221 -35.47 -28.88 -47.23
C VAL B 221 -34.89 -30.27 -47.00
N GLU B 222 -35.69 -31.30 -47.25
CA GLU B 222 -35.30 -32.67 -46.98
C GLU B 222 -36.45 -33.60 -47.37
N GLU B 223 -36.14 -34.88 -47.49
CA GLU B 223 -37.16 -35.89 -47.69
C GLU B 223 -37.89 -36.15 -46.39
N PHE B 224 -39.11 -36.67 -46.50
CA PHE B 224 -39.92 -36.99 -45.32
C PHE B 224 -41.19 -37.69 -45.79
N VAL B 225 -42.00 -38.09 -44.81
CA VAL B 225 -43.30 -38.68 -45.04
C VAL B 225 -44.34 -37.74 -44.47
N LEU B 226 -45.59 -37.93 -44.88
CA LEU B 226 -46.68 -37.08 -44.46
C LEU B 226 -47.34 -37.68 -43.23
N PRO B 227 -47.29 -37.04 -42.07
CA PRO B 227 -47.94 -37.63 -40.90
C PRO B 227 -49.45 -37.61 -41.03
N LYS B 228 -50.08 -38.48 -40.25
CA LYS B 228 -51.54 -38.58 -40.18
C LYS B 228 -52.02 -38.71 -38.73
N PHE B 229 -51.24 -38.21 -37.78
CA PHE B 229 -51.65 -38.14 -36.38
C PHE B 229 -50.69 -37.22 -35.66
N GLU B 230 -51.08 -36.82 -34.45
CA GLU B 230 -50.20 -36.06 -33.57
C GLU B 230 -50.42 -36.50 -32.14
N VAL B 231 -49.36 -36.95 -31.51
CA VAL B 231 -49.43 -37.22 -30.09
C VAL B 231 -49.56 -35.91 -29.34
N GLN B 232 -50.15 -35.98 -28.15
CA GLN B 232 -50.18 -34.82 -27.27
C GLN B 232 -50.27 -35.30 -25.84
N VAL B 233 -49.43 -34.76 -24.99
CA VAL B 233 -49.44 -35.06 -23.57
C VAL B 233 -50.22 -33.99 -22.85
N THR B 234 -50.80 -34.39 -21.73
CA THR B 234 -51.24 -33.48 -20.69
C THR B 234 -50.43 -33.81 -19.46
N VAL B 235 -49.89 -32.79 -18.82
CA VAL B 235 -49.05 -32.96 -17.64
C VAL B 235 -48.84 -31.56 -17.08
N PRO B 236 -48.46 -31.40 -15.81
CA PRO B 236 -48.01 -30.09 -15.35
C PRO B 236 -46.95 -29.49 -16.26
N LYS B 237 -47.32 -28.38 -16.88
CA LYS B 237 -46.32 -27.53 -17.49
C LYS B 237 -45.34 -27.00 -16.47
N ILE B 238 -45.75 -26.96 -15.21
CA ILE B 238 -44.93 -26.45 -14.13
C ILE B 238 -45.12 -27.41 -12.97
N ILE B 239 -44.02 -28.01 -12.53
CA ILE B 239 -43.98 -28.92 -11.39
C ILE B 239 -42.99 -28.35 -10.40
N THR B 240 -43.29 -28.50 -9.11
CA THR B 240 -42.50 -27.88 -8.06
C THR B 240 -41.87 -28.95 -7.17
N ILE B 241 -41.30 -28.47 -6.07
CA ILE B 241 -40.64 -29.35 -5.12
C ILE B 241 -41.66 -30.24 -4.44
N LEU B 242 -42.65 -29.62 -3.79
CA LEU B 242 -43.54 -30.32 -2.89
C LEU B 242 -44.54 -31.11 -3.70
N GLU B 243 -44.02 -32.13 -4.37
CA GLU B 243 -44.77 -32.92 -5.32
C GLU B 243 -44.43 -34.37 -5.11
N GLU B 244 -45.43 -35.15 -4.73
CA GLU B 244 -45.28 -36.58 -4.54
C GLU B 244 -45.67 -37.37 -5.77
N GLU B 245 -46.52 -36.80 -6.62
CA GLU B 245 -47.05 -37.49 -7.76
C GLU B 245 -47.29 -36.49 -8.89
N MET B 246 -47.82 -37.02 -10.00
CA MET B 246 -48.06 -36.23 -11.17
C MET B 246 -49.13 -36.88 -12.04
N ASN B 247 -50.13 -36.10 -12.39
CA ASN B 247 -51.06 -36.52 -13.43
C ASN B 247 -50.35 -36.47 -14.77
N VAL B 248 -50.63 -37.44 -15.62
CA VAL B 248 -50.08 -37.49 -16.97
C VAL B 248 -51.14 -38.11 -17.85
N SER B 249 -51.18 -37.72 -19.11
CA SER B 249 -52.12 -38.33 -20.02
C SER B 249 -51.64 -38.16 -21.44
N VAL B 250 -52.03 -39.09 -22.29
CA VAL B 250 -51.55 -39.19 -23.64
C VAL B 250 -52.75 -39.29 -24.54
N CYS B 251 -52.89 -38.34 -25.45
CA CYS B 251 -54.02 -38.28 -26.36
C CYS B 251 -53.47 -37.98 -27.74
N GLY B 252 -53.63 -38.94 -28.65
CA GLY B 252 -53.15 -38.80 -30.00
C GLY B 252 -54.26 -38.43 -30.95
N LEU B 253 -54.31 -37.16 -31.32
CA LEU B 253 -55.27 -36.75 -32.32
C LEU B 253 -54.93 -37.40 -33.65
N TYR B 254 -55.95 -37.51 -34.49
CA TYR B 254 -55.83 -38.16 -35.79
C TYR B 254 -56.44 -37.28 -36.87
N THR B 255 -56.59 -37.84 -38.06
CA THR B 255 -57.30 -37.16 -39.14
C THR B 255 -58.71 -36.87 -38.68
N TYR B 256 -59.11 -35.60 -38.78
CA TYR B 256 -60.41 -35.15 -38.30
C TYR B 256 -60.51 -35.33 -36.78
N GLY B 257 -59.38 -35.26 -36.09
CA GLY B 257 -59.34 -35.32 -34.64
C GLY B 257 -59.97 -36.57 -34.07
N LYS B 258 -60.00 -37.63 -34.86
CA LYS B 258 -60.65 -38.86 -34.46
C LYS B 258 -59.73 -39.66 -33.56
N PRO B 259 -60.26 -40.61 -32.81
CA PRO B 259 -59.38 -41.41 -31.95
C PRO B 259 -58.62 -42.44 -32.75
N VAL B 260 -57.38 -42.67 -32.32
CA VAL B 260 -56.47 -43.61 -32.97
C VAL B 260 -56.18 -44.74 -31.98
N PRO B 261 -56.19 -46.00 -32.40
CA PRO B 261 -55.79 -47.09 -31.51
C PRO B 261 -54.32 -47.43 -31.69
N GLY B 262 -53.78 -48.10 -30.67
CA GLY B 262 -52.44 -48.66 -30.82
C GLY B 262 -51.70 -48.80 -29.52
N HIS B 263 -50.45 -48.34 -29.48
CA HIS B 263 -49.62 -48.42 -28.29
C HIS B 263 -49.03 -47.05 -28.01
N VAL B 264 -48.84 -46.78 -26.73
CA VAL B 264 -48.22 -45.57 -26.24
C VAL B 264 -47.09 -45.95 -25.31
N THR B 265 -46.07 -45.13 -25.26
CA THR B 265 -45.05 -45.27 -24.24
C THR B 265 -44.47 -43.89 -23.99
N VAL B 266 -44.52 -43.45 -22.76
CA VAL B 266 -43.95 -42.18 -22.36
C VAL B 266 -42.67 -42.46 -21.62
N SER B 267 -41.76 -41.50 -21.69
CA SER B 267 -40.50 -41.49 -20.96
C SER B 267 -40.45 -40.13 -20.31
N ILE B 268 -41.00 -40.05 -19.13
CA ILE B 268 -40.79 -38.90 -18.28
C ILE B 268 -39.35 -38.98 -17.79
N CYS B 269 -38.72 -37.84 -17.52
CA CYS B 269 -37.29 -37.87 -17.28
C CYS B 269 -36.84 -36.67 -16.49
N ARG B 270 -35.89 -36.93 -15.59
CA ARG B 270 -35.04 -35.94 -14.98
C ARG B 270 -33.70 -35.99 -15.67
N LYS B 271 -32.92 -34.92 -15.53
CA LYS B 271 -31.67 -34.77 -16.25
C LYS B 271 -30.56 -34.36 -15.30
N TYR B 272 -29.32 -34.49 -15.79
CA TYR B 272 -28.14 -33.99 -15.12
C TYR B 272 -27.98 -34.72 -13.79
N SER B 273 -27.77 -36.03 -13.87
CA SER B 273 -27.45 -36.85 -12.70
C SER B 273 -25.98 -36.63 -12.34
N ASP B 274 -25.43 -37.48 -11.48
CA ASP B 274 -24.01 -37.40 -11.12
C ASP B 274 -23.08 -37.95 -12.21
N ALA B 275 -23.61 -38.27 -13.39
CA ALA B 275 -22.79 -38.76 -14.49
C ALA B 275 -21.81 -37.68 -14.95
N SER B 276 -20.77 -38.11 -15.65
CA SER B 276 -19.70 -37.21 -16.07
C SER B 276 -20.04 -36.40 -17.32
N ASP B 277 -21.21 -36.65 -17.94
CA ASP B 277 -21.57 -36.19 -19.28
C ASP B 277 -20.43 -36.36 -20.28
N CYS B 278 -19.65 -37.43 -20.13
CA CYS B 278 -18.47 -37.69 -20.93
C CYS B 278 -17.98 -39.08 -20.55
N HIS B 279 -17.06 -39.60 -21.35
CA HIS B 279 -16.60 -40.98 -21.19
C HIS B 279 -17.78 -41.96 -21.26
N GLY B 280 -18.65 -41.75 -22.24
CA GLY B 280 -19.80 -42.60 -22.42
C GLY B 280 -20.83 -42.51 -21.31
N GLU B 281 -20.73 -41.52 -20.44
CA GLU B 281 -21.65 -41.41 -19.31
C GLU B 281 -22.83 -40.53 -19.69
N ASP B 282 -24.02 -41.14 -19.75
CA ASP B 282 -25.24 -40.43 -20.12
C ASP B 282 -25.56 -39.43 -19.01
N SER B 283 -25.73 -38.17 -19.38
CA SER B 283 -26.13 -37.15 -18.41
C SER B 283 -27.56 -37.34 -17.93
N GLN B 284 -28.33 -38.23 -18.54
CA GLN B 284 -29.73 -38.39 -18.17
C GLN B 284 -29.83 -39.00 -16.79
N ALA B 285 -30.59 -38.34 -15.93
CA ALA B 285 -30.99 -38.89 -14.66
C ALA B 285 -32.21 -39.76 -14.88
N PHE B 286 -32.90 -40.11 -13.80
CA PHE B 286 -33.96 -41.10 -13.80
C PHE B 286 -35.00 -40.83 -14.88
N CYS B 287 -35.02 -41.72 -15.87
CA CYS B 287 -36.01 -41.71 -16.93
C CYS B 287 -36.98 -42.85 -16.65
N GLU B 288 -38.21 -42.50 -16.31
CA GLU B 288 -39.24 -43.48 -15.99
C GLU B 288 -40.15 -43.64 -17.19
N LYS B 289 -40.39 -44.90 -17.53
CA LYS B 289 -41.09 -45.28 -18.73
C LYS B 289 -42.44 -45.89 -18.35
N PHE B 290 -43.49 -45.42 -19.01
CA PHE B 290 -44.82 -45.96 -18.78
C PHE B 290 -45.44 -46.33 -20.10
N SER B 291 -45.84 -47.58 -20.22
CA SER B 291 -46.48 -48.11 -21.41
C SER B 291 -47.99 -47.93 -21.32
N GLY B 292 -48.64 -48.14 -22.45
CA GLY B 292 -50.08 -48.18 -22.48
C GLY B 292 -50.55 -48.77 -23.79
N GLN B 293 -51.68 -49.45 -23.74
CA GLN B 293 -52.41 -49.82 -24.94
C GLN B 293 -53.41 -48.70 -25.20
N LEU B 294 -53.13 -47.88 -26.19
CA LEU B 294 -54.01 -46.77 -26.49
C LEU B 294 -55.32 -47.32 -27.01
N ASN B 295 -56.34 -47.20 -26.17
CA ASN B 295 -57.67 -47.73 -26.39
C ASN B 295 -58.28 -47.24 -27.68
N SER B 296 -59.43 -47.85 -28.03
CA SER B 296 -60.13 -47.48 -29.25
C SER B 296 -60.76 -46.10 -29.12
N HIS B 297 -61.37 -45.80 -27.98
CA HIS B 297 -62.09 -44.56 -27.76
C HIS B 297 -61.51 -43.85 -26.54
N GLY B 298 -61.43 -42.53 -26.62
CA GLY B 298 -60.82 -41.77 -25.57
C GLY B 298 -59.32 -41.77 -25.72
N CYS B 299 -58.65 -41.54 -24.59
CA CYS B 299 -57.21 -41.37 -24.59
C CYS B 299 -56.64 -41.93 -23.30
N PHE B 300 -55.34 -42.15 -23.30
CA PHE B 300 -54.65 -42.85 -22.24
C PHE B 300 -54.34 -41.91 -21.08
N TYR B 301 -54.30 -42.46 -19.88
CA TYR B 301 -53.98 -41.73 -18.66
C TYR B 301 -52.93 -42.48 -17.86
N GLN B 302 -52.28 -41.75 -16.95
CA GLN B 302 -51.34 -42.37 -16.03
C GLN B 302 -50.96 -41.40 -14.92
N GLN B 303 -51.05 -41.84 -13.67
CA GLN B 303 -50.64 -41.06 -12.52
C GLN B 303 -49.34 -41.64 -11.98
N VAL B 304 -48.34 -40.79 -11.88
CA VAL B 304 -46.97 -41.22 -11.62
C VAL B 304 -46.55 -40.67 -10.26
N LYS B 305 -45.46 -41.21 -9.71
CA LYS B 305 -44.94 -40.81 -8.41
C LYS B 305 -43.54 -40.24 -8.57
N THR B 306 -43.31 -39.11 -7.91
CA THR B 306 -42.08 -38.34 -8.08
C THR B 306 -41.00 -38.71 -7.07
N LYS B 307 -41.17 -39.80 -6.32
CA LYS B 307 -40.17 -40.21 -5.35
C LYS B 307 -38.89 -40.64 -6.05
N VAL B 308 -39.02 -41.20 -7.25
CA VAL B 308 -37.85 -41.63 -8.00
C VAL B 308 -37.09 -40.45 -8.58
N PHE B 309 -37.61 -39.24 -8.45
CA PHE B 309 -37.02 -38.08 -9.07
C PHE B 309 -36.22 -37.23 -8.10
N GLN B 310 -36.55 -37.26 -6.81
CA GLN B 310 -35.73 -36.61 -5.79
C GLN B 310 -35.64 -35.11 -6.05
N LEU B 311 -36.78 -34.47 -5.84
CA LEU B 311 -37.03 -33.13 -6.38
C LEU B 311 -36.22 -32.13 -5.56
N LYS B 312 -34.91 -32.17 -5.75
CA LYS B 312 -33.98 -31.54 -4.83
C LYS B 312 -32.89 -30.81 -5.60
N ARG B 313 -31.87 -30.41 -4.84
CA ARG B 313 -30.88 -29.42 -5.25
C ARG B 313 -30.25 -29.74 -6.59
N LYS B 314 -29.80 -30.97 -6.77
CA LYS B 314 -28.85 -31.31 -7.83
C LYS B 314 -29.45 -32.33 -8.75
N GLU B 315 -30.73 -32.16 -9.04
CA GLU B 315 -31.42 -32.98 -10.03
C GLU B 315 -32.29 -31.99 -10.81
N TYR B 316 -31.92 -31.77 -12.07
CA TYR B 316 -32.36 -30.60 -12.82
C TYR B 316 -33.61 -30.88 -13.64
N GLU B 317 -33.98 -29.96 -14.55
CA GLU B 317 -35.35 -29.83 -15.04
C GLU B 317 -35.88 -31.08 -15.74
N MET B 318 -37.17 -31.06 -16.09
CA MET B 318 -37.97 -32.25 -16.29
C MET B 318 -38.44 -32.35 -17.73
N LYS B 319 -37.92 -33.31 -18.47
CA LYS B 319 -38.22 -33.49 -19.88
C LYS B 319 -39.06 -34.74 -20.06
N LEU B 320 -40.06 -34.67 -20.93
CA LEU B 320 -41.03 -35.74 -21.03
C LEU B 320 -41.25 -36.03 -22.50
N HIS B 321 -40.90 -37.23 -22.89
CA HIS B 321 -40.81 -37.59 -24.29
C HIS B 321 -41.77 -38.74 -24.48
N THR B 322 -42.83 -38.45 -25.20
CA THR B 322 -43.98 -39.35 -25.29
C THR B 322 -44.10 -39.85 -26.70
N GLU B 323 -44.13 -41.17 -26.85
CA GLU B 323 -43.91 -41.85 -28.10
C GLU B 323 -45.08 -42.76 -28.35
N ALA B 324 -45.91 -42.40 -29.32
CA ALA B 324 -47.05 -43.21 -29.68
C ALA B 324 -46.69 -44.01 -30.91
N GLN B 325 -46.76 -45.32 -30.77
CA GLN B 325 -46.61 -46.25 -31.86
C GLN B 325 -48.01 -46.62 -32.33
N ILE B 326 -48.40 -46.06 -33.46
CA ILE B 326 -49.69 -46.39 -34.03
C ILE B 326 -49.59 -47.77 -34.68
N GLN B 327 -50.58 -48.60 -34.34
CA GLN B 327 -50.72 -49.97 -34.82
C GLN B 327 -51.04 -49.99 -36.31
N GLU B 328 -50.93 -51.19 -36.89
CA GLU B 328 -51.06 -51.53 -38.31
C GLU B 328 -50.14 -50.72 -39.23
N GLU B 329 -49.21 -49.95 -38.68
CA GLU B 329 -48.14 -49.30 -39.40
C GLU B 329 -46.81 -49.46 -38.71
N GLY B 330 -46.80 -49.87 -37.45
CA GLY B 330 -45.60 -49.81 -36.64
C GLY B 330 -45.07 -48.40 -36.48
N THR B 331 -45.88 -47.38 -36.75
CA THR B 331 -45.33 -46.05 -36.98
C THR B 331 -45.31 -45.30 -35.67
N VAL B 332 -44.12 -44.95 -35.21
CA VAL B 332 -43.95 -44.28 -33.94
C VAL B 332 -43.63 -42.82 -34.20
N VAL B 333 -44.16 -41.95 -33.35
CA VAL B 333 -43.80 -40.55 -33.36
C VAL B 333 -43.78 -40.04 -31.92
N GLU B 334 -42.88 -39.09 -31.67
CA GLU B 334 -42.61 -38.58 -30.34
C GLU B 334 -42.99 -37.11 -30.24
N LEU B 335 -43.27 -36.69 -29.01
CA LEU B 335 -43.40 -35.28 -28.66
C LEU B 335 -42.55 -35.01 -27.43
N THR B 336 -41.76 -33.95 -27.51
CA THR B 336 -40.97 -33.44 -26.40
C THR B 336 -41.82 -32.42 -25.69
N GLY B 337 -41.97 -32.56 -24.37
CA GLY B 337 -42.93 -31.78 -23.64
C GLY B 337 -42.43 -31.40 -22.25
N ARG B 338 -42.84 -30.19 -21.87
CA ARG B 338 -42.78 -29.67 -20.51
C ARG B 338 -41.38 -29.77 -19.93
N GLN B 339 -40.38 -29.66 -20.82
CA GLN B 339 -38.98 -29.66 -20.45
C GLN B 339 -38.67 -28.71 -19.31
N SER B 340 -39.35 -27.57 -19.28
CA SER B 340 -39.08 -26.48 -18.33
C SER B 340 -40.07 -26.45 -17.18
N SER B 341 -40.53 -27.61 -16.72
CA SER B 341 -41.42 -27.63 -15.56
C SER B 341 -40.65 -27.10 -14.37
N GLU B 342 -41.02 -25.90 -13.92
CA GLU B 342 -40.15 -25.12 -13.06
C GLU B 342 -40.16 -25.71 -11.66
N ILE B 343 -39.24 -26.63 -11.44
CA ILE B 343 -39.02 -27.14 -10.10
C ILE B 343 -38.25 -26.05 -9.40
N THR B 344 -38.98 -25.15 -8.76
CA THR B 344 -38.43 -23.90 -8.25
C THR B 344 -38.19 -23.99 -6.76
N ARG B 345 -37.16 -23.28 -6.32
CA ARG B 345 -36.93 -23.14 -4.89
C ARG B 345 -37.97 -22.24 -4.24
N THR B 346 -38.45 -21.25 -4.98
CA THR B 346 -39.34 -20.23 -4.43
C THR B 346 -40.76 -20.73 -4.42
N ILE B 347 -41.20 -21.22 -3.26
CA ILE B 347 -42.52 -21.80 -3.08
C ILE B 347 -43.38 -20.79 -2.35
N THR B 348 -44.68 -20.84 -2.61
CA THR B 348 -45.63 -19.90 -2.00
C THR B 348 -45.32 -18.48 -2.47
N LYS B 349 -45.15 -18.31 -3.78
CA LYS B 349 -44.76 -17.02 -4.32
C LYS B 349 -45.95 -16.11 -4.48
N LEU B 350 -45.96 -15.04 -3.69
CA LEU B 350 -47.00 -14.04 -3.80
C LEU B 350 -46.58 -13.02 -4.85
N SER B 351 -47.44 -12.03 -5.11
CA SER B 351 -47.26 -11.17 -6.27
C SER B 351 -47.69 -9.73 -6.03
N PHE B 352 -47.31 -8.83 -6.93
CA PHE B 352 -47.90 -7.51 -7.06
C PHE B 352 -48.82 -7.54 -8.28
N VAL B 353 -49.74 -6.59 -8.34
CA VAL B 353 -50.53 -6.37 -9.55
C VAL B 353 -50.51 -4.90 -9.92
N LYS B 354 -50.93 -4.06 -8.99
CA LYS B 354 -51.18 -2.65 -9.22
C LYS B 354 -50.55 -1.96 -8.04
N VAL B 355 -49.29 -1.62 -8.22
CA VAL B 355 -48.49 -0.93 -7.23
C VAL B 355 -48.18 0.43 -7.81
N ASP B 356 -48.58 1.47 -7.12
CA ASP B 356 -48.03 2.77 -7.43
C ASP B 356 -46.52 2.69 -7.22
N SER B 357 -45.80 3.02 -8.27
CA SER B 357 -44.36 3.21 -8.13
C SER B 357 -44.00 4.32 -7.16
N HIS B 358 -44.94 5.21 -6.84
CA HIS B 358 -44.63 6.43 -6.08
C HIS B 358 -45.69 6.68 -5.02
N PHE B 359 -45.33 7.56 -4.09
CA PHE B 359 -46.17 7.97 -2.99
C PHE B 359 -45.89 9.47 -2.86
N ARG B 360 -46.67 10.20 -2.05
CA ARG B 360 -46.36 11.61 -1.84
C ARG B 360 -46.61 12.02 -0.39
N GLN B 361 -45.97 13.12 0.00
CA GLN B 361 -45.98 13.64 1.36
C GLN B 361 -47.36 14.04 1.84
N GLY B 362 -48.31 14.21 0.92
CA GLY B 362 -49.61 14.72 1.28
C GLY B 362 -50.70 13.80 0.81
N ILE B 363 -50.50 12.48 0.89
CA ILE B 363 -51.49 11.62 0.23
C ILE B 363 -51.54 10.21 0.80
N PRO B 364 -52.68 9.51 0.72
CA PRO B 364 -52.63 8.05 0.85
C PRO B 364 -52.48 7.38 -0.49
N PHE B 365 -51.53 6.46 -0.60
CA PHE B 365 -51.48 5.56 -1.74
C PHE B 365 -51.99 4.21 -1.28
N PHE B 366 -52.61 3.49 -2.18
CA PHE B 366 -53.18 2.19 -1.88
C PHE B 366 -52.79 1.21 -2.96
N GLY B 367 -51.94 0.26 -2.59
CA GLY B 367 -51.50 -0.77 -3.49
C GLY B 367 -52.45 -1.96 -3.41
N GLN B 368 -52.90 -2.40 -4.58
CA GLN B 368 -53.57 -3.69 -4.68
C GLN B 368 -52.54 -4.74 -5.06
N VAL B 369 -52.62 -5.87 -4.38
CA VAL B 369 -51.57 -6.86 -4.34
C VAL B 369 -52.24 -8.22 -4.27
N ARG B 370 -52.02 -9.03 -5.28
CA ARG B 370 -52.55 -10.39 -5.25
C ARG B 370 -51.53 -11.30 -4.60
N LEU B 371 -51.97 -12.53 -4.36
CA LEU B 371 -51.12 -13.57 -3.83
C LEU B 371 -51.40 -14.85 -4.60
N VAL B 372 -50.34 -15.57 -4.89
CA VAL B 372 -50.39 -16.80 -5.65
C VAL B 372 -49.37 -17.74 -5.02
N ASP B 373 -49.33 -18.97 -5.52
CA ASP B 373 -48.25 -19.87 -5.19
C ASP B 373 -48.03 -20.81 -6.36
N GLY B 374 -46.77 -21.14 -6.60
CA GLY B 374 -46.43 -22.31 -7.36
C GLY B 374 -47.00 -22.36 -8.75
N LYS B 375 -48.05 -23.18 -8.89
CA LYS B 375 -48.67 -23.42 -10.19
C LYS B 375 -49.12 -22.12 -10.82
N GLY B 376 -49.61 -21.19 -10.00
CA GLY B 376 -50.17 -19.95 -10.49
C GLY B 376 -51.61 -19.80 -10.05
N VAL B 377 -51.96 -20.46 -8.95
CA VAL B 377 -53.33 -20.45 -8.45
C VAL B 377 -53.35 -19.62 -7.17
N PRO B 378 -54.24 -18.65 -7.02
CA PRO B 378 -54.28 -17.91 -5.76
C PRO B 378 -54.86 -18.76 -4.64
N ILE B 379 -54.43 -18.44 -3.42
CA ILE B 379 -54.85 -19.14 -2.21
C ILE B 379 -55.88 -18.28 -1.49
N PRO B 380 -56.98 -18.86 -0.97
CA PRO B 380 -57.94 -18.02 -0.25
C PRO B 380 -57.71 -18.05 1.24
N ASN B 381 -58.04 -16.95 1.91
CA ASN B 381 -58.02 -16.89 3.36
C ASN B 381 -56.64 -17.28 3.91
N LYS B 382 -55.65 -16.44 3.64
CA LYS B 382 -54.32 -16.68 4.21
C LYS B 382 -53.71 -15.40 4.74
N VAL B 383 -53.52 -15.34 6.06
CA VAL B 383 -52.97 -14.15 6.69
C VAL B 383 -51.59 -13.84 6.12
N ILE B 384 -51.25 -12.56 6.15
CA ILE B 384 -49.97 -12.06 5.69
C ILE B 384 -49.59 -10.86 6.53
N PHE B 385 -48.31 -10.49 6.44
CA PHE B 385 -47.78 -9.34 7.14
C PHE B 385 -47.15 -8.39 6.14
N ILE B 386 -47.35 -7.10 6.37
CA ILE B 386 -47.04 -6.05 5.43
C ILE B 386 -46.27 -4.98 6.18
N ARG B 387 -45.03 -4.75 5.77
CA ARG B 387 -44.15 -3.82 6.46
C ARG B 387 -43.82 -2.68 5.51
N GLY B 388 -44.33 -1.51 5.84
CA GLY B 388 -44.04 -0.27 5.15
C GLY B 388 -43.06 0.52 5.97
N ASN B 389 -41.81 0.48 5.54
CA ASN B 389 -40.71 1.02 6.30
C ASN B 389 -40.41 2.43 5.86
N GLU B 390 -40.25 3.29 6.88
CA GLU B 390 -40.17 4.73 6.84
C GLU B 390 -41.58 5.30 6.68
N ALA B 391 -42.60 4.45 6.82
CA ALA B 391 -43.93 4.87 7.29
C ALA B 391 -44.30 4.18 8.59
N ASN B 392 -43.51 3.19 9.04
CA ASN B 392 -43.76 2.48 10.30
C ASN B 392 -45.14 1.84 10.28
N TYR B 393 -45.45 1.26 9.13
CA TYR B 393 -46.76 0.69 8.86
C TYR B 393 -46.57 -0.83 8.82
N TYR B 394 -46.60 -1.44 9.98
CA TYR B 394 -46.56 -2.89 10.11
C TYR B 394 -47.99 -3.34 10.35
N SER B 395 -48.63 -3.79 9.27
CA SER B 395 -50.03 -4.15 9.32
C SER B 395 -50.23 -5.52 8.69
N ASN B 396 -51.16 -6.26 9.25
CA ASN B 396 -51.50 -7.58 8.75
C ASN B 396 -52.64 -7.48 7.76
N ALA B 397 -52.83 -8.54 7.01
CA ALA B 397 -53.99 -8.68 6.15
C ALA B 397 -54.17 -10.16 5.87
N THR B 398 -55.01 -10.50 4.90
CA THR B 398 -55.18 -11.88 4.51
C THR B 398 -55.52 -11.97 3.04
N THR B 399 -55.35 -13.18 2.52
CA THR B 399 -55.65 -13.52 1.14
C THR B 399 -57.11 -13.91 1.05
N ASP B 400 -57.80 -13.31 0.09
CA ASP B 400 -59.19 -13.59 -0.24
C ASP B 400 -59.26 -14.59 -1.38
N GLU B 401 -60.48 -14.81 -1.91
CA GLU B 401 -60.69 -15.80 -2.96
C GLU B 401 -59.80 -15.57 -4.18
N HIS B 402 -59.48 -14.31 -4.46
CA HIS B 402 -58.58 -13.96 -5.54
C HIS B 402 -57.19 -13.60 -5.04
N GLY B 403 -56.90 -13.88 -3.77
CA GLY B 403 -55.58 -13.60 -3.24
C GLY B 403 -55.27 -12.12 -3.11
N LEU B 404 -56.27 -11.27 -3.28
CA LEU B 404 -56.07 -9.84 -3.38
C LEU B 404 -56.20 -9.15 -2.05
N VAL B 405 -55.37 -8.14 -1.87
CA VAL B 405 -55.42 -7.25 -0.72
C VAL B 405 -55.16 -5.85 -1.27
N GLN B 406 -55.90 -4.89 -0.77
CA GLN B 406 -55.78 -3.52 -1.24
C GLN B 406 -55.39 -2.71 -0.02
N PHE B 407 -54.11 -2.76 0.28
CA PHE B 407 -53.60 -2.10 1.46
C PHE B 407 -53.47 -0.62 1.14
N SER B 408 -53.84 0.20 2.11
CA SER B 408 -53.77 1.65 1.98
C SER B 408 -52.83 2.18 3.04
N ILE B 409 -52.03 3.17 2.66
CA ILE B 409 -51.05 3.76 3.55
C ILE B 409 -51.09 5.27 3.37
N ASN B 410 -51.37 5.97 4.46
CA ASN B 410 -51.23 7.42 4.52
C ASN B 410 -49.75 7.78 4.49
N THR B 411 -49.47 8.91 3.85
CA THR B 411 -48.10 9.33 3.57
C THR B 411 -47.99 10.80 3.92
N THR B 412 -47.34 11.03 5.08
CA THR B 412 -46.79 12.27 5.60
C THR B 412 -45.51 11.85 6.32
N ASN B 413 -44.41 11.86 5.58
CA ASN B 413 -43.25 11.06 5.99
C ASN B 413 -42.01 11.60 5.27
N VAL B 414 -40.92 10.85 5.40
CA VAL B 414 -39.61 11.18 4.83
C VAL B 414 -39.49 10.77 3.36
N MET B 415 -38.37 11.17 2.74
CA MET B 415 -38.14 11.14 1.30
C MET B 415 -38.56 9.86 0.57
N GLY B 416 -37.95 8.72 0.90
CA GLY B 416 -38.12 7.52 0.09
C GLY B 416 -38.58 6.33 0.91
N THR B 417 -39.55 5.58 0.41
CA THR B 417 -40.23 4.55 1.18
C THR B 417 -39.91 3.17 0.64
N SER B 418 -39.83 2.20 1.56
CA SER B 418 -39.62 0.82 1.17
C SER B 418 -40.80 0.00 1.67
N LEU B 419 -41.19 -1.00 0.90
CA LEU B 419 -42.36 -1.79 1.20
C LEU B 419 -42.08 -3.26 0.95
N THR B 420 -42.59 -4.08 1.85
CA THR B 420 -42.49 -5.51 1.68
C THR B 420 -43.73 -6.18 2.23
N VAL B 421 -44.00 -7.38 1.70
CA VAL B 421 -45.07 -8.21 2.23
C VAL B 421 -44.63 -9.66 2.19
N ARG B 422 -45.10 -10.41 3.17
CA ARG B 422 -44.75 -11.81 3.32
C ARG B 422 -45.93 -12.58 3.88
N VAL B 423 -45.83 -13.90 3.76
CA VAL B 423 -46.72 -14.83 4.43
C VAL B 423 -45.93 -15.55 5.53
N ASN B 424 -44.61 -15.66 5.35
CA ASN B 424 -43.68 -16.18 6.34
C ASN B 424 -42.62 -15.13 6.63
N TYR B 425 -41.60 -15.49 7.41
CA TYR B 425 -40.64 -14.52 7.90
C TYR B 425 -39.40 -14.44 7.00
N LYS B 426 -38.55 -13.46 7.28
CA LYS B 426 -37.38 -13.11 6.48
C LYS B 426 -36.26 -14.13 6.63
N ASP B 427 -36.54 -15.38 6.27
CA ASP B 427 -35.55 -16.46 6.18
C ASP B 427 -36.24 -17.69 5.63
N ARG B 428 -35.47 -18.59 5.03
CA ARG B 428 -36.03 -19.83 4.47
C ARG B 428 -36.09 -20.86 5.59
N SER B 429 -37.06 -20.65 6.49
CA SER B 429 -37.11 -21.21 7.84
C SER B 429 -36.63 -22.66 7.97
N PRO B 430 -37.12 -23.63 7.16
CA PRO B 430 -36.65 -25.00 7.36
C PRO B 430 -35.33 -25.26 6.66
N CYS B 431 -34.25 -25.34 7.43
CA CYS B 431 -32.93 -25.78 6.96
C CYS B 431 -32.47 -25.01 5.73
N TYR B 432 -32.20 -23.71 5.94
CA TYR B 432 -31.65 -22.89 4.87
C TYR B 432 -30.12 -22.91 4.83
N GLY B 433 -29.45 -23.04 5.97
CA GLY B 433 -28.00 -23.09 5.97
C GLY B 433 -27.44 -24.50 5.99
N TYR B 434 -27.18 -25.05 4.79
CA TYR B 434 -26.39 -26.27 4.65
C TYR B 434 -25.41 -26.24 3.49
N GLN B 435 -25.61 -25.39 2.48
CA GLN B 435 -24.95 -25.38 1.18
C GLN B 435 -25.49 -26.50 0.29
N TRP B 436 -26.43 -27.30 0.77
CA TRP B 436 -26.95 -28.45 0.06
C TRP B 436 -28.46 -28.50 0.23
N VAL B 437 -29.08 -27.34 0.08
CA VAL B 437 -30.49 -27.15 0.35
C VAL B 437 -31.16 -26.70 -0.94
N SER B 438 -32.46 -26.99 -1.05
CA SER B 438 -33.22 -26.65 -2.26
C SER B 438 -34.64 -26.29 -1.83
N GLU B 439 -34.85 -25.00 -1.55
CA GLU B 439 -36.15 -24.45 -1.18
C GLU B 439 -36.03 -22.95 -0.99
N GLU B 440 -37.13 -22.23 -1.18
CA GLU B 440 -37.17 -20.79 -0.94
C GLU B 440 -38.63 -20.35 -0.91
N HIS B 441 -38.85 -19.11 -0.51
CA HIS B 441 -40.17 -18.49 -0.54
C HIS B 441 -40.01 -17.05 -1.00
N GLU B 442 -40.84 -16.62 -1.93
CA GLU B 442 -40.75 -15.26 -2.43
C GLU B 442 -41.13 -14.27 -1.34
N GLU B 443 -40.62 -13.06 -1.49
CA GLU B 443 -40.96 -11.93 -0.64
C GLU B 443 -41.36 -10.78 -1.55
N ALA B 444 -42.57 -10.25 -1.34
CA ALA B 444 -42.91 -9.00 -2.01
C ALA B 444 -41.93 -7.94 -1.60
N HIS B 445 -41.23 -7.41 -2.58
CA HIS B 445 -40.31 -6.30 -2.40
C HIS B 445 -40.70 -5.20 -3.36
N HIS B 446 -40.63 -3.96 -2.88
CA HIS B 446 -40.88 -2.83 -3.75
C HIS B 446 -40.38 -1.59 -3.05
N THR B 447 -39.98 -0.61 -3.86
CA THR B 447 -39.54 0.68 -3.37
C THR B 447 -40.27 1.77 -4.14
N ALA B 448 -40.45 2.90 -3.48
CA ALA B 448 -41.10 4.03 -4.14
C ALA B 448 -40.46 5.32 -3.69
N TYR B 449 -40.47 6.29 -4.61
CA TYR B 449 -39.94 7.63 -4.43
C TYR B 449 -41.09 8.60 -4.61
N LEU B 450 -40.93 9.79 -4.06
CA LEU B 450 -41.97 10.82 -4.12
C LEU B 450 -41.63 11.85 -5.18
N VAL B 451 -42.63 12.65 -5.48
CA VAL B 451 -42.47 13.74 -6.41
C VAL B 451 -41.80 14.93 -5.72
N PHE B 452 -41.19 15.78 -6.52
CA PHE B 452 -40.91 17.14 -6.14
C PHE B 452 -42.11 18.00 -6.55
N SER B 453 -42.69 18.69 -5.58
CA SER B 453 -43.83 19.57 -5.83
C SER B 453 -43.69 20.77 -4.90
N PRO B 454 -42.92 21.79 -5.31
CA PRO B 454 -42.68 22.92 -4.40
C PRO B 454 -43.94 23.70 -4.12
N SER B 455 -44.89 23.64 -5.03
CA SER B 455 -46.23 24.14 -4.78
C SER B 455 -46.89 23.42 -3.62
N LYS B 456 -46.48 22.17 -3.35
CA LYS B 456 -47.14 21.27 -2.42
C LYS B 456 -48.47 20.78 -2.97
N SER B 457 -48.69 20.94 -4.26
CA SER B 457 -49.83 20.38 -4.96
C SER B 457 -49.33 19.28 -5.87
N PHE B 458 -50.20 18.35 -6.21
CA PHE B 458 -49.79 17.34 -7.18
C PHE B 458 -50.99 16.54 -7.63
N VAL B 459 -50.80 15.87 -8.76
CA VAL B 459 -51.84 15.07 -9.39
C VAL B 459 -51.23 13.69 -9.59
N HIS B 460 -51.66 12.76 -8.76
CA HIS B 460 -51.41 11.36 -9.00
C HIS B 460 -52.64 10.76 -9.65
N LEU B 461 -52.46 9.59 -10.24
CA LEU B 461 -53.50 8.92 -10.99
C LEU B 461 -53.70 7.52 -10.47
N GLU B 462 -54.97 7.14 -10.29
CA GLU B 462 -55.31 5.75 -10.09
C GLU B 462 -55.64 5.16 -11.47
N PRO B 463 -54.78 4.30 -12.00
CA PRO B 463 -55.09 3.59 -13.25
C PRO B 463 -55.77 2.26 -13.10
N MET B 464 -56.10 1.67 -14.25
CA MET B 464 -56.50 0.28 -14.36
C MET B 464 -55.28 -0.55 -14.75
N SER B 465 -54.28 -0.48 -13.88
CA SER B 465 -52.97 -1.01 -14.23
C SER B 465 -53.00 -2.53 -14.30
N HIS B 466 -53.54 -3.01 -15.41
CA HIS B 466 -53.39 -4.39 -15.85
C HIS B 466 -53.76 -4.45 -17.33
N GLU B 467 -53.97 -5.65 -17.85
CA GLU B 467 -54.22 -5.88 -19.27
C GLU B 467 -55.35 -5.00 -19.80
N LEU B 468 -55.10 -4.33 -20.95
CA LEU B 468 -55.98 -3.32 -21.51
C LEU B 468 -56.62 -3.84 -22.80
N PRO B 469 -57.93 -4.07 -22.87
CA PRO B 469 -58.52 -4.55 -24.12
C PRO B 469 -58.55 -3.48 -25.18
N CYS B 470 -58.97 -3.89 -26.38
CA CYS B 470 -58.97 -3.05 -27.56
C CYS B 470 -60.39 -2.83 -28.06
N GLY B 471 -60.54 -1.79 -28.87
CA GLY B 471 -61.83 -1.46 -29.40
C GLY B 471 -62.82 -1.04 -28.36
N HIS B 472 -62.38 -0.37 -27.29
CA HIS B 472 -63.28 -0.11 -26.18
C HIS B 472 -62.85 1.14 -25.44
N THR B 473 -63.81 1.80 -24.82
CA THR B 473 -63.48 2.94 -23.99
C THR B 473 -63.11 2.47 -22.59
N GLN B 474 -62.36 3.30 -21.88
CA GLN B 474 -62.01 3.01 -20.51
C GLN B 474 -61.84 4.30 -19.77
N THR B 475 -62.21 4.30 -18.50
CA THR B 475 -62.07 5.45 -17.64
C THR B 475 -60.97 5.19 -16.62
N VAL B 476 -60.02 6.05 -16.62
CA VAL B 476 -59.00 6.14 -15.59
C VAL B 476 -59.48 7.20 -14.62
N GLN B 477 -58.99 7.18 -13.37
CA GLN B 477 -59.37 8.20 -12.42
C GLN B 477 -58.12 8.85 -11.85
N ALA B 478 -58.30 10.06 -11.34
CA ALA B 478 -57.20 10.93 -11.01
C ALA B 478 -57.45 11.58 -9.68
N HIS B 479 -56.43 11.54 -8.84
CA HIS B 479 -56.42 12.19 -7.55
C HIS B 479 -55.55 13.43 -7.73
N TYR B 480 -56.22 14.50 -8.13
CA TYR B 480 -55.64 15.82 -8.20
C TYR B 480 -55.80 16.47 -6.83
N ILE B 481 -54.80 17.22 -6.41
CA ILE B 481 -54.89 17.99 -5.17
C ILE B 481 -54.08 19.26 -5.33
N LEU B 482 -54.56 20.31 -4.68
CA LEU B 482 -54.08 21.66 -4.92
C LEU B 482 -53.80 22.35 -3.60
N ASN B 483 -52.52 22.46 -3.26
CA ASN B 483 -52.11 23.31 -2.17
C ASN B 483 -52.55 24.73 -2.46
N GLY B 484 -53.53 25.21 -1.70
CA GLY B 484 -54.01 26.55 -1.85
C GLY B 484 -54.77 26.83 -3.13
N GLY B 485 -54.91 25.85 -4.01
CA GLY B 485 -55.54 26.15 -5.27
C GLY B 485 -54.74 27.17 -6.03
N THR B 486 -55.44 27.94 -6.85
CA THR B 486 -54.82 29.08 -7.47
C THR B 486 -54.55 30.14 -6.41
N LEU B 487 -53.33 30.63 -6.37
CA LEU B 487 -52.99 31.65 -5.38
C LEU B 487 -53.68 32.96 -5.72
N LEU B 488 -53.40 33.50 -6.91
CA LEU B 488 -54.14 34.64 -7.44
C LEU B 488 -54.93 34.27 -8.68
N GLY B 489 -54.23 33.93 -9.76
CA GLY B 489 -54.76 33.36 -10.99
C GLY B 489 -56.11 33.84 -11.46
N LEU B 490 -56.96 32.88 -11.78
CA LEU B 490 -58.34 33.13 -12.20
C LEU B 490 -59.19 32.05 -11.55
N LYS B 491 -60.44 31.90 -12.01
CA LYS B 491 -61.31 30.94 -11.33
C LYS B 491 -60.91 29.51 -11.67
N LYS B 492 -61.06 29.10 -12.91
CA LYS B 492 -60.89 27.70 -13.23
C LYS B 492 -59.44 27.41 -13.53
N LEU B 493 -59.17 26.14 -13.81
CA LEU B 493 -57.84 25.65 -14.09
C LEU B 493 -57.95 24.61 -15.18
N SER B 494 -56.80 24.11 -15.65
CA SER B 494 -56.78 23.18 -16.76
C SER B 494 -55.77 22.07 -16.59
N PHE B 495 -56.21 20.91 -17.07
CA PHE B 495 -55.47 19.66 -17.14
C PHE B 495 -55.29 19.34 -18.62
N TYR B 496 -54.22 18.64 -18.97
CA TYR B 496 -53.90 18.32 -20.35
C TYR B 496 -53.28 16.94 -20.40
N TYR B 497 -53.90 16.02 -21.14
CA TYR B 497 -53.43 14.65 -21.18
C TYR B 497 -53.03 14.27 -22.59
N LEU B 498 -52.05 13.37 -22.64
CA LEU B 498 -51.48 12.88 -23.88
C LEU B 498 -51.33 11.38 -23.80
N ILE B 499 -51.77 10.70 -24.84
CA ILE B 499 -51.62 9.27 -24.97
C ILE B 499 -50.59 9.04 -26.06
N MET B 500 -49.46 8.46 -25.67
CA MET B 500 -48.30 8.27 -26.52
C MET B 500 -48.21 6.80 -26.94
N ALA B 501 -47.83 6.60 -28.20
CA ALA B 501 -47.83 5.30 -28.84
C ALA B 501 -46.66 5.20 -29.80
N LYS B 502 -46.05 4.02 -29.80
CA LYS B 502 -45.00 3.65 -30.74
C LYS B 502 -43.88 4.68 -30.75
N GLY B 503 -43.56 5.15 -29.55
CA GLY B 503 -42.47 6.06 -29.35
C GLY B 503 -42.70 7.46 -29.87
N GLY B 504 -43.90 7.72 -30.40
CA GLY B 504 -44.21 9.00 -30.99
C GLY B 504 -45.28 9.74 -30.24
N ILE B 505 -46.45 9.85 -30.86
CA ILE B 505 -47.66 10.43 -30.29
C ILE B 505 -48.79 9.73 -31.02
N VAL B 506 -49.95 9.56 -30.37
CA VAL B 506 -51.16 9.17 -31.09
C VAL B 506 -52.32 10.11 -30.74
N ARG B 507 -52.66 10.28 -29.45
CA ARG B 507 -53.88 11.01 -29.09
C ARG B 507 -53.61 12.04 -28.01
N THR B 508 -54.54 12.99 -27.91
CA THR B 508 -54.36 14.16 -27.07
C THR B 508 -55.71 14.72 -26.67
N GLY B 509 -55.73 15.38 -25.50
CA GLY B 509 -56.88 16.19 -25.14
C GLY B 509 -56.60 16.96 -23.86
N THR B 510 -57.67 17.55 -23.33
CA THR B 510 -57.56 18.42 -22.17
C THR B 510 -58.87 18.41 -21.41
N HIS B 511 -58.86 19.12 -20.28
CA HIS B 511 -60.06 19.29 -19.47
C HIS B 511 -59.82 20.39 -18.45
N GLY B 512 -60.68 21.41 -18.48
CA GLY B 512 -60.65 22.47 -17.51
C GLY B 512 -61.75 22.27 -16.48
N LEU B 513 -61.55 22.88 -15.32
CA LEU B 513 -62.51 22.72 -14.24
C LEU B 513 -62.48 23.93 -13.33
N LEU B 514 -63.66 24.34 -12.89
CA LEU B 514 -63.78 25.39 -11.88
C LEU B 514 -63.18 24.89 -10.58
N VAL B 515 -62.23 25.63 -10.04
CA VAL B 515 -61.61 25.23 -8.79
C VAL B 515 -62.48 25.69 -7.64
N LYS B 516 -62.52 24.88 -6.58
CA LYS B 516 -63.01 25.39 -5.31
C LYS B 516 -62.13 26.55 -4.88
N GLN B 517 -62.70 27.44 -4.08
CA GLN B 517 -62.14 28.77 -3.92
C GLN B 517 -60.70 28.75 -3.42
N GLU B 518 -60.43 28.00 -2.34
CA GLU B 518 -59.06 27.85 -1.85
C GLU B 518 -58.78 26.43 -1.37
N ASP B 519 -59.52 25.44 -1.85
CA ASP B 519 -59.61 24.15 -1.19
C ASP B 519 -59.02 23.04 -2.05
N MET B 520 -58.88 21.86 -1.43
CA MET B 520 -58.34 20.66 -2.06
C MET B 520 -59.41 19.70 -2.52
N LYS B 521 -59.66 19.63 -3.82
CA LYS B 521 -60.61 18.68 -4.37
C LYS B 521 -59.89 17.48 -4.94
N GLY B 522 -60.36 16.29 -4.56
CA GLY B 522 -59.61 15.08 -4.80
C GLY B 522 -59.85 14.38 -6.11
N HIS B 523 -61.09 14.00 -6.38
CA HIS B 523 -61.36 12.98 -7.38
C HIS B 523 -61.85 13.58 -8.68
N PHE B 524 -61.39 13.01 -9.79
CA PHE B 524 -62.00 13.32 -11.07
C PHE B 524 -61.55 12.30 -12.10
N SER B 525 -62.46 11.90 -12.97
CA SER B 525 -62.20 10.81 -13.90
C SER B 525 -61.97 11.32 -15.31
N ILE B 526 -61.48 10.42 -16.14
CA ILE B 526 -61.24 10.68 -17.56
C ILE B 526 -61.47 9.41 -18.33
N SER B 527 -62.34 9.49 -19.32
CA SER B 527 -62.62 8.36 -20.20
C SER B 527 -61.91 8.60 -21.52
N ILE B 528 -61.47 7.51 -22.14
CA ILE B 528 -60.71 7.61 -23.39
C ILE B 528 -60.89 6.33 -24.18
N PRO B 529 -60.82 6.43 -25.51
CA PRO B 529 -61.09 5.27 -26.34
C PRO B 529 -59.85 4.47 -26.68
N VAL B 530 -60.09 3.19 -26.91
CA VAL B 530 -59.07 2.19 -27.20
C VAL B 530 -59.48 1.51 -28.48
N LYS B 531 -59.82 2.30 -29.49
CA LYS B 531 -60.07 1.74 -30.80
C LYS B 531 -58.86 0.94 -31.28
N SER B 532 -57.77 1.64 -31.61
CA SER B 532 -56.56 1.04 -32.16
C SER B 532 -55.51 2.13 -32.32
N ASP B 533 -54.52 1.86 -33.15
CA ASP B 533 -53.59 2.91 -33.57
C ASP B 533 -52.67 3.27 -32.43
N ILE B 534 -52.41 2.29 -31.58
CA ILE B 534 -51.73 2.52 -30.33
C ILE B 534 -50.91 1.28 -30.03
N ALA B 535 -49.72 1.52 -29.51
CA ALA B 535 -48.75 0.47 -29.28
C ALA B 535 -49.32 -0.55 -28.32
N PRO B 536 -48.74 -1.76 -28.25
CA PRO B 536 -49.16 -2.69 -27.18
C PRO B 536 -48.97 -2.10 -25.80
N VAL B 537 -48.11 -1.11 -25.67
CA VAL B 537 -48.07 -0.22 -24.53
C VAL B 537 -48.79 1.06 -24.91
N ALA B 538 -49.43 1.68 -23.94
CA ALA B 538 -50.03 3.00 -24.09
C ALA B 538 -49.50 3.85 -22.95
N ARG B 539 -48.63 4.81 -23.27
CA ARG B 539 -48.03 5.67 -22.27
C ARG B 539 -48.90 6.91 -22.16
N LEU B 540 -49.82 6.90 -21.22
CA LEU B 540 -50.64 8.06 -20.95
C LEU B 540 -49.99 8.90 -19.87
N LEU B 541 -50.00 10.20 -20.06
CA LEU B 541 -49.69 11.13 -19.00
C LEU B 541 -50.71 12.24 -19.01
N ILE B 542 -50.66 13.03 -17.95
CA ILE B 542 -51.47 14.22 -17.83
C ILE B 542 -50.71 15.23 -17.00
N TYR B 543 -51.08 16.49 -17.13
CA TYR B 543 -50.44 17.54 -16.36
C TYR B 543 -51.35 18.75 -16.29
N ALA B 544 -51.39 19.34 -15.11
CA ALA B 544 -52.20 20.52 -14.83
C ALA B 544 -51.28 21.71 -14.67
N VAL B 545 -51.79 22.89 -15.03
CA VAL B 545 -50.94 24.07 -15.16
C VAL B 545 -51.50 25.19 -14.30
N LEU B 546 -50.60 26.01 -13.76
CA LEU B 546 -50.92 27.06 -12.83
C LEU B 546 -50.36 28.41 -13.31
N PRO B 547 -51.21 29.48 -13.45
CA PRO B 547 -50.73 30.76 -14.02
C PRO B 547 -49.55 31.41 -13.32
N THR B 548 -49.20 30.95 -12.12
CA THR B 548 -48.03 31.45 -11.42
C THR B 548 -46.73 30.94 -12.03
N GLY B 549 -46.79 30.13 -13.08
CA GLY B 549 -45.62 29.51 -13.62
C GLY B 549 -45.40 28.12 -13.10
N ASP B 550 -46.45 27.48 -12.57
CA ASP B 550 -46.29 26.20 -11.91
C ASP B 550 -47.07 25.14 -12.66
N VAL B 551 -46.85 23.88 -12.28
CA VAL B 551 -47.29 22.76 -13.08
C VAL B 551 -47.14 21.49 -12.25
N ILE B 552 -48.00 20.53 -12.55
CA ILE B 552 -47.93 19.21 -11.95
C ILE B 552 -48.39 18.23 -13.01
N GLY B 553 -48.27 16.95 -12.71
CA GLY B 553 -48.72 15.95 -13.64
C GLY B 553 -48.19 14.59 -13.23
N ASP B 554 -48.53 13.60 -14.04
CA ASP B 554 -48.22 12.22 -13.70
C ASP B 554 -48.51 11.35 -14.91
N SER B 555 -47.73 10.28 -15.01
CA SER B 555 -47.68 9.40 -16.16
C SER B 555 -48.64 8.22 -15.98
N ALA B 556 -48.57 7.31 -16.94
CA ALA B 556 -49.31 6.07 -16.86
C ALA B 556 -48.82 5.14 -17.95
N LYS B 557 -49.24 3.89 -17.84
CA LYS B 557 -48.80 2.82 -18.71
C LYS B 557 -49.94 1.82 -18.76
N TYR B 558 -50.27 1.38 -19.96
CA TYR B 558 -51.29 0.34 -20.13
C TYR B 558 -50.80 -0.70 -21.10
N ASP B 559 -50.76 -1.95 -20.65
CA ASP B 559 -50.42 -3.03 -21.53
C ASP B 559 -51.58 -3.19 -22.50
N VAL B 560 -51.48 -2.51 -23.63
CA VAL B 560 -52.51 -2.65 -24.65
C VAL B 560 -52.42 -4.05 -25.22
N GLU B 561 -53.54 -4.74 -25.23
CA GLU B 561 -53.61 -6.06 -25.85
C GLU B 561 -53.22 -5.94 -27.32
N ASN B 562 -52.56 -6.96 -27.84
CA ASN B 562 -52.10 -6.90 -29.22
C ASN B 562 -53.30 -6.94 -30.14
N CYS B 563 -53.58 -5.81 -30.79
CA CYS B 563 -54.84 -5.61 -31.47
C CYS B 563 -54.68 -4.55 -32.54
N LEU B 564 -55.36 -4.78 -33.65
CA LEU B 564 -55.12 -4.06 -34.87
C LEU B 564 -56.28 -3.13 -35.17
N ALA B 565 -55.99 -2.14 -36.02
CA ALA B 565 -57.01 -1.22 -36.47
C ALA B 565 -57.94 -1.89 -37.48
N ASN B 566 -57.40 -2.31 -38.61
CA ASN B 566 -58.23 -2.92 -39.63
C ASN B 566 -58.70 -4.27 -39.12
N LYS B 567 -59.96 -4.32 -38.72
CA LYS B 567 -60.56 -5.61 -38.43
C LYS B 567 -60.60 -6.42 -39.71
N VAL B 568 -60.48 -7.73 -39.53
CA VAL B 568 -60.50 -8.66 -40.63
C VAL B 568 -61.14 -9.93 -40.13
N ASP B 569 -61.69 -10.71 -41.06
CA ASP B 569 -62.21 -12.00 -40.66
C ASP B 569 -62.25 -12.90 -41.87
N LEU B 570 -62.40 -14.18 -41.60
CA LEU B 570 -62.47 -15.20 -42.61
C LEU B 570 -63.64 -16.10 -42.32
N SER B 571 -64.02 -16.86 -43.33
CA SER B 571 -64.90 -17.99 -43.16
C SER B 571 -64.78 -18.87 -44.38
N PHE B 572 -65.64 -19.87 -44.45
CA PHE B 572 -65.64 -20.78 -45.58
C PHE B 572 -66.99 -21.49 -45.60
N SER B 573 -67.41 -21.90 -46.78
CA SER B 573 -68.50 -22.86 -46.84
C SER B 573 -68.03 -24.12 -46.14
N PRO B 574 -68.84 -24.74 -45.30
CA PRO B 574 -68.32 -25.69 -44.30
C PRO B 574 -67.64 -26.90 -44.88
N SER B 575 -67.11 -27.73 -43.98
CA SER B 575 -66.45 -28.97 -44.34
C SER B 575 -67.35 -29.84 -45.19
N GLN B 576 -66.72 -30.76 -45.92
CA GLN B 576 -67.41 -31.56 -46.93
C GLN B 576 -66.76 -32.93 -46.99
N SER B 577 -67.15 -33.69 -48.01
CA SER B 577 -66.61 -35.01 -48.24
C SER B 577 -65.36 -34.90 -49.11
N LEU B 578 -64.90 -36.05 -49.61
CA LEU B 578 -63.54 -36.17 -50.14
C LEU B 578 -63.32 -35.40 -51.45
N PRO B 579 -63.97 -35.75 -52.59
CA PRO B 579 -63.75 -34.94 -53.81
C PRO B 579 -64.73 -33.79 -53.92
N ALA B 580 -65.37 -33.41 -52.82
CA ALA B 580 -66.50 -32.49 -52.88
C ALA B 580 -66.00 -31.11 -53.26
N SER B 581 -65.60 -30.98 -54.53
CA SER B 581 -64.82 -29.88 -55.07
C SER B 581 -65.32 -28.52 -54.62
N HIS B 582 -66.57 -28.21 -54.92
CA HIS B 582 -67.06 -26.87 -54.73
C HIS B 582 -67.07 -26.54 -53.24
N ALA B 583 -66.20 -25.61 -52.86
CA ALA B 583 -66.20 -25.07 -51.52
C ALA B 583 -65.90 -23.60 -51.66
N HIS B 584 -66.06 -22.86 -50.57
CA HIS B 584 -65.83 -21.42 -50.60
C HIS B 584 -64.94 -21.01 -49.45
N LEU B 585 -64.33 -19.85 -49.65
CA LEU B 585 -63.72 -19.11 -48.58
C LEU B 585 -64.28 -17.70 -48.69
N ARG B 586 -64.40 -17.06 -47.56
CA ARG B 586 -64.89 -15.71 -47.49
C ARG B 586 -63.96 -14.92 -46.58
N VAL B 587 -63.89 -13.63 -46.82
CA VAL B 587 -63.17 -12.75 -45.94
C VAL B 587 -63.87 -11.42 -45.85
N THR B 588 -63.82 -10.84 -44.67
CA THR B 588 -64.26 -9.50 -44.38
C THR B 588 -63.04 -8.65 -44.11
N ALA B 589 -63.04 -7.44 -44.67
CA ALA B 589 -62.05 -6.46 -44.31
C ALA B 589 -62.55 -5.10 -44.79
N ALA B 590 -61.68 -4.10 -44.79
CA ALA B 590 -62.00 -2.77 -45.26
C ALA B 590 -62.55 -2.84 -46.70
N PRO B 591 -63.28 -1.81 -47.12
CA PRO B 591 -64.09 -1.95 -48.34
C PRO B 591 -63.30 -1.87 -49.61
N GLN B 592 -62.00 -1.62 -49.54
CA GLN B 592 -61.18 -1.51 -50.74
C GLN B 592 -59.78 -1.96 -50.33
N SER B 593 -59.48 -3.25 -50.53
CA SER B 593 -58.22 -3.76 -49.97
C SER B 593 -57.82 -5.02 -50.70
N VAL B 594 -56.84 -5.72 -50.13
CA VAL B 594 -56.35 -6.98 -50.67
C VAL B 594 -56.10 -7.95 -49.54
N CYS B 595 -55.94 -9.21 -49.89
CA CYS B 595 -55.62 -10.22 -48.90
C CYS B 595 -54.75 -11.31 -49.49
N ALA B 596 -53.82 -11.77 -48.66
CA ALA B 596 -52.92 -12.87 -48.96
C ALA B 596 -53.45 -14.10 -48.25
N LEU B 597 -53.70 -15.13 -49.04
CA LEU B 597 -54.54 -16.24 -48.63
C LEU B 597 -53.72 -17.51 -48.71
N ARG B 598 -53.47 -18.08 -47.55
CA ARG B 598 -52.63 -19.25 -47.39
C ARG B 598 -53.48 -20.35 -46.79
N ALA B 599 -54.16 -21.08 -47.64
CA ALA B 599 -54.71 -22.36 -47.25
C ALA B 599 -53.61 -23.37 -47.44
N VAL B 600 -53.34 -24.16 -46.42
CA VAL B 600 -52.32 -25.20 -46.51
C VAL B 600 -52.84 -26.47 -45.86
N ASP B 601 -52.68 -27.58 -46.57
CA ASP B 601 -52.81 -28.92 -46.02
C ASP B 601 -51.93 -29.06 -44.79
N GLN B 602 -52.54 -29.32 -43.64
CA GLN B 602 -51.87 -29.26 -42.35
C GLN B 602 -51.37 -30.65 -41.93
N SER B 603 -50.36 -31.13 -42.65
CA SER B 603 -49.67 -32.37 -42.33
C SER B 603 -48.18 -32.15 -42.13
N VAL B 604 -47.53 -31.50 -43.08
CA VAL B 604 -46.19 -31.01 -42.80
C VAL B 604 -46.26 -29.97 -41.70
N LEU B 605 -47.31 -29.17 -41.69
CA LEU B 605 -47.43 -28.22 -40.60
C LEU B 605 -47.74 -28.95 -39.32
N LEU B 606 -48.50 -30.05 -39.43
CA LEU B 606 -48.59 -30.98 -38.33
C LEU B 606 -47.23 -31.54 -37.98
N MET B 607 -46.43 -31.87 -38.99
CA MET B 607 -45.11 -32.43 -38.74
C MET B 607 -44.24 -31.39 -38.05
N LYS B 608 -44.18 -30.18 -38.60
CA LYS B 608 -43.42 -29.08 -38.06
C LYS B 608 -44.23 -27.79 -38.11
N PRO B 609 -44.25 -27.01 -37.04
CA PRO B 609 -45.11 -25.83 -37.02
C PRO B 609 -44.65 -24.73 -37.96
N ASP B 610 -45.46 -23.68 -37.96
CA ASP B 610 -45.18 -22.42 -38.59
C ASP B 610 -44.15 -21.68 -37.75
N ALA B 611 -43.95 -20.41 -38.04
CA ALA B 611 -42.94 -19.62 -37.36
C ALA B 611 -43.47 -18.21 -37.16
N GLU B 612 -43.73 -17.87 -35.89
CA GLU B 612 -44.02 -16.52 -35.40
C GLU B 612 -44.87 -15.71 -36.35
N LEU B 613 -46.01 -16.24 -36.72
CA LEU B 613 -46.95 -15.59 -37.61
C LEU B 613 -48.15 -15.14 -36.80
N SER B 614 -48.17 -13.87 -36.44
CA SER B 614 -49.29 -13.32 -35.70
C SER B 614 -49.17 -11.81 -35.64
N ALA B 615 -50.18 -11.19 -35.01
CA ALA B 615 -50.09 -9.78 -34.66
C ALA B 615 -48.92 -9.54 -33.75
N SER B 616 -48.65 -10.48 -32.84
CA SER B 616 -47.47 -10.38 -32.00
C SER B 616 -46.21 -10.37 -32.85
N SER B 617 -46.22 -11.09 -33.97
CA SER B 617 -45.11 -11.01 -34.91
C SER B 617 -44.94 -9.58 -35.39
N VAL B 618 -46.03 -9.00 -35.87
CA VAL B 618 -45.99 -7.63 -36.36
C VAL B 618 -45.48 -6.69 -35.29
N TYR B 619 -45.96 -6.89 -34.07
CA TYR B 619 -45.70 -5.96 -33.00
C TYR B 619 -44.24 -6.02 -32.57
N ASN B 620 -43.72 -7.21 -32.35
CA ASN B 620 -42.35 -7.31 -31.86
C ASN B 620 -41.34 -7.17 -32.99
N LEU B 621 -41.79 -7.30 -34.23
CA LEU B 621 -40.94 -6.89 -35.33
C LEU B 621 -40.74 -5.41 -35.40
N LEU B 622 -41.53 -4.66 -34.66
CA LEU B 622 -41.42 -3.23 -34.66
C LEU B 622 -40.06 -2.80 -34.12
N PRO B 623 -39.50 -1.70 -34.64
CA PRO B 623 -38.29 -1.14 -34.04
C PRO B 623 -38.64 -0.09 -33.02
N GLU B 624 -38.07 -0.18 -31.82
CA GLU B 624 -38.35 0.77 -30.76
C GLU B 624 -39.83 0.71 -30.38
N LYS B 625 -40.21 -0.45 -29.84
CA LYS B 625 -41.51 -0.64 -29.19
C LYS B 625 -41.88 0.55 -28.34
N ASP B 626 -41.06 0.81 -27.33
CA ASP B 626 -41.27 1.88 -26.38
C ASP B 626 -40.13 2.87 -26.46
N LEU B 627 -40.48 4.14 -26.57
CA LEU B 627 -39.54 5.23 -26.36
C LEU B 627 -39.59 5.54 -24.88
N THR B 628 -38.51 5.19 -24.18
CA THR B 628 -38.39 5.38 -22.76
C THR B 628 -36.98 5.88 -22.49
N GLY B 629 -36.87 7.09 -21.97
CA GLY B 629 -35.57 7.70 -21.80
C GLY B 629 -34.96 8.11 -23.12
N PHE B 630 -34.15 9.16 -23.11
CA PHE B 630 -33.48 9.54 -24.33
C PHE B 630 -32.47 8.46 -24.70
N PRO B 631 -32.03 8.43 -25.95
CA PRO B 631 -30.92 7.54 -26.31
C PRO B 631 -29.61 7.87 -25.61
N GLY B 632 -28.60 7.11 -25.96
CA GLY B 632 -27.28 7.25 -25.40
C GLY B 632 -26.50 8.47 -25.87
N PRO B 633 -26.32 8.61 -27.19
CA PRO B 633 -25.40 9.64 -27.71
C PRO B 633 -25.65 11.04 -27.20
N LEU B 634 -26.91 11.36 -26.98
CA LEU B 634 -27.31 12.57 -26.28
C LEU B 634 -27.45 12.23 -24.81
N ASN B 635 -26.85 13.07 -23.97
CA ASN B 635 -26.88 12.81 -22.53
C ASN B 635 -28.09 13.48 -21.89
N ASP B 636 -28.17 14.81 -21.98
CA ASP B 636 -29.15 15.59 -21.25
C ASP B 636 -28.98 17.03 -21.65
N GLN B 637 -29.76 17.90 -21.00
CA GLN B 637 -29.59 19.33 -21.07
C GLN B 637 -29.47 19.86 -19.65
N ASP B 638 -28.40 20.59 -19.37
CA ASP B 638 -28.12 21.08 -18.04
C ASP B 638 -28.65 22.50 -17.88
N ASN B 639 -28.81 22.90 -16.62
CA ASN B 639 -29.20 24.25 -16.26
C ASN B 639 -28.17 24.78 -15.26
N GLU B 640 -28.32 26.04 -14.84
CA GLU B 640 -27.26 26.75 -14.14
C GLU B 640 -27.51 27.01 -12.67
N ASP B 641 -28.74 26.84 -12.16
CA ASP B 641 -29.07 27.30 -10.82
C ASP B 641 -28.34 26.51 -9.74
N CYS B 642 -27.46 27.18 -9.00
CA CYS B 642 -26.73 26.58 -7.87
C CYS B 642 -27.10 27.37 -6.63
N ILE B 643 -27.86 26.74 -5.76
CA ILE B 643 -28.38 27.38 -4.56
C ILE B 643 -27.41 27.12 -3.40
N ASN B 644 -26.25 26.56 -3.70
CA ASN B 644 -25.30 26.20 -2.66
C ASN B 644 -24.80 27.44 -1.94
N ARG B 645 -25.14 27.57 -0.67
CA ARG B 645 -24.65 28.65 0.15
C ARG B 645 -23.19 28.42 0.50
N HIS B 646 -22.53 29.49 0.99
CA HIS B 646 -21.20 29.33 1.55
C HIS B 646 -21.22 28.31 2.67
N ASN B 647 -21.97 28.62 3.73
CA ASN B 647 -22.48 27.63 4.67
C ASN B 647 -23.97 27.52 4.43
N VAL B 648 -24.50 26.30 4.58
CA VAL B 648 -25.82 25.93 4.07
C VAL B 648 -26.93 26.77 4.69
N TYR B 649 -26.63 27.48 5.79
CA TYR B 649 -27.55 28.45 6.38
C TYR B 649 -28.73 27.73 7.03
N ILE B 650 -28.43 26.63 7.72
CA ILE B 650 -29.46 25.71 8.20
C ILE B 650 -29.88 26.21 9.57
N ASN B 651 -30.74 27.21 9.59
CA ASN B 651 -31.19 27.79 10.85
C ASN B 651 -31.93 26.73 11.68
N GLY B 652 -32.25 27.11 12.89
CA GLY B 652 -32.83 26.22 13.87
C GLY B 652 -31.82 25.82 14.92
N ILE B 653 -31.98 24.59 15.40
CA ILE B 653 -31.12 24.10 16.49
C ILE B 653 -29.67 24.02 16.06
N THR B 654 -29.43 23.59 14.82
CA THR B 654 -28.09 23.23 14.40
C THR B 654 -27.92 23.53 12.93
N TYR B 655 -26.65 23.51 12.50
CA TYR B 655 -26.27 23.57 11.10
C TYR B 655 -25.86 22.19 10.62
N THR B 656 -25.92 22.02 9.31
CA THR B 656 -25.71 20.71 8.71
C THR B 656 -25.49 20.90 7.21
N PRO B 657 -24.75 20.00 6.54
CA PRO B 657 -24.22 20.32 5.21
C PRO B 657 -25.22 20.10 4.08
N VAL B 658 -24.77 20.18 2.83
CA VAL B 658 -25.63 19.97 1.68
C VAL B 658 -25.48 18.54 1.18
N SER B 659 -26.39 18.13 0.31
CA SER B 659 -26.32 16.84 -0.35
C SER B 659 -27.38 16.81 -1.45
N SER B 660 -27.19 15.89 -2.40
CA SER B 660 -28.14 15.70 -3.48
C SER B 660 -29.28 14.82 -3.01
N THR B 661 -30.46 15.08 -3.55
CA THR B 661 -31.63 14.31 -3.21
C THR B 661 -31.72 13.06 -4.06
N ASN B 662 -32.86 12.41 -3.97
CA ASN B 662 -33.18 11.26 -4.80
C ASN B 662 -34.71 11.12 -4.78
N GLU B 663 -35.34 11.58 -5.85
CA GLU B 663 -36.81 11.65 -5.88
C GLU B 663 -37.26 11.90 -7.31
N LYS B 664 -38.56 11.75 -7.53
CA LYS B 664 -39.09 11.83 -8.88
C LYS B 664 -39.47 13.28 -9.24
N ASP B 665 -39.39 13.58 -10.53
CA ASP B 665 -39.46 14.92 -11.08
C ASP B 665 -40.31 14.91 -12.35
N MET B 666 -40.81 16.09 -12.70
CA MET B 666 -41.61 16.23 -13.90
C MET B 666 -40.75 16.09 -15.14
N TYR B 667 -39.60 16.75 -15.16
CA TYR B 667 -38.58 16.46 -16.15
C TYR B 667 -38.36 14.97 -16.27
N SER B 668 -38.30 14.27 -15.13
CA SER B 668 -38.12 12.84 -15.18
C SER B 668 -39.37 12.13 -15.67
N PHE B 669 -40.54 12.70 -15.36
CA PHE B 669 -41.77 12.08 -15.83
C PHE B 669 -41.81 12.10 -17.34
N LEU B 670 -41.37 13.20 -17.92
CA LEU B 670 -41.38 13.33 -19.36
C LEU B 670 -40.18 12.63 -19.98
N GLU B 671 -39.17 12.31 -19.18
CA GLU B 671 -38.06 11.53 -19.66
C GLU B 671 -38.47 10.07 -19.83
N ASP B 672 -38.92 9.44 -18.73
CA ASP B 672 -39.33 8.06 -18.86
C ASP B 672 -40.60 7.94 -19.69
N MET B 673 -41.35 9.04 -19.81
CA MET B 673 -42.36 9.11 -20.85
C MET B 673 -41.75 8.78 -22.19
N GLY B 674 -40.58 9.33 -22.46
CA GLY B 674 -39.84 9.08 -23.69
C GLY B 674 -39.49 10.34 -24.45
N LEU B 675 -40.25 11.41 -24.22
CA LEU B 675 -40.14 12.61 -25.05
C LEU B 675 -39.34 13.71 -24.34
N LYS B 676 -39.22 14.84 -25.02
CA LYS B 676 -38.59 16.04 -24.50
C LYS B 676 -39.46 17.23 -24.85
N ALA B 677 -39.30 18.29 -24.08
CA ALA B 677 -40.13 19.46 -24.21
C ALA B 677 -39.35 20.70 -23.82
N PHE B 678 -39.84 21.86 -24.25
CA PHE B 678 -39.34 23.15 -23.82
C PHE B 678 -40.46 23.93 -23.14
N THR B 679 -40.06 24.71 -22.14
CA THR B 679 -40.95 25.51 -21.29
C THR B 679 -40.02 26.41 -20.47
N ASN B 680 -40.63 27.29 -19.67
CA ASN B 680 -39.88 28.10 -18.70
C ASN B 680 -40.16 27.72 -17.25
N SER B 681 -41.27 27.07 -16.97
CA SER B 681 -41.65 26.80 -15.59
C SER B 681 -40.64 25.89 -14.91
N LYS B 682 -40.78 25.81 -13.59
CA LYS B 682 -39.92 24.97 -12.79
C LYS B 682 -40.33 23.52 -13.00
N ILE B 683 -39.65 22.83 -13.90
CA ILE B 683 -39.89 21.43 -14.18
C ILE B 683 -38.89 20.55 -13.49
N ARG B 684 -37.62 20.91 -13.62
CA ARG B 684 -36.54 20.15 -13.04
C ARG B 684 -36.30 20.62 -11.61
N LYS B 685 -35.87 19.70 -10.79
CA LYS B 685 -35.58 20.10 -9.43
C LYS B 685 -34.37 21.03 -9.39
N PRO B 686 -34.30 21.98 -8.45
CA PRO B 686 -33.16 22.91 -8.46
C PRO B 686 -31.88 22.25 -7.99
N LYS B 687 -31.39 21.31 -8.78
CA LYS B 687 -30.15 20.63 -8.45
C LYS B 687 -29.02 21.65 -8.44
N MET B 688 -28.46 21.87 -7.27
CA MET B 688 -27.30 22.73 -7.14
C MET B 688 -26.14 22.20 -7.97
N CYS B 689 -25.13 23.04 -8.08
CA CYS B 689 -23.90 22.69 -8.74
C CYS B 689 -22.95 21.99 -7.76
N PRO B 690 -22.13 21.05 -8.24
CA PRO B 690 -21.28 20.28 -7.32
C PRO B 690 -20.25 21.16 -6.62
N GLN B 691 -19.46 20.52 -5.77
CA GLN B 691 -18.53 21.24 -4.91
C GLN B 691 -17.34 21.73 -5.72
N LEU B 692 -17.04 23.03 -5.58
CA LEU B 692 -15.85 23.61 -6.19
C LEU B 692 -14.57 23.21 -5.47
N GLN B 693 -14.67 22.63 -4.27
CA GLN B 693 -13.49 22.28 -3.51
C GLN B 693 -12.76 21.11 -4.15
N GLN B 694 -11.49 21.32 -4.49
CA GLN B 694 -10.65 20.28 -5.06
C GLN B 694 -9.22 20.56 -4.65
N TYR B 695 -8.30 19.71 -5.11
CA TYR B 695 -6.88 19.83 -4.79
C TYR B 695 -6.12 20.32 -6.02
N THR B 730 -62.96 -42.82 -58.46
CA THR B 730 -63.82 -41.69 -58.16
C THR B 730 -63.04 -40.43 -57.79
N VAL B 731 -61.76 -40.58 -57.43
CA VAL B 731 -60.93 -39.45 -57.04
C VAL B 731 -59.58 -39.57 -57.71
N ARG B 732 -58.95 -38.41 -57.92
CA ARG B 732 -57.62 -38.32 -58.51
C ARG B 732 -56.87 -37.28 -57.69
N LYS B 733 -55.83 -37.74 -57.01
CA LYS B 733 -55.04 -36.89 -56.13
C LYS B 733 -54.54 -35.64 -56.86
N TYR B 734 -54.55 -34.53 -56.13
CA TYR B 734 -54.01 -33.26 -56.55
C TYR B 734 -53.07 -32.81 -55.44
N PHE B 735 -52.34 -31.71 -55.65
CA PHE B 735 -51.10 -31.52 -54.90
C PHE B 735 -51.40 -31.34 -53.40
N PRO B 736 -50.74 -32.08 -52.53
CA PRO B 736 -50.85 -31.80 -51.11
C PRO B 736 -49.79 -30.83 -50.67
N GLU B 737 -49.69 -30.61 -49.36
CA GLU B 737 -48.75 -29.70 -48.73
C GLU B 737 -49.06 -28.25 -49.05
N THR B 738 -50.17 -27.99 -49.71
CA THR B 738 -50.62 -26.66 -50.05
C THR B 738 -52.00 -26.87 -50.66
N TRP B 739 -52.91 -25.92 -50.40
CA TRP B 739 -54.21 -25.91 -51.09
C TRP B 739 -54.36 -24.61 -51.84
N ILE B 740 -54.16 -23.49 -51.15
CA ILE B 740 -54.38 -22.18 -51.72
C ILE B 740 -53.24 -21.28 -51.32
N TRP B 741 -52.76 -20.53 -52.29
CA TRP B 741 -51.66 -19.61 -52.08
C TRP B 741 -51.88 -18.51 -53.12
N ASP B 742 -52.59 -17.46 -52.72
CA ASP B 742 -52.99 -16.50 -53.73
C ASP B 742 -53.23 -15.14 -53.10
N LEU B 743 -53.36 -14.14 -53.97
CA LEU B 743 -53.79 -12.80 -53.61
C LEU B 743 -55.21 -12.62 -54.08
N VAL B 744 -55.91 -11.72 -53.41
CA VAL B 744 -57.30 -11.43 -53.77
C VAL B 744 -57.58 -10.01 -53.37
N VAL B 745 -58.69 -9.49 -53.89
CA VAL B 745 -59.10 -8.12 -53.63
C VAL B 745 -60.41 -8.13 -52.87
N VAL B 746 -60.50 -7.24 -51.87
CA VAL B 746 -61.71 -7.05 -51.10
C VAL B 746 -62.42 -5.84 -51.67
N ASN B 747 -63.61 -6.11 -52.20
CA ASN B 747 -64.54 -5.11 -52.67
C ASN B 747 -65.15 -4.42 -51.45
N SER B 748 -66.16 -3.58 -51.68
CA SER B 748 -66.83 -2.88 -50.59
C SER B 748 -67.92 -3.72 -49.95
N ALA B 749 -67.85 -5.04 -50.08
CA ALA B 749 -68.83 -5.94 -49.46
C ALA B 749 -68.16 -7.20 -48.92
N GLY B 750 -66.84 -7.22 -48.79
CA GLY B 750 -66.16 -8.43 -48.38
C GLY B 750 -66.13 -9.42 -49.53
N VAL B 751 -65.13 -10.26 -49.55
CA VAL B 751 -64.88 -11.14 -50.67
C VAL B 751 -65.35 -12.55 -50.35
N ALA B 752 -65.60 -13.31 -51.41
CA ALA B 752 -65.93 -14.72 -51.29
C ALA B 752 -65.45 -15.41 -52.55
N GLU B 753 -64.42 -16.23 -52.41
CA GLU B 753 -63.90 -17.03 -53.49
C GLU B 753 -64.38 -18.46 -53.33
N VAL B 754 -64.20 -19.23 -54.39
CA VAL B 754 -64.61 -20.62 -54.46
C VAL B 754 -63.36 -21.47 -54.51
N GLY B 755 -63.03 -22.07 -53.37
CA GLY B 755 -62.01 -23.09 -53.35
C GLY B 755 -62.53 -24.40 -53.89
N VAL B 756 -61.59 -25.31 -54.13
CA VAL B 756 -61.83 -26.52 -54.88
C VAL B 756 -61.26 -27.67 -54.05
N THR B 757 -62.16 -28.46 -53.49
CA THR B 757 -61.81 -29.51 -52.54
C THR B 757 -60.81 -30.46 -53.17
N VAL B 758 -59.58 -30.43 -52.65
CA VAL B 758 -58.56 -31.38 -53.07
C VAL B 758 -58.99 -32.79 -52.70
N PRO B 759 -58.75 -33.82 -53.54
CA PRO B 759 -59.03 -35.19 -53.10
C PRO B 759 -57.87 -35.85 -52.38
N ASP B 760 -58.15 -37.05 -51.88
CA ASP B 760 -57.15 -37.98 -51.37
C ASP B 760 -56.22 -37.31 -50.36
N THR B 761 -56.83 -36.66 -49.37
CA THR B 761 -56.08 -36.01 -48.30
C THR B 761 -57.05 -35.66 -47.19
N ILE B 762 -56.64 -35.89 -45.95
CA ILE B 762 -57.51 -35.69 -44.79
C ILE B 762 -56.68 -35.18 -43.62
N THR B 763 -56.85 -33.92 -43.29
CA THR B 763 -56.22 -33.32 -42.12
C THR B 763 -56.85 -31.94 -41.88
N GLU B 764 -56.23 -31.16 -41.00
CA GLU B 764 -56.60 -29.77 -40.80
C GLU B 764 -56.14 -28.97 -42.02
N TRP B 765 -56.66 -27.75 -42.15
CA TRP B 765 -56.46 -26.92 -43.33
C TRP B 765 -56.17 -25.51 -42.85
N LYS B 766 -54.92 -25.26 -42.55
CA LYS B 766 -54.55 -24.02 -41.91
C LYS B 766 -54.76 -22.91 -42.93
N ALA B 767 -55.86 -22.18 -42.75
CA ALA B 767 -56.20 -21.03 -43.56
C ALA B 767 -55.62 -19.82 -42.86
N GLY B 768 -54.95 -18.98 -43.63
CA GLY B 768 -54.30 -17.80 -43.10
C GLY B 768 -54.60 -16.60 -43.96
N ALA B 769 -55.12 -15.55 -43.33
CA ALA B 769 -55.56 -14.38 -44.05
C ALA B 769 -54.71 -13.20 -43.60
N PHE B 770 -54.07 -12.57 -44.57
CA PHE B 770 -53.20 -11.43 -44.30
C PHE B 770 -53.58 -10.30 -45.24
N CYS B 771 -54.34 -9.35 -44.74
CA CYS B 771 -54.95 -8.36 -45.59
C CYS B 771 -54.29 -7.01 -45.42
N LEU B 772 -54.53 -6.14 -46.40
CA LEU B 772 -53.82 -4.88 -46.47
C LEU B 772 -54.62 -3.87 -47.27
N SER B 773 -54.68 -2.65 -46.73
CA SER B 773 -55.28 -1.51 -47.39
C SER B 773 -54.48 -0.28 -46.99
N GLU B 774 -54.38 0.69 -47.90
CA GLU B 774 -53.68 1.92 -47.57
C GLU B 774 -54.36 2.66 -46.43
N ASP B 775 -55.69 2.58 -46.34
CA ASP B 775 -56.45 3.37 -45.38
C ASP B 775 -56.44 2.75 -43.98
N ALA B 776 -56.79 1.47 -43.87
CA ALA B 776 -56.94 0.81 -42.59
C ALA B 776 -55.67 0.08 -42.14
N GLY B 777 -54.70 -0.11 -43.02
CA GLY B 777 -53.49 -0.82 -42.69
C GLY B 777 -53.59 -2.31 -42.95
N LEU B 778 -52.93 -3.12 -42.13
CA LEU B 778 -52.91 -4.56 -42.31
C LEU B 778 -53.91 -5.25 -41.40
N GLY B 779 -54.03 -6.56 -41.63
CA GLY B 779 -54.94 -7.37 -40.86
C GLY B 779 -54.56 -8.83 -40.87
N ILE B 780 -54.84 -9.52 -39.79
CA ILE B 780 -54.43 -10.89 -39.56
C ILE B 780 -55.65 -11.65 -39.12
N SER B 781 -56.07 -12.59 -39.95
CA SER B 781 -57.28 -13.41 -39.68
C SER B 781 -56.84 -14.84 -39.39
N SER B 782 -57.78 -15.66 -38.91
CA SER B 782 -57.43 -16.83 -38.11
C SER B 782 -57.17 -18.12 -38.86
N THR B 783 -56.96 -19.17 -38.08
CA THR B 783 -56.45 -20.47 -38.48
C THR B 783 -57.55 -21.41 -38.94
N ALA B 784 -58.57 -20.87 -39.59
CA ALA B 784 -59.73 -21.61 -40.04
C ALA B 784 -59.39 -22.92 -40.76
N SER B 785 -59.90 -24.03 -40.24
CA SER B 785 -59.70 -25.33 -40.86
C SER B 785 -60.84 -25.64 -41.82
N LEU B 786 -60.73 -26.75 -42.52
CA LEU B 786 -61.77 -27.17 -43.44
C LEU B 786 -61.85 -28.69 -43.44
N ARG B 787 -61.92 -29.26 -42.26
CA ARG B 787 -61.71 -30.68 -42.04
C ARG B 787 -62.61 -31.54 -42.92
N ALA B 788 -62.00 -32.20 -43.88
CA ALA B 788 -62.74 -33.07 -44.78
C ALA B 788 -63.09 -34.38 -44.09
N PHE B 789 -63.71 -35.27 -44.85
CA PHE B 789 -64.02 -36.59 -44.32
C PHE B 789 -64.42 -37.51 -45.46
N GLN B 790 -64.26 -38.81 -45.21
CA GLN B 790 -64.81 -39.85 -46.04
C GLN B 790 -65.40 -40.86 -45.06
N PRO B 791 -66.66 -41.29 -45.24
CA PRO B 791 -67.19 -42.33 -44.35
C PRO B 791 -66.40 -43.60 -44.38
N PHE B 792 -65.95 -44.03 -45.55
CA PHE B 792 -65.21 -45.28 -45.69
C PHE B 792 -64.10 -45.02 -46.67
N PHE B 793 -62.86 -45.16 -46.22
CA PHE B 793 -61.74 -44.84 -47.09
C PHE B 793 -60.61 -45.83 -46.84
N VAL B 794 -59.53 -45.62 -47.57
CA VAL B 794 -58.37 -46.48 -47.52
C VAL B 794 -57.14 -45.59 -47.63
N GLU B 795 -56.23 -45.78 -46.69
CA GLU B 795 -54.93 -45.12 -46.69
C GLU B 795 -53.88 -46.20 -46.86
N LEU B 796 -52.72 -45.80 -47.32
CA LEU B 796 -51.59 -46.69 -47.48
C LEU B 796 -50.42 -46.15 -46.70
N THR B 797 -49.31 -46.86 -46.82
CA THR B 797 -48.07 -46.43 -46.22
C THR B 797 -46.93 -47.23 -46.84
N MET B 798 -45.84 -46.49 -47.07
CA MET B 798 -44.66 -46.96 -47.76
C MET B 798 -43.63 -45.84 -47.63
N PRO B 799 -42.34 -46.15 -47.64
CA PRO B 799 -41.35 -45.12 -47.32
C PRO B 799 -41.32 -43.97 -48.31
N TYR B 800 -40.70 -42.86 -47.92
CA TYR B 800 -40.53 -41.74 -48.85
C TYR B 800 -39.78 -42.17 -50.10
N SER B 801 -38.93 -43.17 -50.00
CA SER B 801 -38.12 -43.59 -51.14
C SER B 801 -37.64 -45.01 -50.88
N VAL B 802 -37.25 -45.67 -51.96
CA VAL B 802 -36.78 -47.05 -51.94
C VAL B 802 -35.63 -47.16 -52.93
N ILE B 803 -35.15 -48.39 -53.14
CA ILE B 803 -34.07 -48.64 -54.09
C ILE B 803 -34.49 -49.74 -55.05
N ARG B 804 -33.99 -49.62 -56.28
CA ARG B 804 -34.27 -50.58 -57.34
C ARG B 804 -33.70 -51.96 -57.06
N GLY B 805 -32.73 -52.09 -56.18
CA GLY B 805 -32.04 -53.35 -56.00
C GLY B 805 -32.84 -54.35 -55.19
N GLU B 806 -33.16 -53.98 -53.95
CA GLU B 806 -33.85 -54.87 -53.04
C GLU B 806 -35.36 -54.65 -53.14
N ALA B 807 -36.11 -55.42 -52.36
CA ALA B 807 -37.55 -55.32 -52.25
C ALA B 807 -37.90 -54.56 -50.99
N PHE B 808 -39.21 -54.39 -50.79
CA PHE B 808 -39.71 -53.71 -49.60
C PHE B 808 -41.20 -53.98 -49.50
N THR B 809 -41.74 -53.78 -48.30
CA THR B 809 -43.15 -54.01 -48.09
C THR B 809 -43.93 -52.72 -48.29
N LEU B 810 -45.23 -52.90 -48.52
CA LEU B 810 -46.17 -51.81 -48.69
C LEU B 810 -47.42 -52.19 -47.94
N LYS B 811 -47.87 -51.35 -47.02
CA LYS B 811 -49.03 -51.64 -46.21
C LYS B 811 -50.19 -50.77 -46.67
N ALA B 812 -51.39 -51.34 -46.67
CA ALA B 812 -52.59 -50.62 -47.10
C ALA B 812 -53.70 -50.94 -46.12
N THR B 813 -54.11 -49.93 -45.35
CA THR B 813 -55.15 -50.05 -44.36
C THR B 813 -56.44 -49.42 -44.89
N VAL B 814 -57.56 -50.01 -44.53
CA VAL B 814 -58.88 -49.52 -44.89
C VAL B 814 -59.66 -49.30 -43.59
N LEU B 815 -60.33 -48.15 -43.52
CA LEU B 815 -60.94 -47.63 -42.31
C LEU B 815 -62.42 -47.35 -42.56
N ASN B 816 -63.24 -47.75 -41.59
CA ASN B 816 -64.68 -47.54 -41.57
C ASN B 816 -65.04 -46.74 -40.32
N TYR B 817 -65.81 -45.67 -40.52
CA TYR B 817 -66.40 -44.90 -39.43
C TYR B 817 -67.90 -45.04 -39.33
N LEU B 818 -68.55 -45.56 -40.37
CA LEU B 818 -69.99 -45.69 -40.33
C LEU B 818 -70.37 -46.85 -39.41
N PRO B 819 -71.54 -46.80 -38.68
CA PRO B 819 -72.04 -47.91 -37.79
C PRO B 819 -72.27 -49.16 -38.67
N LYS B 820 -72.70 -48.97 -39.90
CA LYS B 820 -73.05 -50.18 -40.72
C LYS B 820 -71.77 -50.84 -41.20
N CYS B 821 -71.56 -52.08 -40.74
CA CYS B 821 -70.24 -52.70 -40.88
C CYS B 821 -70.37 -53.95 -41.78
N ILE B 822 -69.53 -53.78 -42.78
CA ILE B 822 -69.67 -54.40 -44.12
C ILE B 822 -68.37 -55.03 -44.60
N ARG B 823 -68.47 -56.10 -45.39
CA ARG B 823 -67.25 -56.69 -46.01
C ARG B 823 -66.82 -55.80 -47.17
N VAL B 824 -65.52 -55.62 -47.33
CA VAL B 824 -64.99 -54.79 -48.46
C VAL B 824 -63.97 -55.62 -49.23
N SER B 825 -63.98 -55.50 -50.56
CA SER B 825 -62.92 -56.15 -51.36
C SER B 825 -61.89 -55.07 -51.68
N VAL B 826 -60.67 -55.26 -51.17
CA VAL B 826 -59.55 -54.37 -51.44
C VAL B 826 -58.65 -55.06 -52.45
N GLN B 827 -58.00 -54.24 -53.26
CA GLN B 827 -57.03 -54.74 -54.23
C GLN B 827 -56.13 -53.58 -54.58
N LEU B 828 -55.12 -53.88 -55.40
CA LEU B 828 -54.14 -52.92 -55.83
C LEU B 828 -54.01 -52.97 -57.34
N GLU B 829 -53.94 -51.81 -57.96
CA GLU B 829 -53.61 -51.71 -59.37
C GLU B 829 -52.12 -51.40 -59.48
N ALA B 830 -51.42 -52.35 -60.11
CA ALA B 830 -49.98 -52.38 -60.25
C ALA B 830 -49.59 -52.17 -61.70
N SER B 831 -48.38 -51.68 -61.91
CA SER B 831 -47.81 -51.37 -63.19
C SER B 831 -46.72 -52.37 -63.55
N PRO B 832 -46.24 -52.35 -64.79
CA PRO B 832 -45.01 -53.08 -65.11
C PRO B 832 -43.74 -52.44 -64.58
N ALA B 833 -43.83 -51.26 -63.95
CA ALA B 833 -42.63 -50.58 -63.48
C ALA B 833 -42.03 -51.21 -62.23
N PHE B 834 -42.58 -52.32 -61.74
CA PHE B 834 -42.08 -52.97 -60.54
C PHE B 834 -42.60 -54.40 -60.54
N LEU B 835 -42.51 -55.05 -59.38
CA LEU B 835 -43.09 -56.37 -59.18
C LEU B 835 -43.64 -56.45 -57.77
N ALA B 836 -44.96 -56.58 -57.65
CA ALA B 836 -45.63 -56.69 -56.36
C ALA B 836 -46.23 -58.07 -56.19
N VAL B 837 -46.45 -58.45 -54.94
CA VAL B 837 -46.98 -59.77 -54.59
C VAL B 837 -47.84 -59.62 -53.32
N PRO B 838 -48.97 -60.32 -53.20
CA PRO B 838 -49.73 -60.27 -51.95
C PRO B 838 -49.16 -61.19 -50.90
N VAL B 839 -49.72 -61.05 -49.70
CA VAL B 839 -49.32 -61.82 -48.53
C VAL B 839 -50.48 -62.61 -47.94
N GLU B 840 -51.67 -61.99 -47.87
CA GLU B 840 -52.86 -62.61 -47.31
C GLU B 840 -54.07 -62.31 -48.20
N LYS B 841 -53.85 -62.29 -49.51
CA LYS B 841 -54.94 -62.00 -50.44
C LYS B 841 -56.00 -63.09 -50.42
N GLU B 842 -55.56 -64.34 -50.46
CA GLU B 842 -56.45 -65.50 -50.59
C GLU B 842 -57.58 -65.48 -49.56
N GLN B 843 -57.32 -64.97 -48.37
CA GLN B 843 -58.35 -64.92 -47.33
C GLN B 843 -59.29 -63.74 -47.60
N ALA B 844 -60.56 -63.92 -47.24
CA ALA B 844 -61.57 -62.91 -47.45
C ALA B 844 -61.78 -62.12 -46.17
N PRO B 845 -61.50 -60.80 -46.12
CA PRO B 845 -61.87 -60.01 -44.94
C PRO B 845 -63.35 -60.14 -44.59
N HIS B 846 -63.66 -59.96 -43.31
CA HIS B 846 -65.03 -60.16 -42.83
C HIS B 846 -65.82 -58.86 -42.85
N CYS B 847 -65.35 -57.83 -42.13
CA CYS B 847 -66.00 -56.54 -42.06
C CYS B 847 -65.19 -55.67 -41.13
N ILE B 848 -65.55 -54.39 -41.05
CA ILE B 848 -64.97 -53.50 -40.05
C ILE B 848 -66.03 -52.48 -39.64
N CYS B 849 -66.13 -52.20 -38.34
CA CYS B 849 -67.26 -51.47 -37.81
C CYS B 849 -66.80 -50.04 -37.55
N ALA B 850 -67.68 -49.22 -37.00
CA ALA B 850 -67.33 -47.82 -36.77
C ALA B 850 -66.03 -47.68 -35.99
N ASN B 851 -65.10 -46.93 -36.55
CA ASN B 851 -63.72 -46.87 -36.09
C ASN B 851 -63.02 -48.22 -36.26
N GLY B 852 -63.46 -49.01 -37.27
CA GLY B 852 -62.88 -50.29 -37.54
C GLY B 852 -61.88 -50.15 -38.67
N ARG B 853 -60.65 -50.58 -38.41
CA ARG B 853 -59.58 -50.50 -39.40
C ARG B 853 -58.94 -51.86 -39.54
N GLN B 854 -58.80 -52.32 -40.77
CA GLN B 854 -58.05 -53.53 -41.07
C GLN B 854 -57.01 -53.18 -42.13
N THR B 855 -56.13 -54.14 -42.42
CA THR B 855 -54.93 -53.83 -43.20
C THR B 855 -54.47 -55.08 -43.95
N VAL B 856 -53.84 -54.82 -45.10
CA VAL B 856 -53.28 -55.86 -45.95
C VAL B 856 -51.89 -55.42 -46.41
N SER B 857 -50.96 -56.37 -46.46
CA SER B 857 -49.57 -56.12 -46.80
C SER B 857 -49.26 -56.60 -48.22
N TRP B 858 -48.17 -56.07 -48.75
CA TRP B 858 -47.68 -56.47 -50.06
C TRP B 858 -46.17 -56.45 -50.02
N ALA B 859 -45.57 -57.39 -50.74
CA ALA B 859 -44.13 -57.46 -50.91
C ALA B 859 -43.86 -57.03 -52.34
N VAL B 860 -43.24 -55.86 -52.49
CA VAL B 860 -43.07 -55.23 -53.78
C VAL B 860 -41.64 -54.73 -53.92
N THR B 861 -41.12 -54.84 -55.13
CA THR B 861 -39.76 -54.47 -55.44
C THR B 861 -39.78 -53.60 -56.70
N PRO B 862 -39.11 -52.45 -56.71
CA PRO B 862 -39.23 -51.56 -57.87
C PRO B 862 -38.33 -51.98 -59.02
N LYS B 863 -38.73 -51.58 -60.21
CA LYS B 863 -37.99 -51.84 -61.44
C LYS B 863 -37.62 -50.57 -62.20
N SER B 864 -38.50 -49.59 -62.25
CA SER B 864 -38.20 -48.33 -62.92
C SER B 864 -37.30 -47.49 -62.01
N LEU B 865 -37.11 -46.22 -62.36
CA LEU B 865 -36.36 -45.30 -61.52
C LEU B 865 -37.11 -43.98 -61.37
N GLY B 866 -36.92 -43.35 -60.22
CA GLY B 866 -37.47 -42.01 -59.99
C GLY B 866 -38.80 -42.02 -59.28
N ASN B 867 -39.71 -41.13 -59.71
CA ASN B 867 -41.08 -41.10 -59.12
C ASN B 867 -41.93 -42.17 -59.80
N VAL B 868 -42.18 -43.28 -59.11
CA VAL B 868 -42.96 -44.41 -59.70
C VAL B 868 -44.33 -44.41 -59.01
N ASN B 869 -45.42 -44.43 -59.79
CA ASN B 869 -46.78 -44.36 -59.21
C ASN B 869 -47.18 -45.69 -58.57
N PHE B 870 -48.43 -45.81 -58.13
CA PHE B 870 -48.92 -47.02 -57.50
C PHE B 870 -50.39 -46.77 -57.25
N THR B 871 -51.22 -47.83 -57.18
CA THR B 871 -52.62 -47.56 -56.94
C THR B 871 -53.27 -48.66 -56.12
N VAL B 872 -54.24 -48.24 -55.31
CA VAL B 872 -55.06 -49.15 -54.51
C VAL B 872 -56.51 -48.78 -54.73
N SER B 873 -57.38 -49.78 -54.62
CA SER B 873 -58.82 -49.61 -54.83
C SER B 873 -59.56 -50.53 -53.88
N ALA B 874 -60.45 -49.95 -53.08
CA ALA B 874 -61.29 -50.70 -52.15
C ALA B 874 -62.75 -50.41 -52.46
N GLU B 875 -63.56 -51.46 -52.59
CA GLU B 875 -64.98 -51.33 -52.91
C GLU B 875 -65.79 -52.24 -51.99
N ALA B 876 -66.91 -51.72 -51.52
CA ALA B 876 -67.71 -52.47 -50.58
C ALA B 876 -68.36 -53.67 -51.26
N LEU B 877 -68.80 -54.62 -50.44
CA LEU B 877 -69.42 -55.87 -50.90
C LEU B 877 -70.71 -56.08 -50.14
N GLU B 878 -71.70 -56.68 -50.81
CA GLU B 878 -73.03 -56.93 -50.23
C GLU B 878 -73.37 -58.41 -50.33
N SER B 879 -74.45 -58.78 -49.64
CA SER B 879 -75.02 -60.12 -49.72
C SER B 879 -74.08 -61.17 -49.15
N GLN B 880 -73.37 -60.80 -48.08
CA GLN B 880 -72.45 -61.70 -47.39
C GLN B 880 -72.70 -61.58 -45.87
N GLU B 881 -73.97 -61.73 -45.47
CA GLU B 881 -74.35 -61.55 -44.07
C GLU B 881 -73.84 -62.73 -43.24
N LEU B 882 -72.52 -62.80 -43.06
CA LEU B 882 -71.86 -63.85 -42.31
C LEU B 882 -71.16 -63.34 -41.07
N CYS B 883 -70.40 -62.24 -41.18
CA CYS B 883 -69.64 -61.74 -40.05
C CYS B 883 -70.56 -61.08 -39.03
N GLY B 884 -71.26 -60.03 -39.44
CA GLY B 884 -72.19 -59.30 -38.60
C GLY B 884 -73.63 -59.68 -38.87
N THR B 885 -74.52 -58.73 -38.61
CA THR B 885 -75.96 -58.94 -38.82
C THR B 885 -76.39 -58.60 -40.24
N GLU B 886 -75.95 -57.45 -40.76
CA GLU B 886 -76.28 -57.03 -42.11
C GLU B 886 -75.04 -56.46 -42.78
N VAL B 887 -75.14 -56.28 -44.10
CA VAL B 887 -74.05 -55.74 -44.93
C VAL B 887 -74.68 -55.01 -46.10
N PRO B 888 -75.14 -53.76 -45.93
CA PRO B 888 -75.76 -53.04 -47.06
C PRO B 888 -74.80 -52.79 -48.21
N SER B 889 -73.66 -52.13 -47.95
CA SER B 889 -72.68 -51.78 -48.97
C SER B 889 -73.33 -50.98 -50.08
N VAL B 890 -73.86 -49.81 -49.71
CA VAL B 890 -74.45 -48.88 -50.67
C VAL B 890 -73.93 -47.48 -50.38
N PRO B 891 -72.66 -47.17 -50.66
CA PRO B 891 -72.22 -45.78 -50.55
C PRO B 891 -72.58 -44.97 -51.79
N GLU B 892 -72.10 -43.73 -51.86
CA GLU B 892 -72.42 -42.80 -52.93
C GLU B 892 -71.88 -43.29 -54.28
N HIS B 893 -72.11 -42.52 -55.34
CA HIS B 893 -71.71 -42.93 -56.69
C HIS B 893 -70.24 -43.29 -56.77
N GLY B 894 -69.39 -42.58 -56.02
CA GLY B 894 -67.98 -42.93 -55.92
C GLY B 894 -67.77 -43.89 -54.78
N ARG B 895 -68.54 -44.98 -54.78
CA ARG B 895 -68.56 -45.89 -53.63
C ARG B 895 -67.20 -46.49 -53.34
N LYS B 896 -66.37 -46.67 -54.35
CA LYS B 896 -65.09 -47.35 -54.23
C LYS B 896 -64.00 -46.30 -54.08
N ASP B 897 -63.29 -46.34 -52.95
CA ASP B 897 -62.17 -45.43 -52.71
C ASP B 897 -61.00 -45.93 -53.55
N THR B 898 -60.66 -45.15 -54.58
CA THR B 898 -59.48 -45.39 -55.40
C THR B 898 -58.46 -44.32 -55.06
N VAL B 899 -57.21 -44.72 -54.85
CA VAL B 899 -56.15 -43.78 -54.52
C VAL B 899 -54.89 -44.18 -55.26
N ILE B 900 -54.37 -43.20 -56.01
CA ILE B 900 -53.11 -43.40 -56.80
C ILE B 900 -52.04 -42.54 -56.12
N LYS B 901 -50.93 -43.15 -55.72
CA LYS B 901 -49.85 -42.47 -55.03
C LYS B 901 -48.52 -42.88 -55.61
N PRO B 902 -47.56 -41.95 -55.77
CA PRO B 902 -46.24 -42.36 -56.25
C PRO B 902 -45.30 -42.62 -55.11
N LEU B 903 -44.11 -43.05 -55.47
CA LEU B 903 -43.02 -43.14 -54.51
C LEU B 903 -41.71 -42.90 -55.24
N LEU B 904 -40.69 -42.55 -54.47
CA LEU B 904 -39.35 -42.33 -54.99
C LEU B 904 -38.62 -43.66 -54.99
N VAL B 905 -37.75 -43.84 -55.98
CA VAL B 905 -36.78 -44.92 -55.96
C VAL B 905 -35.48 -44.42 -56.57
N GLU B 906 -34.40 -44.71 -55.88
CA GLU B 906 -33.04 -44.47 -56.30
C GLU B 906 -32.47 -45.74 -56.88
N PRO B 907 -31.44 -45.64 -57.72
CA PRO B 907 -30.92 -46.84 -58.36
C PRO B 907 -30.15 -47.71 -57.38
N GLU B 908 -29.96 -48.96 -57.77
CA GLU B 908 -29.23 -49.89 -56.93
C GLU B 908 -27.76 -49.50 -56.82
N GLY B 909 -27.01 -50.27 -56.05
CA GLY B 909 -25.59 -50.08 -55.92
C GLY B 909 -25.23 -48.93 -55.00
N LEU B 910 -23.99 -48.99 -54.50
CA LEU B 910 -23.51 -47.94 -53.56
C LEU B 910 -23.26 -46.64 -54.32
N GLU B 911 -24.07 -45.61 -54.03
CA GLU B 911 -23.90 -44.31 -54.65
C GLU B 911 -22.55 -43.72 -54.27
N LYS B 912 -21.98 -42.97 -55.20
CA LYS B 912 -20.75 -42.24 -54.94
C LYS B 912 -20.70 -41.02 -55.82
N GLU B 913 -19.62 -40.28 -55.71
CA GLU B 913 -19.42 -39.02 -56.42
C GLU B 913 -18.05 -38.97 -57.05
N THR B 914 -17.85 -37.93 -57.84
CA THR B 914 -16.54 -37.63 -58.39
C THR B 914 -16.45 -36.13 -58.57
N THR B 915 -15.61 -35.48 -57.77
CA THR B 915 -15.46 -34.03 -57.79
C THR B 915 -14.44 -33.62 -58.83
N PHE B 916 -14.74 -32.52 -59.53
CA PHE B 916 -13.81 -31.90 -60.46
C PHE B 916 -13.97 -30.41 -60.34
N ASN B 917 -13.01 -29.67 -60.88
CA ASN B 917 -13.02 -28.23 -60.70
C ASN B 917 -12.15 -27.58 -61.76
N SER B 918 -12.23 -26.25 -61.81
CA SER B 918 -11.39 -25.46 -62.69
C SER B 918 -11.61 -23.99 -62.38
N LEU B 919 -10.54 -23.22 -62.54
CA LEU B 919 -10.59 -21.76 -62.47
C LEU B 919 -10.05 -21.23 -63.78
N LEU B 920 -10.83 -20.39 -64.44
CA LEU B 920 -10.49 -19.83 -65.74
C LEU B 920 -10.67 -18.33 -65.65
N CYS B 921 -9.67 -17.59 -66.08
CA CYS B 921 -9.64 -16.13 -65.91
C CYS B 921 -8.93 -15.47 -67.07
N PRO B 922 -9.59 -15.35 -68.22
CA PRO B 922 -9.06 -14.47 -69.28
C PRO B 922 -9.04 -13.03 -68.79
N SER B 923 -7.85 -12.42 -68.85
CA SER B 923 -7.68 -11.02 -68.46
C SER B 923 -7.75 -10.14 -69.70
N GLY B 924 -8.99 -9.87 -70.11
CA GLY B 924 -9.20 -9.19 -71.38
C GLY B 924 -8.90 -10.08 -72.55
N GLY B 925 -9.29 -11.35 -72.48
CA GLY B 925 -8.89 -12.33 -73.49
C GLY B 925 -9.77 -13.55 -73.49
N GLU B 926 -9.13 -14.71 -73.65
CA GLU B 926 -9.83 -15.97 -73.83
C GLU B 926 -9.07 -17.06 -73.11
N VAL B 927 -9.82 -18.03 -72.59
CA VAL B 927 -9.28 -19.23 -71.98
C VAL B 927 -10.20 -20.38 -72.41
N SER B 928 -9.67 -21.59 -72.39
CA SER B 928 -10.48 -22.77 -72.66
C SER B 928 -10.01 -23.91 -71.78
N GLU B 929 -10.81 -24.96 -71.77
CA GLU B 929 -10.52 -26.16 -71.00
C GLU B 929 -11.36 -27.28 -71.55
N GLU B 930 -11.03 -28.49 -71.13
CA GLU B 930 -11.80 -29.67 -71.48
C GLU B 930 -11.71 -30.62 -70.32
N LEU B 931 -12.84 -31.15 -69.89
CA LEU B 931 -12.91 -32.04 -68.75
C LEU B 931 -13.53 -33.36 -69.18
N SER B 932 -12.79 -34.45 -68.93
CA SER B 932 -13.18 -35.78 -69.37
C SER B 932 -13.81 -36.50 -68.18
N LEU B 933 -15.07 -36.86 -68.34
CA LEU B 933 -15.90 -37.34 -67.23
C LEU B 933 -16.61 -38.61 -67.67
N LYS B 934 -15.91 -39.72 -67.51
CA LYS B 934 -16.35 -41.00 -68.04
C LYS B 934 -16.02 -42.07 -67.02
N LEU B 935 -17.05 -42.67 -66.45
CA LEU B 935 -16.90 -43.69 -65.42
C LEU B 935 -17.82 -44.85 -65.78
N PRO B 936 -17.41 -45.66 -66.76
CA PRO B 936 -18.15 -46.86 -67.10
C PRO B 936 -17.93 -48.04 -66.16
N PRO B 937 -16.83 -48.13 -65.40
CA PRO B 937 -16.51 -49.46 -64.85
C PRO B 937 -17.45 -49.82 -63.70
N ASN B 938 -18.02 -51.02 -63.74
CA ASN B 938 -18.94 -51.48 -62.65
C ASN B 938 -20.05 -50.46 -62.40
N VAL B 939 -20.81 -50.09 -63.43
CA VAL B 939 -21.87 -49.10 -63.27
C VAL B 939 -23.08 -49.59 -64.04
N VAL B 940 -24.24 -49.17 -63.57
CA VAL B 940 -25.52 -49.53 -64.16
C VAL B 940 -26.03 -48.36 -65.00
N GLU B 941 -26.85 -48.68 -65.98
CA GLU B 941 -27.29 -47.68 -66.95
C GLU B 941 -28.08 -46.56 -66.29
N GLU B 942 -27.76 -45.34 -66.66
CA GLU B 942 -28.41 -44.09 -66.24
C GLU B 942 -28.20 -43.77 -64.77
N SER B 943 -27.45 -44.58 -64.02
CA SER B 943 -27.16 -44.26 -62.64
C SER B 943 -26.37 -42.97 -62.50
N ALA B 944 -25.71 -42.53 -63.56
CA ALA B 944 -24.78 -41.42 -63.49
C ALA B 944 -25.48 -40.11 -63.79
N ARG B 945 -24.90 -39.03 -63.29
CA ARG B 945 -25.41 -37.69 -63.55
C ARG B 945 -24.35 -36.71 -63.10
N ALA B 946 -24.12 -35.67 -63.88
CA ALA B 946 -23.11 -34.68 -63.56
C ALA B 946 -23.74 -33.31 -63.46
N SER B 947 -22.95 -32.38 -62.96
CA SER B 947 -23.50 -31.09 -62.56
C SER B 947 -22.35 -30.12 -62.41
N VAL B 948 -22.35 -29.08 -63.23
CA VAL B 948 -21.35 -28.03 -63.16
C VAL B 948 -22.00 -26.79 -62.57
N SER B 949 -21.16 -25.98 -61.96
CA SER B 949 -21.59 -24.78 -61.26
C SER B 949 -20.52 -23.73 -61.48
N VAL B 950 -20.93 -22.49 -61.68
CA VAL B 950 -20.03 -21.41 -62.03
C VAL B 950 -20.27 -20.22 -61.09
N LEU B 951 -19.17 -19.59 -60.69
CA LEU B 951 -19.19 -18.62 -59.60
C LEU B 951 -17.89 -17.83 -59.48
N GLY B 952 -17.82 -17.01 -58.43
CA GLY B 952 -16.60 -16.51 -57.84
C GLY B 952 -16.79 -16.55 -56.34
N ASP B 953 -15.92 -17.25 -55.62
CA ASP B 953 -16.25 -17.72 -54.29
C ASP B 953 -15.50 -17.00 -53.17
N ILE B 954 -15.28 -15.69 -53.31
CA ILE B 954 -14.66 -14.93 -52.23
C ILE B 954 -15.70 -14.41 -51.26
N LEU B 955 -16.91 -14.15 -51.75
CA LEU B 955 -17.91 -13.40 -51.01
C LEU B 955 -18.81 -14.27 -50.16
N GLY B 956 -18.56 -15.59 -50.08
CA GLY B 956 -19.41 -16.45 -49.28
C GLY B 956 -19.36 -16.10 -47.81
N SER B 957 -18.17 -15.79 -47.29
CA SER B 957 -17.97 -15.39 -45.90
C SER B 957 -17.36 -14.01 -45.78
N ALA B 958 -17.41 -13.21 -46.84
CA ALA B 958 -16.81 -11.87 -46.78
C ALA B 958 -17.73 -10.87 -46.09
N MET B 959 -18.90 -11.32 -45.65
CA MET B 959 -19.80 -10.45 -44.91
C MET B 959 -19.50 -10.52 -43.42
N GLN B 960 -19.61 -11.72 -42.86
CA GLN B 960 -19.71 -11.89 -41.43
C GLN B 960 -18.39 -11.54 -40.74
N ASN B 961 -17.34 -12.33 -41.03
CA ASN B 961 -16.04 -12.12 -40.41
C ASN B 961 -15.52 -10.72 -40.68
N THR B 962 -15.83 -10.20 -41.86
CA THR B 962 -15.31 -8.91 -42.26
C THR B 962 -15.88 -7.80 -41.40
N GLN B 963 -17.19 -7.72 -41.32
CA GLN B 963 -17.80 -6.65 -40.55
C GLN B 963 -17.59 -6.88 -39.07
N ASN B 964 -17.35 -8.12 -38.66
CA ASN B 964 -17.30 -8.44 -37.24
C ASN B 964 -16.04 -7.88 -36.60
N LEU B 965 -14.89 -8.34 -37.04
CA LEU B 965 -13.71 -8.21 -36.22
C LEU B 965 -13.10 -6.83 -36.36
N LEU B 966 -13.60 -5.91 -35.56
CA LEU B 966 -13.10 -4.55 -35.48
C LEU B 966 -13.26 -4.08 -34.05
N GLN B 967 -12.16 -3.92 -33.32
CA GLN B 967 -12.20 -3.87 -31.87
C GLN B 967 -11.27 -2.80 -31.33
N MET B 968 -11.55 -2.39 -30.10
CA MET B 968 -10.77 -1.41 -29.36
C MET B 968 -9.47 -2.03 -28.88
N PRO B 969 -8.34 -1.33 -28.96
CA PRO B 969 -7.12 -1.85 -28.34
C PRO B 969 -7.06 -1.58 -26.85
N TYR B 970 -6.55 -2.57 -26.13
CA TYR B 970 -6.22 -2.46 -24.72
C TYR B 970 -5.30 -3.63 -24.38
N GLY B 971 -4.93 -3.73 -23.11
CA GLY B 971 -4.13 -4.85 -22.63
C GLY B 971 -2.64 -4.65 -22.82
N CYS B 972 -1.89 -5.71 -22.49
CA CYS B 972 -0.44 -5.67 -22.57
C CYS B 972 -0.02 -5.73 -24.04
N GLY B 973 1.30 -5.70 -24.27
CA GLY B 973 1.79 -5.70 -25.63
C GLY B 973 1.33 -6.89 -26.44
N GLU B 974 1.34 -8.08 -25.81
CA GLU B 974 0.84 -9.27 -26.49
C GLU B 974 -0.63 -9.11 -26.86
N GLN B 975 -1.48 -8.89 -25.85
CA GLN B 975 -2.90 -8.70 -26.11
C GLN B 975 -3.14 -7.49 -27.00
N ASN B 976 -2.29 -6.47 -26.89
CA ASN B 976 -2.44 -5.30 -27.73
C ASN B 976 -2.26 -5.66 -29.18
N MET B 977 -1.21 -6.42 -29.48
CA MET B 977 -1.02 -6.87 -30.84
C MET B 977 -2.15 -7.76 -31.30
N VAL B 978 -2.62 -8.63 -30.39
CA VAL B 978 -3.70 -9.54 -30.71
C VAL B 978 -4.91 -8.76 -31.19
N LEU B 979 -5.25 -7.71 -30.47
CA LEU B 979 -6.42 -6.91 -30.79
C LEU B 979 -6.14 -5.87 -31.87
N PHE B 980 -4.87 -5.68 -32.25
CA PHE B 980 -4.48 -4.63 -33.18
C PHE B 980 -4.21 -5.15 -34.58
N ALA B 981 -3.28 -6.08 -34.69
CA ALA B 981 -2.84 -6.64 -35.97
C ALA B 981 -3.96 -7.07 -36.90
N PRO B 982 -4.97 -7.83 -36.48
CA PRO B 982 -5.95 -8.34 -37.45
C PRO B 982 -6.77 -7.24 -38.10
N ASN B 983 -6.82 -6.07 -37.47
CA ASN B 983 -7.61 -4.97 -38.01
C ASN B 983 -7.12 -4.54 -39.37
N ILE B 984 -5.82 -4.70 -39.61
CA ILE B 984 -5.24 -4.22 -40.85
C ILE B 984 -5.55 -5.18 -41.97
N TYR B 985 -5.49 -6.47 -41.68
CA TYR B 985 -5.76 -7.45 -42.73
C TYR B 985 -7.24 -7.50 -43.05
N VAL B 986 -8.09 -7.27 -42.05
CA VAL B 986 -9.51 -7.20 -42.37
C VAL B 986 -9.84 -5.89 -43.06
N LEU B 987 -9.09 -4.82 -42.75
CA LEU B 987 -9.22 -3.58 -43.51
C LEU B 987 -8.96 -3.85 -44.97
N ASP B 988 -7.89 -4.57 -45.25
CA ASP B 988 -7.56 -4.83 -46.63
C ASP B 988 -8.55 -5.77 -47.27
N TYR B 989 -9.10 -6.71 -46.50
CA TYR B 989 -10.10 -7.61 -47.05
C TYR B 989 -11.33 -6.83 -47.48
N LEU B 990 -11.79 -5.94 -46.61
CA LEU B 990 -12.95 -5.12 -46.93
C LEU B 990 -12.68 -4.26 -48.16
N ASN B 991 -11.53 -3.58 -48.20
CA ASN B 991 -11.25 -2.65 -49.33
C ASN B 991 -11.04 -3.40 -50.65
N GLU B 992 -10.54 -4.64 -50.61
CA GLU B 992 -10.23 -5.38 -51.86
C GLU B 992 -11.50 -6.05 -52.36
N THR B 993 -12.28 -6.68 -51.48
CA THR B 993 -13.56 -7.18 -51.93
C THR B 993 -14.57 -6.07 -52.21
N GLN B 994 -14.31 -4.86 -51.74
CA GLN B 994 -15.08 -3.64 -51.97
C GLN B 994 -16.31 -3.55 -51.09
N GLN B 995 -16.49 -4.44 -50.12
CA GLN B 995 -17.60 -4.36 -49.18
C GLN B 995 -17.15 -3.53 -47.98
N LEU B 996 -17.22 -2.21 -48.14
CA LEU B 996 -16.68 -1.29 -47.15
C LEU B 996 -17.51 -0.02 -47.09
N THR B 997 -17.00 0.94 -46.32
CA THR B 997 -17.59 2.27 -46.21
C THR B 997 -16.62 3.17 -45.46
N PRO B 998 -16.72 4.50 -45.62
CA PRO B 998 -15.81 5.38 -44.87
C PRO B 998 -16.04 5.38 -43.36
N GLU B 999 -17.20 4.93 -42.86
CA GLU B 999 -17.44 4.98 -41.43
C GLU B 999 -16.65 3.90 -40.70
N ILE B 1000 -16.90 2.64 -41.06
CA ILE B 1000 -16.11 1.52 -40.54
C ILE B 1000 -14.64 1.77 -40.81
N LYS B 1001 -14.33 2.40 -41.94
CA LYS B 1001 -12.95 2.77 -42.26
C LYS B 1001 -12.37 3.67 -41.19
N SER B 1002 -13.06 4.77 -40.89
CA SER B 1002 -12.54 5.74 -39.93
C SER B 1002 -12.42 5.13 -38.55
N LYS B 1003 -13.41 4.33 -38.14
CA LYS B 1003 -13.35 3.71 -36.83
C LYS B 1003 -12.16 2.76 -36.75
N ALA B 1004 -11.95 1.98 -37.80
CA ALA B 1004 -10.80 1.08 -37.83
C ALA B 1004 -9.50 1.87 -37.82
N ILE B 1005 -9.48 3.02 -38.51
CA ILE B 1005 -8.27 3.83 -38.56
C ILE B 1005 -7.92 4.34 -37.17
N GLY B 1006 -8.95 4.77 -36.43
CA GLY B 1006 -8.72 5.17 -35.05
C GLY B 1006 -8.22 4.03 -34.20
N TYR B 1007 -8.84 2.85 -34.35
CA TYR B 1007 -8.32 1.65 -33.68
C TYR B 1007 -6.85 1.43 -34.01
N LEU B 1008 -6.47 1.65 -35.26
CA LEU B 1008 -5.11 1.32 -35.68
C LEU B 1008 -4.11 2.26 -35.07
N ASN B 1009 -4.40 3.56 -35.11
CA ASN B 1009 -3.51 4.52 -34.45
C ASN B 1009 -3.43 4.24 -32.96
N THR B 1010 -4.56 3.95 -32.32
CA THR B 1010 -4.58 3.70 -30.89
C THR B 1010 -3.73 2.48 -30.53
N GLY B 1011 -3.91 1.39 -31.27
CA GLY B 1011 -3.16 0.18 -30.98
C GLY B 1011 -1.68 0.36 -31.30
N TYR B 1012 -1.38 1.08 -32.37
CA TYR B 1012 -0.01 1.41 -32.71
C TYR B 1012 0.68 2.11 -31.54
N GLN B 1013 0.06 3.16 -31.03
CA GLN B 1013 0.71 3.94 -29.97
C GLN B 1013 0.76 3.14 -28.66
N ARG B 1014 -0.31 2.43 -28.32
CA ARG B 1014 -0.27 1.59 -27.13
C ARG B 1014 0.80 0.51 -27.25
N GLN B 1015 1.17 0.16 -28.48
CA GLN B 1015 2.24 -0.81 -28.68
C GLN B 1015 3.60 -0.17 -28.56
N LEU B 1016 3.72 1.06 -29.06
CA LEU B 1016 4.92 1.85 -28.81
C LEU B 1016 5.19 1.98 -27.33
N ASN B 1017 4.15 1.99 -26.52
CA ASN B 1017 4.31 2.05 -25.07
C ASN B 1017 4.83 0.74 -24.45
N TYR B 1018 5.19 -0.28 -25.23
CA TYR B 1018 5.77 -1.51 -24.71
C TYR B 1018 7.15 -1.84 -25.26
N LYS B 1019 7.71 -1.02 -26.15
CA LYS B 1019 8.91 -1.42 -26.87
C LYS B 1019 10.17 -1.11 -26.05
N HIS B 1020 11.33 -1.29 -26.69
CA HIS B 1020 12.63 -1.09 -26.08
C HIS B 1020 13.36 0.10 -26.69
N TYR B 1021 14.26 0.68 -25.90
CA TYR B 1021 15.00 1.85 -26.34
C TYR B 1021 15.89 1.53 -27.53
N ASP B 1022 16.38 0.31 -27.63
CA ASP B 1022 17.16 -0.08 -28.81
C ASP B 1022 16.31 -0.20 -30.05
N GLY B 1023 14.98 -0.24 -29.90
CA GLY B 1023 14.07 -0.52 -30.98
C GLY B 1023 13.38 -1.85 -30.84
N SER B 1024 13.91 -2.75 -30.02
CA SER B 1024 13.27 -4.04 -29.83
C SER B 1024 11.93 -3.87 -29.14
N TYR B 1025 11.23 -4.98 -28.98
CA TYR B 1025 9.88 -4.98 -28.44
C TYR B 1025 9.73 -6.10 -27.42
N SER B 1026 9.05 -5.77 -26.32
CA SER B 1026 8.76 -6.73 -25.25
C SER B 1026 7.29 -6.62 -24.86
N THR B 1027 6.83 -7.61 -24.11
CA THR B 1027 5.45 -7.60 -23.64
C THR B 1027 5.22 -6.44 -22.68
N PHE B 1028 6.00 -6.38 -21.60
CA PHE B 1028 5.98 -5.24 -20.69
C PHE B 1028 6.89 -4.12 -21.18
N GLY B 1029 8.18 -4.41 -21.33
CA GLY B 1029 9.13 -3.43 -21.78
C GLY B 1029 9.25 -2.23 -20.87
N GLU B 1030 8.70 -1.11 -21.32
CA GLU B 1030 8.91 0.18 -20.68
C GLU B 1030 8.40 0.14 -19.24
N ARG B 1031 9.00 1.01 -18.41
CA ARG B 1031 8.84 1.10 -16.96
C ARG B 1031 9.56 -0.03 -16.26
N TYR B 1032 10.37 -0.82 -16.98
CA TYR B 1032 11.17 -1.89 -16.37
C TYR B 1032 12.50 -1.89 -17.12
N GLY B 1033 13.50 -1.23 -16.53
CA GLY B 1033 14.75 -1.00 -17.25
C GLY B 1033 15.49 -2.29 -17.56
N ARG B 1034 15.59 -3.19 -16.58
CA ARG B 1034 16.23 -4.48 -16.80
C ARG B 1034 15.32 -5.36 -17.65
N ASN B 1035 15.56 -5.36 -18.96
CA ASN B 1035 14.80 -6.19 -19.87
C ASN B 1035 15.49 -6.25 -21.22
N GLN B 1036 15.10 -7.25 -22.00
CA GLN B 1036 15.44 -7.39 -23.41
C GLN B 1036 14.23 -7.91 -24.15
N GLY B 1037 14.08 -7.53 -25.41
CA GLY B 1037 12.89 -7.88 -26.15
C GLY B 1037 12.94 -9.29 -26.76
N ASN B 1038 11.78 -9.70 -27.27
CA ASN B 1038 11.63 -10.96 -27.99
C ASN B 1038 11.76 -10.74 -29.49
N THR B 1039 12.12 -11.82 -30.19
CA THR B 1039 12.36 -11.85 -31.62
C THR B 1039 11.08 -12.00 -32.43
N TRP B 1040 10.33 -13.08 -32.21
CA TRP B 1040 9.11 -13.33 -32.97
C TRP B 1040 8.13 -12.19 -32.79
N LEU B 1041 8.07 -11.65 -31.59
CA LEU B 1041 7.16 -10.55 -31.35
C LEU B 1041 7.59 -9.31 -32.12
N THR B 1042 8.89 -9.01 -32.09
CA THR B 1042 9.41 -7.93 -32.91
C THR B 1042 9.09 -8.15 -34.38
N ALA B 1043 9.10 -9.40 -34.82
CA ALA B 1043 8.83 -9.67 -36.23
C ALA B 1043 7.37 -9.49 -36.56
N PHE B 1044 6.51 -9.95 -35.66
CA PHE B 1044 5.08 -9.78 -35.83
C PHE B 1044 4.73 -8.30 -35.91
N VAL B 1045 5.27 -7.50 -34.98
CA VAL B 1045 5.00 -6.07 -35.01
C VAL B 1045 5.59 -5.46 -36.26
N LEU B 1046 6.70 -6.01 -36.76
CA LEU B 1046 7.28 -5.47 -37.98
C LEU B 1046 6.35 -5.67 -39.15
N LYS B 1047 5.85 -6.89 -39.32
CA LYS B 1047 4.95 -7.19 -40.42
C LYS B 1047 3.72 -6.31 -40.34
N THR B 1048 3.21 -6.13 -39.13
CA THR B 1048 2.01 -5.32 -38.97
C THR B 1048 2.31 -3.86 -39.27
N PHE B 1049 3.49 -3.39 -38.87
CA PHE B 1049 3.92 -2.03 -39.22
C PHE B 1049 4.06 -1.89 -40.72
N ALA B 1050 4.46 -2.96 -41.39
CA ALA B 1050 4.61 -2.93 -42.83
C ALA B 1050 3.28 -2.69 -43.51
N GLN B 1051 2.33 -3.58 -43.26
CA GLN B 1051 1.04 -3.43 -43.92
C GLN B 1051 0.32 -2.17 -43.43
N ALA B 1052 0.59 -1.75 -42.19
CA ALA B 1052 -0.04 -0.55 -41.66
C ALA B 1052 0.47 0.68 -42.39
N ARG B 1053 1.79 0.75 -42.61
CA ARG B 1053 2.33 1.73 -43.54
C ARG B 1053 1.61 1.66 -44.87
N ALA B 1054 1.36 0.43 -45.34
CA ALA B 1054 0.71 0.25 -46.62
C ALA B 1054 -0.64 0.95 -46.66
N TYR B 1055 -1.35 1.01 -45.53
CA TYR B 1055 -2.68 1.65 -45.47
C TYR B 1055 -2.60 3.06 -44.87
N ILE B 1056 -2.15 3.16 -43.62
CA ILE B 1056 -2.09 4.43 -42.89
C ILE B 1056 -0.62 4.79 -42.74
N PHE B 1057 -0.35 5.97 -42.21
CA PHE B 1057 1.01 6.42 -42.08
C PHE B 1057 1.69 5.81 -40.86
N ILE B 1058 2.99 5.54 -41.01
CA ILE B 1058 3.82 5.08 -39.90
C ILE B 1058 5.26 5.41 -40.27
N ASP B 1059 6.10 5.55 -39.25
CA ASP B 1059 7.48 6.00 -39.44
C ASP B 1059 8.38 4.81 -39.78
N GLU B 1060 9.38 5.07 -40.63
CA GLU B 1060 10.32 4.02 -41.05
C GLU B 1060 11.38 3.74 -39.99
N ALA B 1061 11.57 4.65 -39.03
CA ALA B 1061 12.64 4.48 -38.07
C ALA B 1061 12.39 3.28 -37.16
N HIS B 1062 11.14 3.05 -36.77
CA HIS B 1062 10.86 1.93 -35.87
C HIS B 1062 11.13 0.60 -36.55
N ILE B 1063 10.68 0.45 -37.79
CA ILE B 1063 10.93 -0.79 -38.52
C ILE B 1063 12.42 -0.93 -38.80
N THR B 1064 13.11 0.17 -39.06
CA THR B 1064 14.55 0.13 -39.28
C THR B 1064 15.28 -0.38 -38.04
N GLN B 1065 14.91 0.15 -36.89
CA GLN B 1065 15.59 -0.19 -35.66
C GLN B 1065 15.31 -1.65 -35.29
N ALA B 1066 14.05 -2.08 -35.38
CA ALA B 1066 13.74 -3.48 -35.14
C ALA B 1066 14.44 -4.38 -36.14
N LEU B 1067 14.65 -3.89 -37.36
CA LEU B 1067 15.29 -4.67 -38.40
C LEU B 1067 16.76 -4.90 -38.09
N ILE B 1068 17.48 -3.82 -37.81
CA ILE B 1068 18.88 -3.95 -37.43
C ILE B 1068 19.01 -4.77 -36.16
N TRP B 1069 18.00 -4.72 -35.28
CA TRP B 1069 18.00 -5.58 -34.10
C TRP B 1069 17.90 -7.04 -34.50
N LEU B 1070 17.04 -7.33 -35.49
CA LEU B 1070 16.94 -8.70 -35.99
C LEU B 1070 18.27 -9.16 -36.57
N SER B 1071 18.94 -8.24 -37.24
CA SER B 1071 20.25 -8.55 -37.76
C SER B 1071 21.23 -8.86 -36.65
N GLN B 1072 21.20 -8.04 -35.60
CA GLN B 1072 22.20 -8.12 -34.56
C GLN B 1072 22.20 -9.46 -33.87
N ARG B 1073 21.04 -10.09 -33.80
CA ARG B 1073 20.94 -11.38 -33.13
C ARG B 1073 21.41 -12.52 -33.98
N GLN B 1074 21.60 -12.31 -35.28
CA GLN B 1074 21.93 -13.40 -36.16
C GLN B 1074 23.35 -13.90 -35.94
N LYS B 1075 23.55 -15.18 -36.27
CA LYS B 1075 24.84 -15.83 -36.11
C LYS B 1075 25.57 -15.82 -37.45
N ASP B 1076 26.74 -16.42 -37.48
CA ASP B 1076 27.58 -16.39 -38.68
C ASP B 1076 26.89 -17.10 -39.84
N ASN B 1077 26.47 -18.32 -39.62
CA ASN B 1077 25.74 -19.12 -40.59
C ASN B 1077 24.45 -19.63 -39.99
N GLY B 1078 24.46 -19.97 -38.71
CA GLY B 1078 23.23 -20.16 -38.02
C GLY B 1078 22.41 -18.90 -37.99
N CYS B 1079 21.09 -19.08 -37.88
CA CYS B 1079 20.18 -17.95 -37.77
C CYS B 1079 20.03 -17.52 -36.31
N PHE B 1080 19.68 -16.25 -36.16
CA PHE B 1080 19.42 -15.61 -34.87
C PHE B 1080 18.61 -16.50 -33.93
N ARG B 1081 18.85 -16.31 -32.64
CA ARG B 1081 18.27 -17.16 -31.61
C ARG B 1081 16.88 -16.66 -31.22
N SER B 1082 16.25 -17.40 -30.32
CA SER B 1082 14.98 -17.04 -29.72
C SER B 1082 15.25 -16.52 -28.33
N SER B 1083 15.14 -15.20 -28.15
CA SER B 1083 15.27 -14.58 -26.84
C SER B 1083 13.89 -14.61 -26.20
N GLY B 1084 13.50 -15.80 -25.75
CA GLY B 1084 12.20 -16.03 -25.17
C GLY B 1084 11.85 -15.11 -24.02
N SER B 1085 10.99 -14.13 -24.28
CA SER B 1085 10.51 -13.17 -23.29
C SER B 1085 9.02 -12.95 -23.45
N LEU B 1086 8.29 -14.01 -23.80
CA LEU B 1086 6.87 -13.96 -24.02
C LEU B 1086 6.11 -14.32 -22.75
N LEU B 1087 4.78 -14.36 -22.86
CA LEU B 1087 3.90 -14.81 -21.80
C LEU B 1087 2.99 -15.95 -22.21
N ASN B 1088 2.77 -16.17 -23.50
CA ASN B 1088 1.80 -17.16 -23.95
C ASN B 1088 2.24 -17.75 -25.28
N ASN B 1089 2.02 -19.05 -25.43
CA ASN B 1089 2.28 -19.76 -26.66
C ASN B 1089 1.08 -19.79 -27.60
N ALA B 1090 -0.08 -19.27 -27.16
CA ALA B 1090 -1.25 -19.26 -28.01
C ALA B 1090 -1.14 -18.17 -29.08
N ILE B 1091 -0.58 -17.02 -28.70
CA ILE B 1091 -0.48 -15.89 -29.61
C ILE B 1091 0.33 -16.25 -30.86
N LYS B 1092 1.34 -17.10 -30.69
CA LYS B 1092 2.19 -17.54 -31.79
C LYS B 1092 1.78 -18.95 -32.16
N GLY B 1093 1.57 -19.19 -33.44
CA GLY B 1093 1.16 -20.49 -33.92
C GLY B 1093 2.26 -21.48 -34.15
N GLY B 1094 3.52 -21.06 -34.15
CA GLY B 1094 4.62 -21.93 -34.45
C GLY B 1094 5.13 -22.69 -33.23
N VAL B 1095 6.10 -23.57 -33.49
CA VAL B 1095 6.62 -24.48 -32.47
C VAL B 1095 7.84 -23.94 -31.75
N GLU B 1096 8.22 -22.68 -31.98
CA GLU B 1096 9.36 -22.01 -31.35
C GLU B 1096 10.70 -22.48 -31.89
N ASP B 1097 10.72 -23.45 -32.80
CA ASP B 1097 11.99 -23.92 -33.32
C ASP B 1097 12.73 -22.81 -34.06
N GLU B 1098 14.05 -22.81 -33.92
CA GLU B 1098 14.88 -21.82 -34.60
C GLU B 1098 14.64 -21.83 -36.09
N VAL B 1099 14.42 -23.01 -36.66
CA VAL B 1099 14.14 -23.13 -38.07
C VAL B 1099 12.85 -22.40 -38.41
N THR B 1100 11.77 -22.81 -37.78
CA THR B 1100 10.47 -22.20 -38.02
C THR B 1100 10.51 -20.72 -37.63
N LEU B 1101 11.20 -20.40 -36.55
CA LEU B 1101 11.27 -19.03 -36.07
C LEU B 1101 11.93 -18.15 -37.12
N SER B 1102 13.09 -18.58 -37.58
CA SER B 1102 13.81 -17.82 -38.58
C SER B 1102 13.06 -17.78 -39.88
N ALA B 1103 12.29 -18.82 -40.18
CA ALA B 1103 11.49 -18.83 -41.39
C ALA B 1103 10.41 -17.76 -41.33
N TYR B 1104 9.68 -17.72 -40.22
CA TYR B 1104 8.67 -16.69 -40.04
C TYR B 1104 9.30 -15.31 -40.05
N ILE B 1105 10.52 -15.20 -39.54
CA ILE B 1105 11.15 -13.90 -39.49
C ILE B 1105 11.53 -13.46 -40.88
N THR B 1106 12.29 -14.29 -41.58
CA THR B 1106 12.79 -13.91 -42.89
C THR B 1106 11.67 -13.70 -43.89
N ILE B 1107 10.57 -14.44 -43.75
CA ILE B 1107 9.45 -14.17 -44.64
C ILE B 1107 8.81 -12.84 -44.26
N ALA B 1108 8.72 -12.55 -42.96
CA ALA B 1108 8.22 -11.24 -42.56
C ALA B 1108 9.11 -10.13 -43.08
N LEU B 1109 10.41 -10.41 -43.20
CA LEU B 1109 11.30 -9.48 -43.86
C LEU B 1109 10.91 -9.32 -45.31
N LEU B 1110 10.88 -10.42 -46.04
CA LEU B 1110 10.65 -10.38 -47.48
C LEU B 1110 9.33 -9.76 -47.86
N GLU B 1111 8.36 -9.75 -46.95
CA GLU B 1111 7.14 -9.00 -47.24
C GLU B 1111 7.45 -7.53 -47.38
N ILE B 1112 8.47 -7.04 -46.70
CA ILE B 1112 8.97 -5.69 -46.96
C ILE B 1112 9.60 -5.82 -48.33
N PRO B 1113 9.60 -4.79 -49.15
CA PRO B 1113 10.33 -4.92 -50.40
C PRO B 1113 11.81 -4.96 -50.13
N LEU B 1114 12.37 -6.16 -50.15
CA LEU B 1114 13.75 -6.39 -49.74
C LEU B 1114 14.46 -7.21 -50.79
N THR B 1115 15.64 -6.74 -51.18
CA THR B 1115 16.43 -7.43 -52.20
C THR B 1115 16.94 -8.75 -51.64
N VAL B 1116 16.91 -9.78 -52.48
CA VAL B 1116 17.48 -11.06 -52.09
C VAL B 1116 18.98 -10.96 -51.90
N THR B 1117 19.61 -9.95 -52.47
CA THR B 1117 21.05 -9.75 -52.34
C THR B 1117 21.46 -9.23 -50.97
N HIS B 1118 20.51 -8.91 -50.11
CA HIS B 1118 20.85 -8.32 -48.83
C HIS B 1118 21.67 -9.33 -48.01
N PRO B 1119 22.57 -8.86 -47.15
CA PRO B 1119 23.34 -9.82 -46.34
C PRO B 1119 22.48 -10.68 -45.44
N VAL B 1120 21.64 -10.03 -44.66
CA VAL B 1120 20.81 -10.73 -43.69
C VAL B 1120 19.98 -11.77 -44.40
N VAL B 1121 19.35 -11.40 -45.50
CA VAL B 1121 18.51 -12.34 -46.19
C VAL B 1121 19.35 -13.40 -46.86
N ARG B 1122 20.56 -13.05 -47.27
CA ARG B 1122 21.43 -14.03 -47.88
C ARG B 1122 21.70 -15.15 -46.89
N ASN B 1123 22.05 -14.76 -45.67
CA ASN B 1123 22.26 -15.73 -44.63
C ASN B 1123 20.98 -16.46 -44.28
N ALA B 1124 19.85 -15.76 -44.43
CA ALA B 1124 18.57 -16.37 -44.14
C ALA B 1124 18.30 -17.50 -45.10
N LEU B 1125 18.40 -17.24 -46.38
CA LEU B 1125 18.21 -18.27 -47.38
C LEU B 1125 19.20 -19.40 -47.19
N PHE B 1126 20.41 -19.08 -46.75
CA PHE B 1126 21.36 -20.14 -46.45
C PHE B 1126 20.79 -21.07 -45.38
N CYS B 1127 20.31 -20.48 -44.28
CA CYS B 1127 19.65 -21.25 -43.24
C CYS B 1127 18.52 -22.08 -43.81
N LEU B 1128 17.74 -21.47 -44.70
CA LEU B 1128 16.52 -22.12 -45.16
C LEU B 1128 16.86 -23.32 -46.02
N GLU B 1129 17.80 -23.14 -46.92
CA GLU B 1129 18.25 -24.23 -47.77
C GLU B 1129 18.78 -25.37 -46.92
N SER B 1130 19.58 -25.02 -45.92
CA SER B 1130 20.17 -26.05 -45.08
C SER B 1130 19.09 -26.81 -44.33
N ALA B 1131 18.20 -26.07 -43.70
CA ALA B 1131 17.16 -26.69 -42.91
C ALA B 1131 16.24 -27.51 -43.79
N TRP B 1132 16.01 -27.03 -45.01
CA TRP B 1132 15.13 -27.75 -45.91
C TRP B 1132 15.76 -29.07 -46.31
N LYS B 1133 17.04 -29.05 -46.61
CA LYS B 1133 17.71 -30.30 -46.96
C LYS B 1133 17.70 -31.26 -45.80
N THR B 1134 17.91 -30.75 -44.59
CA THR B 1134 17.96 -31.62 -43.42
C THR B 1134 16.60 -32.27 -43.18
N ALA B 1135 15.53 -31.51 -43.37
CA ALA B 1135 14.19 -32.03 -43.13
C ALA B 1135 13.67 -32.84 -44.30
N GLN B 1136 14.17 -32.57 -45.50
CA GLN B 1136 13.77 -33.29 -46.69
C GLN B 1136 14.41 -34.66 -46.72
N GLU B 1137 15.75 -34.68 -46.73
CA GLU B 1137 16.46 -35.95 -46.69
C GLU B 1137 16.16 -36.72 -45.42
N GLY B 1138 15.80 -36.02 -44.35
CA GLY B 1138 15.38 -36.69 -43.13
C GLY B 1138 13.95 -37.18 -43.22
N ASP B 1139 13.70 -38.30 -42.54
CA ASP B 1139 12.36 -38.88 -42.52
C ASP B 1139 11.35 -38.02 -41.78
N HIS B 1140 11.80 -37.05 -40.99
CA HIS B 1140 10.86 -36.16 -40.30
C HIS B 1140 11.55 -34.84 -40.00
N GLY B 1141 10.86 -33.76 -40.34
CA GLY B 1141 11.22 -32.43 -39.89
C GLY B 1141 9.97 -31.70 -39.48
N SER B 1142 9.03 -32.46 -38.92
CA SER B 1142 7.64 -32.13 -38.66
C SER B 1142 6.79 -32.26 -39.93
N HIS B 1143 7.39 -32.42 -41.10
CA HIS B 1143 6.72 -32.82 -42.35
C HIS B 1143 5.79 -31.78 -42.96
N VAL B 1144 5.43 -30.72 -42.23
CA VAL B 1144 4.41 -29.81 -42.73
C VAL B 1144 4.74 -28.33 -42.49
N TYR B 1145 4.86 -27.96 -41.22
CA TYR B 1145 4.75 -26.56 -40.86
C TYR B 1145 6.05 -25.83 -41.14
N THR B 1146 7.13 -26.42 -40.64
CA THR B 1146 8.47 -26.13 -41.10
C THR B 1146 8.46 -26.03 -42.61
N LYS B 1147 8.12 -27.15 -43.24
CA LYS B 1147 8.28 -27.31 -44.68
C LYS B 1147 7.46 -26.28 -45.43
N ALA B 1148 6.28 -25.98 -44.89
CA ALA B 1148 5.43 -25.01 -45.56
C ALA B 1148 5.98 -23.61 -45.44
N LEU B 1149 6.45 -23.25 -44.25
CA LEU B 1149 6.99 -21.90 -44.06
C LEU B 1149 8.23 -21.72 -44.90
N LEU B 1150 9.04 -22.76 -44.97
CA LEU B 1150 10.19 -22.77 -45.85
C LEU B 1150 9.76 -22.54 -47.27
N ALA B 1151 8.67 -23.20 -47.67
CA ALA B 1151 8.18 -23.06 -49.03
C ALA B 1151 7.81 -21.63 -49.33
N TYR B 1152 7.12 -20.99 -48.39
CA TYR B 1152 6.66 -19.64 -48.64
C TYR B 1152 7.83 -18.67 -48.75
N ALA B 1153 8.80 -18.81 -47.85
CA ALA B 1153 9.96 -17.94 -47.93
C ALA B 1153 10.74 -18.18 -49.22
N PHE B 1154 10.89 -19.46 -49.61
CA PHE B 1154 11.62 -19.77 -50.83
C PHE B 1154 10.90 -19.19 -52.04
N ALA B 1155 9.58 -19.12 -51.95
CA ALA B 1155 8.83 -18.47 -53.00
C ALA B 1155 9.11 -16.98 -53.03
N LEU B 1156 9.20 -16.36 -51.86
CA LEU B 1156 9.50 -14.93 -51.83
C LEU B 1156 10.87 -14.63 -52.39
N ALA B 1157 11.78 -15.59 -52.33
CA ALA B 1157 13.12 -15.36 -52.85
C ALA B 1157 13.10 -15.09 -54.35
N GLY B 1158 12.69 -16.09 -55.12
CA GLY B 1158 12.98 -16.14 -56.53
C GLY B 1158 13.35 -17.55 -56.98
N ASN B 1159 13.47 -18.47 -56.02
CA ASN B 1159 13.89 -19.83 -56.30
C ASN B 1159 12.68 -20.63 -56.77
N GLN B 1160 12.38 -20.47 -58.05
CA GLN B 1160 11.26 -21.19 -58.66
C GLN B 1160 11.41 -22.69 -58.51
N ASP B 1161 12.61 -23.20 -58.75
CA ASP B 1161 12.84 -24.64 -58.65
C ASP B 1161 12.65 -25.11 -57.22
N LYS B 1162 13.15 -24.34 -56.25
CA LYS B 1162 13.10 -24.77 -54.87
C LYS B 1162 11.67 -24.76 -54.36
N ARG B 1163 10.93 -23.70 -54.67
CA ARG B 1163 9.52 -23.66 -54.28
C ARG B 1163 8.74 -24.77 -54.98
N LYS B 1164 9.13 -25.09 -56.22
CA LYS B 1164 8.48 -26.19 -56.95
C LYS B 1164 8.64 -27.51 -56.22
N GLU B 1165 9.88 -27.81 -55.84
CA GLU B 1165 10.13 -29.08 -55.19
C GLU B 1165 9.46 -29.15 -53.83
N VAL B 1166 9.54 -28.08 -53.05
CA VAL B 1166 8.98 -28.13 -51.71
C VAL B 1166 7.46 -28.21 -51.77
N LEU B 1167 6.82 -27.46 -52.66
CA LEU B 1167 5.37 -27.53 -52.74
C LEU B 1167 4.93 -28.89 -53.24
N LYS B 1168 5.74 -29.48 -54.12
CA LYS B 1168 5.48 -30.85 -54.53
C LYS B 1168 5.49 -31.77 -53.32
N SER B 1169 6.47 -31.58 -52.45
CA SER B 1169 6.58 -32.44 -51.27
C SER B 1169 5.41 -32.23 -50.33
N LEU B 1170 4.99 -30.99 -50.13
CA LEU B 1170 3.85 -30.74 -49.27
C LEU B 1170 2.59 -31.32 -49.88
N ASN B 1171 2.49 -31.22 -51.22
CA ASN B 1171 1.34 -31.77 -51.92
C ASN B 1171 1.29 -33.28 -51.79
N GLU B 1172 2.45 -33.91 -51.65
CA GLU B 1172 2.47 -35.35 -51.41
C GLU B 1172 1.69 -35.69 -50.15
N GLU B 1173 2.02 -35.02 -49.05
CA GLU B 1173 1.36 -35.28 -47.76
C GLU B 1173 0.13 -34.37 -47.69
N ALA B 1174 -0.97 -34.87 -48.25
CA ALA B 1174 -2.20 -34.13 -48.43
C ALA B 1174 -3.30 -34.56 -47.47
N VAL B 1175 -4.12 -33.58 -47.09
CA VAL B 1175 -5.31 -33.76 -46.26
C VAL B 1175 -6.46 -33.21 -47.09
N LYS B 1176 -6.50 -33.65 -48.34
CA LYS B 1176 -7.55 -33.23 -49.25
C LYS B 1176 -8.82 -34.06 -49.08
N LYS B 1177 -9.93 -33.43 -49.43
CA LYS B 1177 -11.28 -33.86 -49.10
C LYS B 1177 -12.21 -33.59 -50.28
N ASP B 1178 -13.47 -34.05 -50.13
CA ASP B 1178 -14.49 -34.16 -51.18
C ASP B 1178 -14.51 -33.03 -52.19
N ASN B 1179 -14.28 -31.81 -51.75
CA ASN B 1179 -14.28 -30.67 -52.66
C ASN B 1179 -13.22 -29.63 -52.31
N SER B 1180 -12.14 -30.02 -51.63
CA SER B 1180 -11.13 -29.05 -51.28
C SER B 1180 -9.87 -29.78 -50.83
N VAL B 1181 -8.92 -29.00 -50.33
CA VAL B 1181 -7.61 -29.49 -49.92
C VAL B 1181 -7.19 -28.78 -48.65
N HIS B 1182 -6.48 -29.47 -47.77
CA HIS B 1182 -5.75 -28.75 -46.73
C HIS B 1182 -4.69 -29.65 -46.14
N TRP B 1183 -4.12 -29.18 -45.03
CA TRP B 1183 -3.01 -29.82 -44.36
C TRP B 1183 -3.25 -29.83 -42.86
N GLU B 1184 -2.53 -30.70 -42.16
CA GLU B 1184 -2.68 -30.85 -40.72
C GLU B 1184 -1.38 -31.34 -40.11
N ARG B 1185 -1.27 -31.17 -38.81
CA ARG B 1185 -0.17 -31.69 -38.02
C ARG B 1185 -0.40 -33.21 -37.89
N PRO B 1186 0.52 -33.96 -37.24
CA PRO B 1186 0.45 -35.43 -37.29
C PRO B 1186 -0.87 -36.09 -36.87
N GLN B 1187 -1.76 -35.33 -36.24
CA GLN B 1187 -3.10 -35.73 -35.82
C GLN B 1187 -3.10 -36.63 -34.59
N LYS B 1188 -1.94 -37.13 -34.18
CA LYS B 1188 -1.77 -37.97 -33.01
C LYS B 1188 -0.29 -37.89 -32.66
N PRO B 1189 0.13 -36.92 -31.85
CA PRO B 1189 1.57 -36.80 -31.53
C PRO B 1189 2.15 -38.07 -30.94
N LYS B 1190 3.39 -38.37 -31.35
CA LYS B 1190 4.02 -39.63 -30.95
C LYS B 1190 4.18 -39.71 -29.44
N ALA B 1191 4.51 -38.58 -28.80
CA ALA B 1191 4.69 -38.51 -27.36
C ALA B 1191 3.35 -38.16 -26.71
N PRO B 1192 3.25 -38.18 -25.38
CA PRO B 1192 1.97 -37.84 -24.74
C PRO B 1192 1.59 -36.38 -24.96
N VAL B 1193 0.34 -36.07 -24.60
CA VAL B 1193 -0.23 -34.74 -24.77
C VAL B 1193 -1.05 -34.39 -23.53
N GLY B 1194 -1.59 -33.18 -23.48
CA GLY B 1194 -2.46 -32.74 -22.41
C GLY B 1194 -3.89 -33.19 -22.61
N HIS B 1195 -4.82 -32.47 -21.96
CA HIS B 1195 -6.22 -32.88 -21.89
C HIS B 1195 -7.15 -31.92 -22.63
N PHE B 1196 -7.17 -30.64 -22.27
CA PHE B 1196 -8.18 -29.72 -22.77
C PHE B 1196 -7.73 -29.11 -24.10
N TYR B 1197 -8.33 -29.58 -25.19
CA TYR B 1197 -8.10 -29.05 -26.53
C TYR B 1197 -6.63 -29.19 -26.94
N GLU B 1198 -5.95 -30.22 -26.41
CA GLU B 1198 -4.52 -30.39 -26.61
C GLU B 1198 -3.80 -29.14 -26.12
N PRO B 1199 -3.82 -28.87 -24.82
CA PRO B 1199 -3.21 -27.63 -24.31
C PRO B 1199 -1.71 -27.65 -24.51
N GLN B 1200 -1.14 -26.44 -24.58
CA GLN B 1200 0.25 -26.22 -25.01
C GLN B 1200 0.48 -26.72 -26.43
N ALA B 1201 -0.58 -26.75 -27.24
CA ALA B 1201 -0.51 -27.17 -28.63
C ALA B 1201 -1.73 -26.62 -29.37
N PRO B 1202 -1.67 -25.38 -29.89
CA PRO B 1202 -2.86 -24.85 -30.58
C PRO B 1202 -3.25 -25.64 -31.82
N SER B 1203 -2.31 -26.42 -32.37
CA SER B 1203 -2.51 -27.31 -33.51
C SER B 1203 -2.55 -26.58 -34.85
N ALA B 1204 -2.70 -25.25 -34.82
CA ALA B 1204 -2.26 -24.31 -35.84
C ALA B 1204 -2.42 -24.79 -37.28
N GLU B 1205 -3.59 -25.35 -37.62
CA GLU B 1205 -3.80 -25.86 -38.98
C GLU B 1205 -4.20 -24.76 -39.94
N VAL B 1206 -4.98 -23.80 -39.46
CA VAL B 1206 -5.48 -22.77 -40.35
C VAL B 1206 -4.34 -21.87 -40.80
N GLU B 1207 -3.51 -21.42 -39.86
CA GLU B 1207 -2.42 -20.52 -40.21
C GLU B 1207 -1.44 -21.19 -41.18
N MET B 1208 -1.16 -22.47 -40.97
CA MET B 1208 -0.16 -23.13 -41.80
C MET B 1208 -0.72 -23.42 -43.17
N THR B 1209 -1.98 -23.88 -43.23
CA THR B 1209 -2.64 -24.00 -44.52
C THR B 1209 -2.68 -22.66 -45.24
N SER B 1210 -2.87 -21.58 -44.49
CA SER B 1210 -2.94 -20.27 -45.10
C SER B 1210 -1.60 -19.88 -45.68
N TYR B 1211 -0.53 -20.22 -44.99
CA TYR B 1211 0.79 -19.93 -45.51
C TYR B 1211 1.09 -20.78 -46.72
N VAL B 1212 0.61 -22.03 -46.72
CA VAL B 1212 0.75 -22.89 -47.90
C VAL B 1212 0.11 -22.22 -49.09
N LEU B 1213 -1.14 -21.82 -48.90
CA LEU B 1213 -1.87 -21.06 -49.91
C LEU B 1213 -1.06 -19.86 -50.38
N LEU B 1214 -0.61 -19.04 -49.43
CA LEU B 1214 0.16 -17.85 -49.75
C LEU B 1214 1.36 -18.17 -50.62
N ALA B 1215 2.00 -19.30 -50.33
CA ALA B 1215 3.13 -19.73 -51.13
C ALA B 1215 2.69 -20.03 -52.56
N TYR B 1216 1.50 -20.61 -52.69
CA TYR B 1216 1.02 -20.92 -54.04
C TYR B 1216 0.71 -19.67 -54.86
N LEU B 1217 0.54 -18.52 -54.20
CA LEU B 1217 -0.06 -17.37 -54.87
C LEU B 1217 0.94 -16.42 -55.48
N THR B 1218 2.23 -16.71 -55.40
CA THR B 1218 3.25 -15.70 -55.63
C THR B 1218 4.30 -16.22 -56.61
N ALA B 1219 4.31 -15.63 -57.80
CA ALA B 1219 5.33 -15.85 -58.81
C ALA B 1219 5.84 -14.49 -59.25
N GLN B 1220 6.89 -14.49 -60.05
CA GLN B 1220 7.53 -13.21 -60.31
C GLN B 1220 6.75 -12.39 -61.34
N PRO B 1221 6.22 -12.96 -62.46
CA PRO B 1221 5.31 -12.13 -63.28
C PRO B 1221 3.86 -12.12 -62.80
N ALA B 1222 3.32 -13.30 -62.51
CA ALA B 1222 1.96 -13.55 -62.06
C ALA B 1222 1.85 -15.06 -61.89
N PRO B 1223 0.96 -15.58 -61.06
CA PRO B 1223 0.84 -17.03 -60.95
C PRO B 1223 0.16 -17.64 -62.17
N THR B 1224 0.20 -18.96 -62.19
CA THR B 1224 -0.35 -19.76 -63.26
C THR B 1224 -1.77 -20.18 -62.90
N SER B 1225 -2.30 -21.16 -63.63
CA SER B 1225 -3.62 -21.69 -63.41
C SER B 1225 -3.67 -22.69 -62.27
N GLU B 1226 -2.69 -23.59 -62.24
CA GLU B 1226 -2.79 -24.75 -61.36
C GLU B 1226 -2.60 -24.36 -59.91
N ASP B 1227 -1.67 -23.43 -59.65
CA ASP B 1227 -1.56 -22.85 -58.33
C ASP B 1227 -2.88 -22.21 -57.91
N LEU B 1228 -3.59 -21.62 -58.87
CA LEU B 1228 -4.86 -20.98 -58.54
C LEU B 1228 -5.93 -22.00 -58.20
N THR B 1229 -5.89 -23.16 -58.85
CA THR B 1229 -6.86 -24.21 -58.50
C THR B 1229 -6.61 -24.72 -57.10
N SER B 1230 -5.35 -25.01 -56.79
CA SER B 1230 -5.01 -25.43 -55.44
C SER B 1230 -5.39 -24.37 -54.43
N ALA B 1231 -5.16 -23.10 -54.77
CA ALA B 1231 -5.52 -22.00 -53.89
C ALA B 1231 -7.01 -21.95 -53.67
N THR B 1232 -7.77 -22.21 -54.72
CA THR B 1232 -9.21 -22.21 -54.61
C THR B 1232 -9.68 -23.27 -53.64
N ASN B 1233 -9.13 -24.48 -53.77
CA ASN B 1233 -9.54 -25.57 -52.91
C ASN B 1233 -9.21 -25.25 -51.45
N ILE B 1234 -7.98 -24.82 -51.20
CA ILE B 1234 -7.59 -24.57 -49.82
C ILE B 1234 -8.34 -23.37 -49.27
N VAL B 1235 -8.73 -22.43 -50.13
CA VAL B 1235 -9.50 -21.29 -49.64
C VAL B 1235 -10.91 -21.73 -49.31
N LYS B 1236 -11.46 -22.66 -50.08
CA LYS B 1236 -12.75 -23.23 -49.73
C LYS B 1236 -12.70 -23.81 -48.34
N TRP B 1237 -11.63 -24.57 -48.05
CA TRP B 1237 -11.45 -25.09 -46.70
C TRP B 1237 -11.34 -23.96 -45.68
N ILE B 1238 -10.65 -22.88 -46.06
CA ILE B 1238 -10.42 -21.77 -45.14
C ILE B 1238 -11.73 -21.13 -44.75
N THR B 1239 -12.45 -20.64 -45.74
CA THR B 1239 -13.72 -19.98 -45.48
C THR B 1239 -14.70 -20.90 -44.77
N LYS B 1240 -14.63 -22.21 -45.04
CA LYS B 1240 -15.43 -23.13 -44.25
C LYS B 1240 -14.98 -23.17 -42.80
N GLN B 1241 -13.70 -22.90 -42.55
CA GLN B 1241 -13.13 -22.98 -41.21
C GLN B 1241 -13.17 -21.65 -40.47
N GLN B 1242 -14.09 -20.76 -40.86
CA GLN B 1242 -14.23 -19.50 -40.17
C GLN B 1242 -15.25 -19.58 -39.05
N ASN B 1243 -14.97 -18.83 -37.99
CA ASN B 1243 -15.74 -18.88 -36.76
C ASN B 1243 -16.86 -17.84 -36.79
N ALA B 1244 -18.06 -18.28 -36.40
CA ALA B 1244 -19.22 -17.41 -36.42
C ALA B 1244 -19.04 -16.21 -35.51
N GLN B 1245 -18.26 -16.38 -34.44
CA GLN B 1245 -17.94 -15.25 -33.58
C GLN B 1245 -17.23 -14.16 -34.36
N GLY B 1246 -16.50 -14.52 -35.40
CA GLY B 1246 -15.72 -13.59 -36.19
C GLY B 1246 -14.29 -14.07 -36.10
N GLY B 1247 -13.46 -13.56 -37.00
CA GLY B 1247 -12.09 -14.03 -37.11
C GLY B 1247 -12.02 -15.54 -37.28
N PHE B 1248 -10.98 -16.14 -36.71
CA PHE B 1248 -10.80 -17.58 -36.73
C PHE B 1248 -10.38 -18.01 -35.32
N SER B 1249 -9.96 -19.26 -35.16
CA SER B 1249 -9.76 -19.84 -33.84
C SER B 1249 -8.72 -19.09 -33.00
N SER B 1250 -7.89 -18.26 -33.64
CA SER B 1250 -6.92 -17.45 -32.92
C SER B 1250 -6.78 -16.12 -33.64
N THR B 1251 -5.73 -15.39 -33.30
CA THR B 1251 -5.41 -14.11 -33.95
C THR B 1251 -4.37 -14.29 -35.05
N GLN B 1252 -3.41 -15.19 -34.85
CA GLN B 1252 -2.40 -15.42 -35.87
C GLN B 1252 -3.01 -15.99 -37.12
N ASP B 1253 -3.71 -17.11 -36.98
CA ASP B 1253 -4.32 -17.78 -38.12
C ASP B 1253 -5.32 -16.86 -38.81
N THR B 1254 -6.09 -16.10 -38.02
CA THR B 1254 -7.00 -15.13 -38.60
C THR B 1254 -6.25 -14.13 -39.46
N VAL B 1255 -5.13 -13.63 -38.94
CA VAL B 1255 -4.35 -12.62 -39.65
C VAL B 1255 -3.82 -13.19 -40.96
N VAL B 1256 -3.15 -14.33 -40.88
CA VAL B 1256 -2.47 -14.84 -42.07
C VAL B 1256 -3.49 -15.32 -43.09
N ALA B 1257 -4.63 -15.82 -42.62
CA ALA B 1257 -5.68 -16.24 -43.53
C ALA B 1257 -6.25 -15.05 -44.27
N LEU B 1258 -6.46 -13.94 -43.57
CA LEU B 1258 -7.00 -12.78 -44.24
C LEU B 1258 -5.99 -12.18 -45.20
N HIS B 1259 -4.71 -12.20 -44.84
CA HIS B 1259 -3.67 -11.80 -45.77
C HIS B 1259 -3.72 -12.65 -47.03
N ALA B 1260 -3.88 -13.96 -46.84
CA ALA B 1260 -3.88 -14.86 -47.98
C ALA B 1260 -5.08 -14.61 -48.88
N LEU B 1261 -6.26 -14.47 -48.28
CA LEU B 1261 -7.45 -14.24 -49.08
C LEU B 1261 -7.38 -12.89 -49.77
N SER B 1262 -6.75 -11.90 -49.12
CA SER B 1262 -6.60 -10.59 -49.73
C SER B 1262 -5.73 -10.69 -50.97
N LYS B 1263 -4.62 -11.42 -50.86
CA LYS B 1263 -3.75 -11.57 -52.02
C LYS B 1263 -4.44 -12.37 -53.11
N TYR B 1264 -5.24 -13.37 -52.73
CA TYR B 1264 -6.02 -14.12 -53.68
C TYR B 1264 -6.93 -13.20 -54.47
N GLY B 1265 -7.67 -12.35 -53.77
CA GLY B 1265 -8.60 -11.49 -54.47
C GLY B 1265 -7.88 -10.46 -55.30
N ALA B 1266 -6.73 -9.98 -54.81
CA ALA B 1266 -5.91 -9.09 -55.59
C ALA B 1266 -5.49 -9.74 -56.90
N ALA B 1267 -5.28 -11.06 -56.86
CA ALA B 1267 -5.01 -11.79 -58.08
C ALA B 1267 -6.28 -12.00 -58.87
N THR B 1268 -7.28 -12.55 -58.20
CA THR B 1268 -8.43 -13.13 -58.88
C THR B 1268 -9.56 -12.12 -58.96
N PHE B 1269 -9.88 -11.51 -57.83
CA PHE B 1269 -11.03 -10.63 -57.73
C PHE B 1269 -10.70 -9.30 -58.40
N THR B 1270 -11.00 -9.22 -59.69
CA THR B 1270 -10.86 -7.98 -60.44
C THR B 1270 -12.14 -7.18 -60.29
N ARG B 1271 -12.02 -5.88 -60.01
CA ARG B 1271 -13.21 -5.04 -59.79
C ARG B 1271 -13.67 -4.39 -61.10
N THR B 1272 -12.85 -4.47 -62.15
CA THR B 1272 -13.22 -3.94 -63.46
C THR B 1272 -13.61 -5.04 -64.43
N GLY B 1273 -13.05 -6.23 -64.26
CA GLY B 1273 -13.39 -7.33 -65.14
C GLY B 1273 -14.80 -7.80 -64.88
N LYS B 1274 -15.72 -7.47 -65.80
CA LYS B 1274 -17.15 -7.53 -65.52
C LYS B 1274 -17.96 -8.04 -66.70
N ALA B 1275 -17.33 -8.75 -67.63
CA ALA B 1275 -17.98 -9.15 -68.87
C ALA B 1275 -17.61 -10.57 -69.25
N ALA B 1276 -17.68 -11.47 -68.27
CA ALA B 1276 -17.25 -12.84 -68.52
C ALA B 1276 -18.36 -13.62 -69.22
N GLN B 1277 -17.97 -14.43 -70.19
CA GLN B 1277 -18.90 -15.26 -70.94
C GLN B 1277 -18.35 -16.67 -71.03
N VAL B 1278 -19.14 -17.63 -70.58
CA VAL B 1278 -18.75 -19.03 -70.54
C VAL B 1278 -19.65 -19.80 -71.47
N THR B 1279 -19.04 -20.74 -72.17
CA THR B 1279 -19.72 -21.54 -73.18
C THR B 1279 -19.22 -22.96 -73.09
N ILE B 1280 -20.13 -23.86 -72.74
CA ILE B 1280 -19.83 -25.27 -72.61
C ILE B 1280 -20.33 -25.96 -73.85
N GLN B 1281 -19.49 -26.84 -74.40
CA GLN B 1281 -19.80 -27.53 -75.63
C GLN B 1281 -19.30 -28.96 -75.52
N SER B 1282 -20.19 -29.90 -75.81
CA SER B 1282 -19.87 -31.32 -75.69
C SER B 1282 -20.27 -32.03 -76.97
N SER B 1283 -19.40 -32.96 -77.37
CA SER B 1283 -19.41 -33.66 -78.65
C SER B 1283 -20.78 -34.21 -79.05
N GLY B 1284 -21.63 -34.50 -78.07
CA GLY B 1284 -23.01 -34.88 -78.35
C GLY B 1284 -23.93 -33.68 -78.50
N THR B 1285 -23.44 -32.63 -79.18
CA THR B 1285 -24.11 -31.35 -79.39
C THR B 1285 -24.80 -30.83 -78.13
N PHE B 1286 -24.25 -31.08 -76.95
CA PHE B 1286 -24.81 -30.56 -75.71
C PHE B 1286 -24.11 -29.25 -75.43
N SER B 1287 -24.82 -28.14 -75.64
CA SER B 1287 -24.28 -26.80 -75.55
C SER B 1287 -25.02 -26.01 -74.48
N SER B 1288 -24.25 -25.26 -73.70
CA SER B 1288 -24.81 -24.38 -72.69
C SER B 1288 -24.03 -23.08 -72.68
N LYS B 1289 -24.68 -22.03 -72.20
CA LYS B 1289 -24.12 -20.69 -72.21
C LYS B 1289 -24.46 -19.97 -70.93
N PHE B 1290 -23.51 -19.19 -70.45
CA PHE B 1290 -23.72 -18.43 -69.22
C PHE B 1290 -22.92 -17.15 -69.31
N GLN B 1291 -23.38 -16.17 -68.55
CA GLN B 1291 -22.75 -14.87 -68.44
C GLN B 1291 -22.48 -14.59 -66.98
N VAL B 1292 -21.43 -13.83 -66.71
CA VAL B 1292 -21.08 -13.45 -65.35
C VAL B 1292 -20.63 -11.99 -65.36
N ASP B 1293 -21.31 -11.17 -64.55
CA ASP B 1293 -20.99 -9.76 -64.39
C ASP B 1293 -21.06 -9.39 -62.91
N ASN B 1294 -20.93 -8.10 -62.62
CA ASN B 1294 -20.87 -7.66 -61.22
C ASN B 1294 -22.18 -7.94 -60.51
N ASN B 1295 -23.29 -7.68 -61.19
CA ASN B 1295 -24.60 -7.81 -60.56
C ASN B 1295 -24.82 -9.22 -60.06
N ASN B 1296 -24.36 -10.22 -60.82
CA ASN B 1296 -24.44 -11.61 -60.45
C ASN B 1296 -23.07 -12.17 -60.09
N ARG B 1297 -22.21 -11.32 -59.53
CA ARG B 1297 -20.87 -11.73 -59.17
C ARG B 1297 -20.89 -12.94 -58.25
N LEU B 1298 -21.75 -12.90 -57.24
CA LEU B 1298 -21.85 -13.99 -56.27
C LEU B 1298 -22.80 -15.08 -56.73
N LEU B 1299 -23.24 -15.04 -57.98
CA LEU B 1299 -24.22 -16.01 -58.42
C LEU B 1299 -23.59 -17.36 -58.70
N LEU B 1300 -24.28 -18.40 -58.28
CA LEU B 1300 -23.94 -19.78 -58.57
C LEU B 1300 -24.88 -20.23 -59.67
N GLN B 1301 -24.41 -20.15 -60.91
CA GLN B 1301 -25.18 -20.69 -62.02
C GLN B 1301 -24.86 -22.17 -62.15
N GLN B 1302 -25.85 -23.01 -61.87
CA GLN B 1302 -25.71 -24.45 -61.88
C GLN B 1302 -26.46 -25.04 -63.07
N VAL B 1303 -25.88 -26.07 -63.67
CA VAL B 1303 -26.54 -26.76 -64.78
C VAL B 1303 -26.09 -28.21 -64.80
N SER B 1304 -27.01 -29.08 -65.20
CA SER B 1304 -26.76 -30.51 -65.18
C SER B 1304 -26.10 -30.97 -66.46
N LEU B 1305 -25.67 -32.22 -66.43
CA LEU B 1305 -24.84 -32.80 -67.47
C LEU B 1305 -25.23 -34.27 -67.59
N PRO B 1306 -25.99 -34.67 -68.63
CA PRO B 1306 -26.56 -36.03 -68.65
C PRO B 1306 -25.73 -37.09 -69.38
N GLU B 1307 -24.86 -36.69 -70.29
CA GLU B 1307 -24.20 -37.65 -71.17
C GLU B 1307 -23.20 -38.49 -70.38
N LEU B 1308 -23.22 -39.82 -70.62
CA LEU B 1308 -22.27 -40.68 -69.94
C LEU B 1308 -20.84 -40.34 -70.33
N PRO B 1309 -20.42 -40.51 -71.58
CA PRO B 1309 -19.04 -40.17 -71.90
C PRO B 1309 -18.91 -38.65 -71.90
N GLY B 1310 -18.21 -38.14 -70.90
CA GLY B 1310 -18.03 -36.72 -70.74
C GLY B 1310 -16.79 -36.23 -71.45
N GLU B 1311 -16.98 -35.29 -72.36
CA GLU B 1311 -15.93 -34.63 -73.12
C GLU B 1311 -16.21 -33.15 -73.14
N TYR B 1312 -16.35 -32.58 -71.96
CA TYR B 1312 -17.00 -31.28 -71.83
C TYR B 1312 -16.01 -30.17 -72.02
N SER B 1313 -16.17 -29.42 -73.10
CA SER B 1313 -15.27 -28.36 -73.49
C SER B 1313 -15.79 -27.04 -72.96
N MET B 1314 -15.07 -26.47 -72.02
CA MET B 1314 -15.37 -25.15 -71.51
C MET B 1314 -14.60 -24.14 -72.33
N LYS B 1315 -15.23 -23.01 -72.61
CA LYS B 1315 -14.57 -21.91 -73.27
C LYS B 1315 -15.05 -20.61 -72.65
N VAL B 1316 -14.10 -19.85 -72.11
CA VAL B 1316 -14.34 -18.62 -71.38
C VAL B 1316 -13.76 -17.46 -72.16
N THR B 1317 -14.43 -16.32 -72.08
CA THR B 1317 -13.95 -15.13 -72.77
C THR B 1317 -14.35 -13.89 -71.99
N GLY B 1318 -13.62 -12.82 -72.25
CA GLY B 1318 -13.92 -11.52 -71.67
C GLY B 1318 -12.95 -11.18 -70.55
N GLU B 1319 -13.50 -10.75 -69.42
CA GLU B 1319 -12.74 -10.33 -68.23
C GLU B 1319 -13.41 -10.91 -66.99
N GLY B 1320 -12.64 -11.04 -65.92
CA GLY B 1320 -13.13 -11.55 -64.67
C GLY B 1320 -12.96 -13.04 -64.54
N CYS B 1321 -12.34 -13.46 -63.45
CA CYS B 1321 -12.08 -14.87 -63.20
C CYS B 1321 -13.38 -15.58 -62.87
N VAL B 1322 -13.40 -16.89 -63.14
CA VAL B 1322 -14.55 -17.72 -62.81
C VAL B 1322 -14.05 -19.04 -62.26
N TYR B 1323 -14.71 -19.53 -61.23
CA TYR B 1323 -14.49 -20.86 -60.71
C TYR B 1323 -15.57 -21.74 -61.28
N LEU B 1324 -15.22 -22.98 -61.59
CA LEU B 1324 -16.13 -23.91 -62.24
C LEU B 1324 -16.02 -25.26 -61.55
N GLN B 1325 -16.95 -25.50 -60.65
CA GLN B 1325 -16.96 -26.69 -59.81
C GLN B 1325 -17.93 -27.68 -60.42
N THR B 1326 -17.44 -28.85 -60.80
CA THR B 1326 -18.27 -29.89 -61.34
C THR B 1326 -18.19 -31.14 -60.48
N SER B 1327 -19.30 -31.85 -60.43
CA SER B 1327 -19.38 -33.09 -59.67
C SER B 1327 -20.25 -34.06 -60.43
N LEU B 1328 -19.87 -35.33 -60.35
CA LEU B 1328 -20.57 -36.40 -61.02
C LEU B 1328 -20.79 -37.51 -60.02
N LYS B 1329 -22.01 -37.99 -59.94
CA LYS B 1329 -22.38 -39.06 -59.03
C LYS B 1329 -23.02 -40.20 -59.79
N TYR B 1330 -22.83 -41.39 -59.24
CA TYR B 1330 -23.31 -42.62 -59.84
C TYR B 1330 -23.20 -43.71 -58.79
N ASN B 1331 -23.41 -44.96 -59.21
CA ASN B 1331 -23.46 -46.09 -58.30
C ASN B 1331 -22.39 -47.11 -58.66
N ILE B 1332 -22.00 -47.91 -57.66
CA ILE B 1332 -20.97 -48.96 -57.87
C ILE B 1332 -21.43 -50.25 -57.18
N LEU B 1333 -20.74 -51.37 -57.42
CA LEU B 1333 -21.12 -52.69 -56.85
C LEU B 1333 -22.09 -53.47 -57.75
N PRO B 1334 -22.41 -53.07 -59.00
CA PRO B 1334 -23.25 -53.90 -59.88
C PRO B 1334 -22.44 -55.18 -60.12
N GLU B 1335 -21.12 -55.05 -60.29
CA GLU B 1335 -20.22 -56.21 -60.47
C GLU B 1335 -20.80 -57.44 -59.74
N LYS C 28 -42.17 27.80 35.01
CA LYS C 28 -41.61 26.61 35.60
C LYS C 28 -40.81 26.96 36.86
N PRO C 29 -40.67 26.02 37.79
CA PRO C 29 -39.93 26.32 39.03
C PRO C 29 -38.44 26.26 38.76
N GLN C 30 -37.68 27.13 39.45
CA GLN C 30 -36.29 27.30 39.05
C GLN C 30 -35.33 27.37 40.22
N TYR C 31 -34.17 26.76 39.99
CA TYR C 31 -33.05 26.67 40.90
C TYR C 31 -31.79 26.75 40.05
N MET C 32 -30.68 27.04 40.70
CA MET C 32 -29.42 27.04 39.98
C MET C 32 -28.28 27.13 40.97
N VAL C 33 -27.33 26.21 40.90
CA VAL C 33 -26.23 26.15 41.86
C VAL C 33 -24.92 26.24 41.09
N LEU C 34 -23.98 27.02 41.61
CA LEU C 34 -22.69 27.24 41.00
C LEU C 34 -21.59 26.93 42.01
N VAL C 35 -20.47 26.44 41.52
CA VAL C 35 -19.34 26.12 42.38
C VAL C 35 -18.09 25.97 41.54
N PRO C 36 -16.93 26.44 41.99
CA PRO C 36 -15.69 26.12 41.28
C PRO C 36 -15.45 24.61 41.26
N SER C 37 -14.89 24.16 40.15
CA SER C 37 -14.60 22.75 39.93
C SER C 37 -13.45 22.25 40.79
N LEU C 38 -12.39 23.06 40.92
CA LEU C 38 -11.22 22.71 41.71
C LEU C 38 -11.51 23.14 43.14
N LEU C 39 -11.33 22.23 44.08
CA LEU C 39 -11.53 22.51 45.48
C LEU C 39 -10.22 22.43 46.23
N HIS C 40 -9.99 23.44 47.05
CA HIS C 40 -8.89 23.45 48.01
C HIS C 40 -9.41 22.98 49.36
N THR C 41 -8.52 22.37 50.12
CA THR C 41 -8.87 21.68 51.34
C THR C 41 -8.38 22.43 52.55
N GLU C 42 -8.78 21.94 53.72
CA GLU C 42 -8.32 22.48 54.99
C GLU C 42 -8.73 23.94 55.16
N THR C 43 -9.76 24.37 54.45
CA THR C 43 -10.04 25.78 54.32
C THR C 43 -11.45 25.95 53.80
N THR C 44 -11.90 27.21 53.77
CA THR C 44 -13.22 27.57 53.29
C THR C 44 -13.19 27.84 51.80
N GLU C 45 -14.30 27.50 51.15
CA GLU C 45 -14.51 27.76 49.74
C GLU C 45 -15.98 28.07 49.55
N LYS C 46 -16.27 29.05 48.70
CA LYS C 46 -17.62 29.55 48.48
C LYS C 46 -18.26 28.96 47.25
N GLY C 47 -19.54 28.63 47.38
CA GLY C 47 -20.37 28.24 46.26
C GLY C 47 -21.73 28.91 46.39
N CYS C 48 -22.37 29.20 45.27
CA CYS C 48 -23.53 30.06 45.23
C CYS C 48 -24.75 29.32 44.70
N VAL C 49 -25.91 29.90 44.92
CA VAL C 49 -27.16 29.26 44.54
C VAL C 49 -28.26 30.30 44.41
N LEU C 50 -29.13 30.06 43.45
CA LEU C 50 -30.20 30.95 43.04
C LEU C 50 -31.48 30.14 43.09
N LEU C 51 -32.57 30.74 43.61
CA LEU C 51 -33.85 30.05 43.63
C LEU C 51 -35.01 30.99 43.36
N SER C 52 -36.08 30.41 42.79
CA SER C 52 -37.29 31.15 42.46
C SER C 52 -38.42 30.23 42.00
N TYR C 53 -39.62 30.82 41.91
CA TYR C 53 -40.74 30.39 41.02
C TYR C 53 -41.69 29.40 41.71
N LEU C 54 -42.48 29.81 42.71
CA LEU C 54 -43.52 28.95 43.33
C LEU C 54 -42.97 27.73 44.09
N ASN C 55 -43.64 27.33 45.19
CA ASN C 55 -43.19 26.15 45.99
C ASN C 55 -41.82 26.53 46.51
N GLU C 56 -41.67 27.78 46.95
CA GLU C 56 -40.34 28.28 47.31
C GLU C 56 -39.88 27.82 48.69
N THR C 57 -40.59 26.90 49.34
CA THR C 57 -40.16 26.36 50.64
C THR C 57 -39.14 25.26 50.37
N VAL C 58 -37.96 25.67 49.91
CA VAL C 58 -36.99 24.72 49.37
C VAL C 58 -35.87 24.52 50.36
N THR C 59 -35.25 23.35 50.27
CA THR C 59 -34.06 23.02 51.03
C THR C 59 -33.09 22.32 50.10
N VAL C 60 -31.89 22.82 50.08
CA VAL C 60 -30.83 22.35 49.21
C VAL C 60 -29.79 21.68 50.07
N SER C 61 -29.09 20.71 49.50
CA SER C 61 -28.04 20.04 50.23
C SER C 61 -26.93 19.60 49.30
N ALA C 62 -25.73 20.06 49.57
CA ALA C 62 -24.51 19.59 48.93
C ALA C 62 -23.96 18.40 49.70
N SER C 63 -23.45 17.42 48.96
CA SER C 63 -22.86 16.22 49.54
C SER C 63 -21.61 15.91 48.76
N LEU C 64 -20.46 16.27 49.30
CA LEU C 64 -19.19 15.99 48.69
C LEU C 64 -18.64 14.71 49.31
N GLU C 65 -18.60 13.63 48.54
CA GLU C 65 -18.36 12.31 49.07
C GLU C 65 -17.18 11.66 48.37
N SER C 66 -16.29 11.11 49.19
CA SER C 66 -15.21 10.25 48.69
C SER C 66 -15.84 8.92 48.37
N VAL C 67 -16.04 8.71 47.08
CA VAL C 67 -16.55 7.51 46.45
C VAL C 67 -15.89 6.26 47.03
N ARG C 68 -14.58 6.14 46.88
CA ARG C 68 -13.92 4.88 47.17
C ARG C 68 -13.80 4.74 48.68
N GLY C 69 -14.14 3.58 49.17
CA GLY C 69 -14.34 3.41 50.60
C GLY C 69 -15.55 4.20 51.02
N ASN C 70 -15.33 5.24 51.83
CA ASN C 70 -16.42 6.15 52.18
C ASN C 70 -15.81 7.38 52.83
N ARG C 71 -16.16 8.55 52.31
CA ARG C 71 -16.19 9.73 53.16
C ARG C 71 -17.35 10.60 52.69
N SER C 72 -17.83 11.47 53.58
CA SER C 72 -18.95 12.33 53.24
C SER C 72 -18.83 13.63 54.02
N LEU C 73 -18.89 14.75 53.31
CA LEU C 73 -19.03 16.08 53.89
C LEU C 73 -20.37 16.62 53.41
N PHE C 74 -21.26 16.88 54.36
CA PHE C 74 -22.61 17.31 54.07
C PHE C 74 -22.76 18.79 54.38
N THR C 75 -23.58 19.46 53.58
CA THR C 75 -23.91 20.86 53.77
C THR C 75 -25.36 21.03 53.33
N ASP C 76 -26.10 21.90 54.02
CA ASP C 76 -27.49 22.18 53.69
C ASP C 76 -27.76 23.66 53.75
N LEU C 77 -28.93 24.03 53.24
CA LEU C 77 -29.34 25.42 53.28
C LEU C 77 -30.82 25.50 52.94
N GLU C 78 -31.52 26.41 53.60
CA GLU C 78 -32.87 26.75 53.21
C GLU C 78 -32.84 27.76 52.07
N ALA C 79 -33.83 27.66 51.19
CA ALA C 79 -33.86 28.48 49.99
C ALA C 79 -35.28 28.92 49.68
N GLU C 80 -35.40 30.16 49.19
CA GLU C 80 -36.63 30.92 49.00
C GLU C 80 -36.69 31.41 47.56
N ASN C 81 -37.63 32.30 47.30
CA ASN C 81 -37.78 32.86 45.97
C ASN C 81 -36.63 33.79 45.62
N ASP C 82 -36.28 33.79 44.34
CA ASP C 82 -35.50 34.80 43.62
C ASP C 82 -34.34 35.34 44.42
N VAL C 83 -33.69 34.49 45.22
CA VAL C 83 -32.56 34.90 46.04
C VAL C 83 -31.33 34.19 45.51
N LEU C 84 -30.25 34.96 45.36
CA LEU C 84 -28.91 34.49 45.07
C LEU C 84 -28.15 34.61 46.38
N HIS C 85 -27.99 33.49 47.07
CA HIS C 85 -27.17 33.45 48.28
C HIS C 85 -25.96 32.57 48.04
N CYS C 86 -24.83 32.97 48.65
CA CYS C 86 -23.58 32.25 48.56
C CYS C 86 -23.18 31.78 49.94
N VAL C 87 -22.89 30.49 50.05
CA VAL C 87 -22.48 29.87 51.30
C VAL C 87 -21.05 29.37 51.13
N ALA C 88 -20.28 29.47 52.21
CA ALA C 88 -18.88 29.08 52.23
C ALA C 88 -18.75 27.84 53.10
N PHE C 89 -18.59 26.69 52.45
CA PHE C 89 -18.33 25.44 53.16
C PHE C 89 -16.82 25.24 53.20
N ALA C 90 -16.36 24.55 54.23
CA ALA C 90 -14.93 24.29 54.38
C ALA C 90 -14.66 22.79 54.30
N VAL C 91 -13.42 22.48 53.96
CA VAL C 91 -12.97 21.12 53.70
C VAL C 91 -11.77 20.84 54.58
N PRO C 92 -11.65 19.64 55.18
CA PRO C 92 -10.43 19.31 55.91
C PRO C 92 -9.42 18.62 55.02
N LYS C 93 -8.26 18.31 55.59
CA LYS C 93 -7.28 17.50 54.90
C LYS C 93 -7.85 16.13 54.57
N SER C 94 -7.16 15.42 53.68
CA SER C 94 -7.56 14.11 53.22
C SER C 94 -6.46 13.09 53.47
N SER C 95 -6.76 11.86 53.10
CA SER C 95 -5.75 10.82 53.08
C SER C 95 -4.70 11.12 52.02
N SER C 96 -5.11 11.16 50.76
CA SER C 96 -4.21 11.40 49.66
C SER C 96 -4.00 12.90 49.49
N ASN C 97 -3.16 13.26 48.51
CA ASN C 97 -2.94 14.66 48.19
C ASN C 97 -4.04 15.19 47.29
N GLU C 98 -4.15 14.63 46.10
CA GLU C 98 -5.07 15.08 45.07
C GLU C 98 -6.05 13.96 44.78
N GLU C 99 -7.34 14.30 44.73
CA GLU C 99 -8.37 13.29 44.63
C GLU C 99 -9.56 13.85 43.86
N VAL C 100 -10.39 12.93 43.40
CA VAL C 100 -11.68 13.25 42.83
C VAL C 100 -12.73 12.92 43.87
N MET C 101 -13.90 13.52 43.75
CA MET C 101 -14.98 13.29 44.70
C MET C 101 -16.30 13.44 43.98
N PHE C 102 -17.28 12.64 44.39
CA PHE C 102 -18.63 12.78 43.87
C PHE C 102 -19.33 13.85 44.68
N LEU C 103 -19.55 15.01 44.07
CA LEU C 103 -20.40 16.03 44.67
C LEU C 103 -21.79 15.84 44.11
N THR C 104 -22.77 15.72 44.98
CA THR C 104 -24.16 15.60 44.58
C THR C 104 -24.98 16.66 45.31
N VAL C 105 -25.81 17.35 44.57
CA VAL C 105 -26.73 18.34 45.08
C VAL C 105 -28.11 17.73 45.08
N GLN C 106 -28.84 17.91 46.17
CA GLN C 106 -30.21 17.45 46.31
C GLN C 106 -31.09 18.62 46.71
N VAL C 107 -32.06 18.93 45.86
CA VAL C 107 -32.99 20.03 46.05
C VAL C 107 -34.33 19.42 46.38
N LYS C 108 -34.99 20.01 47.39
CA LYS C 108 -36.28 19.52 47.84
C LYS C 108 -37.20 20.68 48.13
N GLY C 109 -38.19 20.86 47.28
CA GLY C 109 -39.29 21.74 47.57
C GLY C 109 -40.49 20.89 47.94
N PRO C 110 -41.50 21.54 48.50
CA PRO C 110 -42.58 20.82 49.19
C PRO C 110 -43.34 19.85 48.30
N THR C 111 -43.31 20.11 46.98
CA THR C 111 -44.01 19.21 46.01
C THR C 111 -43.02 18.92 44.88
N GLN C 112 -41.76 19.31 45.02
CA GLN C 112 -40.79 19.14 43.89
C GLN C 112 -39.43 18.62 44.39
N GLU C 113 -38.76 17.81 43.57
CA GLU C 113 -37.45 17.28 43.93
C GLU C 113 -36.52 17.42 42.73
N PHE C 114 -35.24 17.41 43.03
CA PHE C 114 -34.25 17.34 41.96
C PHE C 114 -32.94 16.88 42.59
N LYS C 115 -32.11 16.22 41.79
CA LYS C 115 -30.83 15.73 42.28
C LYS C 115 -29.86 15.63 41.12
N LYS C 116 -28.65 16.15 41.31
CA LYS C 116 -27.67 16.19 40.24
C LYS C 116 -26.27 16.21 40.83
N ARG C 117 -25.38 15.42 40.23
CA ARG C 117 -24.03 15.25 40.75
C ARG C 117 -23.02 15.46 39.65
N THR C 118 -21.76 15.44 40.05
CA THR C 118 -20.62 15.58 39.16
C THR C 118 -19.37 15.21 39.95
N THR C 119 -18.22 15.37 39.32
CA THR C 119 -16.93 15.00 39.86
C THR C 119 -16.16 16.27 40.19
N VAL C 120 -15.97 16.50 41.47
CA VAL C 120 -15.26 17.66 41.97
C VAL C 120 -13.83 17.28 42.27
N MET C 121 -12.90 18.10 41.84
CA MET C 121 -11.50 17.88 42.05
C MET C 121 -11.12 18.54 43.36
N VAL C 122 -10.54 17.76 44.24
CA VAL C 122 -10.06 18.23 45.53
C VAL C 122 -8.55 18.02 45.56
N LYS C 123 -7.83 18.99 46.13
CA LYS C 123 -6.38 18.96 46.13
C LYS C 123 -5.89 19.44 47.48
N ASN C 124 -5.10 18.60 48.16
CA ASN C 124 -4.49 19.00 49.43
C ASN C 124 -3.39 19.99 49.08
N GLU C 125 -3.80 21.24 48.92
CA GLU C 125 -2.89 22.27 48.48
C GLU C 125 -1.84 22.53 49.53
N ASP C 126 -0.68 22.97 49.06
CA ASP C 126 0.38 23.46 49.91
C ASP C 126 0.21 24.95 50.10
N SER C 127 0.57 25.42 51.29
CA SER C 127 0.70 26.84 51.50
C SER C 127 1.70 27.42 50.52
N LEU C 128 1.51 28.70 50.18
CA LEU C 128 2.43 29.40 49.29
C LEU C 128 3.41 30.12 50.20
N VAL C 129 4.68 29.74 50.07
CA VAL C 129 5.70 30.05 51.06
C VAL C 129 6.93 30.54 50.33
N PHE C 130 7.84 31.18 51.07
CA PHE C 130 9.00 31.75 50.43
C PHE C 130 10.01 32.21 51.47
N VAL C 131 11.05 32.86 50.96
CA VAL C 131 12.22 33.27 51.70
C VAL C 131 12.51 34.74 51.40
N GLN C 132 13.33 35.33 52.26
CA GLN C 132 13.98 36.57 51.94
C GLN C 132 15.27 36.63 52.73
N THR C 133 16.34 37.03 52.06
CA THR C 133 17.65 37.10 52.68
C THR C 133 17.93 38.52 53.16
N ASP C 134 18.88 38.61 54.07
CA ASP C 134 19.52 39.88 54.33
C ASP C 134 20.10 40.48 53.07
N LYS C 135 20.82 39.68 52.29
CA LYS C 135 21.65 40.17 51.22
C LYS C 135 21.61 39.15 50.10
N SER C 136 22.09 39.56 48.92
CA SER C 136 22.10 38.70 47.74
C SER C 136 23.39 37.91 47.58
N ILE C 137 24.50 38.40 48.14
CA ILE C 137 25.82 37.80 48.01
C ILE C 137 26.51 37.95 49.35
N TYR C 138 27.45 37.04 49.64
CA TYR C 138 28.14 37.03 50.91
C TYR C 138 29.63 36.81 50.74
N LYS C 139 30.39 37.41 51.63
CA LYS C 139 31.83 37.26 51.70
C LYS C 139 32.20 36.43 52.91
N PRO C 140 33.42 35.90 52.95
CA PRO C 140 33.81 35.03 54.07
C PRO C 140 33.69 35.72 55.44
N GLY C 141 33.44 34.91 56.46
CA GLY C 141 33.43 35.37 57.83
C GLY C 141 32.11 35.96 58.30
N GLN C 142 31.22 36.30 57.39
CA GLN C 142 29.97 36.94 57.76
C GLN C 142 28.95 35.90 58.20
N THR C 143 27.73 36.37 58.46
CA THR C 143 26.61 35.52 58.87
C THR C 143 25.41 35.77 57.97
N VAL C 144 24.91 34.70 57.37
CA VAL C 144 23.75 34.80 56.47
C VAL C 144 22.49 34.81 57.32
N LYS C 145 21.67 35.83 57.13
CA LYS C 145 20.41 35.98 57.84
C LYS C 145 19.28 36.04 56.83
N PHE C 146 18.24 35.26 57.08
CA PHE C 146 17.10 35.23 56.19
C PHE C 146 15.85 35.04 57.02
N ARG C 147 14.73 35.01 56.33
CA ARG C 147 13.43 34.81 56.93
C ARG C 147 12.59 33.97 55.99
N VAL C 148 11.69 33.21 56.59
CA VAL C 148 10.74 32.39 55.85
C VAL C 148 9.34 32.90 56.12
N VAL C 149 8.47 32.70 55.14
CA VAL C 149 7.08 33.12 55.16
C VAL C 149 6.23 32.00 54.57
N SER C 150 4.98 31.94 55.00
CA SER C 150 4.00 31.04 54.44
C SER C 150 2.61 31.66 54.56
N MET C 151 1.75 31.34 53.59
CA MET C 151 0.40 31.89 53.54
C MET C 151 -0.53 30.87 52.89
N ASP C 152 -1.82 31.19 52.94
CA ASP C 152 -2.88 30.41 52.29
C ASP C 152 -3.40 31.17 51.07
N GLU C 153 -4.49 30.66 50.48
CA GLU C 153 -5.04 31.26 49.27
C GLU C 153 -5.36 32.72 49.51
N ASN C 154 -6.30 32.98 50.40
CA ASN C 154 -6.37 34.28 51.00
C ASN C 154 -5.06 34.58 51.68
N PHE C 155 -4.66 35.83 51.66
CA PHE C 155 -3.36 36.21 52.18
C PHE C 155 -3.44 36.61 53.62
N HIS C 156 -4.34 36.01 54.39
CA HIS C 156 -4.25 36.15 55.83
C HIS C 156 -3.09 35.29 56.33
N PRO C 157 -2.20 35.81 57.19
CA PRO C 157 -1.08 34.98 57.65
C PRO C 157 -1.55 33.72 58.37
N LEU C 158 -0.84 32.62 58.13
CA LEU C 158 -1.21 31.29 58.60
C LEU C 158 -0.09 30.72 59.47
N ASN C 159 -0.47 30.16 60.62
CA ASN C 159 0.49 29.57 61.56
C ASN C 159 0.56 28.07 61.38
N GLU C 160 1.78 27.54 61.29
CA GLU C 160 1.93 26.14 60.91
C GLU C 160 3.31 25.63 61.30
N LEU C 161 3.36 24.37 61.68
CA LEU C 161 4.61 23.66 61.90
C LEU C 161 5.24 23.38 60.55
N ILE C 162 6.51 23.74 60.41
CA ILE C 162 7.30 23.44 59.23
C ILE C 162 8.15 22.23 59.54
N PRO C 163 8.14 21.18 58.70
CA PRO C 163 9.10 20.10 58.91
C PRO C 163 10.54 20.51 58.74
N LEU C 164 10.95 21.10 57.61
CA LEU C 164 12.38 21.27 57.38
C LEU C 164 12.71 22.59 56.73
N VAL C 165 13.83 23.17 57.17
CA VAL C 165 14.53 24.22 56.41
C VAL C 165 16.02 24.02 56.64
N TYR C 166 16.83 24.29 55.61
CA TYR C 166 18.26 24.10 55.75
C TYR C 166 19.00 24.89 54.69
N ILE C 167 20.29 25.10 54.96
CA ILE C 167 21.20 25.76 54.04
C ILE C 167 22.15 24.70 53.51
N GLN C 168 22.38 24.75 52.20
CA GLN C 168 23.05 23.70 51.46
C GLN C 168 24.20 24.28 50.66
N ASP C 169 25.33 23.59 50.71
CA ASP C 169 26.49 23.94 49.91
C ASP C 169 26.30 23.43 48.48
N PRO C 170 27.11 23.91 47.53
CA PRO C 170 26.92 23.47 46.14
C PRO C 170 27.18 21.98 45.93
N LYS C 171 27.86 21.32 46.85
CA LYS C 171 28.32 19.96 46.66
C LYS C 171 27.33 18.92 47.15
N GLY C 172 26.10 19.32 47.48
CA GLY C 172 25.25 18.49 48.29
C GLY C 172 25.72 18.33 49.71
N ASN C 173 26.68 19.14 50.15
CA ASN C 173 27.29 19.04 51.48
C ASN C 173 26.65 20.02 52.44
N ARG C 174 25.46 19.69 52.95
CA ARG C 174 24.63 20.59 53.75
C ARG C 174 25.37 21.31 54.87
N ILE C 175 25.36 22.64 54.82
CA ILE C 175 26.10 23.44 55.79
C ILE C 175 25.34 23.67 57.08
N ALA C 176 24.01 23.72 57.04
CA ALA C 176 23.28 23.99 58.28
C ALA C 176 21.86 23.52 58.12
N GLN C 177 21.18 23.26 59.24
CA GLN C 177 19.86 22.63 59.16
C GLN C 177 19.05 22.89 60.42
N TRP C 178 17.73 23.06 60.21
CA TRP C 178 16.76 23.28 61.27
C TRP C 178 15.51 22.51 60.89
N GLN C 179 14.88 21.90 61.89
CA GLN C 179 13.74 21.02 61.67
C GLN C 179 12.64 21.29 62.67
N SER C 180 11.40 21.10 62.20
CA SER C 180 10.23 21.01 63.06
C SER C 180 10.03 22.27 63.90
N PHE C 181 9.76 23.38 63.22
CA PHE C 181 9.57 24.68 63.87
C PHE C 181 8.32 25.36 63.34
N GLN C 182 7.60 26.01 64.23
CA GLN C 182 6.27 26.51 63.92
C GLN C 182 6.29 28.02 63.69
N LEU C 183 5.72 28.42 62.55
CA LEU C 183 5.41 29.83 62.33
C LEU C 183 4.19 30.22 63.13
N GLU C 184 4.34 31.31 63.89
CA GLU C 184 3.31 31.87 64.74
C GLU C 184 2.95 33.25 64.23
N GLY C 185 3.97 34.03 63.91
CA GLY C 185 3.78 35.36 63.39
C GLY C 185 3.61 35.35 61.89
N GLY C 186 3.35 34.19 61.30
CA GLY C 186 3.33 34.03 59.86
C GLY C 186 4.70 34.00 59.22
N LEU C 187 5.77 34.23 59.99
CA LEU C 187 7.11 34.21 59.48
C LEU C 187 8.05 33.81 60.58
N LYS C 188 9.30 33.60 60.18
CA LYS C 188 10.36 33.43 61.16
C LYS C 188 11.64 33.91 60.52
N GLN C 189 12.64 34.13 61.35
CA GLN C 189 13.96 34.57 60.94
C GLN C 189 14.99 33.57 61.45
N PHE C 190 16.06 33.42 60.69
CA PHE C 190 17.19 32.60 61.09
C PHE C 190 18.47 33.31 60.71
N SER C 191 19.52 32.99 61.47
CA SER C 191 20.88 33.42 61.18
C SER C 191 21.77 32.19 61.22
N PHE C 192 22.84 32.25 60.46
CA PHE C 192 23.84 31.20 60.48
C PHE C 192 25.19 31.79 60.15
N PRO C 193 26.21 31.62 61.00
CA PRO C 193 27.51 32.20 60.69
C PRO C 193 28.32 31.31 59.77
N LEU C 194 29.15 31.94 58.93
CA LEU C 194 29.95 31.20 57.98
C LEU C 194 31.42 31.21 58.38
N SER C 195 32.14 30.19 57.95
CA SER C 195 33.54 30.03 58.34
C SER C 195 34.38 31.15 57.73
N SER C 196 35.66 31.16 58.11
CA SER C 196 36.61 32.07 57.50
C SER C 196 37.16 31.51 56.19
N GLU C 197 37.07 30.20 55.99
CA GLU C 197 37.49 29.56 54.74
C GLU C 197 36.46 28.52 54.32
N PRO C 198 35.25 28.97 53.98
CA PRO C 198 34.24 28.04 53.49
C PRO C 198 34.40 27.81 52.00
N PHE C 199 33.40 27.13 51.45
CA PHE C 199 33.38 26.89 50.01
C PHE C 199 32.83 28.12 49.29
N GLN C 200 33.31 28.36 48.09
CA GLN C 200 32.88 29.48 47.27
C GLN C 200 31.91 28.99 46.20
N GLY C 201 31.01 29.90 45.80
CA GLY C 201 30.07 29.67 44.74
C GLY C 201 28.66 29.98 45.18
N SER C 202 27.70 29.38 44.49
CA SER C 202 26.30 29.66 44.70
C SER C 202 25.73 28.73 45.75
N TYR C 203 25.62 29.22 46.98
CA TYR C 203 25.00 28.47 48.06
C TYR C 203 23.50 28.52 47.89
N LYS C 204 22.78 27.66 48.61
CA LYS C 204 21.33 27.62 48.51
C LYS C 204 20.75 27.54 49.91
N VAL C 205 19.49 27.93 50.01
CA VAL C 205 18.66 27.58 51.14
C VAL C 205 17.47 26.82 50.58
N VAL C 206 16.92 25.91 51.37
CA VAL C 206 15.85 25.05 50.93
C VAL C 206 14.90 24.87 52.11
N VAL C 207 13.63 24.70 51.81
CA VAL C 207 12.61 24.41 52.78
C VAL C 207 11.77 23.27 52.23
N GLN C 208 11.23 22.46 53.12
CA GLN C 208 10.41 21.34 52.72
C GLN C 208 9.27 21.16 53.70
N LYS C 209 8.10 20.85 53.14
CA LYS C 209 6.82 20.89 53.80
C LYS C 209 6.31 19.48 54.05
N LYS C 210 5.29 19.40 54.92
CA LYS C 210 4.75 18.11 55.32
C LYS C 210 4.15 17.36 54.14
N SER C 211 3.74 18.08 53.11
CA SER C 211 3.27 17.46 51.89
C SER C 211 4.40 16.74 51.17
N GLY C 212 5.64 17.17 51.42
CA GLY C 212 6.75 16.82 50.58
C GLY C 212 7.11 17.89 49.58
N GLY C 213 6.39 19.00 49.56
CA GLY C 213 6.73 20.09 48.68
C GLY C 213 8.00 20.79 49.15
N ARG C 214 8.78 21.24 48.18
CA ARG C 214 10.09 21.81 48.42
C ARG C 214 10.19 23.14 47.70
N THR C 215 10.86 24.08 48.34
CA THR C 215 11.12 25.39 47.74
C THR C 215 12.56 25.75 48.00
N GLU C 216 13.15 26.46 47.05
CA GLU C 216 14.55 26.81 47.06
C GLU C 216 14.69 28.31 47.02
N HIS C 217 15.78 28.81 47.58
CA HIS C 217 16.14 30.22 47.48
C HIS C 217 17.66 30.28 47.40
N PRO C 218 18.24 30.57 46.25
CA PRO C 218 19.70 30.63 46.17
C PRO C 218 20.23 31.90 46.82
N PHE C 219 21.54 31.87 47.05
CA PHE C 219 22.27 33.04 47.49
C PHE C 219 23.74 32.74 47.28
N THR C 220 24.47 33.75 46.84
CA THR C 220 25.82 33.55 46.37
C THR C 220 26.80 33.91 47.46
N VAL C 221 27.98 33.33 47.35
CA VAL C 221 29.04 33.50 48.33
C VAL C 221 30.36 33.51 47.61
N GLU C 222 31.14 34.56 47.80
CA GLU C 222 32.46 34.69 47.19
C GLU C 222 33.09 35.97 47.73
N GLU C 223 34.29 36.26 47.24
CA GLU C 223 34.93 37.53 47.54
C GLU C 223 34.53 38.57 46.51
N PHE C 224 34.59 39.82 46.92
CA PHE C 224 34.14 40.94 46.09
C PHE C 224 34.48 42.23 46.80
N VAL C 225 34.50 43.31 46.03
CA VAL C 225 34.73 44.66 46.52
C VAL C 225 33.41 45.39 46.51
N LEU C 226 33.31 46.43 47.31
CA LEU C 226 32.14 47.27 47.31
C LEU C 226 32.22 48.27 46.17
N PRO C 227 31.39 48.16 45.13
CA PRO C 227 31.41 49.19 44.09
C PRO C 227 30.70 50.45 44.56
N LYS C 228 31.39 51.58 44.41
CA LYS C 228 30.88 52.87 44.83
C LYS C 228 30.30 53.66 43.67
N PHE C 229 29.89 52.99 42.60
CA PHE C 229 29.33 53.63 41.42
C PHE C 229 28.73 52.54 40.56
N GLU C 230 27.88 52.96 39.63
CA GLU C 230 27.35 52.07 38.63
C GLU C 230 27.31 52.79 37.30
N VAL C 231 27.52 52.04 36.25
CA VAL C 231 27.37 52.60 34.92
C VAL C 231 25.91 52.47 34.55
N GLN C 232 25.40 53.44 33.81
CA GLN C 232 24.03 53.33 33.35
C GLN C 232 23.95 54.00 32.00
N VAL C 233 23.44 53.25 31.04
CA VAL C 233 23.54 53.57 29.64
C VAL C 233 22.15 53.60 29.04
N THR C 234 22.11 54.06 27.81
CA THR C 234 20.84 54.29 27.14
C THR C 234 21.05 54.06 25.65
N VAL C 235 20.41 53.02 25.15
CA VAL C 235 20.35 52.75 23.72
C VAL C 235 18.90 52.30 23.54
N PRO C 236 18.32 52.37 22.34
CA PRO C 236 17.00 51.78 22.13
C PRO C 236 16.92 50.38 22.69
N LYS C 237 15.94 50.19 23.59
CA LYS C 237 15.60 48.87 24.05
C LYS C 237 15.47 47.89 22.91
N ILE C 238 14.93 48.36 21.79
CA ILE C 238 14.69 47.54 20.62
C ILE C 238 15.12 48.33 19.40
N ILE C 239 15.81 47.67 18.49
CA ILE C 239 16.22 48.23 17.20
C ILE C 239 15.68 47.30 16.13
N THR C 240 15.15 47.88 15.05
CA THR C 240 14.51 47.12 14.00
C THR C 240 15.29 47.23 12.70
N ILE C 241 14.69 46.73 11.64
CA ILE C 241 15.34 46.63 10.34
C ILE C 241 15.63 48.02 9.80
N LEU C 242 14.61 48.86 9.76
CA LEU C 242 14.69 50.15 9.07
C LEU C 242 15.36 51.14 10.01
N GLU C 243 16.64 50.90 10.24
CA GLU C 243 17.42 51.71 11.16
C GLU C 243 18.78 51.95 10.56
N GLU C 244 19.00 53.19 10.12
CA GLU C 244 20.29 53.60 9.59
C GLU C 244 21.28 53.97 10.67
N GLU C 245 20.82 54.17 11.91
CA GLU C 245 21.67 54.63 12.99
C GLU C 245 21.02 54.28 14.31
N MET C 246 21.58 54.83 15.38
CA MET C 246 21.20 54.46 16.72
C MET C 246 21.76 55.49 17.69
N ASN C 247 20.94 55.88 18.65
CA ASN C 247 21.38 56.76 19.72
C ASN C 247 21.99 55.92 20.83
N VAL C 248 22.97 56.50 21.52
CA VAL C 248 23.71 55.80 22.56
C VAL C 248 24.09 56.81 23.63
N SER C 249 24.19 56.34 24.86
CA SER C 249 24.64 57.22 25.92
C SER C 249 25.03 56.42 27.13
N VAL C 250 25.72 57.11 28.03
CA VAL C 250 26.27 56.52 29.23
C VAL C 250 26.42 57.61 30.27
N CYS C 251 26.22 57.22 31.52
CA CYS C 251 26.37 58.11 32.66
C CYS C 251 26.59 57.25 33.88
N GLY C 252 27.59 57.61 34.68
CA GLY C 252 27.95 56.84 35.85
C GLY C 252 27.39 57.42 37.13
N LEU C 253 26.38 56.77 37.67
CA LEU C 253 25.89 57.15 38.99
C LEU C 253 26.93 56.79 40.03
N TYR C 254 26.91 57.52 41.13
CA TYR C 254 27.97 57.45 42.13
C TYR C 254 27.32 57.48 43.51
N THR C 255 28.16 57.65 44.53
CA THR C 255 27.70 57.92 45.87
C THR C 255 26.77 59.11 45.86
N TYR C 256 25.57 58.91 46.41
CA TYR C 256 24.53 59.94 46.34
C TYR C 256 24.17 60.25 44.89
N GLY C 257 24.45 59.32 43.98
CA GLY C 257 24.19 59.53 42.58
C GLY C 257 24.94 60.70 41.98
N LYS C 258 25.98 61.19 42.64
CA LYS C 258 26.70 62.34 42.11
C LYS C 258 27.41 61.94 40.84
N PRO C 259 27.86 62.91 40.04
CA PRO C 259 28.62 62.56 38.84
C PRO C 259 30.05 62.22 39.19
N VAL C 260 30.62 61.33 38.39
CA VAL C 260 31.99 60.85 38.59
C VAL C 260 32.79 61.17 37.34
N PRO C 261 33.93 61.85 37.42
CA PRO C 261 34.77 62.01 36.23
C PRO C 261 35.53 60.73 35.95
N GLY C 262 35.81 60.51 34.67
CA GLY C 262 36.62 59.35 34.37
C GLY C 262 36.64 59.04 32.88
N HIS C 263 36.86 57.78 32.57
CA HIS C 263 36.90 57.27 31.22
C HIS C 263 35.85 56.19 31.07
N VAL C 264 35.52 55.92 29.82
CA VAL C 264 34.59 54.85 29.49
C VAL C 264 35.02 54.25 28.17
N THR C 265 34.70 52.99 27.97
CA THR C 265 34.73 52.37 26.66
C THR C 265 33.48 51.52 26.54
N VAL C 266 32.63 51.91 25.62
CA VAL C 266 31.49 51.11 25.24
C VAL C 266 31.96 50.12 24.19
N SER C 267 31.34 48.97 24.15
CA SER C 267 31.54 47.98 23.10
C SER C 267 30.15 47.54 22.67
N ILE C 268 29.60 48.27 21.73
CA ILE C 268 28.37 47.85 21.09
C ILE C 268 28.72 46.73 20.13
N CYS C 269 27.84 45.75 19.97
CA CYS C 269 28.25 44.53 19.29
C CYS C 269 27.05 43.79 18.73
N ARG C 270 27.17 43.37 17.48
CA ARG C 270 26.38 42.29 16.94
C ARG C 270 26.99 41.00 17.46
N LYS C 271 26.31 39.87 17.26
CA LYS C 271 26.76 38.59 17.74
C LYS C 271 26.62 37.53 16.66
N TYR C 272 27.40 36.45 16.81
CA TYR C 272 27.19 35.24 16.04
C TYR C 272 27.41 35.48 14.55
N SER C 273 28.64 35.81 14.16
CA SER C 273 29.02 36.02 12.78
C SER C 273 29.04 34.69 12.01
N ASP C 274 29.43 34.77 10.73
CA ASP C 274 29.57 33.59 9.87
C ASP C 274 30.54 32.54 10.42
N ALA C 275 31.34 32.87 11.43
CA ALA C 275 32.27 31.93 12.01
C ALA C 275 31.55 30.70 12.53
N SER C 276 32.28 29.58 12.56
CA SER C 276 31.69 28.32 13.02
C SER C 276 31.57 28.27 14.55
N ASP C 277 32.14 29.27 15.25
CA ASP C 277 32.08 29.43 16.71
C ASP C 277 32.55 28.19 17.46
N CYS C 278 33.39 27.36 16.86
CA CYS C 278 33.74 26.06 17.41
C CYS C 278 35.23 25.80 17.25
N HIS C 279 35.98 26.04 18.33
CA HIS C 279 37.32 25.50 18.54
C HIS C 279 38.41 26.20 17.74
N GLY C 280 38.06 27.07 16.81
CA GLY C 280 39.02 27.98 16.23
C GLY C 280 38.41 29.31 15.86
N GLU C 281 37.16 29.52 16.28
CA GLU C 281 36.31 30.54 15.72
C GLU C 281 35.60 31.29 16.85
N ASP C 282 35.73 32.60 16.84
CA ASP C 282 35.02 33.42 17.81
C ASP C 282 33.60 33.65 17.31
N SER C 283 32.63 33.35 18.16
CA SER C 283 31.25 33.73 17.87
C SER C 283 31.07 35.23 17.88
N GLN C 284 32.03 35.97 18.47
CA GLN C 284 31.97 37.41 18.48
C GLN C 284 31.88 37.97 17.07
N ALA C 285 30.74 38.58 16.80
CA ALA C 285 30.49 39.26 15.54
C ALA C 285 30.91 40.72 15.69
N PHE C 286 30.41 41.57 14.79
CA PHE C 286 30.95 42.91 14.60
C PHE C 286 30.73 43.76 15.85
N CYS C 287 31.84 44.27 16.37
CA CYS C 287 31.86 45.09 17.57
C CYS C 287 32.44 46.44 17.22
N GLU C 288 31.78 47.48 17.70
CA GLU C 288 32.26 48.85 17.59
C GLU C 288 32.52 49.35 18.99
N LYS C 289 33.68 49.95 19.17
CA LYS C 289 34.17 50.33 20.47
C LYS C 289 34.29 51.84 20.51
N PHE C 290 33.61 52.45 21.47
CA PHE C 290 33.56 53.89 21.60
C PHE C 290 34.13 54.31 22.95
N SER C 291 35.27 54.95 22.91
CA SER C 291 35.92 55.47 24.09
C SER C 291 35.37 56.86 24.37
N GLY C 292 35.20 57.17 25.64
CA GLY C 292 34.73 58.48 26.04
C GLY C 292 35.47 58.94 27.27
N GLN C 293 35.56 60.25 27.41
CA GLN C 293 36.07 60.88 28.61
C GLN C 293 34.85 61.45 29.32
N LEU C 294 34.36 60.71 30.29
CA LEU C 294 33.16 61.11 31.00
C LEU C 294 33.47 62.33 31.84
N ASN C 295 32.82 63.43 31.47
CA ASN C 295 33.07 64.76 32.00
C ASN C 295 32.82 64.81 33.51
N SER C 296 33.24 65.94 34.10
CA SER C 296 32.99 66.19 35.51
C SER C 296 31.50 66.34 35.78
N HIS C 297 30.87 67.34 35.18
CA HIS C 297 29.43 67.55 35.27
C HIS C 297 28.78 67.06 33.99
N GLY C 298 27.70 66.33 34.13
CA GLY C 298 27.09 65.69 32.99
C GLY C 298 27.77 64.37 32.70
N CYS C 299 27.43 63.82 31.55
CA CYS C 299 27.85 62.48 31.18
C CYS C 299 27.90 62.40 29.66
N PHE C 300 28.19 61.21 29.15
CA PHE C 300 28.63 61.07 27.77
C PHE C 300 27.52 60.52 26.89
N TYR C 301 27.52 60.96 25.64
CA TYR C 301 26.56 60.55 24.63
C TYR C 301 27.30 60.12 23.37
N GLN C 302 26.59 59.45 22.48
CA GLN C 302 27.17 59.06 21.21
C GLN C 302 26.10 58.65 20.22
N GLN C 303 26.21 59.14 18.99
CA GLN C 303 25.37 58.67 17.90
C GLN C 303 26.19 57.71 17.06
N VAL C 304 25.62 56.53 16.81
CA VAL C 304 26.33 55.47 16.13
C VAL C 304 25.53 55.08 14.89
N LYS C 305 26.23 54.59 13.87
CA LYS C 305 25.61 54.17 12.62
C LYS C 305 25.66 52.66 12.54
N THR C 306 24.48 52.06 12.40
CA THR C 306 24.36 50.61 12.39
C THR C 306 24.51 50.00 10.98
N LYS C 307 25.06 50.77 10.04
CA LYS C 307 25.36 50.23 8.72
C LYS C 307 26.28 49.02 8.83
N VAL C 308 27.30 49.14 9.66
CA VAL C 308 28.32 48.10 9.76
C VAL C 308 27.79 46.86 10.43
N PHE C 309 26.63 46.94 11.07
CA PHE C 309 26.06 45.75 11.67
C PHE C 309 25.37 44.87 10.66
N GLN C 310 24.98 45.43 9.52
CA GLN C 310 24.31 44.67 8.47
C GLN C 310 23.03 44.07 9.02
N LEU C 311 22.21 44.95 9.55
CA LEU C 311 21.06 44.53 10.33
C LEU C 311 20.04 43.85 9.44
N LYS C 312 20.41 42.67 8.96
CA LYS C 312 19.76 42.03 7.83
C LYS C 312 19.70 40.54 8.10
N ARG C 313 19.36 39.78 7.06
CA ARG C 313 18.90 38.41 7.12
C ARG C 313 19.64 37.54 8.11
N LYS C 314 20.92 37.34 7.87
CA LYS C 314 21.69 36.38 8.63
C LYS C 314 22.80 37.12 9.38
N GLU C 315 22.43 37.67 10.53
CA GLU C 315 23.27 38.31 11.51
C GLU C 315 22.38 38.49 12.73
N TYR C 316 22.94 38.23 13.92
CA TYR C 316 22.12 37.91 15.08
C TYR C 316 22.00 39.10 16.03
N GLU C 317 21.37 38.90 17.20
CA GLU C 317 20.95 40.00 18.06
C GLU C 317 22.13 40.81 18.58
N MET C 318 21.82 41.87 19.33
CA MET C 318 22.76 42.95 19.62
C MET C 318 23.03 43.00 21.11
N LYS C 319 24.31 42.91 21.48
CA LYS C 319 24.77 43.00 22.86
C LYS C 319 25.64 44.22 22.99
N LEU C 320 25.48 44.96 24.08
CA LEU C 320 26.19 46.22 24.26
C LEU C 320 26.85 46.16 25.62
N HIS C 321 28.15 45.93 25.63
CA HIS C 321 28.90 45.72 26.86
C HIS C 321 29.69 47.00 27.10
N THR C 322 29.29 47.73 28.12
CA THR C 322 29.82 49.05 28.39
C THR C 322 30.69 48.98 29.62
N GLU C 323 31.88 49.57 29.55
CA GLU C 323 32.94 49.35 30.52
C GLU C 323 33.44 50.70 30.97
N ALA C 324 32.98 51.14 32.12
CA ALA C 324 33.30 52.45 32.64
C ALA C 324 34.48 52.33 33.56
N GLN C 325 35.56 53.01 33.21
CA GLN C 325 36.77 53.09 34.02
C GLN C 325 36.69 54.36 34.84
N ILE C 326 36.70 54.20 36.15
CA ILE C 326 36.80 55.35 37.03
C ILE C 326 38.28 55.66 37.26
N GLN C 327 38.61 56.94 37.09
CA GLN C 327 39.89 57.51 37.45
C GLN C 327 40.11 57.42 38.95
N GLU C 328 41.35 57.68 39.37
CA GLU C 328 41.86 57.59 40.74
C GLU C 328 41.65 56.23 41.39
N GLU C 329 41.19 55.23 40.64
CA GLU C 329 41.25 53.81 40.99
C GLU C 329 41.66 52.94 39.83
N GLY C 330 41.70 53.48 38.61
CA GLY C 330 41.89 52.67 37.43
C GLY C 330 40.84 51.60 37.28
N THR C 331 39.69 51.75 37.92
CA THR C 331 38.81 50.61 38.15
C THR C 331 37.71 50.59 37.12
N VAL C 332 37.61 49.50 36.39
CA VAL C 332 36.60 49.36 35.35
C VAL C 332 35.48 48.50 35.87
N VAL C 333 34.27 48.77 35.41
CA VAL C 333 33.12 47.94 35.70
C VAL C 333 32.26 47.87 34.46
N GLU C 334 31.65 46.72 34.22
CA GLU C 334 30.91 46.45 33.01
C GLU C 334 29.42 46.30 33.28
N LEU C 335 28.63 46.67 32.27
CA LEU C 335 27.20 46.38 32.25
C LEU C 335 26.83 45.85 30.88
N THR C 336 25.99 44.83 30.87
CA THR C 336 25.52 44.16 29.67
C THR C 336 24.13 44.70 29.36
N GLY C 337 24.06 45.64 28.41
CA GLY C 337 22.82 46.31 28.08
C GLY C 337 22.27 45.94 26.72
N ARG C 338 20.93 46.05 26.65
CA ARG C 338 20.09 45.86 25.48
C ARG C 338 20.54 44.66 24.65
N GLN C 339 20.82 43.56 25.35
CA GLN C 339 21.24 42.33 24.68
C GLN C 339 20.19 41.83 23.69
N SER C 340 18.91 42.16 23.92
CA SER C 340 17.81 41.69 23.09
C SER C 340 17.11 42.82 22.34
N SER C 341 17.85 43.78 21.80
CA SER C 341 17.19 44.75 20.95
C SER C 341 16.72 44.06 19.69
N GLU C 342 15.42 43.79 19.63
CA GLU C 342 14.84 42.83 18.71
C GLU C 342 14.79 43.43 17.32
N ILE C 343 15.61 42.89 16.44
CA ILE C 343 15.60 43.30 15.04
C ILE C 343 14.61 42.37 14.36
N THR C 344 13.39 42.87 14.23
CA THR C 344 12.26 42.05 13.82
C THR C 344 11.98 42.27 12.36
N ARG C 345 11.85 41.17 11.62
CA ARG C 345 11.35 41.25 10.25
C ARG C 345 9.99 41.92 10.19
N THR C 346 9.17 41.74 11.22
CA THR C 346 7.81 42.23 11.25
C THR C 346 7.81 43.69 11.67
N ILE C 347 7.29 44.55 10.81
CA ILE C 347 7.30 45.98 11.00
C ILE C 347 5.92 46.52 10.68
N THR C 348 5.63 47.71 11.19
CA THR C 348 4.30 48.28 11.12
C THR C 348 3.32 47.39 11.88
N LYS C 349 3.80 46.77 12.95
CA LYS C 349 2.99 45.79 13.65
C LYS C 349 1.85 46.51 14.34
N LEU C 350 0.70 46.46 13.69
CA LEU C 350 -0.49 47.05 14.27
C LEU C 350 -1.02 46.13 15.34
N SER C 351 -2.19 46.48 15.90
CA SER C 351 -2.63 45.86 17.13
C SER C 351 -4.11 45.56 17.19
N PHE C 352 -4.48 44.79 18.21
CA PHE C 352 -5.82 44.71 18.74
C PHE C 352 -5.78 45.29 20.14
N VAL C 353 -6.90 45.85 20.59
CA VAL C 353 -7.03 46.21 21.99
C VAL C 353 -8.30 45.63 22.57
N LYS C 354 -9.46 46.10 22.10
CA LYS C 354 -10.75 45.64 22.58
C LYS C 354 -11.32 44.65 21.58
N VAL C 355 -10.52 43.63 21.28
CA VAL C 355 -10.92 42.64 20.30
C VAL C 355 -11.75 41.59 21.02
N ASP C 356 -13.06 41.67 20.79
CA ASP C 356 -13.98 40.70 21.37
C ASP C 356 -13.69 39.32 20.82
N SER C 357 -14.29 38.33 21.48
CA SER C 357 -14.21 36.95 21.08
C SER C 357 -15.42 36.50 20.30
N HIS C 358 -16.57 37.15 20.47
CA HIS C 358 -17.84 36.63 19.99
C HIS C 358 -18.69 37.75 19.41
N PHE C 359 -19.87 37.35 18.95
CA PHE C 359 -20.82 38.21 18.27
C PHE C 359 -22.15 37.46 18.26
N ARG C 360 -23.19 38.08 17.71
CA ARG C 360 -24.46 37.39 17.58
C ARG C 360 -25.11 37.73 16.25
N GLN C 361 -26.11 36.93 15.88
CA GLN C 361 -26.83 37.13 14.64
C GLN C 361 -27.86 38.23 14.74
N GLY C 362 -27.94 38.93 15.86
CA GLY C 362 -28.91 39.97 16.04
C GLY C 362 -28.30 41.22 16.61
N ILE C 363 -27.07 41.57 16.24
CA ILE C 363 -26.39 42.63 16.99
C ILE C 363 -25.38 43.41 16.16
N PRO C 364 -25.25 44.73 16.37
CA PRO C 364 -23.98 45.39 15.98
C PRO C 364 -22.89 45.18 17.02
N PHE C 365 -21.87 44.39 16.68
CA PHE C 365 -20.71 44.29 17.55
C PHE C 365 -19.61 45.18 16.99
N PHE C 366 -18.85 45.77 17.89
CA PHE C 366 -17.77 46.68 17.51
C PHE C 366 -16.49 46.24 18.19
N GLY C 367 -15.39 46.30 17.43
CA GLY C 367 -14.07 46.11 17.95
C GLY C 367 -13.30 47.41 17.89
N GLN C 368 -12.58 47.71 18.95
CA GLN C 368 -11.60 48.77 18.95
C GLN C 368 -10.24 48.16 18.68
N VAL C 369 -9.50 48.79 17.79
CA VAL C 369 -8.32 48.22 17.18
C VAL C 369 -7.25 49.27 17.16
N ARG C 370 -6.07 48.90 17.62
CA ARG C 370 -4.96 49.81 17.74
C ARG C 370 -3.93 49.51 16.65
N LEU C 371 -3.14 50.53 16.31
CA LEU C 371 -2.03 50.37 15.40
C LEU C 371 -0.82 51.04 15.99
N VAL C 372 0.31 50.34 15.96
CA VAL C 372 1.58 50.80 16.43
C VAL C 372 2.61 50.26 15.45
N ASP C 373 3.84 50.76 15.55
CA ASP C 373 4.95 50.20 14.80
C ASP C 373 6.13 50.01 15.73
N GLY C 374 6.64 48.78 15.75
CA GLY C 374 7.94 48.53 16.34
C GLY C 374 8.07 48.88 17.80
N LYS C 375 8.72 50.03 18.06
CA LYS C 375 9.12 50.43 19.40
C LYS C 375 7.95 50.41 20.38
N GLY C 376 6.75 50.69 19.90
CA GLY C 376 5.60 50.85 20.76
C GLY C 376 5.02 52.24 20.65
N VAL C 377 5.21 52.86 19.49
CA VAL C 377 4.84 54.24 19.25
C VAL C 377 3.70 54.27 18.25
N PRO C 378 2.53 54.80 18.61
CA PRO C 378 1.42 54.78 17.65
C PRO C 378 1.71 55.66 16.45
N ILE C 379 0.92 55.47 15.40
CA ILE C 379 1.05 56.20 14.14
C ILE C 379 -0.20 57.05 13.97
N PRO C 380 -0.09 58.34 13.61
CA PRO C 380 -1.30 59.12 13.34
C PRO C 380 -1.65 59.17 11.87
N ASN C 381 -2.94 59.10 11.58
CA ASN C 381 -3.47 59.41 10.25
C ASN C 381 -2.84 58.50 9.19
N LYS C 382 -3.09 57.21 9.33
CA LYS C 382 -2.59 56.25 8.34
C LYS C 382 -3.70 55.36 7.87
N VAL C 383 -4.00 55.40 6.57
CA VAL C 383 -5.12 54.62 6.07
C VAL C 383 -4.82 53.14 6.26
N ILE C 384 -5.89 52.38 6.47
CA ILE C 384 -5.82 50.96 6.73
C ILE C 384 -7.04 50.29 6.11
N PHE C 385 -7.01 48.96 6.08
CA PHE C 385 -8.05 48.18 5.42
C PHE C 385 -8.49 47.06 6.33
N ILE C 386 -9.76 47.09 6.67
CA ILE C 386 -10.41 46.10 7.50
C ILE C 386 -11.20 45.19 6.59
N ARG C 387 -11.09 43.89 6.83
CA ARG C 387 -11.79 42.88 6.05
C ARG C 387 -12.49 41.91 7.00
N GLY C 388 -13.81 41.83 6.87
CA GLY C 388 -14.61 40.91 7.64
C GLY C 388 -15.28 39.92 6.73
N ASN C 389 -14.85 38.67 6.78
CA ASN C 389 -15.31 37.65 5.88
C ASN C 389 -16.35 36.76 6.56
N GLU C 390 -17.36 36.41 5.75
CA GLU C 390 -18.63 35.77 6.04
C GLU C 390 -19.64 36.78 6.56
N ALA C 391 -19.27 38.06 6.65
CA ALA C 391 -20.21 39.16 6.63
C ALA C 391 -19.95 40.09 5.46
N ASN C 392 -18.82 39.95 4.78
CA ASN C 392 -18.53 40.69 3.57
C ASN C 392 -18.46 42.18 3.86
N TYR C 393 -17.65 42.50 4.85
CA TYR C 393 -17.47 43.85 5.36
C TYR C 393 -16.05 44.25 4.99
N TYR C 394 -15.88 44.72 3.77
CA TYR C 394 -14.64 45.29 3.30
C TYR C 394 -14.73 46.79 3.47
N SER C 395 -13.93 47.34 4.39
CA SER C 395 -14.02 48.76 4.67
C SER C 395 -12.62 49.33 4.86
N ASN C 396 -12.54 50.64 4.64
CA ASN C 396 -11.33 51.41 4.87
C ASN C 396 -11.45 52.07 6.23
N ALA C 397 -10.31 52.37 6.82
CA ALA C 397 -10.26 53.18 8.03
C ALA C 397 -8.92 53.88 8.06
N THR C 398 -8.60 54.49 9.19
CA THR C 398 -7.31 55.12 9.33
C THR C 398 -6.90 55.22 10.79
N THR C 399 -5.58 55.25 10.98
CA THR C 399 -4.96 55.44 12.27
C THR C 399 -5.13 56.89 12.68
N ASP C 400 -5.70 57.09 13.87
CA ASP C 400 -5.83 58.39 14.49
C ASP C 400 -4.60 58.67 15.36
N GLU C 401 -4.68 59.75 16.16
CA GLU C 401 -3.57 60.14 17.02
C GLU C 401 -3.10 59.01 17.92
N HIS C 402 -4.03 58.18 18.36
CA HIS C 402 -3.72 57.02 19.19
C HIS C 402 -3.67 55.73 18.39
N GLY C 403 -3.86 55.80 17.07
CA GLY C 403 -3.84 54.61 16.26
C GLY C 403 -5.06 53.74 16.48
N LEU C 404 -6.10 54.30 17.07
CA LEU C 404 -7.26 53.54 17.50
C LEU C 404 -8.41 53.77 16.54
N VAL C 405 -9.14 52.70 16.29
CA VAL C 405 -10.27 52.71 15.39
C VAL C 405 -11.32 51.76 15.93
N GLN C 406 -12.52 52.25 16.09
CA GLN C 406 -13.62 51.48 16.65
C GLN C 406 -14.53 51.12 15.49
N PHE C 407 -14.19 50.03 14.82
CA PHE C 407 -15.02 49.55 13.73
C PHE C 407 -16.21 48.83 14.34
N SER C 408 -17.30 48.77 13.58
CA SER C 408 -18.50 48.09 14.01
C SER C 408 -19.15 47.41 12.83
N ILE C 409 -19.74 46.24 13.11
CA ILE C 409 -20.33 45.39 12.10
C ILE C 409 -21.69 44.96 12.59
N ASN C 410 -22.72 45.24 11.81
CA ASN C 410 -24.02 44.61 11.99
C ASN C 410 -23.89 43.15 11.65
N THR C 411 -24.30 42.29 12.57
CA THR C 411 -24.18 40.86 12.44
C THR C 411 -25.58 40.27 12.44
N THR C 412 -25.98 39.80 11.23
CA THR C 412 -27.11 38.95 10.88
C THR C 412 -26.60 38.06 9.76
N ASN C 413 -26.01 36.93 10.13
CA ASN C 413 -25.16 36.21 9.20
C ASN C 413 -25.03 34.76 9.66
N VAL C 414 -24.10 34.04 9.05
CA VAL C 414 -23.79 32.64 9.35
C VAL C 414 -22.83 32.49 10.53
N MET C 415 -22.66 31.24 10.99
CA MET C 415 -22.04 30.85 12.26
C MET C 415 -20.76 31.59 12.67
N GLY C 416 -19.69 31.45 11.90
CA GLY C 416 -18.36 31.87 12.34
C GLY C 416 -17.82 32.97 11.43
N THR C 417 -17.21 33.97 12.05
CA THR C 417 -16.76 35.16 11.35
C THR C 417 -15.25 35.30 11.49
N SER C 418 -14.62 35.79 10.43
CA SER C 418 -13.17 35.95 10.42
C SER C 418 -12.81 37.39 10.08
N LEU C 419 -12.09 38.04 10.98
CA LEU C 419 -11.83 39.46 10.89
C LEU C 419 -10.34 39.71 10.86
N THR C 420 -9.90 40.47 9.86
CA THR C 420 -8.51 40.84 9.73
C THR C 420 -8.42 42.31 9.40
N VAL C 421 -7.26 42.89 9.71
CA VAL C 421 -6.96 44.25 9.29
C VAL C 421 -5.50 44.34 8.92
N ARG C 422 -5.22 45.20 7.94
CA ARG C 422 -3.87 45.42 7.47
C ARG C 422 -3.65 46.89 7.16
N VAL C 423 -2.37 47.23 7.03
CA VAL C 423 -1.95 48.45 6.36
C VAL C 423 -1.17 48.16 5.09
N ASN C 424 -0.75 46.91 4.88
CA ASN C 424 -0.21 46.42 3.62
C ASN C 424 -1.13 45.31 3.12
N TYR C 425 -0.71 44.54 2.12
CA TYR C 425 -1.58 43.55 1.47
C TYR C 425 -1.07 42.14 1.79
N LYS C 426 -1.72 41.15 1.16
CA LYS C 426 -1.54 39.75 1.50
C LYS C 426 -0.24 39.17 0.95
N ASP C 427 0.89 39.82 1.28
CA ASP C 427 2.22 39.35 0.91
C ASP C 427 3.25 40.30 1.52
N ARG C 428 4.48 39.84 1.65
CA ARG C 428 5.57 40.68 2.12
C ARG C 428 6.10 41.47 0.94
N SER C 429 5.83 42.77 0.94
CA SER C 429 6.06 43.61 -0.24
C SER C 429 7.49 43.56 -0.77
N PRO C 430 8.54 43.77 0.03
CA PRO C 430 9.89 43.61 -0.49
C PRO C 430 10.41 42.17 -0.38
N CYS C 431 10.61 41.53 -1.53
CA CYS C 431 11.39 40.29 -1.66
C CYS C 431 10.97 39.21 -0.65
N TYR C 432 9.72 38.76 -0.77
CA TYR C 432 9.17 37.79 0.17
C TYR C 432 9.92 36.45 0.12
N GLY C 433 9.80 35.72 -0.99
CA GLY C 433 10.25 34.35 -1.05
C GLY C 433 11.64 34.15 -1.61
N TYR C 434 12.59 35.01 -1.24
CA TYR C 434 13.95 34.94 -1.75
C TYR C 434 14.84 33.98 -0.98
N GLN C 435 14.40 33.46 0.17
CA GLN C 435 15.18 32.60 1.07
C GLN C 435 16.28 33.36 1.80
N TRP C 436 16.44 34.65 1.54
CA TRP C 436 17.56 35.43 2.03
C TRP C 436 17.11 36.82 2.44
N VAL C 437 15.95 36.91 3.08
CA VAL C 437 15.33 38.19 3.40
C VAL C 437 14.67 38.10 4.77
N SER C 438 14.71 39.20 5.50
CA SER C 438 14.26 39.29 6.88
C SER C 438 13.38 40.51 7.07
N GLU C 439 12.38 40.65 6.21
CA GLU C 439 11.43 41.75 6.28
C GLU C 439 10.02 41.20 6.25
N GLU C 440 9.12 41.86 6.99
CA GLU C 440 7.76 41.35 7.17
C GLU C 440 6.91 42.46 7.77
N HIS C 441 5.59 42.24 7.75
CA HIS C 441 4.64 43.08 8.47
C HIS C 441 3.70 42.14 9.22
N GLU C 442 3.30 42.54 10.43
CA GLU C 442 2.25 41.81 11.13
C GLU C 442 0.90 42.11 10.52
N GLU C 443 0.00 41.14 10.63
CA GLU C 443 -1.37 41.24 10.15
C GLU C 443 -2.32 41.00 11.31
N ALA C 444 -3.27 41.91 11.50
CA ALA C 444 -4.30 41.65 12.50
C ALA C 444 -5.13 40.47 12.04
N HIS C 445 -5.11 39.41 12.83
CA HIS C 445 -5.88 38.20 12.62
C HIS C 445 -6.76 37.98 13.83
N HIS C 446 -8.01 37.63 13.60
CA HIS C 446 -8.87 37.26 14.72
C HIS C 446 -10.06 36.48 14.18
N THR C 447 -10.52 35.54 15.00
CA THR C 447 -11.68 34.73 14.71
C THR C 447 -12.69 34.90 15.81
N ALA C 448 -13.97 34.86 15.46
CA ALA C 448 -15.01 34.97 16.47
C ALA C 448 -16.18 34.05 16.15
N TYR C 449 -16.82 33.62 17.23
CA TYR C 449 -17.86 32.61 17.22
C TYR C 449 -19.08 33.18 17.94
N LEU C 450 -20.25 32.88 17.41
CA LEU C 450 -21.48 33.37 18.00
C LEU C 450 -21.93 32.46 19.10
N VAL C 451 -23.02 32.85 19.77
CA VAL C 451 -23.58 32.06 20.86
C VAL C 451 -24.86 31.39 20.40
N PHE C 452 -25.11 30.23 20.99
CA PHE C 452 -26.38 29.56 20.86
C PHE C 452 -27.41 30.29 21.73
N SER C 453 -28.62 30.42 21.21
CA SER C 453 -29.71 31.04 21.96
C SER C 453 -31.04 30.59 21.38
N PRO C 454 -31.59 29.46 21.81
CA PRO C 454 -32.85 28.99 21.20
C PRO C 454 -34.01 29.90 21.51
N SER C 455 -33.90 30.69 22.57
CA SER C 455 -34.83 31.78 22.81
C SER C 455 -34.66 32.91 21.82
N LYS C 456 -33.54 32.94 21.10
CA LYS C 456 -33.11 34.02 20.22
C LYS C 456 -32.71 35.27 20.99
N SER C 457 -32.87 35.26 22.32
CA SER C 457 -32.51 36.37 23.18
C SER C 457 -31.14 36.06 23.74
N PHE C 458 -30.41 37.09 24.13
CA PHE C 458 -29.05 36.89 24.60
C PHE C 458 -28.56 38.19 25.22
N VAL C 459 -27.43 38.08 25.90
CA VAL C 459 -26.73 39.22 26.46
C VAL C 459 -25.35 39.26 25.85
N HIS C 460 -24.84 40.47 25.73
CA HIS C 460 -23.42 40.64 25.50
C HIS C 460 -23.00 41.90 26.22
N LEU C 461 -21.83 41.87 26.83
CA LEU C 461 -21.33 42.99 27.58
C LEU C 461 -20.24 43.71 26.82
N GLU C 462 -20.34 45.03 26.82
CA GLU C 462 -19.19 45.86 26.49
C GLU C 462 -18.43 46.08 27.79
N PRO C 463 -17.24 45.49 27.95
CA PRO C 463 -16.41 45.78 29.11
C PRO C 463 -15.51 46.98 28.88
N MET C 464 -14.79 47.31 29.94
CA MET C 464 -13.60 48.14 29.84
C MET C 464 -12.38 47.24 29.77
N SER C 465 -12.33 46.47 28.68
CA SER C 465 -11.30 45.46 28.57
C SER C 465 -9.95 46.13 28.39
N HIS C 466 -9.29 46.37 29.51
CA HIS C 466 -8.02 47.06 29.54
C HIS C 466 -7.39 46.80 30.91
N GLU C 467 -6.29 47.50 31.21
CA GLU C 467 -5.61 47.35 32.50
C GLU C 467 -6.54 47.91 33.58
N LEU C 468 -7.13 47.01 34.33
CA LEU C 468 -8.08 47.40 35.35
C LEU C 468 -7.33 47.95 36.57
N PRO C 469 -7.60 49.18 37.02
CA PRO C 469 -6.99 49.67 38.25
C PRO C 469 -7.61 48.97 39.46
N CYS C 470 -7.18 49.39 40.65
CA CYS C 470 -7.65 48.79 41.89
C CYS C 470 -7.78 49.84 42.97
N GLY C 471 -8.43 49.44 44.05
CA GLY C 471 -8.86 50.40 45.04
C GLY C 471 -9.82 51.42 44.46
N HIS C 472 -10.63 51.02 43.49
CA HIS C 472 -11.42 51.98 42.75
C HIS C 472 -12.67 51.32 42.22
N THR C 473 -13.68 52.12 41.93
CA THR C 473 -14.88 51.56 41.38
C THR C 473 -14.75 51.42 39.87
N GLN C 474 -15.76 50.82 39.26
CA GLN C 474 -15.80 50.69 37.82
C GLN C 474 -17.22 50.38 37.42
N THR C 475 -17.54 50.61 36.15
CA THR C 475 -18.83 50.25 35.59
C THR C 475 -18.62 49.50 34.29
N VAL C 476 -19.60 48.68 33.95
CA VAL C 476 -19.53 47.80 32.79
C VAL C 476 -20.90 47.78 32.14
N GLN C 477 -20.94 47.94 30.82
CA GLN C 477 -22.22 48.16 30.15
C GLN C 477 -22.67 46.88 29.48
N ALA C 478 -23.98 46.67 29.45
CA ALA C 478 -24.55 45.41 29.00
C ALA C 478 -25.70 45.67 28.05
N HIS C 479 -25.78 44.84 27.03
CA HIS C 479 -26.81 44.90 26.01
C HIS C 479 -27.54 43.59 26.02
N TYR C 480 -28.83 43.63 26.36
CA TYR C 480 -29.68 42.45 26.49
C TYR C 480 -30.73 42.50 25.40
N ILE C 481 -30.52 41.72 24.36
CA ILE C 481 -31.41 41.67 23.21
C ILE C 481 -32.42 40.57 23.51
N LEU C 482 -33.66 40.95 23.78
CA LEU C 482 -34.67 40.03 24.28
C LEU C 482 -35.72 39.78 23.21
N ASN C 483 -35.58 38.66 22.52
CA ASN C 483 -36.57 38.27 21.52
C ASN C 483 -37.85 37.80 22.19
N GLY C 484 -38.79 38.72 22.34
CA GLY C 484 -39.95 38.48 23.15
C GLY C 484 -39.73 38.69 24.62
N GLY C 485 -38.49 38.55 25.09
CA GLY C 485 -38.23 38.57 26.52
C GLY C 485 -39.11 37.56 27.22
N THR C 486 -40.03 38.06 28.04
CA THR C 486 -41.03 37.21 28.65
C THR C 486 -42.12 36.88 27.62
N LEU C 487 -42.34 35.59 27.40
CA LEU C 487 -43.47 35.17 26.58
C LEU C 487 -44.77 35.33 27.37
N LEU C 488 -44.86 34.69 28.54
CA LEU C 488 -45.81 35.08 29.57
C LEU C 488 -45.10 35.58 30.82
N GLY C 489 -44.25 34.75 31.44
CA GLY C 489 -43.40 35.08 32.57
C GLY C 489 -44.00 36.06 33.56
N LEU C 490 -43.21 37.06 33.95
CA LEU C 490 -43.69 38.15 34.78
C LEU C 490 -43.10 39.46 34.29
N LYS C 491 -43.62 40.57 34.79
CA LYS C 491 -43.12 41.89 34.42
C LYS C 491 -41.70 42.10 34.88
N LYS C 492 -41.34 41.54 36.02
CA LYS C 492 -40.01 41.72 36.57
C LYS C 492 -39.13 40.58 36.08
N LEU C 493 -37.95 40.95 35.61
CA LEU C 493 -36.94 39.97 35.23
C LEU C 493 -35.67 40.28 35.99
N SER C 494 -34.78 39.29 36.08
CA SER C 494 -33.60 39.42 36.90
C SER C 494 -32.35 38.93 36.19
N PHE C 495 -31.28 39.67 36.50
CA PHE C 495 -29.91 39.45 36.09
C PHE C 495 -29.13 39.12 37.35
N TYR C 496 -28.10 38.29 37.22
CA TYR C 496 -27.28 37.89 38.35
C TYR C 496 -25.83 37.78 37.91
N TYR C 497 -24.95 38.47 38.64
CA TYR C 497 -23.56 38.60 38.24
C TYR C 497 -22.65 38.15 39.36
N LEU C 498 -21.47 37.70 38.95
CA LEU C 498 -20.46 37.17 39.86
C LEU C 498 -19.09 37.60 39.39
N ILE C 499 -18.30 38.14 40.30
CA ILE C 499 -16.91 38.44 40.07
C ILE C 499 -16.13 37.43 40.88
N MET C 500 -15.34 36.60 40.21
CA MET C 500 -14.54 35.56 40.87
C MET C 500 -13.07 35.75 40.57
N ALA C 501 -12.27 35.18 41.48
CA ALA C 501 -10.84 35.37 41.53
C ALA C 501 -10.21 34.12 42.08
N LYS C 502 -8.92 33.97 41.79
CA LYS C 502 -8.09 33.00 42.47
C LYS C 502 -8.59 31.58 42.22
N GLY C 503 -9.17 31.38 41.05
CA GLY C 503 -9.84 30.13 40.75
C GLY C 503 -10.98 29.80 41.70
N GLY C 504 -11.55 30.81 42.36
CA GLY C 504 -12.59 30.59 43.34
C GLY C 504 -13.77 31.53 43.19
N ILE C 505 -14.12 32.24 44.26
CA ILE C 505 -15.18 33.23 44.25
C ILE C 505 -14.76 34.34 45.20
N VAL C 506 -15.06 35.59 44.85
CA VAL C 506 -14.77 36.73 45.72
C VAL C 506 -16.02 37.56 45.95
N ARG C 507 -16.69 37.98 44.87
CA ARG C 507 -17.83 38.90 44.97
C ARG C 507 -18.99 38.43 44.13
N THR C 508 -20.17 38.91 44.49
CA THR C 508 -21.42 38.43 43.94
C THR C 508 -22.44 39.56 43.95
N GLY C 509 -23.52 39.35 43.21
CA GLY C 509 -24.67 40.22 43.36
C GLY C 509 -25.70 39.93 42.29
N THR C 510 -26.74 40.77 42.30
CA THR C 510 -27.85 40.64 41.38
C THR C 510 -28.26 42.00 40.85
N HIS C 511 -29.35 41.99 40.10
CA HIS C 511 -30.00 43.16 39.55
C HIS C 511 -31.29 42.64 38.92
N GLY C 512 -32.21 43.53 38.61
CA GLY C 512 -33.36 43.14 37.83
C GLY C 512 -34.07 44.38 37.38
N LEU C 513 -34.98 44.20 36.43
CA LEU C 513 -35.59 45.32 35.73
C LEU C 513 -37.03 44.99 35.40
N LEU C 514 -37.87 46.02 35.42
CA LEU C 514 -39.22 45.93 34.88
C LEU C 514 -39.09 45.82 33.38
N VAL C 515 -39.61 44.74 32.82
CA VAL C 515 -39.45 44.53 31.40
C VAL C 515 -40.42 45.41 30.63
N LYS C 516 -39.94 45.99 29.53
CA LYS C 516 -40.90 46.42 28.52
C LYS C 516 -41.69 45.19 28.08
N GLN C 517 -42.89 45.45 27.57
CA GLN C 517 -43.84 44.37 27.34
C GLN C 517 -43.27 43.33 26.38
N GLU C 518 -43.04 43.69 25.12
CA GLU C 518 -42.63 42.73 24.09
C GLU C 518 -41.63 43.32 23.11
N ASP C 519 -40.57 43.99 23.59
CA ASP C 519 -39.41 44.29 22.76
C ASP C 519 -38.13 44.01 23.54
N MET C 520 -37.02 44.52 23.01
CA MET C 520 -35.68 44.01 23.28
C MET C 520 -34.75 45.06 23.87
N LYS C 521 -35.20 45.80 24.89
CA LYS C 521 -34.46 46.90 25.51
C LYS C 521 -32.98 46.60 25.69
N GLY C 522 -32.12 47.43 25.12
CA GLY C 522 -30.72 47.06 25.05
C GLY C 522 -29.89 47.49 26.24
N HIS C 523 -29.80 48.78 26.48
CA HIS C 523 -28.77 49.29 27.34
C HIS C 523 -29.16 49.19 28.80
N PHE C 524 -28.23 48.69 29.61
CA PHE C 524 -28.24 49.03 31.03
C PHE C 524 -26.86 48.72 31.59
N SER C 525 -26.52 49.42 32.68
CA SER C 525 -25.16 49.39 33.20
C SER C 525 -25.09 48.60 34.49
N ILE C 526 -23.85 48.32 34.88
CA ILE C 526 -23.55 47.77 36.19
C ILE C 526 -22.39 48.57 36.74
N SER C 527 -22.23 48.51 38.05
CA SER C 527 -21.12 49.13 38.74
C SER C 527 -20.62 48.16 39.79
N ILE C 528 -19.33 48.24 40.08
CA ILE C 528 -18.68 47.29 40.96
C ILE C 528 -17.46 47.93 41.62
N PRO C 529 -17.08 47.52 42.82
CA PRO C 529 -15.85 48.03 43.43
C PRO C 529 -14.66 47.12 43.18
N VAL C 530 -13.49 47.73 43.20
CA VAL C 530 -12.21 47.10 42.98
C VAL C 530 -11.32 47.42 44.17
N LYS C 531 -11.87 47.26 45.37
CA LYS C 531 -11.07 47.39 46.56
C LYS C 531 -9.88 46.43 46.52
N SER C 532 -10.16 45.13 46.66
CA SER C 532 -9.14 44.10 46.76
C SER C 532 -9.78 42.72 46.72
N ASP C 533 -9.03 41.71 47.14
CA ASP C 533 -9.54 40.37 47.36
C ASP C 533 -9.70 39.61 46.05
N ILE C 534 -9.08 40.13 45.02
CA ILE C 534 -9.38 39.76 43.65
C ILE C 534 -8.08 39.69 42.89
N ALA C 535 -7.91 38.62 42.13
CA ALA C 535 -6.66 38.28 41.48
C ALA C 535 -6.33 39.34 40.44
N PRO C 536 -5.14 39.30 39.85
CA PRO C 536 -4.91 40.09 38.63
C PRO C 536 -5.96 39.84 37.58
N VAL C 537 -6.36 38.60 37.43
CA VAL C 537 -7.57 38.30 36.70
C VAL C 537 -8.75 38.72 37.54
N ALA C 538 -9.78 39.21 36.87
CA ALA C 538 -11.08 39.44 37.49
C ALA C 538 -12.12 38.84 36.58
N ARG C 539 -12.38 37.54 36.74
CA ARG C 539 -13.31 36.86 35.86
C ARG C 539 -14.72 37.23 36.30
N LEU C 540 -15.35 38.08 35.53
CA LEU C 540 -16.73 38.44 35.74
C LEU C 540 -17.59 37.54 34.88
N LEU C 541 -18.81 37.30 35.32
CA LEU C 541 -19.85 36.81 34.43
C LEU C 541 -21.18 37.36 34.91
N ILE C 542 -22.17 37.24 34.04
CA ILE C 542 -23.50 37.69 34.38
C ILE C 542 -24.48 36.95 33.50
N TYR C 543 -25.56 36.48 34.11
CA TYR C 543 -26.58 35.71 33.44
C TYR C 543 -27.95 36.17 33.90
N ALA C 544 -28.86 36.33 32.94
CA ALA C 544 -30.22 36.73 33.21
C ALA C 544 -31.12 35.55 32.93
N VAL C 545 -32.08 35.35 33.81
CA VAL C 545 -32.87 34.13 33.84
C VAL C 545 -34.28 34.41 33.38
N LEU C 546 -34.91 33.41 32.79
CA LEU C 546 -36.23 33.51 32.20
C LEU C 546 -37.17 32.49 32.84
N PRO C 547 -38.32 32.92 33.46
CA PRO C 547 -39.19 31.98 34.17
C PRO C 547 -39.72 30.82 33.37
N THR C 548 -39.62 30.90 32.04
CA THR C 548 -39.99 29.80 31.16
C THR C 548 -39.15 28.57 31.40
N GLY C 549 -38.02 28.73 32.07
CA GLY C 549 -37.06 27.66 32.21
C GLY C 549 -35.86 27.88 31.34
N ASP C 550 -35.41 29.14 31.22
CA ASP C 550 -34.30 29.46 30.34
C ASP C 550 -33.37 30.45 31.01
N VAL C 551 -32.24 30.70 30.38
CA VAL C 551 -31.24 31.61 30.90
C VAL C 551 -30.28 31.98 29.78
N ILE C 552 -29.69 33.15 29.91
CA ILE C 552 -28.68 33.66 28.98
C ILE C 552 -27.60 34.25 29.86
N GLY C 553 -26.46 34.53 29.26
CA GLY C 553 -25.38 35.16 30.02
C GLY C 553 -24.15 35.32 29.17
N ASP C 554 -23.20 36.06 29.72
CA ASP C 554 -21.92 36.25 29.06
C ASP C 554 -20.88 36.60 30.12
N SER C 555 -19.62 36.38 29.75
CA SER C 555 -18.47 36.42 30.64
C SER C 555 -17.68 37.70 30.43
N ALA C 556 -16.59 37.80 31.18
CA ALA C 556 -15.63 38.88 31.05
C ALA C 556 -14.44 38.60 31.95
N LYS C 557 -13.42 39.40 31.76
CA LYS C 557 -12.10 39.20 32.36
C LYS C 557 -11.46 40.56 32.41
N TYR C 558 -10.85 40.89 33.55
CA TYR C 558 -10.23 42.20 33.74
C TYR C 558 -8.87 42.04 34.39
N ASP C 559 -7.85 42.52 33.69
CA ASP C 559 -6.47 42.41 34.15
C ASP C 559 -6.32 43.42 35.29
N VAL C 560 -6.72 42.96 36.47
CA VAL C 560 -6.57 43.75 37.67
C VAL C 560 -5.10 44.06 37.91
N GLU C 561 -4.81 45.32 38.20
CA GLU C 561 -3.45 45.71 38.55
C GLU C 561 -3.01 44.95 39.79
N ASN C 562 -1.72 44.62 39.83
CA ASN C 562 -1.20 43.79 40.90
C ASN C 562 -1.05 44.62 42.17
N CYS C 563 -2.08 44.63 42.99
CA CYS C 563 -2.08 45.38 44.23
C CYS C 563 -2.84 44.58 45.28
N LEU C 564 -2.59 44.93 46.53
CA LEU C 564 -2.93 44.08 47.65
C LEU C 564 -4.04 44.71 48.47
N ALA C 565 -4.56 43.90 49.39
CA ALA C 565 -5.61 44.37 50.30
C ALA C 565 -5.05 45.35 51.30
N ASN C 566 -4.14 44.91 52.17
CA ASN C 566 -3.61 45.80 53.19
C ASN C 566 -2.74 46.83 52.53
N LYS C 567 -3.22 48.06 52.48
CA LYS C 567 -2.33 49.15 52.14
C LYS C 567 -1.21 49.22 53.15
N VAL C 568 -0.04 49.64 52.67
CA VAL C 568 1.13 49.79 53.52
C VAL C 568 2.02 50.82 52.88
N ASP C 569 2.81 51.51 53.71
CA ASP C 569 3.76 52.47 53.16
C ASP C 569 4.85 52.70 54.18
N LEU C 570 5.96 53.24 53.69
CA LEU C 570 7.13 53.53 54.48
C LEU C 570 7.50 54.99 54.33
N SER C 571 8.26 55.48 55.30
CA SER C 571 8.79 56.83 55.30
C SER C 571 9.91 56.87 56.32
N PHE C 572 10.40 58.07 56.62
CA PHE C 572 11.56 58.18 57.49
C PHE C 572 11.83 59.64 57.76
N SER C 573 12.66 59.88 58.76
CA SER C 573 13.22 61.20 58.96
C SER C 573 14.33 61.39 57.94
N PRO C 574 14.39 62.54 57.23
CA PRO C 574 15.11 62.60 55.94
C PRO C 574 16.56 62.16 55.98
N SER C 575 17.06 61.73 54.82
CA SER C 575 18.47 61.36 54.70
C SER C 575 19.35 62.53 55.09
N GLN C 576 20.45 62.22 55.78
CA GLN C 576 21.39 63.25 56.20
C GLN C 576 22.79 62.67 56.20
N SER C 577 23.75 63.52 55.85
CA SER C 577 25.17 63.19 55.89
C SER C 577 25.59 63.15 57.35
N LEU C 578 26.87 63.03 57.62
CA LEU C 578 27.39 63.28 58.95
C LEU C 578 26.77 62.33 59.98
N PRO C 579 27.39 61.17 60.23
CA PRO C 579 26.67 59.96 60.66
C PRO C 579 25.86 60.02 61.97
N ALA C 580 25.47 61.20 62.45
CA ALA C 580 24.59 61.33 63.61
C ALA C 580 23.49 60.30 63.60
N SER C 581 23.53 59.42 64.59
CA SER C 581 22.71 58.23 64.64
C SER C 581 21.23 58.55 64.53
N HIS C 582 20.84 59.67 65.10
CA HIS C 582 19.44 59.91 65.33
C HIS C 582 18.74 60.04 63.99
N ALA C 583 18.16 58.95 63.53
CA ALA C 583 17.39 58.95 62.30
C ALA C 583 16.18 58.11 62.57
N HIS C 584 15.16 58.25 61.74
CA HIS C 584 13.91 57.53 61.94
C HIS C 584 13.52 56.79 60.69
N LEU C 585 12.61 55.87 60.90
CA LEU C 585 11.86 55.24 59.85
C LEU C 585 10.45 55.15 60.38
N ARG C 586 9.49 55.30 59.50
CA ARG C 586 8.09 55.17 59.84
C ARG C 586 7.44 54.25 58.85
N VAL C 587 6.38 53.59 59.29
CA VAL C 587 5.59 52.75 58.42
C VAL C 587 4.13 52.84 58.85
N THR C 588 3.25 52.81 57.86
CA THR C 588 1.82 52.75 58.07
C THR C 588 1.31 51.45 57.50
N ALA C 589 0.50 50.74 58.29
CA ALA C 589 -0.18 49.53 57.86
C ALA C 589 -1.32 49.30 58.85
N ALA C 590 -1.83 48.07 58.90
CA ALA C 590 -3.01 47.76 59.71
C ALA C 590 -2.78 48.15 61.18
N PRO C 591 -3.86 48.37 61.94
CA PRO C 591 -3.69 48.93 63.28
C PRO C 591 -3.12 47.95 64.29
N GLN C 592 -3.01 46.68 63.95
CA GLN C 592 -2.52 45.68 64.89
C GLN C 592 -1.80 44.62 64.06
N SER C 593 -0.48 44.76 63.97
CA SER C 593 0.21 43.95 62.97
C SER C 593 1.70 43.87 63.30
N VAL C 594 2.47 43.39 62.32
CA VAL C 594 3.91 43.26 62.44
C VAL C 594 4.51 43.52 61.07
N CYS C 595 5.80 43.84 61.05
CA CYS C 595 6.48 44.14 59.79
C CYS C 595 7.94 43.72 59.84
N ALA C 596 8.37 43.12 58.74
CA ALA C 596 9.75 42.73 58.50
C ALA C 596 10.43 43.86 57.76
N LEU C 597 11.49 44.38 58.35
CA LEU C 597 12.14 45.59 57.88
C LEU C 597 13.59 45.27 57.56
N ARG C 598 13.95 45.47 56.29
CA ARG C 598 15.27 45.16 55.77
C ARG C 598 15.83 46.45 55.18
N ALA C 599 16.65 47.14 55.96
CA ALA C 599 17.43 48.26 55.49
C ALA C 599 18.77 47.74 55.03
N VAL C 600 18.92 47.52 53.73
CA VAL C 600 20.15 46.99 53.16
C VAL C 600 20.98 48.16 52.67
N ASP C 601 22.25 48.18 53.08
CA ASP C 601 23.22 49.09 52.51
C ASP C 601 23.47 48.65 51.08
N GLN C 602 22.92 49.39 50.15
CA GLN C 602 22.97 49.09 48.72
C GLN C 602 24.31 49.52 48.15
N SER C 603 25.28 48.63 48.35
CA SER C 603 26.53 48.54 47.61
C SER C 603 26.77 47.15 47.03
N VAL C 604 26.54 46.10 47.81
CA VAL C 604 26.49 44.76 47.25
C VAL C 604 25.24 44.61 46.42
N LEU C 605 24.17 45.26 46.85
CA LEU C 605 22.96 45.20 46.08
C LEU C 605 23.06 46.12 44.89
N LEU C 606 23.86 47.17 45.01
CA LEU C 606 24.38 47.84 43.82
C LEU C 606 25.11 46.84 42.93
N MET C 607 25.95 46.00 43.52
CA MET C 607 26.78 45.10 42.74
C MET C 607 25.91 44.06 42.05
N LYS C 608 24.97 43.49 42.78
CA LYS C 608 24.08 42.49 42.23
C LYS C 608 22.67 42.71 42.76
N PRO C 609 21.63 42.57 41.93
CA PRO C 609 20.29 42.87 42.38
C PRO C 609 19.79 41.96 43.50
N ASP C 610 18.58 42.26 43.91
CA ASP C 610 17.78 41.40 44.77
C ASP C 610 17.23 40.27 43.93
N ALA C 611 16.27 39.53 44.47
CA ALA C 611 15.62 38.42 43.78
C ALA C 611 14.13 38.64 43.86
N GLU C 612 13.57 39.19 42.78
CA GLU C 612 12.15 39.19 42.46
C GLU C 612 11.27 39.46 43.67
N LEU C 613 11.62 40.48 44.42
CA LEU C 613 10.91 40.83 45.64
C LEU C 613 9.91 41.91 45.29
N SER C 614 8.64 41.55 45.19
CA SER C 614 7.58 42.51 44.94
C SER C 614 6.25 41.82 45.14
N ALA C 615 5.19 42.54 44.81
CA ALA C 615 3.85 41.97 44.87
C ALA C 615 3.62 41.00 43.73
N SER C 616 4.12 41.33 42.53
CA SER C 616 3.97 40.45 41.38
C SER C 616 4.59 39.10 41.65
N SER C 617 5.67 39.08 42.42
CA SER C 617 6.21 37.81 42.89
C SER C 617 5.15 37.03 43.63
N VAL C 618 4.64 37.61 44.72
CA VAL C 618 3.64 36.98 45.57
C VAL C 618 2.50 36.43 44.74
N TYR C 619 2.08 37.22 43.77
CA TYR C 619 0.95 36.85 42.96
C TYR C 619 1.29 35.67 42.05
N ASN C 620 2.50 35.68 41.48
CA ASN C 620 2.86 34.57 40.61
C ASN C 620 3.38 33.40 41.42
N LEU C 621 3.81 33.65 42.65
CA LEU C 621 4.07 32.55 43.55
C LEU C 621 2.82 31.75 43.84
N LEU C 622 1.67 32.38 43.71
CA LEU C 622 0.42 31.70 43.88
C LEU C 622 0.33 30.49 42.95
N PRO C 623 -0.39 29.44 43.35
CA PRO C 623 -0.70 28.39 42.39
C PRO C 623 -1.93 28.77 41.59
N GLU C 624 -1.95 28.39 40.32
CA GLU C 624 -3.10 28.53 39.43
C GLU C 624 -3.73 29.93 39.55
N LYS C 625 -2.93 30.91 39.12
CA LYS C 625 -3.34 32.32 39.02
C LYS C 625 -4.78 32.46 38.58
N ASP C 626 -5.10 31.81 37.47
CA ASP C 626 -6.43 31.85 36.89
C ASP C 626 -6.80 30.44 36.50
N LEU C 627 -7.88 29.95 37.09
CA LEU C 627 -8.47 28.70 36.66
C LEU C 627 -9.29 28.96 35.42
N THR C 628 -9.12 28.11 34.43
CA THR C 628 -9.92 28.16 33.22
C THR C 628 -10.04 26.75 32.69
N GLY C 629 -11.26 26.33 32.40
CA GLY C 629 -11.45 24.97 31.93
C GLY C 629 -11.29 23.98 33.05
N PHE C 630 -12.00 22.86 32.96
CA PHE C 630 -11.87 21.85 34.00
C PHE C 630 -10.48 21.22 33.94
N PRO C 631 -9.99 20.71 35.06
CA PRO C 631 -8.72 19.97 35.02
C PRO C 631 -8.77 18.76 34.10
N GLY C 632 -7.62 18.11 34.04
CA GLY C 632 -7.43 16.95 33.21
C GLY C 632 -8.24 15.72 33.60
N PRO C 633 -8.07 15.24 34.85
CA PRO C 633 -8.62 13.93 35.23
C PRO C 633 -10.11 13.77 34.98
N LEU C 634 -10.90 14.66 35.55
CA LEU C 634 -12.30 14.78 35.15
C LEU C 634 -12.36 15.18 33.69
N ASN C 635 -13.33 14.63 32.97
CA ASN C 635 -13.43 14.84 31.53
C ASN C 635 -14.57 15.79 31.19
N ASP C 636 -15.78 15.48 31.61
CA ASP C 636 -16.97 16.25 31.25
C ASP C 636 -18.14 15.75 32.07
N GLN C 637 -19.32 16.26 31.75
CA GLN C 637 -20.59 15.74 32.23
C GLN C 637 -21.47 15.52 31.01
N ASP C 638 -21.33 14.36 30.39
CA ASP C 638 -22.10 14.06 29.20
C ASP C 638 -23.59 13.98 29.53
N ASN C 639 -24.41 14.10 28.48
CA ASN C 639 -25.87 14.03 28.56
C ASN C 639 -26.36 12.95 27.60
N GLU C 640 -27.69 12.89 27.40
CA GLU C 640 -28.33 11.85 26.59
C GLU C 640 -29.28 12.39 25.52
N ASP C 641 -29.47 13.70 25.41
CA ASP C 641 -30.45 14.22 24.47
C ASP C 641 -29.95 14.10 23.04
N CYS C 642 -30.06 12.90 22.46
CA CYS C 642 -29.67 12.66 21.08
C CYS C 642 -30.84 13.02 20.19
N ILE C 643 -30.59 13.90 19.23
CA ILE C 643 -31.64 14.45 18.38
C ILE C 643 -31.59 13.85 16.98
N ASN C 644 -31.01 12.67 16.83
CA ASN C 644 -30.79 12.10 15.50
C ASN C 644 -32.11 11.67 14.87
N ARG C 645 -32.53 12.39 13.84
CA ARG C 645 -33.59 11.93 12.98
C ARG C 645 -33.08 10.75 12.17
N HIS C 646 -33.99 10.06 11.47
CA HIS C 646 -33.51 9.13 10.46
C HIS C 646 -32.67 9.88 9.44
N ASN C 647 -33.16 11.02 8.98
CA ASN C 647 -32.38 11.92 8.16
C ASN C 647 -32.84 13.33 8.50
N VAL C 648 -31.99 14.30 8.18
CA VAL C 648 -32.04 15.61 8.81
C VAL C 648 -33.24 16.44 8.34
N TYR C 649 -34.08 15.87 7.48
CA TYR C 649 -35.45 16.33 7.26
C TYR C 649 -35.48 17.77 6.74
N ILE C 650 -35.00 17.91 5.50
CA ILE C 650 -35.15 19.16 4.76
C ILE C 650 -36.18 18.95 3.67
N ASN C 651 -37.10 19.89 3.57
CA ASN C 651 -38.03 19.99 2.46
C ASN C 651 -37.68 21.24 1.69
N GLY C 652 -37.27 21.06 0.45
CA GLY C 652 -36.87 22.18 -0.35
C GLY C 652 -36.05 21.72 -1.53
N ILE C 653 -34.90 22.35 -1.70
CA ILE C 653 -34.05 22.07 -2.86
C ILE C 653 -33.62 20.61 -2.88
N THR C 654 -33.16 20.08 -1.74
CA THR C 654 -32.83 18.67 -1.59
C THR C 654 -32.94 18.36 -0.10
N TYR C 655 -32.57 17.15 0.27
CA TYR C 655 -32.34 16.82 1.67
C TYR C 655 -30.90 17.13 2.05
N THR C 656 -30.66 17.24 3.35
CA THR C 656 -29.36 17.58 3.91
C THR C 656 -28.86 16.44 4.80
N PRO C 657 -27.53 16.28 4.96
CA PRO C 657 -27.03 15.31 5.95
C PRO C 657 -26.90 15.88 7.36
N VAL C 658 -26.35 15.08 8.27
CA VAL C 658 -26.08 15.48 9.64
C VAL C 658 -24.69 16.10 9.73
N SER C 659 -24.49 16.89 10.78
CA SER C 659 -23.16 17.30 11.21
C SER C 659 -23.27 17.96 12.57
N SER C 660 -22.18 17.93 13.31
CA SER C 660 -22.10 18.70 14.54
C SER C 660 -21.82 20.16 14.23
N THR C 661 -22.01 20.99 15.24
CA THR C 661 -21.83 22.43 15.12
C THR C 661 -20.51 22.87 15.73
N ASN C 662 -20.34 24.18 15.77
CA ASN C 662 -19.20 24.79 16.44
C ASN C 662 -19.58 26.24 16.72
N GLU C 663 -19.95 26.50 17.97
CA GLU C 663 -20.27 27.85 18.42
C GLU C 663 -20.14 27.89 19.93
N LYS C 664 -20.10 29.10 20.46
CA LYS C 664 -19.86 29.27 21.90
C LYS C 664 -21.15 29.00 22.67
N ASP C 665 -21.00 28.67 23.95
CA ASP C 665 -22.10 28.14 24.77
C ASP C 665 -22.02 28.72 26.17
N MET C 666 -23.18 28.73 26.82
CA MET C 666 -23.28 29.10 28.23
C MET C 666 -22.58 28.09 29.10
N TYR C 667 -22.86 26.81 28.87
CA TYR C 667 -22.08 25.76 29.49
C TYR C 667 -20.60 25.99 29.22
N SER C 668 -20.27 26.39 28.00
CA SER C 668 -18.89 26.69 27.68
C SER C 668 -18.43 27.97 28.36
N PHE C 669 -19.33 28.94 28.52
CA PHE C 669 -18.97 30.14 29.26
C PHE C 669 -18.55 29.77 30.67
N LEU C 670 -19.28 28.86 31.29
CA LEU C 670 -19.02 28.51 32.68
C LEU C 670 -17.88 27.52 32.81
N GLU C 671 -17.57 26.82 31.73
CA GLU C 671 -16.40 25.96 31.72
C GLU C 671 -15.14 26.78 31.60
N ASP C 672 -15.11 27.73 30.65
CA ASP C 672 -13.99 28.66 30.56
C ASP C 672 -13.89 29.49 31.83
N MET C 673 -15.02 29.75 32.48
CA MET C 673 -15.02 30.35 33.79
C MET C 673 -14.18 29.53 34.76
N GLY C 674 -14.22 28.23 34.58
CA GLY C 674 -13.45 27.31 35.40
C GLY C 674 -14.30 26.56 36.40
N LEU C 675 -15.60 26.85 36.47
CA LEU C 675 -16.48 26.30 37.48
C LEU C 675 -17.47 25.31 36.87
N LYS C 676 -18.38 24.82 37.69
CA LYS C 676 -19.45 23.93 37.27
C LYS C 676 -20.71 24.32 38.03
N ALA C 677 -21.80 23.63 37.71
CA ALA C 677 -23.10 24.05 38.21
C ALA C 677 -24.10 22.91 38.01
N PHE C 678 -25.30 23.11 38.57
CA PHE C 678 -26.43 22.23 38.34
C PHE C 678 -27.71 23.06 38.28
N THR C 679 -28.55 22.73 37.30
CA THR C 679 -29.78 23.46 36.99
C THR C 679 -30.77 22.46 36.38
N ASN C 680 -31.76 22.98 35.67
CA ASN C 680 -32.63 22.21 34.78
C ASN C 680 -32.68 22.75 33.37
N SER C 681 -32.44 24.05 33.18
CA SER C 681 -32.69 24.65 31.87
C SER C 681 -31.65 24.18 30.87
N LYS C 682 -31.94 24.52 29.61
CA LYS C 682 -31.11 24.12 28.50
C LYS C 682 -29.90 25.04 28.46
N ILE C 683 -28.76 24.53 28.93
CA ILE C 683 -27.50 25.27 28.93
C ILE C 683 -26.57 24.73 27.87
N ARG C 684 -26.46 23.43 27.77
CA ARG C 684 -25.60 22.80 26.80
C ARG C 684 -26.35 22.64 25.49
N LYS C 685 -25.65 22.91 24.38
CA LYS C 685 -26.32 22.87 23.10
C LYS C 685 -26.85 21.47 22.82
N PRO C 686 -27.99 21.32 22.14
CA PRO C 686 -28.62 20.01 22.05
C PRO C 686 -27.83 19.04 21.19
N LYS C 687 -26.65 18.67 21.68
CA LYS C 687 -25.77 17.83 20.90
C LYS C 687 -26.40 16.46 20.74
N MET C 688 -26.11 15.86 19.59
CA MET C 688 -26.65 14.56 19.23
C MET C 688 -25.64 13.47 19.52
N CYS C 689 -26.15 12.27 19.74
CA CYS C 689 -25.29 11.13 19.86
C CYS C 689 -24.77 10.73 18.49
N PRO C 690 -23.52 10.25 18.41
CA PRO C 690 -22.92 9.97 17.10
C PRO C 690 -23.65 8.86 16.36
N GLN C 691 -23.16 8.56 15.17
CA GLN C 691 -23.81 7.56 14.32
C GLN C 691 -23.60 6.18 14.94
N LEU C 692 -24.70 5.56 15.35
CA LEU C 692 -24.61 4.23 15.94
C LEU C 692 -24.13 3.19 14.93
N GLN C 693 -24.52 3.33 13.68
CA GLN C 693 -24.21 2.33 12.67
C GLN C 693 -22.72 2.34 12.38
N GLN C 694 -22.13 1.14 12.39
CA GLN C 694 -20.70 1.00 12.15
C GLN C 694 -20.43 -0.33 11.46
N TYR C 695 -19.21 -0.46 10.96
CA TYR C 695 -18.77 -1.70 10.33
C TYR C 695 -18.40 -2.73 11.38
N THR C 730 36.77 61.15 63.79
CA THR C 730 35.44 61.39 64.31
C THR C 730 34.44 60.30 63.92
N VAL C 731 34.92 59.20 63.33
CA VAL C 731 34.06 58.17 62.78
C VAL C 731 34.65 56.80 63.07
N ARG C 732 33.75 55.82 63.21
CA ARG C 732 34.11 54.44 63.51
C ARG C 732 33.17 53.54 62.71
N LYS C 733 33.72 52.92 61.67
CA LYS C 733 32.94 52.08 60.79
C LYS C 733 32.21 50.97 61.55
N TYR C 734 30.93 50.83 61.25
CA TYR C 734 30.08 49.75 61.73
C TYR C 734 30.02 48.72 60.60
N PHE C 735 29.29 47.62 60.79
CA PHE C 735 29.31 46.61 59.75
C PHE C 735 28.56 47.16 58.53
N PRO C 736 29.12 47.08 57.33
CA PRO C 736 28.35 47.46 56.15
C PRO C 736 27.59 46.28 55.58
N GLU C 737 26.97 46.50 54.42
CA GLU C 737 26.28 45.47 53.65
C GLU C 737 24.96 45.07 54.29
N THR C 738 24.56 45.76 55.35
CA THR C 738 23.24 45.63 55.93
C THR C 738 23.16 46.72 56.99
N TRP C 739 21.98 47.30 57.15
CA TRP C 739 21.77 48.33 58.16
C TRP C 739 20.81 47.81 59.21
N ILE C 740 19.65 47.38 58.76
CA ILE C 740 18.58 46.99 59.66
C ILE C 740 17.97 45.71 59.14
N TRP C 741 17.59 44.86 60.07
CA TRP C 741 17.02 43.57 59.71
C TRP C 741 16.26 43.11 60.95
N ASP C 742 14.96 43.34 60.97
CA ASP C 742 14.25 43.15 62.22
C ASP C 742 12.75 43.00 61.99
N LEU C 743 12.07 42.56 63.03
CA LEU C 743 10.61 42.60 63.12
C LEU C 743 10.23 43.78 63.99
N VAL C 744 9.04 44.33 63.72
CA VAL C 744 8.56 45.48 64.46
C VAL C 744 7.04 45.42 64.49
N VAL C 745 6.47 45.85 65.57
CA VAL C 745 5.04 45.75 65.76
C VAL C 745 4.37 47.02 65.27
N VAL C 746 3.14 46.87 64.78
CA VAL C 746 2.30 47.97 64.33
C VAL C 746 1.19 48.12 65.34
N ASN C 747 1.28 49.19 66.13
CA ASN C 747 0.20 49.66 66.97
C ASN C 747 -0.89 50.26 66.10
N SER C 748 -1.91 50.81 66.72
CA SER C 748 -3.06 51.31 66.00
C SER C 748 -2.87 52.73 65.48
N ALA C 749 -1.62 53.18 65.29
CA ALA C 749 -1.36 54.48 64.69
C ALA C 749 -0.16 54.47 63.74
N GLY C 750 0.24 53.31 63.24
CA GLY C 750 1.44 53.24 62.44
C GLY C 750 2.67 53.36 63.33
N VAL C 751 3.74 52.73 62.91
CA VAL C 751 4.94 52.63 63.73
C VAL C 751 5.95 53.66 63.29
N ALA C 752 6.84 54.02 64.21
CA ALA C 752 7.97 54.87 63.91
C ALA C 752 9.13 54.42 64.79
N GLU C 753 10.13 53.84 64.15
CA GLU C 753 11.36 53.44 64.81
C GLU C 753 12.40 54.51 64.60
N VAL C 754 13.41 54.49 65.45
CA VAL C 754 14.54 55.40 65.37
C VAL C 754 15.77 54.56 65.04
N GLY C 755 16.15 54.58 63.78
CA GLY C 755 17.35 53.93 63.35
C GLY C 755 18.57 54.81 63.51
N VAL C 756 19.69 54.22 63.12
CA VAL C 756 21.00 54.69 63.49
C VAL C 756 21.81 54.94 62.23
N THR C 757 22.06 56.21 61.93
CA THR C 757 22.96 56.56 60.85
C THR C 757 24.32 55.90 61.06
N VAL C 758 24.96 55.54 59.96
CA VAL C 758 26.14 54.67 59.95
C VAL C 758 27.29 55.36 59.23
N PRO C 759 28.57 55.22 59.69
CA PRO C 759 29.63 56.08 59.15
C PRO C 759 30.43 55.51 57.99
N ASP C 760 30.89 56.39 57.10
CA ASP C 760 31.78 56.04 56.00
C ASP C 760 31.14 55.02 55.08
N THR C 761 29.84 55.15 54.87
CA THR C 761 29.02 54.25 54.08
C THR C 761 28.08 55.13 53.27
N ILE C 762 28.49 55.39 52.04
CA ILE C 762 27.86 56.36 51.19
C ILE C 762 27.47 55.64 49.91
N THR C 763 26.30 55.06 49.92
CA THR C 763 25.75 54.28 48.82
C THR C 763 24.24 54.34 48.98
N GLU C 764 23.52 53.51 48.23
CA GLU C 764 22.06 53.61 48.37
C GLU C 764 21.65 52.82 49.61
N TRP C 765 20.40 53.02 50.05
CA TRP C 765 19.93 52.41 51.29
C TRP C 765 18.53 51.86 51.09
N LYS C 766 18.42 50.66 50.55
CA LYS C 766 17.11 50.20 50.14
C LYS C 766 16.38 49.64 51.37
N ALA C 767 15.25 50.25 51.70
CA ALA C 767 14.53 49.95 52.93
C ALA C 767 13.25 49.20 52.58
N GLY C 768 13.38 47.88 52.43
CA GLY C 768 12.25 47.04 52.09
C GLY C 768 11.40 46.79 53.32
N ALA C 769 10.08 46.89 53.14
CA ALA C 769 9.13 46.71 54.22
C ALA C 769 8.12 45.65 53.82
N PHE C 770 7.98 44.63 54.66
CA PHE C 770 7.10 43.49 54.40
C PHE C 770 6.24 43.25 55.63
N CYS C 771 4.98 43.64 55.56
CA CYS C 771 4.12 43.60 56.73
C CYS C 771 3.13 42.46 56.66
N LEU C 772 2.60 42.12 57.84
CA LEU C 772 1.62 41.05 57.97
C LEU C 772 0.69 41.34 59.13
N SER C 773 -0.59 41.03 58.92
CA SER C 773 -1.62 41.17 59.93
C SER C 773 -2.69 40.14 59.65
N GLU C 774 -3.21 39.52 60.71
CA GLU C 774 -4.25 38.52 60.54
C GLU C 774 -5.50 39.09 59.90
N ASP C 775 -5.74 40.39 60.05
CA ASP C 775 -6.98 41.00 59.56
C ASP C 775 -6.90 41.48 58.13
N ALA C 776 -5.81 42.15 57.74
CA ALA C 776 -5.70 42.77 56.43
C ALA C 776 -4.80 42.00 55.46
N GLY C 777 -4.04 41.02 55.96
CA GLY C 777 -3.17 40.23 55.11
C GLY C 777 -1.74 40.72 55.09
N LEU C 778 -1.04 40.57 53.96
CA LEU C 778 0.34 41.04 53.87
C LEU C 778 0.42 42.42 53.25
N GLY C 779 1.65 42.90 53.14
CA GLY C 779 1.92 44.18 52.52
C GLY C 779 3.37 44.32 52.13
N ILE C 780 3.62 45.09 51.06
CA ILE C 780 4.94 45.25 50.47
C ILE C 780 5.08 46.73 50.15
N SER C 781 5.98 47.41 50.87
CA SER C 781 6.22 48.83 50.62
C SER C 781 7.70 49.10 50.42
N SER C 782 7.92 50.21 49.70
CA SER C 782 9.09 50.44 48.87
C SER C 782 10.36 50.78 49.62
N THR C 783 11.39 51.12 48.87
CA THR C 783 12.77 51.19 49.34
C THR C 783 13.21 52.63 49.60
N ALA C 784 13.05 53.06 50.84
CA ALA C 784 13.51 54.38 51.22
C ALA C 784 15.03 54.50 51.20
N SER C 785 15.57 55.11 50.16
CA SER C 785 17.01 55.30 50.03
C SER C 785 17.48 56.52 50.82
N LEU C 786 17.84 56.28 52.07
CA LEU C 786 18.32 57.33 52.93
C LEU C 786 19.78 57.57 52.65
N ARG C 787 20.04 58.15 51.50
CA ARG C 787 21.40 58.25 51.00
C ARG C 787 22.17 59.30 51.79
N ALA C 788 23.26 58.86 52.39
CA ALA C 788 24.12 59.73 53.17
C ALA C 788 25.03 60.51 52.22
N PHE C 789 25.96 61.26 52.79
CA PHE C 789 26.86 62.12 52.04
C PHE C 789 27.90 62.61 53.06
N GLN C 790 28.86 63.37 52.57
CA GLN C 790 29.72 64.21 53.39
C GLN C 790 30.20 65.34 52.49
N PRO C 791 30.26 66.59 52.96
CA PRO C 791 30.73 67.66 52.06
C PRO C 791 32.17 67.48 51.67
N PHE C 792 32.97 66.92 52.56
CA PHE C 792 34.38 66.67 52.31
C PHE C 792 34.73 65.35 53.00
N PHE C 793 35.13 64.35 52.23
CA PHE C 793 35.43 63.04 52.78
C PHE C 793 36.61 62.43 52.06
N VAL C 794 36.94 61.23 52.50
CA VAL C 794 38.06 60.47 52.00
C VAL C 794 37.61 59.03 51.86
N GLU C 795 37.87 58.44 50.70
CA GLU C 795 37.58 57.05 50.42
C GLU C 795 38.82 56.38 49.85
N LEU C 796 38.98 55.11 50.15
CA LEU C 796 40.15 54.36 49.73
C LEU C 796 39.77 53.34 48.67
N THR C 797 40.80 52.63 48.22
CA THR C 797 40.64 51.53 47.29
C THR C 797 41.79 50.56 47.48
N MET C 798 41.42 49.29 47.54
CA MET C 798 42.33 48.18 47.77
C MET C 798 41.53 46.89 47.60
N PRO C 799 42.16 45.76 47.33
CA PRO C 799 41.39 44.53 47.15
C PRO C 799 40.91 43.95 48.46
N TYR C 800 40.07 42.92 48.37
CA TYR C 800 39.54 42.28 49.57
C TYR C 800 40.65 41.61 50.36
N SER C 801 41.54 40.90 49.67
CA SER C 801 42.56 40.09 50.30
C SER C 801 43.86 40.24 49.54
N VAL C 802 44.95 40.02 50.25
CA VAL C 802 46.30 40.16 49.73
C VAL C 802 47.14 39.03 50.32
N ILE C 803 48.44 39.07 50.03
CA ILE C 803 49.38 38.05 50.49
C ILE C 803 50.43 38.71 51.36
N ARG C 804 50.77 38.01 52.45
CA ARG C 804 51.68 38.56 53.46
C ARG C 804 53.04 38.89 52.87
N GLY C 805 53.51 38.11 51.89
CA GLY C 805 54.84 38.28 51.38
C GLY C 805 54.98 39.45 50.46
N GLU C 806 54.35 39.35 49.29
CA GLU C 806 54.45 40.43 48.32
C GLU C 806 53.69 41.64 48.80
N ALA C 807 54.03 42.78 48.22
CA ALA C 807 53.44 44.06 48.55
C ALA C 807 52.34 44.43 47.57
N PHE C 808 51.85 45.66 47.72
CA PHE C 808 50.83 46.20 46.84
C PHE C 808 50.63 47.65 47.24
N THR C 809 49.96 48.40 46.37
CA THR C 809 49.66 49.79 46.63
C THR C 809 48.25 49.93 47.17
N LEU C 810 48.05 50.99 47.94
CA LEU C 810 46.78 51.32 48.56
C LEU C 810 46.44 52.74 48.11
N LYS C 811 45.31 52.89 47.40
CA LYS C 811 45.02 54.14 46.70
C LYS C 811 43.93 54.90 47.44
N ALA C 812 44.30 56.02 48.06
CA ALA C 812 43.42 56.79 48.93
C ALA C 812 43.07 58.10 48.25
N THR C 813 41.80 58.26 47.85
CA THR C 813 41.29 59.47 47.25
C THR C 813 40.52 60.30 48.27
N VAL C 814 40.54 61.60 48.07
CA VAL C 814 39.82 62.58 48.87
C VAL C 814 38.95 63.37 47.94
N LEU C 815 37.75 63.74 48.40
CA LEU C 815 36.74 64.39 47.56
C LEU C 815 36.12 65.57 48.30
N ASN C 816 35.93 66.66 47.55
CA ASN C 816 35.40 67.93 48.05
C ASN C 816 34.22 68.37 47.20
N TYR C 817 33.11 68.68 47.87
CA TYR C 817 31.89 69.14 47.23
C TYR C 817 31.44 70.52 47.67
N LEU C 818 32.09 71.10 48.67
CA LEU C 818 31.76 72.45 49.07
C LEU C 818 32.36 73.45 48.09
N PRO C 819 31.70 74.60 47.84
CA PRO C 819 32.23 75.53 46.84
C PRO C 819 33.64 76.03 47.15
N LYS C 820 33.93 76.30 48.42
CA LYS C 820 35.26 76.72 48.81
C LYS C 820 36.28 75.64 48.49
N CYS C 821 37.47 76.07 48.12
CA CYS C 821 38.51 75.23 47.56
C CYS C 821 39.69 75.29 48.51
N ILE C 822 40.04 74.15 49.09
CA ILE C 822 40.90 74.10 50.26
C ILE C 822 41.98 73.03 50.06
N ARG C 823 43.17 73.35 50.55
CA ARG C 823 44.23 72.36 50.66
C ARG C 823 43.91 71.37 51.76
N VAL C 824 44.24 70.11 51.52
CA VAL C 824 43.95 69.02 52.43
C VAL C 824 45.25 68.48 53.00
N SER C 825 45.19 68.09 54.26
CA SER C 825 46.24 67.31 54.91
C SER C 825 45.68 65.91 55.06
N VAL C 826 46.19 65.00 54.22
CA VAL C 826 45.76 63.61 54.19
C VAL C 826 46.93 62.74 54.58
N GLN C 827 46.65 61.69 55.33
CA GLN C 827 47.64 60.70 55.69
C GLN C 827 46.90 59.52 56.30
N LEU C 828 47.68 58.59 56.84
CA LEU C 828 47.09 57.43 57.47
C LEU C 828 47.98 56.95 58.59
N GLU C 829 47.36 56.60 59.71
CA GLU C 829 48.02 55.93 60.81
C GLU C 829 48.02 54.43 60.55
N ALA C 830 49.17 53.84 60.84
CA ALA C 830 49.57 52.48 60.52
C ALA C 830 49.93 51.74 61.79
N SER C 831 49.89 50.43 61.72
CA SER C 831 50.19 49.55 62.83
C SER C 831 51.57 48.94 62.65
N PRO C 832 52.08 48.26 63.69
CA PRO C 832 53.27 47.44 63.50
C PRO C 832 53.04 46.20 62.64
N ALA C 833 51.79 45.85 62.32
CA ALA C 833 51.51 44.60 61.65
C ALA C 833 51.71 44.67 60.14
N PHE C 834 52.39 45.68 59.63
CA PHE C 834 52.75 45.73 58.22
C PHE C 834 53.83 46.78 58.04
N LEU C 835 54.09 47.16 56.80
CA LEU C 835 55.04 48.23 56.50
C LEU C 835 54.59 48.96 55.25
N ALA C 836 54.22 50.22 55.39
CA ALA C 836 53.83 51.06 54.27
C ALA C 836 54.81 52.22 54.11
N VAL C 837 54.89 52.74 52.89
CA VAL C 837 55.75 53.86 52.54
C VAL C 837 55.03 54.71 51.49
N PRO C 838 55.10 56.05 51.54
CA PRO C 838 54.47 56.84 50.48
C PRO C 838 55.28 56.91 49.20
N VAL C 839 54.67 57.52 48.19
CA VAL C 839 55.29 57.75 46.89
C VAL C 839 55.40 59.25 46.63
N GLU C 840 54.47 60.03 47.20
CA GLU C 840 54.29 61.43 46.85
C GLU C 840 54.04 62.25 48.11
N LYS C 841 54.77 61.94 49.17
CA LYS C 841 54.55 62.56 50.47
C LYS C 841 55.26 63.91 50.60
N GLU C 842 56.41 64.06 49.94
CA GLU C 842 57.23 65.25 50.16
C GLU C 842 56.51 66.52 49.72
N GLN C 843 55.71 66.42 48.65
CA GLN C 843 55.06 67.59 48.09
C GLN C 843 53.74 67.82 48.82
N ALA C 844 53.47 69.06 49.11
CA ALA C 844 52.20 69.42 49.71
C ALA C 844 51.12 69.47 48.62
N PRO C 845 49.91 68.96 48.88
CA PRO C 845 48.82 69.19 47.92
C PRO C 845 48.51 70.68 47.83
N HIS C 846 47.80 71.06 46.77
CA HIS C 846 47.55 72.47 46.48
C HIS C 846 46.16 72.91 46.92
N CYS C 847 45.11 72.28 46.40
CA CYS C 847 43.72 72.51 46.80
C CYS C 847 42.83 71.58 46.01
N ILE C 848 41.59 71.43 46.47
CA ILE C 848 40.55 70.76 45.69
C ILE C 848 39.24 71.48 45.98
N CYS C 849 38.47 71.75 44.92
CA CYS C 849 37.28 72.57 45.00
C CYS C 849 36.04 71.69 45.03
N ALA C 850 34.86 72.31 44.91
CA ALA C 850 33.61 71.54 44.79
C ALA C 850 33.70 70.58 43.62
N ASN C 851 33.38 69.32 43.89
CA ASN C 851 33.57 68.23 42.93
C ASN C 851 35.04 68.05 42.61
N GLY C 852 35.91 68.52 43.50
CA GLY C 852 37.35 68.44 43.32
C GLY C 852 37.88 67.32 44.18
N ARG C 853 38.51 66.34 43.54
CA ARG C 853 39.04 65.19 44.24
C ARG C 853 40.52 64.99 43.94
N GLN C 854 41.30 64.88 45.00
CA GLN C 854 42.71 64.57 44.93
C GLN C 854 42.88 63.10 45.30
N THR C 855 44.08 62.58 45.08
CA THR C 855 44.35 61.19 45.42
C THR C 855 45.82 61.01 45.68
N VAL C 856 46.11 60.06 46.56
CA VAL C 856 47.46 59.68 46.94
C VAL C 856 47.50 58.16 47.01
N SER C 857 48.70 57.61 47.21
CA SER C 857 48.86 56.17 47.32
C SER C 857 49.90 55.84 48.37
N TRP C 858 49.96 54.55 48.69
CA TRP C 858 50.92 54.06 49.68
C TRP C 858 51.31 52.64 49.32
N ALA C 859 52.59 52.43 49.04
CA ALA C 859 53.08 51.10 48.73
C ALA C 859 53.37 50.39 50.05
N VAL C 860 52.69 49.27 50.27
CA VAL C 860 52.64 48.63 51.57
C VAL C 860 52.75 47.13 51.38
N THR C 861 53.42 46.50 52.35
CA THR C 861 53.52 45.06 52.43
C THR C 861 52.93 44.62 53.77
N PRO C 862 52.10 43.58 53.80
CA PRO C 862 51.58 43.14 55.08
C PRO C 862 52.58 42.27 55.82
N LYS C 863 52.43 42.25 57.14
CA LYS C 863 53.17 41.34 57.99
C LYS C 863 52.28 40.32 58.67
N SER C 864 51.30 40.77 59.44
CA SER C 864 50.45 39.84 60.17
C SER C 864 49.56 39.07 59.20
N LEU C 865 48.74 38.20 59.77
CA LEU C 865 47.86 37.34 59.00
C LEU C 865 46.41 37.60 59.36
N GLY C 866 45.52 37.40 58.39
CA GLY C 866 44.10 37.50 58.64
C GLY C 866 43.56 38.88 58.39
N ASN C 867 42.72 39.35 59.32
CA ASN C 867 42.12 40.71 59.20
C ASN C 867 43.12 41.74 59.75
N VAL C 868 43.06 42.97 59.23
CA VAL C 868 43.93 44.04 59.67
C VAL C 868 43.28 45.38 59.38
N ASN C 869 43.28 46.23 60.40
CA ASN C 869 42.67 47.57 60.25
C ASN C 869 43.68 48.55 59.65
N PHE C 870 43.18 49.60 59.01
CA PHE C 870 43.96 50.66 58.40
C PHE C 870 43.26 51.96 58.73
N THR C 871 43.99 52.96 59.26
CA THR C 871 43.33 54.15 59.76
C THR C 871 43.80 55.32 58.93
N VAL C 872 42.86 56.06 58.33
CA VAL C 872 43.17 57.12 57.38
C VAL C 872 42.51 58.40 57.86
N SER C 873 43.31 59.46 57.98
CA SER C 873 42.87 60.74 58.51
C SER C 873 43.08 61.83 57.47
N ALA C 874 42.03 62.62 57.23
CA ALA C 874 42.09 63.75 56.31
C ALA C 874 41.41 64.94 56.93
N GLU C 875 42.03 66.11 56.81
CA GLU C 875 41.42 67.32 57.34
C GLU C 875 41.83 68.53 56.51
N ALA C 876 41.23 69.66 56.87
CA ALA C 876 41.39 70.90 56.13
C ALA C 876 42.34 71.85 56.84
N LEU C 877 42.71 72.91 56.14
CA LEU C 877 43.72 73.85 56.61
C LEU C 877 43.33 75.26 56.23
N GLU C 878 43.59 76.19 57.15
CA GLU C 878 43.26 77.59 57.01
C GLU C 878 44.56 78.37 56.82
N SER C 879 44.44 79.56 56.21
CA SER C 879 45.55 80.50 56.08
C SER C 879 46.61 79.97 55.11
N GLN C 880 46.13 79.40 54.01
CA GLN C 880 46.99 78.86 52.96
C GLN C 880 46.45 79.31 51.60
N GLU C 881 46.18 80.60 51.47
CA GLU C 881 45.64 81.16 50.24
C GLU C 881 46.72 81.27 49.17
N LEU C 882 47.23 80.14 48.70
CA LEU C 882 48.21 80.07 47.63
C LEU C 882 47.69 79.34 46.41
N CYS C 883 46.75 78.42 46.56
CA CYS C 883 46.14 77.71 45.45
C CYS C 883 45.04 78.54 44.80
N GLY C 884 44.11 79.05 45.60
CA GLY C 884 42.97 79.79 45.11
C GLY C 884 42.86 81.17 45.72
N THR C 885 41.63 81.70 45.76
CA THR C 885 41.40 83.04 46.31
C THR C 885 41.36 83.02 47.83
N GLU C 886 40.55 82.14 48.42
CA GLU C 886 40.34 82.06 49.85
C GLU C 886 40.46 80.60 50.31
N VAL C 887 40.42 80.39 51.62
CA VAL C 887 40.47 79.06 52.20
C VAL C 887 39.92 79.13 53.62
N PRO C 888 38.61 79.16 53.82
CA PRO C 888 38.07 79.27 55.20
C PRO C 888 38.47 78.11 56.09
N SER C 889 38.15 76.88 55.69
CA SER C 889 38.59 75.68 56.40
C SER C 889 38.09 75.69 57.85
N VAL C 890 36.76 75.67 57.97
CA VAL C 890 36.10 75.63 59.28
C VAL C 890 34.96 74.62 59.21
N PRO C 891 35.24 73.32 59.29
CA PRO C 891 34.15 72.33 59.29
C PRO C 891 33.64 72.00 60.68
N GLU C 892 32.72 71.05 60.74
CA GLU C 892 32.06 70.63 61.96
C GLU C 892 33.06 70.04 62.96
N HIS C 893 32.56 69.65 64.13
CA HIS C 893 33.42 69.13 65.19
C HIS C 893 34.19 67.91 64.74
N GLY C 894 33.59 67.09 63.88
CA GLY C 894 34.30 66.03 63.21
C GLY C 894 34.89 66.49 61.89
N ARG C 895 35.55 67.66 61.91
CA ARG C 895 36.10 68.25 60.70
C ARG C 895 37.13 67.37 60.01
N LYS C 896 37.70 66.39 60.71
CA LYS C 896 38.65 65.45 60.14
C LYS C 896 37.96 64.12 59.92
N ASP C 897 37.95 63.65 58.67
CA ASP C 897 37.42 62.34 58.34
C ASP C 897 38.45 61.31 58.78
N THR C 898 38.09 60.50 59.77
CA THR C 898 38.99 59.54 60.41
C THR C 898 38.42 58.15 60.20
N VAL C 899 38.64 57.61 59.03
CA VAL C 899 37.99 56.37 58.63
C VAL C 899 38.90 55.19 58.95
N ILE C 900 38.29 54.10 59.41
CA ILE C 900 39.00 52.91 59.84
C ILE C 900 38.46 51.76 59.00
N LYS C 901 39.29 51.22 58.12
CA LYS C 901 38.87 50.19 57.19
C LYS C 901 39.71 48.94 57.34
N PRO C 902 39.12 47.74 57.38
CA PRO C 902 39.94 46.55 57.43
C PRO C 902 40.29 46.03 56.05
N LEU C 903 41.14 45.02 56.03
CA LEU C 903 41.32 44.21 54.85
C LEU C 903 41.80 42.84 55.30
N LEU C 904 41.86 41.95 54.32
CA LEU C 904 42.26 40.58 54.53
C LEU C 904 43.66 40.35 53.98
N VAL C 905 44.37 39.39 54.56
CA VAL C 905 45.63 38.90 54.01
C VAL C 905 45.73 37.40 54.30
N GLU C 906 46.06 36.63 53.26
CA GLU C 906 46.30 35.21 53.31
C GLU C 906 47.78 34.94 53.58
N PRO C 907 48.13 33.74 54.04
CA PRO C 907 49.53 33.48 54.34
C PRO C 907 50.31 33.25 53.07
N GLU C 908 51.49 33.83 53.01
CA GLU C 908 52.36 33.75 51.86
C GLU C 908 52.73 32.30 51.55
N GLY C 909 53.29 32.11 50.36
CA GLY C 909 53.68 30.80 49.89
C GLY C 909 52.57 30.10 49.12
N LEU C 910 52.99 29.15 48.27
CA LEU C 910 52.04 28.44 47.45
C LEU C 910 51.17 27.56 48.34
N GLU C 911 49.93 27.99 48.51
CA GLU C 911 48.96 27.24 49.29
C GLU C 911 48.70 25.90 48.64
N LYS C 912 48.77 24.84 49.45
CA LYS C 912 48.41 23.52 48.97
C LYS C 912 47.88 22.70 50.13
N GLU C 913 47.31 21.56 49.78
CA GLU C 913 46.36 20.84 50.63
C GLU C 913 46.83 19.43 50.91
N THR C 914 46.04 18.73 51.71
CA THR C 914 46.15 17.29 51.83
C THR C 914 44.82 16.73 52.28
N THR C 915 44.44 15.59 51.71
CA THR C 915 43.15 14.97 51.90
C THR C 915 43.30 13.65 52.64
N PHE C 916 42.32 13.36 53.50
CA PHE C 916 42.23 12.05 54.13
C PHE C 916 40.76 11.69 54.27
N ASN C 917 40.50 10.39 54.26
CA ASN C 917 39.15 9.87 54.36
C ASN C 917 39.16 8.66 55.27
N SER C 918 37.97 8.26 55.70
CA SER C 918 37.83 7.13 56.61
C SER C 918 36.37 6.75 56.68
N LEU C 919 36.12 5.44 56.63
CA LEU C 919 34.78 4.87 56.80
C LEU C 919 34.81 4.00 58.04
N LEU C 920 34.15 4.47 59.09
CA LEU C 920 34.03 3.75 60.35
C LEU C 920 32.58 3.32 60.51
N CYS C 921 32.38 2.07 60.93
CA CYS C 921 31.04 1.51 61.13
C CYS C 921 31.05 0.53 62.29
N PRO C 922 30.78 1.01 63.51
CA PRO C 922 30.57 0.09 64.63
C PRO C 922 29.22 -0.60 64.51
N SER C 923 29.26 -1.87 64.13
CA SER C 923 28.03 -2.65 63.90
C SER C 923 27.50 -3.18 65.23
N GLY C 924 26.85 -2.29 65.97
CA GLY C 924 26.42 -2.61 67.30
C GLY C 924 27.56 -2.69 68.27
N GLY C 925 28.54 -1.80 68.16
CA GLY C 925 29.75 -1.93 68.95
C GLY C 925 30.63 -0.70 68.95
N GLU C 926 31.94 -0.92 68.87
CA GLU C 926 32.92 0.16 68.89
C GLU C 926 33.98 -0.09 67.83
N VAL C 927 34.47 1.00 67.25
CA VAL C 927 35.60 0.98 66.33
C VAL C 927 36.44 2.21 66.67
N SER C 928 37.69 2.19 66.24
CA SER C 928 38.55 3.33 66.43
C SER C 928 39.54 3.42 65.27
N GLU C 929 40.21 4.55 65.21
CA GLU C 929 41.25 4.81 64.23
C GLU C 929 42.17 5.86 64.81
N GLU C 930 43.26 6.11 64.12
CA GLU C 930 44.16 7.18 64.45
C GLU C 930 44.72 7.72 63.14
N LEU C 931 44.84 9.03 63.06
CA LEU C 931 45.32 9.71 61.87
C LEU C 931 46.39 10.70 62.27
N SER C 932 47.57 10.52 61.72
CA SER C 932 48.73 11.35 62.02
C SER C 932 48.90 12.35 60.90
N LEU C 933 48.95 13.62 61.26
CA LEU C 933 49.04 14.72 60.31
C LEU C 933 50.36 15.43 60.52
N LYS C 934 51.26 15.24 59.57
CA LYS C 934 52.60 15.78 59.72
C LYS C 934 53.20 15.93 58.32
N LEU C 935 53.19 17.16 57.82
CA LEU C 935 53.98 17.52 56.64
C LEU C 935 54.51 18.93 56.83
N PRO C 936 55.47 19.11 57.73
CA PRO C 936 56.16 20.41 57.84
C PRO C 936 57.55 20.41 57.21
N PRO C 937 57.72 20.03 55.90
CA PRO C 937 59.01 20.34 55.25
C PRO C 937 59.01 21.71 54.60
N ASN C 938 59.97 22.57 54.99
CA ASN C 938 60.11 23.91 54.35
C ASN C 938 58.74 24.59 54.36
N VAL C 939 58.13 24.70 55.54
CA VAL C 939 56.82 25.31 55.67
C VAL C 939 56.96 26.56 56.51
N VAL C 940 55.86 27.33 56.55
CA VAL C 940 55.82 28.52 57.45
C VAL C 940 54.84 28.19 58.58
N GLU C 941 55.03 28.75 59.76
CA GLU C 941 54.15 28.57 60.90
C GLU C 941 52.74 29.08 60.59
N GLU C 942 51.75 28.36 61.11
CA GLU C 942 50.36 28.81 61.22
C GLU C 942 49.60 28.82 59.90
N SER C 943 50.28 28.62 58.77
CA SER C 943 49.56 28.28 57.55
C SER C 943 48.93 26.90 57.64
N ALA C 944 49.46 26.05 58.50
CA ALA C 944 48.91 24.73 58.72
C ALA C 944 47.54 24.85 59.36
N ARG C 945 46.56 24.28 58.70
CA ARG C 945 45.19 24.18 59.20
C ARG C 945 44.70 22.80 58.81
N ALA C 946 43.70 22.30 59.51
CA ALA C 946 42.99 21.14 58.98
C ALA C 946 41.58 21.17 59.53
N SER C 947 40.81 20.17 59.14
CA SER C 947 39.41 20.10 59.51
C SER C 947 38.90 18.73 59.19
N VAL C 948 37.86 18.32 59.89
CA VAL C 948 37.23 17.03 59.67
C VAL C 948 35.73 17.22 59.57
N SER C 949 35.11 16.27 58.86
CA SER C 949 33.72 16.35 58.48
C SER C 949 33.13 14.97 58.60
N VAL C 950 32.03 14.86 59.34
CA VAL C 950 31.34 13.59 59.56
C VAL C 950 29.98 13.64 58.90
N LEU C 951 29.61 12.55 58.23
CA LEU C 951 28.39 12.49 57.43
C LEU C 951 28.06 11.07 57.02
N GLY C 952 27.06 10.94 56.15
CA GLY C 952 26.89 9.77 55.31
C GLY C 952 26.27 10.24 54.02
N ASP C 953 26.89 9.94 52.89
CA ASP C 953 26.70 10.72 51.68
C ASP C 953 25.94 9.98 50.59
N ILE C 954 25.07 9.04 50.95
CA ILE C 954 24.24 8.36 49.95
C ILE C 954 23.10 9.27 49.51
N LEU C 955 22.68 10.18 50.38
CA LEU C 955 21.48 10.97 50.15
C LEU C 955 21.74 12.29 49.43
N GLY C 956 22.99 12.60 49.10
CA GLY C 956 23.27 13.87 48.45
C GLY C 956 22.62 13.99 47.08
N SER C 957 22.55 12.88 46.35
CA SER C 957 21.92 12.83 45.03
C SER C 957 20.79 11.82 44.97
N ALA C 958 20.35 11.31 46.11
CA ALA C 958 19.29 10.30 46.11
C ALA C 958 17.92 10.93 45.89
N MET C 959 17.84 12.26 45.84
CA MET C 959 16.56 12.92 45.61
C MET C 959 16.24 13.00 44.13
N GLN C 960 17.08 13.74 43.40
CA GLN C 960 16.76 14.16 42.05
C GLN C 960 16.68 12.97 41.11
N ASN C 961 17.79 12.24 40.98
CA ASN C 961 17.85 11.11 40.07
C ASN C 961 16.78 10.07 40.37
N THR C 962 16.51 9.85 41.66
CA THR C 962 15.55 8.83 42.05
C THR C 962 14.15 9.21 41.61
N GLN C 963 13.72 10.43 41.90
CA GLN C 963 12.40 10.84 41.45
C GLN C 963 12.38 11.07 39.94
N ASN C 964 13.54 11.11 39.29
CA ASN C 964 13.58 11.50 37.89
C ASN C 964 13.05 10.38 37.00
N LEU C 965 13.73 9.24 37.00
CA LEU C 965 13.59 8.32 35.90
C LEU C 965 12.62 7.21 36.25
N LEU C 966 11.37 7.45 35.88
CA LEU C 966 10.31 6.47 36.01
C LEU C 966 9.35 6.70 34.86
N GLN C 967 9.45 5.91 33.80
CA GLN C 967 8.93 6.31 32.51
C GLN C 967 8.08 5.21 31.89
N MET C 968 7.40 5.55 30.81
CA MET C 968 6.46 4.68 30.12
C MET C 968 7.23 3.80 29.12
N PRO C 969 7.06 2.48 29.15
CA PRO C 969 7.73 1.65 28.16
C PRO C 969 7.11 1.74 26.77
N TYR C 970 7.99 1.78 25.79
CA TYR C 970 7.60 1.73 24.38
C TYR C 970 8.87 1.47 23.56
N GLY C 971 8.69 1.33 22.25
CA GLY C 971 9.81 1.16 21.35
C GLY C 971 10.24 -0.28 21.17
N CYS C 972 11.33 -0.43 20.42
CA CYS C 972 11.86 -1.76 20.10
C CYS C 972 12.33 -2.46 21.36
N GLY C 973 12.68 -3.73 21.22
CA GLY C 973 13.18 -4.48 22.35
C GLY C 973 14.39 -3.83 22.99
N GLU C 974 15.27 -3.27 22.17
CA GLU C 974 16.41 -2.55 22.70
C GLU C 974 15.95 -1.34 23.51
N GLN C 975 15.20 -0.44 22.87
CA GLN C 975 14.66 0.71 23.58
C GLN C 975 13.74 0.29 24.71
N ASN C 976 13.05 -0.84 24.53
CA ASN C 976 12.17 -1.32 25.57
C ASN C 976 12.95 -1.64 26.83
N MET C 977 14.08 -2.32 26.66
CA MET C 977 14.95 -2.55 27.80
C MET C 977 15.50 -1.26 28.35
N VAL C 978 15.87 -0.35 27.46
CA VAL C 978 16.47 0.92 27.85
C VAL C 978 15.56 1.64 28.82
N LEU C 979 14.28 1.66 28.52
CA LEU C 979 13.30 2.31 29.36
C LEU C 979 12.86 1.43 30.53
N PHE C 980 13.05 0.12 30.43
CA PHE C 980 12.46 -0.82 31.38
C PHE C 980 13.40 -1.15 32.52
N ALA C 981 14.57 -1.68 32.17
CA ALA C 981 15.61 -2.04 33.11
C ALA C 981 15.92 -0.99 34.18
N PRO C 982 16.07 0.30 33.85
CA PRO C 982 16.54 1.25 34.87
C PRO C 982 15.62 1.35 36.06
N ASN C 983 14.35 1.06 35.87
CA ASN C 983 13.35 1.37 36.88
C ASN C 983 13.45 0.42 38.06
N ILE C 984 13.96 -0.78 37.81
CA ILE C 984 14.13 -1.75 38.87
C ILE C 984 15.18 -1.26 39.85
N TYR C 985 16.31 -0.81 39.31
CA TYR C 985 17.36 -0.33 40.17
C TYR C 985 17.00 1.04 40.72
N VAL C 986 16.08 1.76 40.07
CA VAL C 986 15.53 2.96 40.67
C VAL C 986 14.78 2.59 41.94
N LEU C 987 13.96 1.54 41.86
CA LEU C 987 13.26 1.06 43.03
C LEU C 987 14.23 0.64 44.11
N ASP C 988 15.31 0.03 43.69
CA ASP C 988 16.30 -0.42 44.65
C ASP C 988 16.93 0.76 45.37
N TYR C 989 17.33 1.78 44.62
CA TYR C 989 17.92 2.96 45.25
C TYR C 989 16.94 3.60 46.20
N LEU C 990 15.68 3.69 45.77
CA LEU C 990 14.65 4.33 46.57
C LEU C 990 14.41 3.53 47.85
N ASN C 991 14.26 2.21 47.73
CA ASN C 991 13.91 1.40 48.94
C ASN C 991 15.07 1.38 49.94
N GLU C 992 16.32 1.27 49.46
CA GLU C 992 17.50 1.19 50.35
C GLU C 992 17.74 2.56 50.99
N THR C 993 17.70 3.65 50.23
CA THR C 993 17.75 4.96 50.85
C THR C 993 16.47 5.29 51.61
N GLN C 994 15.43 4.48 51.48
CA GLN C 994 14.25 4.54 52.32
C GLN C 994 13.37 5.75 52.02
N GLN C 995 13.67 6.51 50.96
CA GLN C 995 12.84 7.65 50.56
C GLN C 995 11.87 7.17 49.48
N LEU C 996 10.82 6.49 49.94
CA LEU C 996 9.90 5.80 49.04
C LEU C 996 8.46 6.01 49.50
N THR C 997 7.52 5.73 48.59
CA THR C 997 6.10 5.81 48.86
C THR C 997 5.36 4.76 48.02
N PRO C 998 4.17 4.34 48.45
CA PRO C 998 3.45 3.33 47.65
C PRO C 998 2.90 3.85 46.34
N GLU C 999 2.79 5.16 46.15
CA GLU C 999 2.24 5.69 44.90
C GLU C 999 3.23 5.52 43.76
N ILE C 1000 4.41 6.13 43.90
CA ILE C 1000 5.49 5.94 42.94
C ILE C 1000 5.83 4.47 42.81
N LYS C 1001 5.67 3.72 43.90
CA LYS C 1001 5.87 2.28 43.88
C LYS C 1001 4.94 1.62 42.87
N SER C 1002 3.65 1.81 43.07
CA SER C 1002 2.66 1.18 42.21
C SER C 1002 2.81 1.61 40.77
N LYS C 1003 3.06 2.90 40.56
CA LYS C 1003 3.26 3.42 39.21
C LYS C 1003 4.44 2.72 38.54
N ALA C 1004 5.53 2.56 39.29
CA ALA C 1004 6.70 1.89 38.75
C ALA C 1004 6.40 0.43 38.47
N ILE C 1005 5.63 -0.20 39.35
CA ILE C 1005 5.29 -1.61 39.15
C ILE C 1005 4.48 -1.76 37.88
N GLY C 1006 3.60 -0.80 37.62
CA GLY C 1006 2.86 -0.81 36.38
C GLY C 1006 3.77 -0.72 35.19
N TYR C 1007 4.69 0.25 35.21
CA TYR C 1007 5.72 0.33 34.18
C TYR C 1007 6.46 -0.98 34.04
N LEU C 1008 6.70 -1.65 35.17
CA LEU C 1008 7.55 -2.85 35.17
C LEU C 1008 6.86 -3.96 34.40
N ASN C 1009 5.65 -4.27 34.79
CA ASN C 1009 4.94 -5.35 34.10
C ASN C 1009 4.68 -4.97 32.65
N THR C 1010 4.45 -3.69 32.39
CA THR C 1010 4.22 -3.24 31.02
C THR C 1010 5.43 -3.51 30.14
N GLY C 1011 6.58 -2.95 30.52
CA GLY C 1011 7.78 -3.14 29.71
C GLY C 1011 8.25 -4.57 29.73
N TYR C 1012 7.98 -5.29 30.82
CA TYR C 1012 8.27 -6.71 30.89
C TYR C 1012 7.56 -7.45 29.77
N GLN C 1013 6.26 -7.22 29.64
CA GLN C 1013 5.51 -7.91 28.61
C GLN C 1013 5.87 -7.40 27.22
N ARG C 1014 6.13 -6.10 27.09
CA ARG C 1014 6.55 -5.56 25.80
C ARG C 1014 7.86 -6.21 25.36
N GLN C 1015 8.72 -6.54 26.33
CA GLN C 1015 9.95 -7.23 26.01
C GLN C 1015 9.69 -8.68 25.66
N LEU C 1016 8.73 -9.29 26.35
CA LEU C 1016 8.30 -10.63 25.95
C LEU C 1016 7.79 -10.63 24.51
N ASN C 1017 7.32 -9.48 24.03
CA ASN C 1017 6.92 -9.36 22.63
C ASN C 1017 8.09 -9.39 21.65
N TYR C 1018 9.35 -9.53 22.10
CA TYR C 1018 10.52 -9.56 21.21
C TYR C 1018 11.37 -10.81 21.31
N LYS C 1019 10.99 -11.79 22.13
CA LYS C 1019 11.90 -12.90 22.41
C LYS C 1019 11.99 -13.85 21.22
N HIS C 1020 12.66 -14.98 21.44
CA HIS C 1020 12.71 -16.10 20.51
C HIS C 1020 12.02 -17.31 21.11
N TYR C 1021 11.46 -18.13 20.22
CA TYR C 1021 10.71 -19.31 20.63
C TYR C 1021 11.53 -20.24 21.50
N ASP C 1022 12.83 -20.34 21.23
CA ASP C 1022 13.70 -21.12 22.11
C ASP C 1022 13.77 -20.53 23.50
N GLY C 1023 13.60 -19.23 23.62
CA GLY C 1023 13.86 -18.50 24.84
C GLY C 1023 14.72 -17.28 24.65
N SER C 1024 15.48 -17.20 23.57
CA SER C 1024 16.44 -16.13 23.39
C SER C 1024 15.72 -14.83 23.06
N TYR C 1025 16.48 -13.80 22.71
CA TYR C 1025 15.93 -12.47 22.50
C TYR C 1025 16.61 -11.81 21.31
N SER C 1026 15.90 -10.86 20.71
CA SER C 1026 16.42 -10.10 19.58
C SER C 1026 15.78 -8.71 19.61
N THR C 1027 16.13 -7.89 18.62
CA THR C 1027 15.52 -6.57 18.50
C THR C 1027 14.04 -6.70 18.19
N PHE C 1028 13.70 -7.48 17.16
CA PHE C 1028 12.31 -7.67 16.74
C PHE C 1028 11.80 -9.05 17.09
N GLY C 1029 12.46 -10.10 16.59
CA GLY C 1029 12.04 -11.45 16.88
C GLY C 1029 10.65 -11.80 16.35
N GLU C 1030 9.69 -11.81 17.27
CA GLU C 1030 8.33 -12.31 17.06
C GLU C 1030 7.68 -11.72 15.81
N ARG C 1031 6.70 -12.45 15.27
CA ARG C 1031 5.94 -12.18 14.05
C ARG C 1031 6.72 -12.65 12.82
N TYR C 1032 7.90 -13.24 12.99
CA TYR C 1032 8.59 -13.92 11.91
C TYR C 1032 9.81 -14.63 12.50
N GLY C 1033 10.25 -15.68 11.81
CA GLY C 1033 11.36 -16.49 12.26
C GLY C 1033 12.57 -16.42 11.38
N ARG C 1034 12.70 -15.35 10.59
CA ARG C 1034 13.84 -15.16 9.69
C ARG C 1034 15.00 -14.48 10.37
N ASN C 1035 15.34 -14.87 11.60
CA ASN C 1035 16.39 -14.21 12.36
C ASN C 1035 16.94 -15.21 13.37
N GLN C 1036 17.93 -14.77 14.13
CA GLN C 1036 18.42 -15.47 15.30
C GLN C 1036 18.68 -14.44 16.39
N GLY C 1037 18.74 -14.92 17.63
CA GLY C 1037 18.80 -14.03 18.77
C GLY C 1037 20.21 -13.62 19.12
N ASN C 1038 20.28 -12.60 19.97
CA ASN C 1038 21.54 -12.05 20.48
C ASN C 1038 21.81 -12.57 21.89
N THR C 1039 23.09 -12.55 22.25
CA THR C 1039 23.56 -13.09 23.52
C THR C 1039 23.59 -12.02 24.61
N TRP C 1040 24.24 -10.89 24.33
CA TRP C 1040 24.33 -9.84 25.34
C TRP C 1040 22.96 -9.34 25.72
N LEU C 1041 22.07 -9.27 24.75
CA LEU C 1041 20.70 -8.87 25.03
C LEU C 1041 20.04 -9.85 25.95
N THR C 1042 20.18 -11.14 25.67
CA THR C 1042 19.58 -12.16 26.52
C THR C 1042 20.12 -12.08 27.93
N ALA C 1043 21.39 -11.70 28.06
CA ALA C 1043 22.01 -11.67 29.38
C ALA C 1043 21.55 -10.47 30.19
N PHE C 1044 21.54 -9.30 29.56
CA PHE C 1044 20.91 -8.14 30.13
C PHE C 1044 19.49 -8.45 30.59
N VAL C 1045 18.75 -9.15 29.72
CA VAL C 1045 17.39 -9.56 30.05
C VAL C 1045 17.40 -10.43 31.28
N LEU C 1046 18.38 -11.30 31.40
CA LEU C 1046 18.39 -12.25 32.49
C LEU C 1046 18.64 -11.55 33.82
N LYS C 1047 19.61 -10.65 33.84
CA LYS C 1047 19.88 -9.87 35.03
C LYS C 1047 18.65 -9.10 35.46
N THR C 1048 18.05 -8.41 34.50
CA THR C 1048 16.88 -7.60 34.79
C THR C 1048 15.74 -8.47 35.29
N PHE C 1049 15.58 -9.66 34.72
CA PHE C 1049 14.51 -10.55 35.15
C PHE C 1049 14.78 -11.07 36.54
N ALA C 1050 16.06 -11.27 36.87
CA ALA C 1050 16.43 -11.69 38.20
C ALA C 1050 15.98 -10.67 39.24
N GLN C 1051 16.38 -9.43 39.06
CA GLN C 1051 16.04 -8.41 40.04
C GLN C 1051 14.53 -8.14 40.05
N ALA C 1052 13.91 -8.19 38.87
CA ALA C 1052 12.47 -7.99 38.79
C ALA C 1052 11.72 -9.06 39.57
N ARG C 1053 12.16 -10.31 39.46
CA ARG C 1053 11.68 -11.36 40.35
C ARG C 1053 11.88 -10.97 41.80
N ALA C 1054 13.04 -10.40 42.13
CA ALA C 1054 13.31 -10.02 43.53
C ALA C 1054 12.15 -9.16 44.05
N TYR C 1055 11.74 -8.14 43.30
CA TYR C 1055 10.65 -7.23 43.71
C TYR C 1055 9.28 -7.82 43.34
N ILE C 1056 8.94 -7.81 42.06
CA ILE C 1056 7.65 -8.30 41.58
C ILE C 1056 7.84 -9.76 41.17
N PHE C 1057 6.74 -10.41 40.84
CA PHE C 1057 6.81 -11.80 40.43
C PHE C 1057 7.16 -11.90 38.96
N ILE C 1058 7.74 -13.03 38.58
CA ILE C 1058 8.08 -13.31 37.20
C ILE C 1058 8.10 -14.83 37.00
N ASP C 1059 8.17 -15.24 35.74
CA ASP C 1059 8.27 -16.65 35.38
C ASP C 1059 9.72 -17.11 35.45
N GLU C 1060 9.91 -18.33 35.95
CA GLU C 1060 11.22 -18.94 36.00
C GLU C 1060 11.59 -19.63 34.69
N ALA C 1061 10.59 -20.06 33.93
CA ALA C 1061 10.87 -20.76 32.68
C ALA C 1061 11.62 -19.86 31.71
N HIS C 1062 11.34 -18.56 31.73
CA HIS C 1062 12.00 -17.66 30.79
C HIS C 1062 13.49 -17.56 31.09
N ILE C 1063 13.86 -17.38 32.36
CA ILE C 1063 15.27 -17.32 32.71
C ILE C 1063 15.93 -18.67 32.50
N THR C 1064 15.18 -19.75 32.72
CA THR C 1064 15.69 -21.09 32.48
C THR C 1064 16.06 -21.27 31.01
N GLN C 1065 15.15 -20.90 30.12
CA GLN C 1065 15.37 -21.07 28.70
C GLN C 1065 16.51 -20.18 28.22
N ALA C 1066 16.57 -18.94 28.70
CA ALA C 1066 17.67 -18.06 28.31
C ALA C 1066 19.00 -18.58 28.83
N LEU C 1067 18.99 -19.15 30.02
CA LEU C 1067 20.19 -19.72 30.62
C LEU C 1067 20.74 -20.85 29.77
N ILE C 1068 19.89 -21.82 29.46
CA ILE C 1068 20.33 -22.95 28.65
C ILE C 1068 20.73 -22.48 27.25
N TRP C 1069 20.10 -21.41 26.76
CA TRP C 1069 20.51 -20.86 25.47
C TRP C 1069 21.91 -20.29 25.55
N LEU C 1070 22.26 -19.67 26.68
CA LEU C 1070 23.63 -19.21 26.88
C LEU C 1070 24.58 -20.38 26.87
N SER C 1071 24.23 -21.42 27.62
CA SER C 1071 25.08 -22.60 27.69
C SER C 1071 25.31 -23.20 26.31
N GLN C 1072 24.27 -23.21 25.48
CA GLN C 1072 24.39 -23.77 24.14
C GLN C 1072 25.41 -23.03 23.30
N ARG C 1073 25.44 -21.71 23.41
CA ARG C 1073 26.32 -20.87 22.60
C ARG C 1073 27.70 -20.73 23.22
N GLN C 1074 28.02 -21.55 24.22
CA GLN C 1074 29.30 -21.54 24.88
C GLN C 1074 30.19 -22.65 24.33
N LYS C 1075 31.51 -22.46 24.47
CA LYS C 1075 32.49 -23.37 23.91
C LYS C 1075 33.31 -24.03 25.01
N ASP C 1076 33.84 -25.21 24.67
CA ASP C 1076 34.49 -26.07 25.67
C ASP C 1076 35.67 -25.36 26.34
N ASN C 1077 36.56 -24.79 25.55
CA ASN C 1077 37.71 -24.03 26.03
C ASN C 1077 37.55 -22.56 25.75
N GLY C 1078 37.14 -22.22 24.54
CA GLY C 1078 36.74 -20.88 24.22
C GLY C 1078 35.52 -20.49 25.03
N CYS C 1079 35.13 -19.24 24.89
CA CYS C 1079 33.99 -18.70 25.60
C CYS C 1079 32.80 -18.62 24.65
N PHE C 1080 31.76 -17.93 25.10
CA PHE C 1080 30.59 -17.70 24.25
C PHE C 1080 30.99 -16.98 22.97
N ARG C 1081 30.10 -17.03 21.98
CA ARG C 1081 30.25 -16.29 20.73
C ARG C 1081 29.28 -15.10 20.70
N SER C 1082 29.72 -14.04 20.05
CA SER C 1082 28.86 -12.87 19.82
C SER C 1082 28.02 -13.15 18.59
N SER C 1083 26.78 -13.59 18.81
CA SER C 1083 25.80 -13.71 17.75
C SER C 1083 25.17 -12.34 17.52
N GLY C 1084 26.00 -11.43 17.02
CA GLY C 1084 25.61 -10.04 16.83
C GLY C 1084 24.42 -9.86 15.91
N SER C 1085 23.30 -9.43 16.51
CA SER C 1085 22.07 -9.16 15.79
C SER C 1085 21.40 -7.90 16.35
N LEU C 1086 22.20 -6.97 16.86
CA LEU C 1086 21.71 -5.76 17.51
C LEU C 1086 21.39 -4.70 16.47
N LEU C 1087 20.95 -3.54 16.97
CA LEU C 1087 20.70 -2.36 16.15
C LEU C 1087 21.69 -1.24 16.44
N ASN C 1088 21.94 -0.94 17.72
CA ASN C 1088 22.91 0.07 18.11
C ASN C 1088 23.78 -0.49 19.21
N ASN C 1089 25.00 0.04 19.29
CA ASN C 1089 25.96 -0.34 20.32
C ASN C 1089 26.00 0.65 21.48
N ALA C 1090 25.26 1.75 21.40
CA ALA C 1090 25.20 2.69 22.52
C ALA C 1090 24.59 2.01 23.75
N ILE C 1091 23.53 1.24 23.51
CA ILE C 1091 22.87 0.48 24.57
C ILE C 1091 23.86 -0.34 25.37
N LYS C 1092 24.83 -0.94 24.71
CA LYS C 1092 25.83 -1.76 25.39
C LYS C 1092 27.05 -0.90 25.74
N GLY C 1093 27.52 -1.04 26.97
CA GLY C 1093 28.62 -0.24 27.46
C GLY C 1093 29.95 -0.95 27.44
N GLY C 1094 30.17 -1.76 26.39
CA GLY C 1094 31.40 -2.52 26.27
C GLY C 1094 31.94 -2.49 24.86
N VAL C 1095 33.05 -3.20 24.69
CA VAL C 1095 33.84 -3.15 23.46
C VAL C 1095 33.61 -4.36 22.56
N GLU C 1096 32.65 -5.22 22.91
CA GLU C 1096 32.24 -6.37 22.11
C GLU C 1096 33.33 -7.44 22.01
N ASP C 1097 34.37 -7.36 22.84
CA ASP C 1097 35.32 -8.45 22.92
C ASP C 1097 34.63 -9.69 23.46
N GLU C 1098 34.96 -10.85 22.88
CA GLU C 1098 34.38 -12.10 23.37
C GLU C 1098 34.72 -12.32 24.83
N VAL C 1099 35.90 -11.85 25.23
CA VAL C 1099 36.29 -11.92 26.62
C VAL C 1099 35.31 -11.14 27.49
N THR C 1100 35.14 -9.85 27.18
CA THR C 1100 34.24 -9.03 27.95
C THR C 1100 32.80 -9.54 27.84
N LEU C 1101 32.43 -10.06 26.68
CA LEU C 1101 31.07 -10.55 26.50
C LEU C 1101 30.83 -11.76 27.39
N SER C 1102 31.75 -12.71 27.36
CA SER C 1102 31.69 -13.87 28.25
C SER C 1102 31.72 -13.44 29.70
N ALA C 1103 32.47 -12.39 30.00
CA ALA C 1103 32.60 -11.92 31.36
C ALA C 1103 31.31 -11.32 31.86
N TYR C 1104 30.69 -10.47 31.06
CA TYR C 1104 29.40 -9.91 31.39
C TYR C 1104 28.36 -11.00 31.50
N ILE C 1105 28.50 -12.04 30.69
CA ILE C 1105 27.57 -13.15 30.77
C ILE C 1105 27.69 -13.83 32.12
N THR C 1106 28.87 -14.33 32.42
CA THR C 1106 29.07 -15.12 33.63
C THR C 1106 28.79 -14.31 34.88
N ILE C 1107 29.06 -13.01 34.86
CA ILE C 1107 28.72 -12.22 36.02
C ILE C 1107 27.21 -12.11 36.15
N ALA C 1108 26.50 -11.93 35.03
CA ALA C 1108 25.05 -11.92 35.09
C ALA C 1108 24.53 -13.26 35.60
N LEU C 1109 25.27 -14.33 35.33
CA LEU C 1109 24.90 -15.62 35.89
C LEU C 1109 25.13 -15.63 37.39
N LEU C 1110 26.29 -15.14 37.80
CA LEU C 1110 26.66 -15.26 39.19
C LEU C 1110 25.82 -14.40 40.10
N GLU C 1111 25.28 -13.31 39.58
CA GLU C 1111 24.33 -12.54 40.37
C GLU C 1111 23.11 -13.39 40.71
N ILE C 1112 22.75 -14.33 39.85
CA ILE C 1112 21.75 -15.34 40.22
C ILE C 1112 22.48 -16.17 41.27
N PRO C 1113 21.81 -16.64 42.30
CA PRO C 1113 22.51 -17.50 43.24
C PRO C 1113 22.80 -18.82 42.56
N LEU C 1114 24.04 -18.97 42.13
CA LEU C 1114 24.44 -20.10 41.30
C LEU C 1114 25.77 -20.63 41.80
N THR C 1115 25.86 -21.95 41.89
CA THR C 1115 27.04 -22.58 42.47
C THR C 1115 28.23 -22.46 41.53
N VAL C 1116 29.38 -22.09 42.10
CA VAL C 1116 30.60 -21.95 41.32
C VAL C 1116 31.05 -23.28 40.73
N THR C 1117 30.62 -24.39 41.33
CA THR C 1117 30.89 -25.70 40.77
C THR C 1117 30.03 -26.03 39.57
N HIS C 1118 29.11 -25.15 39.18
CA HIS C 1118 28.23 -25.47 38.08
C HIS C 1118 29.05 -25.62 36.79
N PRO C 1119 28.62 -26.46 35.85
CA PRO C 1119 29.44 -26.63 34.64
C PRO C 1119 29.70 -25.37 33.87
N VAL C 1120 28.63 -24.65 33.51
CA VAL C 1120 28.76 -23.47 32.67
C VAL C 1120 29.67 -22.45 33.33
N VAL C 1121 29.47 -22.23 34.62
CA VAL C 1121 30.29 -21.25 35.31
C VAL C 1121 31.71 -21.76 35.43
N ARG C 1122 31.88 -23.07 35.54
CA ARG C 1122 33.22 -23.62 35.59
C ARG C 1122 33.97 -23.31 34.30
N ASN C 1123 33.32 -23.54 33.16
CA ASN C 1123 33.93 -23.22 31.88
C ASN C 1123 34.19 -21.72 31.78
N ALA C 1124 33.24 -20.93 32.29
CA ALA C 1124 33.39 -19.49 32.22
C ALA C 1124 34.58 -19.04 33.03
N LEU C 1125 34.75 -19.64 34.20
CA LEU C 1125 35.86 -19.32 35.06
C LEU C 1125 37.17 -19.70 34.44
N PHE C 1126 37.18 -20.80 33.70
CA PHE C 1126 38.37 -21.14 32.94
C PHE C 1126 38.71 -20.03 31.96
N CYS C 1127 37.71 -19.58 31.20
CA CYS C 1127 37.89 -18.43 30.31
C CYS C 1127 38.39 -17.21 31.06
N LEU C 1128 37.85 -16.97 32.25
CA LEU C 1128 38.19 -15.75 32.97
C LEU C 1128 39.62 -15.78 33.43
N GLU C 1129 39.99 -16.88 34.06
CA GLU C 1129 41.36 -17.12 34.47
C GLU C 1129 42.32 -16.91 33.30
N SER C 1130 42.01 -17.55 32.17
CA SER C 1130 42.94 -17.53 31.04
C SER C 1130 43.04 -16.14 30.44
N ALA C 1131 41.89 -15.51 30.25
CA ALA C 1131 41.86 -14.18 29.67
C ALA C 1131 42.57 -13.20 30.57
N TRP C 1132 42.33 -13.32 31.87
CA TRP C 1132 42.99 -12.46 32.83
C TRP C 1132 44.48 -12.66 32.77
N LYS C 1133 44.91 -13.91 32.64
CA LYS C 1133 46.33 -14.19 32.62
C LYS C 1133 47.00 -13.57 31.41
N THR C 1134 46.42 -13.78 30.23
CA THR C 1134 47.04 -13.27 29.02
C THR C 1134 47.02 -11.74 29.00
N ALA C 1135 46.01 -11.14 29.64
CA ALA C 1135 45.97 -9.69 29.71
C ALA C 1135 46.92 -9.14 30.77
N GLN C 1136 47.11 -9.89 31.84
CA GLN C 1136 47.98 -9.47 32.93
C GLN C 1136 49.43 -9.54 32.51
N GLU C 1137 49.82 -10.68 31.92
CA GLU C 1137 51.15 -10.79 31.33
C GLU C 1137 51.36 -9.72 30.28
N GLY C 1138 50.33 -9.39 29.51
CA GLY C 1138 50.47 -8.38 28.49
C GLY C 1138 50.48 -6.98 29.05
N ASP C 1139 51.29 -6.12 28.44
CA ASP C 1139 51.31 -4.72 28.82
C ASP C 1139 49.96 -4.05 28.60
N HIS C 1140 49.22 -4.49 27.58
CA HIS C 1140 47.90 -3.94 27.30
C HIS C 1140 46.91 -5.09 27.10
N GLY C 1141 45.78 -5.00 27.79
CA GLY C 1141 44.66 -5.88 27.56
C GLY C 1141 43.39 -5.06 27.57
N SER C 1142 43.50 -3.83 27.10
CA SER C 1142 42.60 -2.70 27.27
C SER C 1142 42.75 -2.06 28.65
N HIS C 1143 43.53 -2.65 29.56
CA HIS C 1143 44.08 -2.02 30.77
C HIS C 1143 43.05 -1.73 31.87
N VAL C 1144 41.75 -1.78 31.58
CA VAL C 1144 40.76 -1.37 32.58
C VAL C 1144 39.50 -2.25 32.56
N TYR C 1145 38.83 -2.28 31.42
CA TYR C 1145 37.44 -2.68 31.38
C TYR C 1145 37.31 -4.18 31.52
N THR C 1146 38.00 -4.89 30.65
CA THR C 1146 38.23 -6.32 30.82
C THR C 1146 38.67 -6.61 32.25
N LYS C 1147 39.64 -5.86 32.73
CA LYS C 1147 40.23 -6.14 34.03
C LYS C 1147 39.20 -5.99 35.12
N ALA C 1148 38.41 -4.93 35.04
CA ALA C 1148 37.45 -4.66 36.08
C ALA C 1148 36.34 -5.68 36.09
N LEU C 1149 35.84 -6.04 34.91
CA LEU C 1149 34.79 -7.06 34.84
C LEU C 1149 35.31 -8.39 35.36
N LEU C 1150 36.57 -8.68 35.07
CA LEU C 1150 37.20 -9.89 35.57
C LEU C 1150 37.29 -9.85 37.08
N ALA C 1151 37.61 -8.68 37.62
CA ALA C 1151 37.71 -8.50 39.05
C ALA C 1151 36.39 -8.79 39.73
N TYR C 1152 35.32 -8.20 39.20
CA TYR C 1152 34.01 -8.39 39.81
C TYR C 1152 33.58 -9.85 39.73
N ALA C 1153 33.87 -10.50 38.61
CA ALA C 1153 33.49 -11.89 38.44
C ALA C 1153 34.24 -12.77 39.44
N PHE C 1154 35.54 -12.54 39.58
CA PHE C 1154 36.32 -13.35 40.51
C PHE C 1154 35.89 -13.08 41.93
N ALA C 1155 35.34 -11.89 42.18
CA ALA C 1155 34.75 -11.63 43.48
C ALA C 1155 33.52 -12.50 43.70
N LEU C 1156 32.67 -12.61 42.68
CA LEU C 1156 31.51 -13.49 42.82
C LEU C 1156 31.94 -14.93 43.06
N ALA C 1157 33.07 -15.33 42.49
CA ALA C 1157 33.49 -16.72 42.59
C ALA C 1157 33.79 -17.10 44.03
N GLY C 1158 34.73 -16.39 44.65
CA GLY C 1158 35.31 -16.81 45.90
C GLY C 1158 36.82 -16.85 45.84
N ASN C 1159 37.39 -16.58 44.66
CA ASN C 1159 38.83 -16.52 44.50
C ASN C 1159 39.30 -15.19 45.07
N GLN C 1160 39.39 -15.15 46.40
CA GLN C 1160 39.77 -13.94 47.10
C GLN C 1160 41.13 -13.44 46.65
N ASP C 1161 42.08 -14.35 46.49
CA ASP C 1161 43.41 -13.98 46.07
C ASP C 1161 43.41 -13.37 44.67
N LYS C 1162 42.72 -14.02 43.74
CA LYS C 1162 42.62 -13.49 42.38
C LYS C 1162 41.95 -12.14 42.37
N ARG C 1163 40.90 -12.02 43.19
CA ARG C 1163 40.18 -10.76 43.32
C ARG C 1163 41.12 -9.65 43.74
N LYS C 1164 41.89 -9.88 44.80
CA LYS C 1164 42.80 -8.85 45.29
C LYS C 1164 43.91 -8.58 44.30
N GLU C 1165 44.31 -9.61 43.55
CA GLU C 1165 45.37 -9.42 42.58
C GLU C 1165 44.95 -8.45 41.49
N VAL C 1166 43.85 -8.76 40.81
CA VAL C 1166 43.38 -7.85 39.75
C VAL C 1166 42.92 -6.54 40.35
N LEU C 1167 42.50 -6.54 41.61
CA LEU C 1167 42.13 -5.30 42.29
C LEU C 1167 43.33 -4.39 42.40
N LYS C 1168 44.41 -4.93 42.95
CA LYS C 1168 45.67 -4.21 43.02
C LYS C 1168 46.11 -3.75 41.65
N SER C 1169 45.93 -4.59 40.64
CA SER C 1169 46.39 -4.25 39.29
C SER C 1169 45.63 -3.04 38.75
N LEU C 1170 44.31 -3.06 38.86
CA LEU C 1170 43.53 -1.91 38.43
C LEU C 1170 43.81 -0.71 39.33
N ASN C 1171 44.16 -0.96 40.58
CA ASN C 1171 44.52 0.11 41.50
C ASN C 1171 45.79 0.81 41.08
N GLU C 1172 46.69 0.07 40.42
CA GLU C 1172 47.92 0.67 39.94
C GLU C 1172 47.64 1.82 39.00
N GLU C 1173 46.84 1.57 37.97
CA GLU C 1173 46.59 2.56 36.93
C GLU C 1173 45.38 3.40 37.33
N ALA C 1174 45.55 4.09 38.45
CA ALA C 1174 44.47 4.83 39.09
C ALA C 1174 44.26 6.20 38.47
N VAL C 1175 43.02 6.68 38.54
CA VAL C 1175 42.66 8.03 38.13
C VAL C 1175 42.11 8.72 39.36
N LYS C 1176 42.88 8.62 40.44
CA LYS C 1176 42.57 9.33 41.67
C LYS C 1176 42.64 10.85 41.51
N LYS C 1177 41.80 11.54 42.28
CA LYS C 1177 41.59 12.97 42.23
C LYS C 1177 41.39 13.50 43.65
N ASP C 1178 41.39 14.83 43.78
CA ASP C 1178 41.50 15.59 45.04
C ASP C 1178 40.82 14.96 46.25
N ASN C 1179 39.61 14.44 46.06
CA ASN C 1179 38.87 13.85 47.17
C ASN C 1179 38.12 12.58 46.76
N SER C 1180 38.50 11.96 45.65
CA SER C 1180 37.84 10.73 45.21
C SER C 1180 38.75 10.05 44.20
N VAL C 1181 38.26 9.00 43.54
CA VAL C 1181 39.03 8.34 42.49
C VAL C 1181 38.09 7.81 41.42
N HIS C 1182 38.69 7.36 40.31
CA HIS C 1182 37.94 6.67 39.28
C HIS C 1182 38.92 6.04 38.29
N TRP C 1183 38.38 5.56 37.17
CA TRP C 1183 39.15 5.04 36.05
C TRP C 1183 38.44 5.39 34.75
N GLU C 1184 39.23 5.48 33.67
CA GLU C 1184 38.77 5.82 32.34
C GLU C 1184 39.14 4.71 31.36
N ARG C 1185 38.84 4.94 30.08
CA ARG C 1185 39.48 4.23 28.98
C ARG C 1185 40.92 4.75 28.95
N PRO C 1186 41.84 4.24 28.10
CA PRO C 1186 43.27 4.42 28.41
C PRO C 1186 43.79 5.84 28.21
N GLN C 1187 43.15 6.82 28.86
CA GLN C 1187 43.53 8.22 28.91
C GLN C 1187 43.33 8.99 27.61
N LYS C 1188 43.16 8.28 26.50
CA LYS C 1188 42.63 8.72 25.22
C LYS C 1188 42.65 7.43 24.40
N PRO C 1189 41.71 7.20 23.47
CA PRO C 1189 41.84 5.99 22.63
C PRO C 1189 42.94 6.17 21.60
N LYS C 1190 43.88 5.23 21.60
CA LYS C 1190 45.14 5.36 20.86
C LYS C 1190 44.97 5.61 19.35
N ALA C 1191 44.20 4.78 18.66
CA ALA C 1191 44.06 4.91 17.20
C ALA C 1191 43.34 6.21 16.84
N PRO C 1192 43.33 6.62 15.57
CA PRO C 1192 42.51 7.78 15.17
C PRO C 1192 41.05 7.55 15.53
N VAL C 1193 40.46 8.52 16.23
CA VAL C 1193 39.26 8.31 17.02
C VAL C 1193 38.54 9.64 17.22
N GLY C 1194 37.23 9.56 17.47
CA GLY C 1194 36.52 10.60 18.19
C GLY C 1194 35.54 11.35 17.31
N HIS C 1195 35.96 12.53 16.84
CA HIS C 1195 35.08 13.43 16.03
C HIS C 1195 33.72 13.61 16.70
N PHE C 1196 33.63 13.35 18.01
CA PHE C 1196 32.37 13.58 18.79
C PHE C 1196 31.38 12.43 18.70
N TYR C 1197 30.41 12.45 19.63
CA TYR C 1197 29.22 11.61 19.74
C TYR C 1197 29.53 10.20 20.26
N GLU C 1198 30.77 9.91 20.66
CA GLU C 1198 31.15 8.60 21.17
C GLU C 1198 30.83 7.53 20.14
N PRO C 1199 31.42 7.60 18.95
CA PRO C 1199 31.02 6.69 17.86
C PRO C 1199 31.65 5.32 18.06
N GLN C 1200 30.80 4.30 18.20
CA GLN C 1200 31.24 2.92 18.47
C GLN C 1200 32.08 2.83 19.73
N ALA C 1201 31.90 3.76 20.67
CA ALA C 1201 32.70 3.79 21.89
C ALA C 1201 32.03 4.63 22.97
N PRO C 1202 31.01 4.09 23.69
CA PRO C 1202 30.18 4.94 24.56
C PRO C 1202 30.88 5.54 25.78
N SER C 1203 32.18 5.32 25.93
CA SER C 1203 33.05 5.90 26.94
C SER C 1203 32.91 5.26 28.32
N ALA C 1204 31.87 4.45 28.53
CA ALA C 1204 31.83 3.32 29.45
C ALA C 1204 32.65 3.47 30.74
N GLU C 1205 32.65 4.67 31.33
CA GLU C 1205 33.50 4.96 32.48
C GLU C 1205 32.72 4.87 33.79
N VAL C 1206 31.50 5.36 33.78
CA VAL C 1206 30.67 5.26 34.97
C VAL C 1206 30.32 3.80 35.21
N GLU C 1207 29.99 3.07 34.15
CA GLU C 1207 29.61 1.68 34.29
C GLU C 1207 30.76 0.86 34.84
N MET C 1208 31.97 1.13 34.38
CA MET C 1208 33.09 0.30 34.80
C MET C 1208 33.55 0.67 36.19
N THR C 1209 33.55 1.97 36.50
CA THR C 1209 33.82 2.38 37.88
C THR C 1209 32.81 1.75 38.83
N SER C 1210 31.56 1.62 38.38
CA SER C 1210 30.55 1.02 39.24
C SER C 1210 30.76 -0.48 39.35
N TYR C 1211 31.21 -1.11 38.28
CA TYR C 1211 31.52 -2.53 38.37
C TYR C 1211 32.69 -2.74 39.33
N VAL C 1212 33.65 -1.82 39.31
CA VAL C 1212 34.76 -1.85 40.27
C VAL C 1212 34.21 -1.77 41.67
N LEU C 1213 33.30 -0.83 41.89
CA LEU C 1213 32.66 -0.68 43.18
C LEU C 1213 32.03 -1.99 43.63
N LEU C 1214 31.17 -2.55 42.77
CA LEU C 1214 30.44 -3.75 43.12
C LEU C 1214 31.39 -4.89 43.43
N ALA C 1215 32.52 -4.91 42.75
CA ALA C 1215 33.57 -5.85 43.12
C ALA C 1215 34.08 -5.55 44.51
N TYR C 1216 34.39 -4.28 44.77
CA TYR C 1216 34.94 -3.87 46.06
C TYR C 1216 33.99 -4.21 47.20
N LEU C 1217 32.70 -4.20 46.91
CA LEU C 1217 31.69 -4.39 47.94
C LEU C 1217 31.42 -5.84 48.24
N THR C 1218 31.99 -6.75 47.48
CA THR C 1218 31.60 -8.15 47.52
C THR C 1218 32.48 -8.90 48.51
N ALA C 1219 31.86 -9.71 49.34
CA ALA C 1219 32.59 -10.54 50.29
C ALA C 1219 31.65 -11.60 50.83
N GLN C 1220 32.19 -12.80 51.01
CA GLN C 1220 31.40 -13.89 51.59
C GLN C 1220 31.01 -13.54 53.02
N PRO C 1221 31.95 -13.40 53.96
CA PRO C 1221 31.54 -13.20 55.35
C PRO C 1221 30.92 -11.83 55.55
N ALA C 1222 31.70 -10.81 55.26
CA ALA C 1222 31.30 -9.43 55.18
C ALA C 1222 32.51 -8.71 54.62
N PRO C 1223 32.35 -7.64 53.85
CA PRO C 1223 33.53 -6.91 53.38
C PRO C 1223 34.33 -6.31 54.51
N THR C 1224 35.52 -5.87 54.15
CA THR C 1224 36.51 -5.35 55.07
C THR C 1224 36.21 -3.87 55.30
N SER C 1225 37.20 -3.12 55.78
CA SER C 1225 37.10 -1.69 55.95
C SER C 1225 37.65 -0.91 54.76
N GLU C 1226 38.80 -1.34 54.25
CA GLU C 1226 39.53 -0.53 53.28
C GLU C 1226 38.81 -0.46 51.95
N ASP C 1227 38.28 -1.60 51.50
CA ASP C 1227 37.44 -1.62 50.31
C ASP C 1227 36.29 -0.64 50.43
N LEU C 1228 35.82 -0.41 51.66
CA LEU C 1228 34.73 0.53 51.87
C LEU C 1228 35.17 1.97 51.64
N THR C 1229 36.41 2.29 52.01
CA THR C 1229 36.90 3.64 51.81
C THR C 1229 37.13 3.91 50.32
N SER C 1230 37.75 2.95 49.65
CA SER C 1230 37.90 3.06 48.20
C SER C 1230 36.53 3.18 47.53
N ALA C 1231 35.57 2.37 47.99
CA ALA C 1231 34.22 2.40 47.48
C ALA C 1231 33.59 3.76 47.71
N THR C 1232 33.83 4.35 48.87
CA THR C 1232 33.30 5.67 49.17
C THR C 1232 33.84 6.69 48.20
N ASN C 1233 35.15 6.65 47.96
CA ASN C 1233 35.76 7.60 47.02
C ASN C 1233 35.11 7.51 45.65
N ILE C 1234 35.03 6.30 45.10
CA ILE C 1234 34.46 6.17 43.77
C ILE C 1234 32.96 6.50 43.79
N VAL C 1235 32.28 6.25 44.90
CA VAL C 1235 30.87 6.59 44.99
C VAL C 1235 30.70 8.10 44.95
N LYS C 1236 31.59 8.81 45.62
CA LYS C 1236 31.56 10.27 45.57
C LYS C 1236 31.75 10.76 44.15
N TRP C 1237 32.69 10.14 43.43
CA TRP C 1237 32.83 10.43 41.99
C TRP C 1237 31.52 10.19 41.27
N ILE C 1238 30.89 9.05 41.56
CA ILE C 1238 29.72 8.60 40.81
C ILE C 1238 28.59 9.59 40.99
N THR C 1239 28.26 9.89 42.24
CA THR C 1239 27.20 10.85 42.51
C THR C 1239 27.53 12.22 41.94
N LYS C 1240 28.81 12.58 41.90
CA LYS C 1240 29.16 13.81 41.21
C LYS C 1240 28.87 13.73 39.72
N GLN C 1241 28.94 12.53 39.14
CA GLN C 1241 28.78 12.36 37.71
C GLN C 1241 27.32 12.16 37.29
N GLN C 1242 26.37 12.37 38.19
CA GLN C 1242 24.98 12.19 37.84
C GLN C 1242 24.44 13.39 37.06
N ASN C 1243 23.52 13.10 36.14
CA ASN C 1243 22.97 14.09 35.22
C ASN C 1243 21.73 14.77 35.79
N ALA C 1244 21.61 16.07 35.54
CA ALA C 1244 20.48 16.82 36.03
C ALA C 1244 19.20 16.38 35.34
N GLN C 1245 19.29 15.99 34.07
CA GLN C 1245 18.13 15.45 33.39
C GLN C 1245 17.61 14.21 34.08
N GLY C 1246 18.51 13.45 34.73
CA GLY C 1246 18.16 12.22 35.37
C GLY C 1246 18.98 11.07 34.85
N GLY C 1247 19.47 10.26 35.77
CA GLY C 1247 20.28 9.13 35.42
C GLY C 1247 21.68 9.54 35.04
N PHE C 1248 22.29 8.75 34.16
CA PHE C 1248 23.66 8.96 33.72
C PHE C 1248 23.64 8.89 32.19
N SER C 1249 24.84 8.89 31.59
CA SER C 1249 24.96 9.19 30.16
C SER C 1249 24.26 8.17 29.28
N SER C 1250 23.93 7.00 29.81
CA SER C 1250 23.21 5.99 29.04
C SER C 1250 22.34 5.19 30.00
N THR C 1251 21.91 4.02 29.55
CA THR C 1251 21.11 3.12 30.35
C THR C 1251 21.97 2.08 31.07
N GLN C 1252 22.98 1.55 30.40
CA GLN C 1252 23.84 0.53 31.00
C GLN C 1252 24.54 1.09 32.24
N ASP C 1253 25.17 2.25 32.07
CA ASP C 1253 25.91 2.85 33.16
C ASP C 1253 25.01 3.21 34.31
N THR C 1254 23.87 3.84 34.02
CA THR C 1254 22.95 4.20 35.08
C THR C 1254 22.48 2.96 35.82
N VAL C 1255 22.24 1.88 35.08
CA VAL C 1255 21.76 0.63 35.66
C VAL C 1255 22.77 0.10 36.65
N VAL C 1256 23.98 -0.18 36.17
CA VAL C 1256 24.93 -0.87 37.01
C VAL C 1256 25.39 0.07 38.13
N ALA C 1257 25.36 1.38 37.87
CA ALA C 1257 25.69 2.35 38.89
C ALA C 1257 24.71 2.28 40.04
N LEU C 1258 23.43 2.33 39.72
CA LEU C 1258 22.44 2.32 40.77
C LEU C 1258 22.42 0.98 41.48
N HIS C 1259 22.73 -0.10 40.77
CA HIS C 1259 22.89 -1.38 41.42
C HIS C 1259 24.00 -1.31 42.45
N ALA C 1260 25.10 -0.67 42.08
CA ALA C 1260 26.24 -0.60 42.98
C ALA C 1260 25.92 0.25 44.19
N LEU C 1261 25.27 1.38 43.96
CA LEU C 1261 24.92 2.27 45.04
C LEU C 1261 23.93 1.60 45.97
N SER C 1262 23.03 0.80 45.40
CA SER C 1262 22.05 0.09 46.19
C SER C 1262 22.73 -0.90 47.11
N LYS C 1263 23.70 -1.62 46.60
CA LYS C 1263 24.36 -2.61 47.44
C LYS C 1263 25.28 -1.92 48.45
N TYR C 1264 25.83 -0.76 48.10
CA TYR C 1264 26.59 0.03 49.05
C TYR C 1264 25.73 0.37 50.24
N GLY C 1265 24.54 0.88 49.98
CA GLY C 1265 23.64 1.20 51.07
C GLY C 1265 23.17 -0.04 51.80
N ALA C 1266 23.06 -1.16 51.07
CA ALA C 1266 22.72 -2.42 51.70
C ALA C 1266 23.78 -2.79 52.73
N ALA C 1267 25.01 -2.41 52.46
CA ALA C 1267 26.11 -2.59 53.40
C ALA C 1267 26.16 -1.47 54.43
N THR C 1268 26.35 -0.26 53.96
CA THR C 1268 26.72 0.84 54.83
C THR C 1268 25.50 1.39 55.54
N PHE C 1269 24.55 1.90 54.75
CA PHE C 1269 23.35 2.49 55.30
C PHE C 1269 22.56 1.42 56.05
N THR C 1270 22.01 1.82 57.19
CA THR C 1270 21.21 0.92 58.02
C THR C 1270 20.09 1.73 58.65
N ARG C 1271 18.85 1.40 58.28
CA ARG C 1271 17.67 2.17 58.78
C ARG C 1271 17.52 2.00 60.29
N THR C 1272 18.04 0.91 60.86
CA THR C 1272 17.92 0.67 62.28
C THR C 1272 19.03 1.33 63.07
N GLY C 1273 20.27 1.19 62.59
CA GLY C 1273 21.41 1.75 63.28
C GLY C 1273 21.36 3.26 63.26
N LYS C 1274 21.07 3.86 64.42
CA LYS C 1274 20.68 5.26 64.50
C LYS C 1274 21.22 5.94 65.75
N ALA C 1275 22.25 5.38 66.37
CA ALA C 1275 22.76 5.85 67.65
C ALA C 1275 24.27 5.97 67.61
N ALA C 1276 24.78 6.61 66.56
CA ALA C 1276 26.22 6.69 66.38
C ALA C 1276 26.78 7.81 67.25
N GLN C 1277 27.88 7.53 67.92
CA GLN C 1277 28.53 8.47 68.84
C GLN C 1277 30.00 8.55 68.50
N VAL C 1278 30.45 9.75 68.14
CA VAL C 1278 31.79 9.97 67.63
C VAL C 1278 32.56 10.81 68.64
N THR C 1279 33.84 10.48 68.78
CA THR C 1279 34.71 11.27 69.62
C THR C 1279 36.10 11.32 69.00
N ILE C 1280 36.72 12.48 69.12
CA ILE C 1280 38.05 12.75 68.63
C ILE C 1280 38.87 13.18 69.82
N GLN C 1281 40.00 12.52 70.03
CA GLN C 1281 40.91 12.83 71.11
C GLN C 1281 42.29 13.05 70.53
N SER C 1282 42.87 14.22 70.79
CA SER C 1282 44.19 14.57 70.29
C SER C 1282 45.05 15.03 71.46
N SER C 1283 46.31 14.55 71.45
CA SER C 1283 47.20 14.57 72.60
C SER C 1283 47.30 15.93 73.27
N GLY C 1284 47.19 17.01 72.50
CA GLY C 1284 47.24 18.34 73.06
C GLY C 1284 45.94 18.79 73.70
N THR C 1285 45.38 17.94 74.57
CA THR C 1285 44.10 18.12 75.25
C THR C 1285 43.02 18.69 74.33
N PHE C 1286 43.00 18.28 73.05
CA PHE C 1286 42.02 18.79 72.09
C PHE C 1286 41.01 17.67 71.86
N SER C 1287 39.84 17.82 72.46
CA SER C 1287 38.77 16.84 72.38
C SER C 1287 37.62 17.41 71.56
N SER C 1288 36.84 16.49 71.01
CA SER C 1288 35.63 16.87 70.29
C SER C 1288 34.69 15.69 70.30
N LYS C 1289 33.39 15.99 70.33
CA LYS C 1289 32.36 14.97 70.35
C LYS C 1289 31.27 15.32 69.35
N PHE C 1290 30.66 14.27 68.81
CA PHE C 1290 29.57 14.43 67.87
C PHE C 1290 28.64 13.25 68.05
N GLN C 1291 27.41 13.43 67.61
CA GLN C 1291 26.43 12.37 67.57
C GLN C 1291 25.77 12.37 66.20
N VAL C 1292 25.41 11.17 65.75
CA VAL C 1292 24.80 10.98 64.45
C VAL C 1292 23.58 10.10 64.63
N ASP C 1293 22.44 10.59 64.16
CA ASP C 1293 21.15 9.95 64.31
C ASP C 1293 20.43 10.08 62.97
N ASN C 1294 19.39 9.25 62.79
CA ASN C 1294 18.60 9.31 61.57
C ASN C 1294 18.04 10.70 61.34
N ASN C 1295 17.74 11.43 62.42
CA ASN C 1295 17.18 12.77 62.26
C ASN C 1295 18.20 13.71 61.62
N ASN C 1296 19.47 13.57 61.99
CA ASN C 1296 20.57 14.27 61.37
C ASN C 1296 21.38 13.33 60.49
N ARG C 1297 20.68 12.41 59.83
CA ARG C 1297 21.30 11.42 58.95
C ARG C 1297 22.20 12.07 57.92
N LEU C 1298 21.61 12.87 57.04
CA LEU C 1298 22.37 13.52 55.98
C LEU C 1298 23.21 14.69 56.49
N LEU C 1299 23.18 14.97 57.79
CA LEU C 1299 23.86 16.14 58.29
C LEU C 1299 25.37 15.97 58.22
N LEU C 1300 26.02 17.00 57.71
CA LEU C 1300 27.46 17.16 57.79
C LEU C 1300 27.76 17.91 59.08
N GLN C 1301 28.75 17.43 59.83
CA GLN C 1301 29.24 18.10 61.03
C GLN C 1301 30.72 18.39 60.82
N GLN C 1302 31.06 19.68 60.83
CA GLN C 1302 32.37 20.20 60.48
C GLN C 1302 33.06 20.74 61.73
N VAL C 1303 34.35 20.44 61.88
CA VAL C 1303 35.11 21.00 63.00
C VAL C 1303 36.58 21.13 62.60
N SER C 1304 37.22 22.16 63.14
CA SER C 1304 38.55 22.55 62.75
C SER C 1304 39.61 21.82 63.58
N LEU C 1305 40.78 21.73 62.99
CA LEU C 1305 41.96 21.10 63.58
C LEU C 1305 43.09 22.12 63.59
N PRO C 1306 43.43 22.71 64.74
CA PRO C 1306 44.43 23.79 64.75
C PRO C 1306 45.89 23.38 64.88
N GLU C 1307 46.18 22.29 65.59
CA GLU C 1307 47.55 21.96 65.98
C GLU C 1307 48.35 21.50 64.76
N LEU C 1308 49.60 21.95 64.67
CA LEU C 1308 50.48 21.47 63.60
C LEU C 1308 50.71 19.98 63.69
N PRO C 1309 51.27 19.43 64.76
CA PRO C 1309 51.43 17.98 64.83
C PRO C 1309 50.09 17.33 65.13
N GLY C 1310 49.61 16.53 64.19
CA GLY C 1310 48.31 15.91 64.32
C GLY C 1310 48.43 14.46 64.71
N GLU C 1311 47.69 14.08 65.73
CA GLU C 1311 47.77 12.77 66.35
C GLU C 1311 46.36 12.33 66.70
N TYR C 1312 45.45 12.52 65.77
CA TYR C 1312 44.05 12.56 66.11
C TYR C 1312 43.47 11.15 66.16
N SER C 1313 42.99 10.77 67.34
CA SER C 1313 42.44 9.45 67.57
C SER C 1313 40.94 9.52 67.49
N MET C 1314 40.37 8.75 66.58
CA MET C 1314 38.95 8.68 66.38
C MET C 1314 38.43 7.46 67.11
N LYS C 1315 37.28 7.60 67.77
CA LYS C 1315 36.62 6.51 68.46
C LYS C 1315 35.12 6.64 68.22
N VAL C 1316 34.52 5.60 67.66
CA VAL C 1316 33.12 5.60 67.24
C VAL C 1316 32.42 4.46 67.96
N THR C 1317 31.21 4.72 68.44
CA THR C 1317 30.44 3.75 69.21
C THR C 1317 29.00 3.76 68.76
N GLY C 1318 28.32 2.64 69.03
CA GLY C 1318 26.91 2.53 68.77
C GLY C 1318 26.62 1.78 67.48
N GLU C 1319 25.75 2.35 66.64
CA GLU C 1319 25.31 1.76 65.39
C GLU C 1319 25.40 2.79 64.27
N GLY C 1320 25.50 2.29 63.03
CA GLY C 1320 25.47 3.14 61.86
C GLY C 1320 26.84 3.53 61.33
N CYS C 1321 27.04 3.32 60.04
CA CYS C 1321 28.31 3.64 59.41
C CYS C 1321 28.46 5.14 59.24
N VAL C 1322 29.69 5.63 59.42
CA VAL C 1322 30.00 7.05 59.33
C VAL C 1322 31.16 7.26 58.38
N TYR C 1323 31.05 8.28 57.54
CA TYR C 1323 32.10 8.70 56.63
C TYR C 1323 32.77 9.91 57.25
N LEU C 1324 34.11 9.89 57.27
CA LEU C 1324 34.88 10.94 57.91
C LEU C 1324 35.93 11.44 56.94
N GLN C 1325 35.72 12.64 56.44
CA GLN C 1325 36.62 13.28 55.49
C GLN C 1325 37.41 14.33 56.24
N THR C 1326 38.72 14.17 56.23
CA THR C 1326 39.63 15.11 56.86
C THR C 1326 40.50 15.75 55.81
N SER C 1327 40.71 17.05 55.96
CA SER C 1327 41.47 17.86 55.02
C SER C 1327 42.49 18.66 55.78
N LEU C 1328 43.55 19.04 55.09
CA LEU C 1328 44.65 19.79 55.67
C LEU C 1328 45.22 20.71 54.61
N LYS C 1329 45.63 21.90 55.03
CA LYS C 1329 46.10 22.90 54.10
C LYS C 1329 47.21 23.75 54.71
N TYR C 1330 48.01 24.34 53.83
CA TYR C 1330 49.28 24.97 54.23
C TYR C 1330 49.91 25.58 52.98
N ASN C 1331 50.98 26.35 53.19
CA ASN C 1331 51.68 27.04 52.12
C ASN C 1331 53.14 26.62 52.10
N ILE C 1332 53.72 26.58 50.90
CA ILE C 1332 55.13 26.12 50.74
C ILE C 1332 55.82 27.07 49.75
N LEU C 1333 57.02 26.70 49.27
CA LEU C 1333 57.78 27.58 48.35
C LEU C 1333 58.07 28.93 49.02
N PRO C 1334 58.48 28.98 50.32
CA PRO C 1334 58.86 30.25 50.95
C PRO C 1334 60.07 30.79 50.20
N GLU C 1335 60.99 29.90 49.77
CA GLU C 1335 62.17 30.30 48.97
C GLU C 1335 61.84 31.50 48.07
N LYS D 28 45.71 -23.16 -33.97
CA LYS D 28 44.62 -22.81 -34.85
C LYS D 28 45.01 -21.64 -35.76
N PRO D 29 44.37 -21.51 -36.92
CA PRO D 29 44.64 -20.37 -37.78
C PRO D 29 43.84 -19.17 -37.31
N GLN D 30 44.47 -18.01 -37.37
CA GLN D 30 43.95 -16.86 -36.65
C GLN D 30 44.00 -15.60 -37.50
N TYR D 31 43.00 -14.76 -37.27
CA TYR D 31 42.82 -13.50 -37.95
C TYR D 31 42.38 -12.48 -36.92
N MET D 32 42.41 -11.21 -37.30
CA MET D 32 41.80 -10.19 -36.46
C MET D 32 41.71 -8.90 -37.26
N VAL D 33 40.51 -8.35 -37.38
CA VAL D 33 40.28 -7.19 -38.24
C VAL D 33 39.65 -6.10 -37.40
N LEU D 34 40.15 -4.89 -37.54
CA LEU D 34 39.88 -3.81 -36.62
C LEU D 34 39.60 -2.53 -37.38
N VAL D 35 38.74 -1.70 -36.81
CA VAL D 35 38.26 -0.51 -37.51
C VAL D 35 37.51 0.39 -36.53
N PRO D 36 37.69 1.70 -36.58
CA PRO D 36 36.89 2.58 -35.72
C PRO D 36 35.40 2.43 -36.01
N SER D 37 34.61 2.42 -34.92
CA SER D 37 33.18 2.23 -35.04
C SER D 37 32.51 3.35 -35.83
N LEU D 38 33.10 4.54 -35.85
CA LEU D 38 32.62 5.67 -36.63
C LEU D 38 33.25 5.66 -38.00
N LEU D 39 32.58 6.31 -38.94
CA LEU D 39 33.12 6.49 -40.29
C LEU D 39 32.84 7.90 -40.75
N HIS D 40 33.91 8.71 -40.82
CA HIS D 40 33.83 9.99 -41.49
C HIS D 40 33.78 9.73 -42.99
N THR D 41 32.72 10.21 -43.64
CA THR D 41 32.46 9.91 -45.03
C THR D 41 33.23 10.86 -45.95
N GLU D 42 32.98 10.72 -47.25
CA GLU D 42 33.52 11.60 -48.30
C GLU D 42 35.03 11.70 -48.23
N THR D 43 35.68 10.63 -47.78
CA THR D 43 37.11 10.67 -47.55
C THR D 43 37.59 9.25 -47.23
N THR D 44 38.86 9.14 -46.88
CA THR D 44 39.49 7.87 -46.58
C THR D 44 39.51 7.62 -45.08
N GLU D 45 39.42 6.35 -44.72
CA GLU D 45 39.51 5.91 -43.34
C GLU D 45 40.22 4.58 -43.32
N LYS D 46 41.09 4.41 -42.32
CA LYS D 46 41.96 3.24 -42.21
C LYS D 46 41.36 2.16 -41.31
N GLY D 47 41.66 0.91 -41.67
CA GLY D 47 41.33 -0.23 -40.84
C GLY D 47 42.35 -1.33 -41.06
N CYS D 48 42.59 -2.12 -40.03
CA CYS D 48 43.73 -3.02 -40.00
C CYS D 48 43.30 -4.47 -39.93
N VAL D 49 44.21 -5.35 -40.28
CA VAL D 49 43.99 -6.79 -40.21
C VAL D 49 45.29 -7.48 -39.82
N LEU D 50 45.15 -8.54 -39.05
CA LEU D 50 46.21 -9.43 -38.62
C LEU D 50 45.88 -10.81 -39.12
N LEU D 51 46.91 -11.56 -39.53
CA LEU D 51 46.71 -12.93 -39.95
C LEU D 51 47.88 -13.82 -39.61
N SER D 52 47.59 -15.09 -39.29
CA SER D 52 48.66 -16.00 -38.93
C SER D 52 48.24 -17.46 -38.79
N TYR D 53 49.30 -18.28 -38.83
CA TYR D 53 49.45 -19.66 -38.39
C TYR D 53 49.11 -20.81 -39.33
N LEU D 54 48.50 -20.59 -40.49
CA LEU D 54 48.44 -21.60 -41.55
C LEU D 54 47.68 -21.04 -42.74
N ASN D 55 47.71 -21.80 -43.85
CA ASN D 55 46.82 -21.67 -45.01
C ASN D 55 46.81 -20.23 -45.49
N GLU D 56 48.01 -19.65 -45.53
CA GLU D 56 48.31 -18.25 -45.78
C GLU D 56 47.49 -17.62 -46.89
N THR D 57 47.22 -18.34 -47.97
CA THR D 57 46.68 -17.71 -49.17
C THR D 57 45.23 -17.29 -48.95
N VAL D 58 45.03 -16.22 -48.18
CA VAL D 58 43.68 -15.88 -47.72
C VAL D 58 43.27 -14.57 -48.35
N THR D 59 41.96 -14.39 -48.46
CA THR D 59 41.39 -13.17 -49.01
C THR D 59 40.33 -12.65 -48.07
N VAL D 60 40.51 -11.44 -47.63
CA VAL D 60 39.55 -10.73 -46.80
C VAL D 60 38.75 -9.80 -47.68
N SER D 61 37.53 -9.50 -47.25
CA SER D 61 36.71 -8.55 -47.99
C SER D 61 35.74 -7.88 -47.04
N ALA D 62 35.79 -6.56 -46.98
CA ALA D 62 34.86 -5.75 -46.21
C ALA D 62 33.79 -5.19 -47.14
N SER D 63 32.53 -5.36 -46.74
CA SER D 63 31.38 -4.87 -47.48
C SER D 63 30.59 -3.97 -46.55
N LEU D 64 30.62 -2.68 -46.84
CA LEU D 64 29.85 -1.70 -46.08
C LEU D 64 28.63 -1.37 -46.91
N GLU D 65 27.45 -1.75 -46.39
CA GLU D 65 26.22 -1.77 -47.18
C GLU D 65 25.12 -0.97 -46.49
N SER D 66 24.44 -0.16 -47.27
CA SER D 66 23.26 0.55 -46.82
C SER D 66 22.10 -0.41 -46.93
N VAL D 67 21.68 -0.89 -45.77
CA VAL D 67 20.56 -1.79 -45.54
C VAL D 67 19.31 -1.31 -46.29
N ARG D 68 18.80 -0.13 -45.96
CA ARG D 68 17.52 0.28 -46.52
C ARG D 68 17.73 0.78 -47.92
N GLY D 69 16.73 0.53 -48.76
CA GLY D 69 16.98 0.63 -50.18
C GLY D 69 18.10 -0.33 -50.50
N ASN D 70 19.22 0.21 -50.98
CA ASN D 70 20.43 -0.57 -51.14
C ASN D 70 21.61 0.32 -51.47
N ARG D 71 22.71 0.15 -50.76
CA ARG D 71 24.00 0.55 -51.32
C ARG D 71 25.02 -0.49 -50.90
N SER D 72 26.12 -0.55 -51.66
CA SER D 72 27.19 -1.49 -51.37
C SER D 72 28.50 -0.88 -51.79
N LEU D 73 29.41 -0.70 -50.85
CA LEU D 73 30.80 -0.36 -51.13
C LEU D 73 31.64 -1.57 -50.73
N PHE D 74 32.36 -2.10 -51.70
CA PHE D 74 33.11 -3.34 -51.56
C PHE D 74 34.61 -3.04 -51.55
N THR D 75 35.31 -3.71 -50.65
CA THR D 75 36.76 -3.60 -50.54
C THR D 75 37.30 -5.00 -50.28
N ASP D 76 38.49 -5.29 -50.79
CA ASP D 76 39.08 -6.61 -50.68
C ASP D 76 40.57 -6.48 -50.45
N LEU D 77 41.16 -7.58 -50.00
CA LEU D 77 42.59 -7.69 -49.89
C LEU D 77 42.93 -9.16 -49.84
N GLU D 78 44.12 -9.50 -50.33
CA GLU D 78 44.69 -10.83 -50.19
C GLU D 78 45.87 -10.72 -49.26
N ALA D 79 46.03 -11.70 -48.39
CA ALA D 79 46.98 -11.63 -47.31
C ALA D 79 47.49 -13.03 -47.00
N GLU D 80 48.41 -13.06 -46.04
CA GLU D 80 49.23 -14.20 -45.65
C GLU D 80 49.23 -14.32 -44.12
N ASN D 81 50.02 -15.25 -43.62
CA ASN D 81 50.18 -15.41 -42.18
C ASN D 81 51.14 -14.36 -41.64
N ASP D 82 51.17 -14.27 -40.31
CA ASP D 82 52.09 -13.51 -39.48
C ASP D 82 52.31 -12.11 -40.01
N VAL D 83 51.25 -11.46 -40.47
CA VAL D 83 51.38 -10.10 -40.97
C VAL D 83 50.20 -9.26 -40.49
N LEU D 84 50.53 -8.03 -40.10
CA LEU D 84 49.57 -6.96 -39.89
C LEU D 84 49.67 -6.06 -41.11
N HIS D 85 48.53 -5.59 -41.58
CA HIS D 85 48.52 -4.56 -42.62
C HIS D 85 47.20 -3.79 -42.55
N CYS D 86 47.26 -2.51 -42.90
CA CYS D 86 46.13 -1.61 -42.79
C CYS D 86 45.82 -0.99 -44.14
N VAL D 87 44.55 -1.03 -44.54
CA VAL D 87 44.07 -0.45 -45.78
C VAL D 87 43.22 0.77 -45.46
N ALA D 88 43.32 1.79 -46.31
CA ALA D 88 42.59 3.04 -46.15
C ALA D 88 41.53 3.09 -47.24
N PHE D 89 40.34 2.63 -46.90
CA PHE D 89 39.24 2.62 -47.86
C PHE D 89 38.51 3.95 -47.78
N ALA D 90 37.96 4.37 -48.90
CA ALA D 90 37.27 5.65 -48.99
C ALA D 90 35.77 5.45 -49.06
N VAL D 91 35.06 6.51 -48.67
CA VAL D 91 33.60 6.50 -48.57
C VAL D 91 33.08 7.76 -49.23
N PRO D 92 32.02 7.69 -50.05
CA PRO D 92 31.44 8.91 -50.62
C PRO D 92 30.35 9.47 -49.73
N LYS D 93 29.71 10.53 -50.19
CA LYS D 93 28.57 11.08 -49.48
C LYS D 93 27.37 10.15 -49.59
N SER D 94 26.30 10.53 -48.90
CA SER D 94 25.08 9.75 -48.82
C SER D 94 23.89 10.66 -48.98
N SER D 95 22.72 10.09 -48.73
CA SER D 95 21.49 10.87 -48.67
C SER D 95 21.34 11.51 -47.30
N SER D 96 21.20 10.70 -46.27
CA SER D 96 20.99 11.19 -44.93
C SER D 96 22.30 11.73 -44.35
N ASN D 97 22.16 12.60 -43.36
CA ASN D 97 23.34 13.18 -42.70
C ASN D 97 24.11 12.10 -41.95
N GLU D 98 23.41 11.31 -41.14
CA GLU D 98 24.00 10.32 -40.27
C GLU D 98 23.18 9.05 -40.37
N GLU D 99 23.85 7.93 -40.53
CA GLU D 99 23.18 6.67 -40.81
C GLU D 99 23.96 5.54 -40.17
N VAL D 100 23.28 4.42 -40.11
CA VAL D 100 23.89 3.14 -39.79
C VAL D 100 24.07 2.36 -41.08
N MET D 101 25.07 1.48 -41.08
CA MET D 101 25.32 0.64 -42.22
C MET D 101 25.76 -0.73 -41.72
N PHE D 102 25.35 -1.77 -42.43
CA PHE D 102 25.79 -3.12 -42.11
C PHE D 102 27.19 -3.28 -42.71
N LEU D 103 28.19 -3.41 -41.87
CA LEU D 103 29.52 -3.80 -42.31
C LEU D 103 29.68 -5.28 -42.09
N THR D 104 29.89 -6.02 -43.17
CA THR D 104 30.17 -7.44 -43.11
C THR D 104 31.60 -7.64 -43.58
N VAL D 105 32.22 -8.71 -43.12
CA VAL D 105 33.55 -9.06 -43.53
C VAL D 105 33.60 -10.56 -43.77
N GLN D 106 34.25 -10.93 -44.87
CA GLN D 106 34.38 -12.32 -45.31
C GLN D 106 35.84 -12.65 -45.43
N VAL D 107 36.25 -13.71 -44.75
CA VAL D 107 37.60 -14.23 -44.80
C VAL D 107 37.53 -15.57 -45.52
N LYS D 108 38.32 -15.72 -46.56
CA LYS D 108 38.29 -16.90 -47.40
C LYS D 108 39.71 -17.38 -47.62
N GLY D 109 40.11 -18.36 -46.81
CA GLY D 109 41.34 -19.05 -47.03
C GLY D 109 41.06 -20.30 -47.83
N PRO D 110 42.11 -20.87 -48.41
CA PRO D 110 41.93 -21.95 -49.39
C PRO D 110 41.21 -23.16 -48.84
N THR D 111 41.20 -23.31 -47.52
CA THR D 111 40.54 -24.43 -46.85
C THR D 111 39.68 -23.93 -45.69
N GLN D 112 39.37 -22.64 -45.66
CA GLN D 112 38.66 -22.08 -44.51
C GLN D 112 37.83 -20.90 -44.96
N GLU D 113 36.77 -20.65 -44.20
CA GLU D 113 35.88 -19.54 -44.46
C GLU D 113 35.41 -19.01 -43.12
N PHE D 114 35.21 -17.70 -43.06
CA PHE D 114 34.66 -17.06 -41.88
C PHE D 114 33.93 -15.81 -42.31
N LYS D 115 32.86 -15.49 -41.60
CA LYS D 115 32.05 -14.32 -41.91
C LYS D 115 31.58 -13.68 -40.62
N LYS D 116 31.58 -12.36 -40.60
CA LYS D 116 31.17 -11.65 -39.40
C LYS D 116 30.74 -10.25 -39.79
N ARG D 117 29.67 -9.78 -39.17
CA ARG D 117 29.13 -8.47 -39.49
C ARG D 117 28.78 -7.72 -38.22
N THR D 118 28.49 -6.44 -38.41
CA THR D 118 28.06 -5.56 -37.34
C THR D 118 27.51 -4.30 -37.98
N THR D 119 27.23 -3.32 -37.13
CA THR D 119 26.69 -2.05 -37.52
C THR D 119 27.78 -1.00 -37.39
N VAL D 120 27.84 -0.12 -38.37
CA VAL D 120 28.83 0.94 -38.42
C VAL D 120 28.10 2.26 -38.53
N MET D 121 28.59 3.24 -37.80
CA MET D 121 28.02 4.58 -37.85
C MET D 121 28.73 5.33 -38.96
N VAL D 122 27.98 5.72 -39.93
CA VAL D 122 28.42 6.57 -41.03
C VAL D 122 27.83 7.94 -40.82
N LYS D 123 28.58 8.98 -41.19
CA LYS D 123 28.14 10.34 -40.94
C LYS D 123 28.67 11.26 -42.02
N ASN D 124 27.77 12.01 -42.64
CA ASN D 124 28.14 13.05 -43.58
C ASN D 124 28.78 14.15 -42.74
N GLU D 125 30.07 14.00 -42.50
CA GLU D 125 30.80 14.92 -41.65
C GLU D 125 30.74 16.34 -42.20
N ASP D 126 30.62 17.28 -41.29
CA ASP D 126 30.75 18.69 -41.60
C ASP D 126 32.21 19.10 -41.46
N SER D 127 32.74 19.70 -42.52
CA SER D 127 34.11 20.18 -42.49
C SER D 127 34.26 21.20 -41.36
N LEU D 128 35.40 21.16 -40.69
CA LEU D 128 35.60 22.06 -39.54
C LEU D 128 36.17 23.35 -40.08
N VAL D 129 35.47 24.44 -39.83
CA VAL D 129 35.69 25.71 -40.49
C VAL D 129 35.66 26.80 -39.45
N PHE D 130 36.04 28.01 -39.86
CA PHE D 130 36.08 29.11 -38.92
C PHE D 130 36.38 30.41 -39.64
N VAL D 131 36.54 31.45 -38.82
CA VAL D 131 36.69 32.82 -39.23
C VAL D 131 37.88 33.41 -38.53
N GLN D 132 38.30 34.57 -39.02
CA GLN D 132 39.22 35.39 -38.29
C GLN D 132 39.09 36.82 -38.78
N THR D 133 38.97 37.74 -37.85
CA THR D 133 38.76 39.13 -38.17
C THR D 133 40.07 39.89 -38.17
N ASP D 134 39.99 41.09 -38.71
CA ASP D 134 41.02 42.09 -38.49
C ASP D 134 41.05 42.54 -37.06
N LYS D 135 39.88 42.75 -36.47
CA LYS D 135 39.78 43.38 -35.17
C LYS D 135 38.59 42.76 -34.45
N SER D 136 38.51 43.04 -33.15
CA SER D 136 37.40 42.58 -32.32
C SER D 136 36.25 43.56 -32.28
N ILE D 137 36.54 44.84 -32.00
CA ILE D 137 35.54 45.90 -31.95
C ILE D 137 35.73 46.76 -33.17
N TYR D 138 34.76 47.61 -33.46
CA TYR D 138 34.83 48.52 -34.58
C TYR D 138 34.14 49.82 -34.23
N LYS D 139 34.57 50.89 -34.88
CA LYS D 139 33.99 52.21 -34.75
C LYS D 139 33.40 52.65 -36.08
N PRO D 140 32.56 53.67 -36.10
CA PRO D 140 31.92 54.09 -37.36
C PRO D 140 32.92 54.51 -38.42
N GLY D 141 32.47 54.44 -39.67
CA GLY D 141 33.24 54.90 -40.80
C GLY D 141 34.27 53.92 -41.31
N GLN D 142 34.54 52.86 -40.57
CA GLN D 142 35.57 51.91 -40.92
C GLN D 142 34.99 50.77 -41.75
N THR D 143 35.87 49.85 -42.13
CA THR D 143 35.49 48.66 -42.88
C THR D 143 35.98 47.44 -42.12
N VAL D 144 35.08 46.51 -41.87
CA VAL D 144 35.47 45.24 -41.29
C VAL D 144 36.09 44.40 -42.38
N LYS D 145 37.06 43.57 -41.99
CA LYS D 145 37.73 42.67 -42.90
C LYS D 145 38.02 41.39 -42.14
N PHE D 146 37.58 40.28 -42.72
CA PHE D 146 37.73 38.99 -42.09
C PHE D 146 38.07 37.98 -43.15
N ARG D 147 38.33 36.78 -42.70
CA ARG D 147 38.63 35.67 -43.58
C ARG D 147 37.97 34.44 -43.01
N VAL D 148 37.74 33.49 -43.89
CA VAL D 148 37.10 32.22 -43.56
C VAL D 148 38.02 31.10 -44.01
N VAL D 149 37.93 29.98 -43.32
CA VAL D 149 38.80 28.84 -43.49
C VAL D 149 37.98 27.59 -43.31
N SER D 150 38.40 26.50 -43.96
CA SER D 150 37.78 25.20 -43.79
C SER D 150 38.82 24.11 -43.93
N MET D 151 38.53 22.97 -43.30
CA MET D 151 39.45 21.85 -43.27
C MET D 151 38.64 20.58 -43.06
N ASP D 152 39.32 19.45 -43.22
CA ASP D 152 38.78 18.11 -43.01
C ASP D 152 39.38 17.52 -41.72
N GLU D 153 39.10 16.23 -41.51
CA GLU D 153 39.59 15.54 -40.31
C GLU D 153 41.09 15.69 -40.17
N ASN D 154 41.83 15.19 -41.13
CA ASN D 154 43.17 15.69 -41.35
C ASN D 154 43.10 17.19 -41.53
N PHE D 155 44.03 17.89 -40.92
CA PHE D 155 43.99 19.35 -41.05
C PHE D 155 44.68 19.81 -42.32
N HIS D 156 44.80 18.93 -43.31
CA HIS D 156 45.16 19.37 -44.63
C HIS D 156 44.10 20.32 -45.15
N PRO D 157 44.46 21.39 -45.88
CA PRO D 157 43.45 22.32 -46.37
C PRO D 157 42.50 21.65 -47.36
N LEU D 158 41.31 22.24 -47.49
CA LEU D 158 40.24 21.70 -48.32
C LEU D 158 39.61 22.82 -49.13
N ASN D 159 39.59 22.66 -50.45
CA ASN D 159 38.90 23.56 -51.35
C ASN D 159 37.46 23.11 -51.52
N GLU D 160 36.54 24.07 -51.49
CA GLU D 160 35.13 23.68 -51.43
C GLU D 160 34.25 24.89 -51.64
N LEU D 161 33.10 24.64 -52.25
CA LEU D 161 32.05 25.64 -52.41
C LEU D 161 31.31 25.80 -51.10
N ILE D 162 31.16 27.05 -50.66
CA ILE D 162 30.39 27.40 -49.48
C ILE D 162 29.05 27.94 -49.93
N PRO D 163 27.93 27.50 -49.36
CA PRO D 163 26.66 28.15 -49.70
C PRO D 163 26.56 29.58 -49.21
N LEU D 164 26.80 29.86 -47.92
CA LEU D 164 26.48 31.20 -47.44
C LEU D 164 27.40 31.66 -46.34
N VAL D 165 27.68 32.95 -46.35
CA VAL D 165 28.22 33.68 -45.20
C VAL D 165 27.58 35.05 -45.19
N TYR D 166 27.38 35.60 -44.00
CA TYR D 166 26.75 36.91 -43.93
C TYR D 166 27.06 37.59 -42.61
N ILE D 167 26.84 38.90 -42.60
CA ILE D 167 27.03 39.74 -41.43
C ILE D 167 25.66 40.21 -40.99
N GLN D 168 25.42 40.10 -39.69
CA GLN D 168 24.12 40.33 -39.08
C GLN D 168 24.21 41.45 -38.07
N ASP D 169 23.25 42.34 -38.13
CA ASP D 169 23.05 43.53 -37.34
C ASP D 169 22.26 43.19 -36.08
N PRO D 170 22.52 43.86 -34.93
CA PRO D 170 22.02 43.35 -33.64
C PRO D 170 20.51 43.16 -33.51
N LYS D 171 19.69 43.74 -34.39
CA LYS D 171 18.24 43.69 -34.21
C LYS D 171 17.61 42.43 -34.79
N GLY D 172 18.35 41.35 -34.95
CA GLY D 172 17.90 40.23 -35.74
C GLY D 172 17.87 40.51 -37.23
N ASN D 173 18.37 41.67 -37.65
CA ASN D 173 18.37 42.09 -39.05
C ASN D 173 19.76 41.89 -39.62
N ARG D 174 19.89 41.99 -40.94
CA ARG D 174 21.13 41.68 -41.63
C ARG D 174 21.73 42.98 -42.15
N ILE D 175 23.05 42.98 -42.35
CA ILE D 175 23.76 44.15 -42.86
C ILE D 175 24.51 43.79 -44.13
N ALA D 176 24.90 42.52 -44.29
CA ALA D 176 25.63 42.19 -45.50
C ALA D 176 25.59 40.69 -45.71
N GLN D 177 25.89 40.25 -46.94
CA GLN D 177 25.73 38.85 -47.29
C GLN D 177 26.53 38.51 -48.53
N TRP D 178 27.07 37.29 -48.55
CA TRP D 178 27.77 36.73 -49.70
C TRP D 178 27.42 35.26 -49.77
N GLN D 179 27.26 34.77 -50.99
CA GLN D 179 26.69 33.45 -51.23
C GLN D 179 27.44 32.72 -52.32
N SER D 180 27.49 31.39 -52.17
CA SER D 180 27.88 30.49 -53.24
C SER D 180 29.27 30.78 -53.76
N PHE D 181 30.28 30.59 -52.91
CA PHE D 181 31.64 31.00 -53.22
C PHE D 181 32.61 29.90 -52.81
N GLN D 182 33.64 29.71 -53.62
CA GLN D 182 34.48 28.53 -53.51
C GLN D 182 35.86 28.89 -52.97
N LEU D 183 36.27 28.19 -51.93
CA LEU D 183 37.64 28.26 -51.43
C LEU D 183 38.55 27.42 -52.30
N GLU D 184 39.67 28.01 -52.66
CA GLU D 184 40.70 27.48 -53.54
C GLU D 184 42.02 27.32 -52.82
N GLY D 185 42.32 28.21 -51.88
CA GLY D 185 43.46 28.08 -51.03
C GLY D 185 43.03 27.57 -49.68
N GLY D 186 41.84 26.96 -49.63
CA GLY D 186 41.24 26.58 -48.38
C GLY D 186 40.80 27.74 -47.51
N LEU D 187 40.91 28.98 -48.00
CA LEU D 187 40.41 30.13 -47.29
C LEU D 187 39.94 31.16 -48.28
N LYS D 188 39.38 32.22 -47.73
CA LYS D 188 39.10 33.41 -48.52
C LYS D 188 38.98 34.58 -47.58
N GLN D 189 39.03 35.77 -48.14
CA GLN D 189 38.95 37.04 -47.44
C GLN D 189 37.75 37.81 -47.94
N PHE D 190 37.15 38.58 -47.03
CA PHE D 190 36.08 39.48 -47.36
C PHE D 190 36.22 40.75 -46.56
N SER D 191 35.56 41.79 -47.05
CA SER D 191 35.47 43.05 -46.34
C SER D 191 34.06 43.58 -46.49
N PHE D 192 33.75 44.56 -45.67
CA PHE D 192 32.47 45.23 -45.79
C PHE D 192 32.57 46.59 -45.11
N PRO D 193 32.13 47.67 -45.74
CA PRO D 193 32.21 48.97 -45.08
C PRO D 193 30.97 49.30 -44.27
N LEU D 194 31.18 49.93 -43.13
CA LEU D 194 30.08 50.35 -42.29
C LEU D 194 29.71 51.80 -42.54
N SER D 195 28.47 52.14 -42.21
CA SER D 195 27.95 53.48 -42.45
C SER D 195 28.57 54.47 -41.47
N SER D 196 28.08 55.70 -41.54
CA SER D 196 28.49 56.73 -40.60
C SER D 196 27.62 56.73 -39.34
N GLU D 197 26.38 56.27 -39.45
CA GLU D 197 25.46 56.18 -38.32
C GLU D 197 24.67 54.88 -38.37
N PRO D 198 25.33 53.73 -38.27
CA PRO D 198 24.62 52.48 -38.17
C PRO D 198 24.18 52.21 -36.74
N PHE D 199 23.69 51.01 -36.51
CA PHE D 199 23.38 50.59 -35.16
C PHE D 199 24.66 50.20 -34.44
N GLN D 200 24.65 50.34 -33.12
CA GLN D 200 25.76 49.97 -32.26
C GLN D 200 25.44 48.68 -31.53
N GLY D 201 26.50 47.99 -31.09
CA GLY D 201 26.38 46.81 -30.25
C GLY D 201 27.15 45.65 -30.83
N SER D 202 26.71 44.46 -30.47
CA SER D 202 27.40 43.24 -30.82
C SER D 202 26.93 42.75 -32.18
N TYR D 203 27.66 43.12 -33.23
CA TYR D 203 27.38 42.61 -34.54
C TYR D 203 27.93 41.19 -34.65
N LYS D 204 27.50 40.45 -35.67
CA LYS D 204 27.92 39.07 -35.80
C LYS D 204 28.23 38.79 -37.24
N VAL D 205 29.02 37.75 -37.47
CA VAL D 205 29.15 37.13 -38.78
C VAL D 205 28.87 35.65 -38.62
N VAL D 206 28.31 35.06 -39.66
CA VAL D 206 27.75 33.73 -39.59
C VAL D 206 28.01 33.06 -40.91
N VAL D 207 28.25 31.76 -40.86
CA VAL D 207 28.41 30.93 -42.04
C VAL D 207 27.41 29.81 -41.98
N GLN D 208 26.93 29.41 -43.15
CA GLN D 208 26.01 28.29 -43.28
C GLN D 208 26.53 27.41 -44.40
N LYS D 209 26.63 26.13 -44.09
CA LYS D 209 27.19 25.11 -44.94
C LYS D 209 26.08 24.31 -45.58
N LYS D 210 26.47 23.50 -46.56
CA LYS D 210 25.49 22.73 -47.32
C LYS D 210 24.77 21.71 -46.45
N SER D 211 25.36 21.36 -45.31
CA SER D 211 24.76 20.37 -44.43
C SER D 211 23.59 20.94 -43.64
N GLY D 212 23.47 22.26 -43.61
CA GLY D 212 22.64 22.92 -42.63
C GLY D 212 23.37 23.27 -41.36
N GLY D 213 24.65 22.91 -41.26
CA GLY D 213 25.43 23.36 -40.14
C GLY D 213 25.79 24.83 -40.27
N ARG D 214 25.75 25.51 -39.13
CA ARG D 214 25.98 26.95 -39.05
C ARG D 214 27.08 27.20 -38.05
N THR D 215 27.85 28.26 -38.31
CA THR D 215 28.90 28.68 -37.39
C THR D 215 28.88 30.19 -37.30
N GLU D 216 29.49 30.70 -36.24
CA GLU D 216 29.39 32.09 -35.89
C GLU D 216 30.73 32.62 -35.43
N HIS D 217 30.90 33.92 -35.62
CA HIS D 217 32.03 34.64 -35.07
C HIS D 217 31.55 36.07 -34.80
N PRO D 218 31.42 36.46 -33.55
CA PRO D 218 30.93 37.81 -33.28
C PRO D 218 32.00 38.86 -33.41
N PHE D 219 31.57 40.10 -33.24
CA PHE D 219 32.46 41.24 -33.17
C PHE D 219 31.63 42.44 -32.78
N THR D 220 32.19 43.31 -31.97
CA THR D 220 31.45 44.44 -31.46
C THR D 220 31.68 45.61 -32.38
N VAL D 221 30.78 46.58 -32.31
CA VAL D 221 30.86 47.80 -33.07
C VAL D 221 30.35 48.93 -32.19
N GLU D 222 31.14 49.98 -32.04
CA GLU D 222 30.82 51.08 -31.15
C GLU D 222 31.94 52.12 -31.22
N GLU D 223 31.65 53.31 -30.71
CA GLU D 223 32.67 54.33 -30.55
C GLU D 223 33.54 54.00 -29.37
N PHE D 224 34.76 54.55 -29.37
CA PHE D 224 35.70 54.33 -28.27
C PHE D 224 36.93 55.20 -28.52
N VAL D 225 37.85 55.14 -27.56
CA VAL D 225 39.14 55.81 -27.64
C VAL D 225 40.21 54.74 -27.67
N LEU D 226 41.41 55.13 -28.09
CA LEU D 226 42.52 54.21 -28.22
C LEU D 226 43.33 54.21 -26.92
N PRO D 227 43.39 53.12 -26.18
CA PRO D 227 44.18 53.15 -24.94
C PRO D 227 45.67 53.22 -25.24
N LYS D 228 46.40 53.68 -24.22
CA LYS D 228 47.85 53.77 -24.28
C LYS D 228 48.50 53.26 -22.99
N PHE D 229 47.81 52.37 -22.27
CA PHE D 229 48.38 51.69 -21.11
C PHE D 229 47.48 50.52 -20.77
N GLU D 230 47.99 49.65 -19.92
CA GLU D 230 47.19 48.55 -19.38
C GLU D 230 47.58 48.31 -17.93
N VAL D 231 46.61 48.40 -17.05
CA VAL D 231 46.84 48.02 -15.67
C VAL D 231 47.02 46.51 -15.61
N GLN D 232 47.74 46.07 -14.58
CA GLN D 232 47.83 44.64 -14.32
C GLN D 232 48.10 44.43 -12.85
N VAL D 233 47.34 43.55 -12.24
CA VAL D 233 47.52 43.19 -10.84
C VAL D 233 48.35 41.93 -10.76
N THR D 234 49.05 41.80 -9.66
CA THR D 234 49.58 40.54 -9.19
C THR D 234 48.92 40.27 -7.85
N VAL D 235 48.44 39.05 -7.68
CA VAL D 235 47.73 38.66 -6.47
C VAL D 235 47.55 37.15 -6.56
N PRO D 236 47.31 36.43 -5.46
CA PRO D 236 46.88 35.04 -5.59
C PRO D 236 45.71 34.89 -6.54
N LYS D 237 45.98 34.18 -7.63
CA LYS D 237 44.90 33.66 -8.44
C LYS D 237 44.02 32.71 -7.66
N ILE D 238 44.56 32.12 -6.60
CA ILE D 238 43.86 31.16 -5.78
C ILE D 238 44.20 31.51 -4.34
N ILE D 239 43.17 31.83 -3.57
CA ILE D 239 43.29 32.13 -2.14
C ILE D 239 42.40 31.15 -1.40
N THR D 240 42.84 30.72 -0.22
CA THR D 240 42.15 29.69 0.52
C THR D 240 41.65 30.23 1.86
N ILE D 241 41.19 29.30 2.69
CA ILE D 241 40.66 29.65 3.99
C ILE D 241 41.78 30.17 4.88
N LEU D 242 42.81 29.35 5.07
CA LEU D 242 43.83 29.59 6.09
C LEU D 242 44.75 30.69 5.60
N GLU D 243 44.18 31.89 5.53
CA GLU D 243 44.84 33.04 4.95
C GLU D 243 44.56 34.23 5.81
N GLU D 244 45.63 34.79 6.39
CA GLU D 244 45.53 35.98 7.20
C GLU D 244 45.80 37.24 6.42
N GLU D 245 46.53 37.13 5.32
CA GLU D 245 46.96 38.28 4.55
C GLU D 245 47.04 37.89 3.08
N MET D 246 47.46 38.87 2.27
CA MET D 246 47.55 38.69 0.85
C MET D 246 48.53 39.68 0.25
N ASN D 247 49.47 39.17 -0.52
CA ASN D 247 50.29 40.03 -1.36
C ASN D 247 49.43 40.56 -2.50
N VAL D 248 49.64 41.82 -2.85
CA VAL D 248 48.95 42.45 -3.97
C VAL D 248 49.92 43.42 -4.59
N SER D 249 49.81 43.63 -5.89
CA SER D 249 50.66 44.61 -6.53
C SER D 249 50.02 45.07 -7.82
N VAL D 250 50.34 46.29 -8.20
CA VAL D 250 49.72 46.98 -9.31
C VAL D 250 50.81 47.49 -10.20
N CYS D 251 50.82 47.05 -11.44
CA CYS D 251 51.84 47.43 -12.40
C CYS D 251 51.13 47.76 -13.70
N GLY D 252 51.22 49.03 -14.10
CA GLY D 252 50.59 49.49 -15.31
C GLY D 252 51.58 49.61 -16.44
N LEU D 253 51.55 48.63 -17.34
CA LEU D 253 52.38 48.74 -18.51
C LEU D 253 51.92 49.91 -19.38
N TYR D 254 52.84 50.40 -20.19
CA TYR D 254 52.60 51.56 -21.03
C TYR D 254 53.06 51.27 -22.46
N THR D 255 53.09 52.30 -23.28
CA THR D 255 53.66 52.19 -24.62
C THR D 255 55.10 51.76 -24.50
N TYR D 256 55.46 50.68 -25.19
CA TYR D 256 56.78 50.10 -25.11
C TYR D 256 57.07 49.58 -23.69
N GLY D 257 56.01 49.18 -22.99
CA GLY D 257 56.14 48.60 -21.67
C GLY D 257 56.86 49.48 -20.67
N LYS D 258 56.83 50.78 -20.91
CA LYS D 258 57.55 51.72 -20.08
C LYS D 258 56.75 52.01 -18.82
N PRO D 259 57.39 52.54 -17.79
CA PRO D 259 56.64 52.85 -16.57
C PRO D 259 55.81 54.12 -16.74
N VAL D 260 54.63 54.10 -16.12
CA VAL D 260 53.68 55.20 -16.18
C VAL D 260 53.54 55.77 -14.77
N PRO D 261 53.53 57.09 -14.58
CA PRO D 261 53.26 57.65 -13.26
C PRO D 261 51.79 58.00 -13.10
N GLY D 262 51.38 58.14 -11.84
CA GLY D 262 50.05 58.66 -11.58
C GLY D 262 49.46 58.19 -10.28
N HIS D 263 48.21 57.73 -10.31
CA HIS D 263 47.52 57.25 -9.13
C HIS D 263 46.93 55.89 -9.41
N VAL D 264 46.88 55.07 -8.38
CA VAL D 264 46.28 53.75 -8.42
C VAL D 264 45.28 53.65 -7.29
N THR D 265 44.24 52.87 -7.50
CA THR D 265 43.34 52.51 -6.42
C THR D 265 42.76 51.15 -6.74
N VAL D 266 42.93 50.22 -5.85
CA VAL D 266 42.38 48.88 -6.00
C VAL D 266 41.20 48.77 -5.07
N SER D 267 40.26 47.92 -5.47
CA SER D 267 39.09 47.55 -4.68
C SER D 267 39.08 46.04 -4.69
N ILE D 268 39.75 45.47 -3.75
CA ILE D 268 39.61 44.05 -3.48
C ILE D 268 38.23 43.87 -2.84
N CYS D 269 37.61 42.71 -3.05
CA CYS D 269 36.22 42.59 -2.66
C CYS D 269 35.82 41.16 -2.44
N ARG D 270 34.99 40.97 -1.42
CA ARG D 270 34.19 39.78 -1.22
C ARG D 270 32.78 40.10 -1.67
N LYS D 271 31.99 39.06 -1.93
CA LYS D 271 30.66 39.21 -2.50
C LYS D 271 29.65 38.39 -1.71
N TYR D 272 28.37 38.69 -1.96
CA TYR D 272 27.26 37.92 -1.45
C TYR D 272 27.27 37.98 0.08
N SER D 273 27.08 39.18 0.61
CA SER D 273 26.92 39.39 2.05
C SER D 273 25.50 38.99 2.44
N ASP D 274 25.06 39.36 3.64
CA ASP D 274 23.69 39.09 4.08
C ASP D 274 22.66 40.04 3.46
N ALA D 275 23.06 40.86 2.50
CA ALA D 275 22.14 41.77 1.83
C ALA D 275 21.09 40.98 1.04
N SER D 276 19.99 41.65 0.72
CA SER D 276 18.86 41.00 0.07
C SER D 276 19.04 40.85 -1.44
N ASP D 277 20.13 41.37 -2.01
CA ASP D 277 20.33 41.57 -3.44
C ASP D 277 19.10 42.14 -4.13
N CYS D 278 18.37 43.00 -3.44
CA CYS D 278 17.11 43.56 -3.90
C CYS D 278 16.70 44.62 -2.89
N HIS D 279 15.72 45.42 -3.27
CA HIS D 279 15.31 46.57 -2.47
C HIS D 279 16.49 47.51 -2.22
N GLY D 280 17.25 47.78 -3.28
CA GLY D 280 18.40 48.65 -3.19
C GLY D 280 19.54 48.11 -2.36
N GLU D 281 19.51 46.83 -2.01
CA GLU D 281 20.55 46.25 -1.16
C GLU D 281 21.66 45.67 -2.02
N ASP D 282 22.84 46.27 -1.93
CA ASP D 282 24.00 45.83 -2.71
C ASP D 282 24.41 44.45 -2.20
N SER D 283 24.51 43.49 -3.11
CA SER D 283 24.99 42.16 -2.74
C SER D 283 26.47 42.15 -2.39
N GLN D 284 27.18 43.24 -2.63
CA GLN D 284 28.62 43.25 -2.38
C GLN D 284 28.89 43.19 -0.90
N ALA D 285 29.72 42.24 -0.51
CA ALA D 285 30.27 42.18 0.82
C ALA D 285 31.48 43.09 0.88
N PHE D 286 32.29 42.93 1.92
CA PHE D 286 33.38 43.85 2.23
C PHE D 286 34.28 44.12 1.04
N CYS D 287 34.22 45.35 0.55
CA CYS D 287 35.09 45.84 -0.50
C CYS D 287 36.11 46.76 0.15
N GLU D 288 37.36 46.33 0.16
CA GLU D 288 38.44 47.09 0.76
C GLU D 288 39.22 47.80 -0.33
N LYS D 289 39.45 49.08 -0.10
CA LYS D 289 40.03 49.97 -1.08
C LYS D 289 41.42 50.38 -0.62
N PHE D 290 42.38 50.28 -1.52
CA PHE D 290 43.74 50.69 -1.23
C PHE D 290 44.22 51.63 -2.31
N SER D 291 44.64 52.82 -1.90
CA SER D 291 45.15 53.83 -2.80
C SER D 291 46.66 53.67 -2.96
N GLY D 292 47.18 54.38 -3.95
CA GLY D 292 48.62 54.47 -4.12
C GLY D 292 48.95 55.59 -5.08
N GLN D 293 50.10 56.20 -4.85
CA GLN D 293 50.71 57.09 -5.83
C GLN D 293 51.64 56.23 -6.67
N LEU D 294 51.22 55.93 -7.89
CA LEU D 294 52.04 55.09 -8.74
C LEU D 294 53.30 55.85 -9.11
N ASN D 295 54.40 55.39 -8.53
CA ASN D 295 55.71 56.00 -8.63
C ASN D 295 56.17 56.15 -10.07
N SER D 296 57.28 56.88 -10.23
CA SER D 296 57.84 57.11 -11.56
C SER D 296 58.44 55.83 -12.13
N HIS D 297 59.16 55.07 -11.31
CA HIS D 297 59.87 53.88 -11.75
C HIS D 297 59.41 52.70 -10.92
N GLY D 298 59.29 51.54 -11.56
CA GLY D 298 58.78 50.38 -10.90
C GLY D 298 57.27 50.41 -10.87
N CYS D 299 56.72 49.68 -9.89
CA CYS D 299 55.29 49.49 -9.81
C CYS D 299 54.88 49.40 -8.35
N PHE D 300 53.59 49.57 -8.11
CA PHE D 300 53.04 49.71 -6.78
C PHE D 300 52.84 48.34 -6.13
N TYR D 301 52.95 48.30 -4.81
CA TYR D 301 52.75 47.10 -4.01
C TYR D 301 51.81 47.38 -2.86
N GLN D 302 51.24 46.31 -2.30
CA GLN D 302 50.43 46.43 -1.10
C GLN D 302 50.15 45.06 -0.50
N GLN D 303 50.39 44.90 0.79
CA GLN D 303 50.09 43.68 1.51
C GLN D 303 48.87 43.93 2.39
N VAL D 304 47.87 43.10 2.22
CA VAL D 304 46.55 43.33 2.79
C VAL D 304 46.27 42.22 3.80
N LYS D 305 45.26 42.43 4.65
CA LYS D 305 44.88 41.49 5.69
C LYS D 305 43.45 41.01 5.45
N THR D 306 43.26 39.69 5.55
CA THR D 306 42.01 39.05 5.20
C THR D 306 41.05 38.90 6.38
N LYS D 307 41.34 39.55 7.52
CA LYS D 307 40.46 39.46 8.67
C LYS D 307 39.12 40.12 8.38
N VAL D 308 39.13 41.16 7.54
CA VAL D 308 37.90 41.85 7.20
C VAL D 308 37.05 41.03 6.24
N PHE D 309 37.55 39.91 5.76
CA PHE D 309 36.87 39.12 4.77
C PHE D 309 36.16 37.91 5.34
N GLN D 310 36.63 37.38 6.46
CA GLN D 310 35.91 36.32 7.17
C GLN D 310 35.75 35.09 6.28
N LEU D 311 36.88 34.45 6.05
CA LEU D 311 37.04 33.49 4.95
C LEU D 311 36.31 32.22 5.32
N LYS D 312 34.98 32.30 5.32
CA LYS D 312 34.14 31.30 5.97
C LYS D 312 32.96 30.97 5.07
N ARG D 313 32.02 30.24 5.69
CA ARG D 313 30.96 29.51 4.99
C ARG D 313 30.19 30.37 4.00
N LYS D 314 29.76 31.55 4.45
CA LYS D 314 28.71 32.30 3.76
C LYS D 314 29.23 33.64 3.33
N GLU D 315 30.46 33.64 2.85
CA GLU D 315 31.06 34.83 2.27
C GLU D 315 31.81 34.32 1.03
N TYR D 316 31.30 34.68 -0.14
CA TYR D 316 31.62 33.97 -1.38
C TYR D 316 32.78 34.62 -2.12
N GLU D 317 33.02 34.21 -3.38
CA GLU D 317 34.32 34.35 -4.03
C GLU D 317 34.81 35.79 -4.15
N MET D 318 36.05 35.96 -4.62
CA MET D 318 36.85 37.14 -4.35
C MET D 318 37.17 37.87 -5.64
N LYS D 319 36.59 39.06 -5.81
CA LYS D 319 36.74 39.85 -7.02
C LYS D 319 37.59 41.07 -6.71
N LEU D 320 38.48 41.42 -7.63
CA LEU D 320 39.46 42.45 -7.35
C LEU D 320 39.52 43.36 -8.55
N HIS D 321 39.17 44.60 -8.33
CA HIS D 321 38.93 45.55 -9.40
C HIS D 321 39.89 46.69 -9.17
N THR D 322 40.86 46.77 -10.06
CA THR D 322 42.01 47.65 -9.86
C THR D 322 41.99 48.73 -10.91
N GLU D 323 42.04 49.97 -10.46
CA GLU D 323 41.69 51.14 -11.24
C GLU D 323 42.86 52.09 -11.19
N ALA D 324 43.57 52.22 -12.30
CA ALA D 324 44.68 53.13 -12.39
C ALA D 324 44.21 54.39 -13.08
N GLN D 325 44.33 55.50 -12.39
CA GLN D 325 44.08 56.82 -12.93
C GLN D 325 45.42 57.39 -13.33
N ILE D 326 45.68 57.40 -14.63
CA ILE D 326 46.90 57.99 -15.13
C ILE D 326 46.77 59.50 -15.09
N GLN D 327 47.81 60.13 -14.53
CA GLN D 327 47.93 61.57 -14.36
C GLN D 327 48.09 62.26 -15.71
N GLU D 328 47.94 63.59 -15.69
CA GLU D 328 47.93 64.53 -16.81
C GLU D 328 46.89 64.18 -17.88
N GLU D 329 46.01 63.22 -17.64
CA GLU D 329 44.84 62.94 -18.45
C GLU D 329 43.60 62.74 -17.61
N GLY D 330 43.74 62.55 -16.30
CA GLY D 330 42.64 62.10 -15.48
C GLY D 330 42.09 60.76 -15.91
N THR D 331 42.85 59.98 -16.69
CA THR D 331 42.23 58.88 -17.43
C THR D 331 42.34 57.62 -16.60
N VAL D 332 41.20 57.08 -16.21
CA VAL D 332 41.16 55.90 -15.36
C VAL D 332 40.78 54.71 -16.20
N VAL D 333 41.37 53.57 -15.89
CA VAL D 333 40.98 52.30 -16.48
C VAL D 333 41.10 51.21 -15.43
N GLU D 334 40.21 50.23 -15.53
CA GLU D 334 40.07 49.16 -14.54
C GLU D 334 40.42 47.82 -15.15
N LEU D 335 40.83 46.90 -14.28
CA LEU D 335 40.95 45.49 -14.61
C LEU D 335 40.25 44.67 -13.53
N THR D 336 39.43 43.74 -13.99
CA THR D 336 38.75 42.77 -13.14
C THR D 336 39.65 41.56 -13.06
N GLY D 337 39.94 41.11 -11.84
CA GLY D 337 40.96 40.11 -11.64
C GLY D 337 40.61 39.15 -10.52
N ARG D 338 41.02 37.90 -10.77
CA ARG D 338 41.10 36.83 -9.78
C ARG D 338 39.77 36.62 -9.07
N GLN D 339 38.68 36.89 -9.80
CA GLN D 339 37.33 36.70 -9.31
C GLN D 339 37.12 35.32 -8.69
N SER D 340 37.77 34.30 -9.24
CA SER D 340 37.58 32.91 -8.85
C SER D 340 38.69 32.40 -7.95
N SER D 341 39.23 33.24 -7.08
CA SER D 341 40.24 32.76 -6.14
C SER D 341 39.59 31.74 -5.23
N GLU D 342 39.98 30.48 -5.40
CA GLU D 342 39.19 29.37 -4.89
C GLU D 342 39.37 29.28 -3.39
N ILE D 343 38.51 29.98 -2.68
CA ILE D 343 38.45 29.84 -1.24
C ILE D 343 37.74 28.53 -1.01
N THR D 344 38.51 27.46 -0.92
CA THR D 344 37.99 26.10 -0.97
C THR D 344 37.92 25.51 0.42
N ARG D 345 36.92 24.65 0.62
CA ARG D 345 36.85 23.88 1.85
C ARG D 345 37.93 22.82 1.91
N THR D 346 38.30 22.27 0.76
CA THR D 346 39.21 21.14 0.70
C THR D 346 40.64 21.62 0.78
N ILE D 347 41.22 21.55 1.97
CA ILE D 347 42.56 22.02 2.24
C ILE D 347 43.47 20.82 2.35
N THR D 348 44.74 21.01 2.00
CA THR D 348 45.72 19.93 2.02
C THR D 348 45.33 18.86 1.00
N LYS D 349 45.01 19.28 -0.21
CA LYS D 349 44.53 18.36 -1.23
C LYS D 349 45.67 17.64 -1.90
N LEU D 350 45.74 16.33 -1.68
CA LEU D 350 46.73 15.51 -2.34
C LEU D 350 46.17 15.06 -3.68
N SER D 351 46.97 14.31 -4.44
CA SER D 351 46.64 14.05 -5.84
C SER D 351 47.06 12.67 -6.31
N PHE D 352 46.56 12.25 -7.47
CA PHE D 352 47.10 11.14 -8.24
C PHE D 352 47.87 11.74 -9.41
N VAL D 353 48.76 10.93 -9.99
CA VAL D 353 49.41 11.29 -11.25
C VAL D 353 49.30 10.14 -12.23
N LYS D 354 49.80 8.99 -11.82
CA LYS D 354 50.00 7.84 -12.69
C LYS D 354 49.48 6.67 -11.87
N VAL D 355 48.20 6.41 -12.04
CA VAL D 355 47.49 5.34 -11.38
C VAL D 355 47.09 4.38 -12.47
N ASP D 356 47.54 3.14 -12.36
CA ASP D 356 46.92 2.10 -13.14
C ASP D 356 45.45 2.04 -12.76
N SER D 357 44.61 2.19 -13.76
CA SER D 357 43.19 1.93 -13.56
C SER D 357 42.90 0.49 -13.15
N HIS D 358 43.85 -0.43 -13.36
CA HIS D 358 43.60 -1.86 -13.20
C HIS D 358 44.75 -2.53 -12.48
N PHE D 359 44.48 -3.74 -12.01
CA PHE D 359 45.43 -4.58 -11.31
C PHE D 359 45.13 -5.98 -11.82
N ARG D 360 45.97 -6.98 -11.52
CA ARG D 360 45.65 -8.35 -11.93
C ARG D 360 46.05 -9.35 -10.85
N GLN D 361 45.42 -10.52 -10.91
CA GLN D 361 45.57 -11.59 -9.94
C GLN D 361 46.98 -12.12 -9.85
N GLY D 362 47.83 -11.85 -10.84
CA GLY D 362 49.14 -12.43 -10.89
C GLY D 362 50.20 -11.37 -11.02
N ILE D 363 50.04 -10.23 -10.34
CA ILE D 363 50.97 -9.14 -10.66
C ILE D 363 51.12 -8.12 -9.53
N PRO D 364 52.27 -7.43 -9.41
CA PRO D 364 52.27 -6.19 -8.65
C PRO D 364 51.98 -5.00 -9.52
N PHE D 365 51.06 -4.15 -9.11
CA PHE D 365 50.90 -2.84 -9.71
C PHE D 365 51.50 -1.82 -8.76
N PHE D 366 52.03 -0.75 -9.31
CA PHE D 366 52.67 0.29 -8.53
C PHE D 366 52.18 1.64 -9.01
N GLY D 367 51.40 2.30 -8.16
CA GLY D 367 50.89 3.61 -8.46
C GLY D 367 51.88 4.66 -7.97
N GLN D 368 52.20 5.59 -8.86
CA GLN D 368 52.89 6.81 -8.45
C GLN D 368 51.86 7.89 -8.20
N VAL D 369 52.04 8.61 -7.11
CA VAL D 369 51.03 9.45 -6.51
C VAL D 369 51.74 10.64 -5.92
N ARG D 370 51.42 11.82 -6.43
CA ARG D 370 51.99 13.04 -5.87
C ARG D 370 51.08 13.54 -4.77
N LEU D 371 51.58 14.54 -4.06
CA LEU D 371 50.81 15.21 -3.03
C LEU D 371 51.04 16.71 -3.18
N VAL D 372 49.97 17.46 -3.00
CA VAL D 372 49.97 18.90 -3.14
C VAL D 372 49.05 19.43 -2.04
N ASP D 373 48.99 20.75 -1.93
CA ASP D 373 47.97 21.39 -1.13
C ASP D 373 47.65 22.74 -1.73
N GLY D 374 46.38 23.11 -1.65
CA GLY D 374 45.99 24.49 -1.76
C GLY D 374 46.41 25.16 -3.04
N LYS D 375 47.45 25.99 -2.92
CA LYS D 375 47.93 26.80 -4.04
C LYS D 375 48.28 25.92 -5.22
N GLY D 376 48.82 24.74 -4.97
CA GLY D 376 49.29 23.86 -6.01
C GLY D 376 50.77 23.57 -5.85
N VAL D 377 51.26 23.68 -4.62
CA VAL D 377 52.67 23.49 -4.33
C VAL D 377 52.81 22.17 -3.56
N PRO D 378 53.69 21.26 -3.95
CA PRO D 378 53.85 20.04 -3.17
C PRO D 378 54.57 20.31 -1.86
N ILE D 379 54.28 19.48 -0.87
CA ILE D 379 54.84 19.58 0.47
C ILE D 379 55.92 18.52 0.61
N PRO D 380 57.09 18.83 1.21
CA PRO D 380 58.10 17.79 1.37
C PRO D 380 58.04 17.14 2.74
N ASN D 381 58.41 15.87 2.81
CA ASN D 381 58.55 15.17 4.07
C ASN D 381 57.25 15.24 4.89
N LYS D 382 56.21 14.58 4.38
CA LYS D 382 54.96 14.51 5.15
C LYS D 382 54.38 13.11 5.11
N VAL D 383 54.34 12.47 6.28
CA VAL D 383 53.83 11.11 6.37
C VAL D 383 52.39 11.05 5.89
N ILE D 384 52.02 9.88 5.38
CA ILE D 384 50.68 9.60 4.89
C ILE D 384 50.37 8.14 5.14
N PHE D 385 49.08 7.82 5.04
CA PHE D 385 48.60 6.46 5.21
C PHE D 385 47.83 6.04 3.97
N ILE D 386 48.02 4.79 3.58
CA ILE D 386 47.59 4.26 2.31
C ILE D 386 46.87 2.95 2.58
N ARG D 387 45.60 2.89 2.25
CA ARG D 387 44.77 1.73 2.55
C ARG D 387 44.31 1.12 1.25
N GLY D 388 44.82 -0.06 0.96
CA GLY D 388 44.42 -0.86 -0.18
C GLY D 388 43.52 -1.97 0.31
N ASN D 389 42.23 -1.77 0.09
CA ASN D 389 41.21 -2.62 0.64
C ASN D 389 40.83 -3.70 -0.34
N GLU D 390 40.76 -4.93 0.19
CA GLU D 390 40.63 -6.20 -0.47
C GLU D 390 42.01 -6.60 -1.01
N ALA D 391 43.06 -5.88 -0.63
CA ALA D 391 44.42 -6.42 -0.55
C ALA D 391 44.95 -6.38 0.87
N ASN D 392 44.24 -5.71 1.80
CA ASN D 392 44.64 -5.63 3.21
C ASN D 392 46.03 -5.00 3.32
N TYR D 393 46.22 -3.97 2.53
CA TYR D 393 47.51 -3.30 2.39
C TYR D 393 47.36 -1.93 3.05
N TYR D 394 47.53 -1.90 4.36
CA TYR D 394 47.54 -0.66 5.12
C TYR D 394 49.00 -0.33 5.37
N SER D 395 49.54 0.57 4.54
CA SER D 395 50.94 0.91 4.59
C SER D 395 51.10 2.42 4.62
N ASN D 396 52.11 2.86 5.34
CA ASN D 396 52.43 4.27 5.45
C ASN D 396 53.45 4.64 4.40
N ALA D 397 53.58 5.94 4.18
CA ALA D 397 54.65 6.48 3.35
C ALA D 397 54.83 7.93 3.74
N THR D 398 55.57 8.68 2.93
CA THR D 398 55.73 10.10 3.18
C THR D 398 55.90 10.85 1.88
N THR D 399 55.71 12.15 1.97
CA THR D 399 55.87 13.08 0.86
C THR D 399 57.31 13.50 0.79
N ASP D 400 57.87 13.41 -0.40
CA ASP D 400 59.23 13.84 -0.72
C ASP D 400 59.20 15.25 -1.30
N GLU D 401 60.35 15.72 -1.81
CA GLU D 401 60.47 17.08 -2.33
C GLU D 401 59.45 17.39 -3.41
N HIS D 402 59.07 16.38 -4.19
CA HIS D 402 58.05 16.52 -5.21
C HIS D 402 56.71 15.93 -4.76
N GLY D 403 56.57 15.62 -3.48
CA GLY D 403 55.31 15.09 -2.99
C GLY D 403 54.98 13.71 -3.50
N LEU D 404 55.93 13.04 -4.13
CA LEU D 404 55.68 11.80 -4.83
C LEU D 404 55.94 10.60 -3.98
N VAL D 405 55.11 9.59 -4.18
CA VAL D 405 55.26 8.29 -3.56
C VAL D 405 54.91 7.27 -4.63
N GLN D 406 55.67 6.21 -4.70
CA GLN D 406 55.47 5.19 -5.71
C GLN D 406 55.20 3.90 -4.94
N PHE D 407 53.95 3.78 -4.52
CA PHE D 407 53.56 2.66 -3.70
C PHE D 407 53.36 1.47 -4.63
N SER D 408 53.81 0.32 -4.17
CA SER D 408 53.69 -0.93 -4.92
C SER D 408 52.86 -1.89 -4.11
N ILE D 409 52.00 -2.64 -4.80
CA ILE D 409 51.10 -3.59 -4.16
C ILE D 409 51.09 -4.85 -4.99
N ASN D 410 51.47 -5.96 -4.37
CA ASN D 410 51.30 -7.29 -4.95
C ASN D 410 49.82 -7.64 -4.98
N THR D 411 49.44 -8.37 -6.01
CA THR D 411 48.04 -8.65 -6.30
C THR D 411 47.92 -10.13 -6.63
N THR D 412 47.40 -10.87 -5.63
CA THR D 412 46.89 -12.23 -5.65
C THR D 412 45.70 -12.21 -4.69
N ASN D 413 44.52 -11.92 -5.22
CA ASN D 413 43.44 -11.41 -4.38
C ASN D 413 42.12 -11.60 -5.12
N VAL D 414 41.06 -11.02 -4.55
CA VAL D 414 39.69 -11.10 -5.05
C VAL D 414 39.42 -10.08 -6.17
N MET D 415 38.23 -10.19 -6.77
CA MET D 415 37.84 -9.53 -8.01
C MET D 415 38.21 -8.05 -8.14
N GLY D 416 37.67 -7.19 -7.28
CA GLY D 416 37.79 -5.75 -7.48
C GLY D 416 38.36 -5.04 -6.28
N THR D 417 39.29 -4.12 -6.50
CA THR D 417 40.08 -3.53 -5.42
C THR D 417 39.74 -2.06 -5.25
N SER D 418 39.78 -1.60 -4.00
CA SER D 418 39.57 -0.19 -3.70
C SER D 418 40.81 0.35 -3.03
N LEU D 419 41.14 1.60 -3.31
CA LEU D 419 42.36 2.20 -2.82
C LEU D 419 42.10 3.62 -2.37
N THR D 420 42.72 3.97 -1.25
CA THR D 420 42.64 5.33 -0.76
C THR D 420 43.95 5.72 -0.11
N VAL D 421 44.19 7.02 -0.08
CA VAL D 421 45.34 7.57 0.64
C VAL D 421 44.93 8.86 1.30
N ARG D 422 45.53 9.12 2.46
CA ARG D 422 45.23 10.29 3.25
C ARG D 422 46.49 10.77 3.95
N VAL D 423 46.40 12.00 4.45
CA VAL D 423 47.39 12.55 5.36
C VAL D 423 46.74 12.69 6.75
N ASN D 424 45.41 12.84 6.78
CA ASN D 424 44.61 12.84 8.00
C ASN D 424 43.56 11.74 7.90
N TYR D 425 42.65 11.69 8.87
CA TYR D 425 41.72 10.57 8.98
C TYR D 425 40.39 10.88 8.28
N LYS D 426 39.55 9.85 8.19
CA LYS D 426 38.29 9.86 7.45
C LYS D 426 37.22 10.68 8.16
N ASP D 427 37.49 11.97 8.36
CA ASP D 427 36.53 12.94 8.88
C ASP D 427 37.19 14.31 8.86
N ARG D 428 36.38 15.37 8.81
CA ARG D 428 36.90 16.74 8.80
C ARG D 428 37.12 17.17 10.25
N SER D 429 38.17 16.60 10.84
CA SER D 429 38.38 16.51 12.29
C SER D 429 37.96 17.73 13.10
N PRO D 430 38.38 18.97 12.76
CA PRO D 430 37.97 20.10 13.59
C PRO D 430 36.59 20.61 13.24
N CYS D 431 35.60 20.30 14.08
CA CYS D 431 34.26 20.87 14.00
C CYS D 431 33.64 20.72 12.61
N TYR D 432 33.36 19.46 12.25
CA TYR D 432 32.68 19.18 11.00
C TYR D 432 31.15 19.18 11.14
N GLY D 433 30.62 18.78 12.29
CA GLY D 433 29.18 18.79 12.47
C GLY D 433 28.66 20.03 13.17
N TYR D 434 28.28 21.04 12.39
CA TYR D 434 27.51 22.17 12.89
C TYR D 434 26.41 22.64 11.95
N GLN D 435 26.47 22.33 10.65
CA GLN D 435 25.67 22.88 9.57
C GLN D 435 26.14 24.29 9.21
N TRP D 436 27.15 24.82 9.89
CA TRP D 436 27.62 26.18 9.71
C TRP D 436 29.13 26.19 9.72
N VAL D 437 29.71 25.24 9.01
CA VAL D 437 31.14 24.98 9.00
C VAL D 437 31.64 25.16 7.58
N SER D 438 32.93 25.51 7.46
CA SER D 438 33.54 25.76 6.16
C SER D 438 34.99 25.28 6.22
N GLU D 439 35.20 24.01 5.88
CA GLU D 439 36.51 23.39 5.82
C GLU D 439 36.38 21.95 5.33
N GLU D 440 37.43 21.42 4.72
CA GLU D 440 37.46 20.03 4.29
C GLU D 440 38.91 19.67 3.96
N HIS D 441 39.13 18.38 3.74
CA HIS D 441 40.43 17.87 3.29
C HIS D 441 40.18 16.78 2.26
N GLU D 442 40.89 16.84 1.15
CA GLU D 442 40.71 15.84 0.11
C GLU D 442 41.18 14.48 0.60
N GLU D 443 40.63 13.45 -0.01
CA GLU D 443 41.03 12.06 0.20
C GLU D 443 41.30 11.45 -1.16
N ALA D 444 42.51 10.91 -1.35
CA ALA D 444 42.74 10.10 -2.54
C ALA D 444 41.79 8.95 -2.53
N HIS D 445 40.96 8.88 -3.57
CA HIS D 445 40.04 7.79 -3.79
C HIS D 445 40.29 7.24 -5.18
N HIS D 446 40.25 5.91 -5.29
CA HIS D 446 40.37 5.30 -6.60
C HIS D 446 39.91 3.86 -6.48
N THR D 447 39.41 3.33 -7.59
CA THR D 447 38.99 1.95 -7.67
C THR D 447 39.60 1.34 -8.92
N ALA D 448 39.82 0.03 -8.86
CA ALA D 448 40.37 -0.67 -10.02
C ALA D 448 39.75 -2.05 -10.12
N TYR D 449 39.63 -2.50 -11.37
CA TYR D 449 39.09 -3.79 -11.75
C TYR D 449 40.19 -4.56 -12.46
N LEU D 450 40.06 -5.87 -12.49
CA LEU D 450 41.05 -6.73 -13.11
C LEU D 450 40.58 -7.20 -14.48
N VAL D 451 41.51 -7.76 -15.21
CA VAL D 451 41.22 -8.32 -16.51
C VAL D 451 40.60 -9.70 -16.34
N PHE D 452 39.89 -10.12 -17.37
CA PHE D 452 39.61 -11.53 -17.60
C PHE D 452 40.74 -12.08 -18.48
N SER D 453 41.41 -13.12 -17.99
CA SER D 453 42.48 -13.76 -18.73
C SER D 453 42.42 -15.25 -18.42
N PRO D 454 41.58 -16.01 -19.15
CA PRO D 454 41.42 -17.43 -18.82
C PRO D 454 42.68 -18.22 -19.06
N SER D 455 43.52 -17.73 -19.95
CA SER D 455 44.86 -18.26 -20.09
C SER D 455 45.67 -18.11 -18.81
N LYS D 456 45.32 -17.13 -17.98
CA LYS D 456 46.10 -16.72 -16.82
C LYS D 456 47.38 -16.00 -17.23
N SER D 457 47.45 -15.56 -18.48
CA SER D 457 48.53 -14.72 -18.98
C SER D 457 47.95 -13.34 -19.25
N PHE D 458 48.80 -12.33 -19.23
CA PHE D 458 48.31 -11.01 -19.59
C PHE D 458 49.48 -10.06 -19.78
N VAL D 459 49.18 -8.96 -20.46
CA VAL D 459 50.16 -7.94 -20.78
C VAL D 459 49.58 -6.63 -20.27
N HIS D 460 50.12 -6.16 -19.18
CA HIS D 460 49.87 -4.80 -18.74
C HIS D 460 51.05 -3.95 -19.18
N LEU D 461 50.84 -2.64 -19.17
CA LEU D 461 51.80 -1.69 -19.65
C LEU D 461 52.09 -0.65 -18.59
N GLU D 462 53.38 -0.36 -18.40
CA GLU D 462 53.78 0.80 -17.65
C GLU D 462 53.97 1.95 -18.65
N PRO D 463 53.08 2.94 -18.64
CA PRO D 463 53.26 4.13 -19.47
C PRO D 463 54.00 5.28 -18.82
N MET D 464 54.21 6.32 -19.62
CA MET D 464 54.63 7.63 -19.14
C MET D 464 53.40 8.51 -18.98
N SER D 465 52.50 8.04 -18.13
CA SER D 465 51.17 8.63 -18.06
C SER D 465 51.24 10.03 -17.45
N HIS D 466 51.66 10.97 -18.28
CA HIS D 466 51.50 12.39 -18.05
C HIS D 466 51.70 13.11 -19.37
N GLU D 467 51.89 14.43 -19.33
CA GLU D 467 51.99 15.27 -20.52
C GLU D 467 53.03 14.75 -21.51
N LEU D 468 52.63 14.65 -22.79
CA LEU D 468 53.42 14.02 -23.84
C LEU D 468 53.92 15.07 -24.83
N PRO D 469 55.22 15.34 -24.93
CA PRO D 469 55.68 16.35 -25.90
C PRO D 469 55.57 15.86 -27.32
N CYS D 470 55.86 16.77 -28.25
CA CYS D 470 55.71 16.54 -29.67
C CYS D 470 57.06 16.61 -30.37
N GLY D 471 57.09 16.04 -31.57
CA GLY D 471 58.31 16.01 -32.33
C GLY D 471 59.40 15.20 -31.70
N HIS D 472 59.06 14.12 -31.00
CA HIS D 472 60.07 13.41 -30.23
C HIS D 472 59.69 11.95 -30.08
N THR D 473 60.70 11.11 -29.92
CA THR D 473 60.43 9.72 -29.66
C THR D 473 60.23 9.50 -28.16
N GLN D 474 59.54 8.42 -27.82
CA GLN D 474 59.36 8.07 -26.43
C GLN D 474 59.23 6.57 -26.33
N THR D 475 59.74 6.02 -25.24
CA THR D 475 59.67 4.60 -24.97
C THR D 475 58.70 4.36 -23.83
N VAL D 476 57.73 3.56 -24.11
CA VAL D 476 56.83 2.99 -23.12
C VAL D 476 57.39 1.63 -22.78
N GLN D 477 57.04 1.08 -21.60
CA GLN D 477 57.49 -0.25 -21.25
C GLN D 477 56.30 -1.11 -20.90
N ALA D 478 56.50 -2.42 -21.01
CA ALA D 478 55.42 -3.38 -20.97
C ALA D 478 55.80 -4.55 -20.11
N HIS D 479 54.88 -4.91 -19.23
CA HIS D 479 55.00 -6.06 -18.37
C HIS D 479 54.08 -7.12 -18.98
N TYR D 480 54.67 -7.88 -19.89
CA TYR D 480 54.06 -9.05 -20.48
C TYR D 480 54.34 -10.23 -19.57
N ILE D 481 53.38 -11.12 -19.41
CA ILE D 481 53.59 -12.35 -18.66
C ILE D 481 52.73 -13.44 -19.28
N LEU D 482 53.25 -14.66 -19.23
CA LEU D 482 52.71 -15.77 -19.98
C LEU D 482 52.56 -16.98 -19.09
N ASN D 483 51.32 -17.27 -18.69
CA ASN D 483 51.02 -18.53 -18.05
C ASN D 483 51.38 -19.66 -18.99
N GLY D 484 52.44 -20.39 -18.64
CA GLY D 484 52.86 -21.52 -19.42
C GLY D 484 53.47 -21.18 -20.77
N GLY D 485 53.53 -19.90 -21.13
CA GLY D 485 54.01 -19.60 -22.45
C GLY D 485 53.11 -20.19 -23.49
N THR D 486 53.69 -20.50 -24.64
CA THR D 486 52.98 -21.26 -25.63
C THR D 486 52.80 -22.69 -25.13
N LEU D 487 51.57 -23.18 -25.18
CA LEU D 487 51.32 -24.54 -24.71
C LEU D 487 51.93 -25.54 -25.67
N LEU D 488 51.51 -25.51 -26.94
CA LEU D 488 52.16 -26.27 -28.00
C LEU D 488 52.81 -25.37 -29.03
N GLY D 489 52.00 -24.60 -29.76
CA GLY D 489 52.42 -23.53 -30.65
C GLY D 489 53.70 -23.72 -31.44
N LEU D 490 54.53 -22.69 -31.39
CA LEU D 490 55.84 -22.70 -32.02
C LEU D 490 56.79 -21.99 -31.06
N LYS D 491 57.98 -21.62 -31.54
CA LYS D 491 58.95 -21.05 -30.60
C LYS D 491 58.55 -19.63 -30.23
N LYS D 492 58.57 -18.71 -31.16
CA LYS D 492 58.40 -17.31 -30.81
C LYS D 492 56.94 -16.95 -30.79
N LEU D 493 56.68 -15.70 -30.44
CA LEU D 493 55.33 -15.17 -30.33
C LEU D 493 55.35 -13.75 -30.85
N SER D 494 54.16 -13.13 -30.91
CA SER D 494 54.05 -11.80 -31.49
C SER D 494 53.09 -10.91 -30.73
N PHE D 495 53.50 -9.64 -30.69
CA PHE D 495 52.80 -8.51 -30.11
C PHE D 495 52.46 -7.57 -31.26
N TYR D 496 51.38 -6.82 -31.15
CA TYR D 496 50.92 -5.93 -32.19
C TYR D 496 50.33 -4.68 -31.56
N TYR D 497 50.89 -3.52 -31.87
CA TYR D 497 50.46 -2.29 -31.25
C TYR D 497 49.91 -1.33 -32.29
N LEU D 498 48.96 -0.53 -31.83
CA LEU D 498 48.26 0.45 -32.65
C LEU D 498 48.17 1.75 -31.89
N ILE D 499 48.50 2.84 -32.56
CA ILE D 499 48.37 4.17 -32.03
C ILE D 499 47.24 4.83 -32.78
N MET D 500 46.18 5.15 -32.05
CA MET D 500 44.93 5.67 -32.59
C MET D 500 44.83 7.16 -32.31
N ALA D 501 44.32 7.90 -33.30
CA ALA D 501 44.28 9.34 -33.29
C ALA D 501 43.02 9.83 -33.96
N LYS D 502 42.44 10.87 -33.37
CA LYS D 502 41.31 11.59 -33.93
C LYS D 502 40.16 10.64 -34.27
N GLY D 503 39.97 9.69 -33.37
CA GLY D 503 38.88 8.75 -33.48
C GLY D 503 39.02 7.73 -34.59
N GLY D 504 40.14 7.77 -35.31
CA GLY D 504 40.35 6.89 -36.44
C GLY D 504 41.48 5.93 -36.22
N ILE D 505 42.58 6.13 -36.96
CA ILE D 505 43.82 5.39 -36.83
C ILE D 505 44.88 6.37 -37.30
N VAL D 506 46.11 6.27 -36.77
CA VAL D 506 47.25 6.97 -37.37
C VAL D 506 48.41 5.99 -37.61
N ARG D 507 48.88 5.28 -36.58
CA ARG D 507 50.12 4.50 -36.71
C ARG D 507 49.94 3.09 -36.18
N THR D 508 50.86 2.23 -36.62
CA THR D 508 50.74 0.79 -36.38
C THR D 508 52.11 0.15 -36.41
N GLY D 509 52.24 -0.96 -35.67
CA GLY D 509 53.40 -1.81 -35.84
C GLY D 509 53.25 -3.08 -35.01
N THR D 510 54.35 -3.81 -34.92
CA THR D 510 54.34 -5.11 -34.26
C THR D 510 55.73 -5.41 -33.72
N HIS D 511 55.83 -6.54 -33.04
CA HIS D 511 57.10 -7.03 -32.53
C HIS D 511 56.95 -8.47 -32.09
N GLY D 512 57.78 -9.35 -32.66
CA GLY D 512 57.83 -10.73 -32.26
C GLY D 512 59.04 -10.98 -31.38
N LEU D 513 58.96 -12.05 -30.60
CA LEU D 513 60.03 -12.36 -29.67
C LEU D 513 60.07 -13.85 -29.40
N LEU D 514 61.28 -14.38 -29.32
CA LEU D 514 61.48 -15.77 -28.90
C LEU D 514 61.05 -15.91 -27.46
N VAL D 515 60.15 -16.84 -27.21
CA VAL D 515 59.67 -17.05 -25.85
C VAL D 515 60.66 -17.96 -25.12
N LYS D 516 60.83 -17.70 -23.82
CA LYS D 516 61.44 -18.71 -22.98
C LYS D 516 60.59 -19.96 -23.01
N GLN D 517 61.22 -21.10 -22.76
CA GLN D 517 60.65 -22.38 -23.14
C GLN D 517 59.27 -22.62 -22.53
N GLU D 518 59.14 -22.43 -21.21
CA GLU D 518 57.84 -22.55 -20.56
C GLU D 518 57.65 -21.50 -19.47
N ASP D 519 58.37 -20.38 -19.54
CA ASP D 519 58.56 -19.51 -18.39
C ASP D 519 57.90 -18.15 -18.59
N MET D 520 57.87 -17.38 -17.50
CA MET D 520 57.29 -16.04 -17.46
C MET D 520 58.32 -14.94 -17.57
N LYS D 521 58.43 -14.30 -18.72
CA LYS D 521 59.34 -13.18 -18.90
C LYS D 521 58.60 -11.87 -18.78
N GLY D 522 59.14 -10.96 -17.97
CA GLY D 522 58.39 -9.79 -17.56
C GLY D 522 58.51 -8.57 -18.44
N HIS D 523 59.72 -8.08 -18.66
CA HIS D 523 59.90 -6.72 -19.12
C HIS D 523 60.23 -6.66 -20.60
N PHE D 524 59.67 -5.67 -21.28
CA PHE D 524 60.12 -5.36 -22.62
C PHE D 524 59.58 -4.01 -23.03
N SER D 525 60.40 -3.23 -23.73
CA SER D 525 60.08 -1.85 -24.04
C SER D 525 59.67 -1.70 -25.50
N ILE D 526 59.12 -0.53 -25.79
CA ILE D 526 58.71 -0.14 -27.13
C ILE D 526 58.90 1.35 -27.28
N SER D 527 59.64 1.74 -28.29
CA SER D 527 59.85 3.15 -28.61
C SER D 527 58.99 3.51 -29.80
N ILE D 528 58.52 4.74 -29.82
CA ILE D 528 57.62 5.19 -30.89
C ILE D 528 57.75 6.69 -31.05
N PRO D 529 57.53 7.19 -32.26
CA PRO D 529 57.74 8.61 -32.52
C PRO D 529 56.49 9.44 -32.33
N VAL D 530 56.73 10.70 -31.99
CA VAL D 530 55.72 11.69 -31.69
C VAL D 530 55.99 12.89 -32.57
N LYS D 531 56.20 12.63 -33.86
CA LYS D 531 56.32 13.73 -34.80
C LYS D 531 55.09 14.62 -34.74
N SER D 532 53.95 14.11 -35.22
CA SER D 532 52.70 14.86 -35.31
C SER D 532 51.61 13.93 -35.82
N ASP D 533 50.54 14.51 -36.33
CA ASP D 533 49.54 13.74 -37.07
C ASP D 533 48.75 12.89 -36.11
N ILE D 534 48.60 13.38 -34.90
CA ILE D 534 48.07 12.60 -33.80
C ILE D 534 47.32 13.55 -32.90
N ALA D 535 46.18 13.08 -32.42
CA ALA D 535 45.28 13.89 -31.64
C ALA D 535 45.97 14.39 -30.39
N PRO D 536 45.44 15.43 -29.72
CA PRO D 536 45.99 15.80 -28.41
C PRO D 536 45.95 14.65 -27.42
N VAL D 537 45.08 13.68 -27.65
CA VAL D 537 45.14 12.37 -27.03
C VAL D 537 45.78 11.42 -28.02
N ALA D 538 46.51 10.45 -27.50
CA ALA D 538 47.05 9.35 -28.28
C ALA D 538 46.63 8.07 -27.59
N ARG D 539 45.71 7.33 -28.20
CA ARG D 539 45.20 6.10 -27.63
C ARG D 539 46.04 4.97 -28.18
N LEU D 540 47.07 4.58 -27.44
CA LEU D 540 47.88 3.44 -27.81
C LEU D 540 47.32 2.19 -27.15
N LEU D 541 47.28 1.11 -27.90
CA LEU D 541 47.07 -0.20 -27.34
C LEU D 541 48.05 -1.16 -27.95
N ILE D 542 48.10 -2.34 -27.36
CA ILE D 542 48.89 -3.44 -27.87
C ILE D 542 48.19 -4.73 -27.49
N TYR D 543 48.52 -5.79 -28.21
CA TYR D 543 47.94 -7.10 -27.92
C TYR D 543 48.82 -8.19 -28.50
N ALA D 544 48.98 -9.24 -27.72
CA ALA D 544 49.79 -10.40 -28.08
C ALA D 544 48.86 -11.56 -28.37
N VAL D 545 49.28 -12.44 -29.26
CA VAL D 545 48.40 -13.46 -29.81
C VAL D 545 49.02 -14.83 -29.61
N LEU D 546 48.17 -15.83 -29.39
CA LEU D 546 48.56 -17.18 -29.06
C LEU D 546 47.92 -18.18 -30.02
N PRO D 547 48.71 -19.06 -30.72
CA PRO D 547 48.14 -19.96 -31.74
C PRO D 547 47.03 -20.89 -31.28
N THR D 548 46.83 -21.02 -29.97
CA THR D 548 45.73 -21.80 -29.44
C THR D 548 44.38 -21.12 -29.61
N GLY D 549 44.35 -19.92 -30.19
CA GLY D 549 43.14 -19.15 -30.27
C GLY D 549 43.02 -18.15 -29.16
N ASP D 550 44.13 -17.78 -28.53
CA ASP D 550 44.08 -16.93 -27.35
C ASP D 550 44.80 -15.63 -27.64
N VAL D 551 44.66 -14.68 -26.71
CA VAL D 551 45.03 -13.31 -26.97
C VAL D 551 45.02 -12.54 -25.66
N ILE D 552 45.86 -11.52 -25.59
CA ILE D 552 45.89 -10.61 -24.46
C ILE D 552 46.25 -9.26 -25.02
N GLY D 553 46.20 -8.24 -24.17
CA GLY D 553 46.57 -6.92 -24.60
C GLY D 553 46.12 -5.90 -23.57
N ASP D 554 46.40 -4.65 -23.89
CA ASP D 554 46.17 -3.57 -22.94
C ASP D 554 46.34 -2.24 -23.66
N SER D 555 45.58 -1.26 -23.19
CA SER D 555 45.43 0.04 -23.81
C SER D 555 46.43 1.04 -23.25
N ALA D 556 46.28 2.28 -23.68
CA ALA D 556 47.06 3.37 -23.14
C ALA D 556 46.48 4.67 -23.65
N LYS D 557 46.94 5.76 -23.04
CA LYS D 557 46.44 7.09 -23.28
C LYS D 557 47.59 8.04 -23.01
N TYR D 558 47.80 8.97 -23.92
CA TYR D 558 48.82 10.01 -23.72
C TYR D 558 48.25 11.36 -24.07
N ASP D 559 48.29 12.27 -23.11
CA ASP D 559 47.89 13.63 -23.37
C ASP D 559 48.93 14.23 -24.29
N VAL D 560 48.70 14.12 -25.59
CA VAL D 560 49.61 14.73 -26.55
C VAL D 560 49.48 16.23 -26.42
N GLU D 561 50.62 16.88 -26.25
CA GLU D 561 50.65 18.34 -26.22
C GLU D 561 50.10 18.87 -27.54
N ASN D 562 49.41 20.00 -27.47
CA ASN D 562 48.80 20.55 -28.67
C ASN D 562 49.90 21.02 -29.61
N CYS D 563 50.07 20.31 -30.72
CA CYS D 563 51.25 20.47 -31.55
C CYS D 563 50.93 19.99 -32.95
N LEU D 564 51.49 20.71 -33.92
CA LEU D 564 51.10 20.59 -35.30
C LEU D 564 52.20 19.93 -36.11
N ALA D 565 51.79 19.41 -37.27
CA ALA D 565 52.73 18.81 -38.19
C ALA D 565 53.56 19.88 -38.89
N ASN D 566 52.90 20.75 -39.65
CA ASN D 566 53.63 21.77 -40.38
C ASN D 566 54.20 22.77 -39.37
N LYS D 567 55.49 22.66 -39.13
CA LYS D 567 56.15 23.70 -38.37
C LYS D 567 56.07 25.01 -39.15
N VAL D 568 56.01 26.09 -38.40
CA VAL D 568 55.93 27.41 -38.97
C VAL D 568 56.66 28.35 -38.03
N ASP D 569 57.12 29.47 -38.56
CA ASP D 569 57.71 30.46 -37.70
C ASP D 569 57.64 31.80 -38.38
N LEU D 570 57.85 32.84 -37.59
CA LEU D 570 57.84 34.20 -38.04
C LEU D 570 59.06 34.91 -37.51
N SER D 571 59.35 36.05 -38.11
CA SER D 571 60.26 37.01 -37.55
C SER D 571 60.04 38.34 -38.23
N PHE D 572 60.90 39.29 -37.95
CA PHE D 572 60.81 40.60 -38.55
C PHE D 572 62.16 41.28 -38.41
N SER D 573 62.46 42.19 -39.31
CA SER D 573 63.56 43.10 -39.06
C SER D 573 63.20 43.91 -37.83
N PRO D 574 64.12 44.11 -36.90
CA PRO D 574 63.74 44.50 -35.53
C PRO D 574 63.03 45.82 -35.42
N SER D 575 62.62 46.15 -34.20
CA SER D 575 61.96 47.40 -33.90
C SER D 575 62.79 48.59 -34.37
N GLN D 576 62.10 49.72 -34.53
CA GLN D 576 62.70 50.90 -35.16
C GLN D 576 62.08 52.13 -34.53
N SER D 577 62.37 53.28 -35.14
CA SER D 577 61.85 54.55 -34.70
C SER D 577 60.50 54.81 -35.38
N LEU D 578 60.02 56.05 -35.26
CA LEU D 578 58.61 56.35 -35.53
C LEU D 578 58.24 56.24 -37.01
N PRO D 579 58.76 57.08 -37.95
CA PRO D 579 58.39 56.89 -39.36
C PRO D 579 59.32 55.94 -40.08
N ALA D 580 60.07 55.12 -39.34
CA ALA D 580 61.15 54.36 -39.93
C ALA D 580 60.58 53.27 -40.82
N SER D 581 60.04 53.71 -41.96
CA SER D 581 59.18 52.95 -42.85
C SER D 581 59.68 51.54 -43.11
N HIS D 582 60.89 51.43 -43.65
CA HIS D 582 61.36 50.15 -44.13
C HIS D 582 61.52 49.21 -42.96
N ALA D 583 60.68 48.18 -42.93
CA ALA D 583 60.81 47.10 -41.98
C ALA D 583 60.47 45.83 -42.73
N HIS D 584 60.72 44.69 -42.11
CA HIS D 584 60.46 43.41 -42.75
C HIS D 584 59.69 42.51 -41.81
N LEU D 585 59.03 41.55 -42.43
CA LEU D 585 58.52 40.39 -41.75
C LEU D 585 59.03 39.20 -42.53
N ARG D 586 59.25 38.12 -41.83
CA ARG D 586 59.72 36.89 -42.41
C ARG D 586 58.87 35.76 -41.86
N VAL D 587 58.74 34.71 -42.63
CA VAL D 587 58.10 33.51 -42.16
C VAL D 587 58.77 32.29 -42.75
N THR D 588 58.84 31.25 -41.95
CA THR D 588 59.27 29.93 -42.35
C THR D 588 58.07 29.02 -42.35
N ALA D 589 57.97 28.19 -43.38
CA ALA D 589 57.00 27.12 -43.39
C ALA D 589 57.42 26.13 -44.47
N ALA D 590 56.52 25.21 -44.82
CA ALA D 590 56.75 24.24 -45.86
C ALA D 590 57.14 24.95 -47.17
N PRO D 591 57.80 24.23 -48.09
CA PRO D 591 58.47 24.93 -49.20
C PRO D 591 57.54 25.40 -50.28
N GLN D 592 56.25 25.10 -50.18
CA GLN D 592 55.30 25.53 -51.21
C GLN D 592 53.97 25.71 -50.49
N SER D 593 53.67 26.94 -50.06
CA SER D 593 52.51 27.12 -49.20
C SER D 593 52.06 28.56 -49.23
N VAL D 594 51.17 28.91 -48.31
CA VAL D 594 50.65 30.26 -48.18
C VAL D 594 50.56 30.62 -46.72
N CYS D 595 50.38 31.90 -46.45
CA CYS D 595 50.21 32.36 -45.08
C CYS D 595 49.30 33.57 -45.03
N ALA D 596 48.49 33.59 -43.98
CA ALA D 596 47.59 34.69 -43.66
C ALA D 596 48.23 35.49 -42.54
N LEU D 597 48.42 36.77 -42.81
CA LEU D 597 49.32 37.60 -42.05
C LEU D 597 48.53 38.75 -41.46
N ARG D 598 48.43 38.75 -40.15
CA ARG D 598 47.63 39.70 -39.40
C ARG D 598 48.58 40.43 -38.47
N ALA D 599 49.18 41.48 -38.98
CA ALA D 599 49.80 42.48 -38.12
C ALA D 599 48.71 43.44 -37.72
N VAL D 600 48.58 43.68 -36.43
CA VAL D 600 47.58 44.63 -35.94
C VAL D 600 48.21 45.48 -34.85
N ASP D 601 48.00 46.79 -34.97
CA ASP D 601 48.22 47.75 -33.91
C ASP D 601 47.48 47.31 -32.65
N GLN D 602 48.23 47.04 -31.58
CA GLN D 602 47.70 46.40 -30.39
C GLN D 602 47.29 47.45 -29.33
N SER D 603 46.22 48.17 -29.66
CA SER D 603 45.60 49.12 -28.74
C SER D 603 44.14 48.79 -28.49
N VAL D 604 43.37 48.62 -29.56
CA VAL D 604 42.05 48.02 -29.38
C VAL D 604 42.22 46.60 -28.87
N LEU D 605 43.24 45.91 -29.34
CA LEU D 605 43.45 44.58 -28.80
C LEU D 605 43.93 44.67 -27.37
N LEU D 606 44.69 45.72 -27.07
CA LEU D 606 44.93 46.07 -25.68
C LEU D 606 43.63 46.38 -24.98
N MET D 607 42.74 47.11 -25.64
CA MET D 607 41.47 47.45 -25.02
C MET D 607 40.65 46.20 -24.77
N LYS D 608 40.51 45.36 -25.79
CA LYS D 608 39.78 44.12 -25.72
C LYS D 608 40.54 43.00 -26.42
N PRO D 609 40.66 41.82 -25.82
CA PRO D 609 41.49 40.79 -26.42
C PRO D 609 40.90 40.21 -27.70
N ASP D 610 41.67 39.29 -28.25
CA ASP D 610 41.29 38.43 -29.35
C ASP D 610 40.35 37.37 -28.81
N ALA D 611 40.08 36.35 -29.61
CA ALA D 611 39.13 35.32 -29.24
C ALA D 611 39.64 33.98 -29.75
N GLU D 612 40.04 33.12 -28.80
CA GLU D 612 40.34 31.70 -29.00
C GLU D 612 41.06 31.42 -30.30
N LEU D 613 42.17 32.09 -30.52
CA LEU D 613 42.98 31.93 -31.70
C LEU D 613 44.26 31.20 -31.31
N SER D 614 44.28 29.90 -31.56
CA SER D 614 45.46 29.11 -31.27
C SER D 614 45.31 27.72 -31.87
N ALA D 615 46.36 26.91 -31.70
CA ALA D 615 46.27 25.50 -32.01
C ALA D 615 45.21 24.84 -31.18
N SER D 616 45.07 25.27 -29.92
CA SER D 616 43.98 24.78 -29.09
C SER D 616 42.64 25.11 -29.71
N SER D 617 42.55 26.26 -30.39
CA SER D 617 41.34 26.58 -31.13
C SER D 617 41.08 25.51 -32.18
N VAL D 618 42.09 25.23 -32.98
CA VAL D 618 41.96 24.21 -34.02
C VAL D 618 41.55 22.89 -33.43
N TYR D 619 42.16 22.54 -32.31
CA TYR D 619 42.00 21.22 -31.75
C TYR D 619 40.60 21.04 -31.17
N ASN D 620 40.14 22.00 -30.39
CA ASN D 620 38.84 21.84 -29.76
C ASN D 620 37.71 22.18 -30.71
N LEU D 621 38.01 22.86 -31.81
CA LEU D 621 37.03 22.97 -32.88
C LEU D 621 36.79 21.66 -33.57
N LEU D 622 37.64 20.68 -33.34
CA LEU D 622 37.49 19.41 -33.96
C LEU D 622 36.19 18.74 -33.52
N PRO D 623 35.54 17.97 -34.41
CA PRO D 623 34.39 17.18 -33.99
C PRO D 623 34.83 15.79 -33.59
N GLU D 624 34.40 15.32 -32.42
CA GLU D 624 34.77 14.00 -31.93
C GLU D 624 36.29 13.93 -31.73
N LYS D 625 36.75 14.74 -30.77
CA LYS D 625 38.12 14.65 -30.26
C LYS D 625 38.55 13.22 -30.07
N ASP D 626 37.84 12.52 -29.20
CA ASP D 626 38.13 11.14 -28.85
C ASP D 626 36.96 10.26 -29.23
N LEU D 627 37.27 9.18 -29.94
CA LEU D 627 36.32 8.09 -30.13
C LEU D 627 36.53 7.16 -28.96
N THR D 628 35.55 7.13 -28.07
CA THR D 628 35.57 6.32 -26.87
C THR D 628 34.19 5.72 -26.69
N GLY D 629 34.11 4.40 -26.76
CA GLY D 629 32.82 3.75 -26.74
C GLY D 629 32.06 3.95 -28.02
N PHE D 630 31.23 2.99 -28.39
CA PHE D 630 30.42 3.17 -29.57
C PHE D 630 29.40 4.27 -29.31
N PRO D 631 28.82 4.85 -30.36
CA PRO D 631 27.71 5.77 -30.16
C PRO D 631 26.48 5.13 -29.54
N GLY D 632 25.45 5.95 -29.40
CA GLY D 632 24.19 5.53 -28.82
C GLY D 632 23.34 4.63 -29.69
N PRO D 633 23.01 5.09 -30.91
CA PRO D 633 22.01 4.37 -31.73
C PRO D 633 22.28 2.90 -31.92
N LEU D 634 23.55 2.55 -32.01
CA LEU D 634 23.99 1.17 -31.97
C LEU D 634 24.31 0.82 -30.53
N ASN D 635 23.78 -0.32 -30.09
CA ASN D 635 23.98 -0.73 -28.69
C ASN D 635 25.23 -1.58 -28.56
N ASP D 636 25.26 -2.73 -29.24
CA ASP D 636 26.29 -3.73 -29.04
C ASP D 636 26.05 -4.85 -30.02
N GLN D 637 26.87 -5.89 -29.91
CA GLN D 637 26.65 -7.14 -30.60
C GLN D 637 26.68 -8.25 -29.55
N ASP D 638 25.63 -9.06 -29.52
CA ASP D 638 25.49 -10.10 -28.52
C ASP D 638 25.99 -11.42 -29.06
N ASN D 639 26.28 -12.34 -28.14
CA ASN D 639 26.67 -13.70 -28.46
C ASN D 639 25.75 -14.64 -27.70
N GLU D 640 25.91 -15.96 -27.90
CA GLU D 640 24.91 -16.93 -27.48
C GLU D 640 25.32 -17.81 -26.31
N ASP D 641 26.60 -17.85 -25.92
CA ASP D 641 27.06 -18.85 -24.97
C ASP D 641 26.49 -18.65 -23.58
N CYS D 642 25.67 -19.60 -23.12
CA CYS D 642 25.09 -19.58 -21.77
C CYS D 642 25.57 -20.83 -21.05
N ILE D 643 26.44 -20.63 -20.08
CA ILE D 643 27.07 -21.72 -19.36
C ILE D 643 26.25 -22.03 -18.11
N ASN D 644 25.07 -21.43 -18.00
CA ASN D 644 24.25 -21.59 -16.80
C ASN D 644 23.80 -23.03 -16.66
N ARG D 645 24.28 -23.70 -15.63
CA ARG D 645 23.86 -25.05 -15.33
C ARG D 645 22.45 -25.04 -14.75
N HIS D 646 21.82 -26.23 -14.72
CA HIS D 646 20.56 -26.37 -14.00
C HIS D 646 20.74 -25.95 -12.55
N ASN D 647 21.59 -26.69 -11.84
CA ASN D 647 22.22 -26.20 -10.62
C ASN D 647 23.69 -25.96 -10.95
N VAL D 648 24.26 -24.92 -10.32
CA VAL D 648 25.52 -24.33 -10.76
C VAL D 648 26.67 -25.32 -10.70
N TYR D 649 26.47 -26.46 -10.01
CA TYR D 649 27.44 -27.56 -10.02
C TYR D 649 28.70 -27.18 -9.25
N ILE D 650 28.50 -26.50 -8.11
CA ILE D 650 29.60 -25.87 -7.39
C ILE D 650 30.15 -26.92 -6.45
N ASN D 651 30.99 -27.80 -6.97
CA ASN D 651 31.56 -28.86 -6.15
C ASN D 651 32.42 -28.26 -5.03
N GLY D 652 32.86 -29.13 -4.15
CA GLY D 652 33.57 -28.76 -2.95
C GLY D 652 32.69 -28.90 -1.73
N ILE D 653 32.93 -28.00 -0.77
CA ILE D 653 32.21 -28.07 0.51
C ILE D 653 30.72 -27.85 0.32
N THR D 654 30.36 -26.92 -0.56
CA THR D 654 28.99 -26.45 -0.63
C THR D 654 28.65 -26.06 -2.05
N TYR D 655 27.35 -25.88 -2.28
CA TYR D 655 26.81 -25.33 -3.51
C TYR D 655 26.39 -23.89 -3.28
N THR D 656 26.30 -23.15 -4.38
CA THR D 656 26.07 -21.71 -4.30
C THR D 656 25.68 -21.23 -5.70
N PRO D 657 24.88 -20.14 -5.81
CA PRO D 657 24.21 -19.85 -7.08
C PRO D 657 25.08 -19.13 -8.09
N VAL D 658 24.49 -18.66 -9.19
CA VAL D 658 25.22 -17.93 -10.22
C VAL D 658 25.05 -16.44 -10.01
N SER D 659 25.88 -15.66 -10.70
CA SER D 659 25.77 -14.21 -10.71
C SER D 659 26.70 -13.66 -11.79
N SER D 660 26.43 -12.43 -12.20
CA SER D 660 27.26 -11.75 -13.18
C SER D 660 28.46 -11.14 -12.50
N THR D 661 29.57 -11.10 -13.23
CA THR D 661 30.80 -10.54 -12.71
C THR D 661 30.82 -9.04 -12.93
N ASN D 662 31.98 -8.46 -12.68
CA ASN D 662 32.24 -7.06 -12.95
C ASN D 662 33.76 -6.90 -13.03
N GLU D 663 34.26 -6.82 -14.26
CA GLU D 663 35.71 -6.83 -14.48
C GLU D 663 35.99 -6.41 -15.91
N LYS D 664 37.27 -6.14 -16.19
CA LYS D 664 37.64 -5.60 -17.48
C LYS D 664 37.94 -6.72 -18.48
N ASP D 665 37.71 -6.42 -19.76
CA ASP D 665 37.68 -7.38 -20.84
C ASP D 665 38.39 -6.78 -22.06
N MET D 666 38.81 -7.67 -22.95
CA MET D 666 39.47 -7.25 -24.18
C MET D 666 38.48 -6.59 -25.12
N TYR D 667 37.33 -7.20 -25.31
CA TYR D 667 36.21 -6.53 -25.94
C TYR D 667 36.02 -5.14 -25.36
N SER D 668 36.10 -5.03 -24.04
CA SER D 668 35.95 -3.73 -23.41
C SER D 668 37.16 -2.85 -23.68
N PHE D 669 38.34 -3.46 -23.79
CA PHE D 669 39.53 -2.67 -24.06
C PHE D 669 39.40 -2.01 -25.42
N LEU D 670 38.87 -2.75 -26.38
CA LEU D 670 38.71 -2.22 -27.72
C LEU D 670 37.47 -1.36 -27.82
N GLU D 671 36.57 -1.45 -26.85
CA GLU D 671 35.44 -0.56 -26.81
C GLU D 671 35.86 0.82 -26.36
N ASP D 672 36.45 0.91 -25.16
CA ASP D 672 36.87 2.22 -24.70
C ASP D 672 38.04 2.72 -25.53
N MET D 673 38.75 1.81 -26.20
CA MET D 673 39.63 2.24 -27.28
C MET D 673 38.89 3.12 -28.25
N GLY D 674 37.68 2.72 -28.60
CA GLY D 674 36.81 3.47 -29.50
C GLY D 674 36.36 2.67 -30.70
N LEU D 675 37.10 1.62 -31.06
CA LEU D 675 36.88 0.91 -32.32
C LEU D 675 36.13 -0.40 -32.09
N LYS D 676 35.91 -1.12 -33.18
CA LYS D 676 35.30 -2.44 -33.17
C LYS D 676 36.10 -3.33 -34.11
N ALA D 677 35.99 -4.62 -33.88
CA ALA D 677 36.78 -5.60 -34.61
C ALA D 677 36.01 -6.90 -34.73
N PHE D 678 36.42 -7.73 -35.68
CA PHE D 678 35.94 -9.09 -35.82
C PHE D 678 37.11 -10.06 -35.68
N THR D 679 36.81 -11.22 -35.09
CA THR D 679 37.76 -12.28 -34.79
C THR D 679 36.90 -13.48 -34.36
N ASN D 680 37.57 -14.61 -34.11
CA ASN D 680 36.92 -15.78 -33.53
C ASN D 680 37.36 -16.08 -32.10
N SER D 681 38.52 -15.59 -31.68
CA SER D 681 39.05 -15.96 -30.38
C SER D 681 38.15 -15.47 -29.26
N LYS D 682 38.43 -15.98 -28.07
CA LYS D 682 37.69 -15.61 -26.88
C LYS D 682 38.11 -14.20 -26.47
N ILE D 683 37.36 -13.21 -26.89
CA ILE D 683 37.60 -11.82 -26.54
C ILE D 683 36.70 -11.36 -25.43
N ARG D 684 35.42 -11.66 -25.57
CA ARG D 684 34.43 -11.27 -24.59
C ARG D 684 34.34 -12.33 -23.50
N LYS D 685 34.02 -11.88 -22.32
CA LYS D 685 33.88 -12.85 -21.25
C LYS D 685 32.66 -13.73 -21.50
N PRO D 686 32.67 -15.00 -21.08
CA PRO D 686 31.51 -15.86 -21.37
C PRO D 686 30.31 -15.51 -20.51
N LYS D 687 29.75 -14.33 -20.75
CA LYS D 687 28.58 -13.91 -20.01
C LYS D 687 27.43 -14.85 -20.33
N MET D 688 27.00 -15.59 -19.33
CA MET D 688 25.84 -16.44 -19.47
C MET D 688 24.60 -15.63 -19.85
N CYS D 689 23.57 -16.36 -20.20
CA CYS D 689 22.28 -15.78 -20.50
C CYS D 689 21.46 -15.61 -19.21
N PRO D 690 20.62 -14.58 -19.13
CA PRO D 690 19.90 -14.32 -17.87
C PRO D 690 18.93 -15.45 -17.53
N GLN D 691 18.26 -15.27 -16.40
CA GLN D 691 17.41 -16.33 -15.85
C GLN D 691 16.12 -16.44 -16.66
N LEU D 692 15.80 -17.67 -17.08
CA LEU D 692 14.54 -17.95 -17.75
C LEU D 692 13.36 -17.94 -16.79
N GLN D 693 13.61 -17.96 -15.48
CA GLN D 693 12.53 -18.01 -14.51
C GLN D 693 11.76 -16.70 -14.48
N GLN D 694 10.46 -16.76 -14.74
CA GLN D 694 9.59 -15.60 -14.69
C GLN D 694 8.21 -16.07 -14.29
N TYR D 695 7.27 -15.13 -14.22
CA TYR D 695 5.88 -15.42 -13.83
C TYR D 695 4.98 -15.33 -15.06
N THR D 730 57.29 65.99 -39.91
CA THR D 730 58.15 64.86 -40.24
C THR D 730 57.38 63.55 -40.39
N VAL D 731 56.16 63.50 -39.86
CA VAL D 731 55.35 62.28 -39.92
C VAL D 731 53.93 62.66 -40.31
N ARG D 732 53.25 61.70 -40.94
CA ARG D 732 51.87 61.84 -41.36
C ARG D 732 51.18 60.53 -41.01
N LYS D 733 50.23 60.61 -40.09
CA LYS D 733 49.53 59.44 -39.60
C LYS D 733 48.92 58.63 -40.74
N TYR D 734 48.98 57.32 -40.59
CA TYR D 734 48.36 56.35 -41.47
C TYR D 734 47.54 55.43 -40.58
N PHE D 735 46.76 54.52 -41.17
CA PHE D 735 45.61 53.98 -40.45
C PHE D 735 46.06 53.16 -39.24
N PRO D 736 45.52 53.42 -38.05
CA PRO D 736 45.79 52.54 -36.93
C PRO D 736 44.75 51.45 -36.86
N GLU D 737 44.80 50.67 -35.78
CA GLU D 737 43.91 49.55 -35.52
C GLU D 737 44.14 48.40 -36.48
N THR D 738 45.17 48.49 -37.31
CA THR D 738 45.54 47.46 -38.25
C THR D 738 46.85 47.95 -38.85
N TRP D 739 47.76 47.02 -39.15
CA TRP D 739 48.97 47.34 -39.90
C TRP D 739 49.01 46.52 -41.17
N ILE D 740 48.85 45.21 -41.02
CA ILE D 740 48.97 44.29 -42.14
C ILE D 740 47.87 43.28 -42.06
N TRP D 741 47.25 43.02 -43.20
CA TRP D 741 46.16 42.08 -43.30
C TRP D 741 46.24 41.56 -44.73
N ASP D 742 46.96 40.46 -44.92
CA ASP D 742 47.22 40.06 -46.30
C ASP D 742 47.49 38.57 -46.37
N LEU D 743 47.50 38.06 -47.60
CA LEU D 743 47.93 36.72 -47.92
C LEU D 743 49.29 36.80 -48.57
N VAL D 744 50.03 35.72 -48.46
CA VAL D 744 51.37 35.65 -49.06
C VAL D 744 51.66 34.21 -49.37
N VAL D 745 52.69 34.00 -50.18
CA VAL D 745 53.09 32.67 -50.61
C VAL D 745 54.47 32.38 -50.07
N VAL D 746 54.65 31.14 -49.59
CA VAL D 746 55.93 30.66 -49.12
C VAL D 746 56.55 29.85 -50.24
N ASN D 747 57.67 30.35 -50.73
CA ASN D 747 58.52 29.69 -51.69
C ASN D 747 59.24 28.55 -50.98
N SER D 748 60.19 27.92 -51.67
CA SER D 748 60.96 26.83 -51.09
C SER D 748 62.14 27.32 -50.27
N ALA D 749 62.09 28.56 -49.79
CA ALA D 749 63.15 29.12 -48.95
C ALA D 749 62.59 29.99 -47.84
N GLY D 750 61.29 29.91 -47.56
CA GLY D 750 60.69 30.80 -46.59
C GLY D 750 60.56 32.20 -47.17
N VAL D 751 59.59 32.93 -46.69
CA VAL D 751 59.24 34.22 -47.27
C VAL D 751 59.78 35.35 -46.41
N ALA D 752 59.92 36.50 -47.04
CA ALA D 752 60.30 37.72 -46.35
C ALA D 752 59.70 38.89 -47.11
N GLU D 753 58.72 39.53 -46.51
CA GLU D 753 58.10 40.71 -47.06
C GLU D 753 58.63 41.93 -46.33
N VAL D 754 58.36 43.09 -46.92
CA VAL D 754 58.79 44.38 -46.40
C VAL D 754 57.56 45.13 -45.93
N GLY D 755 57.38 45.15 -44.61
CA GLY D 755 56.39 46.03 -44.03
C GLY D 755 56.89 47.45 -43.98
N VAL D 756 55.95 48.35 -43.69
CA VAL D 756 56.14 49.77 -43.85
C VAL D 756 55.70 50.42 -42.54
N THR D 757 56.67 50.90 -41.78
CA THR D 757 56.45 51.41 -40.43
C THR D 757 55.41 52.51 -40.46
N VAL D 758 54.26 52.23 -39.87
CA VAL D 758 53.22 53.23 -39.71
C VAL D 758 53.73 54.35 -38.81
N PRO D 759 53.42 55.64 -39.06
CA PRO D 759 53.78 56.68 -38.10
C PRO D 759 52.73 56.91 -37.04
N ASP D 760 53.09 57.78 -36.09
CA ASP D 760 52.18 58.35 -35.11
C ASP D 760 51.34 57.28 -34.41
N THR D 761 52.04 56.28 -33.88
CA THR D 761 51.40 55.20 -33.14
C THR D 761 52.48 54.42 -32.41
N ILE D 762 52.21 54.06 -31.16
CA ILE D 762 53.20 53.39 -30.32
C ILE D 762 52.50 52.39 -29.41
N THR D 763 52.67 51.12 -29.70
CA THR D 763 52.15 50.04 -28.85
C THR D 763 52.77 48.73 -29.32
N GLU D 764 52.23 47.61 -28.82
CA GLU D 764 52.58 46.29 -29.31
C GLU D 764 51.98 46.10 -30.70
N TRP D 765 52.44 45.08 -31.41
CA TRP D 765 52.09 44.86 -32.81
C TRP D 765 51.82 43.38 -32.97
N LYS D 766 50.60 42.99 -32.68
CA LYS D 766 50.27 41.58 -32.62
C LYS D 766 50.34 41.05 -34.04
N ALA D 767 51.44 40.35 -34.32
CA ALA D 767 51.66 39.68 -35.60
C ALA D 767 51.12 38.27 -35.45
N GLY D 768 50.35 37.84 -36.43
CA GLY D 768 49.74 36.53 -36.42
C GLY D 768 49.91 35.85 -37.74
N ALA D 769 50.46 34.65 -37.71
CA ALA D 769 50.79 33.93 -38.92
C ALA D 769 49.97 32.66 -38.95
N PHE D 770 49.20 32.50 -40.02
CA PHE D 770 48.35 31.34 -40.19
C PHE D 770 48.59 30.75 -41.57
N CYS D 771 49.37 29.69 -41.63
CA CYS D 771 49.86 29.20 -42.89
C CYS D 771 49.18 27.90 -43.27
N LEU D 772 49.30 27.57 -44.55
CA LEU D 772 48.55 26.46 -45.10
C LEU D 772 49.23 25.92 -46.35
N SER D 773 49.32 24.60 -46.42
CA SER D 773 49.81 23.88 -47.58
C SER D 773 49.03 22.58 -47.68
N GLU D 774 48.80 22.12 -48.90
CA GLU D 774 48.12 20.84 -49.08
C GLU D 774 48.90 19.69 -48.47
N ASP D 775 50.23 19.76 -48.50
CA ASP D 775 51.07 18.65 -48.08
C ASP D 775 51.23 18.58 -46.56
N ALA D 776 51.62 19.69 -45.94
CA ALA D 776 51.93 19.71 -44.52
C ALA D 776 50.74 20.13 -43.66
N GLY D 777 49.68 20.67 -44.25
CA GLY D 777 48.53 21.13 -43.50
C GLY D 777 48.65 22.58 -43.09
N LEU D 778 48.10 22.92 -41.92
CA LEU D 778 48.09 24.29 -41.45
C LEU D 778 49.21 24.53 -40.44
N GLY D 779 49.34 25.81 -40.07
CA GLY D 779 50.35 26.22 -39.13
C GLY D 779 50.01 27.52 -38.45
N ILE D 780 50.43 27.66 -37.21
CA ILE D 780 50.08 28.77 -36.35
C ILE D 780 51.36 29.29 -35.76
N SER D 781 51.70 30.52 -36.13
CA SER D 781 52.96 31.16 -35.66
C SER D 781 52.59 32.30 -34.71
N SER D 782 53.60 32.85 -34.02
CA SER D 782 53.37 33.53 -32.76
C SER D 782 53.06 35.02 -32.82
N THR D 783 52.97 35.60 -31.63
CA THR D 783 52.45 36.93 -31.36
C THR D 783 53.52 38.00 -31.47
N ALA D 784 54.44 37.84 -32.41
CA ALA D 784 55.57 38.73 -32.60
C ALA D 784 55.19 40.21 -32.62
N SER D 785 55.78 40.99 -31.72
CA SER D 785 55.55 42.43 -31.68
C SER D 785 56.58 43.15 -32.52
N LEU D 786 56.42 44.46 -32.63
CA LEU D 786 57.36 45.28 -33.38
C LEU D 786 57.48 46.63 -32.72
N ARG D 787 57.69 46.62 -31.42
CA ARG D 787 57.55 47.79 -30.57
C ARG D 787 58.36 48.97 -31.07
N ALA D 788 57.67 49.98 -31.56
CA ALA D 788 58.33 51.18 -32.06
C ALA D 788 58.79 52.05 -30.90
N PHE D 789 59.34 53.20 -31.25
CA PHE D 789 59.74 54.16 -30.22
C PHE D 789 60.04 55.50 -30.87
N GLN D 790 59.94 56.55 -30.05
CA GLN D 790 60.42 57.87 -30.39
C GLN D 790 61.15 58.34 -29.14
N PRO D 791 62.39 58.84 -29.25
CA PRO D 791 63.05 59.40 -28.05
C PRO D 791 62.29 60.52 -27.43
N PHE D 792 61.72 61.41 -28.22
CA PHE D 792 61.01 62.57 -27.71
C PHE D 792 59.78 62.76 -28.57
N PHE D 793 58.60 62.64 -27.98
CA PHE D 793 57.39 62.72 -28.76
C PHE D 793 56.32 63.46 -27.98
N VAL D 794 55.16 63.57 -28.61
CA VAL D 794 54.04 64.29 -28.05
C VAL D 794 52.78 63.51 -28.41
N GLU D 795 51.98 63.23 -27.39
CA GLU D 795 50.68 62.61 -27.53
C GLU D 795 49.64 63.62 -27.09
N LEU D 796 48.43 63.44 -27.55
CA LEU D 796 47.31 64.28 -27.17
C LEU D 796 46.22 63.42 -26.58
N THR D 797 45.12 64.08 -26.25
CA THR D 797 43.94 63.40 -25.78
C THR D 797 42.76 64.35 -25.84
N MET D 798 41.63 63.77 -26.25
CA MET D 798 40.40 64.47 -26.53
C MET D 798 39.36 63.38 -26.80
N PRO D 799 38.09 63.63 -26.53
CA PRO D 799 37.12 62.54 -26.59
C PRO D 799 36.94 61.95 -27.98
N TYR D 800 36.34 60.76 -28.06
CA TYR D 800 36.04 60.17 -29.37
C TYR D 800 35.17 61.09 -30.20
N SER D 801 34.36 61.92 -29.58
CA SER D 801 33.44 62.78 -30.31
C SER D 801 33.03 63.92 -29.40
N VAL D 802 32.55 64.99 -30.01
CA VAL D 802 32.11 66.20 -29.33
C VAL D 802 30.86 66.71 -30.04
N ILE D 803 30.39 67.89 -29.63
CA ILE D 803 29.22 68.51 -30.24
C ILE D 803 29.57 69.93 -30.65
N ARG D 804 28.93 70.36 -31.74
CA ARG D 804 29.11 71.70 -32.29
C ARG D 804 28.61 72.80 -31.36
N GLY D 805 27.75 72.49 -30.42
CA GLY D 805 27.12 73.52 -29.62
C GLY D 805 28.02 74.08 -28.55
N GLU D 806 28.47 73.21 -27.65
CA GLU D 806 29.28 73.61 -26.52
C GLU D 806 30.77 73.50 -26.87
N ALA D 807 31.61 73.87 -25.91
CA ALA D 807 33.06 73.77 -26.02
C ALA D 807 33.53 72.53 -25.28
N PHE D 808 34.84 72.32 -25.32
CA PHE D 808 35.46 71.20 -24.62
C PHE D 808 36.96 71.44 -24.58
N THR D 809 37.62 70.74 -23.66
CA THR D 809 39.05 70.88 -23.52
C THR D 809 39.77 69.84 -24.37
N LEU D 810 41.04 70.13 -24.63
CA LEU D 810 41.92 69.26 -25.37
C LEU D 810 43.26 69.31 -24.68
N LYS D 811 43.78 68.15 -24.28
CA LYS D 811 45.04 68.09 -23.56
C LYS D 811 46.11 67.54 -24.48
N ALA D 812 47.32 68.08 -24.36
CA ALA D 812 48.45 67.66 -25.19
C ALA D 812 49.67 67.54 -24.30
N THR D 813 50.13 66.31 -24.12
CA THR D 813 51.28 66.00 -23.30
C THR D 813 52.48 65.70 -24.19
N VAL D 814 53.65 66.10 -23.73
CA VAL D 814 54.92 65.86 -24.41
C VAL D 814 55.83 65.10 -23.45
N LEU D 815 56.47 64.06 -23.97
CA LEU D 815 57.19 63.07 -23.19
C LEU D 815 58.63 62.97 -23.70
N ASN D 816 59.56 62.92 -22.75
CA ASN D 816 60.99 62.75 -22.99
C ASN D 816 61.46 61.49 -22.27
N TYR D 817 62.18 60.64 -23.01
CA TYR D 817 62.87 59.49 -22.44
C TYR D 817 64.37 59.61 -22.46
N LEU D 818 64.92 60.55 -23.23
CA LEU D 818 66.35 60.69 -23.29
C LEU D 818 66.87 61.32 -22.00
N PRO D 819 68.10 60.99 -21.50
CA PRO D 819 68.73 61.60 -20.27
C PRO D 819 68.90 63.12 -20.52
N LYS D 820 69.18 63.51 -21.76
CA LYS D 820 69.47 64.96 -21.99
C LYS D 820 68.16 65.73 -21.98
N CYS D 821 68.04 66.63 -21.00
CA CYS D 821 66.73 67.21 -20.70
C CYS D 821 66.79 68.74 -20.95
N ILE D 822 65.84 69.01 -21.83
CA ILE D 822 65.85 70.16 -22.76
C ILE D 822 64.51 70.90 -22.76
N ARG D 823 64.55 72.21 -23.00
CA ARG D 823 63.29 72.99 -23.15
C ARG D 823 62.71 72.70 -24.53
N VAL D 824 61.40 72.57 -24.61
CA VAL D 824 60.73 72.32 -25.93
C VAL D 824 59.65 73.38 -26.13
N SER D 825 59.51 73.86 -27.37
CA SER D 825 58.38 74.78 -27.67
C SER D 825 57.30 73.92 -28.31
N VAL D 826 56.14 73.83 -27.65
CA VAL D 826 54.98 73.12 -28.16
C VAL D 826 53.99 74.17 -28.65
N GLN D 827 53.23 73.78 -29.66
CA GLN D 827 52.18 74.63 -30.19
C GLN D 827 51.22 73.72 -30.93
N LEU D 828 50.13 74.33 -31.41
CA LEU D 828 49.08 73.63 -32.11
C LEU D 828 48.79 74.35 -33.41
N GLU D 829 48.61 73.58 -34.47
CA GLU D 829 48.13 74.11 -35.74
C GLU D 829 46.63 73.85 -35.80
N ALA D 830 45.90 74.96 -35.86
CA ALA D 830 44.44 75.01 -35.81
C ALA D 830 43.90 75.46 -37.16
N SER D 831 42.65 75.07 -37.42
CA SER D 831 41.93 75.35 -38.64
C SER D 831 40.84 76.38 -38.39
N PRO D 832 40.23 76.90 -39.45
CA PRO D 832 38.99 77.67 -39.27
C PRO D 832 37.77 76.82 -38.95
N ALA D 833 37.89 75.49 -38.92
CA ALA D 833 36.74 74.64 -38.67
C ALA D 833 36.30 74.64 -37.21
N PHE D 834 36.93 75.42 -36.35
CA PHE D 834 36.58 75.47 -34.94
C PHE D 834 37.13 76.76 -34.36
N LEU D 835 37.19 76.82 -33.03
CA LEU D 835 37.83 77.93 -32.33
C LEU D 835 38.53 77.38 -31.10
N ALA D 836 39.85 77.48 -31.08
CA ALA D 836 40.67 77.02 -29.96
C ALA D 836 41.32 78.20 -29.26
N VAL D 837 41.69 77.99 -28.00
CA VAL D 837 42.29 79.04 -27.17
C VAL D 837 43.27 78.36 -26.20
N PRO D 838 44.42 78.96 -25.91
CA PRO D 838 45.32 78.39 -24.90
C PRO D 838 44.89 78.72 -23.49
N VAL D 839 45.58 78.08 -22.55
CA VAL D 839 45.33 78.23 -21.13
C VAL D 839 46.58 78.71 -20.38
N GLU D 840 47.74 78.16 -20.73
CA GLU D 840 49.00 78.50 -20.08
C GLU D 840 50.10 78.66 -21.14
N LYS D 841 49.74 79.21 -22.29
CA LYS D 841 50.71 79.39 -23.37
C LYS D 841 51.79 80.39 -22.98
N GLU D 842 51.39 81.52 -22.41
CA GLU D 842 52.29 82.64 -22.11
C GLU D 842 53.52 82.19 -21.33
N GLN D 843 53.38 81.20 -20.47
CA GLN D 843 54.52 80.71 -19.69
C GLN D 843 55.39 79.80 -20.55
N ALA D 844 56.69 79.83 -20.29
CA ALA D 844 57.65 79.05 -21.04
C ALA D 844 57.99 77.78 -20.27
N PRO D 845 57.68 76.57 -20.79
CA PRO D 845 58.15 75.35 -20.12
C PRO D 845 59.67 75.35 -19.92
N HIS D 846 60.11 74.62 -18.90
CA HIS D 846 61.52 74.63 -18.54
C HIS D 846 62.27 73.49 -19.22
N CYS D 847 61.87 72.24 -18.98
CA CYS D 847 62.48 71.07 -19.56
C CYS D 847 61.76 69.85 -19.04
N ILE D 848 62.09 68.68 -19.58
CA ILE D 848 61.60 67.42 -19.02
C ILE D 848 62.68 66.36 -19.22
N CYS D 849 62.91 65.53 -18.21
CA CYS D 849 64.08 64.67 -18.18
C CYS D 849 63.60 63.27 -18.53
N ALA D 850 64.52 62.31 -18.51
CA ALA D 850 64.16 60.94 -18.89
C ALA D 850 62.95 60.44 -18.11
N ASN D 851 61.95 59.99 -18.85
CA ASN D 851 60.63 59.70 -18.30
C ASN D 851 59.95 60.96 -17.78
N GLY D 852 60.29 62.13 -18.38
CA GLY D 852 59.72 63.38 -17.98
C GLY D 852 58.60 63.73 -18.94
N ARG D 853 57.42 63.97 -18.39
CA ARG D 853 56.25 64.31 -19.17
C ARG D 853 55.63 65.57 -18.62
N GLN D 854 55.36 66.53 -19.50
CA GLN D 854 54.62 67.73 -19.15
C GLN D 854 53.46 67.86 -20.13
N THR D 855 52.57 68.82 -19.86
CA THR D 855 51.29 68.86 -20.56
C THR D 855 50.78 70.30 -20.62
N VAL D 856 50.02 70.57 -21.69
CA VAL D 856 49.40 71.85 -21.93
C VAL D 856 47.96 71.63 -22.37
N SER D 857 47.05 72.48 -21.89
CA SER D 857 45.63 72.37 -22.15
C SER D 857 45.18 73.42 -23.16
N TRP D 858 44.01 73.15 -23.75
CA TRP D 858 43.40 74.08 -24.68
C TRP D 858 41.90 74.01 -24.49
N ALA D 859 41.25 75.15 -24.64
CA ALA D 859 39.80 75.26 -24.61
C ALA D 859 39.36 75.49 -26.04
N VAL D 860 38.70 74.50 -26.62
CA VAL D 860 38.37 74.51 -28.03
C VAL D 860 36.93 74.09 -28.22
N THR D 861 36.28 74.71 -29.19
CA THR D 861 34.88 74.48 -29.48
C THR D 861 34.73 74.26 -30.99
N PRO D 862 34.04 73.22 -31.44
CA PRO D 862 34.01 72.94 -32.87
C PRO D 862 33.00 73.80 -33.61
N LYS D 863 33.25 73.98 -34.89
CA LYS D 863 32.38 74.75 -35.79
C LYS D 863 31.91 73.94 -36.99
N SER D 864 32.75 73.10 -37.56
CA SER D 864 32.34 72.26 -38.68
C SER D 864 31.52 71.08 -38.15
N LEU D 865 31.26 70.10 -39.00
CA LEU D 865 30.59 68.88 -38.58
C LEU D 865 31.31 67.65 -39.12
N GLY D 866 31.24 66.56 -38.35
CA GLY D 866 31.78 65.29 -38.81
C GLY D 866 33.18 65.01 -38.32
N ASN D 867 34.03 64.44 -39.18
CA ASN D 867 35.43 64.21 -38.85
C ASN D 867 36.22 65.44 -39.22
N VAL D 868 36.89 66.03 -38.24
CA VAL D 868 37.59 67.29 -38.41
C VAL D 868 38.99 67.14 -37.85
N ASN D 869 39.95 67.53 -38.69
CA ASN D 869 41.37 67.37 -38.31
C ASN D 869 41.77 68.33 -37.19
N PHE D 870 42.97 68.15 -36.67
CA PHE D 870 43.56 68.96 -35.63
C PHE D 870 45.04 68.67 -35.68
N THR D 871 45.90 69.60 -35.25
CA THR D 871 47.31 69.30 -35.31
C THR D 871 48.07 69.93 -34.16
N VAL D 872 49.12 69.22 -33.73
CA VAL D 872 50.04 69.69 -32.71
C VAL D 872 51.45 69.50 -33.23
N SER D 873 52.35 70.37 -32.79
CA SER D 873 53.75 70.35 -33.20
C SER D 873 54.62 70.77 -32.04
N ALA D 874 55.58 69.92 -31.67
CA ALA D 874 56.54 70.21 -30.61
C ALA D 874 57.94 70.11 -31.18
N GLU D 875 58.76 71.14 -30.92
CA GLU D 875 60.13 71.20 -31.41
C GLU D 875 61.06 71.62 -30.29
N ALA D 876 62.21 70.98 -30.22
CA ALA D 876 63.14 71.26 -29.14
C ALA D 876 63.74 72.65 -29.29
N LEU D 877 64.29 73.15 -28.18
CA LEU D 877 64.89 74.48 -28.10
C LEU D 877 66.26 74.37 -27.48
N GLU D 878 67.19 75.23 -27.92
CA GLU D 878 68.57 75.23 -27.44
C GLU D 878 68.94 76.61 -26.90
N SER D 879 70.10 76.66 -26.25
CA SER D 879 70.69 77.91 -25.78
C SER D 879 69.84 78.57 -24.71
N GLN D 880 69.25 77.75 -23.84
CA GLN D 880 68.44 78.23 -22.73
C GLN D 880 68.85 77.45 -21.46
N GLU D 881 70.16 77.44 -21.18
CA GLU D 881 70.69 76.67 -20.05
C GLU D 881 70.31 77.33 -18.73
N LEU D 882 69.02 77.29 -18.40
CA LEU D 882 68.46 77.88 -17.19
C LEU D 882 67.90 76.85 -16.24
N CYS D 883 67.10 75.90 -16.74
CA CYS D 883 66.46 74.93 -15.87
C CYS D 883 67.47 73.90 -15.36
N GLY D 884 68.09 73.17 -16.27
CA GLY D 884 69.08 72.16 -15.95
C GLY D 884 70.49 72.66 -16.18
N THR D 885 71.39 71.72 -16.48
CA THR D 885 72.80 72.03 -16.72
C THR D 885 73.06 72.38 -18.19
N GLU D 886 72.54 71.57 -19.11
CA GLU D 886 72.70 71.80 -20.54
C GLU D 886 71.38 71.55 -21.25
N VAL D 887 71.33 71.98 -22.51
CA VAL D 887 70.15 71.84 -23.36
C VAL D 887 70.62 71.72 -24.81
N PRO D 888 71.06 70.54 -25.25
CA PRO D 888 71.53 70.41 -26.65
C PRO D 888 70.45 70.67 -27.68
N SER D 889 69.33 69.94 -27.61
CA SER D 889 68.24 70.05 -28.57
C SER D 889 68.73 69.84 -29.98
N VAL D 890 69.27 68.65 -30.22
CA VAL D 890 69.73 68.26 -31.56
C VAL D 890 69.21 66.85 -31.87
N PRO D 891 67.91 66.67 -32.11
CA PRO D 891 67.44 65.37 -32.59
C PRO D 891 67.65 65.20 -34.09
N GLU D 892 67.13 64.11 -34.64
CA GLU D 892 67.30 63.76 -36.05
C GLU D 892 66.63 64.79 -36.97
N HIS D 893 66.72 64.57 -38.28
CA HIS D 893 66.18 65.53 -39.25
C HIS D 893 64.72 65.85 -39.00
N GLY D 894 63.94 64.87 -38.56
CA GLY D 894 62.57 65.10 -38.16
C GLY D 894 62.51 65.44 -36.69
N ARG D 895 63.30 66.43 -36.29
CA ARG D 895 63.47 66.74 -34.87
C ARG D 895 62.17 67.12 -34.19
N LYS D 896 61.24 67.71 -34.92
CA LYS D 896 59.99 68.22 -34.37
C LYS D 896 58.90 67.19 -34.58
N ASP D 897 58.32 66.70 -33.49
CA ASP D 897 57.21 65.76 -33.55
C ASP D 897 55.97 66.54 -33.94
N THR D 898 55.49 66.30 -35.17
CA THR D 898 54.23 66.84 -35.66
C THR D 898 53.24 65.70 -35.72
N VAL D 899 52.03 65.94 -35.22
CA VAL D 899 50.98 64.92 -35.22
C VAL D 899 49.66 65.58 -35.57
N ILE D 900 49.03 65.02 -36.61
CA ILE D 900 47.70 65.51 -37.09
C ILE D 900 46.69 64.42 -36.75
N LYS D 901 45.65 64.76 -35.99
CA LYS D 901 44.64 63.81 -35.57
C LYS D 901 43.26 64.40 -35.75
N PRO D 902 42.27 63.61 -36.20
CA PRO D 902 40.92 64.17 -36.30
C PRO D 902 40.11 63.87 -35.06
N LEU D 903 38.90 64.38 -35.06
CA LEU D 903 37.92 64.00 -34.05
C LEU D 903 36.53 64.08 -34.66
N LEU D 904 35.60 63.40 -34.01
CA LEU D 904 34.21 63.39 -34.43
C LEU D 904 33.51 64.57 -33.76
N VAL D 905 32.54 65.14 -34.46
CA VAL D 905 31.61 66.08 -33.86
C VAL D 905 30.24 65.87 -34.48
N GLU D 906 29.25 65.79 -33.61
CA GLU D 906 27.85 65.73 -33.95
C GLU D 906 27.24 67.11 -33.83
N PRO D 907 26.13 67.37 -34.51
CA PRO D 907 25.58 68.71 -34.49
C PRO D 907 24.94 69.03 -33.14
N GLU D 908 24.74 70.32 -32.91
CA GLU D 908 24.13 70.76 -31.67
C GLU D 908 22.67 70.33 -31.58
N GLY D 909 22.04 70.66 -30.47
CA GLY D 909 20.63 70.39 -30.29
C GLY D 909 20.34 68.94 -29.94
N LEU D 910 19.17 68.72 -29.36
CA LEU D 910 18.79 67.37 -28.96
C LEU D 910 18.43 66.56 -30.19
N GLU D 911 19.21 65.51 -30.43
CA GLU D 911 18.94 64.61 -31.54
C GLU D 911 17.63 63.88 -31.31
N LYS D 912 16.94 63.61 -32.41
CA LYS D 912 15.73 62.81 -32.36
C LYS D 912 15.55 62.10 -33.69
N GLU D 913 14.47 61.36 -33.80
CA GLU D 913 14.16 60.55 -34.96
C GLU D 913 12.73 60.75 -35.39
N THR D 914 12.41 60.16 -36.53
CA THR D 914 11.04 60.10 -37.01
C THR D 914 10.90 58.84 -37.84
N THR D 915 10.13 57.88 -37.32
CA THR D 915 9.94 56.59 -37.96
C THR D 915 8.80 56.65 -38.96
N PHE D 916 9.00 55.99 -40.09
CA PHE D 916 7.96 55.82 -41.10
C PHE D 916 8.09 54.44 -41.67
N ASN D 917 7.06 53.99 -42.37
CA ASN D 917 7.05 52.62 -42.86
C ASN D 917 6.05 52.49 -43.99
N SER D 918 6.08 51.32 -44.63
CA SER D 918 5.13 50.98 -45.68
C SER D 918 5.35 49.54 -46.08
N LEU D 919 4.25 48.89 -46.45
CA LEU D 919 4.26 47.55 -47.04
C LEU D 919 3.57 47.65 -48.37
N LEU D 920 4.25 47.20 -49.42
CA LEU D 920 3.76 47.27 -50.79
C LEU D 920 3.91 45.90 -51.40
N CYS D 921 2.84 45.40 -52.00
CA CYS D 921 2.80 44.01 -52.49
C CYS D 921 1.95 43.92 -53.73
N PRO D 922 2.47 44.34 -54.88
CA PRO D 922 1.80 44.01 -56.16
C PRO D 922 1.80 42.51 -56.36
N SER D 923 0.60 41.95 -56.56
CA SER D 923 0.43 40.52 -56.81
C SER D 923 0.35 40.29 -58.31
N GLY D 924 1.52 40.26 -58.93
CA GLY D 924 1.57 40.22 -60.39
C GLY D 924 1.17 41.53 -61.00
N GLY D 925 1.59 42.65 -60.41
CA GLY D 925 1.12 43.96 -60.84
C GLY D 925 2.01 45.08 -60.39
N GLU D 926 1.40 46.16 -59.95
CA GLU D 926 2.10 47.40 -59.63
C GLU D 926 1.45 48.03 -58.41
N VAL D 927 2.29 48.69 -57.60
CA VAL D 927 1.85 49.48 -56.47
C VAL D 927 2.74 50.72 -56.44
N SER D 928 2.25 51.78 -55.83
CA SER D 928 3.06 52.98 -55.63
C SER D 928 2.72 53.60 -54.29
N GLU D 929 3.54 54.56 -53.91
CA GLU D 929 3.36 55.28 -52.66
C GLU D 929 4.17 56.55 -52.74
N GLU D 930 3.92 57.44 -51.79
CA GLU D 930 4.68 58.66 -51.66
C GLU D 930 4.74 59.01 -50.20
N LEU D 931 5.93 59.31 -49.71
CA LEU D 931 6.15 59.61 -48.31
C LEU D 931 6.75 61.00 -48.17
N SER D 932 6.07 61.84 -47.38
CA SER D 932 6.44 63.24 -47.22
C SER D 932 7.22 63.37 -45.92
N LEU D 933 8.47 63.79 -46.04
CA LEU D 933 9.42 63.75 -44.93
C LEU D 933 10.11 65.10 -44.84
N LYS D 934 9.47 66.01 -44.12
CA LYS D 934 9.87 67.41 -44.07
C LYS D 934 9.69 67.90 -42.65
N LEU D 935 10.79 68.22 -41.99
CA LEU D 935 10.79 68.67 -40.61
C LEU D 935 11.69 69.89 -40.52
N PRO D 936 11.20 71.04 -40.98
CA PRO D 936 11.92 72.29 -40.84
C PRO D 936 11.84 72.91 -39.45
N PRO D 937 10.82 72.63 -38.61
CA PRO D 937 10.61 73.57 -37.49
C PRO D 937 11.67 73.40 -36.42
N ASN D 938 12.36 74.50 -36.10
CA ASN D 938 13.34 74.56 -35.01
C ASN D 938 14.45 73.53 -35.24
N VAL D 939 15.05 73.61 -36.43
CA VAL D 939 16.09 72.68 -36.84
C VAL D 939 17.23 73.49 -37.45
N VAL D 940 18.42 72.94 -37.35
CA VAL D 940 19.64 73.55 -37.85
C VAL D 940 20.02 72.89 -39.17
N GLU D 941 20.73 73.64 -39.99
CA GLU D 941 21.04 73.19 -41.34
C GLU D 941 21.87 71.91 -41.34
N GLU D 942 21.48 70.98 -42.19
CA GLU D 942 22.13 69.69 -42.44
C GLU D 942 22.08 68.74 -41.25
N SER D 943 21.44 69.12 -40.14
CA SER D 943 21.30 68.20 -39.02
C SER D 943 20.50 66.97 -39.39
N ALA D 944 19.71 67.03 -40.45
CA ALA D 944 18.77 65.98 -40.78
C ALA D 944 19.40 64.95 -41.70
N ARG D 945 18.84 63.75 -41.67
CA ARG D 945 19.29 62.69 -42.56
C ARG D 945 18.26 61.57 -42.47
N ALA D 946 17.91 60.98 -43.61
CA ALA D 946 16.92 59.93 -43.64
C ALA D 946 17.52 58.68 -44.24
N SER D 947 16.77 57.60 -44.12
CA SER D 947 17.33 56.29 -44.40
C SER D 947 16.17 55.32 -44.57
N VAL D 948 16.06 54.75 -45.76
CA VAL D 948 15.05 53.76 -46.06
C VAL D 948 15.72 52.40 -46.15
N SER D 949 14.93 51.38 -45.88
CA SER D 949 15.41 50.00 -45.84
C SER D 949 14.29 49.14 -46.38
N VAL D 950 14.65 48.12 -47.15
CA VAL D 950 13.68 47.29 -47.85
C VAL D 950 14.00 45.82 -47.56
N LEU D 951 12.93 45.04 -47.37
CA LEU D 951 13.05 43.69 -46.83
C LEU D 951 11.75 42.89 -46.93
N GLY D 952 11.78 41.69 -46.36
CA GLY D 952 10.61 40.95 -45.92
C GLY D 952 10.97 40.32 -44.58
N ASP D 953 10.20 40.60 -43.54
CA ASP D 953 10.70 40.45 -42.18
C ASP D 953 10.05 39.28 -41.43
N ILE D 954 9.78 38.17 -42.11
CA ILE D 954 9.27 36.99 -41.42
C ILE D 954 10.40 36.12 -40.90
N LEU D 955 11.54 36.14 -41.59
CA LEU D 955 12.59 35.17 -41.37
C LEU D 955 13.61 35.59 -40.33
N GLY D 956 13.39 36.73 -39.64
CA GLY D 956 14.35 37.16 -38.64
C GLY D 956 14.46 36.19 -37.49
N SER D 957 13.32 35.66 -37.03
CA SER D 957 13.27 34.68 -35.95
C SER D 957 12.64 33.36 -36.39
N ALA D 958 12.55 33.12 -37.70
CA ALA D 958 11.93 31.89 -38.17
C ALA D 958 12.89 30.71 -38.10
N MET D 959 14.11 30.94 -37.64
CA MET D 959 15.07 29.86 -37.47
C MET D 959 14.93 29.25 -36.08
N GLN D 960 15.14 30.08 -35.06
CA GLN D 960 15.40 29.60 -33.72
C GLN D 960 14.16 28.95 -33.12
N ASN D 961 13.10 29.75 -32.91
CA ASN D 961 11.87 29.26 -32.31
C ASN D 961 11.29 28.11 -33.11
N THR D 962 11.45 28.17 -34.43
CA THR D 962 10.86 27.18 -35.30
C THR D 962 11.49 25.82 -35.09
N GLN D 963 12.80 25.75 -35.21
CA GLN D 963 13.46 24.47 -35.06
C GLN D 963 13.42 24.01 -33.61
N ASN D 964 13.26 24.94 -32.68
CA ASN D 964 13.38 24.58 -31.27
C ASN D 964 12.18 23.76 -30.81
N LEU D 965 11.00 24.34 -30.87
CA LEU D 965 9.92 23.83 -30.07
C LEU D 965 9.26 22.64 -30.74
N LEU D 966 9.82 21.47 -30.49
CA LEU D 966 9.30 20.21 -30.96
C LEU D 966 9.61 19.16 -29.92
N GLN D 967 8.59 18.66 -29.23
CA GLN D 967 8.79 17.98 -27.96
C GLN D 967 7.89 16.75 -27.86
N MET D 968 8.30 15.85 -26.97
CA MET D 968 7.58 14.62 -26.66
C MET D 968 6.36 14.93 -25.82
N PRO D 969 5.21 14.31 -26.07
CA PRO D 969 4.08 14.46 -25.16
C PRO D 969 4.18 13.56 -23.94
N TYR D 970 3.77 14.11 -22.81
CA TYR D 970 3.61 13.38 -21.57
C TYR D 970 2.76 14.25 -20.64
N GLY D 971 2.53 13.76 -19.43
CA GLY D 971 1.82 14.54 -18.42
C GLY D 971 0.31 14.40 -18.51
N CYS D 972 -0.36 15.19 -17.67
CA CYS D 972 -1.82 15.15 -17.59
C CYS D 972 -2.40 15.84 -18.83
N GLY D 973 -3.73 15.89 -18.90
CA GLY D 973 -4.37 16.48 -20.05
C GLY D 973 -3.97 17.92 -20.29
N GLU D 974 -3.88 18.70 -19.21
CA GLU D 974 -3.43 20.08 -19.33
C GLU D 974 -2.01 20.14 -19.89
N GLN D 975 -1.06 19.51 -19.19
CA GLN D 975 0.31 19.50 -19.67
C GLN D 975 0.42 18.81 -21.02
N ASN D 976 -0.44 17.83 -21.28
CA ASN D 976 -0.41 17.16 -22.56
C ASN D 976 -0.74 18.13 -23.67
N MET D 977 -1.80 18.91 -23.49
CA MET D 977 -2.13 19.91 -24.48
C MET D 977 -1.03 20.94 -24.61
N VAL D 978 -0.45 21.33 -23.47
CA VAL D 978 0.62 22.31 -23.47
C VAL D 978 1.75 21.86 -24.38
N LEU D 979 2.14 20.61 -24.24
CA LEU D 979 3.25 20.07 -25.01
C LEU D 979 2.82 19.61 -26.40
N PHE D 980 1.51 19.58 -26.68
CA PHE D 980 0.99 19.03 -27.93
C PHE D 980 0.59 20.12 -28.92
N ALA D 981 -0.33 20.97 -28.50
CA ALA D 981 -0.89 22.04 -29.34
C ALA D 981 0.13 22.86 -30.10
N PRO D 982 1.20 23.38 -29.50
CA PRO D 982 2.07 24.29 -30.24
C PRO D 982 2.79 23.62 -31.40
N ASN D 983 2.88 22.30 -31.36
CA ASN D 983 3.58 21.56 -32.42
C ASN D 983 2.92 21.78 -33.76
N ILE D 984 1.62 21.99 -33.77
CA ILE D 984 0.89 22.10 -35.02
C ILE D 984 1.10 23.47 -35.62
N TYR D 985 1.11 24.49 -34.79
CA TYR D 985 1.28 25.84 -35.31
C TYR D 985 2.72 26.06 -35.74
N VAL D 986 3.67 25.44 -35.04
CA VAL D 986 5.04 25.56 -35.52
C VAL D 986 5.26 24.69 -36.75
N LEU D 987 4.52 23.58 -36.87
CA LEU D 987 4.53 22.81 -38.11
C LEU D 987 4.12 23.69 -39.26
N ASP D 988 2.99 24.38 -39.08
CA ASP D 988 2.48 25.30 -40.12
C ASP D 988 3.54 26.37 -40.40
N TYR D 989 4.16 26.94 -39.36
CA TYR D 989 5.12 28.02 -39.56
C TYR D 989 6.27 27.54 -40.42
N LEU D 990 6.80 26.37 -40.10
CA LEU D 990 7.90 25.80 -40.88
C LEU D 990 7.48 25.58 -42.32
N ASN D 991 6.28 25.01 -42.51
CA ASN D 991 5.80 24.64 -43.88
C ASN D 991 5.34 25.86 -44.66
N GLU D 992 5.12 26.99 -43.99
CA GLU D 992 4.61 28.21 -44.67
C GLU D 992 5.83 29.03 -45.08
N THR D 993 6.77 29.21 -44.15
CA THR D 993 8.01 29.89 -44.47
C THR D 993 8.94 29.05 -45.33
N GLN D 994 8.71 27.75 -45.41
CA GLN D 994 9.42 26.77 -46.25
C GLN D 994 10.74 26.34 -45.65
N GLN D 995 11.04 26.70 -44.41
CA GLN D 995 12.25 26.24 -43.73
C GLN D 995 11.91 24.96 -42.99
N LEU D 996 11.93 23.85 -43.72
CA LEU D 996 11.48 22.57 -43.18
C LEU D 996 12.28 21.43 -43.79
N THR D 997 11.84 20.21 -43.48
CA THR D 997 12.39 18.99 -44.04
C THR D 997 11.49 17.83 -43.66
N PRO D 998 11.54 16.71 -44.40
CA PRO D 998 10.70 15.57 -44.02
C PRO D 998 11.09 14.90 -42.71
N GLU D 999 12.31 15.11 -42.20
CA GLU D 999 12.71 14.43 -40.97
C GLU D 999 12.03 15.06 -39.76
N ILE D 1000 12.27 16.36 -39.55
CA ILE D 1000 11.57 17.10 -38.50
C ILE D 1000 10.07 16.97 -38.69
N LYS D 1001 9.63 16.90 -39.94
CA LYS D 1001 8.19 16.70 -40.25
C LYS D 1001 7.73 15.38 -39.61
N SER D 1002 8.42 14.27 -39.91
CA SER D 1002 7.98 12.97 -39.43
C SER D 1002 8.03 12.89 -37.92
N LYS D 1003 9.08 13.45 -37.32
CA LYS D 1003 9.18 13.43 -35.87
C LYS D 1003 8.04 14.21 -35.23
N ALA D 1004 7.73 15.37 -35.80
CA ALA D 1004 6.61 16.15 -35.30
C ALA D 1004 5.30 15.40 -35.50
N ILE D 1005 5.17 14.69 -36.62
CA ILE D 1005 3.95 13.95 -36.90
C ILE D 1005 3.74 12.87 -35.84
N GLY D 1006 4.83 12.18 -35.49
CA GLY D 1006 4.75 11.20 -34.42
C GLY D 1006 4.38 11.83 -33.10
N TYR D 1007 5.00 12.97 -32.77
CA TYR D 1007 4.59 13.73 -31.59
C TYR D 1007 3.10 14.04 -31.63
N LEU D 1008 2.57 14.39 -32.79
CA LEU D 1008 1.19 14.84 -32.87
C LEU D 1008 0.23 13.69 -32.63
N ASN D 1009 0.48 12.56 -33.28
CA ASN D 1009 -0.34 11.38 -33.02
C ASN D 1009 -0.26 10.96 -31.56
N THR D 1010 0.94 10.98 -30.99
CA THR D 1010 1.13 10.56 -29.61
C THR D 1010 0.36 11.47 -28.66
N GLY D 1011 0.48 12.79 -28.85
CA GLY D 1011 -0.20 13.72 -27.97
C GLY D 1011 -1.71 13.66 -28.17
N TYR D 1012 -2.14 13.49 -29.41
CA TYR D 1012 -3.55 13.30 -29.71
C TYR D 1012 -4.12 12.14 -28.90
N GLN D 1013 -3.48 10.99 -28.98
CA GLN D 1013 -4.03 9.80 -28.31
C GLN D 1013 -3.92 9.93 -26.78
N ARG D 1014 -2.80 10.45 -26.28
CA ARG D 1014 -2.68 10.66 -24.85
C ARG D 1014 -3.73 11.66 -24.36
N GLN D 1015 -4.23 12.51 -25.25
CA GLN D 1015 -5.28 13.45 -24.89
C GLN D 1015 -6.64 12.78 -24.92
N LEU D 1016 -6.84 11.90 -25.89
CA LEU D 1016 -8.03 11.04 -25.89
C LEU D 1016 -8.14 10.27 -24.59
N ASN D 1017 -7.01 9.92 -24.00
CA ASN D 1017 -7.01 9.22 -22.72
C ASN D 1017 -7.42 10.10 -21.53
N TYR D 1018 -7.84 11.36 -21.73
CA TYR D 1018 -8.33 12.21 -20.66
C TYR D 1018 -9.76 12.71 -20.85
N LYS D 1019 -10.44 12.37 -21.94
CA LYS D 1019 -11.69 13.01 -22.27
C LYS D 1019 -12.87 12.34 -21.54
N HIS D 1020 -14.08 12.75 -21.90
CA HIS D 1020 -15.32 12.26 -21.30
C HIS D 1020 -16.13 11.46 -22.29
N TYR D 1021 -16.95 10.56 -21.75
CA TYR D 1021 -17.78 9.68 -22.57
C TYR D 1021 -18.78 10.48 -23.40
N ASP D 1022 -19.25 11.60 -22.89
CA ASP D 1022 -20.14 12.46 -23.68
C ASP D 1022 -19.43 13.14 -24.82
N GLY D 1023 -18.10 13.15 -24.82
CA GLY D 1023 -17.30 13.90 -25.75
C GLY D 1023 -16.56 15.05 -25.11
N SER D 1024 -16.97 15.47 -23.92
CA SER D 1024 -16.29 16.56 -23.25
C SER D 1024 -14.88 16.13 -22.86
N TYR D 1025 -14.14 17.07 -22.30
CA TYR D 1025 -12.74 16.87 -21.97
C TYR D 1025 -12.45 17.42 -20.59
N SER D 1026 -11.65 16.66 -19.83
CA SER D 1026 -11.23 17.05 -18.49
C SER D 1026 -9.73 16.82 -18.35
N THR D 1027 -9.16 17.39 -17.29
CA THR D 1027 -7.74 17.19 -17.03
C THR D 1027 -7.44 15.74 -16.72
N PHE D 1028 -8.09 15.18 -15.70
CA PHE D 1028 -8.00 13.76 -15.41
C PHE D 1028 -8.99 12.95 -16.24
N GLY D 1029 -10.28 13.25 -16.09
CA GLY D 1029 -11.30 12.55 -16.83
C GLY D 1029 -11.35 11.06 -16.53
N GLU D 1030 -10.88 10.27 -17.50
CA GLU D 1030 -11.05 8.83 -17.48
C GLU D 1030 -10.39 8.23 -16.24
N ARG D 1031 -10.91 7.07 -15.82
CA ARG D 1031 -10.59 6.35 -14.59
C ARG D 1031 -11.21 7.04 -13.38
N TYR D 1032 -12.06 8.04 -13.58
CA TYR D 1032 -12.77 8.70 -12.48
C TYR D 1032 -14.17 9.01 -12.99
N GLY D 1033 -15.12 8.12 -12.65
CA GLY D 1033 -16.45 8.21 -13.25
C GLY D 1033 -17.18 9.48 -12.88
N ARG D 1034 -17.14 9.85 -11.59
CA ARG D 1034 -17.77 11.09 -11.14
C ARG D 1034 -16.94 12.27 -11.61
N ASN D 1035 -17.32 12.85 -12.75
CA ASN D 1035 -16.65 14.02 -13.27
C ASN D 1035 -17.48 14.66 -14.37
N GLN D 1036 -17.15 15.91 -14.66
CA GLN D 1036 -17.65 16.65 -15.82
C GLN D 1036 -16.51 17.47 -16.38
N GLY D 1037 -16.52 17.70 -17.68
CA GLY D 1037 -15.40 18.37 -18.32
C GLY D 1037 -15.48 19.90 -18.23
N ASN D 1038 -14.38 20.52 -18.63
CA ASN D 1038 -14.28 21.98 -18.72
C ASN D 1038 -14.58 22.45 -20.14
N THR D 1039 -14.98 23.71 -20.24
CA THR D 1039 -15.37 24.37 -21.47
C THR D 1039 -14.19 24.90 -22.27
N TRP D 1040 -13.39 25.78 -21.68
CA TRP D 1040 -12.25 26.38 -22.37
C TRP D 1040 -11.29 25.31 -22.83
N LEU D 1041 -11.12 24.29 -22.01
CA LEU D 1041 -10.21 23.22 -22.38
C LEU D 1041 -10.76 22.45 -23.57
N THR D 1042 -12.05 22.13 -23.54
CA THR D 1042 -12.69 21.51 -24.69
C THR D 1042 -12.53 22.37 -25.93
N ALA D 1043 -12.56 23.68 -25.77
CA ALA D 1043 -12.44 24.56 -26.93
C ALA D 1043 -11.03 24.58 -27.47
N PHE D 1044 -10.06 24.62 -26.56
CA PHE D 1044 -8.66 24.57 -26.94
C PHE D 1044 -8.36 23.29 -27.71
N VAL D 1045 -8.82 22.16 -27.18
CA VAL D 1045 -8.59 20.90 -27.87
C VAL D 1045 -9.34 20.88 -29.19
N LEU D 1046 -10.48 21.57 -29.27
CA LEU D 1046 -11.20 21.62 -30.52
C LEU D 1046 -10.40 22.34 -31.58
N LYS D 1047 -9.89 23.52 -31.24
CA LYS D 1047 -9.11 24.30 -32.18
C LYS D 1047 -7.90 23.52 -32.65
N THR D 1048 -7.26 22.82 -31.70
CA THR D 1048 -6.07 22.06 -32.06
C THR D 1048 -6.45 20.88 -32.94
N PHE D 1049 -7.59 20.24 -32.66
CA PHE D 1049 -8.09 19.17 -33.52
C PHE D 1049 -8.39 19.71 -34.91
N ALA D 1050 -8.84 20.96 -34.98
CA ALA D 1050 -9.15 21.57 -36.26
C ALA D 1050 -7.91 21.69 -37.12
N GLN D 1051 -6.91 22.40 -36.61
CA GLN D 1051 -5.71 22.59 -37.41
C GLN D 1051 -4.97 21.26 -37.61
N ALA D 1052 -5.11 20.33 -36.66
CA ALA D 1052 -4.46 19.04 -36.79
C ALA D 1052 -5.08 18.25 -37.93
N ARG D 1053 -6.42 18.25 -38.02
CA ARG D 1053 -7.09 17.76 -39.21
C ARG D 1053 -6.52 18.44 -40.44
N ALA D 1054 -6.29 19.76 -40.34
CA ALA D 1054 -5.78 20.50 -41.47
C ALA D 1054 -4.46 19.93 -41.98
N TYR D 1055 -3.61 19.41 -41.08
CA TYR D 1055 -2.35 18.78 -41.60
C TYR D 1055 -2.42 17.25 -41.57
N ILE D 1056 -2.68 16.64 -40.41
CA ILE D 1056 -2.69 15.18 -40.32
C ILE D 1056 -4.15 14.75 -40.19
N PHE D 1057 -4.39 13.45 -40.21
CA PHE D 1057 -5.74 12.95 -40.15
C PHE D 1057 -6.26 12.94 -38.72
N ILE D 1058 -7.56 13.22 -38.59
CA ILE D 1058 -8.25 13.11 -37.31
C ILE D 1058 -9.73 12.94 -37.62
N ASP D 1059 -10.46 12.34 -36.68
CA ASP D 1059 -11.86 11.99 -36.90
C ASP D 1059 -12.76 13.18 -36.57
N GLU D 1060 -13.85 13.31 -37.33
CA GLU D 1060 -14.81 14.40 -37.13
C GLU D 1060 -15.74 14.15 -35.95
N ALA D 1061 -15.84 12.91 -35.48
CA ALA D 1061 -16.79 12.61 -34.43
C ALA D 1061 -16.42 13.28 -33.12
N HIS D 1062 -15.12 13.35 -32.80
CA HIS D 1062 -14.71 13.96 -31.54
C HIS D 1062 -15.03 15.44 -31.53
N ILE D 1063 -14.72 16.14 -32.61
CA ILE D 1063 -15.01 17.57 -32.68
C ILE D 1063 -16.52 17.78 -32.70
N THR D 1064 -17.26 16.89 -33.35
CA THR D 1064 -18.71 16.99 -33.36
C THR D 1064 -19.28 16.87 -31.96
N GLN D 1065 -18.80 15.90 -31.21
CA GLN D 1065 -19.34 15.64 -29.89
C GLN D 1065 -18.98 16.79 -28.94
N ALA D 1066 -17.73 17.25 -28.98
CA ALA D 1066 -17.36 18.40 -28.17
C ALA D 1066 -18.14 19.64 -28.59
N LEU D 1067 -18.50 19.74 -29.86
CA LEU D 1067 -19.23 20.88 -30.37
C LEU D 1067 -20.64 20.91 -29.83
N ILE D 1068 -21.36 19.80 -29.97
CA ILE D 1068 -22.70 19.71 -29.42
C ILE D 1068 -22.67 19.88 -27.91
N TRP D 1069 -21.57 19.46 -27.27
CA TRP D 1069 -21.42 19.71 -25.84
C TRP D 1069 -21.32 21.20 -25.56
N LEU D 1070 -20.57 21.92 -26.40
CA LEU D 1070 -20.50 23.38 -26.25
C LEU D 1070 -21.86 24.00 -26.41
N SER D 1071 -22.63 23.47 -27.35
CA SER D 1071 -23.99 23.94 -27.53
C SER D 1071 -24.82 23.69 -26.29
N GLN D 1072 -24.70 22.49 -25.73
CA GLN D 1072 -25.58 22.08 -24.65
C GLN D 1072 -25.46 22.98 -23.45
N ARG D 1073 -24.29 23.54 -23.23
CA ARG D 1073 -24.08 24.39 -22.08
C ARG D 1073 -24.61 25.79 -22.27
N GLN D 1074 -24.95 26.17 -23.50
CA GLN D 1074 -25.35 27.53 -23.76
C GLN D 1074 -26.72 27.84 -23.19
N LYS D 1075 -26.93 29.12 -22.89
CA LYS D 1075 -28.17 29.61 -22.32
C LYS D 1075 -29.04 30.17 -23.43
N ASP D 1076 -30.20 30.69 -23.06
CA ASP D 1076 -31.16 31.18 -24.05
C ASP D 1076 -30.58 32.34 -24.84
N ASN D 1077 -30.11 33.35 -24.15
CA ASN D 1077 -29.48 34.52 -24.74
C ASN D 1077 -28.11 34.74 -24.12
N GLY D 1078 -27.98 34.47 -22.83
CA GLY D 1078 -26.67 34.37 -22.26
C GLY D 1078 -25.88 33.25 -22.89
N CYS D 1079 -24.56 33.40 -22.86
CA CYS D 1079 -23.67 32.36 -23.36
C CYS D 1079 -23.37 31.34 -22.28
N PHE D 1080 -23.03 30.13 -22.74
CA PHE D 1080 -22.65 29.00 -21.91
C PHE D 1080 -21.72 29.40 -20.77
N ARG D 1081 -21.82 28.65 -19.67
CA ARG D 1081 -21.11 28.96 -18.45
C ARG D 1081 -19.70 28.38 -18.48
N SER D 1082 -18.96 28.66 -17.42
CA SER D 1082 -17.64 28.11 -17.19
C SER D 1082 -17.76 27.01 -16.15
N SER D 1083 -17.67 25.76 -16.60
CA SER D 1083 -17.67 24.62 -15.69
C SER D 1083 -16.22 24.40 -15.26
N GLY D 1084 -15.76 25.27 -14.37
CA GLY D 1084 -14.39 25.25 -13.90
C GLY D 1084 -13.94 23.93 -13.32
N SER D 1085 -13.14 23.19 -14.09
CA SER D 1085 -12.59 21.90 -13.68
C SER D 1085 -11.12 21.81 -14.09
N LEU D 1086 -10.42 22.93 -14.01
CA LEU D 1086 -9.02 23.03 -14.39
C LEU D 1086 -8.12 22.80 -13.18
N LEU D 1087 -6.81 22.93 -13.41
CA LEU D 1087 -5.81 22.88 -12.36
C LEU D 1087 -4.92 24.10 -12.32
N ASN D 1088 -4.84 24.88 -13.40
CA ASN D 1088 -3.90 26.00 -13.47
C ASN D 1088 -4.46 27.10 -14.34
N ASN D 1089 -4.23 28.34 -13.92
CA ASN D 1089 -4.60 29.52 -14.67
C ASN D 1089 -3.51 29.99 -15.62
N ALA D 1090 -2.33 29.35 -15.59
CA ALA D 1090 -1.26 29.75 -16.48
C ALA D 1090 -1.52 29.25 -17.90
N ILE D 1091 -2.06 28.04 -18.01
CA ILE D 1091 -2.29 27.43 -19.32
C ILE D 1091 -3.22 28.29 -20.17
N LYS D 1092 -4.19 28.94 -19.54
CA LYS D 1092 -5.14 29.81 -20.22
C LYS D 1092 -4.75 31.25 -19.97
N GLY D 1093 -4.67 32.04 -21.02
CA GLY D 1093 -4.28 33.42 -20.92
C GLY D 1093 -5.37 34.38 -20.57
N GLY D 1094 -6.64 33.97 -20.61
CA GLY D 1094 -7.74 34.86 -20.37
C GLY D 1094 -8.09 34.98 -18.89
N VAL D 1095 -9.06 35.86 -18.62
CA VAL D 1095 -9.44 36.21 -17.25
C VAL D 1095 -10.58 35.37 -16.71
N GLU D 1096 -11.02 34.34 -17.44
CA GLU D 1096 -12.10 33.42 -17.05
C GLU D 1096 -13.48 34.05 -17.17
N ASP D 1097 -13.58 35.32 -17.55
CA ASP D 1097 -14.88 35.95 -17.66
C ASP D 1097 -15.73 35.26 -18.73
N GLU D 1098 -17.03 35.17 -18.46
CA GLU D 1098 -17.95 34.56 -19.42
C GLU D 1098 -17.88 35.24 -20.76
N VAL D 1099 -17.69 36.54 -20.77
CA VAL D 1099 -17.57 37.29 -22.00
C VAL D 1099 -16.34 36.82 -22.76
N THR D 1100 -15.18 36.94 -22.15
CA THR D 1100 -13.94 36.53 -22.78
C THR D 1100 -13.97 35.04 -23.08
N LEU D 1101 -14.55 34.25 -22.18
CA LEU D 1101 -14.60 32.81 -22.36
C LEU D 1101 -15.40 32.46 -23.61
N SER D 1102 -16.58 33.03 -23.70
CA SER D 1102 -17.44 32.77 -24.85
C SER D 1102 -16.83 33.33 -26.11
N ALA D 1103 -16.07 34.41 -25.99
CA ALA D 1103 -15.41 34.98 -27.15
C ALA D 1103 -14.36 34.03 -27.70
N TYR D 1104 -13.52 33.52 -26.80
CA TYR D 1104 -12.51 32.54 -27.22
C TYR D 1104 -13.18 31.29 -27.77
N ILE D 1105 -14.34 30.94 -27.23
CA ILE D 1105 -14.99 29.73 -27.69
C ILE D 1105 -15.54 29.94 -29.08
N THR D 1106 -16.35 30.98 -29.25
CA THR D 1106 -16.99 31.21 -30.53
C THR D 1106 -16.00 31.49 -31.63
N ILE D 1107 -14.88 32.13 -31.30
CA ILE D 1107 -13.87 32.31 -32.34
C ILE D 1107 -13.23 30.97 -32.66
N ALA D 1108 -12.99 30.13 -31.65
CA ALA D 1108 -12.49 28.79 -31.93
C ALA D 1108 -13.46 28.01 -32.79
N LEU D 1109 -14.76 28.28 -32.63
CA LEU D 1109 -15.74 27.71 -33.53
C LEU D 1109 -15.51 28.23 -34.93
N LEU D 1110 -15.54 29.54 -35.09
CA LEU D 1110 -15.47 30.15 -36.42
C LEU D 1110 -14.22 29.80 -37.18
N GLU D 1111 -13.16 29.41 -36.48
CA GLU D 1111 -11.99 28.90 -37.20
C GLU D 1111 -12.35 27.63 -37.95
N ILE D 1112 -13.31 26.86 -37.45
CA ILE D 1112 -13.87 25.76 -38.22
C ILE D 1112 -14.64 26.47 -39.31
N PRO D 1113 -14.76 25.91 -40.50
CA PRO D 1113 -15.62 26.56 -41.48
C PRO D 1113 -17.05 26.44 -41.05
N LEU D 1114 -17.58 27.50 -40.47
CA LEU D 1114 -18.90 27.49 -39.85
C LEU D 1114 -19.71 28.68 -40.34
N THR D 1115 -20.94 28.40 -40.76
CA THR D 1115 -21.81 29.45 -41.28
C THR D 1115 -22.23 30.37 -40.14
N VAL D 1116 -22.26 31.66 -40.44
CA VAL D 1116 -22.75 32.63 -39.46
C VAL D 1116 -24.22 32.42 -39.17
N THR D 1117 -24.94 31.74 -40.05
CA THR D 1117 -26.36 31.47 -39.86
C THR D 1117 -26.63 30.39 -38.83
N HIS D 1118 -25.59 29.74 -38.31
CA HIS D 1118 -25.81 28.64 -37.40
C HIS D 1118 -26.51 29.16 -36.14
N PRO D 1119 -27.32 28.33 -35.48
CA PRO D 1119 -27.96 28.81 -34.25
C PRO D 1119 -26.99 29.20 -33.16
N VAL D 1120 -26.08 28.29 -32.84
CA VAL D 1120 -25.14 28.51 -31.77
C VAL D 1120 -24.36 29.78 -32.03
N VAL D 1121 -23.87 29.95 -33.24
CA VAL D 1121 -23.09 31.13 -33.53
C VAL D 1121 -23.97 32.34 -33.56
N ARG D 1122 -25.23 32.18 -33.94
CA ARG D 1122 -26.13 33.31 -33.96
C ARG D 1122 -26.26 33.87 -32.55
N ASN D 1123 -26.48 32.97 -31.60
CA ASN D 1123 -26.56 33.37 -30.21
C ASN D 1123 -25.22 33.89 -29.72
N ALA D 1124 -24.13 33.37 -30.29
CA ALA D 1124 -22.82 33.82 -29.90
C ALA D 1124 -22.62 35.27 -30.28
N LEU D 1125 -22.87 35.60 -31.53
CA LEU D 1125 -22.77 36.97 -31.99
C LEU D 1125 -23.70 37.87 -31.20
N PHE D 1126 -24.86 37.36 -30.82
CA PHE D 1126 -25.75 38.15 -29.98
C PHE D 1126 -25.03 38.52 -28.68
N CYS D 1127 -24.45 37.51 -28.01
CA CYS D 1127 -23.66 37.76 -26.82
C CYS D 1127 -22.58 38.79 -27.08
N LEU D 1128 -21.92 38.66 -28.23
CA LEU D 1128 -20.75 39.48 -28.49
C LEU D 1128 -21.14 40.92 -28.68
N GLU D 1129 -22.18 41.13 -29.46
CA GLU D 1129 -22.69 42.48 -29.68
C GLU D 1129 -23.09 43.11 -28.36
N SER D 1130 -23.79 42.34 -27.53
CA SER D 1130 -24.25 42.86 -26.26
C SER D 1130 -23.08 43.24 -25.38
N ALA D 1131 -22.14 42.32 -25.25
CA ALA D 1131 -21.01 42.55 -24.38
C ALA D 1131 -20.17 43.70 -24.91
N TRP D 1132 -20.09 43.82 -26.23
CA TRP D 1132 -19.30 44.89 -26.81
C TRP D 1132 -19.94 46.23 -26.51
N LYS D 1133 -21.24 46.31 -26.63
CA LYS D 1133 -21.91 47.57 -26.32
C LYS D 1133 -21.74 47.91 -24.86
N THR D 1134 -21.84 46.91 -23.99
CA THR D 1134 -21.73 47.17 -22.56
C THR D 1134 -20.33 47.68 -22.21
N ALA D 1135 -19.31 47.11 -22.84
CA ALA D 1135 -17.94 47.50 -22.54
C ALA D 1135 -17.54 48.77 -23.27
N GLN D 1136 -18.17 49.05 -24.40
CA GLN D 1136 -17.88 50.23 -25.19
C GLN D 1136 -18.49 51.45 -24.54
N GLU D 1137 -19.82 51.44 -24.38
CA GLU D 1137 -20.49 52.54 -23.70
C GLU D 1137 -20.03 52.67 -22.27
N GLY D 1138 -19.57 51.58 -21.67
CA GLY D 1138 -19.00 51.65 -20.34
C GLY D 1138 -17.58 52.17 -20.35
N ASP D 1139 -17.23 52.88 -19.28
CA ASP D 1139 -15.88 53.42 -19.16
C ASP D 1139 -14.82 52.35 -18.99
N HIS D 1140 -15.20 51.11 -18.67
CA HIS D 1140 -14.22 50.04 -18.56
C HIS D 1140 -14.90 48.70 -18.80
N GLY D 1141 -14.28 47.90 -19.65
CA GLY D 1141 -14.63 46.50 -19.81
C GLY D 1141 -13.35 45.70 -19.90
N SER D 1142 -12.34 46.16 -19.17
CA SER D 1142 -10.94 45.79 -19.24
C SER D 1142 -10.23 46.48 -20.41
N HIS D 1143 -10.95 47.14 -21.31
CA HIS D 1143 -10.41 48.06 -22.32
C HIS D 1143 -9.59 47.43 -23.42
N VAL D 1144 -9.17 46.16 -23.28
CA VAL D 1144 -8.24 45.60 -24.25
C VAL D 1144 -8.58 44.16 -24.65
N TYR D 1145 -8.57 43.26 -23.68
CA TYR D 1145 -8.45 41.84 -23.99
C TYR D 1145 -9.80 41.29 -24.42
N THR D 1146 -10.80 41.56 -23.60
CA THR D 1146 -12.19 41.47 -23.98
C THR D 1146 -12.35 42.05 -25.37
N LYS D 1147 -12.05 43.35 -25.47
CA LYS D 1147 -12.37 44.12 -26.66
C LYS D 1147 -11.66 43.56 -27.88
N ALA D 1148 -10.44 43.08 -27.67
CA ALA D 1148 -9.69 42.53 -28.79
C ALA D 1148 -10.27 41.21 -29.24
N LEU D 1149 -10.61 40.35 -28.29
CA LEU D 1149 -11.15 39.04 -28.66
C LEU D 1149 -12.49 39.22 -29.35
N LEU D 1150 -13.27 40.16 -28.86
CA LEU D 1150 -14.51 40.53 -29.51
C LEU D 1150 -14.24 40.97 -30.93
N ALA D 1151 -13.20 41.77 -31.11
CA ALA D 1151 -12.86 42.26 -32.43
C ALA D 1151 -12.56 41.12 -33.38
N TYR D 1152 -11.79 40.14 -32.90
CA TYR D 1152 -11.39 39.06 -33.78
C TYR D 1152 -12.59 38.21 -34.17
N ALA D 1153 -13.45 37.91 -33.20
CA ALA D 1153 -14.64 37.13 -33.53
C ALA D 1153 -15.55 37.90 -34.48
N PHE D 1154 -15.71 39.22 -34.25
CA PHE D 1154 -16.56 40.02 -35.11
C PHE D 1154 -15.99 40.05 -36.52
N ALA D 1155 -14.68 39.99 -36.63
CA ALA D 1155 -14.06 39.89 -37.93
C ALA D 1155 -14.38 38.56 -38.58
N LEU D 1156 -14.36 37.48 -37.81
CA LEU D 1156 -14.69 36.18 -38.39
C LEU D 1156 -16.13 36.13 -38.87
N ALA D 1157 -16.99 36.94 -38.29
CA ALA D 1157 -18.39 36.93 -38.70
C ALA D 1157 -18.54 37.36 -40.16
N GLY D 1158 -18.19 38.60 -40.44
CA GLY D 1158 -18.64 39.27 -41.65
C GLY D 1158 -19.02 40.72 -41.38
N ASN D 1159 -19.01 41.11 -40.10
CA ASN D 1159 -19.42 42.45 -39.70
C ASN D 1159 -18.25 43.40 -39.89
N GLN D 1160 -18.10 43.83 -41.14
CA GLN D 1160 -17.03 44.77 -41.48
C GLN D 1160 -17.13 46.05 -40.66
N ASP D 1161 -18.33 46.58 -40.52
CA ASP D 1161 -18.51 47.82 -39.77
C ASP D 1161 -18.16 47.61 -38.30
N LYS D 1162 -18.57 46.48 -37.73
CA LYS D 1162 -18.35 46.25 -36.32
C LYS D 1162 -16.87 46.05 -36.03
N ARG D 1163 -16.20 45.26 -36.86
CA ARG D 1163 -14.75 45.09 -36.69
C ARG D 1163 -14.03 46.42 -36.90
N LYS D 1164 -14.55 47.25 -37.82
CA LYS D 1164 -13.95 48.56 -38.05
C LYS D 1164 -14.00 49.42 -36.79
N GLU D 1165 -15.17 49.49 -36.18
CA GLU D 1165 -15.33 50.33 -35.02
C GLU D 1165 -14.50 49.81 -33.85
N VAL D 1166 -14.52 48.50 -33.62
CA VAL D 1166 -13.82 47.96 -32.47
C VAL D 1166 -12.31 48.10 -32.65
N LEU D 1167 -11.79 47.85 -33.86
CA LEU D 1167 -10.36 47.98 -34.05
C LEU D 1167 -9.95 49.43 -33.94
N LYS D 1168 -10.83 50.33 -34.38
CA LYS D 1168 -10.58 51.74 -34.16
C LYS D 1168 -10.43 52.03 -32.67
N SER D 1169 -11.31 51.45 -31.87
CA SER D 1169 -11.27 51.69 -30.43
C SER D 1169 -10.01 51.12 -29.82
N LEU D 1170 -9.60 49.93 -30.24
CA LEU D 1170 -8.38 49.35 -29.71
C LEU D 1170 -7.18 50.17 -30.14
N ASN D 1171 -7.24 50.68 -31.38
CA ASN D 1171 -6.16 51.52 -31.88
C ASN D 1171 -6.05 52.81 -31.11
N GLU D 1172 -7.18 53.29 -30.57
CA GLU D 1172 -7.13 54.46 -29.72
C GLU D 1172 -6.20 54.23 -28.53
N GLU D 1173 -6.43 53.14 -27.81
CA GLU D 1173 -5.63 52.81 -26.63
C GLU D 1173 -4.42 52.00 -27.11
N ALA D 1174 -3.38 52.72 -27.50
CA ALA D 1174 -2.19 52.17 -28.13
C ALA D 1174 -0.98 52.15 -27.21
N VAL D 1175 -0.15 51.13 -27.40
CA VAL D 1175 1.13 50.96 -26.71
C VAL D 1175 2.17 50.86 -27.82
N LYS D 1176 2.08 51.81 -28.73
CA LYS D 1176 3.01 51.87 -29.85
C LYS D 1176 4.31 52.57 -29.47
N LYS D 1177 5.36 52.19 -30.19
CA LYS D 1177 6.75 52.46 -29.85
C LYS D 1177 7.54 52.77 -31.12
N ASP D 1178 8.81 53.15 -30.92
CA ASP D 1178 9.72 53.74 -31.92
C ASP D 1178 9.60 53.18 -33.32
N ASN D 1179 9.38 51.88 -33.45
CA ASN D 1179 9.25 51.27 -34.76
C ASN D 1179 8.21 50.15 -34.79
N SER D 1180 7.23 50.17 -33.90
CA SER D 1180 6.23 49.12 -33.90
C SER D 1180 5.05 49.55 -33.04
N VAL D 1181 4.14 48.60 -32.84
CA VAL D 1181 2.89 48.82 -32.11
C VAL D 1181 2.60 47.61 -31.26
N HIS D 1182 2.01 47.82 -30.08
CA HIS D 1182 1.39 46.69 -29.41
C HIS D 1182 0.42 47.20 -28.36
N TRP D 1183 -0.04 46.28 -27.52
CA TRP D 1183 -1.05 46.53 -26.51
C TRP D 1183 -0.64 45.87 -25.20
N GLU D 1184 -1.26 46.32 -24.11
CA GLU D 1184 -0.94 45.82 -22.79
C GLU D 1184 -2.16 45.95 -21.88
N ARG D 1185 -2.13 45.22 -20.79
CA ARG D 1185 -3.12 45.31 -19.73
C ARG D 1185 -2.84 46.61 -18.97
N PRO D 1186 -3.66 46.97 -17.95
CA PRO D 1186 -3.56 48.32 -17.35
C PRO D 1186 -2.18 48.75 -16.84
N GLN D 1187 -1.25 47.81 -16.71
CA GLN D 1187 0.14 48.03 -16.31
C GLN D 1187 0.30 48.28 -14.81
N LYS D 1188 -0.80 48.52 -14.10
CA LYS D 1188 -0.81 48.75 -12.67
C LYS D 1188 -2.24 48.48 -12.23
N PRO D 1189 -2.60 47.24 -11.89
CA PRO D 1189 -4.00 46.95 -11.50
C PRO D 1189 -4.48 47.81 -10.35
N LYS D 1190 -5.74 48.23 -10.44
CA LYS D 1190 -6.30 49.17 -9.46
C LYS D 1190 -6.28 48.56 -8.06
N ALA D 1191 -6.57 47.26 -7.96
CA ALA D 1191 -6.59 46.55 -6.68
C ALA D 1191 -5.19 45.98 -6.41
N PRO D 1192 -4.95 45.42 -5.24
CA PRO D 1192 -3.61 44.86 -4.96
C PRO D 1192 -3.30 43.66 -5.85
N VAL D 1193 -2.02 43.25 -5.80
CA VAL D 1193 -1.51 42.15 -6.61
C VAL D 1193 -0.57 41.31 -5.75
N GLY D 1194 -0.06 40.22 -6.30
CA GLY D 1194 0.91 39.37 -5.64
C GLY D 1194 2.32 39.90 -5.78
N HIS D 1195 3.29 38.99 -5.63
CA HIS D 1195 4.71 39.36 -5.54
C HIS D 1195 5.52 38.85 -6.72
N PHE D 1196 5.55 37.54 -6.97
CA PHE D 1196 6.48 36.97 -7.94
C PHE D 1196 5.87 37.01 -9.34
N TYR D 1197 6.36 37.93 -10.17
CA TYR D 1197 5.96 38.04 -11.57
C TYR D 1197 4.46 38.31 -11.71
N GLU D 1198 3.87 38.98 -10.70
CA GLU D 1198 2.43 39.19 -10.65
C GLU D 1198 1.73 37.83 -10.68
N PRO D 1199 1.89 37.01 -9.65
CA PRO D 1199 1.31 35.66 -9.69
C PRO D 1199 -0.20 35.72 -9.69
N GLN D 1200 -0.81 34.66 -10.22
CA GLN D 1200 -2.23 34.61 -10.55
C GLN D 1200 -2.61 35.69 -11.57
N ALA D 1201 -1.65 36.11 -12.39
CA ALA D 1201 -1.86 37.10 -13.43
C ALA D 1201 -0.75 36.96 -14.47
N PRO D 1202 -0.89 36.09 -15.48
CA PRO D 1202 0.20 35.95 -16.46
C PRO D 1202 0.47 37.21 -17.25
N SER D 1203 -0.50 38.13 -17.29
CA SER D 1203 -0.41 39.44 -17.93
C SER D 1203 -0.53 39.38 -19.45
N ALA D 1204 -0.42 38.19 -20.03
CA ALA D 1204 -0.99 37.79 -21.31
C ALA D 1204 -0.99 38.86 -22.39
N GLU D 1205 0.15 39.54 -22.58
CA GLU D 1205 0.23 40.61 -23.58
C GLU D 1205 0.49 40.06 -24.97
N VAL D 1206 1.30 39.01 -25.05
CA VAL D 1206 1.67 38.49 -26.36
C VAL D 1206 0.46 37.86 -27.04
N GLU D 1207 -0.27 37.02 -26.30
CA GLU D 1207 -1.42 36.34 -26.89
C GLU D 1207 -2.48 37.34 -27.34
N MET D 1208 -2.70 38.39 -26.56
CA MET D 1208 -3.77 39.32 -26.90
C MET D 1208 -3.36 40.21 -28.05
N THR D 1209 -2.10 40.67 -28.03
CA THR D 1209 -1.58 41.37 -29.21
C THR D 1209 -1.66 40.49 -30.44
N SER D 1210 -1.42 39.20 -30.27
CA SER D 1210 -1.45 38.29 -31.41
C SER D 1210 -2.86 38.17 -31.95
N TYR D 1211 -3.83 38.15 -31.07
CA TYR D 1211 -5.21 38.08 -31.51
C TYR D 1211 -5.62 39.37 -32.18
N VAL D 1212 -5.11 40.50 -31.67
CA VAL D 1212 -5.35 41.79 -32.32
C VAL D 1212 -4.87 41.74 -33.75
N LEU D 1213 -3.62 41.33 -33.90
CA LEU D 1213 -3.03 41.12 -35.21
C LEU D 1213 -3.91 40.23 -36.08
N LEU D 1214 -4.27 39.06 -35.55
CA LEU D 1214 -5.11 38.12 -36.28
C LEU D 1214 -6.39 38.76 -36.77
N ALA D 1215 -6.96 39.63 -35.94
CA ALA D 1215 -8.16 40.34 -36.34
C ALA D 1215 -7.87 41.25 -37.52
N TYR D 1216 -6.69 41.86 -37.52
CA TYR D 1216 -6.36 42.75 -38.63
C TYR D 1216 -6.17 42.01 -39.94
N LEU D 1217 -5.96 40.69 -39.90
CA LEU D 1217 -5.46 39.97 -41.06
C LEU D 1217 -6.56 39.36 -41.92
N THR D 1218 -7.82 39.55 -41.58
CA THR D 1218 -8.89 38.73 -42.12
C THR D 1218 -10.02 39.59 -42.64
N ALA D 1219 -10.18 39.60 -43.96
CA ALA D 1219 -11.30 40.22 -44.64
C ALA D 1219 -11.88 39.19 -45.58
N GLN D 1220 -13.02 39.51 -46.18
CA GLN D 1220 -13.72 38.46 -46.91
C GLN D 1220 -13.08 38.21 -48.27
N PRO D 1221 -12.66 39.23 -49.07
CA PRO D 1221 -11.87 38.88 -50.27
C PRO D 1221 -10.38 38.69 -50.02
N ALA D 1222 -9.78 39.63 -49.29
CA ALA D 1222 -8.37 39.69 -48.93
C ALA D 1222 -8.20 40.97 -48.12
N PRO D 1223 -7.21 41.09 -47.25
CA PRO D 1223 -7.04 42.34 -46.52
C PRO D 1223 -6.48 43.45 -47.41
N THR D 1224 -6.50 44.63 -46.84
CA THR D 1224 -6.04 45.85 -47.49
C THR D 1224 -4.58 46.10 -47.14
N SER D 1225 -4.12 47.31 -47.42
CA SER D 1225 -2.76 47.72 -47.13
C SER D 1225 -2.56 48.12 -45.67
N GLU D 1226 -3.51 48.88 -45.14
CA GLU D 1226 -3.28 49.54 -43.86
C GLU D 1226 -3.32 48.53 -42.72
N ASP D 1227 -4.24 47.56 -42.80
CA ASP D 1227 -4.21 46.45 -41.87
C ASP D 1227 -2.88 45.73 -41.93
N LEU D 1228 -2.29 45.64 -43.12
CA LEU D 1228 -1.01 44.96 -43.26
C LEU D 1228 0.12 45.75 -42.62
N THR D 1229 0.04 47.08 -42.67
CA THR D 1229 1.06 47.88 -42.01
C THR D 1229 0.99 47.71 -40.50
N SER D 1230 -0.22 47.80 -39.97
CA SER D 1230 -0.41 47.57 -38.54
C SER D 1230 0.06 46.18 -38.15
N ALA D 1231 -0.24 45.19 -39.00
CA ALA D 1231 0.19 43.82 -38.74
C ALA D 1231 1.69 43.72 -38.74
N THR D 1232 2.34 44.44 -39.63
CA THR D 1232 3.78 44.43 -39.70
C THR D 1232 4.38 44.96 -38.42
N ASN D 1233 3.85 46.08 -37.94
CA ASN D 1233 4.38 46.68 -36.72
C ASN D 1233 4.21 45.75 -35.53
N ILE D 1234 3.00 45.22 -35.36
CA ILE D 1234 2.76 44.37 -34.21
C ILE D 1234 3.53 43.07 -34.34
N VAL D 1235 3.80 42.62 -35.56
CA VAL D 1235 4.59 41.40 -35.71
C VAL D 1235 6.04 41.68 -35.38
N LYS D 1236 6.53 42.88 -35.72
CA LYS D 1236 7.86 43.27 -35.29
C LYS D 1236 7.98 43.16 -33.79
N TRP D 1237 6.97 43.69 -33.08
CA TRP D 1237 6.95 43.55 -31.63
C TRP D 1237 6.93 42.08 -31.22
N ILE D 1238 6.18 41.26 -31.95
CA ILE D 1238 6.01 39.86 -31.60
C ILE D 1238 7.35 39.14 -31.68
N THR D 1239 7.94 39.16 -32.87
CA THR D 1239 9.21 38.49 -33.07
C THR D 1239 10.29 39.03 -32.14
N LYS D 1240 10.22 40.31 -31.78
CA LYS D 1240 11.12 40.81 -30.76
C LYS D 1240 10.84 40.19 -29.41
N GLN D 1241 9.59 39.80 -29.16
CA GLN D 1241 9.17 39.26 -27.87
C GLN D 1241 9.26 37.74 -27.82
N GLN D 1242 10.11 37.15 -28.65
CA GLN D 1242 10.30 35.71 -28.62
C GLN D 1242 11.43 35.31 -27.70
N ASN D 1243 11.25 34.16 -27.06
CA ASN D 1243 12.16 33.68 -26.03
C ASN D 1243 13.24 32.80 -26.64
N ALA D 1244 14.48 33.04 -26.23
CA ALA D 1244 15.61 32.30 -26.77
C ALA D 1244 15.50 30.82 -26.47
N GLN D 1245 14.85 30.47 -25.36
CA GLN D 1245 14.60 29.07 -25.06
C GLN D 1245 13.78 28.42 -26.16
N GLY D 1246 12.95 29.20 -26.84
CA GLY D 1246 12.06 28.69 -27.88
C GLY D 1246 10.66 29.04 -27.42
N GLY D 1247 9.72 28.96 -28.35
CA GLY D 1247 8.36 29.40 -28.09
C GLY D 1247 8.32 30.82 -27.57
N PHE D 1248 7.36 31.08 -26.68
CA PHE D 1248 7.22 32.37 -26.04
C PHE D 1248 6.97 32.13 -24.55
N SER D 1249 6.60 33.16 -23.80
CA SER D 1249 6.56 33.09 -22.34
C SER D 1249 5.60 32.01 -21.82
N SER D 1250 4.69 31.53 -22.66
CA SER D 1250 3.79 30.46 -22.27
C SER D 1250 3.53 29.59 -23.49
N THR D 1251 2.50 28.76 -23.40
CA THR D 1251 2.08 27.89 -24.51
C THR D 1251 0.93 28.51 -25.29
N GLN D 1252 0.02 29.21 -24.61
CA GLN D 1252 -1.09 29.84 -25.30
C GLN D 1252 -0.61 30.92 -26.23
N ASP D 1253 0.13 31.88 -25.67
CA ASP D 1253 0.63 33.00 -26.46
C ASP D 1253 1.53 32.51 -27.59
N THR D 1254 2.35 31.50 -27.32
CA THR D 1254 3.17 30.91 -28.37
C THR D 1254 2.30 30.39 -29.49
N VAL D 1255 1.23 29.67 -29.13
CA VAL D 1255 0.35 29.07 -30.12
C VAL D 1255 -0.30 30.14 -30.98
N VAL D 1256 -0.92 31.11 -30.32
CA VAL D 1256 -1.72 32.08 -31.08
C VAL D 1256 -0.81 32.98 -31.88
N ALA D 1257 0.39 33.25 -31.37
CA ALA D 1257 1.35 34.07 -32.11
C ALA D 1257 1.80 33.34 -33.36
N LEU D 1258 2.05 32.05 -33.25
CA LEU D 1258 2.49 31.31 -34.42
C LEU D 1258 1.36 31.18 -35.43
N HIS D 1259 0.13 31.01 -34.96
CA HIS D 1259 -1.02 31.03 -35.85
C HIS D 1259 -1.08 32.35 -36.60
N ALA D 1260 -0.87 33.44 -35.87
CA ALA D 1260 -0.97 34.76 -36.48
C ALA D 1260 0.11 34.96 -37.52
N LEU D 1261 1.34 34.60 -37.19
CA LEU D 1261 2.43 34.78 -38.12
C LEU D 1261 2.26 33.88 -39.33
N SER D 1262 1.68 32.69 -39.13
CA SER D 1262 1.42 31.79 -40.23
C SER D 1262 0.42 32.40 -41.19
N LYS D 1263 -0.65 32.98 -40.65
CA LYS D 1263 -1.64 33.60 -41.52
C LYS D 1263 -1.05 34.82 -42.21
N TYR D 1264 -0.19 35.57 -41.51
CA TYR D 1264 0.51 36.69 -42.11
C TYR D 1264 1.29 36.23 -43.32
N GLY D 1265 2.08 35.19 -43.16
CA GLY D 1265 2.91 34.75 -44.27
C GLY D 1265 2.07 34.18 -45.38
N ALA D 1266 0.98 33.50 -45.03
CA ALA D 1266 0.05 33.03 -46.03
C ALA D 1266 -0.49 34.18 -46.86
N ALA D 1267 -0.67 35.34 -46.22
CA ALA D 1267 -1.05 36.53 -46.94
C ALA D 1267 0.13 37.10 -47.69
N THR D 1268 1.21 37.32 -46.96
CA THR D 1268 2.29 38.17 -47.44
C THR D 1268 3.38 37.33 -48.08
N PHE D 1269 3.81 36.29 -47.39
CA PHE D 1269 4.94 35.49 -47.82
C PHE D 1269 4.50 34.59 -48.96
N THR D 1270 4.65 35.10 -50.18
CA THR D 1270 4.40 34.32 -51.38
C THR D 1270 5.67 33.57 -51.75
N ARG D 1271 5.55 32.28 -52.06
CA ARG D 1271 6.74 31.45 -52.37
C ARG D 1271 7.02 31.46 -53.88
N THR D 1272 6.09 31.99 -54.69
CA THR D 1272 6.31 32.10 -56.12
C THR D 1272 6.61 33.53 -56.55
N GLY D 1273 6.11 34.51 -55.80
CA GLY D 1273 6.38 35.89 -56.13
C GLY D 1273 7.82 36.23 -55.85
N LYS D 1274 8.62 36.37 -56.91
CA LYS D 1274 10.08 36.34 -56.80
C LYS D 1274 10.77 37.34 -57.70
N ALA D 1275 10.05 38.37 -58.15
CA ALA D 1275 10.57 39.30 -59.15
C ALA D 1275 10.20 40.73 -58.81
N ALA D 1276 10.40 41.10 -57.55
CA ALA D 1276 9.99 42.42 -57.11
C ALA D 1276 11.03 43.46 -57.51
N GLN D 1277 10.56 44.61 -57.97
CA GLN D 1277 11.41 45.72 -58.37
C GLN D 1277 10.89 47.00 -57.76
N VAL D 1278 11.76 47.68 -57.03
CA VAL D 1278 11.41 48.91 -56.33
C VAL D 1278 12.22 50.03 -56.91
N THR D 1279 11.56 51.17 -57.05
CA THR D 1279 12.15 52.35 -57.66
C THR D 1279 11.70 53.57 -56.89
N ILE D 1280 12.66 54.25 -56.29
CA ILE D 1280 12.42 55.44 -55.51
C ILE D 1280 12.79 56.62 -56.36
N GLN D 1281 11.93 57.64 -56.36
CA GLN D 1281 12.11 58.81 -57.19
C GLN D 1281 11.66 60.02 -56.40
N SER D 1282 12.54 61.02 -56.34
CA SER D 1282 12.28 62.23 -55.57
C SER D 1282 12.55 63.44 -56.43
N SER D 1283 11.66 64.43 -56.28
CA SER D 1283 11.55 65.63 -57.10
C SER D 1283 12.88 66.33 -57.37
N GLY D 1284 13.85 66.18 -56.46
CA GLY D 1284 15.19 66.68 -56.70
C GLY D 1284 16.05 65.69 -57.47
N THR D 1285 15.46 65.04 -58.48
CA THR D 1285 16.08 64.01 -59.32
C THR D 1285 16.89 63.00 -58.50
N PHE D 1286 16.48 62.69 -57.28
CA PHE D 1286 17.16 61.68 -56.47
C PHE D 1286 16.46 60.37 -56.73
N SER D 1287 17.12 59.49 -57.49
CA SER D 1287 16.55 58.23 -57.94
C SER D 1287 17.38 57.08 -57.42
N SER D 1288 16.69 56.04 -56.98
CA SER D 1288 17.33 54.81 -56.53
C SER D 1288 16.53 53.62 -57.01
N LYS D 1289 17.19 52.48 -57.12
CA LYS D 1289 16.60 51.28 -57.67
C LYS D 1289 17.06 50.07 -56.89
N PHE D 1290 16.16 49.13 -56.70
CA PHE D 1290 16.48 47.91 -55.97
C PHE D 1290 15.64 46.79 -56.53
N GLN D 1291 16.15 45.58 -56.34
CA GLN D 1291 15.50 44.35 -56.75
C GLN D 1291 15.40 43.45 -55.55
N VAL D 1292 14.36 42.61 -55.53
CA VAL D 1292 14.15 41.66 -54.45
C VAL D 1292 13.67 40.35 -55.06
N ASP D 1293 14.41 39.27 -54.78
CA ASP D 1293 14.08 37.93 -55.23
C ASP D 1293 14.29 36.94 -54.08
N ASN D 1294 14.17 35.65 -54.38
CA ASN D 1294 14.25 34.63 -53.33
C ASN D 1294 15.64 34.60 -52.72
N ASN D 1295 16.66 34.70 -53.56
CA ASN D 1295 18.03 34.58 -53.09
C ASN D 1295 18.34 35.63 -52.04
N ASN D 1296 17.83 36.84 -52.23
CA ASN D 1296 17.99 37.93 -51.28
C ASN D 1296 16.68 38.23 -50.57
N ARG D 1297 15.87 37.20 -50.35
CA ARG D 1297 14.58 37.38 -49.70
C ARG D 1297 14.74 38.04 -48.35
N LEU D 1298 15.70 37.59 -47.55
CA LEU D 1298 15.93 38.13 -46.22
C LEU D 1298 16.86 39.33 -46.25
N LEU D 1299 17.16 39.87 -47.43
CA LEU D 1299 18.11 40.95 -47.50
C LEU D 1299 17.48 42.27 -47.08
N LEU D 1300 18.25 43.04 -46.32
CA LEU D 1300 17.91 44.39 -45.93
C LEU D 1300 18.73 45.31 -46.81
N GLN D 1301 18.13 45.78 -47.90
CA GLN D 1301 18.79 46.78 -48.72
C GLN D 1301 18.50 48.15 -48.14
N GLN D 1302 19.52 48.80 -47.64
CA GLN D 1302 19.42 50.09 -46.99
C GLN D 1302 20.06 51.17 -47.86
N VAL D 1303 19.44 52.35 -47.88
CA VAL D 1303 19.99 53.47 -48.64
C VAL D 1303 19.58 54.76 -47.96
N SER D 1304 20.47 55.75 -48.03
CA SER D 1304 20.26 57.01 -47.35
C SER D 1304 19.48 57.97 -48.21
N LEU D 1305 19.08 59.07 -47.57
CA LEU D 1305 18.16 60.03 -48.15
C LEU D 1305 18.57 61.41 -47.64
N PRO D 1306 19.22 62.25 -48.48
CA PRO D 1306 19.82 63.49 -47.96
C PRO D 1306 18.94 64.75 -48.04
N GLU D 1307 17.97 64.77 -48.94
CA GLU D 1307 17.24 66.00 -49.21
C GLU D 1307 16.35 66.38 -48.03
N LEU D 1308 16.39 67.67 -47.66
CA LEU D 1308 15.54 68.12 -46.56
C LEU D 1308 14.07 67.95 -46.90
N PRO D 1309 13.51 68.65 -47.89
CA PRO D 1309 12.10 68.45 -48.17
C PRO D 1309 11.93 67.08 -48.83
N GLY D 1310 11.33 66.16 -48.10
CA GLY D 1310 11.13 64.81 -48.57
C GLY D 1310 9.81 64.66 -49.28
N GLU D 1311 9.88 64.23 -50.52
CA GLU D 1311 8.73 63.94 -51.38
C GLU D 1311 8.97 62.64 -52.08
N TYR D 1312 9.22 61.60 -51.30
CA TYR D 1312 9.85 60.41 -51.83
C TYR D 1312 8.81 59.46 -52.38
N SER D 1313 8.83 59.28 -53.70
CA SER D 1313 7.87 58.48 -54.41
C SER D 1313 8.41 57.07 -54.59
N MET D 1314 7.79 56.13 -53.93
CA MET D 1314 8.10 54.73 -54.09
C MET D 1314 7.22 54.17 -55.18
N LYS D 1315 7.79 53.30 -56.01
CA LYS D 1315 7.03 52.59 -57.02
C LYS D 1315 7.54 51.16 -57.09
N VAL D 1316 6.64 50.21 -56.84
CA VAL D 1316 6.93 48.80 -56.77
C VAL D 1316 6.23 48.09 -57.91
N THR D 1317 6.88 47.05 -58.42
CA THR D 1317 6.29 46.28 -59.51
C THR D 1317 6.75 44.84 -59.41
N GLY D 1318 5.96 43.97 -60.04
CA GLY D 1318 6.29 42.56 -60.13
C GLY D 1318 5.44 41.73 -59.18
N GLU D 1319 6.10 40.85 -58.43
CA GLU D 1319 5.47 39.94 -57.47
C GLU D 1319 6.29 39.92 -56.19
N GLY D 1320 5.64 39.54 -55.10
CA GLY D 1320 6.28 39.45 -53.81
C GLY D 1320 6.17 40.73 -53.01
N CYS D 1321 5.68 40.60 -51.79
CA CYS D 1321 5.49 41.75 -50.91
C CYS D 1321 6.83 42.27 -50.45
N VAL D 1322 6.86 43.56 -50.11
CA VAL D 1322 8.06 44.19 -49.57
C VAL D 1322 7.65 45.11 -48.44
N TYR D 1323 8.44 45.11 -47.39
CA TYR D 1323 8.32 46.06 -46.30
C TYR D 1323 9.35 47.14 -46.54
N LEU D 1324 9.00 48.37 -46.23
CA LEU D 1324 9.85 49.52 -46.49
C LEU D 1324 9.85 50.41 -45.26
N GLN D 1325 10.89 50.26 -44.45
CA GLN D 1325 11.02 50.95 -43.19
C GLN D 1325 11.94 52.13 -43.40
N THR D 1326 11.44 53.34 -43.16
CA THR D 1326 12.24 54.53 -43.27
C THR D 1326 12.28 55.26 -41.94
N SER D 1327 13.41 55.90 -41.70
CA SER D 1327 13.60 56.68 -40.49
C SER D 1327 14.41 57.91 -40.82
N LEU D 1328 14.08 59.00 -40.15
CA LEU D 1328 14.73 60.27 -40.35
C LEU D 1328 15.08 60.83 -38.98
N LYS D 1329 16.32 61.25 -38.84
CA LYS D 1329 16.81 61.82 -37.60
C LYS D 1329 17.39 63.19 -37.83
N TYR D 1330 17.29 64.02 -36.80
CA TYR D 1330 17.74 65.39 -36.84
C TYR D 1330 17.78 65.90 -35.41
N ASN D 1331 17.97 67.21 -35.24
CA ASN D 1331 18.15 67.82 -33.94
C ASN D 1331 17.07 68.87 -33.69
N ILE D 1332 16.87 69.15 -32.41
CA ILE D 1332 15.90 70.15 -31.96
C ILE D 1332 16.53 70.93 -30.81
N LEU D 1333 15.73 71.76 -30.14
CA LEU D 1333 16.18 72.64 -29.08
C LEU D 1333 17.14 73.70 -29.59
N PRO D 1334 16.73 74.60 -30.50
CA PRO D 1334 17.51 75.83 -30.67
C PRO D 1334 17.25 76.83 -29.55
N GLU D 1335 15.98 77.02 -29.16
CA GLU D 1335 15.64 78.04 -28.17
C GLU D 1335 14.95 77.47 -26.92
C1 NAG E . -34.30 -71.28 41.16
C2 NAG E . -33.08 -72.15 40.98
C3 NAG E . -32.21 -72.07 42.22
C4 NAG E . -31.95 -70.64 42.66
C5 NAG E . -33.13 -69.68 42.45
C6 NAG E . -32.63 -68.25 42.39
C7 NAG E . -34.35 -74.13 41.57
C8 NAG E . -35.32 -75.04 40.88
N2 NAG E . -33.47 -73.53 40.77
O3 NAG E . -30.98 -72.74 41.91
O4 NAG E . -31.72 -70.69 44.07
O5 NAG E . -33.88 -69.93 41.26
O6 NAG E . -33.74 -67.37 42.14
O7 NAG E . -34.36 -73.94 42.77
C1 NAG E . -30.31 -70.63 44.40
C2 NAG E . -29.66 -72.01 44.28
C3 NAG E . -28.21 -71.99 44.70
C4 NAG E . -27.49 -70.87 43.97
C5 NAG E . -28.23 -69.55 44.13
C6 NAG E . -27.52 -68.42 43.39
C7 NAG E . -30.42 -74.28 44.64
C8 NAG E . -31.77 -74.88 44.40
N2 NAG E . -30.43 -72.99 45.02
O3 NAG E . -27.60 -73.24 44.38
O4 NAG E . -26.15 -70.73 44.48
O5 NAG E . -29.57 -69.67 43.65
O6 NAG E . -28.16 -67.18 43.72
O7 NAG E . -29.39 -74.91 44.52
C1 NAG F . -7.78 -19.71 47.57
C2 NAG F . -7.91 -18.20 47.66
C3 NAG F . -7.57 -17.70 49.06
C4 NAG F . -8.35 -18.51 50.10
C5 NAG F . -8.21 -20.00 49.86
C6 NAG F . -9.04 -20.82 50.86
C7 NAG F . -7.08 -16.27 46.41
C8 NAG F . -8.43 -15.69 46.13
N2 NAG F . -7.04 -17.58 46.66
O3 NAG F . -7.90 -16.32 49.16
O4 NAG F . -7.85 -18.22 51.42
O5 NAG F . -8.62 -20.34 48.54
O6 NAG F . -8.71 -20.41 52.20
O7 NAG F . -6.07 -15.59 46.39
C1 NAG F . -8.47 -17.02 51.91
C2 NAG F . -9.17 -17.30 53.24
C3 NAG F . -9.69 -16.02 53.89
C4 NAG F . -8.62 -14.94 53.90
C5 NAG F . -8.09 -14.74 52.49
C6 NAG F . -7.03 -13.64 52.45
C7 NAG F . -11.18 -18.05 52.07
C8 NAG F . -11.30 -16.66 51.52
N2 NAG F . -10.28 -18.22 53.05
O3 NAG F . -10.10 -16.31 55.24
O4 NAG F . -9.18 -13.72 54.38
O5 NAG F . -7.52 -15.95 52.02
O6 NAG F . -6.65 -13.41 51.10
O7 NAG F . -11.85 -18.98 51.67
C1 NAG G . -48.37 -41.04 -62.55
C2 NAG G . -49.71 -40.69 -63.20
C3 NAG G . -49.56 -39.53 -64.17
C4 NAG G . -48.89 -38.36 -63.46
C5 NAG G . -47.59 -38.82 -62.80
C6 NAG G . -46.92 -37.67 -62.04
C7 NAG G . -51.52 -41.86 -64.32
C8 NAG G . -51.63 -41.94 -65.80
N2 NAG G . -50.28 -41.86 -63.84
O3 NAG G . -50.85 -39.14 -64.64
O4 NAG G . -48.61 -37.33 -64.39
O5 NAG G . -47.84 -39.89 -61.89
O6 NAG G . -47.86 -37.10 -61.11
O7 NAG G . -52.49 -41.78 -63.59
C1 NAG G . -49.58 -36.28 -64.19
C2 NAG G . -48.93 -34.91 -64.41
C3 NAG G . -49.94 -33.79 -64.24
C4 NAG G . -51.18 -34.06 -65.07
C5 NAG G . -51.73 -35.45 -64.76
C6 NAG G . -52.96 -35.76 -65.60
C7 NAG G . -47.66 -33.67 -62.73
C8 NAG G . -48.28 -33.74 -61.37
N2 NAG G . -47.82 -34.76 -63.47
O3 NAG G . -49.35 -32.55 -64.70
O4 NAG G . -52.18 -33.08 -64.78
O5 NAG G . -50.74 -36.44 -65.01
O6 NAG G . -53.91 -34.70 -65.47
O7 NAG G . -47.07 -32.69 -63.13
C1 NAG H . -9.00 -0.72 -52.51
C2 NAG H . -7.73 0.10 -52.28
C3 NAG H . -6.61 -0.03 -53.32
C4 NAG H . -6.68 -1.26 -54.22
C5 NAG H . -8.12 -1.68 -54.47
C6 NAG H . -8.19 -2.92 -55.36
C7 NAG H . -8.50 2.15 -53.28
C8 NAG H . -9.91 1.87 -53.69
N2 NAG H . -8.08 1.50 -52.19
O3 NAG H . -5.37 -0.05 -52.61
O4 NAG H . -6.06 -0.97 -55.47
O5 NAG H . -8.75 -1.93 -53.22
O6 NAG H . -7.50 -2.65 -56.59
O7 NAG H . -7.78 2.91 -53.89
C1 NAG H . -6.35 0.39 -55.87
C2 NAG H . -5.20 0.95 -56.70
C3 NAG H . -5.48 2.39 -57.13
C4 NAG H . -6.85 2.49 -57.78
C5 NAG H . -7.91 1.87 -56.88
C6 NAG H . -9.29 1.92 -57.53
C7 NAG H . -3.79 1.39 -54.75
C8 NAG H . -4.53 2.67 -54.47
N2 NAG H . -3.94 0.89 -55.98
O3 NAG H . -4.47 2.81 -58.06
O4 NAG H . -7.17 3.87 -57.99
O5 NAG H . -7.56 0.51 -56.60
O6 NAG H . -9.63 3.28 -57.79
O7 NAG H . -3.12 0.84 -53.91
C1 NAG I . 39.83 46.47 64.12
C2 NAG I . 39.00 47.18 65.19
C3 NAG I . 38.48 46.18 66.22
C4 NAG I . 37.80 44.98 65.54
C5 NAG I . 38.63 44.47 64.38
C6 NAG I . 37.87 43.38 63.60
C7 NAG I . 40.96 47.89 66.41
C8 NAG I . 40.89 47.33 67.81
N2 NAG I . 39.79 48.19 65.85
O3 NAG I . 37.55 46.86 67.07
O4 NAG I . 37.72 43.92 66.51
O5 NAG I . 39.02 45.51 63.48
O6 NAG I . 38.79 42.70 62.75
O7 NAG I . 42.02 48.05 65.83
C1 NAG I . 36.38 43.70 66.98
C2 NAG I . 36.03 44.63 68.15
C3 NAG I . 34.67 44.30 68.73
C4 NAG I . 33.62 44.22 67.63
C5 NAG I . 34.11 43.32 66.49
C6 NAG I . 33.08 43.28 65.36
C7 NAG I . 37.17 45.47 70.11
C8 NAG I . 36.75 45.03 71.48
N2 NAG I . 37.07 44.56 69.16
O3 NAG I . 34.29 45.32 69.66
O4 NAG I . 32.41 43.70 68.17
O5 NAG I . 35.36 43.75 65.98
O6 NAG I . 33.48 42.29 64.39
O7 NAG I . 37.57 46.60 69.89
C1 NAG J . 13.20 -2.09 50.42
C2 NAG J . 12.85 -3.56 50.66
C3 NAG J . 12.07 -3.83 51.94
C4 NAG J . 12.78 -3.05 53.02
C5 NAG J . 12.68 -1.58 52.71
C6 NAG J . 13.07 -0.69 53.88
C7 NAG J . 11.96 -5.38 49.31
C8 NAG J . 12.74 -5.99 48.20
N2 NAG J . 12.13 -4.07 49.50
O3 NAG J . 12.10 -5.22 52.24
O4 NAG J . 12.41 -3.40 54.35
O5 NAG J . 13.52 -1.33 51.59
O6 NAG J . 12.31 -1.06 55.03
O7 NAG J . 11.20 -6.04 50.02
C1 NAG J . 13.44 -4.29 54.85
C2 NAG J . 14.41 -3.52 55.77
C3 NAG J . 14.97 -4.31 56.95
C4 NAG J . 13.96 -5.33 57.43
C5 NAG J . 13.70 -6.22 56.25
C6 NAG J . 13.06 -7.55 56.65
C7 NAG J . 15.92 -3.48 53.86
C8 NAG J . 16.04 -2.51 52.71
N2 NAG J . 15.50 -2.95 55.01
O3 NAG J . 15.29 -3.40 58.02
O4 NAG J . 14.54 -6.10 58.50
O5 NAG J . 12.85 -5.49 55.37
O6 NAG J . 13.01 -8.42 55.51
O7 NAG J . 16.18 -4.67 53.74
C1 NAG K . 42.11 66.05 -42.95
C2 NAG K . 43.49 65.70 -43.50
C3 NAG K . 43.38 65.03 -44.86
C4 NAG K . 42.41 63.86 -44.78
C5 NAG K . 41.08 64.30 -44.16
C6 NAG K . 40.14 63.11 -44.02
C7 NAG K . 45.53 66.91 -44.08
C8 NAG K . 46.63 66.82 -43.06
N2 NAG K . 44.30 66.91 -43.58
O3 NAG K . 44.67 64.56 -45.26
O4 NAG K . 42.15 63.37 -46.09
O5 NAG K . 41.28 64.90 -42.87
O6 NAG K . 40.80 62.05 -43.30
O7 NAG K . 45.75 66.97 -45.27
C1 NAG K . 43.16 62.40 -46.44
C2 NAG K . 42.51 61.09 -46.85
C3 NAG K . 43.53 60.07 -47.35
C4 NAG K . 44.46 60.71 -48.38
C5 NAG K . 45.06 61.98 -47.79
C6 NAG K . 46.02 62.63 -48.80
C7 NAG K . 40.99 59.48 -45.83
C8 NAG K . 39.52 59.74 -45.88
N2 NAG K . 41.77 60.55 -45.73
O3 NAG K . 42.84 58.97 -47.96
O4 NAG K . 45.50 59.79 -48.71
O5 NAG K . 44.03 62.90 -47.46
O6 NAG K . 46.95 61.65 -49.28
O7 NAG K . 41.45 58.35 -45.88
C1 NAG L . 1.94 24.87 -46.00
C2 NAG L . 0.92 23.77 -46.31
C3 NAG L . -0.31 24.38 -46.97
C4 NAG L . 0.03 25.70 -47.65
C5 NAG L . 1.46 25.70 -48.20
C6 NAG L . 1.76 26.98 -48.96
C7 NAG L . 1.72 22.86 -48.45
C8 NAG L . 3.09 23.31 -48.83
N2 NAG L . 1.48 22.72 -47.15
O3 NAG L . -1.30 24.62 -45.96
O4 NAG L . -0.91 26.01 -48.69
O5 NAG L . 2.41 25.59 -47.14
O6 NAG L . 0.85 27.13 -50.06
O7 NAG L . 0.86 22.64 -49.28
C1 NAG L . -1.22 24.83 -49.48
C2 NAG L . -2.71 24.86 -49.83
C3 NAG L . -3.11 23.85 -50.90
C4 NAG L . -2.13 23.86 -52.05
C5 NAG L . -0.72 23.69 -51.53
C6 NAG L . 0.29 23.65 -52.67
C7 NAG L . -3.42 23.53 -47.91
C8 NAG L . -2.68 22.38 -48.53
N2 NAG L . -3.52 24.64 -48.64
O3 NAG L . -4.42 24.15 -51.37
O4 NAG L . -2.44 22.78 -52.95
O5 NAG L . -0.42 24.79 -50.66
O6 NAG L . -0.07 22.61 -53.58
O7 NAG L . -3.91 23.46 -46.79
C1 NAG M . 49.64 -38.72 22.54
C2 NAG M . 50.92 -39.36 21.99
C3 NAG M . 51.61 -38.63 20.86
C4 NAG M . 50.69 -37.91 19.94
C5 NAG M . 49.69 -37.07 20.74
C6 NAG M . 48.83 -36.23 19.84
C7 NAG M . 52.45 -38.41 23.86
C8 NAG M . 53.43 -38.67 24.98
N2 NAG M . 51.90 -39.53 23.10
O3 NAG M . 52.36 -39.61 20.09
O4 NAG M . 51.46 -37.05 19.10
O5 NAG M . 48.84 -37.99 21.51
O6 NAG M . 49.20 -36.40 18.50
O7 NAG M . 52.12 -37.30 23.61
C1 NAG N . 22.70 -30.03 46.07
C2 NAG N . 22.97 -29.10 47.25
C3 NAG N . 22.66 -29.72 48.57
C4 NAG N . 21.29 -30.33 48.60
C5 NAG N . 21.07 -31.26 47.41
C6 NAG N . 19.67 -31.79 47.50
C7 NAG N . 25.52 -29.54 47.42
C8 NAG N . 26.93 -28.98 47.46
N2 NAG N . 24.39 -28.63 47.28
O3 NAG N . 22.73 -28.69 49.59
O4 NAG N . 21.13 -31.07 49.80
O5 NAG N . 21.30 -30.58 46.12
O6 NAG N . 19.39 -32.08 48.83
O7 NAG N . 25.36 -30.71 47.50
C1 NAG O . -18.35 -63.68 -7.94
C2 NAG O . -16.92 -64.16 -7.99
C3 NAG O . -16.65 -64.75 -9.32
C4 NAG O . -17.51 -65.95 -9.49
C5 NAG O . -18.99 -65.57 -9.34
C6 NAG O . -19.82 -66.81 -9.40
C7 NAG O . -15.70 -61.84 -8.37
C8 NAG O . -16.38 -61.44 -9.69
N2 NAG O . -15.95 -63.06 -7.62
O3 NAG O . -15.26 -65.12 -9.45
O4 NAG O . -17.30 -66.49 -10.79
O5 NAG O . -19.24 -64.87 -8.08
O6 NAG O . -21.08 -66.53 -8.84
O7 NAG O . -14.91 -61.08 -7.92
C1 NAG P . 9.34 -48.85 -23.95
C2 NAG P . 8.30 -48.95 -25.07
C3 NAG P . 8.17 -50.37 -25.49
C4 NAG P . 9.47 -51.01 -25.85
C5 NAG P . 10.62 -50.71 -24.89
C6 NAG P . 11.89 -51.05 -25.58
C7 NAG P . 5.84 -48.33 -25.46
C8 NAG P . 4.50 -47.80 -24.96
N2 NAG P . 6.99 -48.41 -24.58
O3 NAG P . 7.31 -50.49 -26.66
O4 NAG P . 9.27 -52.43 -25.88
O5 NAG P . 10.67 -49.30 -24.48
O6 NAG P . 12.94 -51.03 -24.67
O7 NAG P . 5.93 -48.69 -26.59
C1 NAG Q . 27.32 -45.80 -14.63
C2 NAG Q . 28.52 -46.65 -14.95
C3 NAG Q . 29.72 -45.79 -15.10
C4 NAG Q . 29.52 -44.62 -16.02
C5 NAG Q . 28.15 -43.94 -15.93
C6 NAG Q . 27.91 -43.12 -17.17
C7 NAG Q . 29.75 -48.58 -13.81
C8 NAG Q . 29.89 -49.50 -12.60
N2 NAG Q . 28.70 -47.57 -13.80
O3 NAG Q . 30.81 -46.59 -15.66
O4 NAG Q . 30.50 -43.63 -15.66
O5 NAG Q . 27.05 -44.90 -15.79
O6 NAG Q . 28.70 -41.98 -17.12
O7 NAG Q . 30.48 -48.68 -14.73
C1 NAG R . -48.12 41.01 -22.08
C2 NAG R . -46.74 41.68 -21.90
C3 NAG R . -46.72 42.63 -20.76
C4 NAG R . -47.75 43.68 -20.96
C5 NAG R . -49.13 43.05 -21.12
C6 NAG R . -50.14 44.11 -21.42
C7 NAG R . -45.33 39.74 -20.74
C8 NAG R . -46.25 39.47 -19.55
N2 NAG R . -45.57 40.73 -21.79
O3 NAG R . -45.41 43.25 -20.67
O4 NAG R . -47.74 44.57 -19.83
O5 NAG R . -49.16 42.08 -22.21
O6 NAG R . -49.93 44.59 -22.71
O7 NAG R . -44.35 39.09 -20.81
C1 NAG S . -26.24 25.13 -47.11
C2 NAG S . -27.56 24.70 -47.76
C3 NAG S . -27.74 25.23 -49.14
C4 NAG S . -27.57 26.71 -49.14
C5 NAG S . -26.14 27.04 -48.73
C6 NAG S . -25.94 28.52 -48.75
C7 NAG S . -26.78 22.36 -48.56
C8 NAG S . -26.97 20.84 -48.52
N2 NAG S . -27.66 23.21 -47.78
O3 NAG S . -29.07 24.89 -49.61
O4 NAG S . -27.84 27.22 -50.44
O5 NAG S . -25.85 26.56 -47.37
O6 NAG S . -26.37 29.03 -49.97
O7 NAG S . -25.91 22.81 -49.23
C1 NAG T . -55.25 -35.10 -11.17
C2 NAG T . -56.19 -36.25 -11.49
C3 NAG T . -57.34 -36.32 -10.55
C4 NAG T . -56.85 -36.37 -9.14
C5 NAG T . -55.89 -35.22 -8.85
C6 NAG T . -55.40 -35.36 -7.45
C7 NAG T . -57.45 -35.01 -13.35
C8 NAG T . -57.94 -34.99 -14.80
N2 NAG T . -56.69 -36.16 -12.88
O3 NAG T . -58.08 -37.54 -10.83
O4 NAG T . -57.99 -36.28 -8.27
O5 NAG T . -54.73 -35.23 -9.77
O6 NAG T . -54.48 -34.34 -7.19
O7 NAG T . -57.70 -34.10 -12.64
C1 NAG U . -52.83 -9.04 12.71
C2 NAG U . -52.84 -10.07 13.82
C3 NAG U . -54.23 -10.54 14.05
C4 NAG U . -55.18 -9.42 14.32
C5 NAG U . -55.06 -8.29 13.32
C6 NAG U . -55.83 -7.11 13.84
C7 NAG U . -51.78 -12.40 14.18
C8 NAG U . -50.88 -13.52 13.69
N2 NAG U . -51.96 -11.19 13.38
O3 NAG U . -54.31 -11.42 15.21
O4 NAG U . -56.51 -9.94 14.26
O5 NAG U . -53.67 -7.87 13.11
O6 NAG U . -55.93 -6.14 12.84
O7 NAG U . -52.34 -12.51 15.21
C1 NAG V . -53.73 9.50 7.51
C2 NAG V . -54.96 10.25 7.98
C3 NAG V . -54.57 11.53 8.60
C4 NAG V . -53.66 11.31 9.77
C5 NAG V . -52.49 10.38 9.43
C6 NAG V . -51.84 9.99 10.73
C7 NAG V . -57.07 9.87 6.52
C8 NAG V . -57.59 8.73 7.39
N2 NAG V . -55.84 10.58 6.81
O3 NAG V . -55.76 12.21 9.06
O4 NAG V . -53.13 12.56 10.18
O5 NAG V . -52.90 9.16 8.71
O6 NAG V . -51.61 11.14 11.48
O7 NAG V . -57.70 10.18 5.57
C1 NAG W . -45.44 23.22 42.61
C2 NAG W . -46.85 23.76 42.86
C3 NAG W . -47.87 23.39 41.79
C4 NAG W . -47.27 23.50 40.40
C5 NAG W . -45.98 22.71 40.35
C6 NAG W . -45.38 22.69 38.94
C7 NAG W . -48.52 23.66 44.62
C8 NAG W . -49.31 22.58 45.32
N2 NAG W . -47.35 23.28 44.14
O3 NAG W . -48.99 24.28 41.88
O4 NAG W . -48.19 22.97 39.43
O5 NAG W . -45.05 23.31 41.24
O6 NAG W . -46.34 22.13 38.04
O7 NAG W . -48.93 24.80 44.51
C1 NAG X . -16.58 5.86 56.81
C2 NAG X . -16.74 4.49 57.47
C3 NAG X . -16.26 4.47 58.89
C4 NAG X . -14.89 5.04 59.04
C5 NAG X . -14.78 6.41 58.38
C6 NAG X . -13.37 6.87 58.53
C7 NAG X . -19.24 4.74 58.10
C8 NAG X . -20.65 4.18 58.05
N2 NAG X . -18.16 4.02 57.46
O3 NAG X . -16.25 3.10 59.35
O4 NAG X . -14.58 5.17 60.42
O5 NAG X . -15.16 6.36 56.95
O6 NAG X . -12.93 6.55 59.81
O7 NAG X . -19.04 5.76 58.68
C1 NAG Y . 19.11 61.05 19.21
C2 NAG Y . 17.69 61.47 19.53
C3 NAG Y . 17.29 62.59 18.65
C4 NAG Y . 18.16 63.76 18.93
C5 NAG Y . 19.63 63.39 18.74
C6 NAG Y . 20.48 64.55 19.14
C7 NAG Y . 16.38 59.53 18.30
C8 NAG Y . 16.90 59.78 16.88
N2 NAG Y . 16.74 60.30 19.49
O3 NAG Y . 15.90 62.94 18.85
O4 NAG Y . 17.82 64.82 18.04
O5 NAG Y . 20.01 62.21 19.52
O6 NAG Y . 21.79 64.08 19.37
O7 NAG Y . 15.62 58.63 18.45
C1 NAG Z . -10.56 54.17 1.45
C2 NAG Z . -9.66 54.79 0.38
C3 NAG Z . -9.53 56.25 0.63
C4 NAG Z . -10.84 56.95 0.73
C5 NAG Z . -11.89 56.22 1.58
C6 NAG Z . -13.22 56.80 1.26
C7 NAG Z . -7.26 54.47 -0.51
C8 NAG Z . -5.89 53.81 -0.45
N2 NAG Z . -8.31 54.12 0.44
O3 NAG Z . -8.80 56.90 -0.45
O4 NAG Z . -10.61 58.23 1.32
O5 NAG Z . -11.93 54.78 1.33
O6 NAG Z . -14.16 56.35 2.18
O7 NAG Z . -7.47 55.29 -1.34
C1 NAG AA . -27.48 46.83 10.37
C2 NAG AA . -28.68 47.71 10.60
C3 NAG AA . -29.91 46.97 10.22
C4 NAG AA . -29.85 46.33 8.86
C5 NAG AA . -28.49 45.72 8.48
C6 NAG AA . -28.41 45.55 7.00
C7 NAG AA . -29.72 48.90 12.60
C8 NAG AA . -29.71 49.18 14.11
N2 NAG AA . -28.71 48.02 12.05
O3 NAG AA . -31.03 47.91 10.19
O4 NAG AA . -30.80 45.27 8.85
O5 NAG AA . -27.36 46.55 8.91
O6 NAG AA . -29.22 44.48 6.62
O7 NAG AA . -30.55 49.38 11.91
C1 NAG BA . 44.39 -25.63 -43.18
C2 NAG BA . 43.03 -26.34 -43.16
C3 NAG BA . 43.10 -27.70 -42.57
C4 NAG BA . 44.08 -28.53 -43.33
C5 NAG BA . 45.45 -27.86 -43.34
C6 NAG BA . 46.39 -28.65 -44.19
C7 NAG BA . 41.80 -25.16 -41.11
C8 NAG BA . 42.86 -25.42 -40.03
N2 NAG BA . 41.89 -25.57 -42.51
O3 NAG BA . 41.80 -28.33 -42.62
O4 NAG BA . 44.17 -29.82 -42.72
O5 NAG BA . 45.38 -26.51 -43.88
O6 NAG BA . 46.02 -28.50 -45.53
O7 NAG BA . 40.84 -24.58 -40.78
C1 NAG CA . 20.29 -0.86 -55.95
C2 NAG CA . 21.55 -0.15 -56.49
C3 NAG CA . 21.56 0.00 -57.96
C4 NAG CA . 21.35 -1.33 -58.60
C5 NAG CA . 19.97 -1.85 -58.23
C6 NAG CA . 19.73 -3.17 -58.88
C7 NAG CA . 20.74 2.29 -56.07
C8 NAG CA . 20.98 3.63 -55.38
N2 NAG CA . 21.69 1.20 -55.85
O3 NAG CA . 22.84 0.54 -58.38
O4 NAG CA . 21.47 -1.20 -60.02
O5 NAG CA . 19.85 -2.03 -56.78
O6 NAG CA . 20.00 -3.07 -60.24
O7 NAG CA . 19.79 2.15 -56.77
C1 NAG DA . 54.67 37.87 -0.44
C2 NAG DA . 55.60 39.06 -0.32
C3 NAG DA . 56.84 38.74 0.42
C4 NAG DA . 56.51 38.14 1.75
C5 NAG DA . 55.56 36.96 1.60
C6 NAG DA . 55.23 36.45 2.96
C7 NAG DA . 56.61 38.81 -2.67
C8 NAG DA . 56.93 39.45 -4.02
N2 NAG DA . 55.94 39.61 -1.66
O3 NAG DA . 57.58 39.97 0.62
O4 NAG DA . 57.73 37.70 2.35
O5 NAG DA . 54.31 37.34 0.92
O6 NAG DA . 54.32 35.39 2.84
O7 NAG DA . 56.91 37.68 -2.47
C1 NAG EA . 54.23 3.85 9.47
C2 NAG EA . 54.38 4.28 10.92
C3 NAG EA . 55.80 4.64 11.17
C4 NAG EA . 56.75 3.54 10.81
C5 NAG EA . 56.49 2.96 9.43
C6 NAG EA . 57.28 1.70 9.28
C7 NAG EA . 53.43 6.18 12.39
C8 NAG EA . 52.52 7.38 12.55
N2 NAG EA . 53.49 5.46 11.12
O3 NAG EA . 56.03 4.91 12.58
O4 NAG EA . 58.08 4.06 10.84
O5 NAG EA . 55.07 2.65 9.21
O6 NAG EA . 57.24 1.28 7.95
O7 NAG EA . 54.11 5.84 13.28
C1 NAG FA . 54.06 -10.41 -3.49
C2 NAG FA . 55.32 -11.26 -3.54
C3 NAG FA . 54.96 -12.70 -3.52
C4 NAG FA . 54.19 -13.04 -2.27
C5 NAG FA . 53.02 -12.09 -2.03
C6 NAG FA . 52.53 -12.34 -0.64
C7 NAG FA . 57.26 -10.22 -4.91
C8 NAG FA . 57.90 -9.57 -3.68
N2 NAG FA . 56.05 -11.01 -4.83
O3 NAG FA . 56.18 -13.48 -3.54
O4 NAG FA . 53.68 -14.36 -2.41
O5 NAG FA . 53.38 -10.66 -2.18
O6 NAG FA . 52.35 -13.71 -0.46
O7 NAG FA . 57.77 -10.06 -5.96
#